data_8OLU
#
_entry.id   8OLU
#
_cell.length_a   1.00
_cell.length_b   1.00
_cell.length_c   1.00
_cell.angle_alpha   90.00
_cell.angle_beta   90.00
_cell.angle_gamma   90.00
#
_symmetry.space_group_name_H-M   'P 1'
#
loop_
_entity.id
_entity.type
_entity.pdbx_description
1 polymer 'Proteasome subunit alpha type'
2 polymer 'Proteasome subunit alpha type'
3 polymer 'Proteasome subunit alpha type'
4 polymer 'Proteasome subunit alpha type'
5 polymer 'Proteasome alpha 5 subunit, putative'
6 polymer 'Proteasome alpha 1 subunit, putative'
7 polymer 'Proteasome alpha 7 subunit, putative'
8 polymer 'Proteasome subunit beta'
9 polymer 'Proteasome subunit beta'
10 polymer 'Proteasome subunit beta'
11 polymer 'Proteasome subunit beta'
12 polymer 'Proteasome subunit beta'
13 polymer 'Proteasome beta 6 subunit, putative'
14 polymer 'Proteasome subunit beta'
15 non-polymer ~{N}-[3-(cyclopropylcarbamoyl)phenyl]-6-oxidanylidene-1-(phenylmethyl)pyridazine-3-carboxamide
#
loop_
_entity_poly.entity_id
_entity_poly.type
_entity_poly.pdbx_seq_one_letter_code
_entity_poly.pdbx_strand_id
1 'polypeptide(L)'
;MNRAGFDKYITVFSPEGSLYQVEYAFKAVTYPGLLTVAIRCKDAVLVVTQHLIPDRLMRPDSVTALYEVTPNIGCCMTGR
APDGRALVQRAREEASDYQYRYGVEIPIAVLAKRMGDKAQVRTQQAGLRPMGVVSTFIGMDQSDQDGSLKPQIYTVDPAG
WTGGHIACAAGKKQVEAMAFLEKRQKSTELDALTQKEAAMIALAALQSAIGTAVKAKEVEVGRCTAANPAFQRVPNSEVE
EWLTAVAEAD
;
A,O
2 'polypeptide(L)'
;MSEAFYGLTTFSPSGKLIQIEYATTAAGKGTTALGVKATDGVVIAAKKKAPSTLVDASSIQKVFVLDEHVGCTYSGMGPD
CRVLIDSARKNCQQYKLMYNEPIPISQLVRKISAIYQEFTQSGGVRPFGCSLLVAGVDANGYHLYQVDPSGTFWAWKATA
IGTGSPDAKAFLEKRYTVDMELEDAVHTALLTLKEGFDGQMTSENTQVGRVVENRFEILSVDQLRDYLDQI
;
B,P
3 'polypeptide(L)'
;MSHRYDSRTTTFSPEGRLYQVEYAVEAIQQAGTVIGVCTKDGVVLAGEKMVPHPLFDSESMQDKNTSGEKMYKIAEHIGC
SVAGVTSDAYALLNYARLSALRHQYTFQEPMAIEDLCRILCDEKQLYTQYGGVRPYGVSFLLVGWDRYYGYQLYSTEPSG
DYSAWSAYAIGQNDQVAHALLKKDWHESMTLEDGMLLALRVLGKTMDTAKIDLDRVEVAVMRKVPASNIDQLLDPFKHHP
KTTPRFQILTRSELKPHAERADQAREAEEKAEAERQRQQEQALES
;
C,Q
4 'polypeptide(L)'
;MSYDRAITVFSPDGHLFQVEYAQEAVKKGLAAVGVLGSDSVVIAVEKKSAVKLQDSRTIRKIYKVDANIYLAFAGLSADA
RVLINKAQLECQRFSLNYEDTMDVDMLVRYVAGVQQKSTQSGGSRPFGVATVIGGFNEDGKPHLWKTDPSGMCSAWRAVA
IGRHDQTVIEYMEKSYKDGMSRDECVHFAIKSLLEVVESGSRNIELLVLQYKEARYLTEEELQKFVVEVEKEREEEAAAK
KKRQAEQE
;
D,R
5 'polypeptide(L)'
;MLLPRLFSFPVCWSRALSLVCVYHVSLSFPSNSRRLCATPLLPLPCLCKLPAGHSPRKRCLFSFLSCFLDLTYFCIISFL
HSVSCHLCFPLRRTRARHPIMFTSKSEYDRGVNTFSPEGRIFQIEYAVEAIKLGSTSLGIRTPEGVVLAAEKRVPSTLVV
PSSMSKIMEVDSHIAAVMSGMVADARILVEHARVESQNHRFTYNEPMSVESCTLATCDLSIQFGESGGRRKLMSRPFGVS
LLIAGVDEKGPQLWQTDPSGTHTRYDAQAIGGGAEAAQSVFTERYHRNMTLEEGETLAVDILKQVMEDQLSPENIEVAVV
RADDGKLHMYTPTEIKAIMSRMPE
;
E,S
6 'polypeptide(L)'
;MQSRKGEGWRDTGTDSLPPFSFCCSPAFSSPLAFGGEGADGCAYILTHVCRYACIAALTLHSEGAERHMRVCVCVRRCAY
NEMVLHQVVAFASLAPALHPLSPLPLPCMATTHACCGLRVRSFSLKKSEKKNQQRRLQAPDLSQKTRTRTQKEKQTLQIY
LRCVMFKNEYDSDITTWSPTGRLFQIEYANEAVNNGSATVGVKGKNFVVLAALKRSPVAELSSYQEKVFEIDEHVGMSIS
GLVADGRVLARYLRTECMNYRYMYSNGMPMNQMADMIGEKHQRHIQCSGKRPFGVGLLLAGYDRQGPHLYQTVPSGDVYD
YKATAMGVRSQASRTYLERHFEHFSDCTLDELVTHALKALASATSEGIELNVKNTTIAIVGKDTPFTIFEEESARKYLDG
FKMRPEDRVAVAEEDEEMLHEQPLDVEE
;
F,T
7 'polypeptide(L)'
;MAGTGSGHDQSTDVFSAEGRVFQVEYAGKAVDNSSTAVAACCKDGVVVAVEKVHTSRMLEKGSNNRIHAVDRQAGICICG
LLPDGRAIVSRARQEAENSRDIFATPIRGSVLANRVGEFMHAYTTHFAYRPFGCSAIIASYADDGPQLFVSDPSGTVAGY
YGVALGKAKTVAKSELEKLDFSSLTCDEAVGKLASILHEVHDKQKDKLYEVEVAWVCDKSDRKFVHVPADMVPAETSH
;
G,U
8 'polypeptide(L)'
;MLQRPDHTLLQEPAYPKDIAQKLTENGPAQAGKQLFQPDPAVIDPQLSKAVSLGTTILAVSYNGGVVLAADSRTSSGTYV
VNRASNKLTKLTKKIYCCRSGSAADTQALAERVSNYLGSYQTDIGAGVNVATAANLFQKMCYMNRWNISAGIIVAGYDPI
NGGSVYSIPSGGSCVKLDYALGGSGSIFLYSFFDANYKPGMSKSECVAFCQRAVAHAYSRDGSSGGLIRTITLDADEPED
QTIPWNRSPYCMEKDPKYVTQATQNQPFSSSAKITGNRMSSTG
;
H,V
9 'polypeptide(L)'
;MPGFNFENVQRNLNLEGEGYSAPRTLKTGTTIVGVVYRDGVVLGADTRATEGSIVADKRCRKIHYMAPNIMCCGAGTSAD
TEAVTNMVSSHLALHRLETGKQSRVLEALTLLKRHLYRYQGHVSAALVLGGVDVEGPFLATIAPHGSTDRLPFVTMGSGS
IAAMAQLEAAYKDNMTCEEAKELVASAIRKGIFNDPYSGTQVDVCVITKDKTELTIGYDKPNERMYPRQEVLLPPGTTPV
LKEEIRQLVDIVDA
;
I,W
10 'polypeptide(L)'
;MSIMAYSGGSVMAMAGKECFVIISDNRLGEQLKTISTEVPKLHVVNDSIVYGLTGLRTDQQTFANKVQFRTEMYKLREER
DITGKAFAAMITSMLYEARFGPWFVEPVIGSIDKSTGEVYLCATDLIGAPCEPEDYVCAGTAAESLHGMCEALWRPGMSP
EELFEIAAQAMLSACDRDSLSGYGAVAMIVTKDKVTTRLIKGRKD
;
J,X
11 'polypeptide(L)'
;MAETAIAFRCKDYVMVAAAGLNAFYYIKITDAEDKITQLDTHQLVACTGENGPRVNFTEYIKCNLALNRMRQHGRHSSCE
STANFMRNCLASAIRSREGAYQVNCLFAGYDTPVSEDDDGVVGPQLFYMDYLGTLQAVPYGCHGYGACFVTALLDRLWRP
DLSQQEGLELMQKCCDEVKRRVIISNSYFFVKAVTKNGVEVITAVH
;
K,Y
12 'polypeptide(L)'
;MFADFEAVTSSNFTLDDCPRVGPFTYHNMDEDTLEEPLSLCSYRRAPQQTDERSPASCDAVTADPLDSSRYLHGENRCWT
LKVSCPVPRAIPKLDMKKGTTTLAFRFNGGIIVAVDSRASTGQYIASQTVMKVLEINDYLLGTLAGGAADCQYWERVLGM
ECRLWELRNGSRITVAAASKILANITYAYRNHGLSMGTMVAGWDQFGPSLYYVDDKGSRVKQDLFSVGSGSIYAYGVLDT
GYRKDLSVEDACDLARRSIFHATYRDGASGGIVTVYHVHEKGWTKISRDDQTKLYHRYFPS
;
L,Z
13 'polypeptide(L)'
;MASSSPPLLPFSSFVVAVVAIHLSFRVFCVGAQSLCKCCSCVPACALPLCFSSSPSVSAEDVALALFAHPKVLTHRPTAR
YSPILSLLHYAVMIEDHAEYGHNYYPQKLASSTLTLPQQGAKQQQWSPYQDNGGTTAAIAGKDFVILAGDTRLNGDFCLH
SRHDQSKIFQLTPYTYMASNGMQADRLQLQQMLKYRVKWYKYNNGGKVPSTKAIAQLMSTMLYHRRFFPYYTFNMVVGLD
EEGHGVCYSYDAVGSTEPFLYGTRGSAASFVEPLLDCLINRQHMTSQAPPEMTKEETLAMLKNAFTGAAERDIYTGDSVS
FFIITKDGVQQESFELRKD
;
M,a
14 'polypeptide(L)'
;MASGGSVIAIKYKGGVLMAADTLLSYGSLAKWPNIPRIRLLGSHSAVCATGSYADFQMMAKQVEDNIERQKMYHNVDELS
PSEVFSYLHRSIYQKRCDFDPCLCQMVFIGVRDGETFLAGVDDVGTRWEDDCIATGYGAYIALPLLRQALEKNPDGLSRG
EAMRILTDCLRVLFYRECRAINKFQVADAASDGVRISEPFDVETHWEYEGYCFEKTAIIR
;
N,b
#
# COMPACT_ATOMS: atom_id res chain seq x y z
N PHE A 6 -45.24 -33.39 -49.21
CA PHE A 6 -44.06 -33.32 -48.31
C PHE A 6 -43.39 -31.97 -48.40
N ASP A 7 -43.42 -31.38 -49.61
CA ASP A 7 -42.88 -30.05 -49.88
C ASP A 7 -43.94 -28.99 -49.65
N LYS A 8 -45.20 -29.38 -49.45
CA LYS A 8 -46.29 -28.41 -49.38
C LYS A 8 -46.34 -27.82 -47.98
N TYR A 9 -45.70 -28.50 -47.04
CA TYR A 9 -45.87 -28.25 -45.63
C TYR A 9 -44.56 -27.81 -45.01
N ILE A 10 -43.48 -27.76 -45.75
CA ILE A 10 -42.28 -27.28 -45.13
C ILE A 10 -41.54 -26.40 -46.13
N THR A 11 -40.58 -25.66 -45.64
CA THR A 11 -39.98 -24.68 -46.49
C THR A 11 -38.81 -25.33 -47.24
N VAL A 12 -39.16 -26.24 -48.14
CA VAL A 12 -38.22 -26.81 -49.07
C VAL A 12 -38.80 -26.54 -50.44
N PHE A 13 -37.98 -26.73 -51.45
CA PHE A 13 -38.39 -26.46 -52.80
C PHE A 13 -39.19 -27.61 -53.31
N SER A 14 -40.18 -27.26 -54.11
CA SER A 14 -40.90 -28.20 -54.95
C SER A 14 -40.04 -28.53 -56.13
N PRO A 15 -40.40 -29.54 -56.95
CA PRO A 15 -39.68 -29.79 -58.22
C PRO A 15 -39.68 -28.68 -59.25
N GLU A 16 -40.65 -27.78 -59.19
CA GLU A 16 -40.71 -26.66 -60.12
C GLU A 16 -39.84 -25.51 -59.60
N GLY A 17 -39.34 -25.64 -58.38
CA GLY A 17 -38.40 -24.70 -57.82
C GLY A 17 -39.10 -23.60 -57.03
N SER A 18 -40.29 -23.93 -56.51
CA SER A 18 -41.13 -22.95 -55.87
C SER A 18 -41.32 -23.36 -54.43
N LEU A 19 -41.64 -22.42 -53.57
CA LEU A 19 -41.83 -22.69 -52.17
C LEU A 19 -43.32 -22.58 -51.89
N TYR A 20 -43.96 -23.72 -51.70
CA TYR A 20 -45.39 -23.73 -51.53
C TYR A 20 -45.76 -22.88 -50.37
N GLN A 21 -45.11 -23.02 -49.23
CA GLN A 21 -45.58 -22.36 -48.05
C GLN A 21 -45.50 -20.87 -48.27
N VAL A 22 -44.58 -20.40 -49.08
CA VAL A 22 -44.54 -18.98 -49.39
C VAL A 22 -45.67 -18.60 -50.30
N GLU A 23 -46.02 -19.40 -51.29
CA GLU A 23 -47.17 -19.07 -52.12
C GLU A 23 -48.45 -19.03 -51.30
N TYR A 24 -48.61 -19.97 -50.40
CA TYR A 24 -49.79 -20.01 -49.58
C TYR A 24 -49.83 -18.85 -48.60
N ALA A 25 -48.69 -18.49 -48.07
CA ALA A 25 -48.66 -17.26 -47.31
C ALA A 25 -49.17 -16.08 -48.11
N PHE A 26 -48.97 -16.03 -49.42
CA PHE A 26 -49.55 -14.96 -50.21
C PHE A 26 -51.07 -15.05 -50.24
N LYS A 27 -51.63 -16.23 -50.10
CA LYS A 27 -53.07 -16.32 -50.14
C LYS A 27 -53.64 -15.83 -48.85
N ALA A 28 -52.85 -15.91 -47.78
CA ALA A 28 -53.24 -15.39 -46.49
C ALA A 28 -53.43 -13.89 -46.55
N VAL A 29 -52.81 -13.27 -47.53
CA VAL A 29 -52.91 -11.85 -47.72
C VAL A 29 -54.26 -11.48 -48.23
N THR A 30 -54.83 -12.29 -49.10
CA THR A 30 -56.11 -11.95 -49.69
C THR A 30 -57.29 -12.53 -48.91
N TYR A 31 -57.05 -13.52 -48.07
CA TYR A 31 -58.11 -14.28 -47.44
C TYR A 31 -59.08 -13.39 -46.66
N PRO A 32 -58.60 -12.37 -45.93
CA PRO A 32 -59.44 -11.50 -45.13
C PRO A 32 -60.46 -10.69 -45.93
N GLY A 33 -60.13 -10.44 -47.18
CA GLY A 33 -61.04 -9.72 -48.08
C GLY A 33 -60.86 -8.21 -48.04
N LEU A 34 -59.74 -7.71 -47.52
CA LEU A 34 -59.54 -6.28 -47.43
C LEU A 34 -58.54 -5.81 -48.45
N LEU A 35 -58.73 -4.62 -48.97
CA LEU A 35 -57.80 -4.11 -49.94
C LEU A 35 -57.10 -2.88 -49.39
N THR A 36 -55.89 -2.68 -49.81
CA THR A 36 -55.15 -1.52 -49.39
C THR A 36 -54.58 -0.84 -50.62
N VAL A 37 -54.50 0.48 -50.62
CA VAL A 37 -53.84 1.14 -51.73
C VAL A 37 -52.91 2.23 -51.24
N ALA A 38 -51.76 2.38 -51.87
CA ALA A 38 -50.90 3.43 -51.40
C ALA A 38 -50.48 4.22 -52.61
N ILE A 39 -50.14 5.47 -52.46
CA ILE A 39 -49.83 6.26 -53.63
C ILE A 39 -48.99 7.44 -53.23
N ARG A 40 -48.03 7.77 -54.06
CA ARG A 40 -47.26 8.95 -53.74
C ARG A 40 -47.54 9.98 -54.80
N CYS A 41 -47.55 11.22 -54.32
CA CYS A 41 -47.68 12.41 -55.14
C CYS A 41 -46.41 13.22 -54.99
N LYS A 42 -46.37 14.46 -55.46
CA LYS A 42 -45.09 15.18 -55.53
C LYS A 42 -44.53 15.40 -54.13
N ASP A 43 -45.41 15.75 -53.16
CA ASP A 43 -44.92 16.10 -51.85
C ASP A 43 -45.56 15.30 -50.72
N ALA A 44 -46.24 14.20 -51.03
CA ALA A 44 -46.87 13.38 -50.01
C ALA A 44 -46.95 11.93 -50.44
N VAL A 45 -47.29 11.14 -49.45
CA VAL A 45 -47.65 9.78 -49.75
C VAL A 45 -48.81 9.42 -48.86
N LEU A 46 -49.74 8.68 -49.44
CA LEU A 46 -50.97 8.28 -48.78
C LEU A 46 -51.06 6.79 -48.76
N VAL A 47 -51.63 6.26 -47.71
CA VAL A 47 -52.04 4.88 -47.81
C VAL A 47 -53.47 4.78 -47.38
N VAL A 48 -54.28 4.13 -48.18
CA VAL A 48 -55.67 3.95 -47.88
C VAL A 48 -55.97 2.49 -47.63
N THR A 49 -56.49 2.12 -46.46
CA THR A 49 -56.95 0.74 -46.37
C THR A 49 -58.38 0.66 -45.90
N GLN A 50 -59.09 -0.34 -46.39
CA GLN A 50 -60.43 -0.62 -45.93
C GLN A 50 -60.38 -0.85 -44.44
N HIS A 51 -61.48 -0.56 -43.78
CA HIS A 51 -61.61 -0.61 -42.34
C HIS A 51 -63.03 -1.06 -42.03
N LEU A 52 -63.26 -2.38 -42.13
CA LEU A 52 -64.62 -2.93 -42.12
C LEU A 52 -64.98 -3.45 -40.74
N ILE A 53 -66.07 -2.88 -40.21
CA ILE A 53 -66.56 -3.16 -38.89
C ILE A 53 -68.00 -3.61 -39.07
N PRO A 54 -68.21 -4.89 -39.42
CA PRO A 54 -69.56 -5.40 -39.62
C PRO A 54 -70.31 -5.46 -38.27
N ASP A 55 -69.59 -5.94 -37.24
CA ASP A 55 -70.05 -6.08 -35.87
C ASP A 55 -70.37 -4.70 -35.29
N ARG A 56 -71.64 -4.46 -34.98
CA ARG A 56 -72.11 -3.12 -34.62
C ARG A 56 -71.51 -2.76 -33.27
N LEU A 57 -71.16 -3.82 -32.53
CA LEU A 57 -70.73 -3.80 -31.14
C LEU A 57 -69.23 -3.70 -30.99
N MET A 58 -68.49 -3.91 -32.07
CA MET A 58 -67.08 -3.68 -32.09
C MET A 58 -66.82 -2.18 -32.15
N ARG A 59 -65.67 -1.79 -31.59
CA ARG A 59 -65.33 -0.42 -31.31
C ARG A 59 -64.44 0.05 -32.44
N PRO A 60 -64.93 0.79 -33.43
CA PRO A 60 -64.13 1.01 -34.65
C PRO A 60 -62.72 1.52 -34.41
N ASP A 61 -62.50 2.43 -33.45
CA ASP A 61 -61.20 3.08 -33.29
C ASP A 61 -60.13 2.10 -32.78
N SER A 62 -60.55 0.88 -32.43
CA SER A 62 -59.69 -0.09 -31.76
C SER A 62 -59.00 -1.02 -32.75
N VAL A 63 -59.53 -1.12 -33.96
CA VAL A 63 -59.00 -2.02 -34.95
C VAL A 63 -58.50 -1.18 -36.12
N THR A 64 -57.33 -1.51 -36.59
CA THR A 64 -56.64 -0.68 -37.56
C THR A 64 -55.62 -1.54 -38.28
N ALA A 65 -55.35 -1.17 -39.52
CA ALA A 65 -54.25 -1.79 -40.19
C ALA A 65 -53.16 -0.77 -40.44
N LEU A 66 -53.24 0.39 -39.78
CA LEU A 66 -52.21 1.41 -39.94
C LEU A 66 -51.42 1.57 -38.67
N TYR A 67 -50.12 1.71 -38.77
CA TYR A 67 -49.31 1.72 -37.60
C TYR A 67 -48.14 2.65 -37.76
N GLU A 68 -47.90 3.48 -36.77
CA GLU A 68 -46.66 4.20 -36.78
C GLU A 68 -45.59 3.16 -36.47
N VAL A 69 -44.54 3.17 -37.26
CA VAL A 69 -43.37 2.37 -37.01
C VAL A 69 -42.36 3.21 -36.28
N THR A 70 -42.06 4.34 -36.86
CA THR A 70 -41.44 5.41 -36.16
C THR A 70 -42.29 6.64 -36.45
N PRO A 71 -42.02 7.80 -35.81
CA PRO A 71 -42.76 9.00 -36.16
C PRO A 71 -42.72 9.28 -37.66
N ASN A 72 -41.61 9.00 -38.34
CA ASN A 72 -41.60 9.25 -39.77
C ASN A 72 -41.81 8.03 -40.66
N ILE A 73 -42.36 6.93 -40.16
CA ILE A 73 -42.69 5.82 -41.03
C ILE A 73 -43.96 5.14 -40.61
N GLY A 74 -44.87 5.12 -41.53
CA GLY A 74 -46.12 4.47 -41.23
C GLY A 74 -46.05 3.13 -41.88
N CYS A 75 -46.86 2.21 -41.46
CA CYS A 75 -47.07 1.11 -42.33
C CYS A 75 -48.47 0.61 -42.22
N CYS A 76 -48.88 0.01 -43.30
CA CYS A 76 -50.14 -0.63 -43.44
C CYS A 76 -49.87 -2.11 -43.66
N MET A 77 -50.46 -2.97 -42.86
CA MET A 77 -50.33 -4.39 -43.02
C MET A 77 -51.60 -4.91 -43.62
N THR A 78 -51.46 -5.82 -44.52
CA THR A 78 -52.60 -6.35 -45.23
C THR A 78 -52.43 -7.85 -45.21
N GLY A 79 -53.41 -8.52 -44.66
CA GLY A 79 -53.29 -9.93 -44.49
C GLY A 79 -53.71 -10.32 -43.11
N ARG A 80 -53.11 -11.39 -42.68
CA ARG A 80 -53.42 -11.99 -41.41
C ARG A 80 -53.04 -10.98 -40.33
N ALA A 81 -54.08 -10.45 -39.65
CA ALA A 81 -53.88 -9.23 -38.91
C ALA A 81 -52.81 -9.38 -37.82
N PRO A 82 -52.90 -10.44 -37.03
CA PRO A 82 -51.94 -10.62 -35.96
C PRO A 82 -50.54 -10.87 -36.47
N ASP A 83 -50.42 -11.40 -37.68
CA ASP A 83 -49.09 -11.55 -38.24
C ASP A 83 -48.62 -10.17 -38.59
N GLY A 84 -49.52 -9.31 -39.05
CA GLY A 84 -49.11 -7.94 -39.33
C GLY A 84 -48.66 -7.24 -38.06
N ARG A 85 -49.39 -7.45 -37.01
CA ARG A 85 -49.07 -6.81 -35.76
C ARG A 85 -47.71 -7.25 -35.32
N ALA A 86 -47.39 -8.49 -35.58
CA ALA A 86 -46.10 -8.98 -35.16
C ALA A 86 -45.03 -8.37 -36.02
N LEU A 87 -45.25 -8.27 -37.33
CA LEU A 87 -44.21 -7.63 -38.09
C LEU A 87 -44.00 -6.20 -37.63
N VAL A 88 -45.05 -5.55 -37.21
CA VAL A 88 -44.90 -4.20 -36.81
C VAL A 88 -44.04 -4.13 -35.60
N GLN A 89 -44.31 -4.93 -34.61
CA GLN A 89 -43.40 -5.03 -33.50
C GLN A 89 -41.95 -5.20 -33.96
N ARG A 90 -41.70 -6.07 -34.91
CA ARG A 90 -40.35 -6.36 -35.30
C ARG A 90 -39.80 -5.15 -36.01
N ALA A 91 -40.59 -4.52 -36.84
CA ALA A 91 -40.15 -3.31 -37.51
C ALA A 91 -39.69 -2.26 -36.52
N ARG A 92 -40.47 -2.15 -35.46
CA ARG A 92 -40.32 -1.14 -34.44
C ARG A 92 -39.04 -1.32 -33.67
N GLU A 93 -38.81 -2.58 -33.35
CA GLU A 93 -37.58 -3.02 -32.77
C GLU A 93 -36.43 -2.73 -33.72
N GLU A 94 -36.65 -2.96 -34.99
CA GLU A 94 -35.55 -2.81 -35.92
C GLU A 94 -35.22 -1.33 -36.01
N ALA A 95 -36.23 -0.54 -36.04
CA ALA A 95 -36.11 0.87 -36.19
C ALA A 95 -35.45 1.46 -34.97
N SER A 96 -35.80 0.94 -33.82
CA SER A 96 -35.28 1.46 -32.59
C SER A 96 -33.86 0.99 -32.35
N ASP A 97 -33.53 -0.26 -32.69
CA ASP A 97 -32.17 -0.72 -32.58
C ASP A 97 -31.35 0.09 -33.53
N TYR A 98 -31.91 0.46 -34.66
CA TYR A 98 -31.14 1.20 -35.63
C TYR A 98 -30.86 2.59 -35.14
N GLN A 99 -31.81 3.24 -34.49
CA GLN A 99 -31.60 4.61 -34.01
C GLN A 99 -30.54 4.60 -32.90
N TYR A 100 -30.59 3.55 -32.08
CA TYR A 100 -29.59 3.45 -31.05
C TYR A 100 -28.22 3.28 -31.65
N ARG A 101 -28.06 2.45 -32.65
CA ARG A 101 -26.77 2.13 -33.18
C ARG A 101 -26.24 3.30 -33.99
N TYR A 102 -27.04 4.00 -34.76
CA TYR A 102 -26.49 4.97 -35.66
C TYR A 102 -26.85 6.40 -35.29
N GLY A 103 -27.63 6.60 -34.27
CA GLY A 103 -27.98 7.95 -33.91
C GLY A 103 -28.95 8.64 -34.86
N VAL A 104 -29.49 7.94 -35.83
CA VAL A 104 -30.44 8.57 -36.74
C VAL A 104 -31.63 7.67 -36.95
N GLU A 105 -32.71 8.27 -37.35
CA GLU A 105 -33.91 7.54 -37.64
C GLU A 105 -33.64 6.71 -38.91
N ILE A 106 -34.16 5.50 -38.89
CA ILE A 106 -33.93 4.54 -39.93
C ILE A 106 -34.63 5.00 -41.19
N PRO A 107 -33.91 5.04 -42.29
CA PRO A 107 -34.49 5.37 -43.55
C PRO A 107 -35.44 4.26 -43.89
N ILE A 108 -36.51 4.63 -44.54
CA ILE A 108 -37.53 3.66 -44.84
C ILE A 108 -37.10 2.59 -45.82
N ALA A 109 -36.26 2.87 -46.82
CA ALA A 109 -35.83 1.77 -47.67
C ALA A 109 -34.94 0.78 -46.92
N VAL A 110 -34.25 1.22 -45.90
CA VAL A 110 -33.46 0.29 -45.12
C VAL A 110 -34.40 -0.52 -44.27
N LEU A 111 -35.37 0.13 -43.66
CA LEU A 111 -36.26 -0.63 -42.82
C LEU A 111 -36.94 -1.70 -43.64
N ALA A 112 -37.37 -1.37 -44.84
CA ALA A 112 -38.03 -2.36 -45.68
C ALA A 112 -37.11 -3.52 -45.96
N LYS A 113 -35.88 -3.19 -46.29
CA LYS A 113 -34.91 -4.19 -46.63
C LYS A 113 -34.71 -5.11 -45.44
N ARG A 114 -34.64 -4.58 -44.25
CA ARG A 114 -34.41 -5.42 -43.10
C ARG A 114 -35.59 -6.29 -42.77
N MET A 115 -36.78 -5.81 -43.06
CA MET A 115 -37.95 -6.61 -42.89
C MET A 115 -38.06 -7.65 -43.98
N GLY A 116 -37.55 -7.37 -45.15
CA GLY A 116 -37.46 -8.41 -46.14
C GLY A 116 -36.45 -9.48 -45.75
N ASP A 117 -35.38 -9.09 -45.08
CA ASP A 117 -34.42 -10.08 -44.66
C ASP A 117 -35.05 -11.01 -43.64
N LYS A 118 -35.82 -10.44 -42.73
CA LYS A 118 -36.53 -11.14 -41.68
C LYS A 118 -37.53 -12.10 -42.28
N ALA A 119 -38.20 -11.70 -43.31
CA ALA A 119 -39.14 -12.61 -43.90
C ALA A 119 -38.41 -13.74 -44.62
N GLN A 120 -37.44 -13.39 -45.44
CA GLN A 120 -36.69 -14.36 -46.19
C GLN A 120 -36.26 -15.50 -45.28
N VAL A 121 -35.82 -15.14 -44.07
CA VAL A 121 -35.34 -16.14 -43.15
C VAL A 121 -36.42 -17.16 -42.82
N ARG A 122 -37.63 -16.68 -42.62
CA ARG A 122 -38.70 -17.60 -42.35
C ARG A 122 -38.96 -18.49 -43.53
N THR A 123 -38.46 -18.18 -44.72
CA THR A 123 -38.70 -19.06 -45.86
C THR A 123 -37.55 -20.05 -46.08
N GLN A 124 -36.51 -19.97 -45.28
CA GLN A 124 -35.35 -20.78 -45.56
C GLN A 124 -35.06 -21.66 -44.34
N GLN A 125 -35.57 -21.32 -43.17
CA GLN A 125 -35.37 -22.04 -41.92
C GLN A 125 -36.70 -22.72 -41.69
N ALA A 126 -36.72 -24.03 -41.48
CA ALA A 126 -37.97 -24.79 -41.42
C ALA A 126 -38.74 -24.62 -40.10
N GLY A 127 -40.05 -24.70 -40.21
CA GLY A 127 -40.86 -24.75 -39.01
C GLY A 127 -41.11 -23.37 -38.40
N LEU A 128 -40.84 -22.32 -39.16
CA LEU A 128 -41.35 -21.01 -38.82
C LEU A 128 -42.34 -20.63 -39.86
N ARG A 129 -43.52 -20.21 -39.47
CA ARG A 129 -44.57 -19.98 -40.45
C ARG A 129 -44.27 -18.61 -41.03
N PRO A 130 -44.25 -18.44 -42.35
CA PRO A 130 -44.13 -17.10 -42.91
C PRO A 130 -45.29 -16.26 -42.46
N MET A 131 -45.05 -14.98 -42.20
CA MET A 131 -46.12 -14.07 -41.83
C MET A 131 -46.91 -13.78 -43.10
N GLY A 132 -48.23 -13.96 -43.02
CA GLY A 132 -49.07 -13.87 -44.18
C GLY A 132 -49.55 -12.45 -44.41
N VAL A 133 -48.61 -11.53 -44.59
CA VAL A 133 -48.97 -10.15 -44.79
C VAL A 133 -48.15 -9.53 -45.86
N VAL A 134 -48.71 -8.49 -46.40
CA VAL A 134 -47.90 -7.61 -47.18
C VAL A 134 -47.80 -6.33 -46.39
N SER A 135 -46.56 -5.93 -46.11
CA SER A 135 -46.27 -4.74 -45.35
C SER A 135 -46.06 -3.61 -46.32
N THR A 136 -46.61 -2.45 -46.05
CA THR A 136 -46.46 -1.31 -46.92
C THR A 136 -46.01 -0.14 -46.06
N PHE A 137 -44.74 0.21 -46.15
CA PHE A 137 -44.21 1.31 -45.37
C PHE A 137 -44.30 2.55 -46.20
N ILE A 138 -44.77 3.62 -45.62
CA ILE A 138 -44.68 4.86 -46.31
C ILE A 138 -43.95 5.84 -45.46
N GLY A 139 -43.31 6.77 -46.12
CA GLY A 139 -42.61 7.78 -45.40
C GLY A 139 -41.92 8.69 -46.36
N MET A 140 -41.36 9.75 -45.82
CA MET A 140 -40.49 10.62 -46.59
C MET A 140 -39.07 10.19 -46.37
N ASP A 141 -38.24 10.67 -47.27
CA ASP A 141 -36.87 10.24 -47.40
C ASP A 141 -36.02 11.40 -47.88
N GLN A 142 -34.96 11.73 -47.15
CA GLN A 142 -34.20 12.91 -47.45
C GLN A 142 -33.22 12.55 -48.54
N SER A 143 -33.07 13.43 -49.51
CA SER A 143 -32.13 13.25 -50.58
C SER A 143 -30.80 13.87 -50.17
N ASP A 144 -29.68 13.28 -50.61
CA ASP A 144 -28.36 13.80 -50.28
C ASP A 144 -27.99 15.05 -51.07
N GLN A 145 -28.53 15.27 -52.29
CA GLN A 145 -28.20 16.47 -53.03
C GLN A 145 -28.72 17.74 -52.32
N ASP A 146 -30.05 17.89 -52.25
CA ASP A 146 -30.67 19.13 -51.82
C ASP A 146 -31.14 19.06 -50.37
N GLY A 147 -31.37 17.85 -49.83
CA GLY A 147 -31.92 17.69 -48.49
C GLY A 147 -33.45 17.71 -48.49
N SER A 148 -34.03 17.74 -49.69
CA SER A 148 -35.46 17.73 -49.86
C SER A 148 -35.98 16.33 -49.55
N LEU A 149 -37.24 16.29 -49.10
CA LEU A 149 -37.90 15.08 -48.70
C LEU A 149 -38.70 14.60 -49.90
N LYS A 150 -38.48 13.33 -50.25
CA LYS A 150 -39.27 12.66 -51.26
C LYS A 150 -40.02 11.59 -50.53
N PRO A 151 -41.28 11.41 -50.94
CA PRO A 151 -42.12 10.33 -50.49
C PRO A 151 -41.88 8.95 -51.08
N GLN A 152 -42.07 7.95 -50.24
CA GLN A 152 -41.65 6.62 -50.56
C GLN A 152 -42.73 5.65 -50.15
N ILE A 153 -42.87 4.58 -50.92
CA ILE A 153 -43.68 3.45 -50.54
C ILE A 153 -42.92 2.20 -50.80
N TYR A 154 -42.66 1.47 -49.76
CA TYR A 154 -41.93 0.24 -49.87
C TYR A 154 -42.86 -0.83 -49.39
N THR A 155 -42.98 -1.90 -50.17
CA THR A 155 -43.63 -3.07 -49.67
C THR A 155 -42.64 -4.12 -49.27
N VAL A 156 -43.12 -5.04 -48.48
CA VAL A 156 -42.45 -6.29 -48.26
C VAL A 156 -43.48 -7.37 -48.30
N ASP A 157 -43.17 -8.47 -48.92
CA ASP A 157 -44.15 -9.51 -49.00
C ASP A 157 -43.65 -10.74 -48.26
N PRO A 158 -44.45 -11.79 -48.15
CA PRO A 158 -44.05 -12.92 -47.34
C PRO A 158 -42.82 -13.68 -47.83
N ALA A 159 -42.47 -13.56 -49.11
CA ALA A 159 -41.24 -14.14 -49.60
C ALA A 159 -40.02 -13.34 -49.20
N GLY A 160 -40.22 -12.09 -48.78
CA GLY A 160 -39.12 -11.21 -48.47
C GLY A 160 -38.77 -10.30 -49.61
N TRP A 161 -39.61 -10.32 -50.63
CA TRP A 161 -39.36 -9.47 -51.77
C TRP A 161 -39.76 -8.06 -51.41
N THR A 162 -38.82 -7.14 -51.49
CA THR A 162 -39.00 -5.79 -51.03
C THR A 162 -39.05 -4.95 -52.29
N GLY A 163 -39.90 -3.95 -52.36
CA GLY A 163 -39.84 -3.08 -53.53
C GLY A 163 -40.29 -1.67 -53.24
N GLY A 164 -39.72 -0.70 -53.95
CA GLY A 164 -40.29 0.64 -53.91
C GLY A 164 -41.33 0.82 -55.00
N HIS A 165 -42.32 1.66 -54.74
CA HIS A 165 -43.45 1.82 -55.64
C HIS A 165 -43.86 3.28 -55.75
N ILE A 166 -44.55 3.56 -56.84
CA ILE A 166 -45.22 4.82 -57.07
C ILE A 166 -46.65 4.70 -56.58
N ALA A 167 -47.22 3.56 -56.83
CA ALA A 167 -48.48 3.26 -56.21
C ALA A 167 -48.57 1.76 -56.15
N CYS A 168 -49.39 1.28 -55.25
CA CYS A 168 -49.36 -0.12 -54.99
C CYS A 168 -50.62 -0.47 -54.26
N ALA A 169 -51.09 -1.65 -54.54
CA ALA A 169 -52.22 -2.16 -53.84
C ALA A 169 -51.90 -3.54 -53.33
N ALA A 170 -52.46 -3.93 -52.21
CA ALA A 170 -52.37 -5.30 -51.75
C ALA A 170 -53.68 -5.69 -51.18
N GLY A 171 -53.97 -6.98 -51.18
CA GLY A 171 -55.20 -7.49 -50.63
C GLY A 171 -56.18 -7.93 -51.71
N LYS A 172 -57.43 -8.15 -51.31
CA LYS A 172 -58.42 -8.74 -52.19
C LYS A 172 -58.67 -7.77 -53.35
N LYS A 173 -58.63 -8.29 -54.57
CA LYS A 173 -58.75 -7.44 -55.74
C LYS A 173 -57.52 -6.53 -55.91
N GLN A 174 -56.38 -6.93 -55.38
CA GLN A 174 -55.20 -6.15 -55.63
C GLN A 174 -54.96 -6.04 -57.13
N VAL A 175 -55.51 -6.96 -57.93
CA VAL A 175 -55.27 -6.92 -59.37
C VAL A 175 -56.11 -5.84 -60.06
N GLU A 176 -57.36 -5.70 -59.64
CA GLU A 176 -58.27 -4.78 -60.30
C GLU A 176 -57.98 -3.36 -59.82
N ALA A 177 -57.46 -3.24 -58.60
CA ALA A 177 -56.91 -1.98 -58.11
C ALA A 177 -55.70 -1.56 -58.90
N MET A 178 -54.82 -2.50 -59.19
CA MET A 178 -53.55 -2.16 -59.86
C MET A 178 -53.84 -1.73 -61.28
N ALA A 179 -54.63 -2.57 -61.99
CA ALA A 179 -55.12 -2.34 -63.34
C ALA A 179 -55.70 -0.94 -63.49
N PHE A 180 -56.48 -0.51 -62.48
CA PHE A 180 -57.03 0.83 -62.47
C PHE A 180 -55.93 1.90 -62.37
N LEU A 181 -54.90 1.65 -61.59
CA LEU A 181 -53.88 2.67 -61.37
C LEU A 181 -52.92 2.70 -62.56
N GLU A 182 -52.66 1.54 -63.17
CA GLU A 182 -51.83 1.50 -64.35
C GLU A 182 -52.55 2.37 -65.35
N LYS A 183 -53.85 2.11 -65.52
CA LYS A 183 -54.67 2.81 -66.50
C LYS A 183 -54.65 4.31 -66.26
N ARG A 184 -54.69 4.74 -65.00
CA ARG A 184 -54.69 6.15 -64.68
C ARG A 184 -53.27 6.72 -64.71
N GLN A 185 -52.26 5.86 -64.88
CA GLN A 185 -50.87 6.27 -65.00
C GLN A 185 -50.48 6.50 -66.46
N LYS A 186 -51.34 6.09 -67.39
CA LYS A 186 -51.13 6.37 -68.80
C LYS A 186 -51.63 7.76 -69.12
N SER A 187 -52.73 8.17 -68.48
CA SER A 187 -53.16 9.56 -68.53
C SER A 187 -52.08 10.44 -67.90
N THR A 188 -52.11 10.53 -66.57
CA THR A 188 -51.37 11.52 -65.81
C THR A 188 -49.98 10.98 -65.44
N GLU A 189 -49.13 11.87 -64.95
CA GLU A 189 -47.88 11.49 -64.33
C GLU A 189 -48.10 11.56 -62.83
N LEU A 190 -47.89 10.45 -62.13
CA LEU A 190 -48.38 10.33 -60.78
C LEU A 190 -47.51 11.07 -59.77
N ASP A 191 -46.25 11.35 -60.08
CA ASP A 191 -45.37 12.03 -59.15
C ASP A 191 -45.42 13.55 -59.32
N ALA A 192 -46.28 14.03 -60.22
CA ALA A 192 -46.52 15.45 -60.43
C ALA A 192 -47.89 15.87 -59.90
N LEU A 193 -48.62 14.93 -59.28
CA LEU A 193 -49.94 15.17 -58.74
C LEU A 193 -49.87 15.88 -57.40
N THR A 194 -51.05 16.26 -56.92
CA THR A 194 -51.21 16.86 -55.61
C THR A 194 -51.80 15.84 -54.65
N GLN A 195 -51.52 16.04 -53.38
CA GLN A 195 -52.10 15.16 -52.38
C GLN A 195 -53.60 15.01 -52.66
N LYS A 196 -54.31 16.02 -53.14
CA LYS A 196 -55.72 15.76 -53.40
C LYS A 196 -55.89 14.81 -54.59
N GLU A 197 -55.32 15.14 -55.75
CA GLU A 197 -55.55 14.36 -56.96
C GLU A 197 -55.12 12.90 -56.77
N ALA A 198 -54.03 12.71 -56.01
CA ALA A 198 -53.58 11.39 -55.59
C ALA A 198 -54.63 10.68 -54.76
N ALA A 199 -54.95 11.18 -53.58
CA ALA A 199 -55.98 10.56 -52.77
C ALA A 199 -57.22 10.21 -53.57
N MET A 200 -57.60 11.07 -54.52
CA MET A 200 -58.76 10.78 -55.36
C MET A 200 -58.51 9.50 -56.14
N ILE A 201 -57.36 9.45 -56.80
CA ILE A 201 -56.98 8.24 -57.52
C ILE A 201 -56.96 7.01 -56.61
N ALA A 202 -56.31 7.11 -55.47
CA ALA A 202 -56.30 5.99 -54.54
C ALA A 202 -57.71 5.60 -54.23
N LEU A 203 -58.53 6.53 -53.74
CA LEU A 203 -59.88 6.18 -53.32
C LEU A 203 -60.71 5.60 -54.46
N ALA A 204 -60.51 6.13 -55.67
CA ALA A 204 -61.24 5.69 -56.84
C ALA A 204 -60.86 4.26 -57.24
N ALA A 205 -59.60 3.91 -56.97
CA ALA A 205 -59.05 2.60 -57.27
C ALA A 205 -59.61 1.60 -56.27
N LEU A 206 -59.65 2.03 -55.01
CA LEU A 206 -60.25 1.21 -54.01
C LEU A 206 -61.69 0.98 -54.42
N GLN A 207 -62.41 2.03 -54.82
CA GLN A 207 -63.82 1.88 -55.14
C GLN A 207 -64.02 0.98 -56.35
N SER A 208 -63.21 1.17 -57.39
CA SER A 208 -63.31 0.35 -58.58
C SER A 208 -63.18 -1.13 -58.24
N ALA A 209 -62.14 -1.45 -57.49
CA ALA A 209 -61.75 -2.79 -57.16
C ALA A 209 -62.82 -3.52 -56.35
N ILE A 210 -63.27 -2.89 -55.26
CA ILE A 210 -64.23 -3.51 -54.36
C ILE A 210 -65.66 -3.35 -54.88
N GLY A 211 -65.84 -2.72 -56.05
CA GLY A 211 -67.08 -2.73 -56.80
C GLY A 211 -68.22 -1.92 -56.17
N THR A 212 -67.89 -1.07 -55.20
CA THR A 212 -68.82 -0.37 -54.34
C THR A 212 -68.28 1.05 -54.15
N ALA A 213 -69.13 2.02 -53.78
CA ALA A 213 -68.65 3.29 -53.27
C ALA A 213 -68.33 3.13 -51.78
N VAL A 214 -67.24 3.75 -51.32
CA VAL A 214 -66.84 3.65 -49.93
C VAL A 214 -67.37 4.87 -49.20
N LYS A 215 -67.62 4.71 -47.91
CA LYS A 215 -67.83 5.86 -47.06
C LYS A 215 -66.55 6.10 -46.29
N ALA A 216 -66.48 7.25 -45.63
CA ALA A 216 -65.27 7.66 -44.97
C ALA A 216 -64.91 6.70 -43.85
N LYS A 217 -65.89 6.29 -43.08
CA LYS A 217 -65.61 5.49 -41.91
C LYS A 217 -65.29 4.04 -42.31
N GLU A 218 -65.46 3.66 -43.58
CA GLU A 218 -65.07 2.34 -44.05
C GLU A 218 -63.65 2.36 -44.63
N VAL A 219 -63.02 3.51 -44.65
CA VAL A 219 -61.61 3.51 -44.91
C VAL A 219 -60.85 4.14 -43.75
N GLU A 220 -59.54 3.99 -43.82
CA GLU A 220 -58.67 4.69 -42.91
C GLU A 220 -57.46 5.02 -43.75
N VAL A 221 -57.02 6.25 -43.60
CA VAL A 221 -56.06 6.82 -44.50
C VAL A 221 -54.90 7.34 -43.70
N GLY A 222 -53.71 7.08 -44.19
CA GLY A 222 -52.52 7.50 -43.49
C GLY A 222 -51.70 8.33 -44.44
N ARG A 223 -50.91 9.24 -43.92
CA ARG A 223 -50.27 10.20 -44.78
C ARG A 223 -48.91 10.64 -44.23
N CYS A 224 -47.97 10.88 -45.11
CA CYS A 224 -46.84 11.69 -44.75
C CYS A 224 -46.68 12.74 -45.82
N THR A 225 -46.23 13.92 -45.42
CA THR A 225 -46.09 15.03 -46.36
C THR A 225 -44.76 15.68 -46.10
N ALA A 226 -44.19 16.28 -47.15
CA ALA A 226 -42.93 17.02 -47.04
C ALA A 226 -43.05 18.10 -45.96
N ALA A 227 -44.19 18.78 -45.95
CA ALA A 227 -44.44 19.83 -44.98
C ALA A 227 -44.44 19.28 -43.56
N ASN A 228 -45.25 18.25 -43.32
CA ASN A 228 -45.39 17.56 -42.04
C ASN A 228 -45.05 16.08 -42.20
N PRO A 229 -43.76 15.69 -42.04
CA PRO A 229 -43.25 14.37 -42.42
C PRO A 229 -43.70 13.21 -41.55
N ALA A 230 -44.12 13.55 -40.35
CA ALA A 230 -44.66 12.56 -39.46
C ALA A 230 -45.86 11.93 -40.09
N PHE A 231 -46.03 10.68 -39.74
CA PHE A 231 -47.06 9.86 -40.31
C PHE A 231 -48.30 10.03 -39.48
N GLN A 232 -49.40 10.36 -40.15
CA GLN A 232 -50.57 10.74 -39.43
C GLN A 232 -51.77 10.12 -40.07
N ARG A 233 -52.67 9.66 -39.21
CA ARG A 233 -53.98 9.27 -39.63
C ARG A 233 -54.69 10.53 -40.14
N VAL A 234 -55.20 10.45 -41.35
CA VAL A 234 -55.94 11.55 -41.89
C VAL A 234 -57.33 11.57 -41.27
N PRO A 235 -57.83 12.73 -40.78
CA PRO A 235 -59.13 12.77 -40.13
C PRO A 235 -60.28 12.58 -41.12
N ASN A 236 -61.41 12.05 -40.64
CA ASN A 236 -62.50 11.63 -41.51
C ASN A 236 -63.09 12.77 -42.32
N SER A 237 -63.22 13.96 -41.70
CA SER A 237 -63.71 15.16 -42.37
C SER A 237 -63.10 15.27 -43.77
N GLU A 238 -61.79 15.09 -43.84
CA GLU A 238 -60.98 15.33 -45.03
C GLU A 238 -61.08 14.19 -46.03
N VAL A 239 -61.35 12.98 -45.54
CA VAL A 239 -61.54 11.81 -46.38
C VAL A 239 -62.91 11.89 -47.04
N GLU A 240 -63.95 12.26 -46.27
CA GLU A 240 -65.27 12.61 -46.77
C GLU A 240 -65.18 13.57 -47.97
N GLU A 241 -64.34 14.63 -47.87
CA GLU A 241 -64.25 15.67 -48.90
C GLU A 241 -63.62 15.14 -50.18
N TRP A 242 -62.63 14.26 -50.05
CA TRP A 242 -62.04 13.57 -51.20
C TRP A 242 -63.03 12.63 -51.86
N LEU A 243 -63.86 11.95 -51.05
CA LEU A 243 -64.80 10.97 -51.52
C LEU A 243 -65.94 11.67 -52.24
N THR A 244 -66.24 12.89 -51.78
CA THR A 244 -67.19 13.77 -52.44
C THR A 244 -66.57 14.19 -53.79
N ALA A 245 -65.30 14.57 -53.79
CA ALA A 245 -64.57 14.99 -54.98
C ALA A 245 -64.39 13.88 -56.03
N VAL A 246 -64.63 12.62 -55.64
CA VAL A 246 -64.48 11.45 -56.52
C VAL A 246 -65.83 11.17 -57.20
N ALA A 247 -66.90 11.14 -56.39
CA ALA A 247 -68.25 10.89 -56.89
C ALA A 247 -68.64 11.94 -57.95
N GLU A 248 -68.30 13.23 -57.70
CA GLU A 248 -68.49 14.32 -58.66
C GLU A 248 -67.64 14.09 -59.91
N ALA A 249 -66.39 14.59 -59.91
CA ALA A 249 -65.49 14.50 -61.06
C ALA A 249 -65.00 13.05 -61.23
N GLU B 3 -35.27 -24.11 -34.60
CA GLU B 3 -35.33 -25.27 -33.67
C GLU B 3 -35.48 -26.60 -34.45
N ALA B 4 -35.58 -26.58 -35.80
CA ALA B 4 -35.48 -27.83 -36.59
C ALA B 4 -34.03 -28.05 -36.96
N PHE B 5 -33.50 -29.23 -36.64
CA PHE B 5 -32.07 -29.37 -36.75
C PHE B 5 -31.72 -30.52 -37.67
N TYR B 6 -32.72 -31.21 -38.15
CA TYR B 6 -32.44 -32.24 -39.11
C TYR B 6 -32.23 -31.62 -40.47
N GLY B 7 -31.56 -32.34 -41.35
CA GLY B 7 -31.25 -31.82 -42.64
C GLY B 7 -32.41 -32.01 -43.60
N LEU B 8 -32.57 -31.07 -44.54
CA LEU B 8 -33.66 -31.05 -45.51
C LEU B 8 -33.16 -31.52 -46.86
N THR B 9 -31.90 -31.20 -47.12
CA THR B 9 -31.20 -31.70 -48.28
C THR B 9 -30.49 -32.96 -47.87
N THR B 10 -30.81 -34.03 -48.62
CA THR B 10 -30.30 -35.36 -48.42
C THR B 10 -30.07 -36.09 -49.72
N PHE B 11 -29.25 -37.14 -49.68
CA PHE B 11 -28.99 -37.92 -50.86
C PHE B 11 -30.21 -38.78 -51.10
N SER B 12 -30.34 -39.11 -52.38
CA SER B 12 -31.41 -39.95 -52.85
C SER B 12 -30.78 -41.17 -53.48
N PRO B 13 -31.50 -42.27 -53.65
CA PRO B 13 -30.89 -43.52 -54.13
C PRO B 13 -30.00 -43.46 -55.37
N SER B 14 -30.26 -42.56 -56.34
CA SER B 14 -29.31 -42.40 -57.45
C SER B 14 -28.03 -41.60 -57.10
N GLY B 15 -27.94 -41.07 -55.88
CA GLY B 15 -26.83 -40.24 -55.49
C GLY B 15 -27.04 -38.73 -55.62
N LYS B 16 -28.21 -38.31 -56.06
CA LYS B 16 -28.48 -36.92 -56.35
C LYS B 16 -28.91 -36.25 -55.08
N LEU B 17 -28.62 -34.97 -54.96
CA LEU B 17 -29.18 -34.18 -53.89
C LEU B 17 -30.34 -33.36 -54.44
N ILE B 18 -31.54 -33.87 -54.29
CA ILE B 18 -32.65 -33.40 -55.07
C ILE B 18 -33.01 -31.97 -54.65
N GLN B 19 -33.05 -31.66 -53.36
CA GLN B 19 -33.33 -30.30 -53.01
C GLN B 19 -32.39 -29.35 -53.74
N ILE B 20 -31.15 -29.73 -53.99
CA ILE B 20 -30.25 -28.83 -54.69
C ILE B 20 -30.54 -28.74 -56.15
N GLU B 21 -30.98 -29.81 -56.81
CA GLU B 21 -31.48 -29.70 -58.18
C GLU B 21 -32.70 -28.78 -58.25
N TYR B 22 -33.54 -28.82 -57.25
CA TYR B 22 -34.72 -27.98 -57.28
C TYR B 22 -34.34 -26.53 -56.99
N ALA B 23 -33.38 -26.34 -56.14
CA ALA B 23 -32.93 -25.00 -55.93
C ALA B 23 -32.28 -24.48 -57.20
N THR B 24 -31.65 -25.37 -57.95
CA THR B 24 -31.01 -24.97 -59.18
C THR B 24 -32.04 -24.65 -60.23
N THR B 25 -33.18 -25.30 -60.14
CA THR B 25 -34.26 -25.06 -61.05
C THR B 25 -34.86 -23.70 -60.79
N ALA B 26 -34.99 -23.40 -59.50
CA ALA B 26 -35.49 -22.13 -59.03
C ALA B 26 -34.60 -20.98 -59.46
N ALA B 27 -33.31 -21.26 -59.55
CA ALA B 27 -32.31 -20.25 -59.79
C ALA B 27 -32.16 -20.03 -61.28
N GLY B 28 -32.75 -20.89 -62.10
CA GLY B 28 -32.79 -20.62 -63.53
C GLY B 28 -34.18 -20.16 -63.98
N LYS B 29 -34.98 -19.68 -63.03
CA LYS B 29 -36.32 -19.22 -63.32
C LYS B 29 -36.34 -17.71 -63.16
N GLY B 30 -35.23 -17.16 -62.70
CA GLY B 30 -35.12 -15.73 -62.65
C GLY B 30 -35.15 -15.13 -64.05
N THR B 31 -34.90 -13.84 -64.11
CA THR B 31 -34.66 -13.21 -65.39
C THR B 31 -33.19 -13.26 -65.73
N THR B 32 -32.92 -12.95 -66.99
CA THR B 32 -31.61 -13.16 -67.55
C THR B 32 -30.66 -12.14 -66.94
N ALA B 33 -29.50 -12.66 -66.59
CA ALA B 33 -28.37 -11.87 -66.23
C ALA B 33 -27.21 -12.48 -66.96
N LEU B 34 -26.26 -11.65 -67.30
CA LEU B 34 -25.14 -12.17 -67.99
C LEU B 34 -23.94 -11.29 -67.81
N GLY B 35 -22.81 -11.84 -68.18
CA GLY B 35 -21.57 -11.19 -67.90
C GLY B 35 -20.59 -11.46 -69.02
N VAL B 36 -19.75 -10.48 -69.28
CA VAL B 36 -18.79 -10.61 -70.32
C VAL B 36 -17.50 -10.05 -69.82
N LYS B 37 -16.52 -10.89 -69.89
CA LYS B 37 -15.20 -10.49 -69.49
C LYS B 37 -14.48 -10.03 -70.75
N ALA B 38 -13.62 -9.05 -70.57
CA ALA B 38 -12.90 -8.48 -71.68
C ALA B 38 -11.47 -8.21 -71.23
N THR B 39 -10.61 -7.71 -72.10
CA THR B 39 -9.20 -7.66 -71.77
C THR B 39 -8.96 -6.61 -70.69
N ASP B 40 -9.88 -5.64 -70.61
CA ASP B 40 -9.68 -4.48 -69.77
C ASP B 40 -10.89 -4.24 -68.88
N GLY B 41 -11.70 -5.28 -68.65
CA GLY B 41 -12.82 -5.11 -67.77
C GLY B 41 -13.84 -6.21 -67.85
N VAL B 42 -14.97 -5.99 -67.19
CA VAL B 42 -16.02 -6.99 -67.19
C VAL B 42 -17.29 -6.20 -67.22
N VAL B 43 -18.32 -6.78 -67.83
CA VAL B 43 -19.61 -6.14 -67.76
C VAL B 43 -20.60 -7.19 -67.31
N ILE B 44 -21.51 -6.83 -66.43
CA ILE B 44 -22.61 -7.69 -66.05
C ILE B 44 -23.85 -6.87 -66.29
N ALA B 45 -24.93 -7.53 -66.61
CA ALA B 45 -26.08 -6.79 -67.07
C ALA B 45 -27.30 -7.63 -66.76
N ALA B 46 -28.36 -7.02 -66.24
CA ALA B 46 -29.56 -7.82 -66.04
C ALA B 46 -30.80 -7.11 -66.53
N LYS B 47 -31.77 -7.91 -66.89
CA LYS B 47 -33.13 -7.44 -67.01
C LYS B 47 -33.67 -7.15 -65.62
N LYS B 48 -34.27 -5.98 -65.45
CA LYS B 48 -35.17 -5.67 -64.35
C LYS B 48 -36.60 -5.70 -64.85
N LYS B 49 -37.21 -6.87 -64.98
CA LYS B 49 -38.57 -6.87 -65.47
C LYS B 49 -39.47 -6.63 -64.28
N ALA B 50 -39.88 -5.35 -64.14
CA ALA B 50 -40.77 -4.87 -63.11
C ALA B 50 -42.19 -5.40 -63.33
N PRO B 51 -42.87 -5.97 -62.29
CA PRO B 51 -44.21 -6.55 -62.49
C PRO B 51 -45.22 -5.58 -63.14
N SER B 52 -45.12 -4.29 -62.79
CA SER B 52 -46.03 -3.25 -63.25
C SER B 52 -45.27 -1.95 -63.46
N THR B 53 -45.93 -0.98 -64.08
CA THR B 53 -45.32 0.32 -64.30
C THR B 53 -45.32 1.16 -63.03
N LEU B 54 -46.09 0.70 -62.04
CA LEU B 54 -46.26 1.43 -60.81
C LEU B 54 -45.16 1.14 -59.81
N VAL B 55 -44.35 0.14 -60.09
CA VAL B 55 -43.10 -0.02 -59.39
C VAL B 55 -42.13 1.04 -59.82
N ASP B 56 -41.51 1.64 -58.81
CA ASP B 56 -40.44 2.60 -58.94
C ASP B 56 -39.22 1.79 -59.32
N ALA B 57 -38.90 1.78 -60.60
CA ALA B 57 -37.82 0.95 -61.12
C ALA B 57 -36.48 1.42 -60.58
N SER B 58 -36.35 2.67 -60.16
CA SER B 58 -35.11 3.05 -59.51
C SER B 58 -34.83 2.12 -58.32
N SER B 59 -35.88 1.71 -57.60
CA SER B 59 -35.72 0.94 -56.37
C SER B 59 -35.41 -0.54 -56.62
N ILE B 60 -35.52 -1.02 -57.84
CA ILE B 60 -35.16 -2.41 -58.07
C ILE B 60 -33.69 -2.48 -58.43
N GLN B 61 -33.00 -3.36 -57.71
CA GLN B 61 -31.57 -3.48 -57.86
C GLN B 61 -31.36 -4.90 -58.35
N LYS B 62 -30.87 -5.07 -59.56
CA LYS B 62 -30.48 -6.41 -59.92
C LYS B 62 -28.97 -6.53 -59.98
N VAL B 63 -28.26 -5.42 -59.89
CA VAL B 63 -26.83 -5.49 -59.93
C VAL B 63 -26.30 -4.82 -58.72
N PHE B 64 -25.27 -5.32 -58.09
CA PHE B 64 -24.94 -4.82 -56.78
C PHE B 64 -23.46 -4.65 -56.60
N VAL B 65 -23.11 -3.60 -55.93
CA VAL B 65 -21.76 -3.45 -55.49
C VAL B 65 -21.57 -4.29 -54.24
N LEU B 66 -20.48 -5.05 -54.20
CA LEU B 66 -20.07 -5.74 -53.01
C LEU B 66 -18.88 -5.02 -52.35
N ASP B 67 -18.03 -4.47 -53.17
CA ASP B 67 -17.03 -3.57 -52.67
C ASP B 67 -16.59 -2.71 -53.84
N GLU B 68 -15.66 -1.82 -53.63
CA GLU B 68 -15.25 -0.90 -54.66
C GLU B 68 -14.91 -1.67 -55.91
N HIS B 69 -14.31 -2.83 -55.77
CA HIS B 69 -13.74 -3.51 -56.93
C HIS B 69 -14.57 -4.68 -57.43
N VAL B 70 -15.76 -4.94 -56.89
CA VAL B 70 -16.40 -6.15 -57.29
C VAL B 70 -17.90 -6.07 -57.14
N GLY B 71 -18.59 -6.75 -58.01
CA GLY B 71 -19.98 -6.49 -58.21
C GLY B 71 -20.66 -7.81 -58.37
N CYS B 72 -21.96 -7.86 -58.32
CA CYS B 72 -22.56 -9.09 -58.69
C CYS B 72 -23.89 -8.83 -59.28
N THR B 73 -24.44 -9.84 -59.88
CA THR B 73 -25.84 -9.80 -60.20
C THR B 73 -26.31 -11.18 -59.98
N TYR B 74 -27.54 -11.47 -60.27
CA TYR B 74 -28.01 -12.73 -59.78
C TYR B 74 -29.25 -13.11 -60.54
N SER B 75 -29.57 -14.36 -60.41
CA SER B 75 -30.82 -14.79 -60.94
C SER B 75 -31.48 -15.73 -59.96
N GLY B 76 -32.77 -15.84 -60.09
CA GLY B 76 -33.52 -16.72 -59.22
C GLY B 76 -34.13 -15.88 -58.15
N MET B 77 -34.15 -16.40 -56.95
CA MET B 77 -34.95 -15.76 -55.93
C MET B 77 -34.20 -14.56 -55.35
N GLY B 78 -34.79 -13.39 -55.56
CA GLY B 78 -34.17 -12.15 -55.13
C GLY B 78 -33.72 -12.15 -53.66
N PRO B 79 -34.64 -12.45 -52.75
CA PRO B 79 -34.37 -12.29 -51.33
C PRO B 79 -33.36 -13.29 -50.80
N ASP B 80 -33.22 -14.42 -51.49
CA ASP B 80 -32.23 -15.39 -51.11
C ASP B 80 -30.89 -14.76 -51.46
N CYS B 81 -30.84 -14.21 -52.65
CA CYS B 81 -29.64 -13.55 -53.09
C CYS B 81 -29.26 -12.37 -52.21
N ARG B 82 -30.25 -11.66 -51.68
CA ARG B 82 -29.97 -10.55 -50.80
C ARG B 82 -29.19 -11.08 -49.60
N VAL B 83 -29.50 -12.29 -49.13
CA VAL B 83 -28.72 -12.90 -48.06
C VAL B 83 -27.27 -13.05 -48.45
N LEU B 84 -27.01 -13.49 -49.68
CA LEU B 84 -25.66 -13.80 -50.09
C LEU B 84 -24.87 -12.52 -50.21
N ILE B 85 -25.45 -11.56 -50.88
CA ILE B 85 -24.87 -10.25 -51.03
C ILE B 85 -24.56 -9.58 -49.70
N ASP B 86 -25.44 -9.70 -48.73
CA ASP B 86 -25.10 -9.09 -47.47
C ASP B 86 -23.87 -9.76 -46.92
N SER B 87 -23.81 -11.10 -47.02
CA SER B 87 -22.67 -11.79 -46.43
C SER B 87 -21.37 -11.47 -47.21
N ALA B 88 -21.48 -11.34 -48.51
CA ALA B 88 -20.35 -11.10 -49.35
C ALA B 88 -19.81 -9.71 -49.12
N ARG B 89 -20.70 -8.78 -48.82
CA ARG B 89 -20.27 -7.44 -48.51
C ARG B 89 -19.50 -7.48 -47.22
N LYS B 90 -20.02 -8.19 -46.23
CA LYS B 90 -19.32 -8.29 -44.98
C LYS B 90 -17.94 -8.87 -45.19
N ASN B 91 -17.82 -9.89 -46.03
CA ASN B 91 -16.59 -10.58 -46.19
C ASN B 91 -15.59 -9.67 -46.87
N CYS B 92 -16.03 -8.99 -47.91
CA CYS B 92 -15.14 -8.01 -48.48
C CYS B 92 -14.56 -7.07 -47.44
N GLN B 93 -15.39 -6.63 -46.49
CA GLN B 93 -14.95 -5.64 -45.55
C GLN B 93 -14.09 -6.34 -44.49
N GLN B 94 -14.45 -7.54 -44.06
CA GLN B 94 -13.62 -8.21 -43.08
C GLN B 94 -12.23 -8.38 -43.62
N TYR B 95 -12.14 -8.70 -44.88
CA TYR B 95 -10.86 -8.92 -45.50
C TYR B 95 -10.08 -7.64 -45.53
N LYS B 96 -10.67 -6.52 -45.88
CA LYS B 96 -9.94 -5.29 -45.85
C LYS B 96 -9.48 -4.99 -44.44
N LEU B 97 -10.35 -5.17 -43.49
CA LEU B 97 -9.94 -4.90 -42.15
C LEU B 97 -8.74 -5.74 -41.81
N MET B 98 -8.67 -6.96 -42.29
CA MET B 98 -7.52 -7.75 -41.94
C MET B 98 -6.31 -7.40 -42.80
N TYR B 99 -6.42 -7.42 -44.07
CA TYR B 99 -5.24 -7.36 -44.88
C TYR B 99 -5.07 -6.01 -45.50
N ASN B 100 -6.03 -5.13 -45.38
CA ASN B 100 -5.89 -3.73 -45.74
C ASN B 100 -5.64 -3.64 -47.24
N GLU B 101 -6.12 -4.64 -47.95
CA GLU B 101 -6.13 -4.75 -49.38
C GLU B 101 -7.55 -5.18 -49.76
N PRO B 102 -8.03 -5.03 -50.98
CA PRO B 102 -9.26 -5.64 -51.41
C PRO B 102 -9.28 -7.15 -51.61
N ILE B 103 -10.36 -7.77 -51.13
CA ILE B 103 -10.49 -9.20 -51.30
C ILE B 103 -10.42 -9.58 -52.76
N PRO B 104 -9.52 -10.47 -53.15
CA PRO B 104 -9.47 -11.03 -54.48
C PRO B 104 -10.72 -11.80 -54.79
N ILE B 105 -11.11 -11.77 -56.03
CA ILE B 105 -12.42 -12.27 -56.39
C ILE B 105 -12.47 -13.73 -56.07
N SER B 106 -11.47 -14.48 -56.50
CA SER B 106 -11.33 -15.88 -56.09
C SER B 106 -11.61 -16.11 -54.60
N GLN B 107 -11.07 -15.33 -53.70
CA GLN B 107 -11.38 -15.58 -52.32
C GLN B 107 -12.82 -15.26 -51.99
N LEU B 108 -13.33 -14.16 -52.50
CA LEU B 108 -14.72 -13.82 -52.32
C LEU B 108 -15.66 -14.92 -52.77
N VAL B 109 -15.41 -15.50 -53.91
CA VAL B 109 -16.35 -16.47 -54.44
C VAL B 109 -16.31 -17.77 -53.64
N ARG B 110 -15.14 -18.14 -53.19
CA ARG B 110 -14.99 -19.28 -52.32
C ARG B 110 -15.74 -19.05 -51.02
N LYS B 111 -15.78 -17.83 -50.52
CA LYS B 111 -16.53 -17.52 -49.34
C LYS B 111 -18.01 -17.65 -49.58
N ILE B 112 -18.50 -17.20 -50.74
CA ILE B 112 -19.89 -17.35 -51.13
C ILE B 112 -20.25 -18.81 -51.32
N SER B 113 -19.39 -19.47 -52.05
CA SER B 113 -19.55 -20.88 -52.31
C SER B 113 -19.77 -21.62 -51.03
N ALA B 114 -19.04 -21.22 -50.02
CA ALA B 114 -19.09 -21.87 -48.73
C ALA B 114 -20.43 -21.64 -48.06
N ILE B 115 -20.94 -20.42 -48.10
CA ILE B 115 -22.27 -20.19 -47.58
C ILE B 115 -23.27 -21.02 -48.33
N TYR B 116 -23.23 -21.03 -49.62
CA TYR B 116 -24.13 -21.91 -50.28
C TYR B 116 -24.00 -23.34 -49.82
N GLN B 117 -22.79 -23.86 -49.72
CA GLN B 117 -22.65 -25.23 -49.28
C GLN B 117 -23.24 -25.43 -47.91
N GLU B 118 -23.03 -24.52 -46.95
CA GLU B 118 -23.62 -24.72 -45.64
C GLU B 118 -25.12 -24.92 -45.80
N PHE B 119 -25.81 -24.19 -46.65
CA PHE B 119 -27.24 -24.38 -46.69
C PHE B 119 -27.63 -25.65 -47.44
N THR B 120 -26.66 -26.49 -47.85
CA THR B 120 -26.97 -27.76 -48.49
C THR B 120 -26.76 -28.91 -47.53
N GLN B 121 -26.34 -28.60 -46.31
CA GLN B 121 -25.93 -29.64 -45.40
C GLN B 121 -26.46 -29.34 -44.01
N SER B 122 -26.22 -28.14 -43.49
CA SER B 122 -26.75 -27.71 -42.21
C SER B 122 -28.21 -28.06 -42.04
N GLY B 123 -28.59 -28.17 -40.78
CA GLY B 123 -29.93 -28.61 -40.45
C GLY B 123 -30.92 -27.47 -40.48
N GLY B 124 -32.14 -27.83 -40.83
CA GLY B 124 -33.24 -26.90 -40.79
C GLY B 124 -33.39 -26.03 -42.04
N VAL B 125 -32.42 -25.96 -42.91
CA VAL B 125 -32.50 -24.94 -43.91
C VAL B 125 -32.64 -25.59 -45.25
N ARG B 126 -33.24 -24.89 -46.18
CA ARG B 126 -33.21 -25.34 -47.54
C ARG B 126 -32.06 -24.62 -48.19
N PRO B 127 -31.57 -25.06 -49.34
CA PRO B 127 -30.62 -24.27 -50.07
C PRO B 127 -31.13 -22.97 -50.69
N PHE B 128 -30.19 -22.19 -51.18
CA PHE B 128 -30.48 -20.91 -51.78
C PHE B 128 -30.95 -21.15 -53.15
N GLY B 129 -31.98 -20.44 -53.54
CA GLY B 129 -32.49 -20.68 -54.86
C GLY B 129 -32.07 -19.54 -55.76
N CYS B 130 -30.77 -19.22 -55.80
CA CYS B 130 -30.32 -18.19 -56.72
C CYS B 130 -28.89 -18.44 -57.17
N SER B 131 -28.56 -18.07 -58.39
CA SER B 131 -27.19 -18.06 -58.79
C SER B 131 -26.72 -16.63 -58.82
N LEU B 132 -25.42 -16.45 -58.65
CA LEU B 132 -24.78 -15.17 -58.79
C LEU B 132 -23.83 -15.15 -59.95
N LEU B 133 -23.68 -13.99 -60.58
CA LEU B 133 -22.44 -13.65 -61.24
C LEU B 133 -21.76 -12.68 -60.37
N VAL B 134 -20.46 -12.81 -60.30
CA VAL B 134 -19.61 -11.95 -59.53
C VAL B 134 -18.55 -11.52 -60.48
N ALA B 135 -18.24 -10.25 -60.50
CA ALA B 135 -17.31 -9.72 -61.47
C ALA B 135 -16.46 -8.74 -60.74
N GLY B 136 -15.16 -8.74 -60.99
CA GLY B 136 -14.36 -7.85 -60.21
C GLY B 136 -12.97 -7.84 -60.73
N VAL B 137 -12.13 -7.08 -60.03
CA VAL B 137 -10.78 -6.90 -60.48
C VAL B 137 -9.86 -6.97 -59.29
N ASP B 138 -8.80 -7.76 -59.43
CA ASP B 138 -7.84 -7.86 -58.36
C ASP B 138 -6.45 -7.84 -58.98
N ALA B 139 -5.46 -8.35 -58.25
CA ALA B 139 -4.10 -8.39 -58.74
C ALA B 139 -3.96 -9.38 -59.88
N ASN B 140 -4.82 -10.38 -59.96
CA ASN B 140 -4.77 -11.34 -61.05
C ASN B 140 -5.57 -10.84 -62.25
N GLY B 141 -6.11 -9.63 -62.20
CA GLY B 141 -6.83 -9.11 -63.35
C GLY B 141 -8.35 -9.16 -63.20
N TYR B 142 -9.04 -9.26 -64.33
CA TYR B 142 -10.48 -9.20 -64.37
C TYR B 142 -11.03 -10.58 -64.28
N HIS B 143 -12.21 -10.68 -63.71
CA HIS B 143 -12.76 -11.96 -63.42
C HIS B 143 -14.26 -11.94 -63.53
N LEU B 144 -14.77 -13.11 -63.74
CA LEU B 144 -16.17 -13.23 -63.78
C LEU B 144 -16.53 -14.65 -63.41
N TYR B 145 -17.31 -14.82 -62.37
CA TYR B 145 -17.53 -16.12 -61.84
C TYR B 145 -19.01 -16.35 -61.76
N GLN B 146 -19.44 -17.59 -61.85
CA GLN B 146 -20.82 -17.91 -61.61
C GLN B 146 -20.88 -18.77 -60.38
N VAL B 147 -21.79 -18.53 -59.48
CA VAL B 147 -21.90 -19.43 -58.35
C VAL B 147 -23.30 -19.97 -58.39
N ASP B 148 -23.45 -21.27 -58.25
CA ASP B 148 -24.73 -21.90 -58.26
C ASP B 148 -25.09 -22.29 -56.86
N PRO B 149 -26.36 -22.68 -56.62
CA PRO B 149 -26.78 -23.16 -55.30
C PRO B 149 -26.12 -24.42 -54.75
N SER B 150 -25.44 -25.18 -55.60
CA SER B 150 -24.71 -26.33 -55.12
C SER B 150 -23.53 -25.78 -54.31
N GLY B 151 -23.22 -24.53 -54.58
CA GLY B 151 -22.03 -23.89 -54.04
C GLY B 151 -20.85 -23.98 -54.98
N THR B 152 -21.10 -24.57 -56.14
CA THR B 152 -20.12 -24.73 -57.16
C THR B 152 -19.88 -23.40 -57.82
N PHE B 153 -18.70 -23.19 -58.34
CA PHE B 153 -18.52 -21.98 -59.07
C PHE B 153 -17.53 -22.19 -60.17
N TRP B 154 -17.57 -21.31 -61.14
CA TRP B 154 -16.91 -21.45 -62.41
C TRP B 154 -16.38 -20.08 -62.78
N ALA B 155 -15.14 -20.00 -63.20
CA ALA B 155 -14.76 -18.78 -63.87
C ALA B 155 -15.23 -18.89 -65.30
N TRP B 156 -15.69 -17.79 -65.84
CA TRP B 156 -16.16 -17.75 -67.20
C TRP B 156 -15.57 -16.60 -67.93
N LYS B 157 -15.60 -16.65 -69.24
CA LYS B 157 -15.24 -15.48 -70.04
C LYS B 157 -16.51 -14.77 -70.42
N ALA B 158 -17.58 -15.52 -70.40
CA ALA B 158 -18.87 -14.94 -70.66
C ALA B 158 -19.90 -15.94 -70.26
N THR B 159 -20.99 -15.49 -69.70
CA THR B 159 -22.04 -16.45 -69.44
C THR B 159 -23.31 -15.73 -69.10
N ALA B 160 -24.31 -16.52 -68.78
CA ALA B 160 -25.64 -16.02 -68.60
C ALA B 160 -26.39 -16.99 -67.71
N ILE B 161 -27.07 -16.45 -66.74
CA ILE B 161 -27.89 -17.25 -65.85
C ILE B 161 -29.26 -16.66 -65.97
N GLY B 162 -30.25 -17.34 -65.41
CA GLY B 162 -31.65 -17.01 -65.59
C GLY B 162 -32.28 -17.63 -66.84
N THR B 163 -33.40 -17.04 -67.29
CA THR B 163 -34.44 -17.77 -68.00
C THR B 163 -34.02 -17.99 -69.45
N GLY B 164 -33.60 -16.91 -70.11
CA GLY B 164 -33.26 -17.06 -71.50
C GLY B 164 -31.85 -17.60 -71.71
N SER B 165 -31.31 -18.34 -70.74
CA SER B 165 -29.87 -18.44 -70.59
C SER B 165 -29.25 -19.42 -71.59
N PRO B 166 -29.78 -20.63 -71.84
CA PRO B 166 -29.21 -21.52 -72.87
C PRO B 166 -28.93 -20.82 -74.21
N ASP B 167 -29.89 -19.97 -74.62
CA ASP B 167 -29.91 -19.27 -75.90
C ASP B 167 -28.97 -18.08 -75.86
N ALA B 168 -29.05 -17.31 -74.78
CA ALA B 168 -28.09 -16.28 -74.45
C ALA B 168 -26.65 -16.79 -74.37
N LYS B 169 -26.43 -17.99 -73.82
CA LYS B 169 -25.07 -18.54 -73.80
C LYS B 169 -24.61 -18.88 -75.22
N ALA B 170 -25.54 -19.48 -76.01
CA ALA B 170 -25.26 -19.87 -77.38
C ALA B 170 -24.85 -18.65 -78.21
N PHE B 171 -25.52 -17.52 -77.97
CA PHE B 171 -25.33 -16.30 -78.73
C PHE B 171 -24.07 -15.58 -78.24
N LEU B 172 -23.62 -15.86 -77.02
CA LEU B 172 -22.37 -15.28 -76.54
C LEU B 172 -21.18 -16.06 -77.05
N GLU B 173 -21.39 -17.36 -77.33
CA GLU B 173 -20.34 -18.21 -77.85
C GLU B 173 -19.88 -17.68 -79.22
N LYS B 174 -20.85 -17.39 -80.12
CA LYS B 174 -20.56 -16.76 -81.40
C LYS B 174 -19.78 -15.46 -81.23
N ARG B 175 -20.38 -14.48 -80.53
CA ARG B 175 -19.95 -13.09 -80.61
C ARG B 175 -18.75 -12.82 -79.71
N TYR B 176 -18.33 -13.79 -78.90
CA TYR B 176 -17.27 -13.52 -77.97
C TYR B 176 -15.92 -13.75 -78.65
N THR B 177 -14.99 -12.85 -78.38
CA THR B 177 -13.64 -12.91 -78.91
C THR B 177 -12.67 -12.56 -77.77
N VAL B 178 -11.52 -13.23 -77.74
CA VAL B 178 -10.61 -13.08 -76.62
C VAL B 178 -9.90 -11.73 -76.71
N ASP B 179 -10.06 -11.06 -77.85
CA ASP B 179 -9.44 -9.77 -78.13
C ASP B 179 -10.27 -8.64 -77.52
N MET B 180 -11.59 -8.87 -77.40
CA MET B 180 -12.62 -7.91 -77.01
C MET B 180 -12.16 -6.83 -76.04
N GLU B 181 -12.50 -5.58 -76.36
CA GLU B 181 -12.37 -4.51 -75.40
C GLU B 181 -13.76 -4.27 -74.79
N LEU B 182 -13.79 -3.40 -73.77
CA LEU B 182 -14.94 -3.29 -72.90
C LEU B 182 -16.10 -2.56 -73.58
N GLU B 183 -15.83 -1.57 -74.43
CA GLU B 183 -16.91 -0.94 -75.19
C GLU B 183 -17.67 -1.99 -75.99
N ASP B 184 -16.94 -2.98 -76.50
CA ASP B 184 -17.52 -4.00 -77.36
C ASP B 184 -18.21 -5.02 -76.46
N ALA B 185 -17.67 -5.18 -75.26
CA ALA B 185 -18.21 -6.15 -74.31
C ALA B 185 -19.61 -5.72 -73.90
N VAL B 186 -19.73 -4.44 -73.55
CA VAL B 186 -21.00 -3.85 -73.17
C VAL B 186 -21.95 -3.97 -74.34
N HIS B 187 -21.48 -3.54 -75.49
CA HIS B 187 -22.30 -3.65 -76.68
C HIS B 187 -22.79 -5.10 -76.79
N THR B 188 -21.92 -6.09 -76.58
CA THR B 188 -22.30 -7.50 -76.74
C THR B 188 -23.28 -7.96 -75.66
N ALA B 189 -22.98 -7.62 -74.42
CA ALA B 189 -23.87 -7.89 -73.31
C ALA B 189 -25.28 -7.37 -73.60
N LEU B 190 -25.38 -6.12 -74.04
CA LEU B 190 -26.67 -5.48 -74.21
C LEU B 190 -27.34 -6.09 -75.42
N LEU B 191 -26.56 -6.44 -76.43
CA LEU B 191 -27.12 -7.10 -77.60
C LEU B 191 -27.67 -8.47 -77.25
N THR B 192 -27.04 -9.12 -76.28
CA THR B 192 -27.41 -10.47 -75.94
C THR B 192 -28.70 -10.52 -75.14
N LEU B 193 -28.86 -9.54 -74.25
CA LEU B 193 -30.07 -9.34 -73.50
C LEU B 193 -31.19 -9.11 -74.49
N LYS B 194 -30.99 -8.11 -75.36
CA LYS B 194 -31.97 -7.67 -76.34
C LYS B 194 -32.50 -8.84 -77.17
N GLU B 195 -31.67 -9.87 -77.38
CA GLU B 195 -32.07 -11.02 -78.17
C GLU B 195 -33.37 -11.59 -77.62
N GLY B 196 -33.38 -11.94 -76.33
CA GLY B 196 -34.51 -12.62 -75.73
C GLY B 196 -35.42 -11.69 -74.93
N PHE B 197 -35.32 -10.37 -75.18
CA PHE B 197 -36.08 -9.36 -74.43
C PHE B 197 -37.44 -9.13 -75.09
N ASP B 198 -38.50 -9.45 -74.34
CA ASP B 198 -39.86 -9.09 -74.71
C ASP B 198 -40.07 -7.58 -74.53
N GLY B 199 -40.03 -6.85 -75.65
CA GLY B 199 -40.31 -5.42 -75.67
C GLY B 199 -39.03 -4.58 -75.64
N GLN B 200 -39.22 -3.28 -75.75
CA GLN B 200 -38.12 -2.33 -75.84
C GLN B 200 -37.25 -2.45 -74.58
N MET B 201 -35.93 -2.35 -74.78
CA MET B 201 -34.96 -2.15 -73.72
C MET B 201 -34.81 -0.67 -73.45
N THR B 202 -34.78 -0.32 -72.17
CA THR B 202 -34.70 1.04 -71.73
C THR B 202 -33.68 1.06 -70.61
N SER B 203 -33.26 2.25 -70.23
CA SER B 203 -32.30 2.41 -69.16
C SER B 203 -33.03 2.30 -67.82
N GLU B 204 -34.30 1.89 -67.91
CA GLU B 204 -35.14 1.67 -66.75
C GLU B 204 -35.24 0.19 -66.47
N ASN B 205 -35.38 -0.61 -67.53
CA ASN B 205 -35.76 -2.02 -67.36
C ASN B 205 -34.55 -2.94 -67.53
N THR B 206 -33.36 -2.34 -67.42
CA THR B 206 -32.10 -3.05 -67.56
C THR B 206 -31.13 -2.42 -66.58
N GLN B 207 -30.19 -3.20 -66.08
CA GLN B 207 -29.17 -2.58 -65.24
C GLN B 207 -27.85 -3.10 -65.73
N VAL B 208 -26.79 -2.34 -65.59
CA VAL B 208 -25.51 -2.75 -66.10
C VAL B 208 -24.41 -2.35 -65.15
N GLY B 209 -23.48 -3.26 -64.94
CA GLY B 209 -22.36 -3.00 -64.07
C GLY B 209 -21.11 -3.21 -64.90
N ARG B 210 -20.09 -2.39 -64.65
CA ARG B 210 -18.84 -2.67 -65.30
C ARG B 210 -17.67 -2.62 -64.33
N VAL B 211 -16.74 -3.50 -64.62
CA VAL B 211 -15.49 -3.46 -63.93
C VAL B 211 -14.56 -2.80 -64.92
N VAL B 212 -13.97 -1.71 -64.54
CA VAL B 212 -13.07 -1.04 -65.44
C VAL B 212 -11.95 -0.47 -64.58
N GLU B 213 -10.73 -0.47 -65.12
CA GLU B 213 -9.60 0.04 -64.35
C GLU B 213 -9.61 -0.78 -63.07
N ASN B 214 -9.82 -0.15 -61.92
CA ASN B 214 -9.62 -0.89 -60.68
C ASN B 214 -10.89 -0.85 -59.87
N ARG B 215 -12.04 -0.62 -60.50
CA ARG B 215 -13.24 -0.37 -59.74
C ARG B 215 -14.40 -0.99 -60.45
N PHE B 216 -15.48 -1.31 -59.69
CA PHE B 216 -16.77 -1.73 -60.20
C PHE B 216 -17.78 -0.63 -60.04
N GLU B 217 -18.60 -0.37 -61.04
CA GLU B 217 -19.60 0.67 -60.95
C GLU B 217 -20.86 0.24 -61.67
N ILE B 218 -22.00 0.58 -61.10
CA ILE B 218 -23.27 0.36 -61.77
C ILE B 218 -23.51 1.54 -62.66
N LEU B 219 -23.66 1.32 -63.97
CA LEU B 219 -23.89 2.43 -64.89
C LEU B 219 -25.08 3.23 -64.37
N SER B 220 -24.99 4.56 -64.51
CA SER B 220 -26.12 5.45 -64.29
C SER B 220 -27.15 5.22 -65.40
N VAL B 221 -28.32 5.84 -65.32
CA VAL B 221 -29.27 5.74 -66.42
C VAL B 221 -28.77 6.60 -67.59
N ASP B 222 -28.15 7.75 -67.28
CA ASP B 222 -27.48 8.58 -68.27
C ASP B 222 -26.49 7.73 -69.10
N GLN B 223 -25.54 7.03 -68.42
CA GLN B 223 -24.43 6.32 -69.08
C GLN B 223 -24.96 5.13 -69.88
N LEU B 224 -25.97 4.47 -69.33
CA LEU B 224 -26.61 3.34 -69.95
C LEU B 224 -27.42 3.77 -71.16
N ARG B 225 -28.02 4.96 -71.12
CA ARG B 225 -28.78 5.45 -72.26
C ARG B 225 -27.84 5.70 -73.45
N ASP B 226 -26.59 6.09 -73.23
CA ASP B 226 -25.66 6.29 -74.34
C ASP B 226 -25.28 4.97 -75.00
N TYR B 227 -25.30 3.87 -74.25
CA TYR B 227 -24.99 2.58 -74.82
C TYR B 227 -26.20 1.98 -75.50
N LEU B 228 -27.40 2.38 -75.09
CA LEU B 228 -28.62 1.79 -75.62
C LEU B 228 -29.11 2.54 -76.86
N ASP B 229 -28.42 3.64 -77.20
CA ASP B 229 -28.70 4.41 -78.40
C ASP B 229 -27.83 3.89 -79.55
N GLN B 230 -26.86 3.02 -79.23
CA GLN B 230 -25.94 2.45 -80.21
C GLN B 230 -26.25 0.99 -80.47
N ILE B 231 -27.37 0.46 -79.94
CA ILE B 231 -27.81 -0.91 -80.22
C ILE B 231 -29.25 -0.85 -80.77
N SER C 2 -42.58 -30.73 -37.06
CA SER C 2 -41.32 -30.76 -37.85
C SER C 2 -40.77 -32.19 -37.78
N HIS C 3 -40.88 -32.94 -36.67
CA HIS C 3 -40.30 -34.30 -36.64
C HIS C 3 -40.92 -35.26 -37.68
N ARG C 4 -42.10 -34.97 -38.26
CA ARG C 4 -42.72 -35.86 -39.23
C ARG C 4 -41.92 -35.86 -40.53
N TYR C 5 -41.10 -34.81 -40.71
CA TYR C 5 -40.42 -34.51 -41.95
C TYR C 5 -38.93 -34.82 -41.80
N ASP C 6 -38.53 -35.49 -40.72
CA ASP C 6 -37.11 -35.79 -40.52
C ASP C 6 -36.89 -37.06 -41.32
N SER C 7 -35.84 -37.03 -42.15
CA SER C 7 -35.48 -38.15 -43.00
C SER C 7 -34.48 -39.11 -42.34
N ARG C 8 -33.99 -38.79 -41.12
CA ARG C 8 -33.35 -39.74 -40.23
C ARG C 8 -32.08 -40.27 -40.90
N THR C 9 -31.23 -39.34 -41.27
CA THR C 9 -30.05 -39.62 -42.05
C THR C 9 -29.06 -40.50 -41.29
N THR C 10 -28.91 -40.29 -39.99
CA THR C 10 -28.01 -41.12 -39.23
C THR C 10 -28.74 -42.31 -38.60
N THR C 11 -29.69 -42.96 -39.28
CA THR C 11 -30.23 -44.15 -38.68
C THR C 11 -29.68 -45.32 -39.43
N PHE C 12 -29.75 -46.50 -38.80
CA PHE C 12 -29.44 -47.71 -39.51
C PHE C 12 -30.70 -48.06 -40.22
N SER C 13 -30.50 -48.79 -41.29
CA SER C 13 -31.56 -49.52 -41.94
C SER C 13 -31.50 -50.97 -41.52
N PRO C 14 -32.58 -51.72 -41.83
CA PRO C 14 -32.68 -53.13 -41.48
C PRO C 14 -31.56 -54.14 -41.77
N GLU C 15 -30.58 -53.81 -42.62
CA GLU C 15 -29.50 -54.77 -42.82
C GLU C 15 -28.21 -54.22 -42.23
N GLY C 16 -28.35 -53.24 -41.33
CA GLY C 16 -27.24 -52.52 -40.77
C GLY C 16 -26.52 -51.64 -41.79
N ARG C 17 -27.26 -51.28 -42.84
CA ARG C 17 -26.79 -50.41 -43.88
C ARG C 17 -27.08 -48.98 -43.46
N LEU C 18 -26.27 -48.03 -43.85
CA LEU C 18 -26.61 -46.62 -43.68
C LEU C 18 -26.91 -46.00 -45.05
N TYR C 19 -28.18 -45.82 -45.35
CA TYR C 19 -28.57 -45.48 -46.71
C TYR C 19 -27.93 -44.19 -47.15
N GLN C 20 -27.91 -43.16 -46.32
CA GLN C 20 -27.33 -41.93 -46.79
C GLN C 20 -25.88 -42.12 -47.20
N VAL C 21 -25.14 -43.03 -46.56
CA VAL C 21 -23.75 -43.26 -46.94
C VAL C 21 -23.70 -44.10 -48.21
N GLU C 22 -24.61 -45.05 -48.37
CA GLU C 22 -24.59 -45.82 -49.61
C GLU C 22 -24.84 -44.88 -50.77
N TYR C 23 -25.74 -43.93 -50.60
CA TYR C 23 -26.12 -43.07 -51.69
C TYR C 23 -25.11 -41.96 -51.91
N ALA C 24 -24.40 -41.57 -50.89
CA ALA C 24 -23.26 -40.70 -51.16
C ALA C 24 -22.28 -41.40 -52.08
N VAL C 25 -22.04 -42.68 -51.88
CA VAL C 25 -21.15 -43.45 -52.70
C VAL C 25 -21.69 -43.46 -54.12
N GLU C 26 -23.00 -43.48 -54.31
CA GLU C 26 -23.52 -43.50 -55.67
C GLU C 26 -23.19 -42.18 -56.34
N ALA C 27 -23.28 -41.12 -55.58
CA ALA C 27 -22.95 -39.80 -56.05
C ALA C 27 -21.49 -39.73 -56.50
N ILE C 28 -20.62 -40.48 -55.84
CA ILE C 28 -19.21 -40.46 -56.15
C ILE C 28 -18.91 -41.29 -57.39
N GLN C 29 -19.58 -42.40 -57.56
CA GLN C 29 -19.41 -43.17 -58.76
C GLN C 29 -19.98 -42.43 -59.99
N GLN C 30 -20.52 -41.20 -59.82
CA GLN C 30 -21.01 -40.45 -60.97
C GLN C 30 -19.93 -39.47 -61.41
N ALA C 31 -19.01 -39.16 -60.49
CA ALA C 31 -18.00 -38.13 -60.63
C ALA C 31 -16.84 -38.48 -61.56
N GLY C 32 -16.18 -37.42 -62.00
CA GLY C 32 -14.94 -37.55 -62.76
C GLY C 32 -13.98 -38.52 -62.10
N THR C 33 -13.54 -39.51 -62.87
CA THR C 33 -12.54 -40.47 -62.45
C THR C 33 -11.23 -39.83 -62.01
N VAL C 34 -10.64 -40.39 -60.96
CA VAL C 34 -9.30 -40.01 -60.58
C VAL C 34 -8.47 -41.26 -60.36
N ILE C 35 -7.26 -41.26 -60.88
CA ILE C 35 -6.38 -42.41 -60.73
C ILE C 35 -5.22 -41.94 -59.89
N GLY C 36 -4.77 -42.82 -59.02
CA GLY C 36 -3.59 -42.53 -58.26
C GLY C 36 -2.65 -43.72 -58.33
N VAL C 37 -1.38 -43.40 -58.45
CA VAL C 37 -0.38 -44.41 -58.56
C VAL C 37 0.78 -44.01 -57.72
N CYS C 38 1.04 -44.88 -56.77
CA CYS C 38 2.07 -44.70 -55.76
C CYS C 38 3.30 -45.49 -56.16
N THR C 39 4.32 -44.77 -56.64
CA THR C 39 5.62 -45.35 -56.97
C THR C 39 6.56 -45.29 -55.75
N LYS C 40 7.85 -45.11 -56.00
CA LYS C 40 8.87 -44.94 -54.97
C LYS C 40 9.68 -43.70 -55.31
N ASP C 41 9.38 -43.11 -56.49
CA ASP C 41 9.89 -41.82 -56.87
C ASP C 41 8.82 -40.73 -56.78
N GLY C 42 7.64 -41.06 -56.24
CA GLY C 42 6.56 -40.09 -56.16
C GLY C 42 5.16 -40.69 -56.33
N VAL C 43 4.17 -39.84 -56.35
CA VAL C 43 2.80 -40.33 -56.48
C VAL C 43 2.16 -39.54 -57.58
N VAL C 44 1.28 -40.18 -58.29
CA VAL C 44 0.68 -39.52 -59.41
C VAL C 44 -0.83 -39.55 -59.27
N LEU C 45 -1.43 -38.43 -59.58
CA LEU C 45 -2.86 -38.37 -59.63
C LEU C 45 -3.22 -37.92 -61.02
N ALA C 46 -4.04 -38.67 -61.69
CA ALA C 46 -4.52 -38.23 -62.96
C ALA C 46 -6.03 -38.19 -62.90
N GLY C 47 -6.61 -37.05 -63.24
CA GLY C 47 -8.06 -36.96 -63.13
C GLY C 47 -8.70 -36.48 -64.41
N GLU C 48 -9.90 -37.00 -64.66
CA GLU C 48 -10.84 -36.52 -65.67
C GLU C 48 -11.42 -35.19 -65.22
N LYS C 49 -11.05 -34.10 -65.89
CA LYS C 49 -11.81 -32.85 -65.82
C LYS C 49 -13.15 -32.99 -66.55
N MET C 50 -14.08 -32.07 -66.32
CA MET C 50 -15.30 -32.08 -67.12
C MET C 50 -14.98 -31.41 -68.45
N VAL C 51 -15.90 -31.55 -69.41
CA VAL C 51 -15.68 -31.17 -70.80
C VAL C 51 -15.53 -29.66 -70.87
N PRO C 52 -14.45 -29.14 -71.50
CA PRO C 52 -14.13 -27.72 -71.42
C PRO C 52 -14.84 -26.88 -72.48
N HIS C 53 -16.08 -26.47 -72.15
CA HIS C 53 -16.80 -25.38 -72.79
C HIS C 53 -15.78 -24.31 -73.18
N PRO C 54 -15.85 -23.74 -74.41
CA PRO C 54 -14.83 -22.77 -74.86
C PRO C 54 -14.90 -21.38 -74.23
N LEU C 55 -15.84 -21.21 -73.30
CA LEU C 55 -16.04 -19.95 -72.61
C LEU C 55 -15.56 -20.01 -71.17
N PHE C 56 -15.00 -21.15 -70.73
CA PHE C 56 -14.41 -21.23 -69.41
C PHE C 56 -13.18 -20.35 -69.37
N ASP C 57 -12.96 -19.70 -68.25
CA ASP C 57 -11.74 -18.93 -68.07
C ASP C 57 -10.88 -19.64 -67.03
N SER C 58 -9.64 -19.21 -66.93
CA SER C 58 -8.82 -19.61 -65.81
C SER C 58 -9.10 -18.59 -64.72
N GLU C 59 -8.88 -19.00 -63.47
CA GLU C 59 -8.94 -18.04 -62.38
C GLU C 59 -7.68 -17.14 -62.34
N SER C 60 -6.70 -17.39 -63.23
CA SER C 60 -5.40 -16.73 -63.26
C SER C 60 -4.73 -16.66 -61.88
N MET C 61 -4.63 -17.78 -61.19
CA MET C 61 -3.98 -17.77 -59.89
C MET C 61 -2.47 -17.64 -60.12
N GLN C 62 -1.79 -17.06 -59.14
CA GLN C 62 -0.38 -16.74 -59.27
C GLN C 62 0.43 -18.00 -59.02
N ASP C 63 -0.07 -18.88 -58.14
CA ASP C 63 0.55 -20.17 -57.83
C ASP C 63 -0.19 -21.29 -58.54
N LYS C 64 0.52 -21.92 -59.48
CA LYS C 64 -0.09 -22.81 -60.44
C LYS C 64 -0.29 -24.17 -59.80
N ASN C 65 0.53 -24.49 -58.79
CA ASN C 65 0.57 -25.80 -58.18
C ASN C 65 -0.35 -25.98 -56.97
N THR C 66 -1.05 -24.94 -56.53
CA THR C 66 -1.83 -25.12 -55.32
C THR C 66 -3.19 -25.74 -55.62
N SER C 67 -3.77 -25.42 -56.78
CA SER C 67 -5.05 -26.04 -57.10
C SER C 67 -5.31 -26.01 -58.58
N GLY C 68 -6.10 -27.00 -58.96
CA GLY C 68 -6.61 -27.15 -60.29
C GLY C 68 -8.09 -27.46 -60.18
N GLU C 69 -8.55 -28.28 -61.10
CA GLU C 69 -9.96 -28.57 -61.17
C GLU C 69 -10.22 -29.82 -60.33
N LYS C 70 -9.29 -30.77 -60.37
CA LYS C 70 -9.45 -31.99 -59.62
C LYS C 70 -8.47 -32.05 -58.44
N MET C 71 -7.32 -31.37 -58.50
CA MET C 71 -6.21 -31.61 -57.60
C MET C 71 -6.01 -30.43 -56.68
N TYR C 72 -5.80 -30.67 -55.39
CA TYR C 72 -5.57 -29.58 -54.48
C TYR C 72 -4.42 -29.88 -53.55
N LYS C 73 -3.69 -28.88 -53.20
CA LYS C 73 -2.69 -29.08 -52.21
C LYS C 73 -3.23 -28.81 -50.83
N ILE C 74 -3.01 -29.76 -49.93
CA ILE C 74 -3.34 -29.63 -48.53
C ILE C 74 -2.17 -29.07 -47.72
N ALA C 75 -0.95 -29.32 -48.14
CA ALA C 75 0.21 -28.83 -47.42
C ALA C 75 1.39 -29.04 -48.33
N GLU C 76 2.59 -28.68 -47.92
CA GLU C 76 3.69 -28.79 -48.85
C GLU C 76 3.84 -30.24 -49.24
N HIS C 77 3.58 -31.11 -48.26
CA HIS C 77 3.76 -32.53 -48.45
C HIS C 77 2.48 -33.31 -48.71
N ILE C 78 1.35 -32.66 -48.95
CA ILE C 78 0.12 -33.43 -49.09
C ILE C 78 -0.80 -32.87 -50.14
N GLY C 79 -1.25 -33.72 -51.03
CA GLY C 79 -2.06 -33.30 -52.12
C GLY C 79 -3.29 -34.14 -52.07
N CYS C 80 -4.34 -33.75 -52.76
CA CYS C 80 -5.40 -34.69 -52.89
C CYS C 80 -6.11 -34.50 -54.20
N SER C 81 -7.06 -35.37 -54.39
CA SER C 81 -7.98 -35.23 -55.46
C SER C 81 -9.31 -35.77 -55.02
N VAL C 82 -10.35 -35.20 -55.56
CA VAL C 82 -11.62 -35.52 -54.97
C VAL C 82 -12.48 -36.00 -56.09
N ALA C 83 -13.42 -36.81 -55.69
CA ALA C 83 -14.53 -37.16 -56.52
C ALA C 83 -15.78 -36.97 -55.69
N GLY C 84 -16.81 -36.39 -56.29
CA GLY C 84 -18.11 -36.35 -55.66
C GLY C 84 -18.53 -34.90 -55.56
N VAL C 85 -19.38 -34.60 -54.61
CA VAL C 85 -20.00 -33.31 -54.52
C VAL C 85 -18.91 -32.27 -54.30
N THR C 86 -18.62 -31.50 -55.32
CA THR C 86 -17.48 -30.62 -55.31
C THR C 86 -17.48 -29.69 -54.11
N SER C 87 -18.63 -29.13 -53.77
CA SER C 87 -18.65 -28.13 -52.72
C SER C 87 -18.35 -28.74 -51.36
N ASP C 88 -18.79 -29.99 -51.16
CA ASP C 88 -18.45 -30.73 -49.96
C ASP C 88 -16.93 -30.86 -49.87
N ALA C 89 -16.32 -31.19 -50.99
CA ALA C 89 -14.88 -31.25 -51.08
C ALA C 89 -14.27 -30.00 -50.53
N TYR C 90 -14.66 -28.83 -51.03
CA TYR C 90 -14.04 -27.62 -50.53
C TYR C 90 -14.22 -27.42 -49.02
N ALA C 91 -15.36 -27.82 -48.46
CA ALA C 91 -15.50 -27.72 -47.01
C ALA C 91 -14.42 -28.54 -46.32
N LEU C 92 -14.31 -29.82 -46.70
CA LEU C 92 -13.33 -30.72 -46.16
C LEU C 92 -11.89 -30.31 -46.46
N LEU C 93 -11.60 -29.99 -47.70
CA LEU C 93 -10.30 -29.53 -48.05
C LEU C 93 -9.85 -28.42 -47.14
N ASN C 94 -10.75 -27.53 -46.76
CA ASN C 94 -10.31 -26.42 -45.93
C ASN C 94 -10.03 -26.99 -44.56
N TYR C 95 -10.87 -27.90 -44.11
CA TYR C 95 -10.61 -28.59 -42.86
C TYR C 95 -9.27 -29.34 -42.87
N ALA C 96 -8.97 -30.05 -43.93
CA ALA C 96 -7.72 -30.73 -43.98
C ALA C 96 -6.58 -29.74 -43.98
N ARG C 97 -6.70 -28.64 -44.67
CA ARG C 97 -5.65 -27.63 -44.61
C ARG C 97 -5.45 -27.14 -43.22
N LEU C 98 -6.48 -26.76 -42.52
CA LEU C 98 -6.25 -26.30 -41.17
C LEU C 98 -5.64 -27.40 -40.37
N SER C 99 -6.18 -28.59 -40.42
CA SER C 99 -5.59 -29.62 -39.61
C SER C 99 -4.08 -29.77 -39.87
N ALA C 100 -3.68 -29.93 -41.11
CA ALA C 100 -2.29 -30.09 -41.30
C ALA C 100 -1.51 -28.90 -40.72
N LEU C 101 -2.02 -27.70 -40.79
CA LEU C 101 -1.26 -26.59 -40.26
C LEU C 101 -1.37 -26.48 -38.74
N ARG C 102 -2.45 -26.92 -38.14
CA ARG C 102 -2.44 -27.02 -36.71
C ARG C 102 -1.43 -28.05 -36.24
N HIS C 103 -1.32 -29.15 -36.93
CA HIS C 103 -0.29 -30.08 -36.54
C HIS C 103 1.05 -29.39 -36.60
N GLN C 104 1.28 -28.66 -37.67
CA GLN C 104 2.57 -28.01 -37.75
C GLN C 104 2.71 -26.91 -36.72
N TYR C 105 1.63 -26.31 -36.29
CA TYR C 105 1.74 -25.29 -35.28
C TYR C 105 2.28 -25.92 -34.03
N THR C 106 1.62 -27.00 -33.64
CA THR C 106 1.89 -27.66 -32.39
C THR C 106 3.25 -28.32 -32.42
N PHE C 107 3.55 -29.16 -33.41
CA PHE C 107 4.80 -29.85 -33.38
C PHE C 107 5.89 -29.25 -34.23
N GLN C 108 5.62 -28.29 -35.07
CA GLN C 108 6.65 -27.80 -35.97
C GLN C 108 7.27 -28.90 -36.76
N GLU C 109 6.50 -29.83 -37.23
CA GLU C 109 6.99 -30.72 -38.26
C GLU C 109 5.81 -31.05 -39.15
N PRO C 110 6.00 -31.54 -40.37
CA PRO C 110 4.87 -31.95 -41.19
C PRO C 110 4.04 -33.04 -40.55
N MET C 111 2.74 -32.90 -40.67
CA MET C 111 1.81 -33.94 -40.28
C MET C 111 2.03 -35.15 -41.16
N ALA C 112 1.91 -36.32 -40.59
CA ALA C 112 2.05 -37.49 -41.43
C ALA C 112 0.79 -37.70 -42.23
N ILE C 113 0.89 -38.31 -43.41
CA ILE C 113 -0.23 -38.44 -44.30
C ILE C 113 -1.37 -39.22 -43.68
N GLU C 114 -1.03 -40.32 -43.05
CA GLU C 114 -2.05 -41.13 -42.43
C GLU C 114 -2.72 -40.42 -41.25
N ASP C 115 -2.13 -39.41 -40.64
CA ASP C 115 -2.85 -38.76 -39.57
C ASP C 115 -3.78 -37.71 -40.12
N LEU C 116 -3.38 -37.11 -41.22
CA LEU C 116 -4.19 -36.12 -41.89
C LEU C 116 -5.41 -36.84 -42.35
N CYS C 117 -5.16 -38.00 -42.90
CA CYS C 117 -6.22 -38.81 -43.40
C CYS C 117 -7.18 -39.24 -42.32
N ARG C 118 -6.70 -39.64 -41.15
CA ARG C 118 -7.61 -40.04 -40.08
C ARG C 118 -8.45 -38.84 -39.64
N ILE C 119 -7.81 -37.72 -39.46
CA ILE C 119 -8.54 -36.52 -39.13
C ILE C 119 -9.67 -36.25 -40.10
N LEU C 120 -9.40 -36.35 -41.37
CA LEU C 120 -10.39 -36.08 -42.40
C LEU C 120 -11.57 -37.02 -42.31
N CYS C 121 -11.27 -38.28 -42.19
CA CYS C 121 -12.28 -39.29 -42.12
C CYS C 121 -13.01 -39.36 -40.79
N ASP C 122 -12.42 -38.80 -39.75
CA ASP C 122 -13.17 -38.68 -38.52
C ASP C 122 -14.23 -37.65 -38.76
N GLU C 123 -13.89 -36.59 -39.46
CA GLU C 123 -14.84 -35.53 -39.73
C GLU C 123 -15.96 -36.07 -40.56
N LYS C 124 -15.68 -36.90 -41.52
CA LYS C 124 -16.76 -37.59 -42.18
C LYS C 124 -17.50 -38.59 -41.32
N GLN C 125 -16.84 -39.45 -40.60
CA GLN C 125 -17.60 -40.41 -39.83
C GLN C 125 -18.65 -39.68 -38.98
N LEU C 126 -18.30 -38.52 -38.42
CA LEU C 126 -19.20 -37.83 -37.51
C LEU C 126 -20.58 -37.69 -38.11
N TYR C 127 -20.64 -37.31 -39.38
CA TYR C 127 -21.87 -36.97 -40.03
C TYR C 127 -22.68 -38.21 -40.35
N THR C 128 -22.13 -39.40 -40.14
CA THR C 128 -22.87 -40.62 -40.35
C THR C 128 -23.42 -41.15 -39.05
N GLN C 129 -23.21 -40.44 -37.95
CA GLN C 129 -23.59 -40.95 -36.65
C GLN C 129 -24.37 -39.91 -35.83
N TYR C 130 -23.84 -38.69 -35.73
CA TYR C 130 -24.42 -37.59 -34.98
C TYR C 130 -25.01 -36.64 -35.99
N GLY C 131 -26.05 -35.91 -35.61
CA GLY C 131 -26.24 -34.57 -36.16
C GLY C 131 -27.44 -34.48 -37.09
N GLY C 132 -27.99 -35.64 -37.46
CA GLY C 132 -29.18 -35.61 -38.29
C GLY C 132 -29.09 -34.89 -39.65
N VAL C 133 -27.91 -34.50 -40.13
CA VAL C 133 -27.77 -33.99 -41.48
C VAL C 133 -27.19 -35.03 -42.43
N ARG C 134 -26.96 -34.71 -43.70
CA ARG C 134 -26.54 -35.73 -44.68
C ARG C 134 -25.04 -35.84 -44.59
N PRO C 135 -24.39 -36.92 -45.03
CA PRO C 135 -22.96 -36.98 -45.04
C PRO C 135 -22.30 -36.14 -46.12
N TYR C 136 -20.99 -35.96 -45.99
CA TYR C 136 -20.21 -35.37 -47.05
C TYR C 136 -20.15 -36.39 -48.16
N GLY C 137 -20.44 -35.94 -49.36
CA GLY C 137 -20.56 -36.85 -50.47
C GLY C 137 -19.30 -36.79 -51.28
N VAL C 138 -18.19 -37.22 -50.68
CA VAL C 138 -16.87 -36.97 -51.20
C VAL C 138 -15.95 -38.15 -50.94
N SER C 139 -15.02 -38.36 -51.83
CA SER C 139 -13.99 -39.35 -51.67
C SER C 139 -12.71 -38.64 -52.03
N PHE C 140 -11.76 -38.68 -51.12
CA PHE C 140 -10.45 -38.23 -51.49
C PHE C 140 -9.58 -39.35 -52.00
N LEU C 141 -8.61 -38.98 -52.82
CA LEU C 141 -7.34 -39.65 -52.82
C LEU C 141 -6.35 -38.72 -52.22
N LEU C 142 -5.70 -39.07 -51.09
CA LEU C 142 -4.63 -38.24 -50.59
C LEU C 142 -3.32 -38.81 -51.00
N VAL C 143 -2.37 -37.94 -51.16
CA VAL C 143 -1.04 -38.37 -51.46
C VAL C 143 -0.12 -37.49 -50.69
N GLY C 144 1.06 -38.01 -50.51
CA GLY C 144 2.06 -37.19 -49.92
C GLY C 144 3.20 -38.04 -49.46
N TRP C 145 4.05 -37.41 -48.70
CA TRP C 145 5.29 -38.01 -48.34
C TRP C 145 5.59 -37.63 -46.92
N ASP C 146 5.98 -38.59 -46.12
CA ASP C 146 6.37 -38.26 -44.77
C ASP C 146 7.54 -39.16 -44.46
N ARG C 147 8.24 -38.87 -43.40
CA ARG C 147 9.46 -39.62 -43.14
C ARG C 147 9.16 -41.02 -42.60
N TYR C 148 7.92 -41.28 -42.23
CA TYR C 148 7.56 -42.53 -41.58
C TYR C 148 7.35 -43.63 -42.62
N TYR C 149 6.75 -43.29 -43.73
CA TYR C 149 6.25 -44.30 -44.63
C TYR C 149 6.60 -43.97 -46.06
N GLY C 150 7.21 -42.82 -46.31
CA GLY C 150 7.51 -42.41 -47.67
C GLY C 150 6.28 -41.98 -48.45
N TYR C 151 6.34 -42.12 -49.76
CA TYR C 151 5.19 -41.84 -50.58
C TYR C 151 4.06 -42.76 -50.15
N GLN C 152 2.91 -42.14 -49.97
CA GLN C 152 1.69 -42.79 -49.59
C GLN C 152 0.58 -42.30 -50.49
N LEU C 153 -0.48 -43.08 -50.54
CA LEU C 153 -1.67 -42.75 -51.25
C LEU C 153 -2.85 -43.42 -50.58
N TYR C 154 -3.66 -42.63 -49.91
CA TYR C 154 -4.83 -43.14 -49.24
C TYR C 154 -6.02 -42.80 -50.06
N SER C 155 -7.13 -43.45 -49.76
CA SER C 155 -8.37 -43.02 -50.33
C SER C 155 -9.39 -43.09 -49.25
N THR C 156 -10.32 -42.16 -49.25
CA THR C 156 -11.34 -42.06 -48.24
C THR C 156 -12.67 -42.26 -48.92
N GLU C 157 -13.66 -42.56 -48.12
CA GLU C 157 -15.01 -42.75 -48.55
C GLU C 157 -15.91 -41.89 -47.68
N PRO C 158 -17.17 -41.71 -48.06
CA PRO C 158 -18.06 -40.93 -47.22
C PRO C 158 -18.38 -41.55 -45.86
N SER C 159 -18.22 -42.88 -45.69
CA SER C 159 -18.44 -43.51 -44.40
C SER C 159 -17.43 -43.03 -43.37
N GLY C 160 -16.25 -42.66 -43.86
CA GLY C 160 -15.14 -42.26 -43.01
C GLY C 160 -14.08 -43.35 -42.97
N ASP C 161 -14.27 -44.44 -43.73
CA ASP C 161 -13.21 -45.43 -43.80
C ASP C 161 -12.16 -44.90 -44.73
N TYR C 162 -10.98 -45.47 -44.66
CA TYR C 162 -9.92 -45.08 -45.54
C TYR C 162 -8.95 -46.21 -45.67
N SER C 163 -8.23 -46.21 -46.74
CA SER C 163 -7.36 -47.31 -46.99
C SER C 163 -6.15 -46.81 -47.74
N ALA C 164 -5.04 -47.47 -47.46
CA ALA C 164 -3.81 -47.22 -48.16
C ALA C 164 -3.72 -48.08 -49.38
N TRP C 165 -3.19 -47.53 -50.47
CA TRP C 165 -3.03 -48.24 -51.72
C TRP C 165 -1.72 -47.94 -52.39
N SER C 166 -1.36 -48.83 -53.27
CA SER C 166 -0.25 -48.69 -54.19
C SER C 166 -0.76 -48.03 -55.44
N ALA C 167 -1.99 -48.35 -55.76
CA ALA C 167 -2.66 -47.57 -56.76
C ALA C 167 -4.14 -47.76 -56.58
N TYR C 168 -4.90 -46.83 -57.12
CA TYR C 168 -6.31 -46.89 -56.90
C TYR C 168 -6.98 -45.88 -57.78
N ALA C 169 -8.29 -46.00 -57.82
CA ALA C 169 -9.11 -45.06 -58.55
C ALA C 169 -10.42 -44.79 -57.80
N ILE C 170 -10.86 -43.56 -57.89
CA ILE C 170 -12.18 -43.20 -57.43
C ILE C 170 -12.90 -42.59 -58.60
N GLY C 171 -14.22 -42.47 -58.42
CA GLY C 171 -15.06 -41.83 -59.40
C GLY C 171 -15.70 -42.86 -60.32
N GLN C 172 -15.76 -42.54 -61.63
CA GLN C 172 -16.67 -43.11 -62.58
C GLN C 172 -16.47 -44.60 -62.75
N ASN C 173 -15.36 -45.03 -63.31
CA ASN C 173 -15.35 -46.44 -63.66
C ASN C 173 -14.25 -47.08 -62.83
N ASP C 174 -14.40 -46.91 -61.52
CA ASP C 174 -13.35 -47.22 -60.60
C ASP C 174 -13.12 -48.74 -60.66
N GLN C 175 -14.19 -49.56 -60.68
CA GLN C 175 -14.08 -51.00 -60.80
C GLN C 175 -13.21 -51.41 -61.99
N VAL C 176 -13.45 -50.77 -63.14
CA VAL C 176 -12.71 -51.03 -64.37
C VAL C 176 -11.24 -50.60 -64.25
N ALA C 177 -11.00 -49.46 -63.61
CA ALA C 177 -9.68 -48.88 -63.50
C ALA C 177 -8.83 -49.70 -62.54
N HIS C 178 -9.44 -50.18 -61.45
CA HIS C 178 -8.81 -51.09 -60.51
C HIS C 178 -8.30 -52.31 -61.24
N ALA C 179 -9.18 -52.95 -62.00
CA ALA C 179 -8.84 -54.19 -62.67
C ALA C 179 -7.62 -53.95 -63.57
N LEU C 180 -7.51 -52.76 -64.18
CA LEU C 180 -6.43 -52.41 -65.10
C LEU C 180 -5.12 -52.03 -64.40
N LEU C 181 -5.21 -51.46 -63.20
CA LEU C 181 -4.05 -51.16 -62.40
C LEU C 181 -3.52 -52.46 -61.81
N LYS C 182 -4.43 -53.38 -61.46
CA LYS C 182 -4.05 -54.68 -60.91
C LYS C 182 -2.97 -55.26 -61.80
N LYS C 183 -3.26 -55.25 -63.11
CA LYS C 183 -2.50 -55.98 -64.09
C LYS C 183 -1.14 -55.29 -64.33
N ASP C 184 -1.07 -53.97 -64.21
CA ASP C 184 0.07 -53.25 -64.76
C ASP C 184 0.90 -52.56 -63.68
N TRP C 185 0.42 -52.52 -62.43
CA TRP C 185 1.19 -51.93 -61.35
C TRP C 185 2.24 -52.95 -60.91
N HIS C 186 3.45 -52.46 -60.56
CA HIS C 186 4.45 -53.28 -59.86
C HIS C 186 5.26 -52.39 -58.93
N GLU C 187 6.13 -53.00 -58.13
CA GLU C 187 6.68 -52.38 -56.92
C GLU C 187 7.87 -51.46 -57.21
N SER C 188 8.35 -51.41 -58.45
CA SER C 188 9.66 -50.85 -58.74
C SER C 188 9.60 -49.83 -59.88
N MET C 189 8.46 -49.15 -59.98
CA MET C 189 8.17 -48.19 -61.04
C MET C 189 8.93 -46.89 -60.85
N THR C 190 9.41 -46.30 -61.94
CA THR C 190 9.88 -44.94 -61.87
C THR C 190 8.65 -44.03 -61.79
N LEU C 191 8.90 -42.72 -61.70
CA LEU C 191 7.81 -41.77 -61.76
C LEU C 191 7.21 -41.75 -63.16
N GLU C 192 8.07 -41.83 -64.16
CA GLU C 192 7.62 -41.76 -65.54
C GLU C 192 6.73 -42.96 -65.84
N ASP C 193 7.06 -44.11 -65.26
CA ASP C 193 6.32 -45.34 -65.49
C ASP C 193 4.92 -45.21 -64.91
N GLY C 194 4.87 -44.66 -63.68
CA GLY C 194 3.62 -44.42 -62.98
C GLY C 194 2.74 -43.40 -63.68
N MET C 195 3.31 -42.28 -64.13
CA MET C 195 2.62 -41.33 -64.97
C MET C 195 2.05 -41.96 -66.22
N LEU C 196 2.74 -42.98 -66.73
CA LEU C 196 2.27 -43.63 -67.94
C LEU C 196 1.07 -44.48 -67.54
N LEU C 197 1.26 -45.24 -66.48
CA LEU C 197 0.25 -46.20 -66.08
C LEU C 197 -1.02 -45.45 -65.73
N ALA C 198 -0.84 -44.31 -65.06
CA ALA C 198 -1.95 -43.46 -64.65
C ALA C 198 -2.74 -42.98 -65.87
N LEU C 199 -2.04 -42.53 -66.91
CA LEU C 199 -2.69 -42.12 -68.14
C LEU C 199 -3.23 -43.31 -68.94
N ARG C 200 -2.51 -44.43 -69.03
CA ARG C 200 -3.05 -45.50 -69.86
C ARG C 200 -4.40 -45.89 -69.27
N VAL C 201 -4.46 -45.96 -67.94
CA VAL C 201 -5.68 -46.43 -67.30
C VAL C 201 -6.76 -45.37 -67.45
N LEU C 202 -6.39 -44.10 -67.29
CA LEU C 202 -7.37 -43.05 -67.31
C LEU C 202 -7.93 -42.97 -68.72
N GLY C 203 -7.06 -43.01 -69.72
CA GLY C 203 -7.51 -43.03 -71.11
C GLY C 203 -8.29 -44.29 -71.46
N LYS C 204 -8.10 -45.39 -70.72
CA LYS C 204 -8.84 -46.60 -71.03
C LYS C 204 -10.23 -46.53 -70.40
N THR C 205 -10.40 -45.81 -69.29
CA THR C 205 -11.68 -45.74 -68.59
C THR C 205 -12.62 -44.73 -69.25
N MET C 206 -12.06 -43.69 -69.87
CA MET C 206 -12.88 -42.70 -70.55
C MET C 206 -12.73 -42.83 -72.06
N ASP C 207 -12.36 -44.05 -72.50
CA ASP C 207 -12.80 -44.62 -73.77
C ASP C 207 -12.27 -43.82 -74.95
N THR C 208 -11.06 -43.26 -74.81
CA THR C 208 -10.46 -42.41 -75.82
C THR C 208 -9.34 -43.16 -76.51
N ALA C 209 -9.18 -42.92 -77.82
CA ALA C 209 -8.06 -43.44 -78.59
C ALA C 209 -6.77 -42.83 -78.04
N LYS C 210 -6.66 -41.49 -78.16
CA LYS C 210 -5.60 -40.72 -77.51
C LYS C 210 -6.10 -40.19 -76.16
N ILE C 211 -5.16 -39.70 -75.34
CA ILE C 211 -5.52 -38.93 -74.15
C ILE C 211 -5.89 -37.51 -74.59
N ASP C 212 -6.99 -36.98 -74.03
CA ASP C 212 -7.53 -35.69 -74.43
C ASP C 212 -7.03 -34.58 -73.49
N LEU C 213 -5.86 -34.02 -73.77
CA LEU C 213 -5.16 -33.13 -72.84
C LEU C 213 -6.11 -32.15 -72.17
N ASP C 214 -7.15 -31.74 -72.90
CA ASP C 214 -8.16 -30.80 -72.42
C ASP C 214 -8.94 -31.36 -71.24
N ARG C 215 -9.21 -32.67 -71.23
CA ARG C 215 -10.03 -33.34 -70.22
C ARG C 215 -9.21 -34.01 -69.11
N VAL C 216 -7.91 -33.71 -69.00
CA VAL C 216 -7.10 -34.44 -68.03
C VAL C 216 -6.19 -33.51 -67.22
N GLU C 217 -6.19 -33.73 -65.91
CA GLU C 217 -5.29 -33.02 -65.04
C GLU C 217 -4.34 -34.03 -64.41
N VAL C 218 -3.09 -33.63 -64.23
CA VAL C 218 -2.18 -34.53 -63.56
C VAL C 218 -1.41 -33.77 -62.51
N ALA C 219 -1.28 -34.44 -61.38
CA ALA C 219 -0.50 -33.89 -60.30
C ALA C 219 0.44 -34.97 -59.88
N VAL C 220 1.56 -34.52 -59.36
CA VAL C 220 2.63 -35.37 -58.94
C VAL C 220 3.15 -34.88 -57.61
N MET C 221 3.39 -35.82 -56.71
CA MET C 221 3.94 -35.50 -55.42
C MET C 221 5.27 -36.20 -55.36
N ARG C 222 6.35 -35.44 -55.39
CA ARG C 222 7.69 -35.99 -55.42
C ARG C 222 8.67 -35.12 -54.67
N LYS C 223 9.80 -35.68 -54.31
CA LYS C 223 10.79 -34.90 -53.58
C LYS C 223 11.73 -34.25 -54.58
N VAL C 224 12.10 -33.02 -54.27
CA VAL C 224 12.96 -32.21 -55.12
C VAL C 224 14.03 -31.60 -54.24
N PRO C 225 15.21 -31.20 -54.78
CA PRO C 225 16.19 -30.48 -53.98
C PRO C 225 15.56 -29.31 -53.21
N ALA C 226 16.03 -29.10 -51.98
CA ALA C 226 15.57 -27.96 -51.19
C ALA C 226 16.41 -26.72 -51.53
N SER C 227 15.70 -25.64 -51.87
CA SER C 227 16.31 -24.37 -52.23
C SER C 227 16.57 -23.52 -50.99
N ASN C 228 15.51 -23.04 -50.29
CA ASN C 228 15.63 -22.00 -49.27
C ASN C 228 16.01 -22.59 -47.90
N ILE C 229 17.08 -23.37 -47.87
CA ILE C 229 17.87 -23.56 -46.65
C ILE C 229 18.41 -22.17 -46.24
N ASP C 230 17.68 -21.49 -45.34
CA ASP C 230 18.21 -20.29 -44.67
C ASP C 230 18.87 -20.71 -43.35
N GLN C 231 20.16 -21.03 -43.39
CA GLN C 231 20.81 -21.70 -42.28
C GLN C 231 21.43 -20.69 -41.30
N LEU C 232 21.74 -19.47 -41.72
CA LEU C 232 22.21 -18.54 -40.73
C LEU C 232 21.07 -18.12 -39.82
N LEU C 233 19.84 -18.29 -40.30
CA LEU C 233 18.67 -17.79 -39.59
C LEU C 233 18.20 -18.69 -38.45
N ASP C 234 18.35 -20.01 -38.55
CA ASP C 234 18.33 -20.87 -37.36
C ASP C 234 19.46 -21.87 -37.55
N PRO C 235 20.57 -21.67 -36.83
CA PRO C 235 21.77 -22.49 -36.98
C PRO C 235 21.69 -23.95 -36.59
N PHE C 236 20.81 -24.24 -35.64
CA PHE C 236 20.71 -25.57 -35.08
C PHE C 236 19.68 -26.37 -35.87
N LYS C 237 18.86 -25.71 -36.65
CA LYS C 237 17.80 -26.42 -37.34
C LYS C 237 18.41 -27.22 -38.49
N HIS C 238 17.95 -28.45 -38.65
CA HIS C 238 18.38 -29.29 -39.74
C HIS C 238 17.39 -29.14 -40.88
N HIS C 239 17.92 -28.97 -42.07
CA HIS C 239 17.12 -28.81 -43.26
C HIS C 239 17.47 -29.96 -44.17
N PRO C 240 16.50 -30.80 -44.54
CA PRO C 240 16.78 -31.94 -45.42
C PRO C 240 17.17 -31.45 -46.81
N LYS C 241 18.00 -32.23 -47.49
CA LYS C 241 18.50 -31.89 -48.82
C LYS C 241 17.33 -31.86 -49.80
N THR C 242 16.42 -32.83 -49.65
CA THR C 242 15.21 -32.91 -50.47
C THR C 242 13.98 -32.60 -49.61
N THR C 243 12.94 -32.12 -50.28
CA THR C 243 11.66 -31.79 -49.67
C THR C 243 10.54 -32.17 -50.65
N PRO C 244 9.37 -32.56 -50.14
CA PRO C 244 8.26 -32.90 -51.01
C PRO C 244 7.71 -31.70 -51.74
N ARG C 245 7.22 -31.94 -52.95
CA ARG C 245 6.60 -30.89 -53.71
C ARG C 245 5.37 -31.47 -54.39
N PHE C 246 4.24 -30.80 -54.23
CA PHE C 246 3.06 -31.12 -54.99
C PHE C 246 3.09 -30.32 -56.27
N GLN C 247 2.89 -30.96 -57.40
CA GLN C 247 3.05 -30.24 -58.64
C GLN C 247 1.84 -30.53 -59.49
N ILE C 248 1.21 -29.50 -60.04
CA ILE C 248 0.19 -29.81 -61.02
C ILE C 248 0.79 -29.54 -62.38
N LEU C 249 0.55 -30.45 -63.31
CA LEU C 249 1.26 -30.35 -64.57
C LEU C 249 0.49 -29.38 -65.42
N THR C 250 1.22 -28.45 -66.01
CA THR C 250 0.69 -27.62 -67.08
C THR C 250 0.36 -28.58 -68.22
N ARG C 251 -0.43 -28.08 -69.17
CA ARG C 251 -0.72 -28.78 -70.41
C ARG C 251 0.57 -29.15 -71.14
N SER C 252 1.59 -28.29 -71.09
CA SER C 252 2.83 -28.56 -71.82
C SER C 252 3.68 -29.63 -71.14
N GLU C 253 3.82 -29.59 -69.79
CA GLU C 253 4.63 -30.56 -69.07
C GLU C 253 4.02 -31.95 -69.23
N LEU C 254 2.71 -31.99 -69.51
CA LEU C 254 1.91 -33.20 -69.56
C LEU C 254 1.82 -33.78 -70.97
N LYS C 255 1.94 -32.93 -72.00
CA LYS C 255 1.93 -33.32 -73.41
C LYS C 255 2.85 -34.52 -73.67
N PRO C 256 4.19 -34.46 -73.40
CA PRO C 256 5.08 -35.61 -73.59
C PRO C 256 4.52 -36.92 -73.03
N HIS C 257 4.07 -36.88 -71.77
CA HIS C 257 3.69 -38.06 -71.01
C HIS C 257 2.40 -38.66 -71.60
N ALA C 258 1.60 -37.82 -72.26
CA ALA C 258 0.35 -38.25 -72.88
C ALA C 258 0.61 -38.81 -74.27
N GLU C 259 1.57 -38.21 -75.00
CA GLU C 259 2.05 -38.81 -76.24
C GLU C 259 2.60 -40.20 -75.92
N ARG C 260 3.48 -40.28 -74.92
CA ARG C 260 4.14 -41.52 -74.57
C ARG C 260 3.14 -42.59 -74.11
N ALA C 261 1.86 -42.23 -73.91
CA ALA C 261 0.82 -43.16 -73.49
C ALA C 261 -0.14 -43.49 -74.63
N ASP C 262 -0.10 -42.66 -75.69
CA ASP C 262 -0.68 -42.98 -76.99
C ASP C 262 0.17 -44.07 -77.65
N GLN C 263 1.49 -43.94 -77.52
CA GLN C 263 2.44 -44.84 -78.15
C GLN C 263 2.38 -46.23 -77.50
N ALA C 264 1.98 -46.32 -76.23
CA ALA C 264 1.82 -47.60 -75.56
C ALA C 264 0.34 -48.02 -75.53
N ARG C 265 -0.46 -47.35 -76.36
CA ARG C 265 -1.83 -47.76 -76.67
C ARG C 265 -1.89 -48.13 -78.16
N GLU C 266 -0.96 -47.60 -78.98
CA GLU C 266 -0.77 -48.03 -80.36
C GLU C 266 -0.02 -49.36 -80.38
N ALA C 267 0.97 -49.53 -79.49
CA ALA C 267 1.80 -50.72 -79.44
C ALA C 267 1.14 -51.84 -78.62
N GLU C 268 -0.12 -51.66 -78.22
CA GLU C 268 -0.89 -52.71 -77.57
C GLU C 268 -2.06 -53.13 -78.47
N GLU C 269 -2.26 -52.43 -79.60
CA GLU C 269 -3.24 -52.79 -80.62
C GLU C 269 -2.54 -53.36 -81.87
N LYS C 270 -1.23 -53.64 -81.76
CA LYS C 270 -0.48 -54.38 -82.78
C LYS C 270 -0.55 -55.88 -82.50
N ALA C 271 -0.36 -56.27 -81.22
CA ALA C 271 -0.43 -57.66 -80.79
C ALA C 271 -1.78 -58.28 -81.16
N GLU C 272 -2.86 -57.48 -81.13
CA GLU C 272 -4.19 -57.89 -81.52
C GLU C 272 -4.30 -57.88 -83.05
N SER D 2 -28.94 -28.11 -30.87
CA SER D 2 -28.37 -29.44 -31.30
C SER D 2 -29.48 -30.41 -31.68
N TYR D 3 -29.17 -31.29 -32.64
CA TYR D 3 -30.12 -32.32 -33.02
C TYR D 3 -30.05 -33.43 -31.98
N ASP D 4 -31.22 -33.71 -31.38
CA ASP D 4 -31.32 -34.64 -30.27
C ASP D 4 -32.55 -35.46 -30.43
N ARG D 5 -33.02 -35.69 -31.65
CA ARG D 5 -34.10 -36.63 -31.79
C ARG D 5 -33.69 -37.98 -31.23
N ALA D 6 -34.71 -38.74 -30.85
CA ALA D 6 -34.51 -40.06 -30.28
C ALA D 6 -34.48 -41.07 -31.40
N ILE D 7 -33.29 -41.62 -31.65
CA ILE D 7 -33.05 -42.52 -32.77
C ILE D 7 -33.30 -43.96 -32.34
N THR D 8 -32.74 -44.32 -31.20
CA THR D 8 -32.90 -45.64 -30.63
C THR D 8 -34.10 -45.61 -29.70
N VAL D 9 -35.14 -46.37 -30.05
CA VAL D 9 -36.35 -46.40 -29.25
C VAL D 9 -36.91 -47.81 -29.23
N PHE D 10 -37.66 -48.14 -28.19
CA PHE D 10 -38.26 -49.46 -28.17
C PHE D 10 -39.36 -49.44 -29.17
N SER D 11 -39.45 -50.57 -29.84
CA SER D 11 -40.58 -50.90 -30.70
C SER D 11 -41.52 -51.65 -29.80
N PRO D 12 -42.72 -52.03 -30.27
CA PRO D 12 -43.66 -52.87 -29.52
C PRO D 12 -43.24 -54.15 -28.80
N ASP D 13 -42.43 -55.00 -29.40
CA ASP D 13 -42.18 -56.29 -28.75
C ASP D 13 -40.92 -56.26 -27.90
N GLY D 14 -40.59 -55.09 -27.34
CA GLY D 14 -39.45 -54.95 -26.46
C GLY D 14 -38.11 -54.64 -27.15
N HIS D 15 -38.09 -54.63 -28.49
CA HIS D 15 -36.81 -54.59 -29.18
C HIS D 15 -36.35 -53.15 -29.42
N LEU D 16 -35.04 -52.97 -29.44
CA LEU D 16 -34.45 -51.73 -29.90
C LEU D 16 -33.90 -51.91 -31.31
N PHE D 17 -34.73 -51.69 -32.32
CA PHE D 17 -34.35 -51.92 -33.70
C PHE D 17 -32.99 -51.32 -34.04
N GLN D 18 -32.70 -50.11 -33.69
CA GLN D 18 -31.42 -49.59 -34.08
C GLN D 18 -30.26 -50.42 -33.54
N VAL D 19 -30.48 -51.14 -32.43
CA VAL D 19 -29.43 -51.93 -31.84
C VAL D 19 -29.45 -53.29 -32.50
N GLU D 20 -30.61 -53.78 -32.90
CA GLU D 20 -30.66 -55.01 -33.65
C GLU D 20 -30.01 -54.81 -35.02
N TYR D 21 -30.03 -53.59 -35.52
CA TYR D 21 -29.54 -53.37 -36.86
C TYR D 21 -28.06 -53.06 -36.82
N ALA D 22 -27.62 -52.34 -35.81
CA ALA D 22 -26.21 -52.33 -35.54
C ALA D 22 -25.66 -53.74 -35.46
N GLN D 23 -26.35 -54.62 -34.77
CA GLN D 23 -25.85 -55.98 -34.66
C GLN D 23 -25.88 -56.62 -36.04
N GLU D 24 -26.75 -56.17 -36.95
CA GLU D 24 -26.80 -56.79 -38.28
C GLU D 24 -25.61 -56.38 -39.09
N ALA D 25 -25.15 -55.16 -38.81
CA ALA D 25 -23.95 -54.61 -39.42
C ALA D 25 -22.67 -55.29 -38.94
N VAL D 26 -22.76 -56.00 -37.83
CA VAL D 26 -21.63 -56.67 -37.23
C VAL D 26 -21.60 -58.11 -37.71
N LYS D 27 -22.73 -58.62 -38.14
CA LYS D 27 -22.78 -59.94 -38.76
C LYS D 27 -22.30 -59.88 -40.20
N LYS D 28 -22.12 -58.68 -40.76
CA LYS D 28 -21.67 -58.53 -42.13
C LYS D 28 -20.17 -58.28 -42.15
N GLY D 29 -19.65 -58.00 -40.96
CA GLY D 29 -18.26 -57.67 -40.80
C GLY D 29 -17.40 -58.92 -40.86
N LEU D 30 -16.12 -58.70 -41.02
CA LEU D 30 -15.16 -59.77 -41.12
C LEU D 30 -15.03 -60.45 -39.78
N ALA D 31 -14.80 -61.76 -39.81
CA ALA D 31 -14.64 -62.53 -38.59
C ALA D 31 -13.38 -62.12 -37.86
N ALA D 32 -13.49 -62.25 -36.56
CA ALA D 32 -12.38 -62.14 -35.65
C ALA D 32 -12.65 -63.12 -34.53
N VAL D 33 -11.57 -63.55 -33.92
CA VAL D 33 -11.55 -64.66 -33.01
C VAL D 33 -10.51 -64.36 -31.95
N GLY D 34 -10.84 -64.75 -30.74
CA GLY D 34 -9.97 -64.56 -29.61
C GLY D 34 -9.89 -65.87 -28.88
N VAL D 35 -8.70 -66.21 -28.40
CA VAL D 35 -8.50 -67.42 -27.66
C VAL D 35 -7.61 -67.12 -26.49
N LEU D 36 -7.98 -67.70 -25.38
CA LEU D 36 -7.26 -67.48 -24.15
C LEU D 36 -6.62 -68.80 -23.75
N GLY D 37 -5.28 -68.76 -23.66
CA GLY D 37 -4.48 -69.85 -23.11
C GLY D 37 -3.96 -69.55 -21.71
N SER D 38 -2.99 -70.36 -21.27
CA SER D 38 -2.41 -70.26 -19.94
C SER D 38 -1.70 -68.92 -19.75
N ASP D 39 -0.83 -68.62 -20.72
CA ASP D 39 0.05 -67.47 -20.61
C ASP D 39 -0.08 -66.62 -21.88
N SER D 40 -1.13 -66.84 -22.66
CA SER D 40 -1.26 -66.15 -23.93
C SER D 40 -2.72 -65.82 -24.24
N VAL D 41 -2.91 -64.68 -24.89
CA VAL D 41 -4.15 -64.42 -25.58
C VAL D 41 -3.83 -64.33 -27.06
N VAL D 42 -4.71 -64.97 -27.84
CA VAL D 42 -4.56 -64.91 -29.27
C VAL D 42 -5.77 -64.27 -29.91
N ILE D 43 -5.46 -63.18 -30.62
CA ILE D 43 -6.46 -62.50 -31.39
C ILE D 43 -6.17 -62.76 -32.87
N ALA D 44 -7.15 -63.29 -33.61
CA ALA D 44 -6.98 -63.51 -35.03
C ALA D 44 -8.16 -62.96 -35.81
N VAL D 45 -7.87 -62.29 -36.93
CA VAL D 45 -8.93 -61.68 -37.68
C VAL D 45 -8.75 -62.04 -39.12
N GLU D 46 -9.87 -62.10 -39.82
CA GLU D 46 -9.98 -62.16 -41.25
C GLU D 46 -9.54 -60.81 -41.82
N LYS D 47 -8.72 -60.87 -42.88
CA LYS D 47 -8.52 -59.73 -43.76
C LYS D 47 -9.45 -59.88 -44.96
N LYS D 48 -9.68 -58.78 -45.69
CA LYS D 48 -10.73 -58.72 -46.71
C LYS D 48 -10.36 -59.59 -47.91
N SER D 49 -9.06 -59.63 -48.24
CA SER D 49 -8.45 -60.57 -49.17
C SER D 49 -6.96 -60.20 -49.26
N ALA D 50 -6.42 -60.00 -50.47
CA ALA D 50 -5.17 -59.27 -50.65
C ALA D 50 -5.02 -58.89 -52.13
N VAL D 51 -5.80 -57.88 -52.52
CA VAL D 51 -5.71 -57.29 -53.85
C VAL D 51 -4.30 -56.71 -54.00
N LYS D 52 -3.73 -56.80 -55.21
CA LYS D 52 -2.32 -56.46 -55.45
C LYS D 52 -2.08 -54.97 -55.26
N LEU D 53 -3.17 -54.25 -54.91
CA LEU D 53 -3.17 -52.80 -54.91
C LEU D 53 -3.05 -52.21 -53.51
N GLN D 54 -3.42 -52.95 -52.47
CA GLN D 54 -3.36 -52.39 -51.13
C GLN D 54 -1.90 -52.37 -50.74
N ASP D 55 -1.56 -51.44 -49.84
CA ASP D 55 -0.18 -51.13 -49.57
C ASP D 55 0.43 -52.35 -48.86
N SER D 56 1.50 -52.84 -49.52
CA SER D 56 2.30 -53.99 -49.12
C SER D 56 3.06 -53.70 -47.82
N ARG D 57 3.11 -52.42 -47.43
CA ARG D 57 3.41 -52.02 -46.06
C ARG D 57 2.32 -52.54 -45.11
N THR D 58 2.77 -53.08 -43.98
CA THR D 58 1.91 -53.79 -43.05
C THR D 58 0.93 -52.79 -42.40
N ILE D 59 -0.36 -53.01 -42.68
CA ILE D 59 -1.47 -52.37 -41.97
C ILE D 59 -2.10 -53.43 -41.07
N ARG D 60 -2.16 -53.10 -39.77
CA ARG D 60 -2.67 -53.99 -38.76
C ARG D 60 -4.19 -53.82 -38.67
N LYS D 61 -4.92 -54.93 -38.50
CA LYS D 61 -6.37 -54.90 -38.32
C LYS D 61 -6.71 -55.34 -36.91
N ILE D 62 -5.65 -55.48 -36.13
CA ILE D 62 -5.77 -55.57 -34.71
C ILE D 62 -5.05 -54.39 -34.11
N TYR D 63 -5.76 -53.66 -33.27
CA TYR D 63 -5.34 -52.35 -32.86
C TYR D 63 -4.82 -52.39 -31.45
N LYS D 64 -3.83 -51.59 -31.22
CA LYS D 64 -3.27 -51.49 -29.91
C LYS D 64 -4.00 -50.35 -29.24
N VAL D 65 -4.44 -50.58 -28.01
CA VAL D 65 -5.18 -49.61 -27.26
C VAL D 65 -4.31 -49.01 -26.18
N ASP D 66 -3.47 -49.85 -25.58
CA ASP D 66 -2.49 -49.38 -24.63
C ASP D 66 -1.37 -50.38 -24.79
N ALA D 67 -0.30 -50.31 -23.99
CA ALA D 67 0.80 -51.24 -24.14
C ALA D 67 0.33 -52.69 -24.00
N ASN D 68 -0.64 -52.89 -23.12
CA ASN D 68 -0.97 -54.18 -22.56
C ASN D 68 -2.24 -54.68 -23.19
N ILE D 69 -2.92 -53.92 -24.06
CA ILE D 69 -4.30 -54.20 -24.46
C ILE D 69 -4.49 -54.02 -25.96
N TYR D 70 -5.24 -54.91 -26.59
CA TYR D 70 -5.32 -55.00 -28.02
C TYR D 70 -6.75 -55.29 -28.41
N LEU D 71 -7.16 -54.79 -29.54
CA LEU D 71 -8.58 -54.84 -29.77
C LEU D 71 -8.85 -55.18 -31.23
N ALA D 72 -9.61 -56.21 -31.50
CA ALA D 72 -10.07 -56.44 -32.85
C ALA D 72 -11.50 -56.01 -32.97
N PHE D 73 -12.02 -55.85 -34.17
CA PHE D 73 -13.42 -55.47 -34.21
C PHE D 73 -14.06 -56.07 -35.41
N ALA D 74 -15.37 -56.03 -35.38
CA ALA D 74 -16.14 -56.37 -36.56
C ALA D 74 -17.22 -55.34 -36.72
N GLY D 75 -17.56 -54.99 -37.95
CA GLY D 75 -18.64 -54.04 -38.16
C GLY D 75 -18.14 -52.85 -38.94
N LEU D 76 -18.70 -51.68 -38.68
CA LEU D 76 -18.26 -50.51 -39.43
C LEU D 76 -16.89 -50.07 -38.99
N SER D 77 -15.94 -50.21 -39.92
CA SER D 77 -14.58 -49.73 -39.78
C SER D 77 -14.47 -48.35 -39.13
N ALA D 78 -15.33 -47.43 -39.52
CA ALA D 78 -15.07 -46.05 -39.16
C ALA D 78 -15.62 -45.79 -37.76
N ASP D 79 -16.73 -46.46 -37.46
CA ASP D 79 -17.23 -46.49 -36.11
C ASP D 79 -16.16 -47.10 -35.24
N ALA D 80 -15.65 -48.25 -35.64
CA ALA D 80 -14.63 -48.89 -34.84
C ALA D 80 -13.51 -47.93 -34.52
N ARG D 81 -13.01 -47.27 -35.57
CA ARG D 81 -11.90 -46.37 -35.42
C ARG D 81 -12.16 -45.31 -34.35
N VAL D 82 -13.40 -44.90 -34.23
CA VAL D 82 -13.77 -43.92 -33.25
C VAL D 82 -13.75 -44.54 -31.88
N LEU D 83 -14.43 -45.64 -31.71
CA LEU D 83 -14.33 -46.35 -30.45
C LEU D 83 -12.91 -46.53 -29.97
N ILE D 84 -12.04 -47.00 -30.83
CA ILE D 84 -10.67 -47.27 -30.49
C ILE D 84 -9.97 -46.00 -30.10
N ASN D 85 -10.25 -44.91 -30.76
CA ASN D 85 -9.53 -43.71 -30.42
C ASN D 85 -9.96 -43.34 -29.02
N LYS D 86 -11.26 -43.45 -28.75
CA LYS D 86 -11.76 -43.18 -27.44
C LYS D 86 -11.12 -44.08 -26.42
N ALA D 87 -10.97 -45.36 -26.74
CA ALA D 87 -10.38 -46.30 -25.83
C ALA D 87 -8.93 -45.94 -25.56
N GLN D 88 -8.15 -45.73 -26.61
CA GLN D 88 -6.80 -45.22 -26.49
C GLN D 88 -6.77 -44.02 -25.56
N LEU D 89 -7.64 -43.09 -25.81
CA LEU D 89 -7.53 -41.84 -25.08
C LEU D 89 -7.93 -42.12 -23.65
N GLU D 90 -8.85 -43.06 -23.41
CA GLU D 90 -9.23 -43.38 -22.05
C GLU D 90 -8.09 -44.01 -21.27
N CYS D 91 -7.38 -44.94 -21.85
CA CYS D 91 -6.30 -45.57 -21.15
C CYS D 91 -5.25 -44.58 -20.74
N GLN D 92 -5.00 -43.57 -21.57
CA GLN D 92 -4.09 -42.54 -21.17
C GLN D 92 -4.74 -41.69 -20.09
N ARG D 93 -5.99 -41.30 -20.23
CA ARG D 93 -6.58 -40.50 -19.19
C ARG D 93 -6.36 -41.24 -17.88
N PHE D 94 -6.46 -42.54 -17.92
CA PHE D 94 -6.46 -43.30 -16.72
C PHE D 94 -5.06 -43.32 -16.14
N SER D 95 -4.05 -43.76 -16.88
CA SER D 95 -2.68 -43.64 -16.44
C SER D 95 -2.49 -42.29 -15.79
N LEU D 96 -2.85 -41.25 -16.50
CA LEU D 96 -2.61 -39.92 -16.03
C LEU D 96 -3.33 -39.62 -14.74
N ASN D 97 -4.50 -40.18 -14.48
CA ASN D 97 -5.16 -39.94 -13.22
C ASN D 97 -4.68 -40.88 -12.13
N TYR D 98 -4.28 -42.11 -12.43
CA TYR D 98 -4.16 -43.07 -11.38
C TYR D 98 -2.80 -43.70 -11.43
N GLU D 99 -1.92 -43.18 -12.25
CA GLU D 99 -0.57 -43.71 -12.35
C GLU D 99 -0.59 -45.15 -12.81
N ASP D 100 -1.37 -46.02 -12.22
CA ASP D 100 -1.39 -47.41 -12.65
C ASP D 100 -1.81 -47.51 -14.10
N THR D 101 -1.54 -48.63 -14.77
CA THR D 101 -2.14 -48.88 -16.08
C THR D 101 -3.49 -49.54 -15.93
N MET D 102 -4.34 -49.26 -16.90
CA MET D 102 -5.70 -49.70 -16.87
C MET D 102 -5.80 -51.21 -16.95
N ASP D 103 -6.54 -51.80 -16.04
CA ASP D 103 -6.82 -53.21 -16.13
C ASP D 103 -7.57 -53.37 -17.43
N VAL D 104 -7.50 -54.53 -18.04
CA VAL D 104 -8.25 -54.76 -19.26
C VAL D 104 -9.74 -54.63 -19.02
N ASP D 105 -10.22 -55.24 -17.95
CA ASP D 105 -11.62 -55.24 -17.69
C ASP D 105 -12.08 -53.79 -17.54
N MET D 106 -11.28 -52.93 -16.94
CA MET D 106 -11.69 -51.54 -16.80
C MET D 106 -11.85 -50.87 -18.14
N LEU D 107 -10.93 -51.17 -19.06
CA LEU D 107 -10.94 -50.61 -20.38
C LEU D 107 -12.14 -51.14 -21.12
N VAL D 108 -12.44 -52.42 -20.93
CA VAL D 108 -13.56 -52.99 -21.64
C VAL D 108 -14.85 -52.36 -21.19
N ARG D 109 -14.94 -52.03 -19.93
CA ARG D 109 -16.18 -51.53 -19.39
C ARG D 109 -16.36 -50.11 -19.85
N TYR D 110 -15.27 -49.39 -19.93
CA TYR D 110 -15.34 -48.06 -20.48
C TYR D 110 -15.91 -48.11 -21.89
N VAL D 111 -15.42 -49.04 -22.73
CA VAL D 111 -15.79 -49.11 -24.12
C VAL D 111 -17.24 -49.52 -24.25
N ALA D 112 -17.60 -50.58 -23.57
CA ALA D 112 -18.99 -51.00 -23.50
C ALA D 112 -19.89 -49.91 -22.99
N GLY D 113 -19.42 -49.07 -22.13
CA GLY D 113 -20.29 -48.00 -21.68
C GLY D 113 -20.48 -46.96 -22.77
N VAL D 114 -19.45 -46.66 -23.53
CA VAL D 114 -19.58 -45.81 -24.68
C VAL D 114 -20.52 -46.43 -25.68
N GLN D 115 -20.51 -47.75 -25.81
CA GLN D 115 -21.43 -48.36 -26.75
C GLN D 115 -22.87 -48.21 -26.27
N GLN D 116 -23.07 -48.43 -24.98
CA GLN D 116 -24.38 -48.42 -24.40
C GLN D 116 -24.87 -46.99 -24.47
N LYS D 117 -23.95 -46.06 -24.32
CA LYS D 117 -24.34 -44.68 -24.16
C LYS D 117 -24.93 -44.20 -25.45
N SER D 118 -24.54 -44.85 -26.52
CA SER D 118 -24.87 -44.46 -27.85
C SER D 118 -26.12 -45.17 -28.31
N THR D 119 -26.66 -46.05 -27.48
CA THR D 119 -27.99 -46.59 -27.74
C THR D 119 -29.04 -45.80 -26.98
N GLN D 120 -28.63 -44.76 -26.30
CA GLN D 120 -29.53 -44.01 -25.46
C GLN D 120 -29.35 -42.53 -25.59
N SER D 121 -28.50 -42.08 -26.50
CA SER D 121 -28.27 -40.66 -26.67
C SER D 121 -29.08 -40.21 -27.84
N GLY D 122 -29.84 -39.16 -27.61
CA GLY D 122 -30.61 -38.60 -28.69
C GLY D 122 -29.65 -37.91 -29.63
N GLY D 123 -29.86 -38.18 -30.92
CA GLY D 123 -29.15 -37.50 -31.97
C GLY D 123 -28.21 -38.46 -32.68
N SER D 124 -27.94 -39.60 -32.02
CA SER D 124 -26.87 -40.46 -32.46
C SER D 124 -27.41 -41.85 -32.75
N ARG D 125 -26.87 -42.54 -33.75
CA ARG D 125 -27.19 -43.94 -33.83
C ARG D 125 -26.14 -44.70 -33.03
N PRO D 126 -26.37 -45.99 -32.71
CA PRO D 126 -25.38 -46.82 -32.08
C PRO D 126 -24.14 -47.01 -32.95
N PHE D 127 -22.99 -47.20 -32.33
CA PHE D 127 -21.87 -47.79 -33.04
C PHE D 127 -22.23 -49.18 -33.51
N GLY D 128 -21.89 -49.50 -34.74
CA GLY D 128 -22.21 -50.79 -35.30
C GLY D 128 -20.93 -51.59 -35.28
N VAL D 129 -20.57 -51.98 -34.06
CA VAL D 129 -19.23 -52.52 -33.83
C VAL D 129 -19.29 -53.52 -32.71
N ALA D 130 -18.81 -54.69 -32.94
CA ALA D 130 -18.44 -55.51 -31.81
C ALA D 130 -16.93 -55.51 -31.68
N THR D 131 -16.44 -55.81 -30.50
CA THR D 131 -15.03 -55.76 -30.27
C THR D 131 -14.64 -57.04 -29.59
N VAL D 132 -13.44 -57.48 -29.86
CA VAL D 132 -12.80 -58.41 -28.98
C VAL D 132 -11.62 -57.74 -28.37
N ILE D 133 -11.41 -57.88 -27.11
CA ILE D 133 -10.35 -57.14 -26.47
C ILE D 133 -9.60 -58.11 -25.59
N GLY D 134 -8.30 -57.99 -25.61
CA GLY D 134 -7.48 -59.00 -25.03
C GLY D 134 -6.26 -58.35 -24.49
N GLY D 135 -5.70 -58.93 -23.45
CA GLY D 135 -4.56 -58.33 -22.84
C GLY D 135 -4.27 -58.95 -21.50
N PHE D 136 -3.30 -58.36 -20.81
CA PHE D 136 -2.90 -58.85 -19.52
C PHE D 136 -2.96 -57.69 -18.58
N ASN D 137 -3.39 -57.94 -17.34
CA ASN D 137 -3.26 -56.92 -16.33
C ASN D 137 -1.79 -56.88 -15.94
N GLU D 138 -1.43 -55.96 -15.04
CA GLU D 138 -0.06 -55.80 -14.54
C GLU D 138 0.16 -56.82 -13.43
N ASP D 139 -0.39 -58.02 -13.60
CA ASP D 139 -0.28 -59.09 -12.62
C ASP D 139 -0.25 -60.43 -13.36
N GLY D 140 0.03 -60.38 -14.67
CA GLY D 140 0.29 -61.59 -15.43
C GLY D 140 -0.96 -62.39 -15.77
N LYS D 141 -2.12 -61.97 -15.26
CA LYS D 141 -3.37 -62.64 -15.60
C LYS D 141 -3.88 -62.18 -16.96
N PRO D 142 -4.11 -63.09 -17.93
CA PRO D 142 -4.65 -62.71 -19.24
C PRO D 142 -6.18 -62.65 -19.34
N HIS D 143 -6.70 -61.75 -20.16
CA HIS D 143 -8.14 -61.60 -20.27
C HIS D 143 -8.57 -61.50 -21.71
N LEU D 144 -9.80 -61.88 -21.94
CA LEU D 144 -10.36 -61.72 -23.24
C LEU D 144 -11.82 -61.36 -23.15
N TRP D 145 -12.19 -60.27 -23.80
CA TRP D 145 -13.53 -59.78 -23.65
C TRP D 145 -14.21 -59.59 -24.98
N LYS D 146 -15.49 -59.37 -24.93
CA LYS D 146 -16.21 -59.02 -26.12
C LYS D 146 -17.18 -57.90 -25.78
N THR D 147 -17.36 -56.97 -26.67
CA THR D 147 -18.47 -56.04 -26.51
C THR D 147 -19.35 -56.20 -27.71
N ASP D 148 -20.63 -56.02 -27.53
CA ASP D 148 -21.50 -55.94 -28.69
C ASP D 148 -22.07 -54.54 -28.67
N PRO D 149 -22.82 -54.17 -29.72
CA PRO D 149 -23.34 -52.82 -29.87
C PRO D 149 -24.39 -52.38 -28.84
N SER D 150 -25.00 -53.31 -28.13
CA SER D 150 -25.89 -52.95 -27.06
C SER D 150 -25.10 -52.38 -25.90
N GLY D 151 -23.78 -52.58 -25.91
CA GLY D 151 -22.95 -52.13 -24.80
C GLY D 151 -22.69 -53.23 -23.79
N MET D 152 -23.12 -54.44 -24.09
CA MET D 152 -22.91 -55.58 -23.22
C MET D 152 -21.51 -56.16 -23.42
N CYS D 153 -20.73 -56.25 -22.36
CA CYS D 153 -19.50 -57.01 -22.44
C CYS D 153 -19.54 -58.26 -21.59
N SER D 154 -18.55 -59.09 -21.75
CA SER D 154 -18.55 -60.44 -21.21
C SER D 154 -17.16 -61.00 -21.42
N ALA D 155 -16.67 -61.76 -20.45
CA ALA D 155 -15.34 -62.30 -20.60
C ALA D 155 -15.51 -63.68 -21.20
N TRP D 156 -14.57 -64.10 -22.04
CA TRP D 156 -14.66 -65.41 -22.63
C TRP D 156 -13.32 -66.09 -22.57
N ARG D 157 -13.38 -67.43 -22.67
CA ARG D 157 -12.23 -68.31 -22.79
C ARG D 157 -11.81 -68.36 -24.25
N ALA D 158 -12.81 -68.29 -25.13
CA ALA D 158 -12.54 -67.98 -26.52
C ALA D 158 -13.78 -67.36 -27.12
N VAL D 159 -13.62 -66.63 -28.22
CA VAL D 159 -14.79 -65.98 -28.73
C VAL D 159 -14.59 -65.64 -30.18
N ALA D 160 -15.71 -65.41 -30.86
CA ALA D 160 -15.73 -64.98 -32.24
C ALA D 160 -16.71 -63.86 -32.42
N ILE D 161 -16.43 -62.99 -33.39
CA ILE D 161 -17.34 -61.93 -33.74
C ILE D 161 -17.26 -61.75 -35.24
N GLY D 162 -18.35 -61.19 -35.77
CA GLY D 162 -18.45 -60.93 -37.17
C GLY D 162 -19.26 -62.04 -37.82
N ARG D 163 -18.97 -62.30 -39.11
CA ARG D 163 -19.77 -63.22 -39.91
C ARG D 163 -19.54 -64.62 -39.36
N HIS D 164 -20.69 -65.28 -39.16
CA HIS D 164 -20.77 -66.67 -38.76
C HIS D 164 -20.19 -66.83 -37.37
N ASP D 165 -20.27 -65.75 -36.59
CA ASP D 165 -19.76 -65.76 -35.23
C ASP D 165 -20.27 -67.05 -34.60
N GLN D 166 -21.55 -67.39 -34.78
CA GLN D 166 -22.10 -68.42 -33.92
C GLN D 166 -21.75 -69.81 -34.44
N THR D 167 -21.55 -69.96 -35.75
CA THR D 167 -20.92 -71.16 -36.29
C THR D 167 -19.56 -71.39 -35.62
N VAL D 168 -18.70 -70.36 -35.60
CA VAL D 168 -17.36 -70.42 -35.02
C VAL D 168 -17.43 -70.68 -33.52
N ILE D 169 -18.37 -70.07 -32.81
CA ILE D 169 -18.45 -70.24 -31.36
C ILE D 169 -18.92 -71.65 -31.03
N GLU D 170 -19.91 -72.18 -31.76
CA GLU D 170 -20.33 -73.58 -31.64
C GLU D 170 -19.14 -74.52 -31.86
N TYR D 171 -18.32 -74.27 -32.89
CA TYR D 171 -17.13 -75.05 -33.10
C TYR D 171 -16.23 -75.03 -31.87
N MET D 172 -15.92 -73.83 -31.40
CA MET D 172 -14.94 -73.65 -30.35
C MET D 172 -15.47 -74.28 -29.06
N GLU D 173 -16.78 -74.35 -28.86
CA GLU D 173 -17.30 -74.89 -27.61
C GLU D 173 -16.85 -76.35 -27.53
N LYS D 174 -17.04 -77.06 -28.65
CA LYS D 174 -16.69 -78.46 -28.77
C LYS D 174 -15.22 -78.71 -28.43
N SER D 175 -14.29 -78.16 -29.23
CA SER D 175 -12.86 -78.42 -29.06
C SER D 175 -12.29 -77.87 -27.74
N TYR D 176 -12.42 -76.56 -27.53
CA TYR D 176 -11.54 -75.74 -26.70
C TYR D 176 -11.26 -76.37 -25.34
N LYS D 177 -9.96 -76.47 -24.97
CA LYS D 177 -9.59 -76.90 -23.63
C LYS D 177 -8.90 -75.75 -22.91
N ASP D 178 -8.99 -75.77 -21.58
CA ASP D 178 -8.25 -74.82 -20.75
C ASP D 178 -6.75 -75.12 -20.89
N GLY D 179 -5.96 -74.16 -20.39
CA GLY D 179 -4.50 -74.27 -20.24
C GLY D 179 -3.82 -74.76 -21.53
N MET D 180 -4.12 -74.12 -22.66
CA MET D 180 -3.40 -74.38 -23.89
C MET D 180 -2.06 -73.67 -23.79
N SER D 181 -1.12 -74.06 -24.65
CA SER D 181 0.17 -73.39 -24.79
C SER D 181 0.02 -72.25 -25.79
N ARG D 182 0.97 -71.32 -25.82
CA ARG D 182 1.06 -70.37 -26.93
C ARG D 182 0.75 -71.08 -28.24
N ASP D 183 1.51 -72.12 -28.58
CA ASP D 183 1.43 -72.69 -29.92
C ASP D 183 0.10 -73.40 -30.13
N GLU D 184 -0.51 -73.96 -29.07
CA GLU D 184 -1.81 -74.62 -29.22
C GLU D 184 -2.93 -73.60 -29.39
N CYS D 185 -2.79 -72.43 -28.73
CA CYS D 185 -3.67 -71.26 -28.92
C CYS D 185 -3.65 -70.79 -30.38
N VAL D 186 -2.47 -70.43 -30.88
CA VAL D 186 -2.41 -70.02 -32.24
C VAL D 186 -3.02 -71.08 -33.16
N HIS D 187 -2.82 -72.34 -32.82
CA HIS D 187 -3.30 -73.36 -33.70
C HIS D 187 -4.83 -73.27 -33.65
N PHE D 188 -5.34 -73.21 -32.43
CA PHE D 188 -6.76 -73.35 -32.18
C PHE D 188 -7.54 -72.22 -32.82
N ALA D 189 -6.94 -71.02 -32.78
CA ALA D 189 -7.49 -69.83 -33.37
C ALA D 189 -7.53 -69.92 -34.89
N ILE D 190 -6.40 -70.31 -35.50
CA ILE D 190 -6.32 -70.51 -36.93
C ILE D 190 -7.37 -71.52 -37.37
N LYS D 191 -7.43 -72.64 -36.64
CA LYS D 191 -8.38 -73.70 -36.92
C LYS D 191 -9.80 -73.13 -36.93
N SER D 192 -10.11 -72.34 -35.89
CA SER D 192 -11.44 -71.83 -35.67
C SER D 192 -11.86 -70.83 -36.75
N LEU D 193 -10.93 -69.95 -37.14
CA LEU D 193 -11.17 -69.00 -38.19
C LEU D 193 -11.44 -69.71 -39.50
N LEU D 194 -10.70 -70.79 -39.78
CA LEU D 194 -10.83 -71.44 -41.08
C LEU D 194 -12.17 -72.16 -41.25
N GLU D 195 -12.99 -72.12 -40.20
CA GLU D 195 -14.36 -72.61 -40.26
C GLU D 195 -15.20 -71.71 -41.16
N VAL D 196 -14.76 -70.46 -41.40
CA VAL D 196 -15.58 -69.51 -42.13
C VAL D 196 -14.77 -68.75 -43.18
N VAL D 197 -13.46 -68.61 -42.99
CA VAL D 197 -12.62 -67.94 -43.96
C VAL D 197 -12.23 -68.98 -45.00
N GLU D 198 -11.81 -68.55 -46.20
CA GLU D 198 -11.69 -69.47 -47.32
C GLU D 198 -10.29 -70.13 -47.31
N SER D 199 -9.25 -69.44 -47.77
CA SER D 199 -7.88 -69.93 -47.60
C SER D 199 -7.38 -69.43 -46.24
N GLY D 200 -6.16 -69.81 -45.86
CA GLY D 200 -5.47 -69.25 -44.71
C GLY D 200 -4.24 -68.47 -45.16
N SER D 201 -4.27 -68.05 -46.42
CA SER D 201 -3.11 -67.56 -47.14
C SER D 201 -2.81 -66.13 -46.68
N ARG D 202 -3.52 -65.17 -47.31
CA ARG D 202 -3.27 -63.76 -47.09
C ARG D 202 -4.46 -63.11 -46.37
N ASN D 203 -5.40 -63.94 -45.90
CA ASN D 203 -6.61 -63.40 -45.28
C ASN D 203 -6.74 -63.90 -43.84
N ILE D 204 -5.65 -63.77 -43.07
CA ILE D 204 -5.69 -63.94 -41.62
C ILE D 204 -4.51 -63.17 -41.02
N GLU D 205 -4.82 -62.18 -40.22
CA GLU D 205 -3.82 -61.55 -39.38
C GLU D 205 -3.94 -62.20 -38.03
N LEU D 206 -2.84 -62.39 -37.34
CA LEU D 206 -2.95 -63.06 -36.06
C LEU D 206 -1.96 -62.49 -35.09
N LEU D 207 -2.42 -62.13 -33.90
CA LEU D 207 -1.64 -61.42 -32.91
C LEU D 207 -1.48 -62.29 -31.68
N VAL D 208 -0.27 -62.33 -31.09
CA VAL D 208 -0.12 -63.17 -29.92
C VAL D 208 0.33 -62.33 -28.73
N LEU D 209 -0.46 -62.39 -27.67
CA LEU D 209 -0.21 -61.54 -26.54
C LEU D 209 0.25 -62.42 -25.40
N GLN D 210 1.44 -62.11 -24.88
CA GLN D 210 1.90 -62.72 -23.66
C GLN D 210 2.24 -61.59 -22.73
N TYR D 211 2.35 -61.89 -21.43
CA TYR D 211 2.62 -60.86 -20.45
C TYR D 211 3.78 -60.02 -20.95
N LYS D 212 3.46 -58.79 -21.35
CA LYS D 212 4.42 -57.74 -21.63
C LYS D 212 4.99 -57.85 -23.05
N GLU D 213 4.49 -58.77 -23.86
CA GLU D 213 5.03 -58.98 -25.20
C GLU D 213 3.93 -59.32 -26.21
N ALA D 214 3.75 -58.43 -27.19
CA ALA D 214 2.72 -58.54 -28.21
C ALA D 214 3.40 -58.69 -29.56
N ARG D 215 3.02 -59.70 -30.34
CA ARG D 215 3.82 -60.06 -31.49
C ARG D 215 2.94 -60.60 -32.61
N TYR D 216 2.96 -59.93 -33.77
CA TYR D 216 2.14 -60.45 -34.85
C TYR D 216 2.91 -61.52 -35.58
N LEU D 217 2.22 -62.57 -35.97
CA LEU D 217 2.85 -63.55 -36.82
C LEU D 217 3.26 -62.90 -38.15
N THR D 218 4.50 -63.21 -38.56
CA THR D 218 4.98 -62.89 -39.90
C THR D 218 4.21 -63.81 -40.82
N GLU D 219 4.04 -63.42 -42.09
CA GLU D 219 3.20 -64.18 -43.00
C GLU D 219 3.79 -65.60 -43.20
N GLU D 220 5.09 -65.77 -42.88
CA GLU D 220 5.78 -67.05 -43.00
C GLU D 220 5.43 -67.99 -41.84
N GLU D 221 5.58 -67.49 -40.60
CA GLU D 221 5.28 -68.27 -39.38
C GLU D 221 3.84 -68.75 -39.36
N LEU D 222 2.96 -67.94 -39.96
CA LEU D 222 1.54 -68.22 -40.02
C LEU D 222 1.25 -69.40 -40.95
N GLN D 223 2.05 -69.55 -42.00
CA GLN D 223 1.73 -70.49 -43.06
C GLN D 223 2.13 -71.91 -42.66
N LYS D 224 3.13 -72.04 -41.78
CA LYS D 224 3.47 -73.32 -41.17
C LYS D 224 2.30 -73.83 -40.34
N PHE D 225 1.56 -72.90 -39.75
CA PHE D 225 0.39 -73.18 -38.92
C PHE D 225 -0.84 -73.47 -39.77
N VAL D 226 -0.94 -72.90 -40.97
CA VAL D 226 -2.12 -73.08 -41.83
C VAL D 226 -2.06 -74.45 -42.51
N VAL D 227 -0.85 -74.90 -42.83
CA VAL D 227 -0.62 -76.21 -43.40
C VAL D 227 -0.81 -77.25 -42.29
N GLU D 228 -0.20 -77.00 -41.13
CA GLU D 228 -0.32 -77.88 -39.96
C GLU D 228 -1.80 -78.05 -39.57
N VAL D 229 -2.69 -77.14 -40.02
CA VAL D 229 -4.08 -77.10 -39.59
C VAL D 229 -5.01 -77.59 -40.71
N GLU D 230 -4.82 -77.08 -41.94
CA GLU D 230 -5.60 -77.48 -43.09
C GLU D 230 -5.38 -78.97 -43.39
N LYS D 231 -4.21 -79.50 -42.95
CA LYS D 231 -3.90 -80.91 -43.05
C LYS D 231 -4.62 -81.71 -41.96
N GLU D 232 -5.07 -81.03 -40.90
CA GLU D 232 -5.79 -81.65 -39.80
C GLU D 232 -7.31 -81.53 -39.99
N ARG D 233 -7.75 -80.81 -41.04
CA ARG D 233 -9.16 -80.58 -41.34
C ARG D 233 -9.72 -81.64 -42.30
N GLU D 234 -8.82 -82.41 -42.93
CA GLU D 234 -9.19 -83.50 -43.82
C GLU D 234 -9.81 -84.64 -43.01
N GLU D 235 -9.50 -84.66 -41.70
CA GLU D 235 -9.74 -85.79 -40.82
C GLU D 235 -10.84 -85.43 -39.80
N GLU E 107 -42.31 -46.74 -36.77
CA GLU E 107 -41.94 -46.82 -35.33
C GLU E 107 -41.49 -45.46 -34.77
N TYR E 108 -41.23 -44.49 -35.66
CA TYR E 108 -41.00 -43.10 -35.30
C TYR E 108 -42.28 -42.29 -35.55
N ASP E 109 -43.38 -43.01 -35.82
CA ASP E 109 -44.68 -42.43 -36.09
C ASP E 109 -45.10 -41.64 -34.85
N ARG E 110 -45.08 -42.34 -33.70
CA ARG E 110 -45.36 -41.78 -32.38
C ARG E 110 -44.05 -41.42 -31.68
N GLY E 111 -43.87 -40.13 -31.39
CA GLY E 111 -42.84 -39.67 -30.47
C GLY E 111 -42.87 -40.42 -29.14
N VAL E 112 -41.85 -40.20 -28.31
CA VAL E 112 -41.52 -41.13 -27.23
C VAL E 112 -42.19 -40.78 -25.90
N ASN E 113 -42.73 -39.57 -25.88
CA ASN E 113 -43.44 -39.00 -24.76
C ASN E 113 -44.94 -39.13 -24.97
N THR E 114 -45.37 -40.08 -25.77
CA THR E 114 -46.74 -40.08 -26.18
C THR E 114 -47.55 -41.02 -25.31
N PHE E 115 -48.77 -40.62 -24.97
CA PHE E 115 -49.67 -41.53 -24.31
C PHE E 115 -50.48 -42.31 -25.31
N SER E 116 -50.73 -43.57 -24.97
CA SER E 116 -51.73 -44.39 -25.61
C SER E 116 -53.11 -43.95 -25.17
N PRO E 117 -54.16 -44.37 -25.89
CA PRO E 117 -55.54 -44.15 -25.43
C PRO E 117 -55.97 -44.77 -24.09
N GLU E 118 -55.11 -45.63 -23.51
CA GLU E 118 -55.43 -46.23 -22.23
C GLU E 118 -54.63 -45.54 -21.13
N GLY E 119 -53.88 -44.52 -21.49
CA GLY E 119 -53.20 -43.74 -20.47
C GLY E 119 -51.84 -44.30 -20.09
N ARG E 120 -51.25 -45.05 -21.00
CA ARG E 120 -49.92 -45.56 -20.79
C ARG E 120 -49.01 -44.90 -21.79
N ILE E 121 -47.82 -44.58 -21.37
CA ILE E 121 -46.79 -44.11 -22.25
C ILE E 121 -46.26 -45.32 -22.99
N PHE E 122 -46.24 -45.24 -24.33
CA PHE E 122 -45.87 -46.36 -25.19
C PHE E 122 -44.44 -46.82 -24.97
N GLN E 123 -43.48 -45.94 -24.95
CA GLN E 123 -42.14 -46.44 -24.79
C GLN E 123 -42.00 -47.13 -23.43
N ILE E 124 -42.76 -46.73 -22.40
CA ILE E 124 -42.66 -47.44 -21.15
C ILE E 124 -43.23 -48.84 -21.32
N GLU E 125 -44.35 -48.99 -22.01
CA GLU E 125 -44.96 -50.29 -22.09
C GLU E 125 -44.08 -51.25 -22.86
N TYR E 126 -43.40 -50.70 -23.85
CA TYR E 126 -42.45 -51.45 -24.65
C TYR E 126 -41.22 -51.73 -23.80
N ALA E 127 -40.66 -50.76 -23.14
CA ALA E 127 -39.53 -51.13 -22.27
C ALA E 127 -39.90 -52.28 -21.34
N VAL E 128 -41.13 -52.35 -20.88
CA VAL E 128 -41.56 -53.42 -19.99
C VAL E 128 -41.59 -54.74 -20.75
N GLU E 129 -41.88 -54.69 -22.04
CA GLU E 129 -42.00 -55.90 -22.82
C GLU E 129 -40.64 -56.52 -22.96
N ALA E 130 -39.61 -55.68 -22.91
CA ALA E 130 -38.24 -56.09 -23.05
C ALA E 130 -37.75 -56.76 -21.78
N ILE E 131 -38.43 -56.51 -20.69
CA ILE E 131 -38.01 -57.09 -19.43
C ILE E 131 -38.58 -58.49 -19.28
N LYS E 132 -39.50 -58.87 -20.15
CA LYS E 132 -40.06 -60.21 -20.18
C LYS E 132 -39.25 -61.11 -21.10
N LEU E 133 -38.26 -60.52 -21.78
CA LEU E 133 -37.38 -61.30 -22.63
C LEU E 133 -36.13 -61.64 -21.82
N GLY E 134 -35.96 -60.92 -20.72
CA GLY E 134 -34.80 -61.08 -19.89
C GLY E 134 -34.81 -62.41 -19.14
N SER E 135 -33.62 -62.75 -18.63
CA SER E 135 -33.40 -63.84 -17.70
C SER E 135 -34.13 -63.51 -16.41
N THR E 136 -34.70 -64.55 -15.78
CA THR E 136 -35.41 -64.44 -14.53
C THR E 136 -34.49 -64.10 -13.36
N SER E 137 -34.94 -63.15 -12.57
CA SER E 137 -34.26 -62.81 -11.35
C SER E 137 -35.30 -62.83 -10.26
N LEU E 138 -34.88 -63.02 -9.01
CA LEU E 138 -35.91 -62.96 -8.01
C LEU E 138 -35.38 -62.60 -6.64
N GLY E 139 -36.31 -62.23 -5.78
CA GLY E 139 -35.95 -61.64 -4.52
C GLY E 139 -36.93 -62.08 -3.44
N ILE E 140 -36.40 -62.39 -2.26
CA ILE E 140 -37.21 -62.89 -1.17
C ILE E 140 -36.78 -62.25 0.13
N ARG E 141 -37.70 -61.49 0.72
CA ARG E 141 -37.52 -60.87 2.02
C ARG E 141 -37.78 -61.95 3.04
N THR E 142 -36.89 -62.03 4.01
CA THR E 142 -37.07 -62.86 5.19
C THR E 142 -36.68 -61.98 6.37
N PRO E 143 -37.02 -62.34 7.62
CA PRO E 143 -36.56 -61.55 8.75
C PRO E 143 -35.08 -61.81 9.04
N GLU E 144 -34.54 -62.94 8.55
CA GLU E 144 -33.12 -63.20 8.77
C GLU E 144 -32.27 -62.46 7.73
N GLY E 145 -32.86 -62.11 6.58
CA GLY E 145 -32.16 -61.40 5.52
C GLY E 145 -32.96 -61.40 4.21
N VAL E 146 -32.36 -60.87 3.13
CA VAL E 146 -32.97 -60.93 1.81
C VAL E 146 -32.14 -61.87 0.96
N VAL E 147 -32.78 -62.44 -0.04
CA VAL E 147 -32.10 -63.29 -0.99
C VAL E 147 -32.40 -62.78 -2.39
N LEU E 148 -31.37 -62.70 -3.22
CA LEU E 148 -31.53 -62.46 -4.64
C LEU E 148 -31.00 -63.64 -5.38
N ALA E 149 -31.68 -64.01 -6.46
CA ALA E 149 -31.16 -65.06 -7.29
C ALA E 149 -31.47 -64.78 -8.75
N ALA E 150 -30.51 -65.12 -9.59
CA ALA E 150 -30.67 -64.85 -11.00
C ALA E 150 -30.23 -66.03 -11.83
N GLU E 151 -31.03 -66.38 -12.81
CA GLU E 151 -30.58 -67.15 -13.95
C GLU E 151 -29.49 -66.34 -14.63
N LYS E 152 -28.29 -66.89 -14.79
CA LYS E 152 -27.25 -66.23 -15.58
C LYS E 152 -27.58 -66.21 -17.08
N ARG E 153 -28.18 -67.28 -17.62
CA ARG E 153 -28.48 -67.41 -19.04
C ARG E 153 -27.29 -67.06 -19.91
N VAL E 154 -26.19 -67.82 -19.80
CA VAL E 154 -25.01 -67.57 -20.62
C VAL E 154 -25.26 -68.09 -22.04
N PRO E 155 -24.70 -67.41 -23.07
CA PRO E 155 -24.84 -67.85 -24.47
C PRO E 155 -23.83 -68.90 -24.93
N SER E 156 -22.92 -69.30 -24.05
CA SER E 156 -21.92 -70.29 -24.39
C SER E 156 -21.20 -70.78 -23.15
N THR E 157 -20.74 -72.01 -23.23
CA THR E 157 -19.83 -72.56 -22.23
C THR E 157 -18.50 -71.81 -22.21
N LEU E 158 -18.15 -71.16 -23.33
CA LEU E 158 -16.91 -70.43 -23.42
C LEU E 158 -16.95 -69.12 -22.65
N VAL E 159 -18.13 -68.73 -22.17
CA VAL E 159 -18.19 -67.51 -21.39
C VAL E 159 -17.64 -67.80 -20.00
N VAL E 160 -16.94 -66.79 -19.49
CA VAL E 160 -16.51 -66.83 -18.11
C VAL E 160 -17.67 -66.36 -17.25
N PRO E 161 -18.30 -67.20 -16.43
CA PRO E 161 -19.62 -66.81 -15.91
C PRO E 161 -19.56 -65.65 -14.90
N SER E 162 -18.46 -65.48 -14.15
CA SER E 162 -18.38 -64.32 -13.26
C SER E 162 -18.61 -62.98 -13.99
N SER E 163 -18.35 -62.95 -15.28
CA SER E 163 -18.35 -61.72 -16.07
C SER E 163 -19.75 -61.28 -16.46
N MET E 164 -20.72 -62.19 -16.35
CA MET E 164 -22.11 -61.97 -16.73
C MET E 164 -22.91 -61.87 -15.44
N SER E 165 -22.48 -60.90 -14.62
CA SER E 165 -22.89 -60.81 -13.22
C SER E 165 -24.23 -60.10 -13.17
N LYS E 166 -25.29 -60.88 -12.95
CA LYS E 166 -26.60 -60.30 -12.80
C LYS E 166 -26.86 -59.82 -11.35
N ILE E 167 -25.89 -59.93 -10.45
CA ILE E 167 -26.08 -59.36 -9.13
C ILE E 167 -24.92 -58.46 -8.77
N MET E 168 -25.24 -57.30 -8.23
CA MET E 168 -24.23 -56.29 -8.13
C MET E 168 -24.28 -55.67 -6.75
N GLU E 169 -23.12 -55.56 -6.14
CA GLU E 169 -23.00 -54.83 -4.91
C GLU E 169 -23.27 -53.39 -5.31
N VAL E 170 -24.29 -52.84 -4.70
CA VAL E 170 -24.41 -51.42 -4.64
C VAL E 170 -23.63 -50.83 -3.48
N ASP E 171 -23.78 -51.41 -2.31
CA ASP E 171 -22.95 -51.05 -1.17
C ASP E 171 -22.86 -52.27 -0.30
N SER E 172 -22.04 -52.19 0.73
CA SER E 172 -21.82 -53.28 1.65
C SER E 172 -23.13 -53.95 2.05
N HIS E 173 -24.19 -53.16 2.15
CA HIS E 173 -25.50 -53.66 2.55
C HIS E 173 -26.54 -53.65 1.48
N ILE E 174 -26.22 -53.34 0.24
CA ILE E 174 -27.27 -53.37 -0.78
C ILE E 174 -26.84 -54.11 -2.02
N ALA E 175 -27.72 -54.93 -2.51
CA ALA E 175 -27.43 -55.61 -3.74
C ALA E 175 -28.55 -55.33 -4.72
N ALA E 176 -28.27 -55.46 -5.99
CA ALA E 176 -29.28 -55.31 -7.00
C ALA E 176 -29.13 -56.45 -7.95
N VAL E 177 -30.21 -56.82 -8.60
CA VAL E 177 -30.17 -57.81 -9.61
C VAL E 177 -31.11 -57.32 -10.70
N MET E 178 -30.62 -57.36 -11.93
CA MET E 178 -31.32 -56.80 -13.05
C MET E 178 -32.07 -57.89 -13.78
N SER E 179 -33.09 -57.49 -14.53
CA SER E 179 -33.46 -58.23 -15.71
C SER E 179 -33.83 -57.28 -16.84
N GLY E 180 -33.33 -57.66 -18.00
CA GLY E 180 -33.60 -57.00 -19.25
C GLY E 180 -32.26 -56.72 -19.90
N MET E 181 -32.09 -55.48 -20.28
CA MET E 181 -30.92 -55.08 -21.00
C MET E 181 -29.80 -54.82 -20.02
N VAL E 182 -28.87 -55.71 -20.03
CA VAL E 182 -27.87 -55.67 -19.00
C VAL E 182 -27.10 -54.38 -19.03
N ALA E 183 -26.73 -53.89 -20.21
CA ALA E 183 -25.89 -52.70 -20.28
C ALA E 183 -26.62 -51.51 -19.68
N ASP E 184 -27.95 -51.49 -19.83
CA ASP E 184 -28.78 -50.44 -19.25
C ASP E 184 -28.70 -50.58 -17.73
N ALA E 185 -28.66 -51.79 -17.25
CA ALA E 185 -28.59 -51.98 -15.82
C ALA E 185 -27.28 -51.54 -15.22
N ARG E 186 -26.21 -51.66 -15.97
CA ARG E 186 -24.92 -51.20 -15.48
C ARG E 186 -25.01 -49.72 -15.22
N ILE E 187 -25.83 -49.01 -15.98
CA ILE E 187 -25.88 -47.57 -15.82
C ILE E 187 -26.58 -47.22 -14.51
N LEU E 188 -27.72 -47.86 -14.28
CA LEU E 188 -28.47 -47.60 -13.08
C LEU E 188 -27.66 -47.96 -11.87
N VAL E 189 -27.12 -49.17 -11.86
CA VAL E 189 -26.30 -49.52 -10.73
C VAL E 189 -25.12 -48.59 -10.58
N GLU E 190 -24.49 -48.10 -11.62
CA GLU E 190 -23.48 -47.11 -11.35
C GLU E 190 -24.09 -45.91 -10.63
N HIS E 191 -25.27 -45.48 -11.00
CA HIS E 191 -25.80 -44.32 -10.33
C HIS E 191 -26.13 -44.66 -8.88
N ALA E 192 -26.72 -45.83 -8.65
CA ALA E 192 -27.01 -46.21 -7.28
C ALA E 192 -25.73 -46.19 -6.44
N ARG E 193 -24.64 -46.69 -7.00
CA ARG E 193 -23.41 -46.77 -6.27
C ARG E 193 -22.97 -45.38 -5.95
N VAL E 194 -23.04 -44.53 -6.94
CA VAL E 194 -22.61 -43.19 -6.66
C VAL E 194 -23.50 -42.57 -5.61
N GLU E 195 -24.80 -42.75 -5.72
CA GLU E 195 -25.69 -42.14 -4.76
C GLU E 195 -25.51 -42.77 -3.40
N SER E 196 -25.29 -44.06 -3.35
CA SER E 196 -25.21 -44.61 -2.03
C SER E 196 -23.99 -44.05 -1.38
N GLN E 197 -22.93 -43.83 -2.13
CA GLN E 197 -21.70 -43.37 -1.56
C GLN E 197 -21.74 -41.90 -1.24
N ASN E 198 -22.45 -41.11 -2.02
CA ASN E 198 -22.64 -39.71 -1.70
C ASN E 198 -23.39 -39.63 -0.38
N HIS E 199 -24.40 -40.46 -0.20
CA HIS E 199 -25.03 -40.50 1.10
C HIS E 199 -24.05 -40.81 2.21
N ARG E 200 -23.20 -41.81 2.10
CA ARG E 200 -22.28 -41.98 3.22
C ARG E 200 -21.44 -40.76 3.42
N PHE E 201 -21.08 -40.15 2.30
CA PHE E 201 -20.12 -39.09 2.40
C PHE E 201 -20.69 -37.97 3.24
N THR E 202 -21.93 -37.65 2.89
CA THR E 202 -22.66 -36.51 3.35
C THR E 202 -23.22 -36.82 4.70
N TYR E 203 -23.81 -37.96 4.94
CA TYR E 203 -24.38 -38.19 6.24
C TYR E 203 -23.65 -39.22 7.07
N ASN E 204 -22.52 -39.72 6.64
CA ASN E 204 -21.74 -40.64 7.44
C ASN E 204 -22.54 -41.81 7.92
N GLU E 205 -23.45 -42.28 7.09
CA GLU E 205 -24.13 -43.49 7.47
C GLU E 205 -24.60 -44.15 6.20
N PRO E 206 -24.90 -45.47 6.24
CA PRO E 206 -25.37 -46.19 5.09
C PRO E 206 -26.74 -45.72 4.66
N MET E 207 -26.90 -45.63 3.35
CA MET E 207 -28.12 -45.19 2.74
C MET E 207 -29.19 -46.23 2.99
N SER E 208 -30.42 -45.79 3.22
CA SER E 208 -31.50 -46.74 3.33
C SER E 208 -31.74 -47.39 1.98
N VAL E 209 -32.40 -48.51 1.97
CA VAL E 209 -32.55 -49.19 0.72
C VAL E 209 -33.55 -48.49 -0.17
N GLU E 210 -34.46 -47.76 0.44
CA GLU E 210 -35.59 -47.19 -0.27
C GLU E 210 -35.01 -45.95 -0.94
N SER E 211 -34.42 -45.09 -0.11
CA SER E 211 -33.67 -43.94 -0.58
C SER E 211 -32.77 -44.24 -1.78
N CYS E 212 -32.33 -45.47 -1.89
CA CYS E 212 -31.39 -45.86 -2.92
C CYS E 212 -32.15 -46.18 -4.19
N THR E 213 -33.17 -47.00 -4.02
CA THR E 213 -34.13 -47.31 -5.06
C THR E 213 -34.76 -46.03 -5.63
N LEU E 214 -35.11 -45.09 -4.77
CA LEU E 214 -35.61 -43.81 -5.24
C LEU E 214 -34.62 -43.22 -6.21
N ALA E 215 -33.37 -43.09 -5.76
CA ALA E 215 -32.34 -42.37 -6.49
C ALA E 215 -31.95 -43.11 -7.76
N THR E 216 -32.41 -44.32 -7.92
CA THR E 216 -32.17 -45.08 -9.11
C THR E 216 -33.34 -44.90 -10.08
N CYS E 217 -34.54 -44.80 -9.54
CA CYS E 217 -35.68 -44.32 -10.31
C CYS E 217 -35.56 -42.85 -10.73
N ASP E 218 -34.79 -42.05 -10.01
CA ASP E 218 -34.67 -40.63 -10.32
C ASP E 218 -33.94 -40.42 -11.64
N LEU E 219 -33.35 -41.50 -12.16
CA LEU E 219 -32.52 -41.45 -13.35
C LEU E 219 -33.34 -41.99 -14.51
N SER E 220 -34.43 -42.70 -14.17
CA SER E 220 -35.29 -43.40 -15.12
C SER E 220 -36.45 -42.52 -15.56
N ILE E 221 -36.69 -41.42 -14.83
CA ILE E 221 -37.73 -40.49 -15.21
C ILE E 221 -37.23 -39.83 -16.50
N GLN E 222 -35.89 -39.63 -16.58
CA GLN E 222 -35.22 -38.73 -17.52
C GLN E 222 -35.20 -39.34 -18.92
N PHE E 223 -36.19 -39.00 -19.77
CA PHE E 223 -36.20 -39.40 -21.17
C PHE E 223 -37.15 -38.53 -22.02
N GLY E 224 -36.68 -38.16 -23.22
CA GLY E 224 -37.36 -37.25 -24.16
C GLY E 224 -36.62 -37.17 -25.49
N LEU E 232 -31.38 -35.12 -22.96
CA LEU E 232 -31.57 -36.20 -21.97
C LEU E 232 -31.65 -37.56 -22.69
N MET E 233 -32.01 -38.64 -21.97
CA MET E 233 -31.94 -40.00 -22.49
C MET E 233 -33.00 -40.18 -23.60
N SER E 234 -32.55 -40.65 -24.75
CA SER E 234 -33.45 -40.90 -25.85
C SER E 234 -34.66 -41.70 -25.40
N ARG E 235 -34.48 -42.77 -24.63
CA ARG E 235 -35.51 -43.78 -24.37
C ARG E 235 -35.41 -44.22 -22.92
N PRO E 236 -36.38 -44.95 -22.38
CA PRO E 236 -36.22 -45.53 -21.07
C PRO E 236 -35.22 -46.68 -21.03
N PHE E 237 -34.73 -46.94 -19.83
CA PHE E 237 -33.95 -48.13 -19.59
C PHE E 237 -34.82 -49.36 -19.72
N GLY E 238 -34.35 -50.37 -20.42
CA GLY E 238 -35.16 -51.55 -20.54
C GLY E 238 -34.84 -52.52 -19.42
N VAL E 239 -34.98 -52.07 -18.20
CA VAL E 239 -34.38 -52.82 -17.10
C VAL E 239 -35.31 -52.74 -15.93
N SER E 240 -35.51 -53.85 -15.26
CA SER E 240 -36.10 -53.82 -13.95
C SER E 240 -35.04 -54.24 -12.96
N LEU E 241 -34.87 -53.52 -11.87
CA LEU E 241 -34.03 -54.02 -10.79
C LEU E 241 -34.86 -54.59 -9.64
N LEU E 242 -34.22 -55.46 -8.89
CA LEU E 242 -34.59 -55.70 -7.52
C LEU E 242 -33.42 -55.30 -6.66
N ILE E 243 -33.78 -54.61 -5.60
CA ILE E 243 -32.77 -54.04 -4.78
C ILE E 243 -33.01 -54.48 -3.37
N ALA E 244 -32.22 -55.42 -2.93
CA ALA E 244 -32.33 -55.94 -1.60
C ALA E 244 -31.36 -55.23 -0.72
N GLY E 245 -31.72 -55.05 0.52
CA GLY E 245 -30.73 -54.47 1.41
C GLY E 245 -31.17 -54.61 2.84
N VAL E 246 -30.28 -54.19 3.73
CA VAL E 246 -30.64 -54.15 5.12
C VAL E 246 -30.18 -52.82 5.67
N ASP E 247 -31.12 -52.13 6.31
CA ASP E 247 -30.85 -50.85 6.96
C ASP E 247 -31.46 -50.91 8.35
N GLU E 248 -31.86 -49.75 8.90
CA GLU E 248 -32.46 -49.65 10.22
C GLU E 248 -33.82 -50.35 10.29
N LYS E 249 -34.56 -50.36 9.19
CA LYS E 249 -35.89 -50.96 9.19
C LYS E 249 -35.79 -52.43 8.82
N GLY E 250 -34.57 -52.97 8.83
CA GLY E 250 -34.38 -54.39 8.59
C GLY E 250 -34.41 -54.73 7.11
N PRO E 251 -34.42 -56.00 6.74
CA PRO E 251 -34.31 -56.38 5.35
C PRO E 251 -35.47 -55.90 4.51
N GLN E 252 -35.17 -55.59 3.26
CA GLN E 252 -36.11 -54.91 2.39
C GLN E 252 -35.84 -55.34 0.98
N LEU E 253 -36.89 -55.39 0.20
CA LEU E 253 -36.71 -55.71 -1.18
C LEU E 253 -37.58 -54.79 -2.00
N TRP E 254 -37.00 -54.04 -2.91
CA TRP E 254 -37.76 -53.19 -3.80
C TRP E 254 -37.50 -53.59 -5.23
N GLN E 255 -38.37 -53.08 -6.09
CA GLN E 255 -38.32 -53.31 -7.51
C GLN E 255 -38.39 -51.94 -8.14
N THR E 256 -37.46 -51.61 -9.03
CA THR E 256 -37.67 -50.52 -9.96
C THR E 256 -38.22 -51.08 -11.27
N ASP E 257 -38.99 -50.21 -11.94
CA ASP E 257 -39.49 -50.41 -13.29
C ASP E 257 -38.96 -49.30 -14.19
N PRO E 258 -39.18 -49.39 -15.52
CA PRO E 258 -38.78 -48.34 -16.44
C PRO E 258 -39.61 -47.07 -16.41
N SER E 259 -40.85 -47.20 -15.92
CA SER E 259 -41.72 -46.12 -15.46
C SER E 259 -40.95 -45.15 -14.56
N GLY E 260 -40.09 -45.71 -13.68
CA GLY E 260 -39.44 -45.01 -12.57
C GLY E 260 -40.18 -45.22 -11.25
N THR E 261 -41.05 -46.24 -11.20
CA THR E 261 -41.87 -46.47 -10.04
C THR E 261 -41.30 -47.60 -9.22
N HIS E 262 -40.76 -47.23 -8.06
CA HIS E 262 -40.37 -48.23 -7.10
C HIS E 262 -41.56 -48.82 -6.38
N THR E 263 -41.35 -49.99 -5.83
CA THR E 263 -42.38 -50.70 -5.16
C THR E 263 -41.74 -51.69 -4.21
N ARG E 264 -41.93 -51.52 -2.90
CA ARG E 264 -41.43 -52.48 -1.93
C ARG E 264 -42.26 -53.73 -2.11
N TYR E 265 -41.60 -54.89 -2.00
CA TYR E 265 -42.17 -56.21 -2.13
C TYR E 265 -41.60 -57.07 -1.00
N ASP E 266 -42.19 -58.26 -0.84
CA ASP E 266 -41.74 -59.28 0.09
C ASP E 266 -41.10 -60.43 -0.68
N ALA E 267 -41.59 -60.65 -1.88
CA ALA E 267 -40.96 -61.56 -2.81
C ALA E 267 -41.34 -61.10 -4.21
N GLN E 268 -40.45 -61.29 -5.18
CA GLN E 268 -40.75 -60.80 -6.51
C GLN E 268 -39.96 -61.54 -7.55
N ALA E 269 -40.49 -61.60 -8.76
CA ALA E 269 -39.65 -62.01 -9.88
C ALA E 269 -39.76 -60.99 -11.00
N ILE E 270 -38.78 -61.01 -11.86
CA ILE E 270 -38.77 -60.17 -13.03
C ILE E 270 -38.14 -61.07 -14.08
N GLY E 271 -38.48 -60.89 -15.35
CA GLY E 271 -37.94 -61.76 -16.37
C GLY E 271 -38.98 -62.70 -16.98
N GLY E 272 -38.50 -63.59 -17.85
CA GLY E 272 -39.38 -64.55 -18.50
C GLY E 272 -40.10 -65.43 -17.48
N GLY E 273 -39.37 -65.79 -16.43
CA GLY E 273 -39.93 -66.51 -15.30
C GLY E 273 -41.16 -65.87 -14.65
N ALA E 274 -41.09 -64.55 -14.41
CA ALA E 274 -41.94 -63.81 -13.46
C ALA E 274 -43.36 -64.36 -13.27
N GLU E 275 -44.03 -64.85 -14.31
CA GLU E 275 -45.43 -65.18 -14.15
C GLU E 275 -45.53 -66.52 -13.41
N ALA E 276 -44.73 -67.51 -13.88
CA ALA E 276 -44.60 -68.83 -13.24
C ALA E 276 -44.02 -68.72 -11.84
N ALA E 277 -43.20 -67.71 -11.59
CA ALA E 277 -42.56 -67.57 -10.30
C ALA E 277 -43.45 -66.82 -9.31
N GLN E 278 -44.39 -66.00 -9.78
CA GLN E 278 -45.39 -65.38 -8.91
C GLN E 278 -46.50 -66.37 -8.58
N SER E 279 -46.64 -67.46 -9.36
CA SER E 279 -47.48 -68.59 -8.97
C SER E 279 -46.95 -69.20 -7.68
N VAL E 280 -45.64 -69.48 -7.71
CA VAL E 280 -44.97 -70.28 -6.69
C VAL E 280 -44.83 -69.48 -5.40
N PHE E 281 -44.60 -68.17 -5.49
CA PHE E 281 -44.52 -67.36 -4.29
C PHE E 281 -45.86 -67.34 -3.55
N THR E 282 -46.96 -67.20 -4.30
CA THR E 282 -48.33 -67.14 -3.79
C THR E 282 -48.63 -68.37 -2.93
N GLU E 283 -48.02 -69.51 -3.29
CA GLU E 283 -48.29 -70.78 -2.63
C GLU E 283 -47.32 -70.99 -1.44
N ARG E 284 -46.01 -70.75 -1.64
CA ARG E 284 -44.98 -71.22 -0.72
C ARG E 284 -44.30 -70.12 0.11
N TYR E 285 -44.63 -68.86 -0.13
CA TYR E 285 -43.91 -67.81 0.57
C TYR E 285 -44.76 -67.34 1.74
N HIS E 286 -44.18 -67.43 2.94
CA HIS E 286 -44.81 -66.83 4.12
C HIS E 286 -43.86 -65.79 4.68
N ARG E 287 -44.42 -64.80 5.39
CA ARG E 287 -43.69 -63.64 5.83
C ARG E 287 -42.65 -64.01 6.90
N ASN E 288 -42.45 -65.30 7.18
CA ASN E 288 -41.78 -65.65 8.42
C ASN E 288 -40.76 -66.78 8.21
N MET E 289 -40.26 -66.93 6.98
CA MET E 289 -39.35 -68.04 6.66
C MET E 289 -37.93 -67.71 7.07
N THR E 290 -37.12 -68.76 7.18
CA THR E 290 -35.72 -68.58 7.53
C THR E 290 -34.97 -68.22 6.27
N LEU E 291 -33.72 -67.80 6.44
CA LEU E 291 -32.88 -67.44 5.32
C LEU E 291 -32.54 -68.68 4.48
N GLU E 292 -32.60 -69.87 5.07
CA GLU E 292 -32.25 -71.08 4.36
C GLU E 292 -33.46 -71.59 3.57
N GLU E 293 -34.67 -71.38 4.11
CA GLU E 293 -35.89 -71.79 3.45
C GLU E 293 -36.15 -70.87 2.25
N GLY E 294 -35.60 -69.65 2.36
CA GLY E 294 -35.65 -68.63 1.32
C GLY E 294 -34.70 -68.96 0.18
N GLU E 295 -33.39 -69.08 0.48
CA GLU E 295 -32.41 -69.64 -0.45
C GLU E 295 -33.01 -70.80 -1.22
N THR E 296 -33.81 -71.61 -0.53
CA THR E 296 -34.24 -72.88 -1.10
C THR E 296 -35.38 -72.60 -2.08
N LEU E 297 -36.33 -71.79 -1.63
CA LEU E 297 -37.45 -71.42 -2.47
C LEU E 297 -36.94 -70.65 -3.70
N ALA E 298 -35.95 -69.79 -3.51
CA ALA E 298 -35.30 -69.08 -4.61
C ALA E 298 -34.88 -70.10 -5.65
N VAL E 299 -33.94 -70.96 -5.24
CA VAL E 299 -33.31 -71.87 -6.16
C VAL E 299 -34.35 -72.83 -6.74
N ASP E 300 -35.38 -73.17 -5.97
CA ASP E 300 -36.43 -74.04 -6.49
C ASP E 300 -37.04 -73.39 -7.72
N ILE E 301 -37.54 -72.18 -7.52
CA ILE E 301 -38.19 -71.42 -8.56
C ILE E 301 -37.33 -71.35 -9.83
N LEU E 302 -36.04 -71.05 -9.69
CA LEU E 302 -35.14 -70.99 -10.83
C LEU E 302 -35.06 -72.35 -11.52
N LYS E 303 -35.01 -73.44 -10.76
CA LYS E 303 -34.96 -74.78 -11.36
C LYS E 303 -36.14 -74.98 -12.30
N GLN E 304 -37.31 -74.53 -11.83
CA GLN E 304 -38.57 -74.74 -12.50
C GLN E 304 -38.74 -73.87 -13.76
N VAL E 305 -38.26 -72.61 -13.75
CA VAL E 305 -38.55 -71.66 -14.84
C VAL E 305 -37.39 -71.55 -15.83
N MET E 306 -36.17 -71.92 -15.43
CA MET E 306 -35.05 -71.84 -16.35
C MET E 306 -35.27 -72.72 -17.58
N GLU E 307 -34.69 -72.28 -18.69
CA GLU E 307 -34.57 -73.07 -19.92
C GLU E 307 -33.61 -74.24 -19.64
N ASP E 308 -32.35 -73.91 -19.32
CA ASP E 308 -31.28 -74.86 -19.09
C ASP E 308 -31.53 -75.67 -17.81
N GLN E 309 -30.69 -76.69 -17.59
CA GLN E 309 -30.62 -77.42 -16.32
C GLN E 309 -29.91 -76.56 -15.27
N LEU E 310 -30.58 -76.35 -14.13
CA LEU E 310 -29.98 -75.58 -13.05
C LEU E 310 -28.73 -76.27 -12.51
N SER E 311 -27.59 -75.59 -12.66
CA SER E 311 -26.32 -76.03 -12.16
C SER E 311 -25.72 -74.90 -11.33
N PRO E 312 -24.66 -75.13 -10.53
CA PRO E 312 -24.11 -74.08 -9.66
C PRO E 312 -23.40 -72.91 -10.33
N GLU E 313 -23.27 -72.92 -11.67
CA GLU E 313 -22.63 -71.84 -12.41
C GLU E 313 -23.66 -71.06 -13.24
N ASN E 314 -24.74 -71.76 -13.60
CA ASN E 314 -25.89 -71.24 -14.31
C ASN E 314 -26.68 -70.20 -13.52
N ILE E 315 -26.46 -70.12 -12.20
CA ILE E 315 -27.20 -69.16 -11.40
C ILE E 315 -26.26 -68.39 -10.48
N GLU E 316 -26.86 -67.38 -9.89
CA GLU E 316 -26.16 -66.41 -9.10
C GLU E 316 -27.07 -66.23 -7.90
N VAL E 317 -26.49 -66.29 -6.70
CA VAL E 317 -27.32 -66.13 -5.53
C VAL E 317 -26.57 -65.26 -4.57
N ALA E 318 -27.29 -64.37 -3.92
CA ALA E 318 -26.67 -63.55 -2.91
C ALA E 318 -27.70 -63.30 -1.85
N VAL E 319 -27.22 -62.90 -0.67
CA VAL E 319 -28.11 -62.60 0.43
C VAL E 319 -27.55 -61.42 1.17
N VAL E 320 -28.45 -60.61 1.69
CA VAL E 320 -28.01 -59.67 2.67
C VAL E 320 -28.65 -60.13 3.95
N ARG E 321 -27.78 -60.47 4.91
CA ARG E 321 -28.16 -61.02 6.18
C ARG E 321 -28.55 -59.89 7.13
N ALA E 322 -29.64 -60.11 7.88
CA ALA E 322 -30.18 -59.10 8.80
C ALA E 322 -29.22 -58.84 9.96
N ASP E 323 -28.56 -59.93 10.41
CA ASP E 323 -27.73 -59.93 11.60
C ASP E 323 -26.51 -59.03 11.42
N ASP E 324 -25.67 -59.28 10.40
CA ASP E 324 -24.49 -58.44 10.17
C ASP E 324 -24.83 -57.21 9.32
N GLY E 325 -25.90 -57.33 8.51
CA GLY E 325 -26.28 -56.30 7.56
C GLY E 325 -25.33 -56.23 6.36
N LYS E 326 -24.60 -57.32 6.08
CA LYS E 326 -23.65 -57.36 4.98
C LYS E 326 -24.21 -58.33 3.97
N LEU E 327 -23.68 -58.14 2.75
CA LEU E 327 -24.13 -58.84 1.57
C LEU E 327 -23.09 -59.88 1.27
N HIS E 328 -23.51 -61.13 1.04
CA HIS E 328 -22.63 -62.23 0.67
C HIS E 328 -23.09 -62.70 -0.69
N MET E 329 -22.14 -62.83 -1.62
CA MET E 329 -22.40 -63.47 -2.90
C MET E 329 -22.00 -64.93 -2.79
N TYR E 330 -22.97 -65.81 -2.93
CA TYR E 330 -22.70 -67.24 -2.95
C TYR E 330 -21.79 -67.57 -4.13
N THR E 331 -20.66 -68.23 -3.78
CA THR E 331 -19.75 -68.89 -4.71
C THR E 331 -20.46 -70.12 -5.25
N PRO E 332 -19.97 -70.78 -6.32
CA PRO E 332 -20.63 -71.97 -6.84
C PRO E 332 -20.77 -73.11 -5.82
N THR E 333 -19.73 -73.26 -4.99
CA THR E 333 -19.70 -74.16 -3.84
C THR E 333 -20.94 -74.05 -2.95
N GLU E 334 -21.16 -72.85 -2.42
CA GLU E 334 -22.20 -72.53 -1.46
C GLU E 334 -23.58 -72.64 -2.09
N ILE E 335 -23.64 -72.58 -3.44
CA ILE E 335 -24.90 -72.75 -4.15
C ILE E 335 -25.17 -74.22 -4.31
N LYS E 336 -24.12 -75.04 -4.41
CA LYS E 336 -24.31 -76.48 -4.36
C LYS E 336 -24.87 -76.86 -2.98
N ALA E 337 -24.28 -76.28 -1.93
CA ALA E 337 -24.72 -76.48 -0.55
C ALA E 337 -26.22 -76.18 -0.38
N ILE E 338 -26.79 -75.34 -1.26
CA ILE E 338 -28.23 -75.07 -1.28
C ILE E 338 -28.96 -76.14 -2.10
N MET E 339 -28.41 -76.51 -3.26
CA MET E 339 -29.04 -77.52 -4.11
C MET E 339 -29.08 -78.88 -3.41
N SER E 340 -28.02 -79.16 -2.63
CA SER E 340 -27.90 -80.32 -1.76
C SER E 340 -29.26 -80.72 -1.15
N ARG E 341 -29.86 -79.80 -0.40
CA ARG E 341 -31.03 -80.07 0.42
C ARG E 341 -32.33 -79.81 -0.35
N MET E 342 -32.68 -80.74 -1.25
CA MET E 342 -33.84 -80.63 -2.13
C MET E 342 -33.90 -81.85 -3.05
N ASN F 168 -57.09 -42.13 -36.16
CA ASN F 168 -57.07 -40.77 -35.55
C ASN F 168 -55.74 -40.09 -35.88
N GLU F 169 -55.77 -39.07 -36.74
CA GLU F 169 -54.52 -38.53 -37.24
C GLU F 169 -53.95 -37.51 -36.25
N TYR F 170 -54.70 -37.24 -35.16
CA TYR F 170 -54.53 -36.04 -34.36
C TYR F 170 -54.19 -36.32 -32.90
N ASP F 171 -53.95 -37.60 -32.57
CA ASP F 171 -53.89 -38.04 -31.20
C ASP F 171 -52.49 -38.46 -30.80
N SER F 172 -51.48 -38.01 -31.55
CA SER F 172 -50.14 -38.53 -31.36
C SER F 172 -49.24 -37.48 -30.76
N ASP F 173 -49.72 -36.23 -30.65
CA ASP F 173 -48.89 -35.10 -30.27
C ASP F 173 -49.69 -34.16 -29.40
N ILE F 174 -49.04 -33.65 -28.39
CA ILE F 174 -49.69 -32.78 -27.45
C ILE F 174 -49.91 -31.42 -28.12
N THR F 175 -49.14 -31.11 -29.16
CA THR F 175 -49.29 -29.87 -29.86
C THR F 175 -50.28 -29.98 -30.98
N THR F 176 -51.20 -30.89 -30.93
CA THR F 176 -52.05 -30.92 -32.09
C THR F 176 -53.50 -30.88 -31.69
N TRP F 177 -54.17 -29.83 -32.12
CA TRP F 177 -55.59 -29.78 -31.88
C TRP F 177 -56.21 -30.72 -32.84
N SER F 178 -57.33 -31.28 -32.46
CA SER F 178 -58.12 -32.04 -33.40
C SER F 178 -59.06 -31.06 -34.04
N PRO F 179 -59.67 -31.38 -35.18
CA PRO F 179 -60.65 -30.49 -35.78
C PRO F 179 -61.92 -30.18 -35.03
N THR F 180 -62.19 -30.90 -33.96
CA THR F 180 -63.31 -30.57 -33.10
C THR F 180 -62.84 -29.81 -31.87
N GLY F 181 -61.56 -29.49 -31.81
CA GLY F 181 -61.08 -28.62 -30.75
C GLY F 181 -60.69 -29.37 -29.50
N ARG F 182 -60.28 -30.62 -29.68
CA ARG F 182 -59.88 -31.47 -28.57
C ARG F 182 -58.38 -31.61 -28.55
N LEU F 183 -57.85 -31.97 -27.42
CA LEU F 183 -56.45 -32.34 -27.34
C LEU F 183 -56.35 -33.76 -26.85
N PHE F 184 -56.29 -34.73 -27.77
CA PHE F 184 -56.34 -36.11 -27.36
C PHE F 184 -55.20 -36.50 -26.43
N GLN F 185 -53.99 -36.03 -26.60
CA GLN F 185 -53.01 -36.47 -25.65
C GLN F 185 -53.42 -36.10 -24.24
N ILE F 186 -54.14 -35.01 -24.08
CA ILE F 186 -54.57 -34.66 -22.75
C ILE F 186 -55.73 -35.53 -22.33
N GLU F 187 -56.60 -35.95 -23.23
CA GLU F 187 -57.66 -36.83 -22.80
C GLU F 187 -57.12 -38.21 -22.43
N TYR F 188 -55.89 -38.48 -22.83
CA TYR F 188 -55.35 -39.81 -22.71
C TYR F 188 -54.58 -39.85 -21.41
N ALA F 189 -53.81 -38.81 -21.16
CA ALA F 189 -53.31 -38.60 -19.83
C ALA F 189 -54.42 -38.68 -18.80
N ASN F 190 -55.63 -38.26 -19.12
CA ASN F 190 -56.68 -38.37 -18.13
C ASN F 190 -56.95 -39.83 -17.86
N GLU F 191 -56.84 -40.66 -18.89
CA GLU F 191 -57.12 -42.06 -18.71
C GLU F 191 -56.17 -42.65 -17.70
N ALA F 192 -54.93 -42.17 -17.68
CA ALA F 192 -53.97 -42.63 -16.71
C ALA F 192 -54.49 -42.46 -15.30
N VAL F 193 -55.23 -41.37 -15.11
CA VAL F 193 -55.72 -41.04 -13.78
C VAL F 193 -56.95 -41.86 -13.47
N ASN F 194 -57.88 -41.95 -14.41
CA ASN F 194 -59.07 -42.75 -14.18
C ASN F 194 -58.71 -44.20 -13.87
N ASN F 195 -57.47 -44.63 -14.15
CA ASN F 195 -57.06 -46.03 -13.97
C ASN F 195 -56.08 -46.20 -12.81
N GLY F 196 -55.90 -45.19 -11.98
CA GLY F 196 -55.08 -45.34 -10.79
C GLY F 196 -55.95 -45.81 -9.62
N SER F 197 -55.30 -46.16 -8.52
CA SER F 197 -56.04 -46.62 -7.37
C SER F 197 -56.83 -45.45 -6.79
N ALA F 198 -58.04 -45.79 -6.32
CA ALA F 198 -59.01 -44.82 -5.89
C ALA F 198 -58.46 -44.04 -4.71
N THR F 199 -58.89 -42.80 -4.62
CA THR F 199 -58.55 -42.00 -3.47
C THR F 199 -59.73 -41.07 -3.31
N VAL F 200 -59.98 -40.69 -2.08
CA VAL F 200 -61.08 -39.85 -1.73
C VAL F 200 -60.51 -38.73 -0.88
N GLY F 201 -61.13 -37.56 -0.92
CA GLY F 201 -60.86 -36.60 0.11
C GLY F 201 -62.15 -35.92 0.54
N VAL F 202 -62.21 -35.50 1.79
CA VAL F 202 -63.35 -34.73 2.19
C VAL F 202 -62.89 -33.62 3.11
N LYS F 203 -63.71 -32.60 3.18
CA LYS F 203 -63.35 -31.36 3.81
C LYS F 203 -64.45 -30.99 4.79
N GLY F 204 -64.05 -30.95 6.06
CA GLY F 204 -64.96 -30.54 7.10
C GLY F 204 -64.79 -29.07 7.39
N LYS F 205 -65.20 -28.67 8.61
CA LYS F 205 -65.07 -27.27 8.93
C LYS F 205 -63.58 -26.98 9.14
N ASN F 206 -62.85 -27.92 9.76
CA ASN F 206 -61.55 -27.59 10.29
C ASN F 206 -60.44 -28.51 9.78
N PHE F 207 -60.83 -29.51 9.00
CA PHE F 207 -60.01 -30.66 8.69
C PHE F 207 -60.25 -31.08 7.25
N VAL F 208 -59.25 -31.75 6.67
CA VAL F 208 -59.44 -32.41 5.41
C VAL F 208 -58.94 -33.81 5.56
N VAL F 209 -59.65 -34.76 4.99
CA VAL F 209 -59.25 -36.13 5.14
C VAL F 209 -58.97 -36.69 3.76
N LEU F 210 -57.81 -37.27 3.55
CA LEU F 210 -57.58 -38.06 2.37
C LEU F 210 -57.59 -39.51 2.76
N ALA F 211 -58.23 -40.32 1.96
CA ALA F 211 -58.10 -41.76 2.11
C ALA F 211 -57.82 -42.34 0.76
N ALA F 212 -56.78 -43.14 0.71
CA ALA F 212 -56.38 -43.79 -0.52
C ALA F 212 -56.37 -45.31 -0.34
N LEU F 213 -57.06 -46.02 -1.25
CA LEU F 213 -56.83 -47.44 -1.50
C LEU F 213 -55.39 -47.66 -1.95
N LYS F 214 -54.74 -48.64 -1.36
CA LYS F 214 -53.43 -49.05 -1.83
C LYS F 214 -53.66 -50.29 -2.67
N ARG F 215 -52.65 -51.16 -2.72
CA ARG F 215 -52.78 -52.47 -3.33
C ARG F 215 -52.72 -53.50 -2.19
N SER F 216 -53.69 -54.44 -2.23
CA SER F 216 -54.03 -55.33 -1.13
C SER F 216 -53.30 -56.67 -1.27
N PRO F 217 -52.75 -57.24 -0.17
CA PRO F 217 -51.84 -58.39 -0.23
C PRO F 217 -52.24 -59.52 -1.20
N VAL F 218 -51.24 -60.04 -1.93
CA VAL F 218 -51.39 -61.18 -2.82
C VAL F 218 -51.08 -62.44 -2.01
N ALA F 219 -51.99 -62.81 -1.08
CA ALA F 219 -51.83 -63.89 -0.12
C ALA F 219 -51.09 -63.40 1.13
N GLU F 220 -49.83 -63.83 1.33
CA GLU F 220 -49.00 -63.40 2.46
C GLU F 220 -47.92 -62.41 1.99
N LEU F 221 -48.21 -61.69 0.89
CA LEU F 221 -47.18 -61.17 -0.01
C LEU F 221 -47.51 -59.72 -0.39
N SER F 222 -46.96 -58.77 0.40
CA SER F 222 -47.40 -57.38 0.35
C SER F 222 -46.74 -56.62 -0.82
N SER F 223 -46.51 -55.33 -0.60
CA SER F 223 -46.37 -54.36 -1.67
C SER F 223 -46.84 -52.98 -1.18
N TYR F 224 -45.90 -52.18 -0.70
CA TYR F 224 -46.10 -50.74 -0.56
C TYR F 224 -45.83 -50.03 -1.89
N GLN F 225 -46.67 -49.04 -2.24
CA GLN F 225 -46.25 -47.88 -3.01
C GLN F 225 -46.71 -46.62 -2.28
N GLU F 226 -45.84 -45.60 -2.28
CA GLU F 226 -46.21 -44.31 -1.71
C GLU F 226 -47.21 -43.63 -2.66
N LYS F 227 -48.52 -43.70 -2.32
CA LYS F 227 -49.52 -42.83 -2.92
C LYS F 227 -49.48 -41.47 -2.25
N VAL F 228 -49.70 -41.41 -0.94
CA VAL F 228 -49.85 -40.18 -0.20
C VAL F 228 -48.52 -39.59 0.24
N PHE F 229 -48.41 -38.27 0.06
CA PHE F 229 -47.21 -37.53 0.37
C PHE F 229 -47.47 -36.34 1.27
N GLU F 230 -46.70 -36.17 2.30
CA GLU F 230 -46.68 -34.91 2.98
C GLU F 230 -45.91 -33.95 2.09
N ILE F 231 -46.28 -32.68 2.13
CA ILE F 231 -45.64 -31.69 1.31
C ILE F 231 -45.07 -30.55 2.12
N ASP F 232 -45.79 -30.18 3.16
CA ASP F 232 -45.22 -29.33 4.18
C ASP F 232 -46.07 -29.61 5.40
N GLU F 233 -45.87 -28.88 6.48
CA GLU F 233 -46.58 -29.20 7.71
C GLU F 233 -48.07 -29.14 7.43
N HIS F 234 -48.46 -28.15 6.64
CA HIS F 234 -49.84 -27.79 6.51
C HIS F 234 -50.46 -28.37 5.25
N VAL F 235 -49.79 -29.22 4.50
CA VAL F 235 -50.45 -29.66 3.29
C VAL F 235 -49.85 -30.96 2.89
N GLY F 236 -50.59 -31.73 2.14
CA GLY F 236 -50.04 -32.93 1.57
C GLY F 236 -51.02 -33.40 0.54
N MET F 237 -50.75 -34.52 -0.09
CA MET F 237 -51.48 -34.87 -1.26
C MET F 237 -51.54 -36.34 -1.46
N SER F 238 -52.47 -36.76 -2.28
CA SER F 238 -52.67 -38.15 -2.62
C SER F 238 -52.63 -38.26 -4.12
N ILE F 239 -51.96 -39.22 -4.69
CA ILE F 239 -51.97 -39.22 -6.14
C ILE F 239 -52.64 -40.44 -6.70
N SER F 240 -53.08 -40.29 -7.92
CA SER F 240 -53.54 -41.42 -8.70
C SER F 240 -53.05 -41.27 -10.13
N GLY F 241 -52.63 -42.38 -10.71
CA GLY F 241 -52.12 -42.41 -12.06
C GLY F 241 -50.66 -42.77 -12.02
N LEU F 242 -49.90 -42.16 -12.89
CA LEU F 242 -48.51 -42.51 -13.07
C LEU F 242 -47.71 -42.04 -11.89
N VAL F 243 -47.38 -42.99 -11.06
CA VAL F 243 -46.76 -42.68 -9.80
C VAL F 243 -45.50 -41.85 -10.01
N ALA F 244 -44.74 -42.12 -11.05
CA ALA F 244 -43.50 -41.39 -11.19
C ALA F 244 -43.77 -39.92 -11.44
N ASP F 245 -44.87 -39.59 -12.13
CA ASP F 245 -45.25 -38.20 -12.26
C ASP F 245 -45.63 -37.64 -10.90
N GLY F 246 -46.43 -38.37 -10.14
CA GLY F 246 -46.62 -38.04 -8.74
C GLY F 246 -45.32 -37.56 -8.12
N ARG F 247 -44.27 -38.33 -8.22
CA ARG F 247 -43.11 -38.01 -7.45
C ARG F 247 -42.51 -36.69 -7.93
N VAL F 248 -42.53 -36.47 -9.24
CA VAL F 248 -42.05 -35.24 -9.80
C VAL F 248 -42.84 -34.09 -9.23
N LEU F 249 -44.17 -34.24 -9.23
CA LEU F 249 -45.00 -33.18 -8.72
C LEU F 249 -44.78 -32.98 -7.23
N ALA F 250 -44.82 -34.06 -6.49
CA ALA F 250 -44.41 -33.99 -5.10
C ALA F 250 -43.06 -33.30 -4.92
N ARG F 251 -42.08 -33.53 -5.77
CA ARG F 251 -40.80 -32.94 -5.47
C ARG F 251 -40.98 -31.46 -5.72
N TYR F 252 -41.69 -31.14 -6.79
CA TYR F 252 -41.90 -29.76 -7.11
C TYR F 252 -42.63 -29.04 -5.99
N LEU F 253 -43.77 -29.58 -5.56
CA LEU F 253 -44.50 -28.91 -4.53
C LEU F 253 -43.66 -28.81 -3.30
N ARG F 254 -42.99 -29.86 -2.92
CA ARG F 254 -42.21 -29.75 -1.69
C ARG F 254 -41.26 -28.60 -1.79
N THR F 255 -40.58 -28.51 -2.90
CA THR F 255 -39.57 -27.51 -3.07
C THR F 255 -40.17 -26.12 -3.07
N GLU F 256 -41.33 -25.93 -3.73
CA GLU F 256 -41.92 -24.63 -3.75
C GLU F 256 -42.41 -24.23 -2.36
N CYS F 257 -42.96 -25.17 -1.63
CA CYS F 257 -43.29 -24.91 -0.26
C CYS F 257 -42.12 -24.63 0.63
N MET F 258 -40.98 -25.22 0.42
CA MET F 258 -39.88 -24.83 1.27
C MET F 258 -39.40 -23.44 0.85
N ASN F 259 -39.34 -23.12 -0.44
CA ASN F 259 -38.90 -21.81 -0.78
C ASN F 259 -39.83 -20.80 -0.13
N TYR F 260 -41.12 -21.07 -0.22
CA TYR F 260 -42.04 -20.10 0.31
C TYR F 260 -41.84 -20.00 1.79
N ARG F 261 -41.66 -21.08 2.48
CA ARG F 261 -41.58 -20.96 3.91
C ARG F 261 -40.29 -20.36 4.32
N TYR F 262 -39.23 -20.60 3.57
CA TYR F 262 -37.99 -19.89 3.77
C TYR F 262 -38.20 -18.39 3.66
N MET F 263 -38.90 -17.95 2.63
CA MET F 263 -38.99 -16.53 2.41
C MET F 263 -39.92 -15.91 3.41
N TYR F 264 -41.09 -16.44 3.61
CA TYR F 264 -42.04 -15.71 4.39
C TYR F 264 -42.21 -16.28 5.77
N SER F 265 -41.44 -17.28 6.12
CA SER F 265 -41.55 -17.89 7.43
C SER F 265 -42.96 -18.28 7.77
N ASN F 266 -43.77 -18.62 6.80
CA ASN F 266 -45.07 -19.20 7.07
C ASN F 266 -45.38 -20.16 5.93
N GLY F 267 -46.42 -20.98 6.06
CA GLY F 267 -46.71 -21.93 5.02
C GLY F 267 -47.23 -21.27 3.75
N MET F 268 -46.97 -21.85 2.58
CA MET F 268 -47.55 -21.34 1.34
C MET F 268 -49.03 -21.61 1.39
N PRO F 269 -49.84 -20.55 1.19
CA PRO F 269 -51.28 -20.63 1.21
C PRO F 269 -51.77 -21.53 0.12
N MET F 270 -52.86 -22.22 0.36
CA MET F 270 -53.27 -23.25 -0.56
C MET F 270 -53.76 -22.68 -1.87
N ASN F 271 -54.46 -21.55 -1.87
CA ASN F 271 -54.94 -21.12 -3.16
C ASN F 271 -53.75 -20.77 -4.06
N GLN F 272 -52.70 -20.24 -3.50
CA GLN F 272 -51.50 -20.00 -4.25
C GLN F 272 -50.81 -21.32 -4.63
N MET F 273 -50.89 -22.35 -3.82
CA MET F 273 -50.21 -23.55 -4.22
C MET F 273 -51.00 -24.22 -5.32
N ALA F 274 -52.31 -24.14 -5.28
CA ALA F 274 -53.11 -24.71 -6.36
C ALA F 274 -52.90 -23.96 -7.68
N ASP F 275 -52.62 -22.68 -7.60
CA ASP F 275 -52.38 -21.89 -8.78
C ASP F 275 -51.10 -22.38 -9.44
N MET F 276 -50.14 -22.67 -8.61
CA MET F 276 -48.86 -23.15 -9.05
C MET F 276 -48.90 -24.54 -9.65
N ILE F 277 -49.55 -25.46 -8.96
CA ILE F 277 -49.49 -26.83 -9.42
C ILE F 277 -50.17 -26.85 -10.77
N GLY F 278 -51.11 -25.94 -11.00
CA GLY F 278 -51.84 -25.90 -12.25
C GLY F 278 -51.05 -25.26 -13.37
N GLU F 279 -50.20 -24.33 -13.05
CA GLU F 279 -49.32 -23.68 -14.01
C GLU F 279 -48.24 -24.67 -14.41
N LYS F 280 -47.84 -25.59 -13.52
CA LYS F 280 -46.77 -26.52 -13.83
C LYS F 280 -47.32 -27.48 -14.87
N HIS F 281 -48.56 -27.88 -14.67
CA HIS F 281 -49.20 -28.74 -15.63
C HIS F 281 -49.34 -28.07 -16.98
N GLN F 282 -49.59 -26.77 -17.00
CA GLN F 282 -49.88 -26.19 -18.29
C GLN F 282 -48.64 -26.11 -19.12
N ARG F 283 -47.51 -26.04 -18.44
CA ARG F 283 -46.22 -25.91 -19.04
C ARG F 283 -45.90 -27.19 -19.81
N HIS F 284 -46.65 -28.24 -19.57
CA HIS F 284 -46.39 -29.55 -20.11
C HIS F 284 -47.53 -29.94 -21.03
N ILE F 285 -48.41 -29.02 -21.43
CA ILE F 285 -49.38 -29.40 -22.43
C ILE F 285 -49.40 -28.47 -23.63
N GLN F 286 -48.31 -27.78 -23.89
CA GLN F 286 -48.33 -26.89 -25.01
C GLN F 286 -47.12 -27.03 -25.92
N CYS F 287 -46.00 -27.64 -25.50
CA CYS F 287 -44.86 -27.72 -26.38
C CYS F 287 -44.53 -29.15 -26.74
N SER F 288 -43.92 -29.30 -27.90
CA SER F 288 -43.43 -30.58 -28.39
C SER F 288 -42.41 -31.13 -27.40
N GLY F 289 -42.45 -32.44 -27.23
CA GLY F 289 -41.55 -33.07 -26.26
C GLY F 289 -41.50 -32.28 -24.96
N LYS F 290 -42.70 -32.18 -24.43
CA LYS F 290 -43.05 -32.28 -23.04
C LYS F 290 -44.30 -33.13 -23.11
N ARG F 291 -44.72 -33.71 -22.01
CA ARG F 291 -46.00 -34.36 -22.09
C ARG F 291 -46.78 -34.06 -20.83
N PRO F 292 -48.10 -34.22 -20.89
CA PRO F 292 -48.92 -34.05 -19.72
C PRO F 292 -48.43 -35.00 -18.64
N PHE F 293 -48.57 -34.55 -17.40
CA PHE F 293 -48.50 -35.43 -16.25
C PHE F 293 -49.67 -36.39 -16.30
N GLY F 294 -49.38 -37.65 -16.06
CA GLY F 294 -50.44 -38.63 -16.13
C GLY F 294 -50.90 -38.94 -14.74
N VAL F 295 -51.04 -37.89 -13.93
CA VAL F 295 -51.34 -38.13 -12.53
C VAL F 295 -52.33 -37.10 -12.04
N GLY F 296 -53.24 -37.56 -11.21
CA GLY F 296 -54.24 -36.71 -10.58
C GLY F 296 -53.78 -36.49 -9.16
N LEU F 297 -54.01 -35.32 -8.58
CA LEU F 297 -53.65 -35.08 -7.19
C LEU F 297 -54.89 -34.74 -6.42
N LEU F 298 -55.00 -35.22 -5.21
CA LEU F 298 -55.77 -34.50 -4.23
C LEU F 298 -54.76 -33.82 -3.35
N LEU F 299 -54.98 -32.55 -3.20
CA LEU F 299 -54.12 -31.77 -2.39
C LEU F 299 -55.00 -31.30 -1.24
N ALA F 300 -54.60 -31.60 -0.02
CA ALA F 300 -55.33 -31.21 1.16
C ALA F 300 -54.43 -30.32 1.97
N GLY F 301 -54.94 -29.23 2.51
CA GLY F 301 -54.07 -28.40 3.30
C GLY F 301 -54.87 -27.43 4.14
N TYR F 302 -54.22 -26.76 5.05
CA TYR F 302 -54.90 -25.90 5.96
C TYR F 302 -54.14 -24.59 6.07
N ASP F 303 -54.81 -23.45 5.97
CA ASP F 303 -54.08 -22.21 6.13
C ASP F 303 -54.95 -21.20 6.87
N ARG F 304 -54.57 -19.92 6.82
CA ARG F 304 -55.39 -18.91 7.46
C ARG F 304 -56.84 -18.93 6.94
N GLN F 305 -57.08 -19.32 5.70
CA GLN F 305 -58.43 -19.29 5.17
C GLN F 305 -59.18 -20.57 5.51
N GLY F 306 -58.57 -21.47 6.25
CA GLY F 306 -59.24 -22.70 6.61
C GLY F 306 -58.75 -23.88 5.81
N PRO F 307 -59.51 -24.98 5.75
CA PRO F 307 -59.07 -26.15 5.03
C PRO F 307 -59.39 -26.06 3.55
N HIS F 308 -58.59 -26.77 2.78
CA HIS F 308 -58.79 -26.79 1.36
C HIS F 308 -58.59 -28.15 0.80
N LEU F 309 -59.26 -28.42 -0.29
CA LEU F 309 -59.07 -29.68 -0.93
C LEU F 309 -59.14 -29.48 -2.43
N TYR F 310 -58.04 -29.70 -3.10
CA TYR F 310 -58.06 -29.52 -4.52
C TYR F 310 -57.82 -30.82 -5.21
N GLN F 311 -58.55 -31.00 -6.28
CA GLN F 311 -58.21 -32.03 -7.20
C GLN F 311 -57.53 -31.38 -8.37
N THR F 312 -56.52 -32.02 -8.92
CA THR F 312 -55.89 -31.55 -10.12
C THR F 312 -55.86 -32.68 -11.13
N VAL F 313 -55.67 -32.29 -12.38
CA VAL F 313 -55.75 -33.22 -13.46
C VAL F 313 -54.70 -32.88 -14.51
N PRO F 314 -54.39 -33.85 -15.37
CA PRO F 314 -53.37 -33.62 -16.38
C PRO F 314 -53.55 -32.35 -17.20
N SER F 315 -54.81 -31.98 -17.45
CA SER F 315 -55.15 -30.86 -18.31
C SER F 315 -54.66 -29.55 -17.74
N GLY F 316 -54.35 -29.55 -16.45
CA GLY F 316 -53.88 -28.37 -15.73
C GLY F 316 -55.00 -27.72 -14.91
N ASP F 317 -56.19 -28.25 -15.01
CA ASP F 317 -57.28 -27.71 -14.25
C ASP F 317 -57.10 -28.06 -12.79
N VAL F 318 -57.62 -27.20 -11.95
CA VAL F 318 -57.56 -27.40 -10.53
C VAL F 318 -58.93 -27.07 -9.98
N TYR F 319 -59.53 -28.01 -9.33
CA TYR F 319 -60.87 -27.85 -8.82
C TYR F 319 -60.75 -27.66 -7.32
N ASP F 320 -61.55 -26.77 -6.75
CA ASP F 320 -61.59 -26.60 -5.30
C ASP F 320 -62.82 -27.37 -4.86
N TYR F 321 -62.65 -28.44 -4.12
CA TYR F 321 -63.77 -29.29 -3.82
C TYR F 321 -64.06 -29.25 -2.35
N LYS F 322 -65.28 -29.70 -2.02
CA LYS F 322 -65.72 -29.99 -0.67
C LYS F 322 -65.52 -31.49 -0.41
N ALA F 323 -65.73 -32.28 -1.44
CA ALA F 323 -65.36 -33.69 -1.39
C ALA F 323 -65.18 -34.18 -2.80
N THR F 324 -64.42 -35.25 -2.96
CA THR F 324 -64.15 -35.74 -4.29
C THR F 324 -63.48 -37.08 -4.17
N ALA F 325 -63.44 -37.78 -5.28
CA ALA F 325 -62.64 -38.96 -5.32
C ALA F 325 -62.09 -39.10 -6.72
N MET F 326 -61.09 -39.91 -6.90
CA MET F 326 -60.66 -40.13 -8.25
C MET F 326 -59.99 -41.47 -8.30
N GLY F 327 -59.70 -41.91 -9.51
CA GLY F 327 -59.16 -43.24 -9.69
C GLY F 327 -60.28 -44.19 -10.06
N VAL F 328 -59.97 -45.49 -9.99
CA VAL F 328 -60.80 -46.56 -10.54
C VAL F 328 -62.05 -46.66 -9.70
N ARG F 329 -63.18 -46.83 -10.37
CA ARG F 329 -64.44 -47.15 -9.70
C ARG F 329 -64.78 -46.02 -8.73
N SER F 330 -64.08 -44.91 -8.90
CA SER F 330 -64.28 -43.77 -8.02
C SER F 330 -65.56 -43.03 -8.39
N GLN F 331 -66.25 -43.42 -9.48
CA GLN F 331 -67.58 -42.88 -9.74
C GLN F 331 -68.51 -43.22 -8.56
N ALA F 332 -68.41 -44.44 -8.02
CA ALA F 332 -69.26 -44.87 -6.90
C ALA F 332 -68.93 -44.09 -5.63
N SER F 333 -67.62 -43.84 -5.41
CA SER F 333 -67.18 -42.99 -4.31
C SER F 333 -67.81 -41.61 -4.42
N ARG F 334 -67.99 -41.12 -5.65
CA ARG F 334 -68.58 -39.80 -5.89
C ARG F 334 -70.08 -39.90 -5.70
N THR F 335 -70.71 -41.04 -6.02
CA THR F 335 -72.13 -41.15 -5.75
C THR F 335 -72.36 -41.05 -4.24
N TYR F 336 -71.52 -41.77 -3.51
CA TYR F 336 -71.64 -41.77 -2.07
C TYR F 336 -71.46 -40.35 -1.53
N LEU F 337 -70.43 -39.68 -2.00
CA LEU F 337 -70.07 -38.42 -1.39
C LEU F 337 -71.18 -37.41 -1.67
N GLU F 338 -71.86 -37.54 -2.82
CA GLU F 338 -72.91 -36.60 -3.20
C GLU F 338 -74.10 -36.65 -2.25
N ARG F 339 -74.35 -37.79 -1.62
CA ARG F 339 -75.46 -37.89 -0.68
C ARG F 339 -75.09 -37.11 0.58
N HIS F 340 -73.86 -37.27 1.04
CA HIS F 340 -73.53 -36.92 2.41
C HIS F 340 -72.78 -35.60 2.51
N PHE F 341 -72.34 -35.02 1.38
CA PHE F 341 -71.28 -34.01 1.45
C PHE F 341 -71.78 -32.71 2.08
N GLU F 342 -73.08 -32.44 2.04
CA GLU F 342 -73.58 -31.16 2.53
C GLU F 342 -73.45 -31.09 4.05
N HIS F 343 -73.20 -32.22 4.72
CA HIS F 343 -73.15 -32.27 6.17
C HIS F 343 -71.72 -32.04 6.67
N PHE F 344 -70.74 -32.35 5.81
CA PHE F 344 -69.35 -32.38 6.19
C PHE F 344 -68.88 -31.11 6.91
N SER F 345 -69.46 -29.95 6.61
CA SER F 345 -69.05 -28.72 7.30
C SER F 345 -69.37 -28.79 8.81
N ASP F 346 -70.30 -29.65 9.25
CA ASP F 346 -70.66 -29.76 10.66
C ASP F 346 -70.02 -30.98 11.32
N CYS F 347 -69.70 -32.02 10.54
CA CYS F 347 -69.15 -33.27 11.08
C CYS F 347 -67.91 -33.00 11.92
N THR F 348 -67.60 -33.96 12.80
CA THR F 348 -66.38 -33.99 13.58
C THR F 348 -65.33 -34.71 12.75
N LEU F 349 -64.08 -34.66 13.21
CA LEU F 349 -63.00 -35.33 12.53
C LEU F 349 -63.26 -36.82 12.40
N ASP F 350 -63.91 -37.45 13.38
CA ASP F 350 -64.11 -38.90 13.34
C ASP F 350 -65.16 -39.26 12.29
N GLU F 351 -66.14 -38.38 12.05
CA GLU F 351 -67.20 -38.66 11.10
C GLU F 351 -66.76 -38.28 9.69
N LEU F 352 -65.88 -37.28 9.60
CA LEU F 352 -65.24 -36.99 8.32
C LEU F 352 -64.49 -38.23 7.90
N VAL F 353 -63.75 -38.82 8.83
CA VAL F 353 -62.93 -39.96 8.48
C VAL F 353 -63.81 -41.14 8.14
N THR F 354 -64.85 -41.34 8.94
CA THR F 354 -65.84 -42.36 8.63
C THR F 354 -66.36 -42.12 7.21
N HIS F 355 -66.78 -40.89 6.91
CA HIS F 355 -67.39 -40.62 5.62
C HIS F 355 -66.41 -40.89 4.48
N ALA F 356 -65.14 -40.53 4.66
CA ALA F 356 -64.12 -40.80 3.66
C ALA F 356 -64.02 -42.29 3.43
N LEU F 357 -63.78 -43.04 4.52
CA LEU F 357 -63.62 -44.50 4.43
C LEU F 357 -64.83 -45.13 3.78
N LYS F 358 -66.02 -44.65 4.10
CA LYS F 358 -67.22 -45.26 3.54
C LYS F 358 -67.18 -45.15 2.02
N ALA F 359 -66.98 -43.91 1.56
CA ALA F 359 -66.83 -43.54 0.16
C ALA F 359 -65.70 -44.31 -0.52
N LEU F 360 -64.52 -44.35 0.13
CA LEU F 360 -63.41 -45.12 -0.41
C LEU F 360 -63.76 -46.56 -0.60
N ALA F 361 -64.71 -47.10 0.19
CA ALA F 361 -65.04 -48.51 0.16
C ALA F 361 -66.07 -48.78 -0.93
N SER F 362 -66.83 -47.77 -1.33
CA SER F 362 -67.80 -47.99 -2.38
C SER F 362 -67.06 -48.24 -3.69
N ALA F 363 -65.72 -48.10 -3.62
CA ALA F 363 -64.80 -48.20 -4.75
C ALA F 363 -63.94 -49.45 -4.71
N THR F 364 -64.26 -50.39 -3.83
CA THR F 364 -63.49 -51.60 -3.74
C THR F 364 -64.14 -52.65 -4.65
N SER F 365 -63.32 -53.60 -5.12
CA SER F 365 -63.76 -54.59 -6.10
C SER F 365 -64.50 -55.75 -5.42
N GLU F 366 -65.83 -55.77 -5.57
CA GLU F 366 -66.67 -56.91 -5.19
C GLU F 366 -66.61 -57.11 -3.67
N GLY F 367 -65.81 -58.09 -3.23
CA GLY F 367 -65.85 -58.57 -1.86
C GLY F 367 -64.57 -58.27 -1.08
N ILE F 368 -63.73 -57.37 -1.60
CA ILE F 368 -62.62 -56.82 -0.82
C ILE F 368 -63.21 -55.75 0.10
N GLU F 369 -62.61 -55.60 1.29
CA GLU F 369 -63.05 -54.60 2.25
C GLU F 369 -61.84 -53.81 2.75
N LEU F 370 -62.10 -52.68 3.41
CA LEU F 370 -61.03 -51.81 3.85
C LEU F 370 -60.42 -52.34 5.14
N ASN F 371 -59.09 -52.23 5.24
CA ASN F 371 -58.33 -52.67 6.40
C ASN F 371 -57.01 -51.91 6.40
N VAL F 372 -56.22 -52.10 7.45
CA VAL F 372 -55.10 -51.23 7.68
C VAL F 372 -53.99 -51.44 6.65
N LYS F 373 -54.11 -52.44 5.78
CA LYS F 373 -52.97 -52.74 4.92
C LYS F 373 -53.35 -52.59 3.46
N ASN F 374 -54.55 -52.07 3.20
CA ASN F 374 -54.88 -51.65 1.86
C ASN F 374 -55.48 -50.24 1.90
N THR F 375 -55.17 -49.46 2.94
CA THR F 375 -55.78 -48.15 3.10
C THR F 375 -54.87 -47.24 3.91
N THR F 376 -54.64 -46.07 3.34
CA THR F 376 -53.96 -45.00 4.00
C THR F 376 -55.01 -43.93 4.31
N ILE F 377 -54.78 -43.19 5.38
CA ILE F 377 -55.59 -42.05 5.73
C ILE F 377 -54.66 -40.93 6.09
N ALA F 378 -54.88 -39.73 5.55
CA ALA F 378 -54.11 -38.59 6.01
C ALA F 378 -55.11 -37.58 6.48
N ILE F 379 -54.73 -36.79 7.47
CA ILE F 379 -55.63 -35.72 7.82
C ILE F 379 -54.78 -34.49 7.94
N VAL F 380 -55.40 -33.36 7.82
CA VAL F 380 -54.68 -32.13 8.09
C VAL F 380 -55.76 -31.15 8.50
N GLY F 381 -55.39 -30.13 9.26
CA GLY F 381 -56.40 -29.21 9.72
C GLY F 381 -55.85 -28.33 10.84
N LYS F 382 -56.78 -27.72 11.60
CA LYS F 382 -56.47 -26.74 12.63
C LYS F 382 -55.67 -27.42 13.73
N ASP F 383 -54.46 -26.91 13.94
CA ASP F 383 -53.59 -27.38 15.00
C ASP F 383 -53.28 -28.86 14.76
N THR F 384 -53.34 -29.29 13.51
CA THR F 384 -53.08 -30.66 13.14
C THR F 384 -52.26 -30.67 11.86
N PRO F 385 -50.92 -30.63 11.93
CA PRO F 385 -50.05 -30.78 10.76
C PRO F 385 -50.47 -31.99 9.97
N PHE F 386 -50.09 -32.04 8.70
CA PHE F 386 -50.55 -33.09 7.82
C PHE F 386 -49.83 -34.35 8.19
N THR F 387 -50.60 -35.39 8.35
CA THR F 387 -50.20 -36.52 9.12
C THR F 387 -50.72 -37.72 8.36
N ILE F 388 -49.82 -38.56 7.84
CA ILE F 388 -50.26 -39.84 7.32
C ILE F 388 -50.42 -40.77 8.49
N PHE F 389 -51.49 -41.57 8.47
CA PHE F 389 -51.75 -42.44 9.59
C PHE F 389 -51.12 -43.80 9.34
N GLU F 390 -50.39 -44.21 10.41
CA GLU F 390 -49.72 -45.50 10.53
C GLU F 390 -50.66 -46.49 11.23
N GLU F 391 -50.15 -47.70 11.52
CA GLU F 391 -50.98 -48.86 11.79
C GLU F 391 -51.65 -48.79 13.16
N GLU F 392 -51.12 -47.96 14.07
CA GLU F 392 -51.72 -47.79 15.40
C GLU F 392 -52.97 -46.93 15.31
N SER F 393 -52.82 -45.71 14.75
CA SER F 393 -53.89 -44.72 14.74
C SER F 393 -54.95 -45.08 13.69
N ALA F 394 -54.54 -45.77 12.61
CA ALA F 394 -55.43 -46.13 11.51
C ALA F 394 -56.48 -47.15 11.97
N ARG F 395 -56.04 -48.10 12.81
CA ARG F 395 -56.84 -49.23 13.26
C ARG F 395 -58.10 -48.72 13.95
N LYS F 396 -57.91 -47.69 14.80
CA LYS F 396 -58.96 -46.97 15.51
C LYS F 396 -60.12 -46.60 14.59
N TYR F 397 -59.82 -46.16 13.36
CA TYR F 397 -60.80 -45.57 12.46
C TYR F 397 -61.42 -46.59 11.51
N LEU F 398 -60.74 -47.74 11.33
CA LEU F 398 -61.05 -48.70 10.29
C LEU F 398 -61.98 -49.83 10.78
N ASP F 399 -62.53 -49.68 12.00
CA ASP F 399 -63.35 -50.71 12.64
C ASP F 399 -64.67 -50.08 13.09
N GLY G 7 -52.28 -33.67 -44.14
CA GLY G 7 -51.05 -33.22 -43.44
C GLY G 7 -50.91 -31.69 -43.38
N HIS G 8 -51.90 -30.98 -43.94
CA HIS G 8 -51.94 -29.53 -43.97
C HIS G 8 -52.33 -28.92 -42.61
N ASP G 9 -52.69 -29.73 -41.59
CA ASP G 9 -53.45 -29.23 -40.46
C ASP G 9 -52.95 -29.73 -39.12
N GLN G 10 -51.72 -30.18 -39.10
CA GLN G 10 -51.21 -30.84 -37.93
C GLN G 10 -50.37 -29.89 -37.10
N SER G 11 -49.87 -28.83 -37.75
CA SER G 11 -49.04 -27.90 -37.05
C SER G 11 -49.45 -26.50 -37.42
N THR G 12 -49.33 -25.63 -36.43
CA THR G 12 -49.71 -24.26 -36.68
C THR G 12 -48.67 -23.57 -37.54
N ASP G 13 -47.49 -24.17 -37.74
CA ASP G 13 -46.48 -23.57 -38.60
C ASP G 13 -46.80 -23.66 -40.07
N VAL G 14 -47.99 -24.03 -40.43
CA VAL G 14 -48.22 -24.37 -41.81
C VAL G 14 -49.45 -23.68 -42.33
N PHE G 15 -49.35 -23.12 -43.51
CA PHE G 15 -50.53 -22.65 -44.18
C PHE G 15 -51.13 -23.75 -45.01
N SER G 16 -52.45 -23.72 -45.07
CA SER G 16 -53.16 -24.51 -46.05
C SER G 16 -53.01 -23.82 -47.38
N ALA G 17 -53.48 -24.47 -48.44
CA ALA G 17 -53.45 -23.82 -49.75
C ALA G 17 -54.33 -22.59 -49.83
N GLU G 18 -55.22 -22.31 -48.89
CA GLU G 18 -55.97 -21.06 -48.99
C GLU G 18 -55.46 -20.02 -48.01
N GLY G 19 -54.28 -20.25 -47.44
CA GLY G 19 -53.67 -19.28 -46.52
C GLY G 19 -54.36 -19.27 -45.17
N ARG G 20 -55.04 -20.37 -44.85
CA ARG G 20 -55.59 -20.55 -43.53
C ARG G 20 -54.55 -21.25 -42.70
N VAL G 21 -54.66 -21.11 -41.42
CA VAL G 21 -53.89 -21.92 -40.52
C VAL G 21 -54.86 -22.75 -39.71
N PHE G 22 -54.96 -24.01 -40.04
CA PHE G 22 -55.99 -24.82 -39.46
C PHE G 22 -55.82 -25.01 -37.98
N GLN G 23 -54.62 -25.27 -37.50
CA GLN G 23 -54.50 -25.49 -36.07
C GLN G 23 -55.01 -24.30 -35.29
N VAL G 24 -55.10 -23.14 -35.90
CA VAL G 24 -55.68 -22.02 -35.19
C VAL G 24 -57.18 -22.08 -35.27
N GLU G 25 -57.72 -22.51 -36.40
CA GLU G 25 -59.16 -22.61 -36.47
C GLU G 25 -59.64 -23.64 -35.48
N TYR G 26 -58.90 -24.73 -35.39
CA TYR G 26 -59.23 -25.79 -34.46
C TYR G 26 -59.18 -25.29 -33.02
N ALA G 27 -58.15 -24.56 -32.64
CA ALA G 27 -58.13 -24.04 -31.28
C ALA G 27 -59.34 -23.14 -31.07
N GLY G 28 -59.60 -22.28 -32.02
CA GLY G 28 -60.85 -21.55 -32.07
C GLY G 28 -62.05 -22.38 -31.69
N LYS G 29 -62.19 -23.60 -32.22
CA LYS G 29 -63.39 -24.40 -31.92
C LYS G 29 -63.39 -24.73 -30.43
N ALA G 30 -62.24 -24.88 -29.82
CA ALA G 30 -62.21 -25.10 -28.39
C ALA G 30 -62.91 -23.98 -27.62
N VAL G 31 -62.72 -22.76 -28.08
CA VAL G 31 -63.32 -21.61 -27.47
C VAL G 31 -64.79 -21.59 -27.74
N ASP G 32 -65.22 -21.97 -28.91
CA ASP G 32 -66.64 -21.90 -29.21
C ASP G 32 -67.43 -23.02 -28.52
N ASN G 33 -66.80 -24.09 -28.03
CA ASN G 33 -67.53 -25.21 -27.46
C ASN G 33 -67.52 -25.06 -25.94
N SER G 34 -66.95 -23.93 -25.53
CA SER G 34 -66.79 -23.59 -24.14
C SER G 34 -67.99 -22.77 -23.65
N SER G 35 -68.08 -22.67 -22.34
CA SER G 35 -69.01 -21.82 -21.63
C SER G 35 -68.90 -20.37 -22.10
N THR G 36 -70.04 -19.68 -22.03
CA THR G 36 -70.26 -18.38 -22.60
C THR G 36 -69.82 -17.25 -21.66
N ALA G 37 -69.30 -16.19 -22.23
CA ALA G 37 -68.93 -15.00 -21.48
C ALA G 37 -69.53 -13.80 -22.17
N VAL G 38 -69.81 -12.77 -21.43
CA VAL G 38 -70.16 -11.53 -22.09
C VAL G 38 -69.53 -10.36 -21.37
N ALA G 39 -69.52 -9.25 -22.06
CA ALA G 39 -68.89 -8.14 -21.45
C ALA G 39 -69.39 -6.91 -22.13
N ALA G 40 -69.37 -5.84 -21.38
CA ALA G 40 -69.90 -4.59 -21.81
C ALA G 40 -69.02 -3.53 -21.22
N CYS G 41 -68.75 -2.57 -22.07
CA CYS G 41 -67.91 -1.44 -21.80
C CYS G 41 -68.78 -0.21 -21.81
N CYS G 42 -68.97 0.36 -20.63
CA CYS G 42 -69.89 1.45 -20.42
C CYS G 42 -69.07 2.72 -20.42
N LYS G 43 -69.62 3.84 -19.93
CA LYS G 43 -68.82 5.07 -19.85
C LYS G 43 -68.18 5.10 -18.46
N ASP G 44 -68.74 4.36 -17.51
CA ASP G 44 -68.21 4.37 -16.14
C ASP G 44 -67.35 3.14 -15.85
N GLY G 45 -67.17 2.21 -16.80
CA GLY G 45 -66.40 1.02 -16.49
C GLY G 45 -66.74 -0.18 -17.37
N VAL G 46 -66.15 -1.31 -17.05
CA VAL G 46 -66.32 -2.53 -17.81
C VAL G 46 -66.87 -3.59 -16.91
N VAL G 47 -67.80 -4.33 -17.43
CA VAL G 47 -68.33 -5.42 -16.68
C VAL G 47 -68.10 -6.67 -17.49
N VAL G 48 -67.65 -7.73 -16.86
CA VAL G 48 -67.53 -8.94 -17.61
C VAL G 48 -68.13 -10.02 -16.78
N ALA G 49 -68.88 -10.91 -17.41
CA ALA G 49 -69.57 -11.99 -16.73
C ALA G 49 -69.30 -13.27 -17.49
N VAL G 50 -69.34 -14.39 -16.78
CA VAL G 50 -69.09 -15.62 -17.47
C VAL G 50 -69.76 -16.74 -16.74
N GLU G 51 -70.28 -17.69 -17.50
CA GLU G 51 -71.04 -18.82 -17.01
C GLU G 51 -70.02 -19.90 -16.74
N LYS G 52 -69.87 -20.30 -15.48
CA LYS G 52 -69.03 -21.44 -15.15
C LYS G 52 -69.91 -22.66 -15.13
N VAL G 53 -69.47 -23.68 -15.87
CA VAL G 53 -70.18 -24.92 -15.90
C VAL G 53 -69.36 -25.92 -15.13
N HIS G 54 -69.95 -26.39 -14.03
CA HIS G 54 -69.37 -27.40 -13.16
C HIS G 54 -69.72 -28.76 -13.72
N THR G 55 -68.94 -29.77 -13.36
CA THR G 55 -69.34 -31.12 -13.71
C THR G 55 -69.83 -31.83 -12.45
N SER G 56 -69.45 -31.31 -11.28
CA SER G 56 -69.74 -31.91 -9.99
C SER G 56 -70.61 -30.98 -9.14
N ARG G 57 -71.44 -31.57 -8.28
CA ARG G 57 -72.32 -30.83 -7.40
C ARG G 57 -71.58 -30.38 -6.15
N MET G 58 -70.30 -30.75 -6.07
CA MET G 58 -69.55 -30.74 -4.83
C MET G 58 -68.36 -29.80 -4.91
N LEU G 59 -68.36 -28.94 -5.91
CA LEU G 59 -67.34 -27.90 -5.96
C LEU G 59 -67.62 -26.85 -4.91
N GLU G 60 -66.55 -26.21 -4.49
CA GLU G 60 -66.58 -25.00 -3.72
C GLU G 60 -66.97 -23.84 -4.62
N LYS G 61 -67.74 -22.88 -4.09
CA LYS G 61 -68.04 -21.66 -4.83
C LYS G 61 -66.77 -20.81 -4.82
N GLY G 62 -66.32 -20.43 -6.03
CA GLY G 62 -64.96 -19.95 -6.24
C GLY G 62 -64.15 -20.85 -7.15
N SER G 63 -64.56 -22.10 -7.31
CA SER G 63 -63.74 -23.05 -8.06
C SER G 63 -63.72 -22.69 -9.53
N ASN G 64 -62.53 -22.81 -10.13
CA ASN G 64 -62.35 -22.61 -11.55
C ASN G 64 -62.81 -21.21 -11.92
N ASN G 65 -62.42 -20.22 -11.12
CA ASN G 65 -62.64 -18.85 -11.53
C ASN G 65 -62.07 -18.66 -12.92
N ARG G 66 -62.88 -18.06 -13.79
CA ARG G 66 -62.41 -17.76 -15.10
C ARG G 66 -62.04 -16.29 -15.21
N ILE G 67 -62.19 -15.56 -14.13
CA ILE G 67 -61.91 -14.17 -14.18
C ILE G 67 -60.79 -13.82 -13.25
N HIS G 68 -59.75 -13.23 -13.80
CA HIS G 68 -58.57 -13.01 -13.02
C HIS G 68 -58.20 -11.58 -13.03
N ALA G 69 -57.78 -11.04 -11.92
CA ALA G 69 -57.19 -9.73 -12.06
C ALA G 69 -55.78 -9.83 -12.60
N VAL G 70 -55.44 -8.87 -13.39
CA VAL G 70 -54.14 -8.82 -13.98
C VAL G 70 -53.34 -7.65 -13.44
N ASP G 71 -54.03 -6.62 -12.97
CA ASP G 71 -53.40 -5.48 -12.35
C ASP G 71 -54.49 -4.83 -11.53
N ARG G 72 -54.20 -3.74 -10.86
CA ARG G 72 -55.25 -3.07 -10.11
C ARG G 72 -56.39 -2.73 -11.05
N GLN G 73 -56.09 -2.27 -12.24
CA GLN G 73 -57.12 -1.66 -13.04
C GLN G 73 -57.59 -2.53 -14.18
N ALA G 74 -57.17 -3.79 -14.22
CA ALA G 74 -57.41 -4.59 -15.40
C ALA G 74 -57.64 -6.04 -15.01
N GLY G 75 -58.45 -6.70 -15.81
CA GLY G 75 -58.68 -8.08 -15.53
C GLY G 75 -58.82 -8.90 -16.80
N ILE G 76 -58.69 -10.20 -16.69
CA ILE G 76 -58.92 -11.01 -17.86
C ILE G 76 -59.90 -12.09 -17.54
N CYS G 77 -61.01 -12.11 -18.25
CA CYS G 77 -61.92 -13.23 -18.25
C CYS G 77 -61.60 -14.22 -19.36
N ILE G 78 -61.34 -15.45 -19.01
CA ILE G 78 -60.99 -16.43 -19.98
C ILE G 78 -62.19 -17.21 -20.43
N CYS G 79 -62.13 -17.49 -21.70
CA CYS G 79 -63.12 -18.28 -22.36
C CYS G 79 -62.41 -19.39 -23.12
N GLY G 80 -62.76 -20.66 -22.87
CA GLY G 80 -62.07 -21.79 -23.48
C GLY G 80 -61.31 -22.58 -22.43
N LEU G 81 -60.21 -23.18 -22.79
CA LEU G 81 -59.47 -23.98 -21.83
C LEU G 81 -58.88 -23.16 -20.71
N LEU G 82 -59.43 -23.39 -19.53
CA LEU G 82 -59.03 -22.57 -18.45
C LEU G 82 -57.53 -22.63 -18.19
N PRO G 83 -56.89 -23.78 -18.19
CA PRO G 83 -55.44 -23.80 -17.95
C PRO G 83 -54.59 -22.96 -18.91
N ASP G 84 -54.92 -23.04 -20.21
CA ASP G 84 -54.30 -22.20 -21.21
C ASP G 84 -54.52 -20.73 -20.88
N GLY G 85 -55.69 -20.41 -20.41
CA GLY G 85 -55.92 -19.04 -20.03
C GLY G 85 -55.10 -18.63 -18.83
N ARG G 86 -54.92 -19.51 -17.88
CA ARG G 86 -54.14 -19.07 -16.76
C ARG G 86 -52.73 -18.83 -17.25
N ALA G 87 -52.36 -19.38 -18.39
CA ALA G 87 -51.04 -19.07 -18.87
C ALA G 87 -50.97 -17.66 -19.43
N ILE G 88 -52.04 -17.25 -20.06
CA ILE G 88 -52.15 -15.93 -20.59
C ILE G 88 -52.25 -14.90 -19.50
N VAL G 89 -53.13 -15.15 -18.55
CA VAL G 89 -53.20 -14.37 -17.36
C VAL G 89 -51.83 -14.24 -16.74
N SER G 90 -51.06 -15.30 -16.65
CA SER G 90 -49.73 -15.04 -16.13
C SER G 90 -48.94 -14.14 -17.03
N ARG G 91 -49.01 -14.29 -18.31
CA ARG G 91 -48.25 -13.38 -19.11
C ARG G 91 -48.82 -11.97 -19.01
N ALA G 92 -50.14 -11.81 -18.86
CA ALA G 92 -50.64 -10.45 -18.81
C ALA G 92 -50.12 -9.75 -17.57
N ARG G 93 -49.96 -10.51 -16.53
CA ARG G 93 -49.57 -10.00 -15.26
C ARG G 93 -48.15 -9.62 -15.30
N GLN G 94 -47.38 -10.32 -16.10
CA GLN G 94 -45.98 -9.97 -16.19
C GLN G 94 -45.90 -8.68 -17.00
N GLU G 95 -46.79 -8.46 -17.92
CA GLU G 95 -46.70 -7.23 -18.68
C GLU G 95 -47.14 -6.07 -17.82
N ALA G 96 -48.13 -6.31 -16.99
CA ALA G 96 -48.61 -5.26 -16.16
C ALA G 96 -47.55 -4.92 -15.15
N GLU G 97 -46.92 -5.91 -14.57
CA GLU G 97 -45.85 -5.64 -13.65
C GLU G 97 -44.76 -4.88 -14.37
N ASN G 98 -44.40 -5.28 -15.58
CA ASN G 98 -43.32 -4.61 -16.27
C ASN G 98 -43.68 -3.16 -16.42
N SER G 99 -44.91 -2.88 -16.80
CA SER G 99 -45.25 -1.49 -17.04
C SER G 99 -45.04 -0.74 -15.74
N ARG G 100 -45.39 -1.31 -14.59
CA ARG G 100 -45.22 -0.58 -13.36
C ARG G 100 -43.78 -0.50 -12.89
N ASP G 101 -43.00 -1.51 -13.22
CA ASP G 101 -41.67 -1.62 -12.68
C ASP G 101 -40.72 -0.78 -13.51
N ILE G 102 -40.85 -0.87 -14.82
CA ILE G 102 -39.98 -0.13 -15.71
C ILE G 102 -40.54 1.25 -16.03
N PHE G 103 -41.83 1.39 -16.24
CA PHE G 103 -42.34 2.60 -16.84
C PHE G 103 -43.11 3.40 -15.82
N ALA G 104 -43.27 2.78 -14.66
CA ALA G 104 -43.81 3.50 -13.50
C ALA G 104 -45.17 4.08 -13.81
N THR G 105 -45.95 3.30 -14.53
CA THR G 105 -47.27 3.71 -14.96
C THR G 105 -48.04 2.41 -15.01
N PRO G 106 -49.35 2.45 -14.71
CA PRO G 106 -50.21 1.33 -15.06
C PRO G 106 -50.30 1.16 -16.54
N ILE G 107 -50.32 -0.08 -16.97
CA ILE G 107 -50.36 -0.41 -18.37
C ILE G 107 -51.68 0.06 -18.89
N ARG G 108 -51.64 0.81 -19.99
CA ARG G 108 -52.86 1.16 -20.67
C ARG G 108 -53.52 -0.11 -21.17
N GLY G 109 -54.83 -0.11 -21.31
CA GLY G 109 -55.53 -1.32 -21.69
C GLY G 109 -55.26 -1.73 -23.14
N SER G 110 -55.34 -0.80 -24.09
CA SER G 110 -54.93 -1.15 -25.44
C SER G 110 -53.54 -1.75 -25.42
N VAL G 111 -52.64 -1.23 -24.61
CA VAL G 111 -51.33 -1.84 -24.63
C VAL G 111 -51.41 -3.24 -24.09
N LEU G 112 -52.13 -3.43 -23.02
CA LEU G 112 -52.18 -4.74 -22.41
C LEU G 112 -52.75 -5.76 -23.36
N ALA G 113 -53.78 -5.38 -24.08
CA ALA G 113 -54.39 -6.31 -25.00
C ALA G 113 -53.50 -6.57 -26.19
N ASN G 114 -52.76 -5.61 -26.60
CA ASN G 114 -51.81 -5.87 -27.66
C ASN G 114 -50.78 -6.87 -27.21
N ARG G 115 -50.29 -6.71 -26.00
CA ARG G 115 -49.26 -7.59 -25.49
C ARG G 115 -49.83 -8.98 -25.39
N VAL G 116 -51.05 -9.07 -24.94
CA VAL G 116 -51.68 -10.37 -24.82
C VAL G 116 -51.79 -11.01 -26.18
N GLY G 117 -52.21 -10.24 -27.19
CA GLY G 117 -52.33 -10.71 -28.54
C GLY G 117 -51.04 -11.19 -29.17
N GLU G 118 -49.97 -10.47 -28.92
CA GLU G 118 -48.67 -10.79 -29.45
C GLU G 118 -48.24 -12.12 -28.90
N PHE G 119 -48.49 -12.31 -27.62
CA PHE G 119 -48.16 -13.51 -26.92
C PHE G 119 -48.97 -14.68 -27.44
N MET G 120 -50.26 -14.52 -27.54
CA MET G 120 -51.03 -15.56 -28.17
C MET G 120 -50.60 -15.80 -29.59
N HIS G 121 -50.31 -14.77 -30.35
CA HIS G 121 -50.00 -15.04 -31.75
C HIS G 121 -48.71 -15.82 -31.86
N ALA G 122 -47.77 -15.55 -30.99
CA ALA G 122 -46.48 -16.18 -31.11
C ALA G 122 -46.62 -17.67 -31.19
N TYR G 123 -47.58 -18.23 -30.47
CA TYR G 123 -47.81 -19.66 -30.43
C TYR G 123 -48.59 -20.10 -31.63
N THR G 124 -48.74 -19.29 -32.65
CA THR G 124 -49.29 -19.75 -33.91
C THR G 124 -48.29 -19.72 -35.01
N THR G 125 -47.02 -19.65 -34.68
CA THR G 125 -46.06 -19.49 -35.74
C THR G 125 -45.02 -20.59 -35.82
N HIS G 126 -44.94 -21.48 -34.86
CA HIS G 126 -43.76 -22.26 -34.67
C HIS G 126 -44.17 -23.70 -34.49
N PHE G 127 -43.50 -24.64 -35.11
CA PHE G 127 -44.03 -26.00 -35.19
C PHE G 127 -44.08 -26.64 -33.80
N ALA G 128 -43.31 -26.11 -32.89
CA ALA G 128 -43.14 -26.72 -31.60
C ALA G 128 -44.20 -26.36 -30.58
N TYR G 129 -45.01 -25.33 -30.81
CA TYR G 129 -46.02 -25.04 -29.81
C TYR G 129 -47.33 -25.11 -30.49
N ARG G 130 -48.40 -25.22 -29.74
CA ARG G 130 -49.69 -25.11 -30.35
C ARG G 130 -50.32 -23.79 -29.98
N PRO G 131 -51.29 -23.31 -30.73
CA PRO G 131 -52.10 -22.21 -30.30
C PRO G 131 -52.82 -22.45 -28.99
N PHE G 132 -53.14 -21.38 -28.29
CA PHE G 132 -53.93 -21.43 -27.09
C PHE G 132 -55.36 -21.67 -27.46
N GLY G 133 -56.01 -22.46 -26.61
CA GLY G 133 -57.41 -22.79 -26.78
C GLY G 133 -58.32 -21.90 -25.94
N CYS G 134 -58.05 -20.63 -25.93
CA CYS G 134 -58.84 -19.75 -25.11
C CYS G 134 -58.83 -18.35 -25.71
N SER G 135 -59.96 -17.66 -25.59
CA SER G 135 -59.99 -16.25 -25.88
C SER G 135 -59.92 -15.53 -24.55
N ALA G 136 -59.08 -14.53 -24.49
CA ALA G 136 -59.05 -13.69 -23.32
C ALA G 136 -59.92 -12.47 -23.56
N ILE G 137 -60.83 -12.16 -22.67
CA ILE G 137 -61.40 -10.82 -22.62
C ILE G 137 -60.66 -9.98 -21.60
N ILE G 138 -60.14 -8.84 -22.03
CA ILE G 138 -59.37 -7.91 -21.20
C ILE G 138 -60.25 -6.72 -20.93
N ALA G 139 -60.31 -6.32 -19.69
CA ALA G 139 -61.15 -5.24 -19.24
C ALA G 139 -60.22 -4.36 -18.46
N SER G 140 -60.12 -3.11 -18.82
CA SER G 140 -59.12 -2.25 -18.21
C SER G 140 -59.88 -1.00 -17.88
N TYR G 141 -59.33 -0.19 -17.03
CA TYR G 141 -59.80 1.14 -16.84
C TYR G 141 -58.61 1.84 -16.29
N ALA G 142 -57.68 2.09 -17.17
CA ALA G 142 -56.52 2.85 -16.85
C ALA G 142 -56.70 4.23 -17.48
N ASP G 143 -55.59 4.89 -17.82
CA ASP G 143 -55.62 6.27 -18.25
C ASP G 143 -56.24 6.38 -19.64
N ASP G 144 -56.27 5.28 -20.40
CA ASP G 144 -56.96 5.27 -21.69
C ASP G 144 -58.47 5.17 -21.56
N GLY G 145 -58.99 4.98 -20.34
CA GLY G 145 -60.42 5.04 -20.07
C GLY G 145 -60.96 3.63 -19.89
N PRO G 146 -62.26 3.37 -19.84
CA PRO G 146 -62.80 2.02 -19.92
C PRO G 146 -62.52 1.34 -21.22
N GLN G 147 -62.03 0.12 -21.17
CA GLN G 147 -61.69 -0.54 -22.42
C GLN G 147 -61.95 -2.02 -22.32
N LEU G 148 -62.42 -2.58 -23.39
CA LEU G 148 -62.74 -3.98 -23.42
C LEU G 148 -62.16 -4.53 -24.70
N PHE G 149 -61.18 -5.40 -24.60
CA PHE G 149 -60.68 -6.07 -25.78
C PHE G 149 -60.90 -7.53 -25.72
N VAL G 150 -60.84 -8.17 -26.86
CA VAL G 150 -60.75 -9.62 -26.88
C VAL G 150 -59.60 -10.05 -27.75
N SER G 151 -58.74 -10.90 -27.21
CA SER G 151 -57.70 -11.60 -27.95
C SER G 151 -58.10 -13.04 -28.16
N ASP G 152 -58.19 -13.49 -29.41
CA ASP G 152 -58.61 -14.86 -29.70
C ASP G 152 -57.37 -15.71 -29.88
N PRO G 153 -57.49 -17.03 -30.11
CA PRO G 153 -56.32 -17.87 -30.28
C PRO G 153 -55.38 -17.56 -31.43
N SER G 154 -55.86 -16.89 -32.45
CA SER G 154 -54.98 -16.45 -33.48
C SER G 154 -54.10 -15.30 -33.02
N GLY G 155 -54.50 -14.63 -31.94
CA GLY G 155 -53.80 -13.47 -31.43
C GLY G 155 -54.41 -12.17 -31.95
N THR G 156 -55.51 -12.30 -32.69
CA THR G 156 -56.17 -11.12 -33.21
C THR G 156 -56.87 -10.42 -32.06
N VAL G 157 -56.79 -9.11 -32.01
CA VAL G 157 -57.25 -8.40 -30.83
C VAL G 157 -58.24 -7.38 -31.30
N ALA G 158 -59.34 -7.20 -30.62
CA ALA G 158 -60.27 -6.18 -31.11
C ALA G 158 -60.92 -5.49 -29.93
N GLY G 159 -61.23 -4.22 -30.05
CA GLY G 159 -61.91 -3.53 -28.95
C GLY G 159 -63.40 -3.69 -29.13
N TYR G 160 -64.16 -3.77 -28.07
CA TYR G 160 -65.56 -3.89 -28.24
C TYR G 160 -66.27 -2.99 -27.26
N TYR G 161 -67.50 -2.62 -27.61
CA TYR G 161 -68.43 -2.11 -26.63
C TYR G 161 -69.06 -3.27 -25.88
N GLY G 162 -69.45 -4.31 -26.59
CA GLY G 162 -69.94 -5.48 -25.93
C GLY G 162 -69.51 -6.69 -26.71
N VAL G 163 -69.51 -7.81 -26.03
CA VAL G 163 -68.84 -8.95 -26.59
C VAL G 163 -69.39 -10.17 -25.95
N ALA G 164 -69.42 -11.22 -26.72
CA ALA G 164 -69.92 -12.51 -26.28
C ALA G 164 -69.06 -13.63 -26.87
N LEU G 165 -68.65 -14.57 -26.05
CA LEU G 165 -67.87 -15.69 -26.53
C LEU G 165 -68.46 -16.99 -26.04
N GLY G 166 -68.02 -18.08 -26.66
CA GLY G 166 -68.43 -19.40 -26.23
C GLY G 166 -69.65 -19.91 -26.97
N LYS G 167 -70.35 -20.86 -26.34
CA LYS G 167 -71.28 -21.69 -27.07
C LYS G 167 -72.56 -20.94 -27.40
N ALA G 168 -72.97 -20.04 -26.51
CA ALA G 168 -74.18 -19.29 -26.77
C ALA G 168 -73.82 -17.95 -27.39
N LYS G 169 -72.74 -17.86 -28.13
CA LYS G 169 -72.25 -16.54 -28.44
C LYS G 169 -73.21 -15.86 -29.39
N THR G 170 -73.76 -16.62 -30.35
CA THR G 170 -74.62 -16.03 -31.37
C THR G 170 -75.89 -15.47 -30.74
N VAL G 171 -76.51 -16.20 -29.82
CA VAL G 171 -77.66 -15.66 -29.12
C VAL G 171 -77.27 -14.47 -28.25
N ALA G 172 -76.31 -14.66 -27.35
CA ALA G 172 -75.89 -13.63 -26.42
C ALA G 172 -75.57 -12.33 -27.13
N LYS G 173 -75.04 -12.39 -28.33
CA LYS G 173 -74.81 -11.19 -29.11
C LYS G 173 -76.15 -10.54 -29.50
N SER G 174 -77.14 -11.32 -29.92
CA SER G 174 -78.46 -10.76 -30.21
C SER G 174 -79.03 -10.00 -29.02
N GLU G 175 -78.76 -10.47 -27.79
CA GLU G 175 -79.30 -9.86 -26.57
C GLU G 175 -78.50 -8.63 -26.16
N LEU G 176 -77.21 -8.66 -26.45
CA LEU G 176 -76.30 -7.56 -26.19
C LEU G 176 -76.53 -6.44 -27.18
N GLU G 177 -77.18 -6.72 -28.32
CA GLU G 177 -77.40 -5.67 -29.31
C GLU G 177 -78.56 -4.80 -28.85
N LYS G 178 -79.46 -5.38 -28.05
CA LYS G 178 -80.59 -4.65 -27.50
C LYS G 178 -80.17 -3.58 -26.48
N LEU G 179 -78.94 -3.65 -25.94
CA LEU G 179 -78.47 -2.66 -24.97
C LEU G 179 -77.95 -1.41 -25.65
N ASP G 180 -78.08 -0.30 -24.94
CA ASP G 180 -77.70 1.02 -25.40
C ASP G 180 -76.35 1.36 -24.77
N PHE G 181 -75.25 1.20 -25.50
CA PHE G 181 -73.94 1.25 -24.88
C PHE G 181 -73.57 2.68 -24.48
N SER G 182 -74.09 3.67 -25.21
CA SER G 182 -73.83 5.07 -24.91
C SER G 182 -74.37 5.44 -23.53
N SER G 183 -75.48 4.81 -23.10
CA SER G 183 -76.19 5.22 -21.90
C SER G 183 -75.94 4.30 -20.70
N LEU G 184 -75.61 3.03 -20.98
CA LEU G 184 -75.60 1.94 -20.03
C LEU G 184 -74.49 2.19 -19.02
N THR G 185 -74.79 1.86 -17.75
CA THR G 185 -73.93 2.04 -16.60
C THR G 185 -73.56 0.69 -16.00
N CYS G 186 -72.48 0.67 -15.25
CA CYS G 186 -71.93 -0.57 -14.75
C CYS G 186 -72.94 -1.24 -13.84
N ASP G 187 -73.71 -0.46 -13.08
CA ASP G 187 -74.75 -1.00 -12.23
C ASP G 187 -75.76 -1.77 -13.10
N GLU G 188 -76.25 -1.14 -14.17
CA GLU G 188 -77.30 -1.78 -14.95
C GLU G 188 -76.72 -3.03 -15.57
N ALA G 189 -75.47 -2.94 -16.03
CA ALA G 189 -74.85 -3.96 -16.86
C ALA G 189 -74.65 -5.25 -16.08
N VAL G 190 -74.29 -5.14 -14.82
CA VAL G 190 -74.18 -6.35 -14.01
C VAL G 190 -75.49 -7.12 -14.06
N GLY G 191 -76.60 -6.39 -14.01
CA GLY G 191 -77.90 -7.02 -14.10
C GLY G 191 -78.13 -7.65 -15.46
N LYS G 192 -77.90 -6.86 -16.51
CA LYS G 192 -78.23 -7.25 -17.87
C LYS G 192 -77.37 -8.43 -18.30
N LEU G 193 -76.04 -8.27 -18.15
CA LEU G 193 -75.10 -9.27 -18.60
C LEU G 193 -75.33 -10.56 -17.85
N ALA G 194 -75.61 -10.48 -16.56
CA ALA G 194 -75.90 -11.72 -15.85
C ALA G 194 -77.20 -12.29 -16.38
N SER G 195 -78.23 -11.46 -16.52
CA SER G 195 -79.52 -11.90 -17.01
C SER G 195 -79.30 -12.64 -18.33
N ILE G 196 -78.46 -12.08 -19.21
CA ILE G 196 -78.25 -12.64 -20.54
C ILE G 196 -77.72 -14.06 -20.44
N LEU G 197 -76.72 -14.28 -19.58
CA LEU G 197 -76.14 -15.59 -19.39
C LEU G 197 -77.15 -16.56 -18.79
N HIS G 198 -78.21 -16.11 -18.10
CA HIS G 198 -79.21 -17.05 -17.62
C HIS G 198 -80.14 -17.46 -18.79
N GLU G 199 -80.47 -16.56 -19.72
CA GLU G 199 -81.36 -16.88 -20.84
C GLU G 199 -80.74 -17.90 -21.80
N VAL G 200 -79.44 -17.74 -22.10
CA VAL G 200 -78.78 -18.48 -23.17
C VAL G 200 -78.17 -19.76 -22.62
N HIS G 201 -78.06 -19.86 -21.31
CA HIS G 201 -77.72 -21.13 -20.71
C HIS G 201 -78.77 -22.18 -21.07
N ASP G 202 -78.25 -23.35 -21.49
CA ASP G 202 -79.00 -24.53 -21.85
C ASP G 202 -78.99 -25.46 -20.64
N LYS G 203 -80.19 -25.84 -20.16
CA LYS G 203 -80.37 -26.41 -18.83
C LYS G 203 -80.27 -27.93 -18.82
N GLN G 204 -80.67 -28.59 -19.92
CA GLN G 204 -80.76 -30.05 -19.95
C GLN G 204 -79.40 -30.66 -20.30
N LYS G 205 -78.42 -29.81 -20.65
CA LYS G 205 -77.06 -30.20 -20.96
C LYS G 205 -76.16 -30.00 -19.73
N ASP G 206 -76.13 -28.75 -19.23
CA ASP G 206 -75.18 -28.25 -18.25
C ASP G 206 -75.91 -27.89 -16.96
N LYS G 207 -76.15 -28.90 -16.12
CA LYS G 207 -77.21 -28.79 -15.13
C LYS G 207 -76.74 -27.88 -13.99
N LEU G 208 -75.42 -27.81 -13.79
CA LEU G 208 -74.79 -27.10 -12.68
C LEU G 208 -74.03 -25.90 -13.20
N TYR G 209 -74.37 -24.71 -12.73
CA TYR G 209 -73.70 -23.53 -13.23
C TYR G 209 -73.87 -22.34 -12.27
N GLU G 210 -72.77 -21.62 -12.07
CA GLU G 210 -72.91 -20.28 -11.52
C GLU G 210 -72.45 -19.31 -12.57
N VAL G 211 -72.80 -18.06 -12.32
CA VAL G 211 -72.40 -16.96 -13.15
C VAL G 211 -71.52 -16.02 -12.37
N GLU G 212 -70.26 -15.95 -12.78
CA GLU G 212 -69.23 -15.18 -12.13
C GLU G 212 -69.25 -13.83 -12.80
N VAL G 213 -69.24 -12.73 -12.06
CA VAL G 213 -69.22 -11.41 -12.67
C VAL G 213 -68.13 -10.54 -12.08
N ALA G 214 -67.55 -9.67 -12.88
CA ALA G 214 -66.51 -8.83 -12.33
C ALA G 214 -66.57 -7.50 -13.01
N TRP G 215 -66.09 -6.46 -12.36
CA TRP G 215 -66.08 -5.20 -13.06
C TRP G 215 -64.89 -4.37 -12.72
N VAL G 216 -64.66 -3.39 -13.56
CA VAL G 216 -63.76 -2.36 -13.14
C VAL G 216 -64.43 -1.10 -13.54
N CYS G 217 -64.62 -0.23 -12.55
CA CYS G 217 -65.45 0.93 -12.78
C CYS G 217 -65.17 1.99 -11.75
N ASP G 218 -65.82 3.13 -11.94
CA ASP G 218 -65.69 4.28 -11.06
C ASP G 218 -66.16 3.95 -9.63
N LYS G 219 -67.18 3.10 -9.47
CA LYS G 219 -67.64 2.74 -8.14
C LYS G 219 -66.67 1.81 -7.42
N SER G 220 -65.90 1.02 -8.18
CA SER G 220 -64.94 0.10 -7.59
C SER G 220 -63.58 0.77 -7.40
N ASP G 221 -63.52 2.10 -7.54
CA ASP G 221 -62.31 2.90 -7.44
C ASP G 221 -61.33 2.44 -8.53
N ARG G 222 -61.92 2.02 -9.64
CA ARG G 222 -61.24 1.63 -10.85
C ARG G 222 -60.33 0.49 -10.54
N LYS G 223 -60.79 -0.34 -9.63
CA LYS G 223 -60.12 -1.57 -9.33
C LYS G 223 -60.97 -2.69 -9.88
N PHE G 224 -60.31 -3.70 -10.44
CA PHE G 224 -60.99 -4.80 -11.06
C PHE G 224 -61.27 -5.88 -10.04
N VAL G 225 -62.53 -6.25 -9.87
CA VAL G 225 -62.93 -7.04 -8.72
C VAL G 225 -64.14 -7.84 -9.14
N HIS G 226 -64.31 -9.01 -8.53
CA HIS G 226 -65.58 -9.66 -8.59
C HIS G 226 -66.60 -8.75 -7.96
N VAL G 227 -67.80 -8.80 -8.53
CA VAL G 227 -68.87 -8.00 -7.99
C VAL G 227 -69.45 -8.80 -6.83
N PRO G 228 -69.85 -8.07 -5.74
CA PRO G 228 -70.49 -8.69 -4.58
C PRO G 228 -71.70 -9.51 -5.02
N ALA G 229 -71.94 -10.67 -4.41
CA ALA G 229 -72.98 -11.58 -4.89
C ALA G 229 -74.37 -11.16 -4.38
N ASP G 230 -74.59 -9.85 -4.22
CA ASP G 230 -75.90 -9.27 -3.92
C ASP G 230 -76.54 -8.70 -5.19
N MET G 231 -75.74 -8.49 -6.24
CA MET G 231 -76.15 -7.70 -7.41
C MET G 231 -76.58 -8.59 -8.57
N VAL G 232 -76.86 -9.87 -8.29
CA VAL G 232 -76.87 -10.93 -9.29
C VAL G 232 -78.15 -11.78 -9.15
N THR H 55 -20.02 22.13 -13.17
CA THR H 55 -21.38 21.98 -13.72
C THR H 55 -22.34 22.57 -12.72
N THR H 56 -23.31 23.28 -13.21
CA THR H 56 -24.43 23.68 -12.42
C THR H 56 -25.68 23.36 -13.24
N ILE H 57 -26.57 22.57 -12.71
CA ILE H 57 -27.80 22.25 -13.38
C ILE H 57 -28.90 22.44 -12.39
N LEU H 58 -30.01 22.90 -12.86
CA LEU H 58 -31.13 22.97 -11.98
C LEU H 58 -32.41 22.99 -12.75
N ALA H 59 -33.47 22.70 -12.02
CA ALA H 59 -34.77 22.77 -12.60
C ALA H 59 -35.75 23.23 -11.57
N VAL H 60 -36.72 23.95 -12.03
CA VAL H 60 -37.71 24.55 -11.20
C VAL H 60 -39.08 24.40 -11.85
N SER H 61 -40.05 24.19 -11.02
CA SER H 61 -41.43 24.09 -11.44
C SER H 61 -42.06 25.47 -11.40
N TYR H 62 -42.99 25.71 -12.31
CA TYR H 62 -43.86 26.85 -12.24
C TYR H 62 -45.23 26.34 -12.57
N ASN H 63 -46.22 27.22 -12.54
CA ASN H 63 -47.55 26.64 -12.69
C ASN H 63 -47.68 26.26 -14.16
N GLY H 64 -47.74 24.96 -14.35
CA GLY H 64 -47.96 24.38 -15.66
C GLY H 64 -46.70 23.95 -16.40
N GLY H 65 -45.51 24.11 -15.81
CA GLY H 65 -44.33 23.58 -16.46
C GLY H 65 -43.08 23.68 -15.63
N VAL H 66 -41.94 23.57 -16.34
CA VAL H 66 -40.67 23.58 -15.69
C VAL H 66 -39.69 24.37 -16.51
N VAL H 67 -38.70 24.88 -15.81
CA VAL H 67 -37.52 25.41 -16.42
C VAL H 67 -36.34 24.53 -16.09
N LEU H 68 -35.53 24.28 -17.09
CA LEU H 68 -34.26 23.70 -16.80
C LEU H 68 -33.21 24.70 -17.14
N ALA H 69 -32.10 24.66 -16.41
CA ALA H 69 -31.03 25.59 -16.68
C ALA H 69 -29.69 24.93 -16.43
N ALA H 70 -28.70 25.41 -17.13
CA ALA H 70 -27.40 24.87 -16.87
C ALA H 70 -26.36 25.82 -17.36
N ASP H 71 -25.21 25.74 -16.80
CA ASP H 71 -24.05 26.38 -17.38
C ASP H 71 -23.52 25.47 -18.48
N SER H 72 -22.52 25.92 -19.15
CA SER H 72 -22.06 25.25 -20.32
C SER H 72 -20.67 24.72 -20.20
N ARG H 73 -20.05 24.62 -19.08
CA ARG H 73 -18.65 24.30 -19.15
C ARG H 73 -18.36 22.85 -18.86
N THR H 74 -17.50 22.23 -19.65
CA THR H 74 -17.04 20.91 -19.34
C THR H 74 -15.58 21.03 -19.05
N SER H 75 -15.13 20.57 -17.90
CA SER H 75 -13.74 20.76 -17.53
C SER H 75 -13.08 19.43 -17.26
N SER H 76 -11.87 19.31 -17.80
CA SER H 76 -10.89 18.28 -17.45
C SER H 76 -10.00 18.87 -16.36
N GLY H 77 -10.60 18.94 -15.17
CA GLY H 77 -9.97 19.45 -13.97
C GLY H 77 -9.97 20.98 -13.87
N THR H 78 -9.02 21.58 -14.60
CA THR H 78 -8.74 22.99 -14.47
C THR H 78 -8.62 23.67 -15.83
N TYR H 79 -8.67 22.87 -16.88
CA TYR H 79 -8.77 23.33 -18.24
C TYR H 79 -10.21 23.13 -18.69
N VAL H 80 -10.69 24.01 -19.53
CA VAL H 80 -12.03 23.87 -20.05
C VAL H 80 -11.96 23.24 -21.42
N VAL H 81 -12.40 22.01 -21.54
CA VAL H 81 -12.41 21.40 -22.85
C VAL H 81 -13.58 21.90 -23.66
N ASN H 82 -14.67 22.17 -23.01
CA ASN H 82 -15.76 22.64 -23.84
C ASN H 82 -16.35 23.78 -23.08
N ARG H 83 -16.51 24.89 -23.74
CA ARG H 83 -17.06 25.99 -23.04
C ARG H 83 -18.43 26.25 -23.54
N ALA H 84 -18.97 25.35 -24.32
CA ALA H 84 -20.30 25.55 -24.78
C ALA H 84 -21.01 24.23 -24.86
N SER H 85 -20.91 23.45 -23.79
CA SER H 85 -21.61 22.20 -23.76
C SER H 85 -23.07 22.46 -23.55
N ASN H 86 -23.87 21.50 -24.00
CA ASN H 86 -25.31 21.53 -23.78
C ASN H 86 -25.67 20.41 -22.83
N LYS H 87 -26.02 20.79 -21.63
CA LYS H 87 -26.23 19.79 -20.61
C LYS H 87 -27.70 19.58 -20.43
N LEU H 88 -28.52 20.29 -21.18
CA LEU H 88 -29.92 20.04 -21.25
C LEU H 88 -30.25 19.17 -22.42
N THR H 89 -30.52 17.91 -22.14
CA THR H 89 -30.55 16.88 -23.17
C THR H 89 -31.95 16.41 -23.34
N LYS H 90 -32.44 16.36 -24.54
CA LYS H 90 -33.82 16.06 -24.82
C LYS H 90 -34.08 14.57 -24.63
N LEU H 91 -35.14 14.17 -23.93
CA LEU H 91 -35.42 12.77 -23.83
C LEU H 91 -36.60 12.48 -24.73
N THR H 92 -37.67 13.23 -24.57
CA THR H 92 -38.76 13.28 -25.53
C THR H 92 -39.04 14.71 -25.90
N LYS H 93 -40.15 14.97 -26.56
CA LYS H 93 -40.40 16.34 -26.94
C LYS H 93 -40.37 17.28 -25.73
N LYS H 94 -41.15 16.91 -24.69
CA LYS H 94 -41.33 17.74 -23.53
C LYS H 94 -40.71 17.15 -22.27
N ILE H 95 -39.65 16.39 -22.38
CA ILE H 95 -39.01 15.88 -21.21
C ILE H 95 -37.52 15.89 -21.45
N TYR H 96 -36.80 16.48 -20.52
CA TYR H 96 -35.41 16.77 -20.68
C TYR H 96 -34.68 16.26 -19.47
N CYS H 97 -33.41 16.04 -19.63
CA CYS H 97 -32.65 15.85 -18.43
C CYS H 97 -31.60 16.94 -18.33
N CYS H 98 -31.08 17.18 -17.13
CA CYS H 98 -29.86 17.94 -17.08
C CYS H 98 -28.84 16.97 -16.62
N ARG H 99 -27.69 17.07 -17.14
CA ARG H 99 -26.71 16.06 -16.89
C ARG H 99 -25.62 16.71 -16.08
N SER H 100 -25.13 15.99 -15.09
CA SER H 100 -23.88 16.33 -14.44
C SER H 100 -23.09 15.07 -14.12
N GLY H 101 -21.80 15.25 -13.91
CA GLY H 101 -20.89 14.13 -13.79
C GLY H 101 -20.23 13.87 -15.13
N SER H 102 -20.01 12.61 -15.36
CA SER H 102 -19.17 12.19 -16.45
C SER H 102 -19.99 12.40 -17.70
N ALA H 103 -19.47 13.23 -18.59
CA ALA H 103 -20.14 13.51 -19.84
C ALA H 103 -20.39 12.19 -20.51
N ALA H 104 -19.40 11.33 -20.48
CA ALA H 104 -19.54 10.10 -21.22
C ALA H 104 -20.75 9.34 -20.70
N ASP H 105 -20.76 9.18 -19.39
CA ASP H 105 -21.76 8.38 -18.73
C ASP H 105 -23.12 8.97 -18.97
N THR H 106 -23.24 10.26 -18.80
CA THR H 106 -24.54 10.87 -18.86
C THR H 106 -25.08 10.94 -20.27
N GLN H 107 -24.19 11.14 -21.24
CA GLN H 107 -24.60 11.10 -22.61
C GLN H 107 -25.03 9.67 -22.94
N ALA H 108 -24.32 8.67 -22.46
CA ALA H 108 -24.72 7.34 -22.80
C ALA H 108 -26.07 7.04 -22.21
N LEU H 109 -26.35 7.46 -20.98
CA LEU H 109 -27.64 7.13 -20.41
C LEU H 109 -28.76 7.91 -21.05
N ALA H 110 -28.50 9.13 -21.36
CA ALA H 110 -29.56 9.94 -21.88
C ALA H 110 -29.94 9.36 -23.24
N GLU H 111 -28.96 8.86 -24.00
CA GLU H 111 -29.24 8.42 -25.36
C GLU H 111 -30.03 7.14 -25.24
N ARG H 112 -29.63 6.34 -24.26
CA ARG H 112 -30.30 5.10 -24.02
C ARG H 112 -31.72 5.36 -23.58
N VAL H 113 -31.93 6.19 -22.58
CA VAL H 113 -33.28 6.46 -22.12
C VAL H 113 -34.11 7.11 -23.18
N SER H 114 -33.54 7.99 -23.97
CA SER H 114 -34.35 8.67 -24.96
C SER H 114 -34.84 7.68 -26.00
N ASN H 115 -33.99 6.72 -26.31
CA ASN H 115 -34.28 5.66 -27.22
C ASN H 115 -35.39 4.86 -26.64
N TYR H 116 -35.25 4.37 -25.43
CA TYR H 116 -36.30 3.54 -24.87
C TYR H 116 -37.63 4.25 -24.87
N LEU H 117 -37.62 5.53 -24.58
CA LEU H 117 -38.82 6.29 -24.41
C LEU H 117 -39.48 6.58 -25.73
N GLY H 118 -38.70 6.70 -26.80
CA GLY H 118 -39.31 6.87 -28.10
C GLY H 118 -39.98 5.58 -28.56
N SER H 119 -39.30 4.44 -28.36
CA SER H 119 -39.91 3.16 -28.58
C SER H 119 -41.21 3.09 -27.81
N TYR H 120 -41.18 3.46 -26.55
CA TYR H 120 -42.33 3.31 -25.68
C TYR H 120 -43.49 4.21 -26.10
N GLN H 121 -43.18 5.35 -26.67
CA GLN H 121 -44.23 6.26 -27.04
C GLN H 121 -44.92 5.80 -28.30
N THR H 122 -44.14 5.21 -29.19
CA THR H 122 -44.65 4.66 -30.44
C THR H 122 -45.52 3.45 -30.16
N ASP H 123 -45.17 2.73 -29.12
CA ASP H 123 -45.87 1.54 -28.76
C ASP H 123 -47.18 1.78 -28.03
N ILE H 124 -47.25 2.73 -27.12
CA ILE H 124 -48.49 2.95 -26.43
C ILE H 124 -49.33 3.97 -27.19
N GLY H 125 -48.79 4.52 -28.27
CA GLY H 125 -49.48 5.56 -29.01
C GLY H 125 -50.04 6.64 -28.11
N ALA H 126 -49.18 7.34 -27.37
CA ALA H 126 -49.59 8.46 -26.53
C ALA H 126 -48.35 9.13 -25.94
N GLY H 127 -48.53 10.24 -25.26
CA GLY H 127 -47.40 10.94 -24.68
C GLY H 127 -46.78 10.19 -23.51
N VAL H 128 -45.56 10.55 -23.21
CA VAL H 128 -44.88 9.94 -22.11
C VAL H 128 -44.97 10.85 -20.90
N ASN H 129 -45.06 10.21 -19.75
CA ASN H 129 -45.11 10.92 -18.50
C ASN H 129 -43.70 11.20 -17.99
N VAL H 130 -43.57 12.25 -17.18
CA VAL H 130 -42.24 12.52 -16.75
C VAL H 130 -41.84 11.44 -15.76
N ALA H 131 -42.76 10.97 -14.99
CA ALA H 131 -42.47 9.86 -14.12
C ALA H 131 -41.89 8.66 -14.87
N THR H 132 -42.43 8.29 -15.99
CA THR H 132 -41.81 7.21 -16.72
C THR H 132 -40.36 7.54 -17.06
N ALA H 133 -40.10 8.73 -17.54
CA ALA H 133 -38.73 9.04 -17.89
C ALA H 133 -37.83 8.99 -16.69
N ALA H 134 -38.31 9.49 -15.55
CA ALA H 134 -37.51 9.48 -14.35
C ALA H 134 -37.31 8.08 -13.86
N ASN H 135 -38.33 7.30 -13.95
CA ASN H 135 -38.21 5.95 -13.50
C ASN H 135 -37.16 5.21 -14.29
N LEU H 136 -37.08 5.42 -15.58
CA LEU H 136 -36.14 4.66 -16.37
C LEU H 136 -34.71 5.09 -16.10
N PHE H 137 -34.55 6.37 -16.11
CA PHE H 137 -33.34 6.97 -15.68
C PHE H 137 -32.92 6.43 -14.33
N GLN H 138 -33.83 6.38 -13.36
CA GLN H 138 -33.44 5.89 -12.06
C GLN H 138 -32.96 4.46 -12.20
N LYS H 139 -33.74 3.58 -12.79
CA LYS H 139 -33.32 2.22 -13.00
C LYS H 139 -31.91 2.13 -13.50
N MET H 140 -31.54 2.92 -14.49
CA MET H 140 -30.29 2.72 -15.19
C MET H 140 -29.15 3.26 -14.36
N CYS H 141 -29.36 4.43 -13.83
CA CYS H 141 -28.49 4.99 -12.85
C CYS H 141 -28.28 4.10 -11.65
N TYR H 142 -29.25 3.33 -11.24
CA TYR H 142 -29.05 2.51 -10.07
C TYR H 142 -28.36 1.20 -10.45
N MET H 143 -28.81 0.52 -11.51
CA MET H 143 -28.08 -0.61 -12.04
C MET H 143 -26.61 -0.32 -12.26
N ASN H 144 -26.22 0.89 -12.70
CA ASN H 144 -24.82 1.12 -12.97
C ASN H 144 -24.22 2.05 -11.92
N ARG H 145 -24.69 2.01 -10.67
CA ARG H 145 -24.28 3.10 -9.79
C ARG H 145 -22.80 3.06 -9.45
N TRP H 146 -22.14 1.92 -9.64
CA TRP H 146 -20.78 1.78 -9.13
C TRP H 146 -19.79 2.21 -10.20
N ASN H 147 -20.23 2.14 -11.45
CA ASN H 147 -19.40 2.38 -12.61
C ASN H 147 -19.65 3.73 -13.27
N ILE H 148 -20.53 4.57 -12.76
CA ILE H 148 -20.78 5.84 -13.42
C ILE H 148 -20.74 6.93 -12.37
N SER H 149 -20.45 8.15 -12.82
CA SER H 149 -20.62 9.35 -12.05
C SER H 149 -21.72 10.12 -12.76
N ALA H 150 -22.84 10.36 -12.09
CA ALA H 150 -23.99 10.83 -12.85
C ALA H 150 -25.01 11.41 -11.90
N GLY H 151 -25.11 12.73 -11.92
CA GLY H 151 -26.24 13.38 -11.31
C GLY H 151 -27.19 13.75 -12.43
N ILE H 152 -28.45 13.36 -12.35
CA ILE H 152 -29.43 13.70 -13.36
C ILE H 152 -30.56 14.51 -12.74
N ILE H 153 -31.16 15.31 -13.54
CA ILE H 153 -32.43 15.84 -13.20
C ILE H 153 -33.27 15.53 -14.39
N VAL H 154 -34.47 15.09 -14.16
CA VAL H 154 -35.36 14.78 -15.23
C VAL H 154 -36.51 15.68 -14.98
N ALA H 155 -36.85 16.46 -15.97
CA ALA H 155 -37.89 17.39 -15.73
C ALA H 155 -38.63 17.57 -17.02
N GLY H 156 -39.89 17.83 -16.90
CA GLY H 156 -40.63 18.03 -18.09
C GLY H 156 -42.08 18.17 -17.76
N TYR H 157 -42.84 18.15 -18.82
CA TYR H 157 -44.23 18.43 -18.80
C TYR H 157 -44.91 17.25 -19.42
N ASP H 158 -45.99 16.84 -18.79
CA ASP H 158 -46.86 15.85 -19.35
C ASP H 158 -48.23 16.35 -18.95
N PRO H 159 -49.30 16.05 -19.72
CA PRO H 159 -50.61 16.65 -19.43
C PRO H 159 -51.35 16.12 -18.21
N ILE H 160 -50.97 14.94 -17.75
CA ILE H 160 -51.65 14.34 -16.61
C ILE H 160 -51.15 15.02 -15.36
N ASN H 161 -49.82 15.19 -15.27
CA ASN H 161 -49.23 15.68 -14.04
C ASN H 161 -48.67 17.08 -14.12
N GLY H 162 -48.85 17.75 -15.26
CA GLY H 162 -48.26 19.06 -15.40
C GLY H 162 -46.75 19.01 -15.52
N GLY H 163 -46.08 19.95 -14.89
CA GLY H 163 -44.63 19.96 -14.95
C GLY H 163 -44.08 19.27 -13.75
N SER H 164 -43.05 18.47 -13.91
CA SER H 164 -42.46 17.76 -12.83
C SER H 164 -40.97 17.82 -12.90
N VAL H 165 -40.35 17.53 -11.77
CA VAL H 165 -38.90 17.58 -11.63
C VAL H 165 -38.50 16.41 -10.79
N TYR H 166 -37.53 15.70 -11.24
CA TYR H 166 -37.04 14.62 -10.44
C TYR H 166 -35.56 14.78 -10.34
N SER H 167 -35.01 14.54 -9.19
CA SER H 167 -33.59 14.53 -9.02
C SER H 167 -33.13 13.13 -8.97
N ILE H 168 -32.16 12.76 -9.73
CA ILE H 168 -31.64 11.43 -9.53
C ILE H 168 -30.18 11.55 -9.24
N PRO H 169 -29.78 11.62 -8.00
CA PRO H 169 -28.39 11.83 -7.71
C PRO H 169 -27.58 10.55 -7.77
N SER H 170 -26.30 10.71 -7.57
CA SER H 170 -25.35 9.63 -7.71
C SER H 170 -25.82 8.28 -7.14
N GLY H 171 -26.35 8.24 -5.94
CA GLY H 171 -26.68 6.86 -5.59
C GLY H 171 -27.80 6.19 -6.41
N GLY H 172 -28.50 6.92 -7.28
CA GLY H 172 -29.65 6.40 -7.95
C GLY H 172 -30.97 6.51 -7.18
N SER H 173 -31.05 7.38 -6.20
CA SER H 173 -32.33 7.71 -5.62
C SER H 173 -33.07 8.46 -6.68
N CYS H 174 -34.39 8.48 -6.57
CA CYS H 174 -35.17 9.34 -7.41
C CYS H 174 -36.16 10.06 -6.55
N VAL H 175 -36.07 11.38 -6.56
CA VAL H 175 -36.88 12.16 -5.68
C VAL H 175 -37.62 13.21 -6.44
N LYS H 176 -38.92 13.26 -6.22
CA LYS H 176 -39.73 14.23 -6.90
C LYS H 176 -39.84 15.54 -6.12
N LEU H 177 -39.45 16.63 -6.76
CA LEU H 177 -39.35 17.85 -6.03
C LEU H 177 -40.01 18.97 -6.76
N ASP H 178 -40.02 20.10 -6.09
CA ASP H 178 -40.43 21.32 -6.70
C ASP H 178 -39.31 21.92 -7.54
N TYR H 179 -38.11 21.85 -7.02
CA TYR H 179 -36.98 22.22 -7.79
C TYR H 179 -35.83 21.32 -7.43
N ALA H 180 -34.82 21.29 -8.26
CA ALA H 180 -33.69 20.45 -8.01
C ALA H 180 -32.45 21.11 -8.53
N LEU H 181 -31.35 20.80 -7.90
CA LEU H 181 -30.06 21.35 -8.17
C LEU H 181 -29.10 20.22 -8.32
N GLY H 182 -28.11 20.39 -9.14
CA GLY H 182 -27.15 19.33 -9.25
C GLY H 182 -25.88 19.91 -9.77
N GLY H 183 -24.86 19.11 -9.85
CA GLY H 183 -23.58 19.67 -10.23
C GLY H 183 -22.77 20.08 -9.01
N SER H 184 -21.47 20.18 -9.25
CA SER H 184 -20.55 20.82 -8.32
C SER H 184 -21.03 22.22 -7.90
N GLY H 185 -21.66 22.97 -8.82
CA GLY H 185 -22.11 24.32 -8.54
C GLY H 185 -23.35 24.34 -7.67
N SER H 186 -23.99 23.22 -7.47
CA SER H 186 -25.24 23.32 -6.74
C SER H 186 -25.05 23.69 -5.28
N ILE H 187 -23.95 23.29 -4.71
CA ILE H 187 -23.68 23.58 -3.32
C ILE H 187 -23.78 25.06 -3.05
N PHE H 188 -23.54 25.90 -4.05
CA PHE H 188 -23.68 27.34 -3.94
C PHE H 188 -25.09 27.84 -4.06
N LEU H 189 -26.05 27.05 -4.46
CA LEU H 189 -27.36 27.60 -4.69
C LEU H 189 -28.34 27.22 -3.61
N TYR H 190 -28.02 26.27 -2.78
CA TYR H 190 -28.94 25.89 -1.74
C TYR H 190 -29.36 27.09 -0.92
N SER H 191 -28.44 27.82 -0.36
CA SER H 191 -28.81 29.05 0.34
C SER H 191 -29.46 30.05 -0.57
N PHE H 192 -29.05 30.15 -1.80
CA PHE H 192 -29.70 31.08 -2.69
C PHE H 192 -31.19 30.78 -2.85
N PHE H 193 -31.54 29.53 -2.98
CA PHE H 193 -32.93 29.15 -3.06
C PHE H 193 -33.64 29.31 -1.73
N ASP H 194 -33.06 28.77 -0.69
CA ASP H 194 -33.58 28.96 0.64
C ASP H 194 -33.89 30.43 0.86
N ALA H 195 -32.99 31.31 0.44
CA ALA H 195 -33.21 32.71 0.74
C ALA H 195 -34.08 33.45 -0.27
N ASN H 196 -33.96 33.16 -1.56
CA ASN H 196 -34.50 34.04 -2.58
C ASN H 196 -35.55 33.39 -3.48
N TYR H 197 -35.69 32.07 -3.45
CA TYR H 197 -36.70 31.42 -4.26
C TYR H 197 -38.04 31.36 -3.59
N LYS H 198 -39.01 32.08 -4.09
CA LYS H 198 -40.38 31.81 -3.67
C LYS H 198 -41.01 31.03 -4.79
N PRO H 199 -41.70 29.92 -4.47
CA PRO H 199 -42.47 29.19 -5.48
C PRO H 199 -43.76 29.93 -5.87
N GLY H 200 -44.35 29.48 -6.99
CA GLY H 200 -45.51 30.12 -7.60
C GLY H 200 -45.16 31.23 -8.61
N MET H 201 -43.95 31.15 -9.14
CA MET H 201 -43.47 32.16 -10.06
C MET H 201 -44.09 31.85 -11.42
N SER H 202 -44.25 32.87 -12.25
CA SER H 202 -44.67 32.73 -13.63
C SER H 202 -43.53 32.09 -14.40
N LYS H 203 -43.84 31.46 -15.52
CA LYS H 203 -42.81 31.12 -16.49
C LYS H 203 -41.66 32.13 -16.57
N SER H 204 -41.95 33.41 -16.84
CA SER H 204 -40.89 34.33 -17.23
C SER H 204 -40.02 34.68 -16.02
N GLU H 205 -40.67 34.78 -14.86
CA GLU H 205 -40.00 35.04 -13.60
C GLU H 205 -39.04 33.91 -13.25
N CYS H 206 -39.56 32.72 -13.44
CA CYS H 206 -38.85 31.49 -13.23
C CYS H 206 -37.68 31.31 -14.18
N VAL H 207 -37.85 31.66 -15.42
CA VAL H 207 -36.69 31.66 -16.28
C VAL H 207 -35.66 32.64 -15.74
N ALA H 208 -36.06 33.85 -15.39
CA ALA H 208 -35.03 34.83 -15.02
C ALA H 208 -34.33 34.38 -13.73
N PHE H 209 -35.12 33.83 -12.81
CA PHE H 209 -34.57 33.35 -11.58
C PHE H 209 -33.59 32.21 -11.78
N CYS H 210 -33.93 31.22 -12.58
CA CYS H 210 -32.95 30.24 -12.90
C CYS H 210 -31.72 30.79 -13.60
N GLN H 211 -31.87 31.78 -14.47
CA GLN H 211 -30.64 32.33 -15.01
C GLN H 211 -29.84 32.96 -13.90
N ARG H 212 -30.48 33.65 -12.96
CA ARG H 212 -29.71 34.31 -11.93
C ARG H 212 -29.01 33.24 -11.12
N ALA H 213 -29.75 32.19 -10.82
CA ALA H 213 -29.24 31.17 -9.98
C ALA H 213 -28.07 30.53 -10.64
N VAL H 214 -28.18 30.15 -11.89
CA VAL H 214 -26.98 29.62 -12.49
C VAL H 214 -25.84 30.62 -12.43
N ALA H 215 -26.08 31.88 -12.73
CA ALA H 215 -25.00 32.83 -12.74
C ALA H 215 -24.27 32.94 -11.41
N HIS H 216 -25.02 32.96 -10.35
CA HIS H 216 -24.47 32.95 -9.02
C HIS H 216 -23.64 31.72 -8.81
N ALA H 217 -24.12 30.58 -9.18
CA ALA H 217 -23.34 29.40 -9.00
C ALA H 217 -22.08 29.47 -9.81
N TYR H 218 -22.17 29.80 -11.05
CA TYR H 218 -20.94 29.66 -11.80
C TYR H 218 -19.99 30.83 -11.58
N SER H 219 -20.41 31.85 -10.86
CA SER H 219 -19.49 32.89 -10.47
C SER H 219 -18.58 32.46 -9.34
N ARG H 220 -18.94 31.40 -8.64
CA ARG H 220 -18.13 30.90 -7.58
C ARG H 220 -17.57 29.52 -7.87
N ASP H 221 -18.28 28.67 -8.59
CA ASP H 221 -17.73 27.36 -8.91
C ASP H 221 -16.80 27.54 -10.10
N GLY H 222 -15.54 27.15 -9.89
CA GLY H 222 -14.52 27.13 -10.93
C GLY H 222 -14.87 26.10 -12.01
N SER H 223 -15.66 25.12 -11.63
CA SER H 223 -15.99 24.07 -12.57
C SER H 223 -17.25 24.37 -13.38
N SER H 224 -17.81 25.55 -13.23
CA SER H 224 -18.99 25.87 -14.01
C SER H 224 -18.68 27.20 -14.63
N GLY H 225 -19.37 27.50 -15.69
CA GLY H 225 -19.04 28.69 -16.39
C GLY H 225 -19.73 28.74 -17.72
N GLY H 226 -19.43 29.81 -18.46
CA GLY H 226 -19.77 29.92 -19.85
C GLY H 226 -21.16 30.49 -20.03
N LEU H 227 -21.93 29.79 -20.83
CA LEU H 227 -23.26 30.22 -21.17
C LEU H 227 -24.22 29.75 -20.12
N ILE H 228 -25.40 30.29 -20.17
CA ILE H 228 -26.46 29.73 -19.40
C ILE H 228 -27.49 29.30 -20.38
N ARG H 229 -27.74 28.02 -20.44
CA ARG H 229 -28.78 27.49 -21.28
C ARG H 229 -29.98 27.17 -20.44
N THR H 230 -31.13 27.53 -20.94
CA THR H 230 -32.36 27.18 -20.32
C THR H 230 -33.33 26.61 -21.32
N ILE H 231 -34.26 25.83 -20.82
CA ILE H 231 -35.39 25.49 -21.64
C ILE H 231 -36.58 25.47 -20.77
N THR H 232 -37.69 25.96 -21.25
CA THR H 232 -38.96 25.74 -20.61
C THR H 232 -39.78 24.67 -21.28
N LEU H 233 -40.56 24.02 -20.49
CA LEU H 233 -41.27 22.86 -20.94
C LEU H 233 -42.62 22.95 -20.29
N ASP H 234 -43.65 23.07 -21.10
CA ASP H 234 -45.02 23.15 -20.64
C ASP H 234 -45.96 22.76 -21.78
N ALA H 235 -47.24 23.13 -21.69
CA ALA H 235 -48.19 22.78 -22.73
C ALA H 235 -47.77 23.32 -24.09
N ASP H 236 -47.14 24.51 -24.15
CA ASP H 236 -46.76 25.17 -25.40
C ASP H 236 -45.50 24.54 -25.96
N GLU H 237 -44.91 25.19 -26.98
CA GLU H 237 -43.67 24.71 -27.56
C GLU H 237 -42.50 24.98 -26.64
N PRO H 238 -41.46 24.12 -26.60
CA PRO H 238 -40.28 24.40 -25.77
C PRO H 238 -39.55 25.63 -26.25
N GLU H 239 -39.23 26.49 -25.31
CA GLU H 239 -38.41 27.66 -25.55
C GLU H 239 -37.08 27.39 -24.88
N ASP H 240 -36.04 27.27 -25.70
CA ASP H 240 -34.66 27.22 -25.28
C ASP H 240 -34.17 28.64 -25.30
N GLN H 241 -33.15 28.94 -24.51
CA GLN H 241 -32.57 30.25 -24.46
C GLN H 241 -31.12 30.04 -24.11
N THR H 242 -30.28 30.98 -24.50
CA THR H 242 -28.89 30.90 -24.19
C THR H 242 -28.37 32.31 -23.91
N ILE H 243 -28.08 32.57 -22.62
CA ILE H 243 -27.47 33.79 -22.18
C ILE H 243 -25.97 33.62 -22.31
N PRO H 244 -25.31 34.42 -23.15
CA PRO H 244 -23.86 34.41 -23.21
C PRO H 244 -23.26 35.07 -22.00
N TRP H 245 -21.99 34.77 -21.69
CA TRP H 245 -21.45 35.08 -20.39
C TRP H 245 -21.42 36.57 -20.15
N ASN H 246 -21.29 37.29 -21.24
CA ASN H 246 -21.07 38.70 -21.19
C ASN H 246 -22.39 39.43 -21.03
N ARG H 247 -23.50 38.71 -20.90
CA ARG H 247 -24.77 39.32 -20.52
C ARG H 247 -25.37 38.54 -19.36
N SER H 248 -24.47 37.86 -18.68
CA SER H 248 -24.86 37.15 -17.50
C SER H 248 -25.51 38.15 -16.54
N PRO H 249 -26.65 37.76 -15.96
CA PRO H 249 -27.29 38.57 -14.95
C PRO H 249 -26.61 38.64 -13.59
N TYR H 250 -25.51 37.92 -13.41
CA TYR H 250 -24.63 38.23 -12.31
C TYR H 250 -23.22 37.78 -12.62
N CYS H 251 -22.25 38.61 -12.28
CA CYS H 251 -20.91 38.06 -12.03
C CYS H 251 -20.14 38.95 -11.08
N MET H 252 -19.17 38.34 -10.39
CA MET H 252 -18.30 39.03 -9.46
C MET H 252 -17.49 40.11 -10.13
N GLU H 253 -17.14 39.93 -11.37
CA GLU H 253 -16.32 40.90 -12.08
C GLU H 253 -17.13 42.17 -12.39
N LYS H 254 -18.40 42.24 -12.02
CA LYS H 254 -19.18 43.42 -12.32
C LYS H 254 -20.05 43.83 -11.15
N ASP H 255 -20.04 43.03 -10.09
CA ASP H 255 -20.69 43.38 -8.83
C ASP H 255 -19.93 44.56 -8.26
N PRO H 256 -20.57 45.70 -7.91
CA PRO H 256 -19.84 46.83 -7.36
C PRO H 256 -19.20 46.60 -6.01
N LYS H 257 -19.66 45.60 -5.28
CA LYS H 257 -19.01 45.37 -4.01
C LYS H 257 -17.72 44.57 -4.11
N TYR H 258 -17.25 44.24 -5.31
CA TYR H 258 -15.97 43.55 -5.47
C TYR H 258 -15.07 44.35 -6.38
N VAL H 259 -15.37 45.63 -6.56
CA VAL H 259 -14.53 46.53 -7.34
C VAL H 259 -13.36 47.05 -6.52
N THR H 260 -13.55 47.35 -5.24
CA THR H 260 -12.41 47.80 -4.48
C THR H 260 -11.46 46.64 -4.22
N GLN H 261 -10.15 46.86 -4.47
CA GLN H 261 -9.23 45.76 -4.25
C GLN H 261 -8.94 45.64 -2.77
N ALA H 262 -8.84 44.40 -2.33
CA ALA H 262 -8.27 44.09 -1.04
C ALA H 262 -6.92 44.79 -0.88
N THR H 263 -6.63 45.22 0.33
CA THR H 263 -5.46 46.04 0.59
C THR H 263 -4.34 45.17 1.14
N GLN H 264 -3.57 44.57 0.24
CA GLN H 264 -2.62 43.55 0.59
C GLN H 264 -1.21 44.02 0.39
N ASN H 265 -1.05 44.99 -0.47
CA ASN H 265 0.28 45.33 -0.90
C ASN H 265 0.50 46.77 -0.48
N GLN H 266 0.45 46.97 0.84
CA GLN H 266 0.56 48.30 1.38
C GLN H 266 1.92 48.83 1.05
N PRO H 267 2.07 50.13 0.82
CA PRO H 267 3.39 50.72 0.73
C PRO H 267 3.98 50.81 2.11
N PHE H 268 5.32 50.74 2.12
CA PHE H 268 6.18 50.96 3.27
C PHE H 268 5.90 52.32 3.88
N SER H 269 5.44 52.33 5.14
CA SER H 269 5.10 53.60 5.71
C SER H 269 5.59 53.73 7.14
N SER H 270 5.57 54.97 7.60
CA SER H 270 5.92 55.31 8.95
C SER H 270 4.70 55.15 9.85
N SER H 271 3.56 54.75 9.29
CA SER H 271 2.39 54.62 10.12
C SER H 271 1.75 53.24 9.94
N ALA H 272 0.91 52.90 10.91
CA ALA H 272 0.06 51.74 10.83
C ALA H 272 -1.23 52.02 10.05
N LYS H 273 -1.54 53.30 9.82
CA LYS H 273 -2.71 53.68 9.05
C LYS H 273 -2.58 53.10 7.65
N ILE H 274 -3.55 52.27 7.31
CA ILE H 274 -3.69 51.62 6.03
C ILE H 274 -4.34 52.56 5.02
N THR H 275 -3.73 52.63 3.83
CA THR H 275 -4.07 53.63 2.83
C THR H 275 -4.70 52.93 1.63
N GLY H 276 -4.13 51.81 1.20
CA GLY H 276 -4.26 51.45 -0.19
C GLY H 276 -3.14 50.54 -0.64
N ASN H 277 -3.28 50.02 -1.85
CA ASN H 277 -2.24 49.18 -2.36
C ASN H 277 -1.25 50.09 -3.03
N ARG H 278 0.00 49.67 -3.06
CA ARG H 278 1.02 50.42 -3.76
C ARG H 278 0.87 50.11 -5.24
N MET H 279 0.48 51.11 -6.03
CA MET H 279 0.16 50.87 -7.43
C MET H 279 1.30 51.27 -8.33
N SER H 280 2.29 52.00 -7.83
CA SER H 280 3.31 52.57 -8.68
C SER H 280 4.58 52.63 -7.88
N SER H 281 5.73 52.63 -8.55
CA SER H 281 7.03 52.50 -7.90
C SER H 281 7.38 53.78 -7.19
N THR H 282 7.24 54.91 -7.91
CA THR H 282 7.44 56.26 -7.39
C THR H 282 6.71 56.46 -6.04
N THR I 30 1.11 14.95 -30.08
CA THR I 30 0.10 14.97 -31.17
C THR I 30 -0.87 16.12 -30.96
N THR I 31 -1.16 16.77 -32.06
CA THR I 31 -2.02 17.90 -32.05
C THR I 31 -2.95 17.71 -33.21
N ILE I 32 -4.23 17.62 -32.97
CA ILE I 32 -5.12 17.67 -34.09
C ILE I 32 -6.11 18.75 -33.85
N VAL I 33 -6.67 19.23 -34.91
CA VAL I 33 -7.44 20.42 -34.91
C VAL I 33 -8.50 20.29 -35.95
N GLY I 34 -9.70 20.75 -35.69
CA GLY I 34 -10.63 20.92 -36.76
C GLY I 34 -11.28 22.28 -36.64
N VAL I 35 -11.69 22.87 -37.76
CA VAL I 35 -12.57 23.99 -37.71
C VAL I 35 -13.60 23.87 -38.79
N VAL I 36 -14.77 24.42 -38.50
CA VAL I 36 -15.84 24.57 -39.44
C VAL I 36 -15.68 25.89 -40.09
N TYR I 37 -15.86 25.97 -41.39
CA TYR I 37 -15.80 27.23 -42.09
C TYR I 37 -17.08 27.36 -42.88
N ARG I 38 -17.20 28.36 -43.76
CA ARG I 38 -18.50 28.58 -44.38
C ARG I 38 -18.94 27.36 -45.19
N ASP I 39 -18.01 26.70 -45.89
CA ASP I 39 -18.41 25.67 -46.82
C ASP I 39 -18.13 24.25 -46.34
N GLY I 40 -17.55 24.08 -45.17
CA GLY I 40 -17.06 22.77 -44.86
C GLY I 40 -16.27 22.70 -43.58
N VAL I 41 -15.38 21.76 -43.51
CA VAL I 41 -14.56 21.57 -42.35
C VAL I 41 -13.13 21.44 -42.77
N VAL I 42 -12.24 22.01 -42.00
CA VAL I 42 -10.82 21.77 -42.21
C VAL I 42 -10.32 20.95 -41.06
N LEU I 43 -9.61 19.88 -41.32
CA LEU I 43 -8.91 19.31 -40.22
C LEU I 43 -7.43 19.49 -40.39
N GLY I 44 -6.71 19.35 -39.32
CA GLY I 44 -5.29 19.45 -39.35
C GLY I 44 -4.65 18.52 -38.36
N ALA I 45 -3.41 18.20 -38.64
CA ALA I 45 -2.66 17.38 -37.72
C ALA I 45 -1.19 17.64 -37.88
N ASP I 46 -0.47 17.44 -36.81
CA ASP I 46 0.97 17.31 -36.91
C ASP I 46 1.29 15.90 -37.40
N THR I 47 2.56 15.61 -37.56
CA THR I 47 2.92 14.31 -38.10
C THR I 47 3.99 13.60 -37.29
N ARG I 48 4.34 14.02 -36.12
CA ARG I 48 5.33 13.22 -35.44
C ARG I 48 4.69 12.05 -34.70
N ALA I 49 5.06 10.85 -35.08
CA ALA I 49 4.75 9.67 -34.26
C ALA I 49 5.92 9.36 -33.34
N THR I 50 5.77 9.64 -32.04
CA THR I 50 6.74 9.18 -31.08
C THR I 50 6.49 7.74 -30.68
N GLU I 51 7.50 7.24 -29.96
CA GLU I 51 7.49 6.06 -29.10
C GLU I 51 8.39 6.40 -27.91
N GLY I 52 7.80 6.47 -26.74
CA GLY I 52 8.57 6.89 -25.58
C GLY I 52 8.83 8.38 -25.73
N SER I 53 10.13 8.72 -25.83
CA SER I 53 10.55 10.09 -26.05
C SER I 53 11.48 10.14 -27.27
N ILE I 54 11.14 9.35 -28.29
CA ILE I 54 11.89 9.21 -29.49
C ILE I 54 10.95 9.23 -30.70
N VAL I 55 11.31 9.96 -31.71
CA VAL I 55 10.49 10.08 -32.88
C VAL I 55 10.67 8.91 -33.82
N ALA I 56 9.76 7.95 -33.74
CA ALA I 56 9.84 6.76 -34.58
C ALA I 56 9.64 7.14 -36.01
N ASP I 57 8.68 8.04 -36.27
CA ASP I 57 8.37 8.44 -37.63
C ASP I 57 8.14 9.93 -37.60
N LYS I 58 8.82 10.60 -38.50
CA LYS I 58 8.75 12.04 -38.57
C LYS I 58 7.48 12.41 -39.29
N ARG I 59 6.99 11.57 -40.19
CA ARG I 59 5.96 11.98 -41.12
C ARG I 59 4.81 11.01 -41.20
N CYS I 60 4.20 10.61 -40.06
CA CYS I 60 3.04 9.75 -40.20
C CYS I 60 1.78 10.56 -40.48
N ARG I 61 0.80 9.89 -41.13
CA ARG I 61 -0.53 10.42 -41.39
C ARG I 61 -1.43 10.17 -40.18
N LYS I 62 -1.87 11.27 -39.55
CA LYS I 62 -2.80 11.21 -38.45
C LYS I 62 -4.21 11.58 -38.90
N ILE I 63 -4.42 11.86 -40.18
CA ILE I 63 -5.76 12.16 -40.64
C ILE I 63 -6.30 11.01 -41.44
N HIS I 64 -7.15 10.21 -40.79
CA HIS I 64 -7.63 8.97 -41.35
C HIS I 64 -8.84 9.23 -42.21
N TYR I 65 -8.95 8.47 -43.27
CA TYR I 65 -10.15 8.45 -44.08
C TYR I 65 -11.16 7.69 -43.27
N MET I 66 -12.41 8.14 -43.32
CA MET I 66 -13.49 7.44 -42.66
C MET I 66 -14.58 7.22 -43.70
N ALA I 67 -14.88 8.25 -44.47
CA ALA I 67 -15.83 8.08 -45.55
C ALA I 67 -15.55 9.04 -46.65
N PRO I 68 -16.20 8.99 -47.79
CA PRO I 68 -15.89 9.97 -48.83
C PRO I 68 -16.04 11.42 -48.46
N ASN I 69 -16.85 11.66 -47.41
CA ASN I 69 -17.20 12.97 -46.95
C ASN I 69 -16.92 13.14 -45.46
N ILE I 70 -16.12 12.25 -44.90
CA ILE I 70 -15.86 12.31 -43.49
C ILE I 70 -14.45 11.90 -43.28
N MET I 71 -13.70 12.65 -42.48
CA MET I 71 -12.39 12.24 -42.08
C MET I 71 -12.32 12.25 -40.58
N CYS I 72 -11.32 11.63 -40.07
CA CYS I 72 -11.11 11.59 -38.66
C CYS I 72 -9.66 11.93 -38.37
N CYS I 73 -9.33 12.63 -37.31
CA CYS I 73 -7.95 12.60 -36.92
C CYS I 73 -7.91 11.91 -35.59
N GLY I 74 -6.80 11.33 -35.26
CA GLY I 74 -6.79 10.68 -33.98
C GLY I 74 -5.58 11.05 -33.16
N ALA I 75 -5.77 10.90 -31.90
CA ALA I 75 -4.73 11.13 -30.94
C ALA I 75 -4.98 10.14 -29.81
N GLY I 76 -4.07 10.06 -28.89
CA GLY I 76 -4.14 8.95 -27.97
C GLY I 76 -3.31 7.80 -28.53
N THR I 77 -3.74 6.61 -28.13
CA THR I 77 -2.96 5.42 -28.33
C THR I 77 -3.14 5.02 -29.77
N SER I 78 -2.12 5.26 -30.58
CA SER I 78 -2.15 4.96 -32.00
C SER I 78 -2.88 3.66 -32.33
N ALA I 79 -2.73 2.62 -31.56
CA ALA I 79 -3.25 1.37 -32.05
C ALA I 79 -4.77 1.37 -32.01
N ASP I 80 -5.26 2.04 -30.97
CA ASP I 80 -6.66 2.15 -30.63
C ASP I 80 -7.29 3.08 -31.63
N THR I 81 -6.56 4.11 -31.97
CA THR I 81 -7.08 5.01 -32.94
C THR I 81 -7.18 4.36 -34.31
N GLU I 82 -6.19 3.60 -34.68
CA GLU I 82 -6.22 2.94 -35.97
C GLU I 82 -7.32 1.86 -35.98
N ALA I 83 -7.43 1.06 -34.93
CA ALA I 83 -8.44 0.04 -34.91
C ALA I 83 -9.82 0.65 -35.08
N VAL I 84 -10.07 1.65 -34.27
CA VAL I 84 -11.40 2.24 -34.19
C VAL I 84 -11.75 2.94 -35.47
N THR I 85 -10.85 3.68 -36.06
CA THR I 85 -11.29 4.33 -37.25
C THR I 85 -11.54 3.33 -38.37
N ASN I 86 -10.67 2.33 -38.49
CA ASN I 86 -10.85 1.31 -39.48
C ASN I 86 -12.15 0.62 -39.31
N MET I 87 -12.48 0.27 -38.11
CA MET I 87 -13.69 -0.46 -37.86
C MET I 87 -14.88 0.37 -38.27
N VAL I 88 -14.92 1.58 -37.79
CA VAL I 88 -16.02 2.40 -38.18
C VAL I 88 -15.98 2.70 -39.65
N SER I 89 -14.87 3.08 -40.21
CA SER I 89 -14.83 3.31 -41.63
C SER I 89 -15.49 2.17 -42.40
N SER I 90 -15.12 0.94 -42.04
CA SER I 90 -15.60 -0.25 -42.69
C SER I 90 -17.08 -0.39 -42.51
N HIS I 91 -17.57 -0.26 -41.29
CA HIS I 91 -18.98 -0.29 -41.03
C HIS I 91 -19.73 0.74 -41.89
N LEU I 92 -19.30 1.96 -41.91
CA LEU I 92 -19.98 2.89 -42.75
C LEU I 92 -19.91 2.57 -44.21
N ALA I 93 -18.84 1.96 -44.68
CA ALA I 93 -18.76 1.56 -46.09
C ALA I 93 -19.88 0.59 -46.42
N LEU I 94 -20.10 -0.30 -45.49
CA LEU I 94 -21.06 -1.34 -45.57
C LEU I 94 -22.47 -0.80 -45.47
N HIS I 95 -22.61 0.17 -44.59
CA HIS I 95 -23.89 0.76 -44.31
C HIS I 95 -24.32 1.54 -45.52
N ARG I 96 -23.34 2.10 -46.21
CA ARG I 96 -23.58 2.87 -47.42
C ARG I 96 -24.06 1.99 -48.54
N LEU I 97 -23.66 0.73 -48.58
CA LEU I 97 -24.18 -0.16 -49.62
C LEU I 97 -25.60 -0.57 -49.25
N GLU I 98 -25.88 -0.83 -47.98
CA GLU I 98 -27.22 -1.13 -47.53
C GLU I 98 -28.17 0.00 -47.92
N THR I 99 -27.85 1.25 -47.52
CA THR I 99 -28.72 2.41 -47.63
C THR I 99 -28.65 3.07 -49.00
N GLY I 100 -27.55 2.95 -49.73
CA GLY I 100 -27.41 3.68 -50.99
C GLY I 100 -27.09 5.17 -50.88
N LYS I 101 -27.12 5.68 -49.65
CA LYS I 101 -26.97 7.10 -49.37
C LYS I 101 -25.54 7.32 -48.91
N GLN I 102 -25.19 8.59 -48.80
CA GLN I 102 -24.00 9.13 -48.23
C GLN I 102 -23.98 8.93 -46.72
N SER I 103 -22.82 8.67 -46.15
CA SER I 103 -22.75 8.48 -44.73
C SER I 103 -22.94 9.80 -44.04
N ARG I 104 -23.68 9.75 -42.96
CA ARG I 104 -23.90 10.93 -42.16
C ARG I 104 -22.80 11.01 -41.09
N VAL I 105 -22.33 12.23 -40.85
CA VAL I 105 -21.29 12.35 -39.88
C VAL I 105 -21.79 11.94 -38.50
N LEU I 106 -23.06 12.09 -38.28
CA LEU I 106 -23.57 11.75 -36.97
C LEU I 106 -23.69 10.23 -36.80
N GLU I 107 -23.88 9.42 -37.89
CA GLU I 107 -23.74 7.97 -37.77
C GLU I 107 -22.28 7.65 -37.42
N ALA I 108 -21.35 8.32 -38.05
CA ALA I 108 -19.96 8.02 -37.76
C ALA I 108 -19.64 8.22 -36.28
N LEU I 109 -20.12 9.35 -35.79
CA LEU I 109 -19.94 9.75 -34.42
C LEU I 109 -20.65 8.80 -33.50
N THR I 110 -21.83 8.37 -33.82
CA THR I 110 -22.49 7.50 -32.88
C THR I 110 -21.79 6.15 -32.82
N LEU I 111 -21.32 5.63 -33.95
CA LEU I 111 -20.66 4.36 -33.90
C LEU I 111 -19.39 4.42 -33.08
N LEU I 112 -18.69 5.53 -33.19
CA LEU I 112 -17.48 5.76 -32.46
C LEU I 112 -17.78 5.88 -30.99
N LYS I 113 -18.69 6.77 -30.61
CA LYS I 113 -18.91 6.92 -29.18
C LYS I 113 -19.48 5.65 -28.56
N ARG I 114 -20.23 4.87 -29.29
CA ARG I 114 -20.78 3.71 -28.64
C ARG I 114 -19.70 2.72 -28.35
N HIS I 115 -18.72 2.69 -29.26
CA HIS I 115 -17.64 1.74 -29.18
C HIS I 115 -16.75 2.17 -28.03
N LEU I 116 -16.30 3.42 -28.08
CA LEU I 116 -15.44 3.87 -27.04
C LEU I 116 -16.12 3.80 -25.71
N TYR I 117 -17.42 4.04 -25.60
CA TYR I 117 -18.07 4.05 -24.31
C TYR I 117 -18.03 2.67 -23.69
N ARG I 118 -18.12 1.64 -24.52
CA ARG I 118 -18.23 0.27 -24.09
C ARG I 118 -16.92 -0.20 -23.51
N TYR I 119 -15.82 0.38 -23.96
CA TYR I 119 -14.53 -0.02 -23.50
C TYR I 119 -14.05 0.86 -22.36
N GLN I 120 -14.91 1.77 -21.90
CA GLN I 120 -14.70 2.56 -20.69
C GLN I 120 -13.33 3.22 -20.67
N GLY I 121 -12.88 3.71 -21.82
CA GLY I 121 -11.68 4.53 -21.84
C GLY I 121 -10.41 3.75 -22.14
N HIS I 122 -10.53 2.42 -22.05
CA HIS I 122 -9.42 1.51 -22.21
C HIS I 122 -8.91 1.56 -23.63
N VAL I 123 -9.83 1.70 -24.58
CA VAL I 123 -9.56 2.06 -25.97
C VAL I 123 -9.35 3.57 -26.03
N SER I 124 -8.11 3.97 -25.89
CA SER I 124 -7.75 5.35 -25.64
C SER I 124 -7.55 6.06 -26.95
N ALA I 125 -8.58 6.04 -27.77
CA ALA I 125 -8.63 6.85 -28.96
C ALA I 125 -9.27 8.17 -28.58
N ALA I 126 -8.84 9.22 -29.21
CA ALA I 126 -9.42 10.53 -29.03
C ALA I 126 -9.44 11.15 -30.41
N LEU I 127 -10.63 11.49 -30.88
CA LEU I 127 -10.82 11.70 -32.28
C LEU I 127 -11.36 13.06 -32.50
N VAL I 128 -10.93 13.68 -33.57
CA VAL I 128 -11.70 14.74 -34.14
C VAL I 128 -12.26 14.20 -35.42
N LEU I 129 -13.53 14.43 -35.59
CA LEU I 129 -14.29 13.87 -36.66
C LEU I 129 -14.94 14.97 -37.42
N GLY I 130 -14.77 14.99 -38.69
CA GLY I 130 -15.24 16.13 -39.43
C GLY I 130 -15.76 15.64 -40.75
N GLY I 131 -16.94 16.05 -41.09
CA GLY I 131 -17.41 15.78 -42.41
C GLY I 131 -18.47 16.76 -42.84
N VAL I 132 -19.03 16.50 -43.98
CA VAL I 132 -20.08 17.31 -44.51
C VAL I 132 -21.11 16.37 -45.04
N ASP I 133 -22.30 16.57 -44.60
CA ASP I 133 -23.35 15.72 -45.07
C ASP I 133 -24.41 16.70 -45.58
N VAL I 134 -25.60 16.16 -45.76
CA VAL I 134 -26.71 16.89 -46.34
C VAL I 134 -27.11 18.01 -45.38
N GLU I 135 -26.97 17.73 -44.09
CA GLU I 135 -27.26 18.67 -43.02
C GLU I 135 -26.19 19.73 -42.80
N GLY I 136 -25.07 19.67 -43.53
CA GLY I 136 -24.01 20.68 -43.49
C GLY I 136 -22.75 20.22 -42.78
N PRO I 137 -21.84 21.13 -42.43
CA PRO I 137 -20.58 20.74 -41.81
C PRO I 137 -20.82 20.21 -40.41
N PHE I 138 -19.94 19.33 -40.02
CA PHE I 138 -20.13 18.69 -38.77
C PHE I 138 -18.79 18.37 -38.18
N LEU I 139 -18.45 19.02 -37.12
CA LEU I 139 -17.18 18.75 -36.55
C LEU I 139 -17.38 18.26 -35.13
N ALA I 140 -16.67 17.24 -34.71
CA ALA I 140 -16.91 16.82 -33.34
C ALA I 140 -15.70 16.21 -32.71
N THR I 141 -15.63 16.25 -31.40
CA THR I 141 -14.65 15.45 -30.73
C THR I 141 -15.25 14.22 -30.14
N ILE I 142 -14.55 13.11 -30.19
CA ILE I 142 -14.88 12.02 -29.32
C ILE I 142 -13.74 11.80 -28.37
N ALA I 143 -14.05 11.78 -27.10
CA ALA I 143 -13.06 11.50 -26.09
C ALA I 143 -13.01 10.00 -25.86
N PRO I 144 -11.92 9.49 -25.30
CA PRO I 144 -11.81 8.05 -25.10
C PRO I 144 -12.95 7.46 -24.31
N HIS I 145 -13.50 8.16 -23.33
CA HIS I 145 -14.57 7.52 -22.58
C HIS I 145 -15.86 7.55 -23.38
N GLY I 146 -15.88 8.27 -24.48
CA GLY I 146 -17.00 8.16 -25.39
C GLY I 146 -17.93 9.34 -25.25
N SER I 147 -17.45 10.44 -24.68
CA SER I 147 -18.19 11.67 -24.74
C SER I 147 -17.94 12.32 -26.08
N THR I 148 -18.95 12.93 -26.65
CA THR I 148 -18.77 13.81 -27.77
C THR I 148 -19.15 15.23 -27.43
N ASP I 149 -18.63 16.11 -28.28
CA ASP I 149 -18.83 17.54 -28.17
C ASP I 149 -18.79 18.09 -29.59
N ARG I 150 -19.93 18.26 -30.20
CA ARG I 150 -20.00 18.96 -31.46
C ARG I 150 -19.75 20.43 -31.29
N LEU I 151 -18.82 20.99 -32.04
CA LEU I 151 -18.38 22.35 -31.83
C LEU I 151 -17.82 22.90 -33.11
N PRO I 152 -17.70 24.20 -33.25
CA PRO I 152 -17.11 24.78 -34.42
C PRO I 152 -15.60 24.80 -34.54
N PHE I 153 -14.89 24.57 -33.47
CA PHE I 153 -13.49 24.34 -33.59
C PHE I 153 -13.11 23.42 -32.48
N VAL I 154 -12.10 22.62 -32.66
CA VAL I 154 -11.74 21.68 -31.64
C VAL I 154 -10.28 21.38 -31.74
N THR I 155 -9.79 20.77 -30.68
CA THR I 155 -8.48 20.21 -30.67
C THR I 155 -8.43 18.98 -29.80
N MET I 156 -7.52 18.12 -30.10
CA MET I 156 -7.26 17.04 -29.23
C MET I 156 -5.76 16.82 -29.26
N GLY I 157 -5.32 15.98 -28.37
CA GLY I 157 -3.92 15.64 -28.37
C GLY I 157 -3.16 16.42 -27.32
N SER I 158 -1.95 16.02 -27.13
CA SER I 158 -1.07 16.66 -26.19
C SER I 158 -0.86 18.10 -26.60
N GLY I 159 -0.87 18.39 -27.88
CA GLY I 159 -0.76 19.79 -28.29
C GLY I 159 -2.05 20.59 -28.24
N SER I 160 -3.08 19.99 -27.69
CA SER I 160 -4.43 20.49 -27.82
C SER I 160 -4.61 21.86 -27.21
N ILE I 161 -4.04 22.08 -26.05
CA ILE I 161 -4.19 23.35 -25.37
C ILE I 161 -3.48 24.48 -26.09
N ALA I 162 -2.25 24.26 -26.49
CA ALA I 162 -1.57 25.26 -27.26
C ALA I 162 -2.36 25.61 -28.50
N ALA I 163 -2.80 24.62 -29.25
CA ALA I 163 -3.53 24.89 -30.48
C ALA I 163 -4.87 25.54 -30.24
N MET I 164 -5.58 25.04 -29.24
CA MET I 164 -6.86 25.66 -28.87
C MET I 164 -6.67 27.13 -28.57
N ALA I 165 -5.52 27.52 -28.15
CA ALA I 165 -5.41 28.90 -27.79
C ALA I 165 -5.33 29.78 -29.02
N GLN I 166 -4.67 29.30 -30.06
CA GLN I 166 -4.71 30.00 -31.33
C GLN I 166 -6.11 29.91 -31.95
N LEU I 167 -6.86 28.85 -31.75
CA LEU I 167 -8.20 28.94 -32.29
C LEU I 167 -9.05 29.96 -31.54
N GLU I 168 -8.97 30.04 -30.21
CA GLU I 168 -9.81 30.97 -29.51
C GLU I 168 -9.39 32.38 -29.91
N ALA I 169 -8.13 32.55 -30.13
CA ALA I 169 -7.66 33.87 -30.47
C ALA I 169 -8.07 34.35 -31.85
N ALA I 170 -8.24 33.47 -32.85
CA ALA I 170 -8.40 33.87 -34.25
C ALA I 170 -9.69 33.33 -34.91
N TYR I 171 -10.32 32.32 -34.37
CA TYR I 171 -11.47 31.79 -35.05
C TYR I 171 -12.51 32.86 -35.24
N LYS I 172 -13.22 32.78 -36.34
CA LYS I 172 -14.44 33.54 -36.49
C LYS I 172 -15.44 32.72 -37.31
N ASP I 173 -16.72 33.08 -37.28
CA ASP I 173 -17.68 32.38 -38.11
C ASP I 173 -17.52 32.79 -39.58
N ASN I 174 -17.83 31.86 -40.48
CA ASN I 174 -17.93 32.07 -41.92
C ASN I 174 -16.56 32.41 -42.50
N MET I 175 -15.56 31.71 -42.00
CA MET I 175 -14.25 31.83 -42.58
C MET I 175 -14.26 31.25 -43.98
N THR I 176 -13.54 31.87 -44.86
CA THR I 176 -13.24 31.30 -46.15
C THR I 176 -12.36 30.09 -45.97
N CYS I 177 -12.34 29.21 -46.96
CA CYS I 177 -11.47 28.04 -46.95
C CYS I 177 -10.01 28.40 -46.66
N GLU I 178 -9.48 29.52 -47.13
CA GLU I 178 -8.05 29.79 -46.98
C GLU I 178 -7.81 30.24 -45.55
N GLU I 179 -8.62 31.22 -45.12
CA GLU I 179 -8.68 31.64 -43.74
C GLU I 179 -8.66 30.44 -42.81
N ALA I 180 -9.36 29.38 -43.19
CA ALA I 180 -9.58 28.28 -42.29
C ALA I 180 -8.36 27.42 -42.25
N LYS I 181 -7.75 27.25 -43.43
CA LYS I 181 -6.55 26.44 -43.57
C LYS I 181 -5.43 27.11 -42.84
N GLU I 182 -5.33 28.44 -42.96
CA GLU I 182 -4.22 29.16 -42.38
C GLU I 182 -4.32 29.04 -40.90
N LEU I 183 -5.55 29.13 -40.42
CA LEU I 183 -5.78 29.13 -39.00
C LEU I 183 -5.48 27.75 -38.48
N VAL I 184 -5.91 26.72 -39.18
CA VAL I 184 -5.64 25.37 -38.75
C VAL I 184 -4.14 25.14 -38.77
N ALA I 185 -3.48 25.55 -39.83
CA ALA I 185 -2.04 25.40 -39.79
C ALA I 185 -1.45 26.15 -38.60
N SER I 186 -1.71 27.44 -38.49
CA SER I 186 -1.28 28.20 -37.34
C SER I 186 -1.56 27.46 -36.05
N ALA I 187 -2.72 26.91 -35.88
CA ALA I 187 -2.93 26.27 -34.61
C ALA I 187 -2.03 25.06 -34.45
N ILE I 188 -1.88 24.26 -35.47
CA ILE I 188 -1.02 23.10 -35.38
C ILE I 188 0.40 23.55 -35.19
N ARG I 189 0.81 24.63 -35.81
CA ARG I 189 2.16 25.06 -35.50
C ARG I 189 2.31 25.33 -34.01
N LYS I 190 1.30 25.83 -33.33
CA LYS I 190 1.50 26.08 -31.93
C LYS I 190 1.81 24.79 -31.20
N GLY I 191 1.25 23.67 -31.63
CA GLY I 191 1.58 22.45 -30.94
C GLY I 191 2.97 21.97 -31.38
N ILE I 192 3.23 21.96 -32.67
CA ILE I 192 4.52 21.53 -33.17
C ILE I 192 5.66 22.17 -32.39
N PHE I 193 5.59 23.48 -32.24
CA PHE I 193 6.58 24.25 -31.56
C PHE I 193 6.46 24.28 -30.05
N ASN I 194 5.41 23.81 -29.44
CA ASN I 194 5.33 23.95 -27.98
C ASN I 194 5.07 22.61 -27.30
N ASP I 195 4.45 21.67 -27.99
CA ASP I 195 4.36 20.30 -27.49
C ASP I 195 5.55 19.51 -28.03
N PRO I 196 6.25 18.85 -27.09
CA PRO I 196 7.24 17.84 -27.43
C PRO I 196 6.64 16.68 -28.18
N TYR I 197 5.44 16.32 -27.86
CA TYR I 197 4.96 15.12 -28.51
C TYR I 197 4.51 15.36 -29.94
N SER I 198 4.53 16.61 -30.38
CA SER I 198 4.00 17.03 -31.66
C SER I 198 5.09 17.60 -32.50
N GLY I 199 5.04 17.35 -33.78
CA GLY I 199 6.00 18.04 -34.57
C GLY I 199 6.01 17.69 -36.02
N THR I 200 7.04 18.21 -36.62
CA THR I 200 7.44 18.03 -37.99
C THR I 200 6.69 19.00 -38.87
N GLN I 201 5.47 18.64 -39.29
CA GLN I 201 4.78 19.47 -40.26
C GLN I 201 3.29 19.32 -40.07
N VAL I 202 2.58 20.23 -40.75
CA VAL I 202 1.17 20.31 -40.68
C VAL I 202 0.57 19.63 -41.88
N ASP I 203 -0.36 18.71 -41.63
CA ASP I 203 -1.22 18.20 -42.66
C ASP I 203 -2.60 18.77 -42.51
N VAL I 204 -3.27 19.10 -43.61
CA VAL I 204 -4.66 19.49 -43.48
C VAL I 204 -5.52 18.73 -44.45
N CYS I 205 -6.77 18.70 -44.14
CA CYS I 205 -7.76 18.07 -44.96
C CYS I 205 -8.91 19.01 -45.00
N VAL I 206 -9.36 19.34 -46.18
CA VAL I 206 -10.55 20.13 -46.35
C VAL I 206 -11.71 19.29 -46.83
N ILE I 207 -12.85 19.45 -46.27
CA ILE I 207 -13.98 18.63 -46.68
C ILE I 207 -15.09 19.57 -47.06
N THR I 208 -15.49 19.54 -48.32
CA THR I 208 -16.63 20.31 -48.74
C THR I 208 -17.69 19.27 -49.00
N LYS I 209 -18.89 19.76 -49.33
CA LYS I 209 -20.02 18.96 -49.74
C LYS I 209 -19.59 17.97 -50.84
N ASP I 210 -18.83 18.51 -51.81
CA ASP I 210 -18.51 17.83 -53.05
C ASP I 210 -17.30 16.92 -52.92
N LYS I 211 -16.29 17.35 -52.16
CA LYS I 211 -15.03 16.65 -52.20
C LYS I 211 -14.19 16.86 -50.94
N THR I 212 -13.18 16.04 -50.83
CA THR I 212 -12.31 15.94 -49.69
C THR I 212 -10.88 15.99 -50.22
N GLU I 213 -10.21 17.11 -49.97
CA GLU I 213 -8.88 17.35 -50.48
C GLU I 213 -7.94 17.28 -49.29
N LEU I 214 -7.12 16.25 -49.24
CA LEU I 214 -6.13 16.11 -48.20
C LEU I 214 -4.79 16.63 -48.72
N THR I 215 -4.08 17.37 -47.89
CA THR I 215 -2.89 18.09 -48.31
C THR I 215 -1.82 17.84 -47.27
N ILE I 216 -0.88 16.98 -47.63
CA ILE I 216 0.23 16.65 -46.78
C ILE I 216 1.30 17.74 -46.90
N GLY I 217 1.88 18.11 -45.78
CA GLY I 217 2.82 19.20 -45.79
C GLY I 217 2.20 20.44 -46.42
N TYR I 218 1.16 20.94 -45.79
CA TYR I 218 0.59 22.19 -46.20
C TYR I 218 1.51 23.30 -45.70
N ASP I 219 2.08 23.04 -44.50
CA ASP I 219 3.14 23.83 -43.91
C ASP I 219 4.25 22.85 -43.52
N LYS I 220 5.46 23.11 -44.05
CA LYS I 220 6.69 22.49 -43.60
C LYS I 220 7.60 23.53 -42.95
N PRO I 221 7.42 23.88 -41.65
CA PRO I 221 8.25 24.87 -40.97
C PRO I 221 9.54 24.36 -40.30
N ASN I 222 9.96 23.15 -40.67
CA ASN I 222 11.13 22.49 -40.10
C ASN I 222 11.82 21.65 -41.17
N GLU I 223 12.66 22.27 -42.02
CA GLU I 223 13.62 21.50 -42.82
C GLU I 223 14.63 20.83 -41.85
N ARG I 224 15.84 20.53 -42.33
CA ARG I 224 16.98 20.37 -41.42
C ARG I 224 18.10 21.35 -41.83
N MET I 225 18.80 21.87 -40.81
CA MET I 225 19.51 23.15 -40.90
C MET I 225 21.01 22.95 -41.17
N TYR I 226 21.52 21.75 -40.87
CA TYR I 226 22.85 21.27 -41.26
C TYR I 226 22.65 20.16 -42.31
N PRO I 227 23.18 20.25 -43.57
CA PRO I 227 23.01 19.13 -44.51
C PRO I 227 23.68 17.88 -43.95
N ARG I 228 23.05 16.72 -44.15
CA ARG I 228 23.54 15.45 -43.65
C ARG I 228 24.98 15.27 -44.12
N GLN I 229 25.83 14.70 -43.25
CA GLN I 229 27.24 14.49 -43.55
C GLN I 229 27.44 13.02 -43.93
N GLU I 230 27.57 12.76 -45.23
CA GLU I 230 27.79 11.41 -45.70
C GLU I 230 29.05 10.87 -45.04
N VAL I 231 28.83 9.95 -44.08
CA VAL I 231 29.87 9.11 -43.50
C VAL I 231 30.17 7.98 -44.47
N LEU I 232 31.42 7.88 -44.93
CA LEU I 232 31.77 6.94 -45.98
C LEU I 232 32.13 5.59 -45.36
N LEU I 233 31.30 4.59 -45.68
CA LEU I 233 31.51 3.21 -45.26
C LEU I 233 31.52 2.32 -46.51
N PRO I 234 32.71 2.11 -47.12
CA PRO I 234 32.82 1.38 -48.40
C PRO I 234 32.66 -0.13 -48.26
N PRO I 235 31.94 -0.81 -49.17
CA PRO I 235 31.81 -2.27 -49.09
C PRO I 235 33.04 -3.00 -48.55
N GLY I 236 32.78 -4.05 -47.75
CA GLY I 236 33.80 -4.85 -47.09
C GLY I 236 34.27 -4.25 -45.77
N THR I 237 33.77 -3.04 -45.46
CA THR I 237 34.14 -2.31 -44.25
C THR I 237 33.77 -3.09 -43.00
N THR I 238 32.65 -3.82 -43.03
CA THR I 238 32.19 -4.50 -41.85
C THR I 238 32.57 -5.98 -41.96
N PRO I 239 33.21 -6.55 -40.91
CA PRO I 239 33.67 -7.95 -40.94
C PRO I 239 32.54 -8.96 -40.92
N VAL I 240 32.54 -9.77 -41.97
CA VAL I 240 31.56 -10.80 -42.18
C VAL I 240 32.24 -12.14 -41.97
N LEU I 241 31.48 -13.07 -41.40
CA LEU I 241 31.93 -14.39 -41.01
C LEU I 241 31.49 -15.41 -42.05
N LYS I 242 30.21 -15.34 -42.39
CA LYS I 242 29.61 -16.21 -43.37
C LYS I 242 28.64 -15.40 -44.20
N GLU I 243 28.23 -15.98 -45.33
CA GLU I 243 27.43 -15.33 -46.34
C GLU I 243 26.68 -16.42 -47.06
N GLU I 244 25.39 -16.23 -47.29
CA GLU I 244 24.61 -17.13 -48.14
C GLU I 244 23.93 -16.24 -49.15
N ILE I 245 24.15 -16.50 -50.44
CA ILE I 245 23.43 -15.77 -51.48
C ILE I 245 22.41 -16.74 -52.08
N ARG I 246 21.26 -16.20 -52.48
CA ARG I 246 20.20 -17.00 -53.06
C ARG I 246 19.51 -16.16 -54.14
N GLN I 247 19.44 -16.71 -55.37
CA GLN I 247 18.83 -16.04 -56.51
C GLN I 247 17.37 -16.52 -56.67
N LEU I 248 16.51 -15.75 -57.38
CA LEU I 248 15.06 -15.94 -57.29
C LEU I 248 14.40 -16.42 -58.61
N SER J 2 11.39 -5.32 -16.56
CA SER J 2 10.50 -5.21 -17.75
C SER J 2 10.49 -6.55 -18.50
N ILE J 3 9.33 -6.90 -19.03
CA ILE J 3 9.06 -8.17 -19.65
C ILE J 3 9.54 -8.09 -21.10
N MET J 4 9.55 -6.89 -21.65
CA MET J 4 9.92 -6.71 -23.03
C MET J 4 11.42 -6.80 -23.18
N ALA J 5 12.14 -6.64 -22.08
CA ALA J 5 13.59 -6.63 -22.10
C ALA J 5 14.17 -7.95 -21.60
N TYR J 6 13.33 -8.84 -21.10
CA TYR J 6 13.79 -9.99 -20.38
C TYR J 6 14.70 -10.80 -21.26
N SER J 7 14.32 -11.03 -22.51
CA SER J 7 15.01 -11.98 -23.36
C SER J 7 16.08 -11.32 -24.21
N GLY J 8 16.10 -10.00 -24.20
CA GLY J 8 17.13 -9.27 -24.92
C GLY J 8 16.89 -9.37 -26.40
N GLY J 9 17.70 -8.67 -27.19
CA GLY J 9 17.54 -8.79 -28.62
C GLY J 9 17.05 -7.47 -29.22
N SER J 10 17.55 -7.17 -30.42
CA SER J 10 17.24 -5.99 -31.15
C SER J 10 17.25 -6.31 -32.60
N VAL J 11 16.42 -5.59 -33.33
CA VAL J 11 16.20 -5.81 -34.71
C VAL J 11 16.03 -4.48 -35.34
N MET J 12 16.38 -4.39 -36.60
CA MET J 12 16.36 -3.15 -37.30
C MET J 12 16.27 -3.39 -38.80
N ALA J 13 15.49 -2.60 -39.48
CA ALA J 13 15.37 -2.76 -40.89
C ALA J 13 15.52 -1.41 -41.54
N MET J 14 16.18 -1.35 -42.68
CA MET J 14 16.24 -0.08 -43.38
C MET J 14 16.16 -0.25 -44.87
N ALA J 15 15.64 0.81 -45.48
CA ALA J 15 15.33 0.81 -46.88
C ALA J 15 16.47 1.45 -47.62
N GLY J 16 16.68 0.95 -48.82
CA GLY J 16 17.51 1.65 -49.79
C GLY J 16 16.76 1.66 -51.12
N LYS J 17 17.49 1.80 -52.22
CA LYS J 17 16.89 1.77 -53.54
C LYS J 17 16.64 0.32 -53.91
N GLU J 18 15.36 -0.08 -53.86
CA GLU J 18 14.96 -1.36 -54.39
C GLU J 18 15.68 -2.47 -53.61
N CYS J 19 15.68 -2.30 -52.29
CA CYS J 19 16.33 -3.23 -51.40
C CYS J 19 16.04 -2.82 -49.97
N PHE J 20 16.13 -3.79 -49.09
CA PHE J 20 16.25 -3.42 -47.72
C PHE J 20 17.21 -4.33 -47.03
N VAL J 21 17.60 -3.91 -45.88
CA VAL J 21 18.33 -4.77 -45.01
C VAL J 21 17.55 -4.97 -43.74
N ILE J 22 17.45 -6.19 -43.32
CA ILE J 22 16.98 -6.36 -41.97
C ILE J 22 18.02 -7.11 -41.19
N ILE J 23 18.18 -6.70 -39.95
CA ILE J 23 19.26 -7.23 -39.20
C ILE J 23 18.89 -7.46 -37.75
N SER J 24 19.34 -8.58 -37.19
CA SER J 24 19.12 -8.83 -35.77
C SER J 24 20.42 -9.06 -35.05
N ASP J 25 20.41 -8.83 -33.76
CA ASP J 25 21.53 -9.33 -32.98
C ASP J 25 21.30 -10.80 -32.70
N ASN J 26 22.12 -11.43 -31.88
CA ASN J 26 22.11 -12.89 -31.84
C ASN J 26 21.91 -13.44 -30.44
N ARG J 27 21.67 -12.58 -29.50
CA ARG J 27 21.74 -13.03 -28.15
C ARG J 27 20.42 -13.52 -27.69
N LEU J 28 20.39 -14.43 -26.78
CA LEU J 28 19.17 -14.74 -26.08
C LEU J 28 19.44 -14.81 -24.60
N GLY J 29 18.74 -14.07 -23.79
CA GLY J 29 19.08 -14.01 -22.38
C GLY J 29 17.88 -14.35 -21.54
N GLU J 30 18.13 -14.47 -20.25
CA GLU J 30 17.19 -14.19 -19.20
C GLU J 30 17.79 -13.07 -18.38
N GLN J 31 17.44 -11.86 -18.74
CA GLN J 31 18.01 -10.70 -18.13
C GLN J 31 19.50 -10.71 -18.46
N LEU J 32 20.31 -10.72 -17.44
CA LEU J 32 21.72 -10.62 -17.64
C LEU J 32 22.32 -11.99 -17.86
N LYS J 33 21.59 -13.09 -17.65
CA LYS J 33 22.17 -14.38 -17.95
C LYS J 33 22.12 -14.60 -19.43
N THR J 34 23.22 -14.83 -20.10
CA THR J 34 23.12 -15.15 -21.49
C THR J 34 22.93 -16.65 -21.62
N ILE J 35 21.97 -17.07 -22.43
CA ILE J 35 21.67 -18.46 -22.71
C ILE J 35 22.24 -18.89 -24.05
N SER J 36 22.18 -18.01 -25.02
CA SER J 36 22.70 -18.43 -26.27
C SER J 36 23.11 -17.21 -26.99
N THR J 37 24.09 -17.40 -27.83
CA THR J 37 24.62 -16.39 -28.68
C THR J 37 24.32 -16.73 -30.11
N GLU J 38 23.55 -17.75 -30.38
CA GLU J 38 23.20 -18.05 -31.75
C GLU J 38 21.68 -18.04 -31.92
N VAL J 39 21.05 -16.94 -31.57
CA VAL J 39 19.61 -16.85 -31.76
C VAL J 39 19.29 -15.58 -32.52
N PRO J 40 19.45 -15.61 -33.84
CA PRO J 40 18.98 -14.50 -34.66
C PRO J 40 17.46 -14.51 -34.58
N LYS J 41 16.89 -13.31 -34.57
CA LYS J 41 15.48 -13.13 -34.50
C LYS J 41 14.85 -12.86 -35.89
N LEU J 42 15.33 -13.37 -37.00
CA LEU J 42 14.60 -13.08 -38.22
C LEU J 42 13.81 -14.27 -38.77
N HIS J 43 12.70 -13.95 -39.37
CA HIS J 43 11.92 -14.97 -39.99
C HIS J 43 11.70 -14.55 -41.40
N VAL J 44 11.77 -15.50 -42.29
CA VAL J 44 11.51 -15.21 -43.66
C VAL J 44 10.13 -15.68 -43.98
N VAL J 45 9.29 -14.78 -44.45
CA VAL J 45 7.96 -15.19 -44.84
C VAL J 45 7.93 -15.71 -46.25
N ASN J 46 8.63 -15.03 -47.12
CA ASN J 46 8.67 -15.36 -48.53
C ASN J 46 9.79 -14.50 -49.12
N ASP J 47 10.00 -14.59 -50.42
CA ASP J 47 11.17 -14.01 -51.05
C ASP J 47 11.25 -12.51 -50.79
N SER J 48 10.10 -11.91 -50.51
CA SER J 48 10.04 -10.48 -50.48
C SER J 48 9.69 -9.96 -49.08
N ILE J 49 9.55 -10.83 -48.08
CA ILE J 49 9.22 -10.27 -46.77
C ILE J 49 10.06 -10.93 -45.73
N VAL J 50 10.58 -10.15 -44.81
CA VAL J 50 11.29 -10.75 -43.73
C VAL J 50 10.90 -10.07 -42.46
N TYR J 51 10.74 -10.77 -41.36
CA TYR J 51 10.47 -9.93 -40.23
C TYR J 51 11.28 -10.37 -39.06
N GLY J 52 11.38 -9.52 -38.09
CA GLY J 52 12.06 -9.84 -36.88
C GLY J 52 11.13 -9.60 -35.74
N LEU J 53 11.26 -10.36 -34.69
CA LEU J 53 10.52 -10.07 -33.49
C LEU J 53 11.45 -9.81 -32.33
N THR J 54 10.97 -9.00 -31.42
CA THR J 54 11.69 -8.78 -30.21
C THR J 54 10.72 -8.92 -29.09
N GLY J 55 11.20 -8.98 -27.90
CA GLY J 55 10.30 -9.04 -26.80
C GLY J 55 10.50 -10.38 -26.14
N LEU J 56 9.50 -10.79 -25.42
CA LEU J 56 9.71 -11.91 -24.57
C LEU J 56 9.91 -13.08 -25.48
N ARG J 57 10.96 -13.82 -25.31
CA ARG J 57 11.25 -14.81 -26.30
C ARG J 57 10.13 -15.81 -26.42
N THR J 58 9.47 -16.27 -25.35
CA THR J 58 8.44 -17.25 -25.56
C THR J 58 7.37 -16.70 -26.48
N ASP J 59 7.05 -15.42 -26.35
CA ASP J 59 6.06 -14.82 -27.23
C ASP J 59 6.61 -14.62 -28.60
N GLN J 60 7.89 -14.36 -28.74
CA GLN J 60 8.39 -14.36 -30.10
C GLN J 60 8.12 -15.69 -30.75
N GLN J 61 8.35 -16.76 -30.03
CA GLN J 61 8.20 -18.07 -30.61
C GLN J 61 6.74 -18.34 -30.90
N THR J 62 5.89 -18.08 -29.94
CA THR J 62 4.49 -18.34 -30.11
C THR J 62 3.92 -17.57 -31.26
N PHE J 63 4.24 -16.32 -31.34
CA PHE J 63 3.66 -15.44 -32.30
C PHE J 63 4.25 -15.73 -33.65
N ALA J 64 5.52 -16.01 -33.73
CA ALA J 64 6.03 -16.38 -35.01
C ALA J 64 5.37 -17.61 -35.55
N ASN J 65 5.03 -18.56 -34.69
CA ASN J 65 4.34 -19.71 -35.11
C ASN J 65 2.91 -19.38 -35.53
N LYS J 66 2.21 -18.54 -34.79
CA LYS J 66 0.95 -18.04 -35.30
C LYS J 66 1.12 -17.33 -36.61
N VAL J 67 2.20 -16.63 -36.83
CA VAL J 67 2.31 -15.96 -38.09
C VAL J 67 2.55 -16.95 -39.20
N GLN J 68 3.31 -17.97 -38.91
CA GLN J 68 3.54 -18.97 -39.94
C GLN J 68 2.29 -19.79 -40.21
N PHE J 69 1.39 -19.97 -39.30
CA PHE J 69 0.16 -20.64 -39.64
C PHE J 69 -0.68 -19.79 -40.60
N ARG J 70 -0.94 -18.57 -40.20
CA ARG J 70 -1.59 -17.56 -40.99
C ARG J 70 -0.99 -17.39 -42.36
N THR J 71 0.30 -17.34 -42.45
CA THR J 71 0.83 -17.10 -43.77
C THR J 71 0.77 -18.29 -44.66
N GLU J 72 0.93 -19.49 -44.12
CA GLU J 72 0.90 -20.68 -44.94
C GLU J 72 -0.53 -20.97 -45.35
N MET J 73 -1.46 -20.63 -44.48
CA MET J 73 -2.86 -20.78 -44.80
C MET J 73 -3.27 -19.82 -45.88
N TYR J 74 -2.87 -18.60 -45.75
CA TYR J 74 -3.04 -17.59 -46.75
C TYR J 74 -2.59 -18.05 -48.10
N LYS J 75 -1.42 -18.61 -48.16
CA LYS J 75 -0.81 -18.99 -49.42
C LYS J 75 -1.56 -20.16 -50.03
N LEU J 76 -2.16 -21.02 -49.23
CA LEU J 76 -2.96 -22.06 -49.82
C LEU J 76 -4.30 -21.57 -50.31
N ARG J 77 -5.02 -20.84 -49.46
CA ARG J 77 -6.31 -20.34 -49.86
C ARG J 77 -6.19 -19.43 -51.07
N GLU J 78 -5.21 -18.57 -51.06
CA GLU J 78 -5.15 -17.50 -52.00
C GLU J 78 -4.28 -17.84 -53.18
N GLU J 79 -3.45 -18.84 -53.07
CA GLU J 79 -2.60 -19.24 -54.19
C GLU J 79 -1.76 -18.05 -54.59
N ARG J 80 -1.23 -17.34 -53.63
CA ARG J 80 -0.18 -16.42 -53.95
C ARG J 80 0.55 -16.09 -52.65
N ASP J 81 1.68 -15.43 -52.77
CA ASP J 81 2.40 -15.03 -51.60
C ASP J 81 1.73 -13.79 -51.02
N ILE J 82 1.66 -13.73 -49.71
CA ILE J 82 1.27 -12.50 -49.07
C ILE J 82 2.26 -11.43 -49.42
N THR J 83 1.81 -10.18 -49.45
CA THR J 83 2.67 -9.04 -49.71
C THR J 83 2.91 -8.29 -48.42
N GLY J 84 3.90 -7.45 -48.39
CA GLY J 84 4.28 -6.90 -47.12
C GLY J 84 3.20 -6.04 -46.51
N LYS J 85 2.37 -5.43 -47.34
CA LYS J 85 1.35 -4.57 -46.76
C LYS J 85 0.30 -5.44 -46.10
N ALA J 86 -0.16 -6.45 -46.81
CA ALA J 86 -1.11 -7.36 -46.23
C ALA J 86 -0.53 -7.99 -44.99
N PHE J 87 0.73 -8.44 -45.17
CA PHE J 87 1.42 -9.12 -44.11
C PHE J 87 1.44 -8.26 -42.87
N ALA J 88 1.68 -6.99 -43.02
CA ALA J 88 1.81 -6.16 -41.84
C ALA J 88 0.47 -5.82 -41.25
N ALA J 89 -0.51 -5.58 -42.10
CA ALA J 89 -1.89 -5.45 -41.68
C ALA J 89 -2.31 -6.67 -40.91
N MET J 90 -2.04 -7.83 -41.43
CA MET J 90 -2.37 -9.03 -40.76
C MET J 90 -1.80 -9.03 -39.37
N ILE J 91 -0.51 -8.74 -39.26
CA ILE J 91 0.18 -8.80 -37.99
C ILE J 91 -0.49 -7.85 -37.05
N THR J 92 -0.69 -6.65 -37.52
CA THR J 92 -1.31 -5.65 -36.70
C THR J 92 -2.66 -6.09 -36.16
N SER J 93 -3.43 -6.65 -37.04
CA SER J 93 -4.63 -7.26 -36.62
C SER J 93 -4.42 -8.28 -35.51
N MET J 94 -3.45 -9.16 -35.67
CA MET J 94 -3.26 -10.20 -34.68
C MET J 94 -2.85 -9.64 -33.33
N LEU J 95 -2.07 -8.61 -33.36
CA LEU J 95 -1.58 -8.10 -32.13
C LEU J 95 -2.67 -7.39 -31.39
N TYR J 96 -3.56 -6.76 -32.14
CA TYR J 96 -4.65 -6.00 -31.59
C TYR J 96 -5.75 -6.91 -31.07
N GLU J 97 -6.01 -8.06 -31.70
CA GLU J 97 -6.87 -9.02 -31.05
C GLU J 97 -6.46 -9.18 -29.58
N ALA J 98 -5.19 -9.00 -29.29
CA ALA J 98 -4.72 -9.36 -27.98
C ALA J 98 -4.48 -8.11 -27.16
N ARG J 99 -5.16 -7.05 -27.54
CA ARG J 99 -4.92 -5.73 -26.98
C ARG J 99 -5.00 -5.73 -25.47
N PHE J 100 -5.88 -6.56 -24.91
CA PHE J 100 -6.17 -6.51 -23.49
C PHE J 100 -5.38 -7.54 -22.71
N GLY J 101 -4.47 -8.23 -23.41
CA GLY J 101 -3.59 -9.23 -22.80
C GLY J 101 -2.51 -9.58 -23.79
N PRO J 102 -1.59 -8.63 -24.05
CA PRO J 102 -0.84 -8.60 -25.29
C PRO J 102 0.30 -9.59 -25.39
N TRP J 103 0.64 -9.86 -26.62
CA TRP J 103 1.84 -10.56 -26.94
C TRP J 103 2.98 -9.61 -26.71
N PHE J 104 3.93 -10.01 -25.90
CA PHE J 104 5.04 -9.15 -25.66
C PHE J 104 6.03 -9.32 -26.77
N VAL J 105 5.68 -8.80 -27.92
CA VAL J 105 6.63 -8.84 -29.01
C VAL J 105 6.59 -7.51 -29.68
N GLU J 106 7.57 -7.23 -30.52
CA GLU J 106 7.53 -5.99 -31.25
C GLU J 106 8.11 -6.32 -32.57
N PRO J 107 7.27 -6.55 -33.57
CA PRO J 107 7.71 -7.02 -34.86
C PRO J 107 8.29 -5.86 -35.62
N VAL J 108 9.09 -6.18 -36.60
CA VAL J 108 9.78 -5.26 -37.45
C VAL J 108 9.77 -5.91 -38.79
N ILE J 109 9.16 -5.32 -39.77
CA ILE J 109 8.89 -6.05 -40.99
C ILE J 109 9.52 -5.33 -42.12
N GLY J 110 10.24 -6.03 -42.93
CA GLY J 110 10.71 -5.40 -44.14
C GLY J 110 10.12 -6.14 -45.30
N SER J 111 9.87 -5.44 -46.38
CA SER J 111 9.35 -6.08 -47.57
C SER J 111 9.63 -5.24 -48.79
N ILE J 112 9.57 -5.91 -49.91
CA ILE J 112 9.86 -5.24 -51.13
C ILE J 112 8.90 -5.77 -52.16
N ASP J 113 8.11 -4.89 -52.77
CA ASP J 113 7.27 -5.28 -53.89
C ASP J 113 8.21 -5.75 -54.99
N LYS J 114 7.90 -6.92 -55.56
CA LYS J 114 8.84 -7.63 -56.41
C LYS J 114 8.92 -6.94 -57.78
N SER J 115 7.81 -6.32 -58.18
CA SER J 115 7.71 -5.60 -59.45
C SER J 115 8.37 -4.22 -59.36
N THR J 116 7.54 -3.22 -59.00
CA THR J 116 7.92 -1.86 -58.60
C THR J 116 9.33 -1.75 -57.99
N GLY J 117 9.57 -2.48 -56.89
CA GLY J 117 10.74 -2.29 -56.05
C GLY J 117 10.47 -1.33 -54.88
N GLU J 118 9.24 -0.83 -54.81
CA GLU J 118 8.75 -0.16 -53.63
C GLU J 118 9.05 -1.04 -52.44
N VAL J 119 9.52 -0.40 -51.37
CA VAL J 119 9.98 -1.04 -50.17
C VAL J 119 9.10 -0.56 -49.06
N TYR J 120 8.75 -1.49 -48.21
CA TYR J 120 7.80 -1.20 -47.20
C TYR J 120 8.41 -1.69 -45.93
N LEU J 121 8.56 -0.83 -44.98
CA LEU J 121 8.97 -1.26 -43.69
C LEU J 121 7.85 -0.99 -42.74
N CYS J 122 7.78 -1.72 -41.65
CA CYS J 122 6.75 -1.45 -40.71
C CYS J 122 7.24 -2.03 -39.45
N ALA J 123 7.21 -1.30 -38.38
CA ALA J 123 7.45 -1.83 -37.07
C ALA J 123 6.17 -1.58 -36.35
N THR J 124 5.89 -2.33 -35.30
CA THR J 124 4.69 -2.12 -34.52
C THR J 124 5.06 -2.18 -33.03
N ASP J 125 4.28 -1.48 -32.22
CA ASP J 125 4.27 -1.73 -30.80
C ASP J 125 3.59 -3.06 -30.53
N LEU J 126 3.49 -3.41 -29.27
CA LEU J 126 3.02 -4.73 -28.94
C LEU J 126 1.51 -4.90 -29.12
N ILE J 127 0.77 -3.83 -29.32
CA ILE J 127 -0.64 -3.97 -29.60
C ILE J 127 -0.92 -3.59 -31.04
N GLY J 128 0.10 -3.30 -31.80
CA GLY J 128 -0.05 -3.44 -33.21
C GLY J 128 -0.25 -2.12 -33.94
N ALA J 129 0.02 -1.02 -33.24
CA ALA J 129 0.18 0.28 -33.87
C ALA J 129 1.34 0.29 -34.85
N PRO J 130 1.08 0.46 -36.15
CA PRO J 130 2.16 0.50 -37.12
C PRO J 130 2.91 1.84 -37.14
N CYS J 131 4.08 1.74 -37.73
CA CYS J 131 5.04 2.80 -37.88
C CYS J 131 5.61 2.53 -39.26
N GLU J 132 5.20 3.26 -40.28
CA GLU J 132 5.61 2.91 -41.61
C GLU J 132 6.47 4.03 -42.15
N PRO J 133 7.72 4.18 -41.71
CA PRO J 133 8.60 5.20 -42.21
C PRO J 133 9.27 4.69 -43.45
N GLU J 134 9.97 5.62 -44.07
CA GLU J 134 10.55 5.42 -45.40
C GLU J 134 12.02 4.99 -45.27
N ASP J 135 12.58 5.22 -44.06
CA ASP J 135 14.02 5.13 -43.81
C ASP J 135 14.41 3.80 -43.16
N TYR J 136 13.99 3.65 -41.92
CA TYR J 136 14.44 2.56 -41.13
C TYR J 136 13.53 2.43 -39.93
N VAL J 137 13.35 1.24 -39.42
CA VAL J 137 12.50 1.03 -38.26
C VAL J 137 13.34 0.23 -37.32
N CYS J 138 12.96 0.13 -36.06
CA CYS J 138 13.73 -0.79 -35.26
C CYS J 138 13.12 -1.10 -33.91
N ALA J 139 13.59 -2.15 -33.26
CA ALA J 139 12.98 -2.44 -31.99
C ALA J 139 13.88 -3.26 -31.13
N GLY J 140 13.65 -3.19 -29.84
CA GLY J 140 14.27 -4.10 -28.92
C GLY J 140 15.02 -3.34 -27.86
N THR J 141 15.93 -4.04 -27.22
CA THR J 141 16.60 -3.48 -26.08
C THR J 141 17.48 -2.32 -26.51
N ALA J 142 18.03 -2.36 -27.73
CA ALA J 142 19.01 -1.36 -28.15
C ALA J 142 18.37 -0.32 -29.03
N ALA J 143 17.07 -0.13 -28.87
CA ALA J 143 16.33 0.61 -29.88
C ALA J 143 16.68 2.10 -29.80
N GLU J 144 16.84 2.68 -28.59
CA GLU J 144 17.26 4.07 -28.53
C GLU J 144 18.51 4.23 -29.40
N SER J 145 19.55 3.41 -29.17
CA SER J 145 20.84 3.62 -29.80
C SER J 145 20.77 3.36 -31.27
N LEU J 146 19.82 2.55 -31.69
CA LEU J 146 19.78 2.21 -33.10
C LEU J 146 19.21 3.35 -33.95
N HIS J 147 18.27 4.08 -33.35
CA HIS J 147 17.73 5.33 -33.87
C HIS J 147 18.85 6.34 -33.95
N GLY J 148 19.64 6.42 -32.88
CA GLY J 148 20.83 7.24 -32.97
C GLY J 148 21.58 7.00 -34.26
N MET J 149 21.88 5.73 -34.52
CA MET J 149 22.89 5.43 -35.49
C MET J 149 22.26 5.53 -36.85
N CYS J 150 21.03 5.10 -36.97
CA CYS J 150 20.42 5.05 -38.29
C CYS J 150 20.14 6.47 -38.75
N GLU J 151 19.71 7.34 -37.85
CA GLU J 151 19.54 8.75 -38.16
C GLU J 151 20.80 9.34 -38.80
N ALA J 152 21.91 9.08 -38.13
CA ALA J 152 23.22 9.57 -38.48
C ALA J 152 23.74 9.02 -39.80
N LEU J 153 23.61 7.72 -39.99
CA LEU J 153 24.29 7.03 -41.06
C LEU J 153 23.44 6.88 -42.29
N TRP J 154 22.13 6.73 -42.09
CA TRP J 154 21.20 6.39 -43.17
C TRP J 154 21.04 7.58 -44.07
N ARG J 155 21.00 7.33 -45.38
CA ARG J 155 20.59 8.37 -46.30
C ARG J 155 19.72 7.72 -47.36
N PRO J 156 18.91 8.50 -48.09
CA PRO J 156 18.08 7.98 -49.19
C PRO J 156 18.89 7.34 -50.31
N GLY J 157 18.27 6.36 -50.97
CA GLY J 157 18.73 5.77 -52.21
C GLY J 157 20.11 5.10 -52.12
N MET J 158 20.42 4.47 -50.99
CA MET J 158 21.60 3.63 -50.91
C MET J 158 21.36 2.33 -51.66
N SER J 159 22.45 1.65 -52.00
CA SER J 159 22.41 0.43 -52.79
C SER J 159 22.54 -0.71 -51.80
N PRO J 160 22.29 -1.96 -52.16
CA PRO J 160 22.40 -3.05 -51.19
C PRO J 160 23.66 -3.00 -50.33
N GLU J 161 24.82 -2.86 -50.95
CA GLU J 161 26.08 -2.90 -50.24
C GLU J 161 26.20 -1.69 -49.32
N GLU J 162 26.06 -0.48 -49.84
CA GLU J 162 26.24 0.67 -48.96
C GLU J 162 25.30 0.51 -47.76
N LEU J 163 24.17 -0.13 -48.01
CA LEU J 163 23.07 -0.11 -47.06
C LEU J 163 23.32 -1.13 -45.96
N PHE J 164 23.81 -2.30 -46.39
CA PHE J 164 24.38 -3.28 -45.50
C PHE J 164 25.44 -2.66 -44.59
N GLU J 165 26.44 -1.98 -45.13
CA GLU J 165 27.46 -1.46 -44.22
C GLU J 165 26.88 -0.55 -43.16
N ILE J 166 25.90 0.27 -43.48
CA ILE J 166 25.49 1.18 -42.44
C ILE J 166 24.51 0.45 -41.52
N ALA J 167 23.80 -0.54 -42.04
CA ALA J 167 23.00 -1.35 -41.14
C ALA J 167 23.93 -2.03 -40.14
N ALA J 168 24.96 -2.72 -40.61
CA ALA J 168 25.81 -3.42 -39.67
C ALA J 168 26.50 -2.50 -38.66
N GLN J 169 27.13 -1.43 -39.12
CA GLN J 169 27.76 -0.52 -38.19
C GLN J 169 26.78 -0.02 -37.13
N ALA J 170 25.56 0.17 -37.57
CA ALA J 170 24.56 0.71 -36.66
C ALA J 170 24.14 -0.35 -35.65
N MET J 171 23.87 -1.56 -36.15
CA MET J 171 23.47 -2.61 -35.23
C MET J 171 24.58 -2.86 -34.23
N LEU J 172 25.82 -2.99 -34.69
CA LEU J 172 26.93 -3.23 -33.79
C LEU J 172 27.23 -2.07 -32.86
N SER J 173 27.26 -0.87 -33.36
CA SER J 173 27.57 0.22 -32.46
C SER J 173 26.53 0.30 -31.36
N ALA J 174 25.30 0.05 -31.71
CA ALA J 174 24.24 0.23 -30.75
C ALA J 174 24.22 -0.92 -29.78
N CYS J 175 24.44 -2.13 -30.29
CA CYS J 175 24.49 -3.31 -29.46
C CYS J 175 25.68 -3.29 -28.53
N ASP J 176 26.71 -2.55 -28.87
CA ASP J 176 27.85 -2.42 -27.97
C ASP J 176 27.55 -1.52 -26.80
N ARG J 177 26.38 -0.91 -26.79
CA ARG J 177 25.97 -0.05 -25.72
C ARG J 177 24.75 -0.63 -25.02
N ASP J 178 24.34 -1.84 -25.43
CA ASP J 178 23.24 -2.53 -24.82
C ASP J 178 23.69 -3.86 -24.21
N SER J 179 23.54 -3.96 -22.89
CA SER J 179 23.84 -5.19 -22.19
C SER J 179 23.05 -6.37 -22.71
N LEU J 180 21.84 -6.15 -23.19
CA LEU J 180 21.00 -7.28 -23.50
C LEU J 180 21.01 -7.60 -24.97
N SER J 181 21.89 -7.06 -25.76
CA SER J 181 21.87 -7.36 -27.18
C SER J 181 23.31 -7.44 -27.65
N GLY J 182 23.51 -8.34 -28.62
CA GLY J 182 24.84 -8.54 -29.08
C GLY J 182 25.15 -9.92 -29.64
N TYR J 183 26.42 -10.27 -29.47
CA TYR J 183 27.02 -11.41 -30.10
C TYR J 183 26.85 -11.30 -31.59
N GLY J 184 27.26 -10.17 -32.11
CA GLY J 184 27.18 -9.96 -33.55
C GLY J 184 25.74 -10.07 -34.06
N ALA J 185 25.59 -10.22 -35.34
CA ALA J 185 24.29 -10.01 -35.91
C ALA J 185 24.15 -10.83 -37.15
N VAL J 186 22.93 -11.06 -37.55
CA VAL J 186 22.62 -11.65 -38.82
C VAL J 186 21.86 -10.65 -39.63
N ALA J 187 22.09 -10.61 -40.92
CA ALA J 187 21.50 -9.55 -41.69
C ALA J 187 21.00 -10.14 -42.96
N MET J 188 19.81 -9.76 -43.41
CA MET J 188 19.41 -10.21 -44.72
C MET J 188 19.24 -8.99 -45.56
N ILE J 189 19.89 -9.01 -46.72
CA ILE J 189 19.77 -7.98 -47.72
C ILE J 189 18.84 -8.51 -48.79
N VAL J 190 17.81 -7.77 -49.07
CA VAL J 190 16.76 -8.30 -49.92
C VAL J 190 16.58 -7.34 -51.09
N THR J 191 16.75 -7.83 -52.30
CA THR J 191 16.58 -6.99 -53.46
C THR J 191 15.41 -7.60 -54.20
N LYS J 192 15.22 -7.24 -55.47
CA LYS J 192 14.20 -7.89 -56.26
C LYS J 192 14.68 -9.29 -56.64
N ASP J 193 15.98 -9.36 -56.94
CA ASP J 193 16.59 -10.43 -57.72
C ASP J 193 17.16 -11.52 -56.81
N LYS J 194 17.43 -11.14 -55.56
CA LYS J 194 18.45 -11.79 -54.75
C LYS J 194 18.24 -11.53 -53.25
N VAL J 195 18.44 -12.57 -52.45
CA VAL J 195 18.49 -12.43 -51.01
C VAL J 195 19.87 -12.86 -50.58
N THR J 196 20.44 -12.11 -49.70
CA THR J 196 21.78 -12.39 -49.26
C THR J 196 21.74 -12.33 -47.75
N THR J 197 22.14 -13.40 -47.08
CA THR J 197 22.20 -13.42 -45.63
C THR J 197 23.65 -13.29 -45.23
N ARG J 198 23.92 -12.58 -44.18
CA ARG J 198 25.29 -12.48 -43.76
C ARG J 198 25.36 -12.50 -42.26
N LEU J 199 26.29 -13.28 -41.75
CA LEU J 199 26.53 -13.34 -40.33
C LEU J 199 27.72 -12.43 -40.03
N ILE J 200 27.54 -11.49 -39.16
CA ILE J 200 28.45 -10.41 -38.93
C ILE J 200 29.09 -10.65 -37.59
N LYS J 201 30.40 -10.39 -37.54
CA LYS J 201 31.20 -10.61 -36.34
C LYS J 201 30.97 -9.45 -35.41
N GLY J 202 30.80 -9.74 -34.13
CA GLY J 202 30.68 -8.70 -33.12
C GLY J 202 31.38 -9.07 -31.83
N ARG J 203 31.22 -8.21 -30.83
CA ARG J 203 31.83 -8.46 -29.54
C ARG J 203 31.22 -9.68 -28.87
N LYS J 204 31.97 -10.23 -27.93
CA LYS J 204 31.58 -11.42 -27.20
C LYS J 204 31.24 -11.06 -25.78
N ASP J 205 30.71 -9.86 -25.59
CA ASP J 205 30.26 -9.41 -24.29
C ASP J 205 28.77 -8.96 -24.40
N MET K 1 15.44 -23.65 -8.53
CA MET K 1 16.82 -23.07 -8.38
C MET K 1 17.61 -23.94 -7.40
N ALA K 2 16.92 -24.49 -6.40
CA ALA K 2 17.55 -25.33 -5.39
C ALA K 2 18.11 -26.61 -6.01
N GLU K 3 17.40 -27.14 -7.01
CA GLU K 3 17.77 -28.36 -7.68
C GLU K 3 18.32 -28.00 -9.05
N THR K 4 19.59 -28.29 -9.25
CA THR K 4 20.35 -27.87 -10.41
C THR K 4 20.31 -29.02 -11.41
N ALA K 5 19.96 -28.74 -12.65
CA ALA K 5 20.10 -29.72 -13.66
C ALA K 5 21.04 -29.25 -14.73
N ILE K 6 21.72 -30.17 -15.36
CA ILE K 6 22.79 -29.86 -16.28
C ILE K 6 22.74 -30.78 -17.45
N ALA K 7 23.12 -30.32 -18.62
CA ALA K 7 23.13 -31.22 -19.75
C ALA K 7 24.11 -30.78 -20.77
N PHE K 8 24.66 -31.72 -21.47
CA PHE K 8 25.37 -31.30 -22.63
C PHE K 8 25.48 -32.40 -23.62
N ARG K 9 25.76 -31.98 -24.84
CA ARG K 9 25.65 -32.93 -25.91
C ARG K 9 26.92 -32.91 -26.64
N CYS K 10 27.45 -34.09 -26.84
CA CYS K 10 28.60 -34.27 -27.69
C CYS K 10 28.14 -34.95 -28.95
N LYS K 11 29.03 -35.60 -29.65
CA LYS K 11 28.78 -35.98 -31.03
C LYS K 11 27.83 -37.15 -31.01
N ASP K 12 27.93 -37.97 -29.97
CA ASP K 12 27.34 -39.30 -29.92
C ASP K 12 26.54 -39.53 -28.66
N TYR K 13 26.28 -38.51 -27.90
CA TYR K 13 25.45 -38.71 -26.74
C TYR K 13 25.03 -37.35 -26.24
N VAL K 14 23.98 -37.38 -25.47
CA VAL K 14 23.66 -36.20 -24.74
C VAL K 14 23.52 -36.69 -23.34
N MET K 15 24.09 -35.93 -22.44
CA MET K 15 24.24 -36.42 -21.11
C MET K 15 23.51 -35.46 -20.22
N VAL K 16 22.79 -35.95 -19.27
CA VAL K 16 21.95 -35.04 -18.52
C VAL K 16 22.06 -35.35 -17.06
N ALA K 17 22.09 -34.38 -16.19
CA ALA K 17 22.26 -34.70 -14.78
C ALA K 17 21.34 -33.84 -13.97
N ALA K 18 20.90 -34.31 -12.85
CA ALA K 18 20.03 -33.44 -12.11
C ALA K 18 20.05 -33.86 -10.69
N ALA K 19 19.92 -32.88 -9.83
CA ALA K 19 20.12 -33.11 -8.42
C ALA K 19 18.93 -33.84 -7.83
N GLY K 20 19.21 -34.86 -7.02
CA GLY K 20 18.21 -35.58 -6.28
C GLY K 20 17.46 -34.74 -5.22
N LEU K 21 18.02 -33.64 -4.75
CA LEU K 21 17.38 -33.01 -3.63
C LEU K 21 15.89 -32.85 -3.83
N ASN K 22 15.10 -33.23 -2.81
CA ASN K 22 13.73 -32.76 -2.63
C ASN K 22 13.64 -32.06 -1.27
N ALA K 23 13.20 -30.82 -1.28
CA ALA K 23 13.15 -30.03 -0.07
C ALA K 23 11.72 -29.71 0.34
N PHE K 24 11.59 -29.26 1.58
CA PHE K 24 10.42 -28.58 2.05
C PHE K 24 10.91 -27.38 2.84
N TYR K 25 10.66 -26.16 2.40
CA TYR K 25 11.44 -25.04 2.91
C TYR K 25 12.85 -25.55 3.14
N TYR K 26 13.41 -25.49 4.35
CA TYR K 26 14.81 -25.87 4.56
C TYR K 26 14.99 -27.35 4.88
N ILE K 27 13.90 -28.06 5.08
CA ILE K 27 14.03 -29.43 5.51
C ILE K 27 14.36 -30.23 4.28
N LYS K 28 15.44 -30.94 4.32
CA LYS K 28 15.78 -31.80 3.23
C LYS K 28 15.07 -33.11 3.43
N ILE K 29 14.22 -33.46 2.48
CA ILE K 29 13.47 -34.70 2.59
C ILE K 29 14.26 -35.90 2.10
N THR K 30 14.93 -35.79 0.97
CA THR K 30 15.75 -36.87 0.41
C THR K 30 16.83 -36.23 -0.44
N ASP K 31 17.93 -36.91 -0.69
CA ASP K 31 18.77 -36.57 -1.83
C ASP K 31 18.65 -37.64 -2.91
N ALA K 32 17.44 -38.06 -3.31
CA ALA K 32 17.30 -39.18 -4.24
C ALA K 32 15.96 -39.21 -4.98
N GLU K 33 15.41 -38.04 -5.30
CA GLU K 33 14.30 -37.91 -6.23
C GLU K 33 14.92 -37.79 -7.62
N ASP K 34 14.74 -38.84 -8.44
CA ASP K 34 15.08 -38.77 -9.85
C ASP K 34 14.07 -37.85 -10.54
N LYS K 35 14.64 -36.80 -11.09
CA LYS K 35 13.95 -35.75 -11.76
C LYS K 35 14.30 -35.76 -13.21
N ILE K 36 14.89 -36.85 -13.64
CA ILE K 36 15.11 -36.99 -15.03
C ILE K 36 14.08 -37.97 -15.52
N THR K 37 13.19 -37.52 -16.35
CA THR K 37 12.13 -38.38 -16.76
C THR K 37 12.36 -38.85 -18.17
N GLN K 38 12.40 -40.13 -18.41
CA GLN K 38 12.40 -40.63 -19.77
C GLN K 38 10.98 -40.57 -20.33
N LEU K 39 10.88 -39.99 -21.52
CA LEU K 39 9.63 -39.75 -22.20
C LEU K 39 9.44 -40.79 -23.30
N ASP K 40 10.53 -41.28 -23.84
CA ASP K 40 10.46 -42.22 -24.90
C ASP K 40 11.76 -42.98 -24.91
N THR K 41 11.94 -43.90 -25.83
CA THR K 41 13.18 -44.64 -25.75
C THR K 41 14.42 -43.79 -25.93
N HIS K 42 14.28 -42.67 -26.57
CA HIS K 42 15.45 -41.89 -26.91
C HIS K 42 15.24 -40.44 -26.52
N GLN K 43 14.40 -40.21 -25.54
CA GLN K 43 14.07 -38.86 -25.20
C GLN K 43 13.91 -38.80 -23.71
N LEU K 44 14.58 -37.85 -23.06
CA LEU K 44 14.36 -37.70 -21.65
C LEU K 44 14.36 -36.25 -21.29
N VAL K 45 13.77 -35.95 -20.15
CA VAL K 45 13.62 -34.57 -19.83
C VAL K 45 14.02 -34.33 -18.40
N ALA K 46 15.05 -33.56 -18.18
CA ALA K 46 15.41 -33.23 -16.82
C ALA K 46 14.61 -32.04 -16.45
N CYS K 47 13.87 -32.14 -15.39
CA CYS K 47 12.85 -31.14 -15.13
C CYS K 47 12.94 -30.68 -13.69
N THR K 48 12.92 -29.40 -13.45
CA THR K 48 13.14 -28.91 -12.11
C THR K 48 12.03 -27.98 -11.74
N GLY K 49 11.69 -28.00 -10.47
CA GLY K 49 10.59 -27.22 -9.95
C GLY K 49 9.77 -28.09 -9.01
N GLU K 50 8.74 -27.49 -8.46
CA GLU K 50 7.99 -28.17 -7.43
C GLU K 50 7.40 -29.48 -7.97
N ASN K 51 7.29 -30.46 -7.09
CA ASN K 51 6.82 -31.75 -7.49
C ASN K 51 5.49 -31.60 -8.23
N GLY K 52 4.56 -30.79 -7.73
CA GLY K 52 3.26 -30.70 -8.37
C GLY K 52 3.35 -30.45 -9.87
N PRO K 53 3.85 -29.29 -10.25
CA PRO K 53 4.08 -28.98 -11.64
C PRO K 53 4.96 -29.91 -12.40
N ARG K 54 6.11 -30.21 -11.85
CA ARG K 54 7.05 -31.06 -12.53
C ARG K 54 6.39 -32.38 -12.89
N VAL K 55 5.66 -32.98 -11.97
CA VAL K 55 5.10 -34.29 -12.26
C VAL K 55 3.90 -34.12 -13.18
N ASN K 56 3.06 -33.18 -12.93
CA ASN K 56 1.94 -33.06 -13.83
C ASN K 56 2.37 -32.73 -15.26
N PHE K 57 3.38 -31.89 -15.42
CA PHE K 57 3.81 -31.52 -16.74
C PHE K 57 4.45 -32.72 -17.36
N THR K 58 5.32 -33.41 -16.65
CA THR K 58 6.01 -34.47 -17.33
C THR K 58 5.10 -35.62 -17.65
N GLU K 59 4.12 -35.86 -16.81
CA GLU K 59 3.24 -37.00 -17.01
C GLU K 59 2.30 -36.71 -18.17
N TYR K 60 1.89 -35.46 -18.30
CA TYR K 60 1.14 -35.04 -19.46
C TYR K 60 1.90 -35.29 -20.77
N ILE K 61 3.13 -34.84 -20.86
CA ILE K 61 3.91 -35.04 -22.03
C ILE K 61 4.07 -36.51 -22.24
N LYS K 62 4.42 -37.24 -21.22
CA LYS K 62 4.77 -38.63 -21.44
C LYS K 62 3.57 -39.40 -21.99
N CYS K 63 2.38 -39.10 -21.50
CA CYS K 63 1.13 -39.66 -21.95
C CYS K 63 0.83 -39.28 -23.37
N ASN K 64 0.72 -37.98 -23.64
CA ASN K 64 0.52 -37.52 -24.99
C ASN K 64 1.55 -38.04 -25.95
N LEU K 65 2.79 -38.20 -25.58
CA LEU K 65 3.65 -38.81 -26.55
C LEU K 65 3.23 -40.23 -26.81
N ALA K 66 2.75 -40.88 -25.76
CA ALA K 66 2.52 -42.32 -25.82
C ALA K 66 1.26 -42.53 -26.64
N LEU K 67 0.25 -41.74 -26.30
CA LEU K 67 -0.96 -41.67 -27.07
C LEU K 67 -0.62 -41.56 -28.54
N ASN K 68 0.19 -40.58 -28.90
CA ASN K 68 0.45 -40.24 -30.28
C ASN K 68 1.20 -41.37 -30.94
N ARG K 69 2.00 -42.10 -30.22
CA ARG K 69 2.75 -43.20 -30.78
C ARG K 69 1.80 -44.39 -31.03
N MET K 70 0.70 -44.50 -30.28
CA MET K 70 -0.31 -45.52 -30.54
C MET K 70 -0.92 -45.14 -31.86
N ARG K 71 -1.55 -43.93 -31.85
CA ARG K 71 -2.36 -43.40 -32.95
C ARG K 71 -1.43 -43.14 -34.15
N GLN K 72 -0.31 -43.84 -34.20
CA GLN K 72 0.68 -43.67 -35.22
C GLN K 72 1.54 -44.92 -35.27
N HIS K 73 0.93 -46.07 -34.92
CA HIS K 73 1.41 -47.40 -35.23
C HIS K 73 2.89 -47.53 -34.90
N GLY K 74 3.26 -47.04 -33.70
CA GLY K 74 4.50 -47.46 -33.03
C GLY K 74 5.71 -46.60 -33.37
N ARG K 75 5.47 -45.51 -34.09
CA ARG K 75 6.51 -44.65 -34.65
C ARG K 75 6.90 -43.61 -33.62
N HIS K 76 8.20 -43.39 -33.49
CA HIS K 76 8.69 -42.45 -32.50
C HIS K 76 8.65 -41.07 -33.10
N SER K 77 8.14 -40.14 -32.31
CA SER K 77 8.22 -38.73 -32.65
C SER K 77 9.69 -38.32 -32.61
N SER K 78 10.04 -37.34 -33.44
CA SER K 78 11.35 -36.69 -33.40
C SER K 78 11.51 -35.84 -32.15
N CYS K 79 12.75 -35.56 -31.79
CA CYS K 79 12.99 -34.75 -30.63
C CYS K 79 12.49 -33.35 -30.86
N GLU K 80 12.64 -32.79 -32.04
CA GLU K 80 12.17 -31.44 -32.24
C GLU K 80 10.63 -31.41 -32.11
N SER K 81 9.97 -32.40 -32.62
CA SER K 81 8.55 -32.47 -32.39
C SER K 81 8.24 -32.37 -30.93
N THR K 82 8.91 -33.22 -30.16
CA THR K 82 8.53 -33.34 -28.78
C THR K 82 8.82 -32.04 -28.07
N ALA K 83 9.92 -31.44 -28.40
CA ALA K 83 10.28 -30.21 -27.73
C ALA K 83 9.30 -29.10 -28.04
N ASN K 84 8.83 -29.02 -29.25
CA ASN K 84 7.83 -28.06 -29.63
C ASN K 84 6.51 -28.34 -28.99
N PHE K 85 6.19 -29.59 -28.81
CA PHE K 85 4.98 -29.91 -28.07
C PHE K 85 5.12 -29.45 -26.62
N MET K 86 6.27 -29.64 -26.02
CA MET K 86 6.47 -29.21 -24.66
C MET K 86 6.46 -27.73 -24.63
N ARG K 87 7.08 -27.09 -25.57
CA ARG K 87 7.12 -25.66 -25.54
C ARG K 87 5.73 -25.08 -25.62
N ASN K 88 4.90 -25.65 -26.45
CA ASN K 88 3.63 -25.07 -26.74
C ASN K 88 2.74 -25.28 -25.55
N CYS K 89 3.01 -26.31 -24.82
CA CYS K 89 2.23 -26.64 -23.65
C CYS K 89 2.59 -25.70 -22.50
N LEU K 90 3.88 -25.50 -22.28
CA LEU K 90 4.33 -24.48 -21.37
C LEU K 90 3.80 -23.13 -21.75
N ALA K 91 3.94 -22.74 -22.99
CA ALA K 91 3.59 -21.39 -23.39
C ALA K 91 2.12 -21.13 -23.18
N SER K 92 1.32 -22.11 -23.57
CA SER K 92 -0.11 -21.98 -23.50
C SER K 92 -0.48 -21.77 -22.06
N ALA K 93 0.17 -22.49 -21.20
CA ALA K 93 -0.11 -22.32 -19.79
C ALA K 93 0.19 -20.92 -19.27
N ILE K 94 1.08 -20.13 -19.80
CA ILE K 94 1.31 -18.88 -19.08
C ILE K 94 0.15 -17.93 -19.29
N ARG K 95 -0.70 -18.25 -20.23
CA ARG K 95 -1.83 -17.38 -20.51
C ARG K 95 -3.13 -18.09 -20.15
N SER K 96 -3.04 -19.10 -19.29
CA SER K 96 -4.20 -19.90 -18.93
C SER K 96 -4.72 -19.38 -17.61
N ARG K 97 -5.90 -19.87 -17.24
CA ARG K 97 -6.50 -19.55 -15.96
C ARG K 97 -5.58 -20.01 -14.83
N GLU K 98 -5.15 -21.27 -14.95
CA GLU K 98 -4.30 -21.95 -13.96
C GLU K 98 -2.93 -21.29 -13.81
N GLY K 99 -2.31 -20.87 -14.91
CA GLY K 99 -1.02 -20.19 -14.81
C GLY K 99 0.15 -21.08 -15.24
N ALA K 100 1.30 -20.42 -15.36
CA ALA K 100 2.51 -21.10 -15.79
C ALA K 100 2.75 -22.38 -15.01
N TYR K 101 3.20 -23.43 -15.70
CA TYR K 101 3.80 -24.55 -15.02
C TYR K 101 5.17 -24.11 -14.56
N GLN K 102 5.41 -23.88 -13.28
CA GLN K 102 6.71 -23.45 -12.82
C GLN K 102 7.73 -24.58 -12.84
N VAL K 103 8.28 -24.85 -14.00
CA VAL K 103 9.24 -25.89 -14.13
C VAL K 103 10.18 -25.44 -15.21
N ASN K 104 11.42 -25.92 -15.13
CA ASN K 104 12.35 -25.67 -16.18
C ASN K 104 12.95 -26.97 -16.64
N CYS K 105 13.07 -27.11 -17.93
CA CYS K 105 13.45 -28.36 -18.52
C CYS K 105 14.75 -28.26 -19.29
N LEU K 106 15.42 -29.38 -19.37
CA LEU K 106 16.35 -29.67 -20.42
C LEU K 106 15.76 -30.88 -21.06
N PHE K 107 15.54 -30.76 -22.33
CA PHE K 107 14.99 -31.86 -23.07
C PHE K 107 16.12 -32.34 -23.94
N ALA K 108 16.38 -33.62 -23.83
CA ALA K 108 17.47 -34.21 -24.55
C ALA K 108 17.03 -35.48 -25.20
N GLY K 109 17.54 -35.68 -26.37
CA GLY K 109 17.14 -36.84 -27.11
C GLY K 109 18.20 -37.23 -28.12
N TYR K 110 17.96 -38.39 -28.72
CA TYR K 110 18.82 -38.77 -29.79
C TYR K 110 17.94 -39.24 -30.93
N ASP K 111 18.07 -38.60 -32.08
CA ASP K 111 17.17 -38.85 -33.17
C ASP K 111 17.80 -39.91 -34.05
N THR K 112 17.09 -41.01 -34.23
CA THR K 112 17.55 -42.07 -35.12
C THR K 112 16.61 -42.10 -36.31
N PRO K 113 17.06 -42.64 -37.46
CA PRO K 113 16.17 -42.87 -38.60
C PRO K 113 14.93 -43.65 -38.17
N VAL K 114 13.76 -43.09 -38.45
CA VAL K 114 12.52 -43.71 -37.99
C VAL K 114 12.08 -44.78 -38.98
N SER K 115 12.58 -44.65 -40.23
CA SER K 115 12.34 -45.61 -41.29
C SER K 115 13.47 -45.51 -42.32
N GLU K 116 13.33 -46.22 -43.46
CA GLU K 116 14.27 -46.17 -44.57
C GLU K 116 14.21 -44.81 -45.29
N ASP K 117 13.06 -44.12 -45.17
CA ASP K 117 12.76 -42.92 -45.93
C ASP K 117 13.22 -41.66 -45.18
N ASP K 118 13.46 -41.78 -43.88
CA ASP K 118 13.78 -40.65 -43.01
C ASP K 118 15.13 -40.04 -43.42
N ASP K 119 15.02 -38.83 -43.99
CA ASP K 119 16.16 -38.03 -44.40
C ASP K 119 16.52 -37.06 -43.27
N GLY K 120 15.87 -37.24 -42.11
CA GLY K 120 15.87 -36.26 -41.05
C GLY K 120 17.20 -36.19 -40.31
N VAL K 121 17.21 -35.43 -39.25
CA VAL K 121 18.42 -35.17 -38.49
C VAL K 121 18.71 -36.41 -37.68
N VAL K 122 19.96 -36.81 -37.67
CA VAL K 122 20.30 -37.95 -36.83
C VAL K 122 21.29 -37.47 -35.76
N GLY K 123 21.01 -37.86 -34.54
CA GLY K 123 22.00 -37.64 -33.52
C GLY K 123 21.40 -37.05 -32.26
N PRO K 124 22.25 -36.45 -31.45
CA PRO K 124 21.85 -35.92 -30.18
C PRO K 124 21.25 -34.55 -30.37
N GLN K 125 20.26 -34.27 -29.54
CA GLN K 125 19.58 -33.02 -29.54
C GLN K 125 19.44 -32.62 -28.11
N LEU K 126 19.59 -31.35 -27.82
CA LEU K 126 19.36 -30.88 -26.49
C LEU K 126 18.70 -29.54 -26.57
N PHE K 127 17.72 -29.32 -25.74
CA PHE K 127 16.98 -28.10 -25.72
C PHE K 127 16.88 -27.53 -24.32
N TYR K 128 17.05 -26.24 -24.27
CA TYR K 128 16.79 -25.53 -23.06
C TYR K 128 15.39 -25.00 -23.11
N MET K 129 14.55 -25.32 -22.13
CA MET K 129 13.27 -24.69 -22.01
C MET K 129 13.19 -23.96 -20.71
N ASP K 130 12.38 -22.93 -20.63
CA ASP K 130 12.08 -22.33 -19.35
C ASP K 130 10.58 -22.35 -19.19
N TYR K 131 10.11 -22.01 -18.00
CA TYR K 131 8.72 -22.24 -17.67
C TYR K 131 7.80 -21.43 -18.54
N LEU K 132 8.31 -20.39 -19.17
CA LEU K 132 7.43 -19.59 -19.99
C LEU K 132 7.31 -20.14 -21.40
N GLY K 133 8.16 -21.08 -21.72
CA GLY K 133 8.07 -21.74 -23.00
C GLY K 133 9.08 -21.13 -23.94
N THR K 134 10.15 -20.67 -23.38
CA THR K 134 11.24 -20.36 -24.23
C THR K 134 11.81 -21.68 -24.66
N LEU K 135 12.36 -21.80 -25.84
CA LEU K 135 12.83 -23.11 -26.26
C LEU K 135 14.00 -22.85 -27.16
N GLN K 136 15.15 -23.37 -26.82
CA GLN K 136 16.33 -23.07 -27.59
C GLN K 136 17.19 -24.30 -27.66
N ALA K 137 17.58 -24.69 -28.85
CA ALA K 137 18.57 -25.73 -28.96
C ALA K 137 19.86 -25.17 -28.43
N VAL K 138 20.62 -25.98 -27.70
CA VAL K 138 21.87 -25.54 -27.14
C VAL K 138 22.77 -26.73 -27.11
N PRO K 139 24.09 -26.56 -27.17
CA PRO K 139 25.02 -27.66 -26.91
C PRO K 139 25.22 -28.01 -25.44
N TYR K 140 24.99 -27.07 -24.55
CA TYR K 140 24.77 -27.44 -23.17
C TYR K 140 23.95 -26.38 -22.48
N GLY K 141 23.42 -26.75 -21.33
CA GLY K 141 22.55 -25.85 -20.63
C GLY K 141 22.29 -26.28 -19.21
N CYS K 142 21.81 -25.34 -18.42
CA CYS K 142 21.59 -25.66 -17.05
C CYS K 142 20.47 -24.86 -16.49
N HIS K 143 19.93 -25.38 -15.41
CA HIS K 143 18.97 -24.66 -14.64
C HIS K 143 19.33 -24.78 -13.20
N GLY K 144 18.90 -23.82 -12.41
CA GLY K 144 19.16 -23.87 -10.99
C GLY K 144 20.26 -22.93 -10.57
N TYR K 145 20.52 -22.93 -9.28
CA TYR K 145 21.51 -22.06 -8.68
C TYR K 145 22.91 -22.39 -9.21
N GLY K 146 23.17 -23.65 -9.53
CA GLY K 146 24.46 -24.03 -10.07
C GLY K 146 24.61 -23.69 -11.54
N ALA K 147 23.51 -23.31 -12.12
CA ALA K 147 23.42 -23.19 -13.54
C ALA K 147 24.56 -22.36 -14.04
N CYS K 148 24.79 -21.23 -13.41
CA CYS K 148 25.81 -20.37 -13.93
C CYS K 148 27.22 -20.88 -13.66
N PHE K 149 27.47 -21.52 -12.51
CA PHE K 149 28.82 -22.00 -12.31
C PHE K 149 29.09 -22.94 -13.45
N VAL K 150 28.15 -23.85 -13.67
CA VAL K 150 28.41 -24.94 -14.58
C VAL K 150 28.50 -24.44 -15.98
N THR K 151 27.61 -23.52 -16.31
CA THR K 151 27.63 -23.01 -17.65
C THR K 151 28.97 -22.41 -18.03
N ALA K 152 29.64 -21.77 -17.09
CA ALA K 152 30.92 -21.16 -17.40
C ALA K 152 31.97 -22.22 -17.43
N LEU K 153 31.86 -23.23 -16.56
CA LEU K 153 32.73 -24.40 -16.63
C LEU K 153 32.61 -25.14 -17.96
N LEU K 154 31.41 -25.27 -18.49
CA LEU K 154 31.25 -25.95 -19.75
C LEU K 154 31.75 -25.08 -20.85
N ASP K 155 31.56 -23.77 -20.75
CA ASP K 155 32.11 -22.91 -21.77
C ASP K 155 33.62 -23.07 -21.81
N ARG K 156 34.25 -23.32 -20.67
CA ARG K 156 35.68 -23.53 -20.63
C ARG K 156 36.08 -24.90 -21.18
N LEU K 157 35.37 -25.95 -20.78
CA LEU K 157 35.89 -27.29 -20.98
C LEU K 157 35.24 -28.10 -22.08
N TRP K 158 33.97 -27.85 -22.36
CA TRP K 158 33.21 -28.64 -23.30
C TRP K 158 33.84 -28.50 -24.66
N ARG K 159 33.86 -29.62 -25.37
CA ARG K 159 34.19 -29.57 -26.77
C ARG K 159 33.11 -30.40 -27.43
N PRO K 160 32.78 -30.16 -28.69
CA PRO K 160 31.78 -30.96 -29.37
C PRO K 160 32.08 -32.46 -29.46
N ASP K 161 33.34 -32.83 -29.39
CA ASP K 161 33.76 -34.17 -29.76
C ASP K 161 34.30 -34.97 -28.56
N LEU K 162 33.77 -34.78 -27.37
CA LEU K 162 34.26 -35.55 -26.24
C LEU K 162 33.84 -36.99 -26.45
N SER K 163 34.68 -37.91 -25.98
CA SER K 163 34.27 -39.30 -25.86
C SER K 163 33.20 -39.45 -24.79
N GLN K 164 32.55 -40.61 -24.75
CA GLN K 164 31.55 -40.88 -23.72
C GLN K 164 32.29 -40.85 -22.37
N GLN K 165 33.59 -41.15 -22.33
CA GLN K 165 34.33 -41.21 -21.08
C GLN K 165 34.80 -39.81 -20.63
N GLU K 166 35.37 -39.04 -21.56
CA GLU K 166 35.64 -37.66 -21.28
C GLU K 166 34.40 -36.91 -20.81
N GLY K 167 33.23 -37.29 -21.33
CA GLY K 167 31.96 -36.77 -20.88
C GLY K 167 31.62 -37.13 -19.44
N LEU K 168 31.76 -38.38 -19.03
CA LEU K 168 31.56 -38.71 -17.63
C LEU K 168 32.49 -37.86 -16.77
N GLU K 169 33.74 -37.70 -17.19
CA GLU K 169 34.70 -36.94 -16.39
C GLU K 169 34.22 -35.50 -16.28
N LEU K 170 33.80 -34.95 -17.41
CA LEU K 170 33.38 -33.58 -17.46
C LEU K 170 32.10 -33.38 -16.67
N MET K 171 31.18 -34.32 -16.72
CA MET K 171 29.96 -34.17 -15.96
C MET K 171 30.26 -34.20 -14.48
N GLN K 172 31.28 -34.97 -14.09
CA GLN K 172 31.65 -35.09 -12.68
C GLN K 172 32.17 -33.76 -12.15
N LYS K 173 33.02 -33.08 -12.92
CA LYS K 173 33.45 -31.75 -12.58
C LYS K 173 32.29 -30.79 -12.46
N CYS K 174 31.28 -30.97 -13.30
CA CYS K 174 30.08 -30.15 -13.23
C CYS K 174 29.32 -30.38 -11.96
N CYS K 175 29.09 -31.64 -11.63
CA CYS K 175 28.36 -31.93 -10.42
C CYS K 175 29.18 -31.38 -9.26
N ASP K 176 30.49 -31.59 -9.28
CA ASP K 176 31.34 -31.24 -8.16
C ASP K 176 31.33 -29.74 -7.93
N GLU K 177 31.51 -28.95 -8.97
CA GLU K 177 31.38 -27.52 -8.86
C GLU K 177 30.04 -27.15 -8.23
N VAL K 178 28.96 -27.80 -8.59
CA VAL K 178 27.70 -27.44 -7.94
C VAL K 178 27.71 -27.77 -6.45
N LYS K 179 28.41 -28.81 -6.03
CA LYS K 179 28.52 -29.09 -4.61
C LYS K 179 29.48 -28.12 -3.92
N ARG K 180 30.56 -27.77 -4.57
CA ARG K 180 31.48 -26.83 -3.98
C ARG K 180 30.80 -25.49 -3.78
N ARG K 181 29.95 -25.03 -4.69
CA ARG K 181 29.61 -23.64 -4.62
C ARG K 181 28.16 -23.34 -4.39
N VAL K 182 27.32 -24.31 -4.28
CA VAL K 182 25.98 -23.87 -4.00
C VAL K 182 25.67 -24.20 -2.56
N ILE K 183 25.00 -23.28 -1.90
CA ILE K 183 24.84 -23.31 -0.46
C ILE K 183 23.95 -24.52 -0.19
N ILE K 184 23.02 -24.74 -1.13
CA ILE K 184 22.05 -25.82 -1.09
C ILE K 184 22.72 -27.13 -1.43
N SER K 185 22.62 -28.12 -0.56
CA SER K 185 23.28 -29.40 -0.80
C SER K 185 22.61 -30.15 -1.96
N ASN K 186 23.23 -30.09 -3.12
CA ASN K 186 22.97 -31.00 -4.21
C ASN K 186 23.99 -32.12 -4.09
N SER K 187 23.86 -32.96 -3.07
CA SER K 187 24.85 -33.98 -2.71
C SER K 187 24.97 -35.11 -3.72
N TYR K 188 23.82 -35.57 -4.22
CA TYR K 188 23.74 -36.66 -5.19
C TYR K 188 23.05 -36.12 -6.43
N PHE K 189 23.62 -36.45 -7.60
CA PHE K 189 23.06 -36.22 -8.92
C PHE K 189 22.74 -37.53 -9.63
N PHE K 190 21.56 -37.57 -10.22
CA PHE K 190 21.28 -38.62 -11.16
C PHE K 190 21.75 -38.22 -12.52
N VAL K 191 22.29 -39.16 -13.24
CA VAL K 191 22.85 -38.84 -14.51
C VAL K 191 22.42 -39.88 -15.49
N LYS K 192 22.06 -39.45 -16.68
CA LYS K 192 21.66 -40.38 -17.71
C LYS K 192 22.25 -39.86 -18.97
N ALA K 193 22.33 -40.72 -19.95
CA ALA K 193 22.75 -40.27 -21.26
C ALA K 193 21.78 -40.84 -22.24
N VAL K 194 21.70 -40.20 -23.38
CA VAL K 194 21.01 -40.80 -24.46
C VAL K 194 22.05 -40.97 -25.54
N THR K 195 21.99 -42.12 -26.18
CA THR K 195 22.81 -42.51 -27.30
C THR K 195 21.92 -43.16 -28.34
N LYS K 196 22.51 -43.50 -29.50
CA LYS K 196 21.84 -44.35 -30.49
C LYS K 196 21.14 -45.51 -29.81
N ASN K 197 21.69 -46.03 -28.72
CA ASN K 197 21.16 -47.25 -28.11
C ASN K 197 20.17 -46.99 -27.00
N GLY K 198 19.75 -45.73 -26.84
CA GLY K 198 18.68 -45.39 -25.90
C GLY K 198 19.22 -44.64 -24.69
N VAL K 199 18.42 -44.65 -23.62
CA VAL K 199 18.75 -44.00 -22.37
C VAL K 199 19.54 -44.97 -21.52
N GLU K 200 20.76 -44.63 -21.18
CA GLU K 200 21.45 -45.38 -20.15
C GLU K 200 21.53 -44.55 -18.87
N VAL K 201 21.22 -45.18 -17.74
CA VAL K 201 21.58 -44.63 -16.45
C VAL K 201 23.09 -44.77 -16.21
N ILE K 202 23.61 -43.77 -15.52
CA ILE K 202 25.03 -43.64 -15.31
C ILE K 202 25.22 -43.52 -13.81
N THR K 203 25.81 -44.54 -13.18
CA THR K 203 25.95 -44.54 -11.72
C THR K 203 27.36 -44.10 -11.32
N ALA K 204 28.29 -44.08 -12.29
CA ALA K 204 29.68 -43.71 -12.10
C ALA K 204 29.86 -42.23 -11.69
N VAL K 205 28.82 -41.43 -11.89
CA VAL K 205 28.83 -40.02 -11.62
C VAL K 205 27.67 -39.72 -10.69
N HIS K 206 27.87 -38.81 -9.75
CA HIS K 206 26.77 -38.44 -8.85
C HIS K 206 27.11 -37.12 -8.12
N THR L 100 0.80 -29.51 15.10
CA THR L 100 0.61 -30.88 14.56
C THR L 100 1.96 -31.51 14.35
N THR L 101 2.07 -32.76 14.72
CA THR L 101 3.20 -33.52 14.28
C THR L 101 2.63 -34.84 13.82
N THR L 102 3.00 -35.25 12.63
CA THR L 102 2.65 -36.55 12.14
C THR L 102 3.89 -37.18 11.56
N LEU L 103 4.00 -38.47 11.67
CA LEU L 103 5.06 -39.11 10.95
C LEU L 103 4.64 -40.49 10.50
N ALA L 104 5.35 -40.99 9.54
CA ALA L 104 5.16 -42.35 9.14
C ALA L 104 6.44 -42.88 8.57
N PHE L 105 6.66 -44.14 8.75
CA PHE L 105 7.77 -44.69 8.02
C PHE L 105 7.50 -46.12 7.60
N ARG L 106 8.13 -46.50 6.51
CA ARG L 106 8.18 -47.88 6.10
C ARG L 106 9.34 -48.54 6.76
N PHE L 107 9.12 -49.74 7.26
CA PHE L 107 10.21 -50.61 7.62
C PHE L 107 9.87 -52.00 7.11
N ASN L 108 10.65 -53.02 7.48
CA ASN L 108 10.46 -54.36 6.95
C ASN L 108 9.08 -54.85 7.38
N GLY L 109 8.73 -54.58 8.62
CA GLY L 109 7.44 -55.03 9.11
C GLY L 109 6.20 -54.27 8.60
N GLY L 110 6.33 -53.30 7.71
CA GLY L 110 5.13 -52.53 7.39
C GLY L 110 5.33 -51.01 7.39
N ILE L 111 4.32 -50.32 7.89
CA ILE L 111 4.41 -48.89 8.03
C ILE L 111 3.88 -48.55 9.40
N ILE L 112 4.60 -47.66 10.08
CA ILE L 112 4.10 -47.06 11.28
C ILE L 112 3.68 -45.68 10.93
N VAL L 113 2.66 -45.24 11.63
CA VAL L 113 2.17 -43.91 11.48
C VAL L 113 1.92 -43.35 12.85
N ALA L 114 2.27 -42.11 13.14
CA ALA L 114 2.07 -41.69 14.50
C ALA L 114 1.69 -40.24 14.48
N VAL L 115 0.92 -39.83 15.44
CA VAL L 115 0.47 -38.46 15.41
C VAL L 115 0.21 -37.96 16.80
N ASP L 116 0.17 -36.66 16.95
CA ASP L 116 -0.30 -36.06 18.18
C ASP L 116 -1.77 -35.72 18.03
N SER L 117 -2.34 -34.97 18.96
CA SER L 117 -3.75 -34.72 18.87
C SER L 117 -4.10 -33.28 19.14
N ARG L 118 -3.21 -32.34 18.97
CA ARG L 118 -3.56 -31.00 19.37
C ARG L 118 -4.02 -30.26 18.15
N ALA L 119 -5.08 -29.46 18.29
CA ALA L 119 -5.43 -28.49 17.27
C ALA L 119 -5.36 -27.11 17.86
N SER L 120 -4.35 -26.35 17.45
CA SER L 120 -4.24 -24.94 17.81
C SER L 120 -5.14 -24.08 16.92
N THR L 121 -5.81 -23.05 17.52
CA THR L 121 -6.23 -21.83 16.81
C THR L 121 -5.22 -20.71 17.11
N GLY L 122 -4.01 -20.89 16.56
CA GLY L 122 -2.89 -20.02 16.82
C GLY L 122 -2.24 -20.25 18.19
N GLN L 123 -2.77 -19.58 19.23
CA GLN L 123 -2.16 -19.62 20.56
C GLN L 123 -3.08 -20.34 21.56
N TYR L 124 -4.39 -20.35 21.33
CA TYR L 124 -5.31 -21.04 22.21
C TYR L 124 -5.53 -22.43 21.61
N ILE L 125 -5.66 -23.42 22.49
CA ILE L 125 -5.71 -24.80 22.05
C ILE L 125 -7.16 -25.20 21.96
N ALA L 126 -7.60 -25.50 20.75
CA ALA L 126 -9.00 -25.77 20.49
C ALA L 126 -9.40 -27.17 20.93
N SER L 127 -8.47 -28.09 20.89
CA SER L 127 -8.74 -29.48 21.15
C SER L 127 -7.42 -30.12 21.55
N GLN L 128 -7.45 -30.96 22.57
CA GLN L 128 -6.34 -31.86 22.78
C GLN L 128 -6.69 -33.26 22.25
N THR L 129 -7.61 -33.40 21.31
CA THR L 129 -8.15 -34.73 21.07
C THR L 129 -8.52 -35.02 19.62
N VAL L 130 -8.00 -34.22 18.70
CA VAL L 130 -8.25 -34.40 17.30
C VAL L 130 -7.73 -35.78 16.93
N MET L 131 -8.48 -36.50 16.09
CA MET L 131 -7.92 -37.69 15.53
C MET L 131 -7.33 -37.25 14.22
N LYS L 132 -6.07 -37.59 14.03
CA LYS L 132 -5.30 -37.09 12.92
C LYS L 132 -4.85 -38.22 12.04
N VAL L 133 -5.27 -39.41 12.34
CA VAL L 133 -5.12 -40.43 11.35
C VAL L 133 -6.51 -40.70 10.87
N LEU L 134 -6.74 -40.51 9.58
CA LEU L 134 -8.02 -40.86 9.03
C LEU L 134 -7.88 -42.26 8.51
N GLU L 135 -8.82 -43.11 8.92
CA GLU L 135 -8.89 -44.45 8.42
C GLU L 135 -9.79 -44.39 7.19
N ILE L 136 -9.18 -44.39 6.04
CA ILE L 136 -9.90 -44.16 4.82
C ILE L 136 -10.74 -45.40 4.55
N ASN L 137 -10.06 -46.41 3.99
CA ASN L 137 -10.48 -47.76 3.66
C ASN L 137 -10.22 -48.50 4.99
N ASP L 138 -9.69 -49.73 4.92
CA ASP L 138 -9.17 -50.54 6.00
C ASP L 138 -7.85 -51.14 5.57
N TYR L 139 -7.33 -50.66 4.44
CA TYR L 139 -5.95 -50.92 4.04
C TYR L 139 -5.21 -49.60 3.91
N LEU L 140 -5.94 -48.51 4.02
CA LEU L 140 -5.30 -47.23 3.77
C LEU L 140 -5.55 -46.29 4.93
N LEU L 141 -4.50 -45.63 5.38
CA LEU L 141 -4.67 -44.53 6.29
C LEU L 141 -4.17 -43.30 5.63
N GLY L 142 -4.67 -42.19 6.13
CA GLY L 142 -4.11 -40.93 5.76
C GLY L 142 -3.95 -40.10 7.00
N THR L 143 -2.94 -39.22 7.04
CA THR L 143 -2.87 -38.26 8.11
C THR L 143 -3.42 -36.91 7.65
N LEU L 144 -3.76 -36.18 8.69
CA LEU L 144 -4.23 -34.85 8.64
C LEU L 144 -3.11 -33.98 9.21
N ALA L 145 -2.72 -33.00 8.43
CA ALA L 145 -1.89 -31.90 8.84
C ALA L 145 -2.32 -30.72 7.99
N GLY L 146 -2.11 -29.52 8.48
CA GLY L 146 -2.68 -28.38 7.81
C GLY L 146 -4.07 -28.13 8.31
N GLY L 147 -4.80 -27.39 7.47
CA GLY L 147 -6.23 -27.14 7.58
C GLY L 147 -6.97 -28.44 7.83
N ALA L 148 -7.58 -28.54 9.02
CA ALA L 148 -8.23 -29.76 9.43
C ALA L 148 -9.41 -30.04 8.52
N ALA L 149 -10.13 -29.00 8.11
CA ALA L 149 -11.32 -29.26 7.35
C ALA L 149 -10.90 -29.80 6.01
N ASP L 150 -9.85 -29.19 5.47
CA ASP L 150 -9.41 -29.52 4.13
C ASP L 150 -8.99 -30.97 4.09
N CYS L 151 -8.32 -31.39 5.11
CA CYS L 151 -7.87 -32.75 5.14
C CYS L 151 -9.02 -33.67 5.44
N GLN L 152 -9.87 -33.27 6.36
CA GLN L 152 -10.97 -34.13 6.66
C GLN L 152 -11.82 -34.25 5.45
N TYR L 153 -12.04 -33.19 4.71
CA TYR L 153 -13.00 -33.28 3.63
C TYR L 153 -12.43 -34.12 2.50
N TRP L 154 -11.23 -33.79 2.03
CA TRP L 154 -10.69 -34.43 0.85
C TRP L 154 -10.23 -35.84 1.17
N GLU L 155 -9.89 -36.13 2.42
CA GLU L 155 -9.61 -37.51 2.72
C GLU L 155 -10.89 -38.29 2.75
N ARG L 156 -11.97 -37.66 3.06
CA ARG L 156 -13.22 -38.38 3.04
C ARG L 156 -13.66 -38.65 1.63
N VAL L 157 -13.42 -37.72 0.75
CA VAL L 157 -13.64 -37.89 -0.66
C VAL L 157 -12.79 -39.02 -1.23
N LEU L 158 -11.57 -39.05 -0.81
CA LEU L 158 -10.68 -40.09 -1.24
C LEU L 158 -11.21 -41.43 -0.79
N GLY L 159 -11.76 -41.43 0.38
CA GLY L 159 -12.27 -42.69 0.87
C GLY L 159 -13.44 -43.08 -0.02
N MET L 160 -14.20 -42.13 -0.48
CA MET L 160 -15.34 -42.44 -1.31
C MET L 160 -14.89 -42.92 -2.68
N GLU L 161 -13.83 -42.32 -3.23
CA GLU L 161 -13.31 -42.70 -4.52
C GLU L 161 -12.69 -44.06 -4.39
N CYS L 162 -12.12 -44.39 -3.24
CA CYS L 162 -11.48 -45.67 -3.08
C CYS L 162 -12.50 -46.75 -3.09
N ARG L 163 -13.62 -46.44 -2.49
CA ARG L 163 -14.68 -47.40 -2.31
C ARG L 163 -15.42 -47.60 -3.59
N LEU L 164 -15.57 -46.55 -4.39
CA LEU L 164 -16.23 -46.72 -5.67
C LEU L 164 -15.31 -47.48 -6.61
N TRP L 165 -14.04 -47.21 -6.57
CA TRP L 165 -13.14 -48.08 -7.29
C TRP L 165 -13.38 -49.53 -6.99
N GLU L 166 -13.54 -49.87 -5.74
CA GLU L 166 -13.64 -51.24 -5.32
C GLU L 166 -14.95 -51.82 -5.80
N LEU L 167 -16.02 -51.04 -5.77
CA LEU L 167 -17.28 -51.51 -6.31
C LEU L 167 -17.21 -51.62 -7.81
N ARG L 168 -16.71 -50.60 -8.49
CA ARG L 168 -16.62 -50.64 -9.94
C ARG L 168 -15.75 -51.77 -10.43
N ASN L 169 -14.60 -52.00 -9.80
CA ASN L 169 -13.60 -52.90 -10.37
C ASN L 169 -13.38 -54.18 -9.60
N GLY L 170 -14.10 -54.42 -8.52
CA GLY L 170 -13.96 -55.67 -7.79
C GLY L 170 -12.62 -55.92 -7.09
N SER L 171 -11.86 -54.88 -6.77
CA SER L 171 -10.51 -55.06 -6.29
C SER L 171 -10.05 -53.78 -5.63
N ARG L 172 -9.21 -53.86 -4.61
CA ARG L 172 -8.96 -52.66 -3.85
C ARG L 172 -8.06 -51.78 -4.68
N ILE L 173 -8.19 -50.50 -4.44
CA ILE L 173 -7.35 -49.56 -5.11
C ILE L 173 -5.95 -49.70 -4.51
N THR L 174 -4.99 -49.54 -5.39
CA THR L 174 -3.62 -49.44 -4.93
C THR L 174 -3.36 -48.10 -4.23
N VAL L 175 -2.37 -48.12 -3.35
CA VAL L 175 -1.93 -46.92 -2.72
C VAL L 175 -1.50 -45.88 -3.72
N ALA L 176 -0.78 -46.31 -4.74
CA ALA L 176 -0.25 -45.34 -5.69
C ALA L 176 -1.44 -44.63 -6.29
N ALA L 177 -2.48 -45.37 -6.64
CA ALA L 177 -3.63 -44.72 -7.24
C ALA L 177 -4.32 -43.78 -6.26
N ALA L 178 -4.55 -44.26 -5.07
CA ALA L 178 -5.18 -43.48 -4.04
C ALA L 178 -4.41 -42.20 -3.88
N SER L 179 -3.10 -42.29 -3.69
CA SER L 179 -2.39 -41.06 -3.47
C SER L 179 -2.55 -40.20 -4.72
N LYS L 180 -2.45 -40.80 -5.85
CA LYS L 180 -2.60 -40.03 -7.06
C LYS L 180 -3.96 -39.37 -7.16
N ILE L 181 -5.02 -39.97 -6.68
CA ILE L 181 -6.31 -39.32 -6.72
C ILE L 181 -6.33 -38.07 -5.89
N LEU L 182 -5.72 -38.18 -4.74
CA LEU L 182 -5.72 -37.05 -3.85
C LEU L 182 -4.82 -35.95 -4.35
N ALA L 183 -3.68 -36.36 -4.91
CA ALA L 183 -2.78 -35.43 -5.54
C ALA L 183 -3.45 -34.77 -6.72
N ASN L 184 -4.29 -35.45 -7.46
CA ASN L 184 -4.86 -34.71 -8.54
C ASN L 184 -5.84 -33.66 -8.09
N ILE L 185 -6.53 -33.91 -7.00
CA ILE L 185 -7.43 -32.94 -6.40
C ILE L 185 -6.60 -31.76 -5.89
N THR L 186 -5.65 -32.04 -5.01
CA THR L 186 -4.90 -30.92 -4.51
C THR L 186 -4.26 -30.16 -5.67
N TYR L 187 -3.85 -30.81 -6.76
CA TYR L 187 -3.33 -30.04 -7.86
C TYR L 187 -4.41 -29.18 -8.53
N ALA L 188 -5.52 -29.76 -8.88
CA ALA L 188 -6.62 -29.00 -9.41
C ALA L 188 -6.92 -27.75 -8.59
N TYR L 189 -6.73 -27.83 -7.26
CA TYR L 189 -7.06 -26.74 -6.36
C TYR L 189 -5.82 -26.06 -5.83
N ARG L 190 -4.69 -26.13 -6.54
CA ARG L 190 -3.46 -25.50 -6.07
C ARG L 190 -3.61 -23.99 -5.91
N ASN L 191 -4.57 -23.39 -6.62
CA ASN L 191 -4.72 -21.94 -6.55
C ASN L 191 -5.79 -21.50 -5.57
N HIS L 192 -6.40 -22.44 -4.83
CA HIS L 192 -7.53 -22.14 -3.97
C HIS L 192 -7.10 -22.24 -2.51
N GLY L 193 -5.82 -21.99 -2.21
CA GLY L 193 -5.32 -22.04 -0.84
C GLY L 193 -5.97 -23.11 0.08
N LEU L 194 -6.00 -24.39 -0.34
CA LEU L 194 -6.02 -25.51 0.60
C LEU L 194 -4.76 -25.53 1.45
N SER L 195 -4.87 -26.00 2.66
CA SER L 195 -3.73 -26.27 3.52
C SER L 195 -3.86 -27.73 3.91
N MET L 196 -3.07 -28.59 3.30
CA MET L 196 -3.09 -29.98 3.61
C MET L 196 -1.70 -30.50 3.48
N GLY L 197 -1.26 -31.23 4.46
CA GLY L 197 -0.08 -32.04 4.27
C GLY L 197 -0.48 -33.44 4.69
N THR L 198 -0.35 -34.37 3.81
CA THR L 198 -1.07 -35.58 4.08
C THR L 198 -0.12 -36.73 3.85
N MET L 199 -0.28 -37.77 4.62
CA MET L 199 0.36 -38.98 4.20
C MET L 199 -0.69 -39.99 3.82
N VAL L 200 -0.34 -40.82 2.87
CA VAL L 200 -1.23 -41.90 2.50
C VAL L 200 -0.42 -43.15 2.58
N ALA L 201 -0.82 -44.02 3.50
CA ALA L 201 -0.06 -45.22 3.73
C ALA L 201 -0.97 -46.39 3.55
N GLY L 202 -0.46 -47.43 2.96
CA GLY L 202 -1.23 -48.64 2.91
C GLY L 202 -0.38 -49.78 2.40
N TRP L 203 -1.02 -50.91 2.25
CA TRP L 203 -0.34 -52.08 1.79
C TRP L 203 -1.20 -52.71 0.72
N ASP L 204 -0.84 -52.46 -0.53
CA ASP L 204 -1.53 -52.99 -1.70
C ASP L 204 -0.80 -54.28 -2.08
N GLN L 205 -1.12 -54.83 -3.25
CA GLN L 205 -0.54 -56.07 -3.73
C GLN L 205 0.96 -55.89 -4.03
N PHE L 206 1.47 -54.66 -4.03
CA PHE L 206 2.88 -54.39 -4.29
C PHE L 206 3.63 -54.15 -2.99
N GLY L 207 3.01 -54.54 -1.87
CA GLY L 207 3.55 -54.30 -0.54
C GLY L 207 3.28 -52.89 -0.03
N PRO L 208 4.01 -52.47 1.01
CA PRO L 208 3.70 -51.26 1.75
C PRO L 208 4.15 -50.05 0.99
N SER L 209 3.40 -48.98 1.12
CA SER L 209 3.65 -47.84 0.31
C SER L 209 3.26 -46.61 1.09
N LEU L 210 4.07 -45.59 0.94
CA LEU L 210 3.84 -44.42 1.72
C LEU L 210 4.03 -43.18 0.88
N TYR L 211 3.04 -42.33 0.88
CA TYR L 211 3.14 -41.14 0.06
C TYR L 211 2.85 -39.94 0.91
N TYR L 212 3.40 -38.85 0.50
CA TYR L 212 3.06 -37.59 1.06
C TYR L 212 2.33 -36.84 0.00
N VAL L 213 1.22 -36.22 0.29
CA VAL L 213 0.59 -35.41 -0.71
C VAL L 213 0.25 -34.08 -0.10
N ASP L 214 0.60 -32.99 -0.74
CA ASP L 214 0.44 -31.67 -0.15
C ASP L 214 -0.64 -30.92 -0.91
N ASP L 215 -0.82 -29.66 -0.57
CA ASP L 215 -1.96 -28.86 -0.98
C ASP L 215 -1.83 -28.38 -2.43
N LYS L 216 -0.59 -28.35 -2.92
CA LYS L 216 -0.16 -27.96 -4.25
C LYS L 216 -0.16 -29.09 -5.26
N GLY L 217 -0.40 -30.30 -4.82
CA GLY L 217 -0.45 -31.40 -5.75
C GLY L 217 0.82 -32.21 -5.76
N SER L 218 1.71 -31.92 -4.82
CA SER L 218 2.92 -32.71 -4.73
C SER L 218 2.56 -34.09 -4.27
N ARG L 219 3.27 -35.07 -4.76
CA ARG L 219 3.03 -36.41 -4.34
C ARG L 219 4.36 -37.10 -4.37
N VAL L 220 4.84 -37.44 -3.20
CA VAL L 220 6.18 -37.94 -3.08
C VAL L 220 6.07 -39.26 -2.38
N LYS L 221 6.93 -40.16 -2.70
CA LYS L 221 6.90 -41.49 -2.16
C LYS L 221 8.28 -41.73 -1.57
N GLN L 222 8.42 -41.61 -0.24
CA GLN L 222 9.65 -41.94 0.44
C GLN L 222 9.33 -43.00 1.48
N ASP L 223 10.40 -43.48 2.12
CA ASP L 223 10.29 -44.47 3.18
C ASP L 223 10.05 -43.78 4.51
N LEU L 224 10.22 -42.46 4.63
CA LEU L 224 10.07 -41.83 5.93
C LEU L 224 9.65 -40.40 5.80
N PHE L 225 8.68 -39.99 6.59
CA PHE L 225 8.25 -38.63 6.53
C PHE L 225 7.74 -38.21 7.87
N SER L 226 7.87 -36.92 8.07
CA SER L 226 7.21 -36.26 9.17
C SER L 226 6.64 -35.02 8.61
N VAL L 227 5.59 -34.55 9.23
CA VAL L 227 4.83 -33.47 8.67
C VAL L 227 4.22 -32.67 9.76
N GLY L 228 4.30 -31.35 9.71
CA GLY L 228 3.64 -30.48 10.64
C GLY L 228 4.59 -29.57 11.38
N SER L 229 4.06 -28.63 12.11
CA SER L 229 4.90 -27.70 12.85
C SER L 229 6.01 -28.46 13.56
N GLY L 230 5.66 -29.60 14.17
CA GLY L 230 6.63 -30.29 14.98
C GLY L 230 7.48 -31.27 14.21
N SER L 231 7.41 -31.31 12.90
CA SER L 231 8.21 -32.27 12.15
C SER L 231 9.70 -32.05 12.33
N ILE L 232 10.09 -30.78 12.35
CA ILE L 232 11.47 -30.36 12.53
C ILE L 232 12.00 -31.07 13.76
N TYR L 233 11.19 -31.26 14.81
CA TYR L 233 11.66 -32.02 15.94
C TYR L 233 11.61 -33.49 15.71
N ALA L 234 10.49 -34.01 15.29
CA ALA L 234 10.38 -35.44 15.15
C ALA L 234 11.43 -36.00 14.23
N TYR L 235 11.90 -35.29 13.23
CA TYR L 235 12.88 -35.94 12.39
C TYR L 235 14.18 -36.14 13.17
N GLY L 236 14.57 -35.21 14.01
CA GLY L 236 15.75 -35.44 14.82
C GLY L 236 15.72 -36.78 15.55
N VAL L 237 14.59 -37.17 16.11
CA VAL L 237 14.62 -38.35 16.93
C VAL L 237 14.49 -39.59 16.09
N LEU L 238 13.77 -39.39 15.02
CA LEU L 238 13.43 -40.40 14.05
C LEU L 238 14.59 -40.73 13.15
N ASP L 239 15.28 -39.72 12.64
CA ASP L 239 16.36 -39.95 11.70
C ASP L 239 17.45 -40.74 12.38
N THR L 240 17.56 -40.56 13.67
CA THR L 240 18.64 -41.21 14.39
C THR L 240 18.30 -42.66 14.76
N GLY L 241 17.03 -43.02 14.91
CA GLY L 241 16.69 -44.35 15.39
C GLY L 241 16.22 -45.30 14.30
N TYR L 242 15.98 -44.75 13.12
CA TYR L 242 15.34 -45.46 12.04
C TYR L 242 16.32 -46.35 11.33
N ARG L 243 15.82 -47.56 11.11
CA ARG L 243 16.48 -48.67 10.46
C ARG L 243 15.33 -49.43 9.84
N LYS L 244 15.56 -50.08 8.69
CA LYS L 244 14.58 -50.96 8.08
C LYS L 244 14.29 -52.17 8.96
N ASP L 245 15.33 -52.70 9.62
CA ASP L 245 15.22 -53.98 10.31
C ASP L 245 14.60 -53.87 11.70
N LEU L 246 14.04 -52.71 12.05
CA LEU L 246 13.33 -52.58 13.31
C LEU L 246 12.32 -53.70 13.37
N SER L 247 12.14 -54.23 14.58
CA SER L 247 10.98 -55.04 14.89
C SER L 247 9.74 -54.17 14.80
N VAL L 248 8.60 -54.67 15.21
CA VAL L 248 7.41 -53.85 15.24
C VAL L 248 7.21 -53.16 16.57
N GLU L 249 7.84 -53.66 17.66
CA GLU L 249 7.86 -52.90 18.90
C GLU L 249 8.82 -51.71 18.75
N ASP L 250 9.95 -51.97 18.12
CA ASP L 250 11.04 -51.01 18.14
C ASP L 250 10.67 -49.84 17.23
N ALA L 251 9.90 -50.18 16.19
CA ALA L 251 9.41 -49.22 15.23
C ALA L 251 8.30 -48.38 15.83
N CYS L 252 7.41 -48.99 16.59
CA CYS L 252 6.43 -48.19 17.30
C CYS L 252 7.06 -47.39 18.42
N ASP L 253 8.09 -47.93 19.05
CA ASP L 253 8.71 -47.19 20.12
C ASP L 253 9.34 -45.96 19.47
N LEU L 254 10.08 -46.21 18.42
CA LEU L 254 10.67 -45.11 17.73
C LEU L 254 9.63 -44.09 17.29
N ALA L 255 8.50 -44.58 16.81
CA ALA L 255 7.57 -43.61 16.30
C ALA L 255 6.94 -42.82 17.40
N ARG L 256 6.76 -43.46 18.53
CA ARG L 256 6.07 -42.85 19.62
C ARG L 256 6.99 -41.84 20.25
N ARG L 257 8.26 -42.23 20.39
CA ARG L 257 9.17 -41.28 20.95
C ARG L 257 9.35 -40.08 20.05
N SER L 258 9.36 -40.29 18.77
CA SER L 258 9.60 -39.13 17.96
C SER L 258 8.41 -38.22 18.12
N ILE L 259 7.21 -38.76 18.19
CA ILE L 259 6.14 -37.81 18.33
C ILE L 259 6.24 -37.15 19.67
N PHE L 260 6.49 -37.92 20.69
CA PHE L 260 6.65 -37.33 21.99
C PHE L 260 7.67 -36.17 22.02
N HIS L 261 8.83 -36.38 21.46
CA HIS L 261 9.81 -35.32 21.40
C HIS L 261 9.28 -34.14 20.65
N ALA L 262 8.55 -34.35 19.60
CA ALA L 262 7.96 -33.20 18.96
C ALA L 262 7.01 -32.51 19.91
N THR L 263 6.13 -33.24 20.56
CA THR L 263 5.16 -32.61 21.43
C THR L 263 5.78 -31.79 22.54
N TYR L 264 6.86 -32.29 23.08
CA TYR L 264 7.50 -31.69 24.21
C TYR L 264 8.11 -30.36 23.84
N ARG L 265 8.54 -30.21 22.62
CA ARG L 265 9.24 -29.01 22.30
C ARG L 265 8.35 -28.06 21.54
N ASP L 266 7.39 -28.53 20.75
CA ASP L 266 6.73 -27.64 19.83
C ASP L 266 5.38 -27.25 20.35
N GLY L 267 5.14 -25.95 20.44
CA GLY L 267 3.94 -25.42 21.07
C GLY L 267 2.64 -25.91 20.43
N ALA L 268 2.69 -26.15 19.14
CA ALA L 268 1.50 -26.51 18.42
C ALA L 268 1.18 -28.00 18.53
N SER L 269 2.08 -28.81 19.07
CA SER L 269 1.87 -30.25 19.03
C SER L 269 1.67 -30.70 20.44
N GLY L 270 0.95 -31.78 20.61
CA GLY L 270 0.60 -32.10 21.97
C GLY L 270 -0.48 -33.13 22.09
N GLY L 271 -0.73 -33.47 23.33
CA GLY L 271 -1.91 -34.22 23.67
C GLY L 271 -1.61 -35.71 23.72
N ILE L 272 -2.12 -36.43 22.74
CA ILE L 272 -2.07 -37.86 22.82
C ILE L 272 -1.37 -38.39 21.61
N VAL L 273 -0.41 -39.22 21.89
CA VAL L 273 0.33 -39.80 20.83
C VAL L 273 -0.32 -41.10 20.44
N THR L 274 -0.78 -41.16 19.20
CA THR L 274 -1.49 -42.31 18.69
C THR L 274 -0.59 -42.97 17.68
N VAL L 275 -0.46 -44.29 17.70
CA VAL L 275 0.42 -44.95 16.75
C VAL L 275 -0.34 -46.04 16.03
N TYR L 276 -0.26 -46.12 14.72
CA TYR L 276 -0.89 -47.16 13.97
C TYR L 276 0.16 -47.94 13.24
N HIS L 277 -0.16 -49.20 12.96
CA HIS L 277 0.71 -50.03 12.16
C HIS L 277 -0.09 -50.42 10.94
N VAL L 278 0.59 -50.55 9.82
CA VAL L 278 0.00 -50.92 8.56
C VAL L 278 0.79 -52.10 8.09
N HIS L 279 0.12 -53.24 8.00
CA HIS L 279 0.73 -54.53 7.73
C HIS L 279 -0.15 -55.21 6.68
N GLU L 280 0.19 -56.45 6.32
CA GLU L 280 -0.39 -57.08 5.14
C GLU L 280 -1.90 -57.22 5.29
N LYS L 281 -2.40 -57.47 6.51
CA LYS L 281 -3.82 -57.68 6.73
C LYS L 281 -4.56 -56.40 7.07
N GLY L 282 -3.94 -55.23 6.89
CA GLY L 282 -4.68 -53.98 7.03
C GLY L 282 -3.92 -52.92 7.84
N TRP L 283 -4.63 -52.35 8.80
CA TRP L 283 -3.93 -51.66 9.85
C TRP L 283 -4.59 -51.89 11.19
N THR L 284 -3.70 -51.83 12.19
CA THR L 284 -4.03 -51.88 13.60
C THR L 284 -3.72 -50.51 14.20
N LYS L 285 -4.58 -50.04 15.09
CA LYS L 285 -4.17 -49.00 15.99
C LYS L 285 -3.44 -49.65 17.15
N ILE L 286 -2.11 -49.43 17.21
CA ILE L 286 -1.22 -50.02 18.20
C ILE L 286 -1.44 -49.43 19.58
N SER L 287 -1.59 -48.11 19.71
CA SER L 287 -1.60 -47.47 21.03
C SER L 287 -2.07 -46.03 20.97
N ARG L 288 -2.64 -45.57 22.08
CA ARG L 288 -2.76 -44.15 22.39
C ARG L 288 -2.16 -43.89 23.76
N ASP L 289 -1.43 -42.80 23.90
CA ASP L 289 -0.86 -42.47 25.18
C ASP L 289 -0.88 -40.97 25.29
N ASP L 290 -1.26 -40.46 26.44
CA ASP L 290 -1.02 -39.05 26.76
C ASP L 290 0.49 -38.80 26.73
N GLN L 291 0.88 -37.68 26.11
CA GLN L 291 2.28 -37.38 25.91
C GLN L 291 2.93 -37.06 27.26
N THR L 292 2.13 -36.76 28.26
CA THR L 292 2.67 -36.46 29.56
C THR L 292 2.86 -37.73 30.37
N LYS L 293 2.08 -38.77 30.14
CA LYS L 293 2.43 -40.06 30.70
C LYS L 293 3.72 -40.55 30.09
N LEU L 294 3.90 -40.30 28.81
CA LEU L 294 5.07 -40.72 28.10
C LEU L 294 6.31 -40.00 28.62
N TYR L 295 6.26 -38.67 28.87
CA TYR L 295 7.31 -38.01 29.63
C TYR L 295 7.73 -38.85 30.82
N HIS L 296 6.82 -39.29 31.66
CA HIS L 296 7.20 -39.96 32.90
C HIS L 296 7.69 -41.37 32.66
N ARG L 297 7.51 -41.91 31.47
CA ARG L 297 7.90 -43.28 31.19
C ARG L 297 9.30 -43.29 30.61
N TYR L 298 9.54 -42.34 29.74
CA TYR L 298 10.80 -42.19 29.07
C TYR L 298 11.85 -41.50 29.93
N PHE L 299 11.43 -40.62 30.85
CA PHE L 299 12.31 -39.87 31.74
C PHE L 299 11.86 -39.99 33.19
N PRO L 300 12.15 -41.10 33.91
CA PRO L 300 11.47 -41.38 35.18
C PRO L 300 12.05 -40.83 36.49
N SER L 301 12.89 -39.78 36.43
CA SER L 301 13.23 -39.02 37.63
C SER L 301 11.98 -38.31 38.19
N TRP M 126 -17.32 -1.44 3.80
CA TRP M 126 -18.45 -2.39 3.93
C TRP M 126 -17.95 -3.83 3.86
N SER M 127 -18.03 -4.47 5.04
CA SER M 127 -17.86 -5.91 5.19
C SER M 127 -19.20 -6.58 5.11
N PRO M 128 -19.24 -7.78 4.52
CA PRO M 128 -20.40 -8.71 4.59
C PRO M 128 -20.46 -9.54 5.89
N TYR M 129 -19.52 -9.25 6.80
CA TYR M 129 -19.33 -9.99 8.02
C TYR M 129 -19.38 -9.04 9.20
N GLN M 130 -20.00 -9.52 10.28
CA GLN M 130 -20.22 -8.78 11.51
C GLN M 130 -20.18 -9.83 12.63
N ASP M 131 -19.49 -9.58 13.74
CA ASP M 131 -19.62 -10.51 14.86
C ASP M 131 -20.75 -10.01 15.76
N ASN M 132 -21.76 -10.82 15.99
CA ASN M 132 -22.84 -10.39 16.86
C ASN M 132 -22.63 -10.90 18.27
N GLY M 133 -21.51 -11.57 18.46
CA GLY M 133 -21.07 -12.00 19.78
C GLY M 133 -21.86 -13.15 20.42
N GLY M 134 -21.81 -13.08 21.75
CA GLY M 134 -22.26 -14.13 22.63
C GLY M 134 -21.53 -15.47 22.50
N THR M 135 -22.13 -16.46 23.18
CA THR M 135 -21.44 -17.64 23.65
C THR M 135 -22.40 -18.80 23.72
N THR M 136 -21.99 -19.94 23.20
CA THR M 136 -22.73 -21.17 23.43
C THR M 136 -21.86 -22.16 24.16
N ALA M 137 -22.50 -22.99 24.96
CA ALA M 137 -21.82 -24.11 25.54
C ALA M 137 -22.76 -25.27 25.68
N ALA M 138 -22.22 -26.46 25.47
CA ALA M 138 -22.93 -27.68 25.78
C ALA M 138 -22.10 -28.60 26.63
N ILE M 139 -22.78 -29.41 27.43
CA ILE M 139 -22.18 -30.54 28.09
C ILE M 139 -23.05 -31.75 27.91
N ALA M 140 -22.48 -32.80 27.32
CA ALA M 140 -23.04 -34.14 27.29
C ALA M 140 -22.99 -34.85 28.63
N GLY M 141 -23.97 -35.69 28.86
CA GLY M 141 -24.06 -36.58 30.00
C GLY M 141 -24.29 -37.97 29.46
N LYS M 142 -24.69 -38.92 30.30
CA LYS M 142 -24.80 -40.29 29.80
C LYS M 142 -26.14 -40.46 29.08
N ASP M 143 -27.18 -39.73 29.47
CA ASP M 143 -28.45 -39.89 28.78
C ASP M 143 -29.11 -38.54 28.54
N PHE M 144 -28.26 -37.54 28.35
CA PHE M 144 -28.77 -36.20 28.16
C PHE M 144 -27.64 -35.40 27.58
N VAL M 145 -28.00 -34.26 27.00
CA VAL M 145 -27.00 -33.27 26.73
C VAL M 145 -27.65 -31.95 27.05
N ILE M 146 -26.85 -31.06 27.55
CA ILE M 146 -27.32 -29.74 27.89
C ILE M 146 -26.63 -28.74 27.02
N LEU M 147 -27.41 -27.82 26.50
CA LEU M 147 -26.91 -26.88 25.54
C LEU M 147 -27.35 -25.52 25.97
N ALA M 148 -26.47 -24.54 25.85
CA ALA M 148 -26.79 -23.21 26.34
C ALA M 148 -26.27 -22.15 25.40
N GLY M 149 -27.03 -21.07 25.26
CA GLY M 149 -26.54 -19.90 24.55
C GLY M 149 -27.05 -18.70 25.27
N ASP M 150 -26.26 -17.65 25.24
CA ASP M 150 -26.70 -16.41 25.86
C ASP M 150 -27.45 -15.59 24.84
N THR M 151 -28.32 -14.75 25.31
CA THR M 151 -29.32 -14.16 24.45
C THR M 151 -28.97 -12.74 23.99
N ARG M 152 -27.80 -12.30 24.24
CA ARG M 152 -27.48 -10.98 23.83
C ARG M 152 -27.15 -11.02 22.36
N LEU M 153 -27.73 -10.11 21.61
CA LEU M 153 -27.30 -9.88 20.25
C LEU M 153 -26.69 -8.50 20.13
N ASN M 154 -25.43 -8.44 19.74
CA ASN M 154 -24.68 -7.20 19.81
C ASN M 154 -24.58 -6.65 18.41
N GLY M 155 -24.51 -5.32 18.31
CA GLY M 155 -24.12 -4.69 17.08
C GLY M 155 -22.72 -4.10 17.19
N ASP M 156 -22.47 -3.03 16.42
CA ASP M 156 -21.26 -2.26 16.59
C ASP M 156 -21.52 -1.27 17.72
N PHE M 157 -20.77 -1.48 18.82
CA PHE M 157 -20.64 -0.53 19.92
C PHE M 157 -21.97 -0.39 20.65
N CYS M 158 -22.91 -1.28 20.33
CA CYS M 158 -24.25 -1.17 20.84
C CYS M 158 -24.90 -2.54 20.86
N LEU M 159 -26.09 -2.57 21.40
CA LEU M 159 -26.71 -3.80 21.75
C LEU M 159 -28.07 -3.81 21.10
N HIS M 160 -28.37 -4.78 20.26
CA HIS M 160 -29.62 -4.77 19.52
C HIS M 160 -30.75 -5.34 20.32
N SER M 161 -30.46 -6.39 21.06
CA SER M 161 -31.48 -7.13 21.78
C SER M 161 -30.84 -7.93 22.88
N ARG M 162 -31.50 -7.90 24.01
CA ARG M 162 -31.13 -8.73 25.14
C ARG M 162 -31.90 -10.04 25.13
N HIS M 163 -32.68 -10.33 24.08
CA HIS M 163 -33.64 -11.40 24.11
C HIS M 163 -33.58 -12.22 22.81
N ASP M 164 -32.41 -12.30 22.19
CA ASP M 164 -32.27 -13.01 20.94
C ASP M 164 -32.17 -14.53 21.17
N GLN M 165 -33.08 -15.32 20.59
CA GLN M 165 -33.08 -16.76 20.78
C GLN M 165 -32.55 -17.45 19.54
N SER M 166 -31.76 -16.75 18.76
CA SER M 166 -31.43 -17.20 17.44
C SER M 166 -30.24 -18.15 17.45
N LYS M 167 -29.61 -18.36 18.60
CA LYS M 167 -28.33 -19.03 18.61
C LYS M 167 -28.59 -20.51 18.61
N ILE M 168 -29.76 -20.89 19.06
CA ILE M 168 -30.02 -22.28 19.28
C ILE M 168 -31.23 -22.66 18.51
N PHE M 169 -31.11 -23.76 17.82
CA PHE M 169 -32.04 -24.06 16.77
C PHE M 169 -32.22 -25.54 16.75
N GLN M 170 -33.46 -25.93 16.96
CA GLN M 170 -33.78 -27.34 16.92
C GLN M 170 -33.78 -27.84 15.51
N LEU M 171 -33.18 -28.99 15.30
CA LEU M 171 -33.15 -29.57 13.97
C LEU M 171 -34.05 -30.74 13.91
N THR M 172 -33.96 -31.58 14.94
CA THR M 172 -34.89 -32.67 15.15
C THR M 172 -35.21 -32.75 16.62
N PRO M 173 -36.09 -33.61 17.10
CA PRO M 173 -36.30 -33.65 18.55
C PRO M 173 -35.05 -33.93 19.37
N TYR M 174 -34.06 -34.55 18.76
CA TYR M 174 -32.93 -35.01 19.54
C TYR M 174 -31.67 -34.31 19.13
N THR M 175 -31.77 -33.33 18.26
CA THR M 175 -30.60 -32.70 17.76
C THR M 175 -30.82 -31.21 17.73
N TYR M 176 -29.89 -30.43 18.26
CA TYR M 176 -29.93 -29.01 18.16
C TYR M 176 -28.64 -28.48 17.59
N MET M 177 -28.67 -27.28 17.04
CA MET M 177 -27.43 -26.65 16.69
C MET M 177 -27.32 -25.35 17.44
N ALA M 178 -26.11 -24.93 17.68
CA ALA M 178 -25.86 -23.68 18.35
C ALA M 178 -24.89 -22.93 17.48
N SER M 179 -24.99 -21.61 17.42
CA SER M 179 -24.08 -20.92 16.53
C SER M 179 -23.70 -19.57 17.09
N ASN M 180 -22.49 -19.19 16.87
CA ASN M 180 -21.94 -17.97 17.37
C ASN M 180 -21.38 -17.28 16.16
N GLY M 181 -21.06 -16.03 16.26
CA GLY M 181 -20.56 -15.33 15.10
C GLY M 181 -21.64 -14.40 14.63
N MET M 182 -21.88 -14.47 13.35
CA MET M 182 -22.76 -13.55 12.71
C MET M 182 -24.18 -14.01 12.77
N GLN M 183 -25.04 -13.27 13.40
CA GLN M 183 -26.40 -13.73 13.49
C GLN M 183 -27.02 -13.96 12.14
N ALA M 184 -26.68 -13.18 11.15
CA ALA M 184 -27.29 -13.35 9.85
C ALA M 184 -26.97 -14.68 9.22
N ASP M 185 -25.76 -15.14 9.43
CA ASP M 185 -25.31 -16.35 8.79
C ASP M 185 -25.77 -17.53 9.56
N ARG M 186 -26.02 -17.41 10.82
CA ARG M 186 -26.61 -18.56 11.42
C ARG M 186 -28.05 -18.65 11.07
N LEU M 187 -28.73 -17.56 10.78
CA LEU M 187 -30.10 -17.73 10.32
C LEU M 187 -30.10 -18.42 8.97
N GLN M 188 -29.23 -18.06 8.11
CA GLN M 188 -29.21 -18.72 6.83
C GLN M 188 -28.86 -20.17 7.04
N LEU M 189 -27.82 -20.41 7.78
CA LEU M 189 -27.35 -21.77 7.92
C LEU M 189 -28.47 -22.60 8.51
N GLN M 190 -29.07 -22.12 9.57
CA GLN M 190 -30.12 -22.84 10.21
C GLN M 190 -31.18 -23.22 9.23
N GLN M 191 -31.52 -22.37 8.29
CA GLN M 191 -32.59 -22.73 7.37
C GLN M 191 -32.11 -23.73 6.34
N MET M 192 -30.94 -23.54 5.81
CA MET M 192 -30.36 -24.50 4.92
C MET M 192 -30.34 -25.90 5.53
N LEU M 193 -30.03 -26.02 6.80
CA LEU M 193 -30.01 -27.31 7.41
C LEU M 193 -31.39 -27.82 7.64
N LYS M 194 -32.26 -26.94 8.04
CA LYS M 194 -33.61 -27.34 8.30
C LYS M 194 -34.22 -27.94 7.04
N TYR M 195 -33.84 -27.48 5.87
CA TYR M 195 -34.40 -28.01 4.66
C TYR M 195 -33.70 -29.29 4.22
N ARG M 196 -32.39 -29.40 4.40
CA ARG M 196 -31.72 -30.67 4.20
C ARG M 196 -32.31 -31.72 5.10
N VAL M 197 -32.74 -31.36 6.27
CA VAL M 197 -33.32 -32.32 7.14
C VAL M 197 -34.71 -32.65 6.67
N LYS M 198 -35.49 -31.72 6.17
CA LYS M 198 -36.77 -32.09 5.56
C LYS M 198 -36.56 -32.98 4.35
N TRP M 199 -35.67 -32.66 3.45
CA TRP M 199 -35.41 -33.56 2.36
C TRP M 199 -35.05 -34.92 2.86
N TYR M 200 -34.25 -35.00 3.87
CA TYR M 200 -33.81 -36.29 4.32
C TYR M 200 -35.00 -37.03 4.80
N LYS M 201 -35.88 -36.39 5.55
CA LYS M 201 -37.07 -37.07 6.05
C LYS M 201 -37.83 -37.64 4.89
N TYR M 202 -37.99 -36.88 3.81
CA TYR M 202 -38.89 -37.32 2.75
C TYR M 202 -38.26 -38.47 1.96
N ASN M 203 -37.01 -38.30 1.59
CA ASN M 203 -36.22 -39.32 0.93
C ASN M 203 -35.93 -40.55 1.78
N ASN M 204 -36.30 -40.61 3.07
CA ASN M 204 -36.02 -41.77 3.90
C ASN M 204 -37.29 -42.14 4.65
N GLY M 205 -38.40 -42.15 3.92
CA GLY M 205 -39.64 -42.63 4.48
C GLY M 205 -39.87 -42.16 5.91
N GLY M 206 -39.69 -40.87 6.13
CA GLY M 206 -40.20 -40.25 7.34
C GLY M 206 -39.17 -40.15 8.44
N LYS M 207 -38.05 -40.89 8.38
CA LYS M 207 -37.22 -40.94 9.58
C LYS M 207 -36.33 -39.71 9.66
N VAL M 208 -35.99 -39.35 10.89
CA VAL M 208 -35.18 -38.18 11.06
C VAL M 208 -33.74 -38.62 11.08
N PRO M 209 -32.88 -37.78 10.57
CA PRO M 209 -31.48 -38.07 10.57
C PRO M 209 -30.98 -37.99 11.99
N SER M 210 -30.01 -38.83 12.29
CA SER M 210 -29.44 -38.94 13.62
C SER M 210 -28.56 -37.75 13.89
N THR M 211 -28.15 -37.65 15.10
CA THR M 211 -27.34 -36.54 15.45
C THR M 211 -26.04 -36.68 14.72
N LYS M 212 -25.59 -37.90 14.51
CA LYS M 212 -24.30 -38.05 13.88
C LYS M 212 -24.44 -37.75 12.40
N ALA M 213 -25.59 -38.04 11.82
CA ALA M 213 -25.78 -37.71 10.44
C ALA M 213 -25.85 -36.21 10.22
N ILE M 214 -26.59 -35.52 11.07
CA ILE M 214 -26.66 -34.09 10.97
C ILE M 214 -25.29 -33.50 11.25
N ALA M 215 -24.53 -34.14 12.09
CA ALA M 215 -23.22 -33.59 12.40
C ALA M 215 -22.32 -33.63 11.21
N GLN M 216 -22.35 -34.74 10.48
CA GLN M 216 -21.56 -34.87 9.28
C GLN M 216 -22.13 -34.02 8.19
N LEU M 217 -23.44 -33.84 8.16
CA LEU M 217 -24.06 -33.03 7.12
C LEU M 217 -23.60 -31.61 7.22
N MET M 218 -23.59 -31.11 8.43
CA MET M 218 -23.20 -29.76 8.71
C MET M 218 -21.76 -29.56 8.32
N SER M 219 -20.92 -30.56 8.50
CA SER M 219 -19.52 -30.34 8.19
C SER M 219 -19.37 -30.14 6.69
N THR M 220 -20.07 -30.97 5.98
CA THR M 220 -20.12 -30.88 4.56
C THR M 220 -20.74 -29.58 4.06
N MET M 221 -21.52 -28.86 4.81
CA MET M 221 -22.19 -27.73 4.21
C MET M 221 -21.35 -26.50 4.50
N LEU M 222 -20.81 -26.49 5.69
CA LEU M 222 -19.82 -25.49 5.95
C LEU M 222 -18.73 -25.57 4.92
N TYR M 223 -18.36 -26.76 4.48
CA TYR M 223 -17.15 -26.85 3.70
C TYR M 223 -17.49 -26.48 2.27
N HIS M 224 -18.71 -26.78 1.84
CA HIS M 224 -19.10 -26.35 0.53
C HIS M 224 -19.07 -24.84 0.40
N ARG M 225 -18.92 -24.09 1.46
CA ARG M 225 -18.83 -22.66 1.35
C ARG M 225 -17.47 -22.14 1.74
N ARG M 226 -16.56 -23.00 2.20
CA ARG M 226 -15.12 -22.87 2.05
C ARG M 226 -14.75 -21.47 1.57
N PHE M 227 -15.20 -21.13 0.36
CA PHE M 227 -14.71 -20.01 -0.43
C PHE M 227 -15.29 -18.68 0.05
N PHE M 228 -16.63 -18.57 0.17
CA PHE M 228 -17.24 -17.48 0.94
C PHE M 228 -17.91 -18.02 2.21
N PRO M 229 -17.18 -18.18 3.31
CA PRO M 229 -17.64 -19.04 4.39
C PRO M 229 -18.73 -18.35 5.18
N TYR M 230 -19.67 -19.15 5.70
CA TYR M 230 -20.53 -18.75 6.79
C TYR M 230 -19.66 -18.34 7.96
N TYR M 231 -20.05 -17.31 8.67
CA TYR M 231 -19.21 -16.84 9.73
C TYR M 231 -19.98 -17.26 10.96
N THR M 232 -20.01 -18.56 11.09
CA THR M 232 -20.62 -19.21 12.23
C THR M 232 -19.59 -20.10 12.87
N PHE M 233 -19.64 -20.18 14.20
CA PHE M 233 -18.96 -21.22 14.92
C PHE M 233 -20.02 -22.08 15.53
N ASN M 234 -20.24 -23.25 14.93
CA ASN M 234 -21.40 -24.05 15.24
C ASN M 234 -21.11 -25.13 16.22
N MET M 235 -22.14 -25.60 16.91
CA MET M 235 -22.14 -26.88 17.56
C MET M 235 -23.38 -27.62 17.12
N VAL M 236 -23.25 -28.91 16.95
CA VAL M 236 -24.38 -29.78 16.83
C VAL M 236 -24.45 -30.65 18.05
N VAL M 237 -25.57 -30.66 18.79
CA VAL M 237 -25.61 -31.54 19.91
C VAL M 237 -26.81 -32.43 19.88
N GLY M 238 -26.69 -33.56 20.52
CA GLY M 238 -27.85 -34.38 20.60
C GLY M 238 -27.55 -35.66 21.32
N LEU M 239 -28.33 -36.67 20.97
CA LEU M 239 -28.20 -38.00 21.48
C LEU M 239 -27.76 -38.91 20.36
N ASP M 240 -26.69 -39.68 20.64
CA ASP M 240 -26.27 -40.77 19.78
C ASP M 240 -27.37 -41.82 19.76
N GLU M 241 -27.06 -42.97 19.13
CA GLU M 241 -28.03 -44.04 18.88
C GLU M 241 -28.33 -44.79 20.19
N GLU M 242 -27.24 -45.19 20.87
CA GLU M 242 -27.23 -45.72 22.22
C GLU M 242 -27.86 -44.79 23.28
N GLY M 243 -28.23 -43.57 22.89
CA GLY M 243 -29.01 -42.64 23.71
C GLY M 243 -28.15 -41.75 24.58
N HIS M 244 -26.84 -41.70 24.27
CA HIS M 244 -25.82 -40.95 24.99
C HIS M 244 -25.66 -39.56 24.40
N GLY M 245 -25.41 -38.59 25.24
CA GLY M 245 -25.30 -37.24 24.73
C GLY M 245 -24.04 -37.11 23.92
N VAL M 246 -24.11 -36.25 22.92
CA VAL M 246 -22.89 -35.91 22.25
C VAL M 246 -22.85 -34.47 21.76
N CYS M 247 -21.66 -33.93 21.55
CA CYS M 247 -21.53 -32.60 21.01
C CYS M 247 -20.53 -32.60 19.87
N TYR M 248 -20.86 -32.09 18.72
CA TYR M 248 -19.85 -31.79 17.74
C TYR M 248 -19.66 -30.29 17.68
N SER M 249 -18.43 -29.78 17.78
CA SER M 249 -18.08 -28.37 17.55
C SER M 249 -17.42 -28.26 16.23
N TYR M 250 -17.61 -27.13 15.58
CA TYR M 250 -17.07 -26.89 14.27
C TYR M 250 -16.23 -25.62 14.30
N ASP M 251 -15.29 -25.54 13.37
CA ASP M 251 -14.71 -24.28 12.95
C ASP M 251 -15.54 -23.80 11.75
N ALA M 252 -15.06 -22.80 11.01
CA ALA M 252 -15.98 -22.08 10.14
C ALA M 252 -16.25 -22.87 8.86
N VAL M 253 -15.42 -23.89 8.62
CA VAL M 253 -15.44 -24.69 7.41
C VAL M 253 -15.61 -26.16 7.77
N GLY M 254 -15.76 -26.48 9.04
CA GLY M 254 -16.37 -27.78 9.24
C GLY M 254 -15.48 -28.77 9.96
N SER M 255 -14.23 -28.43 10.17
CA SER M 255 -13.50 -29.29 11.05
C SER M 255 -14.39 -29.51 12.26
N THR M 256 -14.75 -30.76 12.57
CA THR M 256 -15.42 -31.03 13.84
C THR M 256 -14.71 -32.10 14.63
N GLU M 257 -15.18 -32.37 15.83
CA GLU M 257 -15.13 -33.73 16.33
C GLU M 257 -16.05 -33.93 17.51
N PRO M 258 -16.45 -35.16 17.77
CA PRO M 258 -17.31 -35.40 18.91
C PRO M 258 -16.58 -34.92 20.14
N PHE M 259 -17.32 -34.43 21.12
CA PHE M 259 -16.73 -34.24 22.43
C PHE M 259 -17.81 -34.31 23.47
N LEU M 260 -17.40 -34.32 24.73
CA LEU M 260 -18.39 -34.47 25.78
C LEU M 260 -18.83 -33.11 26.21
N TYR M 261 -18.06 -32.10 25.85
CA TYR M 261 -18.45 -30.74 26.08
C TYR M 261 -17.93 -29.82 24.99
N GLY M 262 -18.00 -28.54 25.27
CA GLY M 262 -18.03 -27.63 24.15
C GLY M 262 -18.43 -26.24 24.55
N THR M 263 -17.80 -25.29 23.88
CA THR M 263 -18.15 -23.91 24.04
C THR M 263 -17.47 -23.13 22.93
N ARG M 264 -18.31 -22.42 22.19
CA ARG M 264 -17.85 -21.48 21.20
C ARG M 264 -18.31 -20.08 21.59
N GLY M 265 -17.69 -19.09 21.01
CA GLY M 265 -18.05 -17.71 21.22
C GLY M 265 -17.01 -16.92 22.01
N SER M 266 -17.52 -15.77 22.46
CA SER M 266 -16.75 -14.69 23.03
C SER M 266 -16.20 -15.11 24.38
N ALA M 267 -16.95 -15.92 25.12
CA ALA M 267 -16.52 -16.39 26.43
C ALA M 267 -15.90 -17.78 26.37
N ALA M 268 -15.69 -18.31 25.19
CA ALA M 268 -15.31 -19.68 25.08
C ALA M 268 -14.03 -19.92 25.84
N SER M 269 -13.12 -18.99 25.65
CA SER M 269 -11.76 -19.18 26.13
C SER M 269 -11.69 -19.00 27.61
N PHE M 270 -12.82 -18.69 28.27
CA PHE M 270 -12.91 -18.65 29.72
C PHE M 270 -13.55 -19.89 30.27
N VAL M 271 -14.64 -20.26 29.60
CA VAL M 271 -15.48 -21.31 30.07
C VAL M 271 -14.77 -22.64 29.82
N GLU M 272 -14.20 -22.79 28.62
CA GLU M 272 -13.70 -24.07 28.16
C GLU M 272 -12.68 -24.56 29.16
N PRO M 273 -11.71 -23.78 29.62
CA PRO M 273 -10.77 -24.27 30.60
C PRO M 273 -11.37 -24.61 31.91
N LEU M 274 -12.48 -23.96 32.26
CA LEU M 274 -13.09 -24.28 33.53
C LEU M 274 -13.79 -25.64 33.43
N LEU M 275 -14.51 -25.86 32.33
CA LEU M 275 -15.14 -27.16 32.16
C LEU M 275 -14.05 -28.23 32.13
N ASP M 276 -12.93 -27.97 31.44
CA ASP M 276 -11.82 -28.90 31.44
C ASP M 276 -11.57 -29.27 32.86
N CYS M 277 -11.37 -28.27 33.71
CA CYS M 277 -10.98 -28.51 35.09
C CYS M 277 -12.01 -29.32 35.89
N LEU M 278 -13.31 -29.19 35.66
CA LEU M 278 -14.25 -29.70 36.66
C LEU M 278 -14.81 -31.04 36.22
N ILE M 279 -14.83 -31.23 34.90
CA ILE M 279 -15.19 -32.48 34.29
C ILE M 279 -14.02 -33.46 34.30
N ASN M 280 -12.86 -33.08 33.75
CA ASN M 280 -11.75 -34.03 33.55
C ASN M 280 -10.84 -34.13 34.75
N ARG M 281 -10.62 -33.02 35.44
CA ARG M 281 -9.87 -33.00 36.69
C ARG M 281 -8.46 -33.59 36.58
N GLN M 282 -7.77 -33.33 35.45
CA GLN M 282 -6.53 -34.02 35.17
C GLN M 282 -5.40 -33.55 36.09
N HIS M 283 -5.56 -32.42 36.78
CA HIS M 283 -4.55 -31.97 37.72
C HIS M 283 -4.99 -32.13 39.17
N MET M 284 -6.01 -32.97 39.42
CA MET M 284 -6.43 -33.23 40.79
C MET M 284 -6.09 -34.66 41.21
N THR M 285 -5.44 -34.80 42.39
CA THR M 285 -5.07 -36.11 42.94
C THR M 285 -6.32 -36.83 43.44
N SER M 286 -7.07 -36.14 44.31
CA SER M 286 -8.47 -36.45 44.60
C SER M 286 -9.11 -37.26 43.48
N GLN M 287 -9.65 -38.44 43.82
CA GLN M 287 -10.28 -39.35 42.88
C GLN M 287 -11.52 -38.67 42.28
N ALA M 288 -11.72 -38.87 40.96
CA ALA M 288 -12.78 -38.24 40.18
C ALA M 288 -14.15 -38.52 40.81
N PRO M 289 -15.01 -37.51 41.08
CA PRO M 289 -16.32 -37.77 41.72
C PRO M 289 -17.24 -38.54 40.76
N PRO M 290 -18.50 -38.86 41.15
CA PRO M 290 -19.37 -39.64 40.27
C PRO M 290 -19.62 -38.93 38.94
N GLU M 291 -20.19 -39.67 37.99
CA GLU M 291 -20.76 -39.10 36.77
C GLU M 291 -21.74 -38.00 37.16
N MET M 292 -21.65 -36.87 36.48
CA MET M 292 -22.48 -35.72 36.80
C MET M 292 -23.90 -35.98 36.29
N THR M 293 -24.87 -35.80 37.17
CA THR M 293 -26.28 -35.91 36.83
C THR M 293 -26.66 -34.71 35.98
N LYS M 294 -27.91 -34.63 35.55
CA LYS M 294 -28.28 -33.53 34.69
C LYS M 294 -28.56 -32.29 35.51
N GLU M 295 -28.92 -32.41 36.80
CA GLU M 295 -29.09 -31.23 37.63
C GLU M 295 -27.72 -30.63 37.96
N GLU M 296 -26.75 -31.49 38.24
CA GLU M 296 -25.45 -31.01 38.62
C GLU M 296 -24.73 -30.38 37.44
N THR M 297 -25.00 -30.92 36.26
CA THR M 297 -24.36 -30.46 35.04
C THR M 297 -24.88 -29.07 34.75
N LEU M 298 -26.18 -28.93 34.90
CA LEU M 298 -26.82 -27.67 34.67
C LEU M 298 -26.28 -26.62 35.62
N ALA M 299 -26.26 -26.89 36.92
CA ALA M 299 -25.59 -25.99 37.85
C ALA M 299 -24.21 -25.61 37.32
N MET M 300 -23.45 -26.56 36.86
CA MET M 300 -22.10 -26.26 36.45
C MET M 300 -22.11 -25.21 35.33
N LEU M 301 -22.98 -25.33 34.36
CA LEU M 301 -23.06 -24.39 33.27
C LEU M 301 -23.62 -23.05 33.71
N LYS M 302 -24.53 -23.04 34.70
CA LYS M 302 -24.94 -21.78 35.26
C LYS M 302 -23.76 -21.10 35.92
N ASN M 303 -22.95 -21.84 36.64
CA ASN M 303 -21.89 -21.20 37.37
C ASN M 303 -20.93 -20.61 36.34
N ALA M 304 -20.82 -21.22 35.17
CA ALA M 304 -19.74 -20.85 34.27
C ALA M 304 -20.19 -19.76 33.30
N PHE M 305 -21.44 -19.80 32.87
CA PHE M 305 -22.08 -18.63 32.28
C PHE M 305 -22.07 -17.45 33.22
N THR M 306 -22.29 -17.68 34.49
CA THR M 306 -22.39 -16.57 35.40
C THR M 306 -21.07 -15.83 35.48
N GLY M 307 -19.97 -16.55 35.75
CA GLY M 307 -18.64 -15.99 35.69
C GLY M 307 -18.31 -15.40 34.32
N ALA M 308 -18.74 -15.98 33.23
CA ALA M 308 -18.41 -15.34 31.96
C ALA M 308 -19.12 -13.99 31.80
N ALA M 309 -20.39 -13.91 32.16
CA ALA M 309 -21.11 -12.67 32.03
C ALA M 309 -20.36 -11.59 32.77
N GLU M 310 -19.78 -11.94 33.92
CA GLU M 310 -19.02 -10.98 34.70
C GLU M 310 -17.82 -10.40 33.96
N ARG M 311 -17.21 -11.14 33.05
CA ARG M 311 -15.85 -10.82 32.63
C ARG M 311 -15.74 -10.65 31.14
N ASP M 312 -16.61 -11.28 30.38
CA ASP M 312 -16.64 -11.02 28.96
C ASP M 312 -17.70 -9.96 28.75
N ILE M 313 -17.27 -8.86 28.16
CA ILE M 313 -18.21 -7.79 28.02
C ILE M 313 -19.24 -8.07 26.95
N TYR M 314 -19.13 -9.14 26.15
CA TYR M 314 -20.08 -9.35 25.07
C TYR M 314 -21.07 -10.45 25.40
N THR M 315 -20.89 -11.06 26.57
CA THR M 315 -21.83 -12.04 27.05
C THR M 315 -22.54 -11.43 28.23
N GLY M 316 -23.84 -11.65 28.29
CA GLY M 316 -24.61 -11.23 29.43
C GLY M 316 -26.08 -11.47 29.14
N ASP M 317 -26.92 -10.85 29.98
CA ASP M 317 -28.36 -10.78 29.84
C ASP M 317 -29.00 -12.09 30.31
N SER M 318 -28.92 -13.14 29.52
CA SER M 318 -29.61 -14.34 29.93
C SER M 318 -29.02 -15.52 29.19
N VAL M 319 -29.31 -16.70 29.70
CA VAL M 319 -28.90 -17.91 29.03
C VAL M 319 -30.12 -18.80 28.86
N SER M 320 -30.35 -19.24 27.63
CA SER M 320 -31.36 -20.25 27.40
C SER M 320 -30.64 -21.58 27.51
N PHE M 321 -31.15 -22.44 28.36
CA PHE M 321 -30.71 -23.80 28.46
C PHE M 321 -31.72 -24.72 27.87
N PHE M 322 -31.21 -25.77 27.27
CA PHE M 322 -32.01 -26.80 26.69
C PHE M 322 -31.42 -28.07 27.19
N ILE M 323 -32.19 -28.81 27.96
CA ILE M 323 -31.75 -30.11 28.37
C ILE M 323 -32.40 -31.09 27.44
N ILE M 324 -31.63 -31.69 26.55
CA ILE M 324 -32.12 -32.72 25.66
C ILE M 324 -32.00 -34.09 26.30
N THR M 325 -33.10 -34.82 26.38
CA THR M 325 -33.10 -36.21 26.81
C THR M 325 -33.93 -37.01 25.81
N LYS M 326 -34.07 -38.33 26.03
CA LYS M 326 -34.96 -39.12 25.17
C LYS M 326 -36.41 -38.67 25.37
N ASP M 327 -36.75 -38.24 26.59
CA ASP M 327 -38.13 -37.92 26.96
C ASP M 327 -38.55 -36.53 26.51
N GLY M 328 -37.69 -35.83 25.78
CA GLY M 328 -38.00 -34.47 25.36
C GLY M 328 -36.94 -33.47 25.81
N VAL M 329 -37.26 -32.19 25.59
CA VAL M 329 -36.35 -31.10 25.78
C VAL M 329 -36.93 -30.12 26.77
N GLN M 330 -36.34 -30.00 27.96
CA GLN M 330 -36.73 -28.93 28.87
C GLN M 330 -36.05 -27.65 28.44
N GLN M 331 -36.76 -26.53 28.53
CA GLN M 331 -36.10 -25.24 28.45
C GLN M 331 -36.06 -24.61 29.82
N GLU M 332 -35.13 -23.70 29.98
CA GLU M 332 -34.92 -23.08 31.26
C GLU M 332 -34.23 -21.79 30.92
N SER M 333 -34.80 -20.68 31.34
CA SER M 333 -34.09 -19.41 31.19
C SER M 333 -33.37 -19.14 32.50
N PHE M 334 -32.33 -18.35 32.39
CA PHE M 334 -31.49 -18.08 33.52
C PHE M 334 -30.88 -16.69 33.41
N GLU M 335 -31.14 -15.82 34.39
CA GLU M 335 -30.70 -14.44 34.26
C GLU M 335 -29.20 -14.34 34.54
N LEU M 336 -28.54 -13.58 33.66
CA LEU M 336 -27.18 -13.09 33.84
C LEU M 336 -27.20 -11.58 34.10
N ARG M 337 -26.04 -11.04 34.44
CA ARG M 337 -26.02 -9.62 34.79
C ARG M 337 -26.03 -8.78 33.51
N LYS M 338 -26.94 -7.81 33.52
CA LYS M 338 -27.33 -6.99 32.39
C LYS M 338 -26.26 -6.04 31.88
N ASP M 339 -25.29 -5.60 32.68
CA ASP M 339 -24.28 -4.65 32.19
C ASP M 339 -23.29 -5.25 31.16
N MET N 1 -26.13 8.89 -2.83
CA MET N 1 -25.70 8.91 -1.42
C MET N 1 -26.69 9.73 -0.62
N ALA N 2 -27.77 10.24 -1.21
CA ALA N 2 -28.91 10.60 -0.38
C ALA N 2 -29.12 9.55 0.68
N SER N 3 -29.11 9.98 1.93
CA SER N 3 -29.25 9.10 3.07
C SER N 3 -30.14 9.65 4.14
N GLY N 4 -30.71 8.74 4.87
CA GLY N 4 -31.69 9.05 5.90
C GLY N 4 -31.05 8.74 7.25
N GLY N 5 -31.45 9.50 8.27
CA GLY N 5 -30.77 9.39 9.53
C GLY N 5 -31.51 8.39 10.40
N SER N 6 -31.64 8.67 11.68
CA SER N 6 -32.17 7.74 12.64
C SER N 6 -33.61 7.44 12.38
N VAL N 7 -34.00 6.29 12.87
CA VAL N 7 -35.38 5.90 12.99
C VAL N 7 -35.54 5.33 14.38
N ILE N 8 -36.66 5.55 15.02
CA ILE N 8 -36.82 4.93 16.30
C ILE N 8 -38.21 4.40 16.42
N ALA N 9 -38.37 3.37 17.22
CA ALA N 9 -39.67 2.81 17.37
C ALA N 9 -39.92 2.23 18.72
N ILE N 10 -41.15 2.18 19.08
CA ILE N 10 -41.45 1.62 20.36
C ILE N 10 -42.82 1.06 20.31
N LYS N 11 -42.96 -0.07 20.98
CA LYS N 11 -44.26 -0.68 21.20
C LYS N 11 -44.93 -0.06 22.37
N TYR N 12 -46.21 0.26 22.18
CA TYR N 12 -47.11 0.59 23.26
C TYR N 12 -48.16 -0.49 23.32
N LYS N 13 -48.97 -0.46 24.38
CA LYS N 13 -50.14 -1.31 24.53
C LYS N 13 -51.13 -0.96 23.44
N GLY N 14 -51.26 -1.83 22.44
CA GLY N 14 -52.17 -1.50 21.36
C GLY N 14 -51.48 -1.30 20.00
N GLY N 15 -50.19 -1.02 20.00
CA GLY N 15 -49.62 -0.69 18.72
C GLY N 15 -48.14 -0.48 18.77
N VAL N 16 -47.69 0.21 17.75
CA VAL N 16 -46.30 0.48 17.62
C VAL N 16 -46.21 1.88 17.10
N LEU N 17 -45.22 2.63 17.54
CA LEU N 17 -44.93 3.88 16.92
C LEU N 17 -43.54 3.88 16.34
N MET N 18 -43.43 4.48 15.19
CA MET N 18 -42.14 4.65 14.57
C MET N 18 -41.98 6.11 14.17
N ALA N 19 -40.81 6.65 14.35
CA ALA N 19 -40.64 8.05 14.06
C ALA N 19 -39.35 8.29 13.34
N ALA N 20 -39.33 9.31 12.49
CA ALA N 20 -38.15 9.64 11.72
C ALA N 20 -38.16 11.07 11.30
N ASP N 21 -36.98 11.66 11.12
CA ASP N 21 -36.94 13.01 10.56
C ASP N 21 -37.27 12.93 9.10
N THR N 22 -37.70 14.01 8.52
CA THR N 22 -38.06 14.01 7.14
C THR N 22 -36.94 14.54 6.33
N LEU N 23 -35.78 13.99 6.47
CA LEU N 23 -34.67 14.66 5.87
C LEU N 23 -33.80 13.68 5.15
N LEU N 24 -33.40 14.00 3.95
CA LEU N 24 -32.36 13.24 3.36
C LEU N 24 -31.15 14.11 3.27
N SER N 25 -30.03 13.57 3.63
CA SER N 25 -28.81 14.31 3.54
C SER N 25 -27.98 13.72 2.42
N TYR N 26 -27.02 14.49 1.96
CA TYR N 26 -26.00 14.05 1.04
C TYR N 26 -24.66 14.44 1.64
N GLY N 27 -23.97 13.48 2.17
CA GLY N 27 -22.91 13.71 3.09
C GLY N 27 -23.43 14.57 4.23
N SER N 28 -22.72 15.67 4.47
CA SER N 28 -23.06 16.68 5.45
C SER N 28 -24.21 17.56 4.99
N LEU N 29 -24.49 17.62 3.69
CA LEU N 29 -25.43 18.58 3.17
C LEU N 29 -26.86 18.21 3.46
N ALA N 30 -27.61 19.07 4.08
CA ALA N 30 -29.00 18.73 4.31
C ALA N 30 -29.78 19.02 3.06
N LYS N 31 -30.20 18.04 2.31
CA LYS N 31 -30.51 18.29 0.93
C LYS N 31 -31.99 18.50 0.72
N TRP N 32 -32.76 17.56 1.26
CA TRP N 32 -34.19 17.64 1.18
C TRP N 32 -34.84 17.46 2.53
N PRO N 33 -35.46 18.48 3.03
CA PRO N 33 -36.04 18.37 4.34
C PRO N 33 -37.49 18.01 4.41
N ASN N 34 -38.00 17.54 3.30
CA ASN N 34 -39.41 17.28 3.20
C ASN N 34 -39.60 15.98 2.50
N ILE N 35 -38.93 14.95 2.96
CA ILE N 35 -39.00 13.63 2.37
C ILE N 35 -39.78 12.74 3.32
N PRO N 36 -40.81 12.06 2.84
CA PRO N 36 -41.58 11.15 3.69
C PRO N 36 -40.85 9.81 3.75
N ARG N 37 -40.02 9.66 4.76
CA ARG N 37 -39.11 8.55 4.84
C ARG N 37 -39.83 7.29 5.30
N ILE N 38 -40.88 7.43 6.10
CA ILE N 38 -41.67 6.26 6.44
C ILE N 38 -42.52 5.84 5.28
N ARG N 39 -42.64 4.57 5.07
CA ARG N 39 -43.43 4.10 3.97
C ARG N 39 -44.28 2.92 4.41
N LEU N 40 -45.57 3.00 4.13
CA LEU N 40 -46.47 1.91 4.37
C LEU N 40 -46.26 0.79 3.38
N LEU N 41 -46.42 -0.44 3.88
CA LEU N 41 -46.23 -1.65 3.12
C LEU N 41 -47.44 -2.49 3.37
N GLY N 42 -48.30 -2.55 2.39
CA GLY N 42 -49.46 -3.39 2.58
C GLY N 42 -50.40 -2.66 3.48
N SER N 43 -51.26 -3.41 4.12
CA SER N 43 -52.31 -2.85 4.94
C SER N 43 -51.96 -2.80 6.40
N HIS N 44 -50.83 -3.37 6.82
CA HIS N 44 -50.60 -3.45 8.26
C HIS N 44 -49.21 -3.05 8.68
N SER N 45 -48.36 -2.56 7.80
CA SER N 45 -46.98 -2.48 8.15
C SER N 45 -46.41 -1.18 7.61
N ALA N 46 -45.28 -0.80 8.13
CA ALA N 46 -44.63 0.35 7.61
C ALA N 46 -43.17 0.12 7.80
N VAL N 47 -42.38 0.84 7.09
CA VAL N 47 -40.98 0.57 7.20
C VAL N 47 -40.24 1.88 7.02
N CYS N 48 -39.10 1.99 7.64
CA CYS N 48 -38.34 3.18 7.48
C CYS N 48 -36.90 2.82 7.56
N ALA N 49 -36.03 3.50 6.84
CA ALA N 49 -34.64 3.08 6.78
C ALA N 49 -33.73 4.19 7.16
N THR N 50 -32.65 3.80 7.74
CA THR N 50 -31.50 4.64 7.90
C THR N 50 -30.51 4.23 6.83
N GLY N 51 -29.83 5.16 6.22
CA GLY N 51 -28.80 4.79 5.28
C GLY N 51 -29.26 5.14 3.89
N SER N 52 -28.77 4.42 2.87
CA SER N 52 -28.98 4.74 1.48
C SER N 52 -30.44 4.72 1.11
N TYR N 53 -30.94 5.88 0.76
CA TYR N 53 -32.32 6.03 0.36
C TYR N 53 -32.58 5.31 -0.93
N ALA N 54 -31.64 5.24 -1.79
CA ALA N 54 -31.83 4.59 -3.06
C ALA N 54 -31.99 3.15 -2.82
N ASP N 55 -31.14 2.56 -1.99
CA ASP N 55 -31.33 1.17 -1.63
C ASP N 55 -32.68 0.98 -1.01
N PHE N 56 -32.98 1.74 -0.02
CA PHE N 56 -34.30 1.70 0.55
C PHE N 56 -35.38 1.74 -0.48
N GLN N 57 -35.31 2.63 -1.45
CA GLN N 57 -36.43 2.82 -2.36
C GLN N 57 -36.56 1.58 -3.23
N MET N 58 -35.45 1.02 -3.67
CA MET N 58 -35.56 -0.15 -4.49
C MET N 58 -36.04 -1.32 -3.66
N MET N 59 -35.62 -1.46 -2.43
CA MET N 59 -36.02 -2.56 -1.63
C MET N 59 -37.48 -2.41 -1.29
N ALA N 60 -37.91 -1.22 -0.96
CA ALA N 60 -39.29 -1.06 -0.51
C ALA N 60 -40.23 -1.24 -1.69
N LYS N 61 -39.77 -0.98 -2.89
CA LYS N 61 -40.64 -1.21 -4.00
C LYS N 61 -40.82 -2.72 -4.23
N GLN N 62 -39.73 -3.46 -4.17
CA GLN N 62 -39.72 -4.89 -4.30
C GLN N 62 -40.68 -5.50 -3.32
N VAL N 63 -40.69 -5.05 -2.10
CA VAL N 63 -41.53 -5.66 -1.09
C VAL N 63 -42.97 -5.26 -1.27
N GLU N 64 -43.26 -3.99 -1.51
CA GLU N 64 -44.61 -3.51 -1.72
C GLU N 64 -45.25 -4.33 -2.82
N ASP N 65 -44.50 -4.54 -3.90
CA ASP N 65 -45.01 -5.21 -5.08
C ASP N 65 -45.31 -6.66 -4.78
N ASN N 66 -44.38 -7.32 -4.16
CA ASN N 66 -44.54 -8.68 -3.75
C ASN N 66 -45.80 -8.82 -2.93
N ILE N 67 -46.03 -7.92 -2.01
CA ILE N 67 -47.22 -8.01 -1.21
C ILE N 67 -48.48 -7.87 -2.03
N GLU N 68 -48.50 -6.89 -2.89
CA GLU N 68 -49.67 -6.50 -3.60
C GLU N 68 -50.05 -7.59 -4.62
N ARG N 69 -49.04 -8.12 -5.29
CA ARG N 69 -49.23 -9.14 -6.28
C ARG N 69 -49.63 -10.45 -5.66
N GLN N 70 -49.02 -10.84 -4.56
CA GLN N 70 -49.37 -12.10 -3.94
C GLN N 70 -50.87 -12.06 -3.71
N LYS N 71 -51.41 -10.92 -3.39
CA LYS N 71 -52.76 -10.82 -2.90
C LYS N 71 -53.77 -10.62 -4.01
N MET N 72 -53.34 -9.97 -5.09
CA MET N 72 -54.21 -9.62 -6.19
C MET N 72 -54.31 -10.83 -7.08
N TYR N 73 -53.21 -11.55 -7.20
CA TYR N 73 -53.16 -12.69 -8.06
C TYR N 73 -53.67 -13.99 -7.47
N HIS N 74 -53.66 -14.16 -6.17
CA HIS N 74 -54.21 -15.36 -5.58
C HIS N 74 -55.28 -14.96 -4.59
N ASN N 75 -56.27 -15.80 -4.40
CA ASN N 75 -57.34 -15.37 -3.52
C ASN N 75 -56.84 -15.65 -2.10
N VAL N 76 -55.78 -14.96 -1.66
CA VAL N 76 -55.17 -15.27 -0.38
C VAL N 76 -55.20 -14.05 0.51
N ASP N 77 -55.01 -14.29 1.80
CA ASP N 77 -54.95 -13.20 2.77
C ASP N 77 -53.62 -12.50 2.57
N GLU N 78 -53.65 -11.18 2.60
CA GLU N 78 -52.43 -10.42 2.68
C GLU N 78 -51.43 -11.01 3.67
N LEU N 79 -50.18 -10.81 3.36
CA LEU N 79 -49.11 -11.29 4.17
C LEU N 79 -49.15 -10.58 5.48
N SER N 80 -48.83 -11.33 6.54
CA SER N 80 -48.76 -10.70 7.82
C SER N 80 -47.50 -9.83 7.87
N PRO N 81 -47.38 -9.03 8.93
CA PRO N 81 -46.16 -8.29 9.16
C PRO N 81 -44.93 -9.15 9.35
N SER N 82 -45.02 -10.19 10.15
CA SER N 82 -43.86 -11.03 10.27
C SER N 82 -43.50 -11.62 8.90
N GLU N 83 -44.47 -12.02 8.12
CA GLU N 83 -44.15 -12.58 6.83
C GLU N 83 -43.49 -11.56 5.92
N VAL N 84 -43.90 -10.31 5.97
CA VAL N 84 -43.31 -9.29 5.13
C VAL N 84 -41.91 -8.98 5.58
N PHE N 85 -41.80 -8.90 6.88
CA PHE N 85 -40.53 -8.67 7.46
C PHE N 85 -39.59 -9.79 7.12
N SER N 86 -40.06 -11.02 7.18
CA SER N 86 -39.28 -12.16 6.79
C SER N 86 -38.81 -12.00 5.38
N TYR N 87 -39.72 -11.70 4.49
CA TYR N 87 -39.35 -11.51 3.13
C TYR N 87 -38.28 -10.45 2.90
N LEU N 88 -38.45 -9.35 3.54
CA LEU N 88 -37.54 -8.24 3.43
C LEU N 88 -36.18 -8.58 3.96
N HIS N 89 -36.16 -9.31 5.04
CA HIS N 89 -34.92 -9.75 5.60
C HIS N 89 -34.26 -10.75 4.71
N ARG N 90 -34.98 -11.63 4.09
CA ARG N 90 -34.28 -12.56 3.26
C ARG N 90 -33.81 -11.86 2.01
N SER N 91 -34.57 -10.88 1.55
CA SER N 91 -34.19 -10.11 0.40
C SER N 91 -32.88 -9.40 0.64
N ILE N 92 -32.76 -8.78 1.79
CA ILE N 92 -31.61 -8.01 2.17
C ILE N 92 -30.42 -8.89 2.32
N TYR N 93 -30.65 -10.07 2.83
CA TYR N 93 -29.55 -11.00 3.00
C TYR N 93 -29.04 -11.45 1.65
N GLN N 94 -29.95 -11.84 0.78
CA GLN N 94 -29.56 -12.31 -0.53
C GLN N 94 -28.69 -11.25 -1.17
N LYS N 95 -28.98 -9.98 -0.94
CA LYS N 95 -28.16 -8.93 -1.54
C LYS N 95 -26.77 -8.83 -0.94
N ARG N 96 -26.60 -9.15 0.31
CA ARG N 96 -25.30 -9.17 0.94
C ARG N 96 -24.50 -10.37 0.49
N CYS N 97 -25.20 -11.37 -0.06
CA CYS N 97 -24.53 -12.57 -0.54
C CYS N 97 -24.04 -12.38 -1.96
N ASP N 98 -24.58 -11.36 -2.62
CA ASP N 98 -24.25 -11.04 -3.99
C ASP N 98 -23.27 -9.88 -3.99
N PHE N 99 -22.85 -9.47 -2.80
CA PHE N 99 -21.95 -8.33 -2.67
C PHE N 99 -22.61 -7.06 -3.23
N ASP N 100 -23.93 -7.06 -3.26
CA ASP N 100 -24.69 -5.93 -3.74
C ASP N 100 -25.57 -5.43 -2.60
N PRO N 101 -24.99 -5.14 -1.43
CA PRO N 101 -25.80 -4.98 -0.24
C PRO N 101 -26.81 -3.86 -0.31
N CYS N 102 -27.94 -4.03 0.39
CA CYS N 102 -28.89 -2.95 0.55
C CYS N 102 -28.40 -2.17 1.75
N LEU N 103 -27.77 -1.00 1.53
CA LEU N 103 -27.00 -0.37 2.59
C LEU N 103 -27.83 0.49 3.51
N CYS N 104 -28.83 -0.11 4.06
CA CYS N 104 -29.65 0.51 5.05
C CYS N 104 -29.83 -0.42 6.22
N GLN N 105 -30.10 0.19 7.35
CA GLN N 105 -30.65 -0.48 8.48
C GLN N 105 -32.10 -0.10 8.38
N MET N 106 -33.06 -0.94 8.72
CA MET N 106 -34.45 -0.58 8.57
C MET N 106 -35.18 -0.95 9.84
N VAL N 107 -36.23 -0.24 10.14
CA VAL N 107 -37.10 -0.63 11.19
C VAL N 107 -38.38 -0.89 10.52
N PHE N 108 -39.11 -1.81 11.07
CA PHE N 108 -40.27 -2.35 10.44
C PHE N 108 -41.30 -2.48 11.51
N ILE N 109 -42.53 -2.08 11.24
CA ILE N 109 -43.55 -2.22 12.23
C ILE N 109 -44.77 -2.71 11.55
N GLY N 110 -45.62 -3.31 12.31
CA GLY N 110 -46.84 -3.79 11.75
C GLY N 110 -47.75 -4.34 12.79
N VAL N 111 -49.05 -4.29 12.50
CA VAL N 111 -50.00 -4.85 13.40
C VAL N 111 -51.04 -5.60 12.66
N ARG N 112 -51.39 -6.77 13.17
CA ARG N 112 -52.53 -7.47 12.62
C ARG N 112 -53.25 -8.27 13.68
N ASP N 113 -54.55 -7.99 13.84
CA ASP N 113 -55.36 -8.67 14.85
C ASP N 113 -54.74 -8.41 16.24
N GLY N 114 -54.42 -7.14 16.52
CA GLY N 114 -53.84 -6.74 17.80
C GLY N 114 -52.53 -7.44 18.21
N GLU N 115 -52.05 -8.44 17.45
CA GLU N 115 -50.64 -8.79 17.47
C GLU N 115 -49.76 -7.70 16.83
N THR N 116 -48.72 -7.25 17.55
CA THR N 116 -47.88 -6.20 17.03
C THR N 116 -46.55 -6.80 16.65
N PHE N 117 -45.80 -6.05 15.87
CA PHE N 117 -44.56 -6.56 15.36
C PHE N 117 -43.64 -5.38 15.17
N LEU N 118 -42.46 -5.51 15.69
CA LEU N 118 -41.51 -4.49 15.54
C LEU N 118 -40.19 -5.15 15.38
N ALA N 119 -39.53 -4.90 14.29
CA ALA N 119 -38.25 -5.47 14.09
C ALA N 119 -37.28 -4.54 13.39
N GLY N 120 -36.04 -4.91 13.45
CA GLY N 120 -34.98 -4.20 12.81
C GLY N 120 -34.22 -5.13 11.89
N VAL N 121 -33.78 -4.66 10.74
CA VAL N 121 -32.91 -5.48 9.92
C VAL N 121 -31.79 -4.60 9.46
N ASP N 122 -30.63 -5.16 9.26
CA ASP N 122 -29.49 -4.36 8.86
C ASP N 122 -28.83 -4.87 7.60
N ASP N 123 -27.95 -4.06 7.05
CA ASP N 123 -27.47 -4.28 5.69
C ASP N 123 -27.05 -5.72 5.49
N VAL N 124 -26.36 -6.29 6.45
CA VAL N 124 -25.91 -7.66 6.30
C VAL N 124 -26.98 -8.70 6.56
N GLY N 125 -28.19 -8.36 7.00
CA GLY N 125 -29.22 -9.38 7.22
C GLY N 125 -29.32 -9.73 8.71
N THR N 126 -28.63 -8.98 9.57
CA THR N 126 -28.99 -9.12 10.94
C THR N 126 -30.43 -8.75 11.11
N ARG N 127 -31.16 -9.45 11.95
CA ARG N 127 -32.52 -9.04 12.26
C ARG N 127 -32.80 -9.31 13.71
N TRP N 128 -33.69 -8.53 14.28
CA TRP N 128 -33.98 -8.63 15.67
C TRP N 128 -35.31 -8.01 15.94
N GLU N 129 -35.99 -8.47 16.97
CA GLU N 129 -37.29 -7.98 17.34
C GLU N 129 -37.26 -7.54 18.76
N ASP N 130 -37.83 -6.41 19.06
CA ASP N 130 -37.80 -5.97 20.42
C ASP N 130 -38.94 -5.04 20.67
N ASP N 131 -39.05 -4.54 21.90
CA ASP N 131 -40.12 -3.62 22.23
C ASP N 131 -39.68 -2.22 21.89
N CYS N 132 -38.42 -2.03 21.62
CA CYS N 132 -38.02 -0.84 20.96
C CYS N 132 -36.80 -1.06 20.11
N ILE N 133 -36.65 -0.21 19.13
CA ILE N 133 -35.73 -0.45 18.08
C ILE N 133 -35.29 0.87 17.57
N ALA N 134 -34.05 0.99 17.21
CA ALA N 134 -33.66 2.20 16.55
C ALA N 134 -32.52 1.94 15.63
N THR N 135 -32.28 2.86 14.73
CA THR N 135 -31.16 2.74 13.86
C THR N 135 -30.51 4.08 13.68
N GLY N 136 -29.27 4.04 13.19
CA GLY N 136 -28.45 5.22 13.04
C GLY N 136 -28.08 5.64 14.43
N TYR N 137 -28.09 6.94 14.67
CA TYR N 137 -27.77 7.45 15.98
C TYR N 137 -28.93 7.20 16.91
N GLY N 138 -30.09 7.00 16.38
CA GLY N 138 -31.12 6.50 17.26
C GLY N 138 -30.61 5.38 18.15
N ALA N 139 -29.73 4.54 17.61
CA ALA N 139 -29.43 3.33 18.34
C ALA N 139 -28.53 3.60 19.53
N TYR N 140 -27.89 4.78 19.50
CA TYR N 140 -26.87 5.14 20.45
C TYR N 140 -27.44 6.14 21.40
N ILE N 141 -28.34 6.93 20.89
CA ILE N 141 -28.88 8.03 21.63
C ILE N 141 -30.25 7.67 22.15
N ALA N 142 -31.15 7.20 21.32
CA ALA N 142 -32.47 7.00 21.82
C ALA N 142 -32.68 5.62 22.45
N LEU N 143 -32.08 4.57 21.93
CA LEU N 143 -32.44 3.31 22.54
C LEU N 143 -32.32 3.37 24.04
N PRO N 144 -31.24 3.86 24.66
CA PRO N 144 -31.12 3.86 26.10
C PRO N 144 -32.27 4.49 26.82
N LEU N 145 -32.85 5.49 26.19
CA LEU N 145 -33.94 6.21 26.78
C LEU N 145 -35.20 5.41 26.65
N LEU N 146 -35.35 4.78 25.49
CA LEU N 146 -36.55 4.01 25.23
C LEU N 146 -36.53 2.79 26.09
N ARG N 147 -35.37 2.15 26.11
CA ARG N 147 -35.20 1.03 27.01
C ARG N 147 -35.55 1.42 28.42
N GLN N 148 -35.00 2.52 28.91
CA GLN N 148 -35.32 2.99 30.24
C GLN N 148 -36.83 3.15 30.44
N ALA N 149 -37.58 3.64 29.47
CA ALA N 149 -39.01 3.77 29.63
C ALA N 149 -39.73 2.42 29.69
N LEU N 150 -39.20 1.39 29.06
CA LEU N 150 -39.82 0.09 29.14
C LEU N 150 -39.43 -0.63 30.42
N GLU N 151 -38.27 -0.33 31.04
CA GLU N 151 -37.95 -0.92 32.34
C GLU N 151 -38.97 -0.37 33.35
N LYS N 152 -39.29 0.92 33.25
CA LYS N 152 -40.10 1.63 34.22
C LYS N 152 -41.58 1.35 34.10
N ASN N 153 -42.02 0.99 32.90
CA ASN N 153 -43.40 0.62 32.63
C ASN N 153 -43.35 -0.80 32.08
N PRO N 154 -43.22 -1.84 32.92
CA PRO N 154 -43.03 -3.21 32.43
C PRO N 154 -44.36 -3.85 32.04
N ASP N 155 -45.45 -3.16 32.38
CA ASP N 155 -46.80 -3.50 31.99
C ASP N 155 -47.12 -3.04 30.55
N GLY N 156 -46.11 -2.58 29.81
CA GLY N 156 -46.33 -1.79 28.60
C GLY N 156 -46.62 -0.32 28.86
N LEU N 157 -46.26 0.50 27.86
CA LEU N 157 -46.51 1.93 27.86
C LEU N 157 -47.88 2.18 27.29
N SER N 158 -48.49 3.30 27.62
CA SER N 158 -49.67 3.73 26.90
C SER N 158 -49.23 4.42 25.61
N ARG N 159 -50.16 4.76 24.75
CA ARG N 159 -49.83 5.48 23.55
C ARG N 159 -49.29 6.85 23.95
N GLY N 160 -49.90 7.50 24.92
CA GLY N 160 -49.44 8.83 25.29
C GLY N 160 -48.07 8.79 25.92
N GLU N 161 -47.82 7.84 26.82
CA GLU N 161 -46.51 7.76 27.45
C GLU N 161 -45.49 7.44 26.37
N ALA N 162 -45.90 6.68 25.36
CA ALA N 162 -44.94 6.19 24.40
C ALA N 162 -44.56 7.35 23.51
N MET N 163 -45.58 8.08 23.14
CA MET N 163 -45.41 9.22 22.32
C MET N 163 -44.67 10.30 23.12
N ARG N 164 -44.89 10.42 24.41
CA ARG N 164 -44.07 11.30 25.21
C ARG N 164 -42.58 10.95 25.17
N ILE N 165 -42.23 9.66 25.15
CA ILE N 165 -40.86 9.27 25.26
C ILE N 165 -40.20 9.28 23.90
N LEU N 166 -40.98 9.01 22.88
CA LEU N 166 -40.49 9.08 21.53
C LEU N 166 -40.06 10.49 21.24
N THR N 167 -40.97 11.38 21.58
CA THR N 167 -40.74 12.78 21.42
C THR N 167 -39.52 13.21 22.23
N ASP N 168 -39.33 12.71 23.43
CA ASP N 168 -38.13 13.09 24.15
C ASP N 168 -36.86 12.71 23.43
N CYS N 169 -36.87 11.56 22.81
CA CYS N 169 -35.75 11.11 22.02
C CYS N 169 -35.57 11.89 20.74
N LEU N 170 -36.67 12.32 20.11
CA LEU N 170 -36.48 13.03 18.86
C LEU N 170 -35.75 14.29 19.18
N ARG N 171 -36.12 14.86 20.28
CA ARG N 171 -35.50 16.09 20.69
C ARG N 171 -34.04 15.86 20.94
N VAL N 172 -33.72 14.81 21.67
CA VAL N 172 -32.31 14.53 21.84
C VAL N 172 -31.57 14.23 20.57
N LEU N 173 -32.18 13.56 19.61
CA LEU N 173 -31.50 13.28 18.36
C LEU N 173 -31.29 14.60 17.67
N PHE N 174 -32.30 15.44 17.79
CA PHE N 174 -32.16 16.72 17.15
C PHE N 174 -30.94 17.44 17.69
N TYR N 175 -30.72 17.42 18.99
CA TYR N 175 -29.57 18.10 19.53
C TYR N 175 -28.27 17.43 19.22
N ARG N 176 -28.22 16.12 19.11
CA ARG N 176 -26.90 15.52 19.09
C ARG N 176 -26.55 14.83 17.80
N GLU N 177 -27.50 14.63 16.92
CA GLU N 177 -27.17 14.06 15.63
C GLU N 177 -26.97 15.22 14.69
N CYS N 178 -25.82 15.28 14.08
CA CYS N 178 -25.56 16.38 13.20
C CYS N 178 -26.53 16.47 12.03
N ARG N 179 -26.68 15.41 11.30
CA ARG N 179 -27.46 15.40 10.10
C ARG N 179 -28.91 15.17 10.49
N ALA N 180 -29.55 16.16 11.02
CA ALA N 180 -30.93 16.03 11.46
C ALA N 180 -31.64 17.37 11.32
N ILE N 181 -32.95 17.28 11.37
CA ILE N 181 -33.72 18.47 11.38
C ILE N 181 -34.81 18.29 12.36
N ASN N 182 -35.34 19.39 12.80
CA ASN N 182 -36.44 19.31 13.72
C ASN N 182 -37.72 19.25 12.91
N LYS N 183 -37.90 18.18 12.15
CA LYS N 183 -39.17 17.89 11.49
C LYS N 183 -39.30 16.40 11.46
N PHE N 184 -40.37 15.84 12.03
CA PHE N 184 -40.47 14.40 12.21
C PHE N 184 -41.83 13.90 11.76
N GLN N 185 -41.89 12.65 11.38
CA GLN N 185 -43.18 12.05 11.25
C GLN N 185 -43.19 10.85 12.11
N VAL N 186 -44.37 10.51 12.61
CA VAL N 186 -44.45 9.30 13.36
C VAL N 186 -45.55 8.42 12.82
N ALA N 187 -45.22 7.21 12.37
CA ALA N 187 -46.20 6.17 12.05
C ALA N 187 -46.64 5.47 13.29
N ASP N 188 -47.94 5.20 13.31
CA ASP N 188 -48.61 4.54 14.40
C ASP N 188 -49.38 3.38 13.80
N ALA N 189 -48.96 2.19 14.18
CA ALA N 189 -49.57 0.95 13.79
C ALA N 189 -50.52 0.48 14.88
N ALA N 190 -51.79 0.25 14.57
CA ALA N 190 -52.74 -0.22 15.56
C ALA N 190 -53.84 -0.97 14.84
N SER N 191 -54.41 -2.04 15.39
CA SER N 191 -55.66 -2.67 14.94
C SER N 191 -56.09 -2.24 13.53
N ASP N 192 -56.45 -0.95 13.49
CA ASP N 192 -57.04 -0.22 12.37
C ASP N 192 -56.13 -0.20 11.12
N GLY N 193 -54.85 -0.61 11.26
CA GLY N 193 -53.77 -0.31 10.33
C GLY N 193 -52.83 0.84 10.75
N VAL N 194 -52.08 1.37 9.80
CA VAL N 194 -51.02 2.28 10.12
C VAL N 194 -51.35 3.66 9.66
N ARG N 195 -51.21 4.68 10.49
CA ARG N 195 -51.27 6.06 10.05
C ARG N 195 -49.91 6.71 10.17
N ILE N 196 -49.59 7.53 9.19
CA ILE N 196 -48.46 8.40 9.32
C ILE N 196 -48.97 9.77 9.67
N SER N 197 -48.39 10.34 10.75
CA SER N 197 -48.69 11.68 11.23
C SER N 197 -48.29 12.70 10.18
N GLU N 198 -48.86 13.90 10.26
CA GLU N 198 -48.31 15.03 9.51
C GLU N 198 -46.97 15.41 10.14
N PRO N 199 -46.05 16.04 9.42
CA PRO N 199 -44.77 16.39 10.02
C PRO N 199 -44.99 17.38 11.13
N PHE N 200 -44.16 17.24 12.17
CA PHE N 200 -44.26 17.97 13.40
C PHE N 200 -42.86 18.21 13.92
N ASP N 201 -42.76 19.19 14.82
CA ASP N 201 -41.49 19.59 15.40
C ASP N 201 -41.57 19.42 16.91
N VAL N 202 -40.42 19.41 17.54
CA VAL N 202 -40.38 19.33 18.98
C VAL N 202 -39.72 20.59 19.47
N GLU N 203 -40.11 21.03 20.68
CA GLU N 203 -39.59 22.19 21.38
C GLU N 203 -38.15 21.93 21.82
N THR N 204 -37.31 22.94 21.63
CA THR N 204 -35.92 22.72 21.94
C THR N 204 -35.57 23.73 23.00
N HIS N 205 -34.58 23.42 23.81
CA HIS N 205 -34.15 24.30 24.84
C HIS N 205 -32.72 24.70 24.50
N TRP N 206 -32.41 26.01 24.47
CA TRP N 206 -31.08 26.48 24.16
C TRP N 206 -30.60 27.57 25.08
N GLU N 207 -31.28 27.80 26.19
CA GLU N 207 -31.04 29.01 26.94
C GLU N 207 -30.60 28.65 28.34
N TYR N 208 -30.02 27.46 28.49
CA TYR N 208 -29.33 27.18 29.73
C TYR N 208 -28.29 28.24 30.01
N GLU N 209 -28.12 28.56 31.28
CA GLU N 209 -27.29 29.67 31.70
C GLU N 209 -25.85 29.40 31.29
N GLY N 210 -25.50 28.12 31.18
CA GLY N 210 -24.13 27.74 30.87
C GLY N 210 -23.76 27.84 29.41
N TYR N 211 -24.68 28.26 28.59
CA TYR N 211 -24.51 28.31 27.16
C TYR N 211 -24.26 29.75 26.78
N CYS N 212 -24.22 30.58 27.81
CA CYS N 212 -24.12 32.00 27.54
C CYS N 212 -22.70 32.30 27.05
N PHE N 213 -22.58 33.42 26.38
CA PHE N 213 -21.36 33.81 25.73
C PHE N 213 -20.20 33.90 26.69
N GLU N 214 -20.44 34.46 27.86
CA GLU N 214 -19.40 34.68 28.83
C GLU N 214 -18.85 33.34 29.30
N LYS N 215 -19.73 32.38 29.58
CA LYS N 215 -19.27 31.11 30.14
C LYS N 215 -18.54 30.24 29.12
N THR N 216 -19.03 30.21 27.93
CA THR N 216 -18.46 29.33 26.93
C THR N 216 -17.25 29.93 26.23
N ALA N 217 -16.98 31.21 26.46
CA ALA N 217 -15.76 31.84 25.98
C ALA N 217 -14.51 31.10 26.42
N ILE N 218 -13.58 30.94 25.49
CA ILE N 218 -12.35 30.20 25.68
C ILE N 218 -11.36 31.06 26.44
N ILE N 219 -11.44 32.37 26.27
CA ILE N 219 -10.49 33.33 26.83
C ILE N 219 -11.23 34.46 27.51
N ARG N 220 -10.81 34.77 28.74
CA ARG N 220 -11.42 35.79 29.61
C ARG N 220 -10.85 37.19 29.29
N PHE O 6 38.15 41.76 48.85
CA PHE O 6 37.93 40.56 47.98
C PHE O 6 36.47 40.12 48.04
N ASP O 7 35.85 40.31 49.21
CA ASP O 7 34.43 40.01 49.44
C ASP O 7 33.57 41.21 49.10
N LYS O 8 34.17 42.38 48.85
CA LYS O 8 33.40 43.60 48.69
C LYS O 8 32.88 43.69 47.26
N TYR O 9 33.50 42.90 46.39
CA TYR O 9 33.33 43.02 44.96
C TYR O 9 32.70 41.76 44.37
N ILE O 10 32.45 40.76 45.17
CA ILE O 10 31.82 39.62 44.57
C ILE O 10 30.78 39.09 45.56
N THR O 11 29.92 38.23 45.08
CA THR O 11 28.81 37.84 45.89
C THR O 11 29.23 36.63 46.73
N VAL O 12 30.15 36.86 47.66
CA VAL O 12 30.51 35.90 48.66
C VAL O 12 30.28 36.59 49.99
N PHE O 13 30.28 35.79 51.04
CA PHE O 13 30.02 36.32 52.36
C PHE O 13 31.26 36.95 52.89
N SER O 14 31.05 38.02 53.63
CA SER O 14 32.06 38.63 54.48
C SER O 14 32.19 37.79 55.71
N PRO O 15 33.20 38.02 56.57
CA PRO O 15 33.28 37.34 57.87
C PRO O 15 32.13 37.58 58.85
N GLU O 16 31.41 38.68 58.70
CA GLU O 16 30.27 38.97 59.56
C GLU O 16 29.03 38.26 59.02
N GLY O 17 29.13 37.69 57.83
CA GLY O 17 28.07 36.88 57.27
C GLY O 17 27.14 37.71 56.40
N SER O 18 27.68 38.80 55.83
CA SER O 18 26.88 39.75 55.11
C SER O 18 27.38 39.81 53.68
N LEU O 19 26.54 40.22 52.77
CA LEU O 19 26.91 40.29 51.38
C LEU O 19 27.06 41.75 51.02
N TYR O 20 28.29 42.20 50.88
CA TYR O 20 28.54 43.60 50.63
C TYR O 20 27.80 44.03 49.41
N GLN O 21 27.90 43.32 48.31
CA GLN O 21 27.38 43.82 47.07
C GLN O 21 25.88 43.99 47.23
N VAL O 22 25.24 43.19 48.05
CA VAL O 22 23.81 43.41 48.29
C VAL O 22 23.59 44.64 49.13
N GLU O 23 24.38 44.90 50.14
CA GLU O 23 24.21 46.13 50.89
C GLU O 23 24.42 47.35 50.01
N TYR O 24 25.41 47.31 49.17
CA TYR O 24 25.69 48.42 48.30
C TYR O 24 24.59 48.60 47.26
N ALA O 25 24.06 47.51 46.76
CA ALA O 25 22.89 47.64 45.94
C ALA O 25 21.77 48.38 46.65
N PHE O 26 21.64 48.26 47.97
CA PHE O 26 20.64 49.05 48.67
C PHE O 26 20.98 50.52 48.64
N LYS O 27 22.24 50.87 48.53
CA LYS O 27 22.58 52.28 48.53
C LYS O 27 22.23 52.86 47.17
N ALA O 28 22.23 52.01 46.15
CA ALA O 28 21.83 52.41 44.82
C ALA O 28 20.38 52.85 44.79
N VAL O 29 19.63 52.39 45.77
CA VAL O 29 18.23 52.72 45.88
C VAL O 29 18.07 54.14 46.31
N THR O 30 18.92 54.62 47.19
CA THR O 30 18.77 55.97 47.70
C THR O 30 19.58 57.00 46.91
N TYR O 31 20.55 56.56 46.12
CA TYR O 31 21.49 57.45 45.49
C TYR O 31 20.83 58.51 44.62
N PRO O 32 19.76 58.16 43.87
CA PRO O 32 19.08 59.09 42.98
C PRO O 32 18.41 60.26 43.68
N GLY O 33 18.05 60.05 44.94
CA GLY O 33 17.46 61.10 45.75
C GLY O 33 15.93 61.16 45.65
N LEU O 34 15.30 60.11 45.15
CA LEU O 34 13.85 60.14 44.99
C LEU O 34 13.16 59.29 46.04
N LEU O 35 12.01 59.70 46.48
CA LEU O 35 11.32 58.91 47.47
C LEU O 35 10.01 58.40 46.88
N THR O 36 9.60 57.25 47.35
CA THR O 36 8.34 56.70 46.90
C THR O 36 7.53 56.31 48.11
N VAL O 37 6.22 56.44 48.05
CA VAL O 37 5.41 55.96 49.14
C VAL O 37 4.21 55.18 48.65
N ALA O 38 3.84 54.11 49.31
CA ALA O 38 2.68 53.41 48.83
C ALA O 38 1.79 53.19 50.02
N ILE O 39 0.50 53.05 49.82
CA ILE O 39 -0.37 52.94 50.95
C ILE O 39 -1.66 52.27 50.53
N ARG O 40 -2.19 51.43 51.38
CA ARG O 40 -3.44 50.85 51.04
C ARG O 40 -4.47 51.33 52.03
N CYS O 41 -5.67 51.52 51.49
CA CYS O 41 -6.86 51.89 52.23
C CYS O 41 -7.86 50.74 52.10
N LYS O 42 -9.11 50.94 52.51
CA LYS O 42 -10.03 49.80 52.60
C LYS O 42 -10.28 49.22 51.21
N ASP O 43 -10.43 50.09 50.19
CA ASP O 43 -10.81 49.59 48.88
C ASP O 43 -9.86 50.03 47.77
N ALA O 44 -8.67 50.54 48.10
CA ALA O 44 -7.72 50.97 47.10
C ALA O 44 -6.30 50.84 47.60
N VAL O 45 -5.41 51.00 46.65
CA VAL O 45 -4.02 51.16 47.00
C VAL O 45 -3.44 52.18 46.08
N LEU O 46 -2.59 53.01 46.65
CA LEU O 46 -1.97 54.12 45.96
C LEU O 46 -0.48 53.97 46.01
N VAL O 47 0.18 54.40 44.97
CA VAL O 47 1.61 54.57 45.13
C VAL O 47 1.96 55.95 44.63
N VAL O 48 2.69 56.69 45.44
CA VAL O 48 3.12 58.02 45.08
C VAL O 48 4.62 58.06 44.89
N THR O 49 5.12 58.45 43.73
CA THR O 49 6.55 58.68 43.69
C THR O 49 6.88 60.05 43.16
N GLN O 50 7.97 60.60 43.67
CA GLN O 50 8.49 61.86 43.18
C GLN O 50 8.77 61.69 41.70
N HIS O 51 8.70 62.79 40.98
CA HIS O 51 8.83 62.83 39.54
C HIS O 51 9.52 64.14 39.18
N LEU O 52 10.86 64.16 39.33
CA LEU O 52 11.63 65.41 39.30
C LEU O 52 12.26 65.61 37.93
N ILE O 53 11.90 66.74 37.33
CA ILE O 53 12.31 67.12 36.00
C ILE O 53 12.99 68.47 36.14
N PRO O 54 14.28 68.49 36.55
CA PRO O 54 14.97 69.76 36.71
C PRO O 54 15.22 70.40 35.34
N ASP O 55 15.62 69.56 34.36
CA ASP O 55 15.90 69.92 32.97
C ASP O 55 14.61 70.43 32.33
N ARG O 56 14.59 71.71 31.94
CA ARG O 56 13.37 72.38 31.49
C ARG O 56 12.97 71.77 30.14
N LEU O 57 14.00 71.21 29.48
CA LEU O 57 13.97 70.72 28.12
C LEU O 57 13.63 69.25 28.03
N MET O 58 13.66 68.55 29.16
CA MET O 58 13.21 67.19 29.23
C MET O 58 11.69 67.17 29.22
N ARG O 59 11.14 66.08 28.68
CA ARG O 59 9.74 65.95 28.34
C ARG O 59 9.08 65.21 29.49
N PRO O 60 8.38 65.86 30.42
CA PRO O 60 8.00 65.19 31.65
C PRO O 60 7.27 63.86 31.46
N ASP O 61 6.37 63.74 30.45
CA ASP O 61 5.52 62.56 30.33
C ASP O 61 6.33 61.32 29.91
N SER O 62 7.62 61.51 29.61
CA SER O 62 8.47 60.47 29.04
C SER O 62 9.22 59.69 30.10
N VAL O 63 9.37 60.27 31.29
CA VAL O 63 10.13 59.64 32.35
C VAL O 63 9.17 59.36 33.50
N THR O 64 9.27 58.17 34.03
CA THR O 64 8.30 57.68 34.99
C THR O 64 8.94 56.57 35.79
N ALA O 65 8.48 56.43 37.02
CA ALA O 65 8.88 55.28 37.78
C ALA O 65 7.68 54.39 38.01
N LEU O 66 6.58 54.62 37.29
CA LEU O 66 5.41 53.78 37.45
C LEU O 66 5.17 52.96 36.21
N TYR O 67 4.81 51.70 36.37
CA TYR O 67 4.72 50.84 35.23
C TYR O 67 3.61 49.85 35.39
N GLU O 68 2.80 49.69 34.38
CA GLU O 68 1.88 48.59 34.39
C GLU O 68 2.75 47.35 34.19
N VAL O 69 2.52 46.35 35.03
CA VAL O 69 3.13 45.07 34.87
C VAL O 69 2.17 44.16 34.14
N THR O 70 0.98 44.09 34.68
CA THR O 70 -0.14 43.61 33.95
C THR O 70 -1.22 44.66 34.13
N PRO O 71 -2.39 44.54 33.45
CA PRO O 71 -3.47 45.49 33.69
C PRO O 71 -3.81 45.58 35.19
N ASN O 72 -3.76 44.48 35.93
CA ASN O 72 -4.06 44.59 37.34
C ASN O 72 -2.86 44.64 38.28
N ILE O 73 -1.67 44.97 37.82
CA ILE O 73 -0.56 45.17 38.72
C ILE O 73 0.34 46.28 38.29
N GLY O 74 0.47 47.23 39.17
CA GLY O 74 1.33 48.33 38.85
C GLY O 74 2.61 48.09 39.57
N CYS O 75 3.67 48.71 39.16
CA CYS O 75 4.75 48.78 40.07
C CYS O 75 5.48 50.08 39.93
N CYS O 76 6.09 50.44 41.02
CA CYS O 76 6.92 51.59 41.13
C CYS O 76 8.32 51.09 41.46
N MET O 77 9.30 51.50 40.67
CA MET O 77 10.67 51.14 40.91
C MET O 77 11.36 52.35 41.46
N THR O 78 12.20 52.10 42.43
CA THR O 78 12.88 53.18 43.11
C THR O 78 14.33 52.77 43.19
N GLY O 79 15.18 53.60 42.64
CA GLY O 79 16.55 53.24 42.54
C GLY O 79 17.06 53.52 41.16
N ARG O 80 18.03 52.74 40.81
CA ARG O 80 18.73 52.87 39.56
C ARG O 80 17.73 52.61 38.45
N ALA O 81 17.41 53.68 37.70
CA ALA O 81 16.20 53.64 36.91
C ALA O 81 16.23 52.51 35.87
N PRO O 82 17.32 52.38 35.14
CA PRO O 82 17.39 51.35 34.12
C PRO O 82 17.40 49.97 34.71
N ASP O 83 17.83 49.82 35.95
CA ASP O 83 17.74 48.52 36.58
C ASP O 83 16.28 48.29 36.87
N GLY O 84 15.56 49.34 37.25
CA GLY O 84 14.12 49.17 37.47
C GLY O 84 13.42 48.78 36.19
N ARG O 85 13.81 49.41 35.11
CA ARG O 85 13.17 49.14 33.85
C ARG O 85 13.40 47.69 33.49
N ALA O 86 14.56 47.19 33.84
CA ALA O 86 14.84 45.83 33.50
C ALA O 86 14.03 44.91 34.37
N LEU O 87 13.91 45.22 35.66
CA LEU O 87 13.08 44.33 36.43
C LEU O 87 11.66 44.33 35.91
N VAL O 88 11.21 45.45 35.41
CA VAL O 88 9.87 45.51 34.95
C VAL O 88 9.71 44.60 33.78
N GLN O 89 10.60 44.69 32.81
CA GLN O 89 10.58 43.71 31.76
C GLN O 89 10.50 42.28 32.29
N ARG O 90 11.27 41.94 33.29
CA ARG O 90 11.32 40.58 33.76
C ARG O 90 10.01 40.27 34.42
N ALA O 91 9.48 41.20 35.18
CA ALA O 91 8.18 41.00 35.80
C ALA O 91 7.11 40.67 34.78
N ARG O 92 7.18 41.40 33.69
CA ARG O 92 6.22 41.36 32.62
C ARG O 92 6.21 40.03 31.92
N GLU O 93 7.43 39.57 31.68
CA GLU O 93 7.68 38.26 31.18
C GLU O 93 7.17 37.23 32.16
N GLU O 94 7.37 37.47 33.43
CA GLU O 94 7.01 36.47 34.40
C GLU O 94 5.50 36.37 34.43
N ALA O 95 4.88 37.51 34.37
CA ALA O 95 3.46 37.62 34.45
C ALA O 95 2.82 37.00 33.22
N SER O 96 3.45 37.20 32.09
CA SER O 96 2.90 36.71 30.85
C SER O 96 3.14 35.23 30.72
N ASP O 97 4.30 34.72 31.12
CA ASP O 97 4.53 33.30 31.11
C ASP O 97 3.56 32.68 32.05
N TYR O 98 3.24 33.33 33.14
CA TYR O 98 2.34 32.75 34.10
C TYR O 98 0.96 32.68 33.55
N GLN O 99 0.50 33.69 32.82
CA GLN O 99 -0.87 33.67 32.28
C GLN O 99 -0.99 32.56 31.22
N TYR O 100 0.10 32.40 30.46
CA TYR O 100 0.07 31.35 29.47
C TYR O 100 -0.01 30.00 30.15
N ARG O 101 0.74 29.76 31.20
CA ARG O 101 0.82 28.46 31.79
C ARG O 101 -0.45 28.18 32.57
N TYR O 102 -1.05 29.12 33.26
CA TYR O 102 -2.14 28.78 34.14
C TYR O 102 -3.48 29.34 33.67
N GLY O 103 -3.49 30.10 32.62
CA GLY O 103 -4.75 30.63 32.17
C GLY O 103 -5.31 31.74 33.03
N VAL O 104 -4.57 32.22 34.02
CA VAL O 104 -5.09 33.30 34.86
C VAL O 104 -4.02 34.34 35.05
N GLU O 105 -4.45 35.52 35.37
CA GLU O 105 -3.54 36.61 35.65
C GLU O 105 -2.82 36.28 36.97
N ILE O 106 -1.55 36.60 36.99
CA ILE O 106 -0.69 36.28 38.09
C ILE O 106 -1.07 37.11 39.29
N PRO O 107 -1.28 36.45 40.42
CA PRO O 107 -1.57 37.14 41.63
C PRO O 107 -0.34 37.92 41.99
N ILE O 108 -0.55 39.06 42.58
CA ILE O 108 0.55 39.93 42.87
C ILE O 108 1.49 39.39 43.92
N ALA O 109 1.04 38.66 44.93
CA ALA O 109 2.01 38.09 45.87
C ALA O 109 2.88 37.02 45.22
N VAL O 110 2.38 36.36 44.21
CA VAL O 110 3.20 35.40 43.51
C VAL O 110 4.18 36.14 42.66
N LEU O 111 3.73 37.17 41.98
CA LEU O 111 4.67 37.87 41.14
C LEU O 111 5.80 38.41 41.98
N ALA O 112 5.49 38.96 43.15
CA ALA O 112 6.53 39.49 44.00
C ALA O 112 7.51 38.41 44.38
N LYS O 113 6.97 37.27 44.75
CA LYS O 113 7.78 36.17 45.18
C LYS O 113 8.71 35.76 44.07
N ARG O 114 8.23 35.71 42.84
CA ARG O 114 9.07 35.29 41.75
C ARG O 114 10.13 36.30 41.41
N MET O 115 9.84 37.56 41.63
CA MET O 115 10.83 38.57 41.44
C MET O 115 11.83 38.58 42.59
N GLY O 116 11.42 38.18 43.76
CA GLY O 116 12.38 37.97 44.81
C GLY O 116 13.29 36.79 44.52
N ASP O 117 12.76 35.76 43.89
CA ASP O 117 13.59 34.63 43.55
C ASP O 117 14.66 35.05 42.55
N LYS O 118 14.26 35.85 41.58
CA LYS O 118 15.12 36.37 40.54
C LYS O 118 16.20 37.23 41.15
N ALA O 119 15.87 38.03 42.14
CA ALA O 119 16.90 38.83 42.72
C ALA O 119 17.86 37.97 43.53
N GLN O 120 17.31 37.11 44.37
CA GLN O 120 18.12 36.25 45.21
C GLN O 120 19.20 35.60 44.37
N VAL O 121 18.84 35.16 43.16
CA VAL O 121 19.78 34.48 42.32
C VAL O 121 20.99 35.37 42.00
N ARG O 122 20.72 36.62 41.71
CA ARG O 122 21.80 37.51 41.45
C ARG O 122 22.68 37.69 42.66
N THR O 123 22.24 37.31 43.86
CA THR O 123 23.10 37.46 45.02
C THR O 123 23.87 36.18 45.35
N GLN O 124 23.66 35.12 44.59
CA GLN O 124 24.26 33.86 44.97
C GLN O 124 25.13 33.37 43.82
N GLN O 125 24.93 33.87 42.60
CA GLN O 125 25.66 33.50 41.40
C GLN O 125 26.57 34.68 41.15
N ALA O 126 27.86 34.48 41.01
CA ALA O 126 28.81 35.58 40.93
C ALA O 126 28.83 36.29 39.58
N GLY O 127 29.13 37.58 39.63
CA GLY O 127 29.35 38.30 38.39
C GLY O 127 28.07 38.75 37.71
N LEU O 128 26.96 38.68 38.42
CA LEU O 128 25.77 39.38 37.99
C LEU O 128 25.50 40.47 38.97
N ARG O 129 25.30 41.69 38.50
CA ARG O 129 25.20 42.81 39.42
C ARG O 129 23.78 42.77 39.94
N PRO O 130 23.55 42.85 41.25
CA PRO O 130 22.19 42.98 41.74
C PRO O 130 21.57 44.23 41.20
N MET O 131 20.28 44.19 40.88
CA MET O 131 19.57 45.36 40.42
C MET O 131 19.36 46.26 41.63
N GLY O 132 19.75 47.52 41.50
CA GLY O 132 19.75 48.43 42.62
C GLY O 132 18.43 49.14 42.75
N VAL O 133 17.35 48.37 42.93
CA VAL O 133 16.04 48.96 43.05
C VAL O 133 15.26 48.30 44.11
N VAL O 134 14.30 49.06 44.57
CA VAL O 134 13.26 48.45 45.33
C VAL O 134 12.02 48.51 44.49
N SER O 135 11.43 47.34 44.24
CA SER O 135 10.25 47.21 43.43
C SER O 135 9.06 47.24 44.35
N THR O 136 8.02 47.94 44.00
CA THR O 136 6.82 48.03 44.81
C THR O 136 5.64 47.73 43.91
N PHE O 137 5.08 46.54 44.04
CA PHE O 137 3.95 46.16 43.23
C PHE O 137 2.70 46.49 43.98
N ILE O 138 1.75 47.10 43.33
CA ILE O 138 0.48 47.24 43.96
C ILE O 138 -0.57 46.64 43.09
N GLY O 139 -1.61 46.19 43.72
CA GLY O 139 -2.70 45.63 42.98
C GLY O 139 -3.75 45.15 43.93
N MET O 140 -4.86 44.74 43.36
CA MET O 140 -5.89 44.06 44.12
C MET O 140 -5.70 42.57 43.99
N ASP O 141 -6.35 41.88 44.90
CA ASP O 141 -6.16 40.47 45.11
C ASP O 141 -7.46 39.85 45.57
N GLN O 142 -7.92 38.82 44.87
CA GLN O 142 -9.23 38.27 45.14
C GLN O 142 -9.08 37.31 46.29
N SER O 143 -10.03 37.36 47.21
CA SER O 143 -10.04 36.46 48.34
C SER O 143 -10.85 35.22 47.96
N ASP O 144 -10.47 34.05 48.47
CA ASP O 144 -11.18 32.82 48.18
C ASP O 144 -12.51 32.70 48.92
N GLN O 145 -12.69 33.33 50.09
CA GLN O 145 -13.97 33.23 50.79
C GLN O 145 -15.10 33.92 49.99
N ASP O 146 -15.02 35.24 49.85
CA ASP O 146 -16.13 36.03 49.34
C ASP O 146 -15.91 36.41 47.87
N GLY O 147 -14.66 36.41 47.38
CA GLY O 147 -14.36 36.86 46.03
C GLY O 147 -14.12 38.37 45.97
N SER O 148 -14.12 39.00 47.14
CA SER O 148 -13.87 40.43 47.23
C SER O 148 -12.39 40.70 46.98
N LEU O 149 -12.13 41.90 46.48
CA LEU O 149 -10.81 42.34 46.11
C LEU O 149 -10.25 43.10 47.29
N LYS O 150 -9.06 42.71 47.72
CA LYS O 150 -8.31 43.44 48.72
C LYS O 150 -7.10 43.96 48.02
N PRO O 151 -6.74 45.19 48.38
CA PRO O 151 -5.51 45.83 47.96
C PRO O 151 -4.21 45.40 48.62
N GLN O 152 -3.16 45.38 47.83
CA GLN O 152 -1.94 44.76 48.24
C GLN O 152 -0.79 45.66 47.83
N ILE O 153 0.26 45.66 48.65
CA ILE O 153 1.52 46.26 48.30
C ILE O 153 2.62 45.32 48.65
N TYR O 154 3.33 44.88 47.67
CA TYR O 154 4.42 43.96 47.87
C TYR O 154 5.64 44.69 47.41
N THR O 155 6.69 44.68 48.24
CA THR O 155 7.96 45.10 47.78
C THR O 155 8.86 43.95 47.47
N VAL O 156 9.89 44.22 46.70
CA VAL O 156 11.02 43.35 46.58
C VAL O 156 12.25 44.18 46.63
N ASP O 157 13.26 43.73 47.33
CA ASP O 157 14.44 44.54 47.42
C ASP O 157 15.60 43.81 46.78
N PRO O 158 16.77 44.42 46.68
CA PRO O 158 17.85 43.80 45.94
C PRO O 158 18.38 42.49 46.53
N ALA O 159 18.15 42.24 47.81
CA ALA O 159 18.49 40.95 48.39
C ALA O 159 17.53 39.85 48.01
N GLY O 160 16.36 40.23 47.51
CA GLY O 160 15.33 39.28 47.20
C GLY O 160 14.31 39.14 48.30
N TRP O 161 14.42 40.02 49.29
CA TRP O 161 13.48 39.97 50.39
C TRP O 161 12.17 40.57 49.94
N THR O 162 11.12 39.80 50.01
CA THR O 162 9.83 40.18 49.49
C THR O 162 8.96 40.42 50.69
N GLY O 163 8.11 41.42 50.68
CA GLY O 163 7.19 41.57 51.79
C GLY O 163 5.88 42.23 51.41
N GLY O 164 4.81 41.85 52.09
CA GLY O 164 3.59 42.63 51.95
C GLY O 164 3.53 43.75 52.98
N HIS O 165 2.87 44.85 52.64
CA HIS O 165 2.86 46.03 53.48
C HIS O 165 1.48 46.67 53.50
N ILE O 166 1.27 47.46 54.54
CA ILE O 166 0.13 48.33 54.67
C ILE O 166 0.50 49.70 54.12
N ALA O 167 1.71 50.09 54.40
CA ALA O 167 2.24 51.25 53.75
C ALA O 167 3.72 51.09 53.76
N CYS O 168 4.38 51.78 52.85
CA CYS O 168 5.78 51.51 52.67
C CYS O 168 6.35 52.64 51.91
N ALA O 169 7.58 52.94 52.22
CA ALA O 169 8.30 53.94 51.50
C ALA O 169 9.63 53.37 51.08
N ALA O 170 10.15 53.81 49.95
CA ALA O 170 11.51 53.47 49.57
C ALA O 170 12.13 54.67 48.96
N GLY O 171 13.46 54.74 49.02
CA GLY O 171 14.19 55.84 48.44
C GLY O 171 14.73 56.78 49.51
N LYS O 172 15.17 57.97 49.07
CA LYS O 172 15.87 58.89 49.93
C LYS O 172 14.91 59.35 51.02
N LYS O 173 15.36 59.30 52.27
CA LYS O 173 14.49 59.62 53.39
C LYS O 173 13.39 58.56 53.56
N GLN O 174 13.62 57.34 53.11
CA GLN O 174 12.65 56.32 53.37
C GLN O 174 12.44 56.17 54.86
N VAL O 175 13.39 56.62 55.69
CA VAL O 175 13.25 56.45 57.13
C VAL O 175 12.29 57.50 57.73
N GLU O 176 12.37 58.73 57.25
CA GLU O 176 11.59 59.81 57.81
C GLU O 176 10.16 59.73 57.26
N ALA O 177 10.02 59.16 56.07
CA ALA O 177 8.71 58.81 55.55
C ALA O 177 8.05 57.73 56.37
N MET O 178 8.82 56.72 56.74
CA MET O 178 8.26 55.55 57.44
C MET O 178 7.82 55.99 58.84
N ALA O 179 8.74 56.67 59.54
CA ALA O 179 8.53 57.26 60.86
C ALA O 179 7.24 58.07 60.91
N PHE O 180 6.99 58.84 59.85
CA PHE O 180 5.76 59.61 59.74
C PHE O 180 4.54 58.70 59.63
N LEU O 181 4.64 57.60 58.91
CA LEU O 181 3.48 56.75 58.69
C LEU O 181 3.24 55.87 59.91
N GLU O 182 4.31 55.45 60.59
CA GLU O 182 4.17 54.69 61.82
C GLU O 182 3.38 55.60 62.74
N LYS O 183 3.85 56.84 62.86
CA LYS O 183 3.24 57.81 63.76
C LYS O 183 1.77 58.03 63.44
N ARG O 184 1.41 58.08 62.17
CA ARG O 184 0.03 58.28 61.77
C ARG O 184 -0.76 56.98 61.84
N GLN O 185 -0.08 55.85 62.09
CA GLN O 185 -0.73 54.56 62.25
C GLN O 185 -1.07 54.29 63.72
N LYS O 186 -0.57 55.12 64.63
CA LYS O 186 -0.94 55.02 66.03
C LYS O 186 -2.25 55.76 66.25
N SER O 187 -2.44 56.88 65.54
CA SER O 187 -3.75 57.53 65.50
C SER O 187 -4.75 56.57 64.87
N THR O 188 -4.78 56.55 63.53
CA THR O 188 -5.86 55.94 62.76
C THR O 188 -5.53 54.47 62.49
N GLU O 189 -6.53 53.75 61.99
CA GLU O 189 -6.34 52.42 61.45
C GLU O 189 -6.30 52.57 59.93
N LEU O 190 -5.21 52.14 59.31
CA LEU O 190 -4.94 52.54 57.94
C LEU O 190 -5.77 51.75 56.92
N ASP O 191 -6.27 50.57 57.29
CA ASP O 191 -7.04 49.75 56.35
C ASP O 191 -8.54 50.06 56.44
N ALA O 192 -8.91 51.04 57.27
CA ALA O 192 -10.28 51.51 57.40
C ALA O 192 -10.44 52.91 56.81
N LEU O 193 -9.38 53.43 56.18
CA LEU O 193 -9.37 54.75 55.58
C LEU O 193 -10.02 54.73 54.22
N THR O 194 -10.18 55.92 53.66
CA THR O 194 -10.69 56.10 52.32
C THR O 194 -9.54 56.47 51.39
N GLN O 195 -9.73 56.17 50.12
CA GLN O 195 -8.72 56.54 49.15
C GLN O 195 -8.34 58.01 49.36
N LYS O 196 -9.24 58.90 49.75
CA LYS O 196 -8.76 60.26 49.96
C LYS O 196 -7.85 60.34 51.20
N GLU O 197 -8.32 59.89 52.37
CA GLU O 197 -7.57 60.05 53.60
C GLU O 197 -6.20 59.38 53.50
N ALA O 198 -6.15 58.24 52.81
CA ALA O 198 -4.91 57.55 52.48
C ALA O 198 -3.99 58.44 51.64
N ALA O 199 -4.39 58.77 50.42
CA ALA O 199 -3.56 59.64 49.60
C ALA O 199 -3.05 60.86 50.36
N MET O 200 -3.88 61.41 51.25
CA MET O 200 -3.46 62.54 52.04
C MET O 200 -2.26 62.14 52.90
N ILE O 201 -2.43 61.04 53.61
CA ILE O 201 -1.33 60.50 54.41
C ILE O 201 -0.08 60.23 53.58
N ALA O 202 -0.23 59.55 52.45
CA ALA O 202 0.91 59.31 51.59
C ALA O 202 1.54 60.62 51.24
N LEU O 203 0.78 61.55 50.67
CA LEU O 203 1.37 62.80 50.20
C LEU O 203 2.02 63.59 51.34
N ALA O 204 1.42 63.53 52.52
CA ALA O 204 1.92 64.25 53.68
C ALA O 204 3.25 63.67 54.17
N ALA O 205 3.39 62.36 53.98
CA ALA O 205 4.57 61.63 54.36
C ALA O 205 5.69 61.96 53.39
N LEU O 206 5.34 61.99 52.12
CA LEU O 206 6.30 62.40 51.14
C LEU O 206 6.74 63.81 51.50
N GLN O 207 5.80 64.70 51.80
CA GLN O 207 6.17 66.09 52.07
C GLN O 207 7.04 66.20 53.32
N SER O 208 6.67 65.49 54.38
CA SER O 208 7.43 65.51 55.61
C SER O 208 8.89 65.14 55.36
N ALA O 209 9.06 64.02 54.68
CA ALA O 209 10.34 63.40 54.43
C ALA O 209 11.27 64.29 53.61
N ILE O 210 10.77 64.78 52.46
CA ILE O 210 11.58 65.58 51.55
C ILE O 210 11.64 67.04 52.00
N GLY O 211 10.99 67.38 53.14
CA GLY O 211 11.18 68.65 53.83
C GLY O 211 10.60 69.87 53.11
N THR O 212 9.74 69.62 52.11
CA THR O 212 9.24 70.61 51.17
C THR O 212 7.76 70.29 50.93
N ALA O 213 6.97 71.26 50.47
CA ALA O 213 5.66 70.98 49.90
C ALA O 213 5.83 70.56 48.44
N VAL O 214 5.06 69.56 48.01
CA VAL O 214 5.15 69.08 46.65
C VAL O 214 4.06 69.76 45.83
N LYS O 215 4.32 69.91 44.54
CA LYS O 215 3.27 70.27 43.62
C LYS O 215 2.85 68.99 42.89
N ALA O 216 1.73 69.08 42.18
CA ALA O 216 1.16 67.92 41.56
C ALA O 216 2.10 67.35 40.51
N LYS O 217 2.70 68.21 39.73
CA LYS O 217 3.49 67.75 38.60
C LYS O 217 4.85 67.21 39.09
N GLU O 218 5.19 67.39 40.38
CA GLU O 218 6.42 66.81 40.93
C GLU O 218 6.14 65.45 41.55
N VAL O 219 4.89 65.02 41.55
CA VAL O 219 4.65 63.63 41.88
C VAL O 219 3.96 62.93 40.72
N GLU O 220 3.88 61.61 40.86
CA GLU O 220 3.09 60.82 39.96
C GLU O 220 2.54 59.73 40.83
N VAL O 221 1.26 59.49 40.62
CA VAL O 221 0.50 58.68 41.54
C VAL O 221 -0.16 57.58 40.77
N GLY O 222 -0.13 56.39 41.32
CA GLY O 222 -0.71 55.25 40.65
C GLY O 222 -1.70 54.63 41.59
N ARG O 223 -2.71 53.97 41.06
CA ARG O 223 -3.79 53.53 41.91
C ARG O 223 -4.42 52.24 41.39
N CYS O 224 -4.85 51.39 42.30
CA CYS O 224 -5.82 50.39 41.95
C CYS O 224 -6.93 50.46 42.96
N THR O 225 -8.16 50.20 42.52
CA THR O 225 -9.31 50.28 43.41
C THR O 225 -10.15 49.06 43.17
N ALA O 226 -10.90 48.65 44.22
CA ALA O 226 -11.82 47.52 44.13
C ALA O 226 -12.81 47.75 42.99
N ALA O 227 -13.31 48.99 42.88
CA ALA O 227 -14.25 49.36 41.84
C ALA O 227 -13.64 49.19 40.46
N ASN O 228 -12.47 49.82 40.26
CA ASN O 228 -11.72 49.78 39.00
C ASN O 228 -10.32 49.21 39.25
N PRO O 229 -10.15 47.86 39.17
CA PRO O 229 -8.95 47.17 39.64
C PRO O 229 -7.69 47.39 38.82
N ALA O 230 -7.91 47.80 37.58
CA ALA O 230 -6.81 48.11 36.72
C ALA O 230 -6.02 49.23 37.32
N PHE O 231 -4.73 49.17 37.04
CA PHE O 231 -3.78 50.08 37.60
C PHE O 231 -3.71 51.29 36.71
N GLN O 232 -3.89 52.46 37.31
CA GLN O 232 -4.04 53.64 36.53
C GLN O 232 -3.26 54.76 37.14
N ARG O 233 -2.62 55.52 36.26
CA ARG O 233 -2.04 56.78 36.65
C ARG O 233 -3.18 57.71 37.05
N VAL O 234 -3.08 58.25 38.24
CA VAL O 234 -4.07 59.19 38.69
C VAL O 234 -3.83 60.53 38.01
N PRO O 235 -4.86 61.18 37.44
CA PRO O 235 -4.67 62.45 36.73
C PRO O 235 -4.34 63.59 37.68
N ASN O 236 -3.60 64.60 37.18
CA ASN O 236 -3.06 65.66 38.02
C ASN O 236 -4.12 66.46 38.74
N SER O 237 -5.23 66.76 38.06
CA SER O 237 -6.36 67.47 38.64
C SER O 237 -6.65 66.96 40.05
N GLU O 238 -6.68 65.63 40.19
CA GLU O 238 -7.11 64.94 41.40
C GLU O 238 -6.00 64.90 42.45
N VAL O 239 -4.75 64.96 42.02
CA VAL O 239 -3.60 64.99 42.91
C VAL O 239 -3.49 66.38 43.51
N GLU O 240 -3.65 67.43 42.68
CA GLU O 240 -3.80 68.82 43.11
C GLU O 240 -4.81 68.95 44.24
N GLU O 241 -5.99 68.28 44.12
CA GLU O 241 -7.07 68.42 45.10
C GLU O 241 -6.72 67.78 46.44
N TRP O 242 -6.00 66.65 46.40
CA TRP O 242 -5.47 66.02 47.61
C TRP O 242 -4.41 66.88 48.27
N LEU O 243 -3.57 67.54 47.46
CA LEU O 243 -2.47 68.34 47.94
C LEU O 243 -3.00 69.61 48.57
N THR O 244 -4.12 70.08 48.03
CA THR O 244 -4.87 71.18 48.61
C THR O 244 -5.44 70.72 49.94
N ALA O 245 -6.02 69.52 49.99
CA ALA O 245 -6.61 68.95 51.19
C ALA O 245 -5.60 68.64 52.31
N VAL O 246 -4.30 68.65 51.98
CA VAL O 246 -3.22 68.36 52.92
C VAL O 246 -2.75 69.68 53.54
N ALA O 247 -2.50 70.69 52.69
CA ALA O 247 -2.07 72.01 53.14
C ALA O 247 -3.08 72.61 54.12
N GLU O 248 -4.38 72.48 53.83
CA GLU O 248 -5.48 72.89 54.72
C GLU O 248 -5.45 72.08 56.02
N ALA O 249 -6.14 70.93 56.04
CA ALA O 249 -6.25 70.09 57.23
C ALA O 249 -4.91 69.39 57.51
N GLU P 3 28.03 32.68 34.25
CA GLU P 3 29.21 32.50 33.36
C GLU P 3 30.51 32.47 34.18
N ALA P 4 30.44 32.64 35.54
CA ALA P 4 31.62 32.39 36.38
C ALA P 4 31.59 30.94 36.83
N PHE P 5 32.67 30.20 36.59
CA PHE P 5 32.57 28.78 36.78
C PHE P 5 33.61 28.30 37.77
N TYR P 6 34.43 29.20 38.24
CA TYR P 6 35.35 28.81 39.26
C TYR P 6 34.65 28.77 40.60
N GLY P 7 35.21 28.05 41.54
CA GLY P 7 34.59 27.89 42.82
C GLY P 7 34.93 29.04 43.73
N LEU P 8 33.98 29.41 44.62
CA LEU P 8 34.10 30.54 45.52
C LEU P 8 34.41 30.05 46.92
N THR P 9 33.88 28.87 47.23
CA THR P 9 34.20 28.16 48.44
C THR P 9 35.35 27.23 48.13
N THR P 10 36.42 27.41 48.92
CA THR P 10 37.66 26.67 48.80
C THR P 10 38.29 26.40 50.16
N PHE P 11 39.19 25.42 50.21
CA PHE P 11 39.86 25.10 51.44
C PHE P 11 40.90 26.18 51.67
N SER P 12 41.19 26.32 52.96
CA SER P 12 42.18 27.27 53.42
C SER P 12 43.24 26.48 54.14
N PRO P 13 44.45 27.01 54.34
CA PRO P 13 45.55 26.24 54.91
C PRO P 13 45.28 25.44 56.18
N SER P 14 44.40 25.87 57.09
CA SER P 14 44.03 25.03 58.23
C SER P 14 43.06 23.88 57.90
N GLY P 15 42.58 23.81 56.66
CA GLY P 15 41.59 22.84 56.28
C GLY P 15 40.13 23.29 56.32
N LYS P 16 39.89 24.55 56.67
CA LYS P 16 38.55 25.05 56.88
C LYS P 16 38.01 25.52 55.56
N LEU P 17 36.71 25.43 55.39
CA LEU P 17 36.07 26.05 54.26
C LEU P 17 35.43 27.36 54.71
N ILE P 18 36.15 28.44 54.54
CA ILE P 18 35.82 29.66 55.24
C ILE P 18 34.49 30.22 54.72
N GLN P 19 34.25 30.25 53.42
CA GLN P 19 32.97 30.72 52.99
C GLN P 19 31.84 30.00 53.71
N ILE P 20 32.01 28.72 54.04
CA ILE P 20 30.94 28.01 54.73
C ILE P 20 30.84 28.39 56.16
N GLU P 21 31.93 28.70 56.86
CA GLU P 21 31.85 29.29 58.20
C GLU P 21 31.13 30.63 58.17
N TYR P 22 31.36 31.40 57.14
CA TYR P 22 30.72 32.69 57.06
C TYR P 22 29.26 32.54 56.72
N ALA P 23 28.94 31.57 55.90
CA ALA P 23 27.55 31.34 55.65
C ALA P 23 26.87 30.85 56.91
N THR P 24 27.62 30.14 57.73
CA THR P 24 27.07 29.62 58.97
C THR P 24 26.87 30.75 59.96
N THR P 25 27.70 31.76 59.85
CA THR P 25 27.60 32.91 60.70
C THR P 25 26.37 33.70 60.34
N ALA P 26 26.15 33.81 59.04
CA ALA P 26 25.01 34.48 58.47
C ALA P 26 23.71 33.82 58.88
N ALA P 27 23.77 32.51 59.06
CA ALA P 27 22.60 31.70 59.28
C ALA P 27 22.28 31.66 60.76
N GLY P 28 23.20 32.15 61.59
CA GLY P 28 22.88 32.31 63.00
C GLY P 28 22.63 33.77 63.36
N LYS P 29 22.33 34.59 62.36
CA LYS P 29 22.08 36.00 62.57
C LYS P 29 20.61 36.26 62.32
N GLY P 30 19.90 35.23 61.89
CA GLY P 30 18.47 35.35 61.76
C GLY P 30 17.82 35.55 63.12
N THR P 31 16.50 35.51 63.14
CA THR P 31 15.80 35.45 64.39
C THR P 31 15.59 34.00 64.80
N THR P 32 15.18 33.86 66.06
CA THR P 32 15.15 32.56 66.67
C THR P 32 14.01 31.76 66.07
N ALA P 33 14.36 30.51 65.78
CA ALA P 33 13.41 29.51 65.44
C ALA P 33 13.78 28.30 66.24
N LEU P 34 12.80 27.52 66.58
CA LEU P 34 13.10 26.37 67.35
C LEU P 34 12.04 25.32 67.18
N GLY P 35 12.38 24.14 67.62
CA GLY P 35 11.54 23.00 67.37
C GLY P 35 11.60 22.06 68.54
N VAL P 36 10.48 21.41 68.78
CA VAL P 36 10.41 20.49 69.88
C VAL P 36 9.67 19.29 69.41
N LYS P 37 10.33 18.17 69.56
CA LYS P 37 9.74 16.92 69.20
C LYS P 37 9.11 16.35 70.46
N ALA P 38 8.01 15.66 70.27
CA ALA P 38 7.28 15.09 71.38
C ALA P 38 6.79 13.71 70.98
N THR P 39 6.13 12.99 71.86
CA THR P 39 5.87 11.60 71.59
C THR P 39 4.83 11.47 70.47
N ASP P 40 4.03 12.53 70.30
CA ASP P 40 2.89 12.47 69.41
C ASP P 40 2.90 13.67 68.46
N GLY P 41 4.07 14.27 68.24
CA GLY P 41 4.12 15.37 67.29
C GLY P 41 5.37 16.20 67.41
N VAL P 42 5.37 17.31 66.68
CA VAL P 42 6.52 18.18 66.69
C VAL P 42 5.96 19.56 66.62
N VAL P 43 6.67 20.51 67.21
CA VAL P 43 6.26 21.89 67.05
C VAL P 43 7.48 22.67 66.61
N ILE P 44 7.30 23.58 65.68
CA ILE P 44 8.35 24.50 65.29
C ILE P 44 7.73 25.87 65.43
N ALA P 45 8.55 26.85 65.74
CA ALA P 45 7.99 28.12 66.11
C ALA P 45 9.03 29.17 65.78
N ALA P 46 8.63 30.29 65.19
CA ALA P 46 9.62 31.32 64.98
C ALA P 46 9.11 32.69 65.37
N LYS P 47 10.03 33.54 65.75
CA LYS P 47 9.79 34.96 65.76
C LYS P 47 9.65 35.45 64.34
N LYS P 48 8.60 36.25 64.08
CA LYS P 48 8.50 37.12 62.93
C LYS P 48 8.74 38.55 63.36
N LYS P 49 9.98 38.96 63.54
CA LYS P 49 10.20 40.33 63.96
C LYS P 49 10.15 41.20 62.71
N ALA P 50 8.97 41.79 62.48
CA ALA P 50 8.69 42.70 61.39
C ALA P 50 9.44 44.02 61.58
N PRO P 51 10.14 44.56 60.55
CA PRO P 51 10.92 45.78 60.72
C PRO P 51 10.12 46.97 61.26
N SER P 52 8.83 47.06 60.86
CA SER P 52 7.94 48.15 61.22
C SER P 52 6.53 47.62 61.40
N THR P 53 5.66 48.47 61.93
CA THR P 53 4.27 48.08 62.12
C THR P 53 3.49 48.15 60.79
N LEU P 54 4.12 48.78 59.81
CA LEU P 54 3.48 49.01 58.53
C LEU P 54 3.63 47.83 57.60
N VAL P 55 4.47 46.89 57.96
CA VAL P 55 4.46 45.59 57.33
C VAL P 55 3.23 44.83 57.74
N ASP P 56 2.59 44.26 56.74
CA ASP P 56 1.46 43.37 56.86
C ASP P 56 2.04 42.06 57.34
N ALA P 57 1.93 41.80 58.64
CA ALA P 57 2.55 40.63 59.25
C ALA P 57 1.90 39.35 58.74
N SER P 58 0.66 39.41 58.26
CA SER P 58 0.12 38.21 57.65
C SER P 58 1.03 37.73 56.52
N SER P 59 1.64 38.64 55.78
CA SER P 59 2.43 38.31 54.60
C SER P 59 3.82 37.78 54.93
N ILE P 60 4.27 37.87 56.18
CA ILE P 60 5.56 37.30 56.50
C ILE P 60 5.36 35.86 56.92
N GLN P 61 6.15 35.00 56.29
CA GLN P 61 6.03 33.59 56.50
C GLN P 61 7.38 33.17 57.07
N LYS P 62 7.41 32.72 58.31
CA LYS P 62 8.66 32.15 58.76
C LYS P 62 8.52 30.64 58.89
N VAL P 63 7.31 30.11 58.78
CA VAL P 63 7.15 28.70 58.88
C VAL P 63 6.45 28.22 57.66
N PHE P 64 6.81 27.09 57.10
CA PHE P 64 6.32 26.77 55.79
C PHE P 64 5.92 25.34 55.66
N VAL P 65 4.85 25.13 54.96
CA VAL P 65 4.50 23.80 54.57
C VAL P 65 5.35 23.41 53.38
N LEU P 66 5.92 22.21 53.44
CA LEU P 66 6.59 21.63 52.30
C LEU P 66 5.72 20.54 51.65
N ASP P 67 5.00 19.83 52.49
CA ASP P 67 3.97 18.97 51.98
C ASP P 67 3.00 18.74 53.11
N GLU P 68 1.97 17.95 52.90
CA GLU P 68 0.96 17.75 53.90
C GLU P 68 1.61 17.36 55.21
N HIS P 69 2.65 16.56 55.15
CA HIS P 69 3.18 15.96 56.35
C HIS P 69 4.44 16.61 56.89
N VAL P 70 4.92 17.71 56.31
CA VAL P 70 6.21 18.17 56.75
C VAL P 70 6.37 19.65 56.53
N GLY P 71 7.12 20.27 57.40
CA GLY P 71 7.09 21.69 57.52
C GLY P 71 8.49 22.16 57.74
N CYS P 72 8.75 23.42 57.61
CA CYS P 72 10.04 23.84 58.03
C CYS P 72 9.99 25.22 58.54
N THR P 73 11.04 25.63 59.17
CA THR P 73 11.21 27.04 59.42
C THR P 73 12.68 27.26 59.25
N TYR P 74 13.15 28.44 59.51
CA TYR P 74 14.48 28.68 59.06
C TYR P 74 15.03 29.88 59.79
N SER P 75 16.32 29.99 59.71
CA SER P 75 16.92 31.18 60.20
C SER P 75 18.00 31.62 59.25
N GLY P 76 18.32 32.89 59.32
CA GLY P 76 19.35 33.43 58.47
C GLY P 76 18.67 34.12 57.33
N MET P 77 19.23 33.99 56.16
CA MET P 77 18.77 34.83 55.07
C MET P 77 17.49 34.25 54.47
N GLY P 78 16.43 35.03 54.58
CA GLY P 78 15.13 34.61 54.11
C GLY P 78 15.12 34.08 52.67
N PRO P 79 15.62 34.88 51.74
CA PRO P 79 15.47 34.58 50.33
C PRO P 79 16.31 33.39 49.90
N ASP P 80 17.37 33.11 50.65
CA ASP P 80 18.18 31.96 50.36
C ASP P 80 17.33 30.76 50.74
N CYS P 81 16.72 30.86 51.90
CA CYS P 81 15.86 29.80 52.36
C CYS P 81 14.67 29.57 51.43
N ARG P 82 14.17 30.62 50.82
CA ARG P 82 13.05 30.49 49.90
C ARG P 82 13.50 29.57 48.76
N VAL P 83 14.77 29.66 48.35
CA VAL P 83 15.29 28.74 47.33
C VAL P 83 15.18 27.30 47.79
N LEU P 84 15.52 27.04 49.07
CA LEU P 84 15.57 25.68 49.55
C LEU P 84 14.19 25.11 49.64
N ILE P 85 13.31 25.88 50.23
CA ILE P 85 11.92 25.53 50.35
C ILE P 85 11.26 25.26 49.00
N ASP P 86 11.56 26.06 47.99
CA ASP P 86 10.97 25.76 46.71
C ASP P 86 11.44 24.40 46.26
N SER P 87 12.75 24.13 46.43
CA SER P 87 13.27 22.86 45.94
C SER P 87 12.71 21.68 46.76
N ALA P 88 12.55 21.88 48.04
CA ALA P 88 12.09 20.85 48.91
C ALA P 88 10.63 20.53 48.63
N ARG P 89 9.88 21.54 48.25
CA ARG P 89 8.50 21.31 47.89
C ARG P 89 8.47 20.49 46.64
N LYS P 90 9.30 20.83 45.67
CA LYS P 90 9.34 20.06 44.45
C LYS P 90 9.67 18.61 44.75
N ASN P 91 10.62 18.38 45.64
CA ASN P 91 11.09 17.06 45.90
C ASN P 91 10.01 16.26 46.57
N CYS P 92 9.36 16.84 47.54
CA CYS P 92 8.22 16.16 48.11
C CYS P 92 7.24 15.70 47.05
N GLN P 93 6.98 16.53 46.04
CA GLN P 93 5.99 16.21 45.07
C GLN P 93 6.58 15.20 44.09
N GLN P 94 7.85 15.34 43.70
CA GLN P 94 8.41 14.36 42.80
C GLN P 94 8.32 12.99 43.41
N TYR P 95 8.57 12.91 44.69
CA TYR P 95 8.55 11.65 45.37
C TYR P 95 7.16 11.09 45.37
N LYS P 96 6.14 11.88 45.63
CA LYS P 96 4.80 11.34 45.58
C LYS P 96 4.49 10.88 44.19
N LEU P 97 4.85 11.65 43.20
CA LEU P 97 4.58 11.21 41.87
C LEU P 97 5.23 9.87 41.63
N MET P 98 6.40 9.63 42.17
CA MET P 98 7.00 8.36 41.91
C MET P 98 6.42 7.27 42.81
N TYR P 99 6.41 7.43 44.07
CA TYR P 99 6.12 6.33 44.93
C TYR P 99 4.73 6.41 45.49
N ASN P 100 4.02 7.50 45.26
CA ASN P 100 2.61 7.60 45.57
C ASN P 100 2.41 7.45 47.06
N GLU P 101 3.44 7.79 47.80
CA GLU P 101 3.49 7.86 49.24
C GLU P 101 4.12 9.20 49.58
N PRO P 102 4.00 9.77 50.77
CA PRO P 102 4.79 10.91 51.18
C PRO P 102 6.28 10.70 51.45
N ILE P 103 7.08 11.63 50.95
CA ILE P 103 8.51 11.54 51.19
C ILE P 103 8.80 11.48 52.68
N PRO P 104 9.52 10.47 53.15
CA PRO P 104 9.99 10.40 54.51
C PRO P 104 10.95 11.53 54.80
N ILE P 105 10.93 12.00 56.02
CA ILE P 105 11.62 13.21 56.34
C ILE P 105 13.09 13.01 56.10
N SER P 106 13.64 11.93 56.61
CA SER P 106 15.01 11.54 56.29
C SER P 106 15.35 11.70 54.80
N GLN P 107 14.54 11.25 53.89
CA GLN P 107 14.91 11.43 52.50
C GLN P 107 14.83 12.90 52.10
N LEU P 108 13.81 13.60 52.52
CA LEU P 108 13.71 15.01 52.26
C LEU P 108 14.92 15.79 52.73
N VAL P 109 15.41 15.49 53.91
CA VAL P 109 16.49 16.30 54.44
C VAL P 109 17.80 16.01 53.72
N ARG P 110 17.98 14.77 53.35
CA ARG P 110 19.13 14.40 52.54
C ARG P 110 19.09 15.11 51.20
N LYS P 111 17.91 15.31 50.63
CA LYS P 111 17.77 16.05 49.41
C LYS P 111 18.14 17.49 49.59
N ILE P 112 17.73 18.11 50.70
CA ILE P 112 18.09 19.47 51.03
C ILE P 112 19.58 19.60 51.29
N SER P 113 20.06 18.68 52.08
CA SER P 113 21.45 18.62 52.42
C SER P 113 22.28 18.66 51.17
N ALA P 114 21.81 17.96 50.17
CA ALA P 114 22.52 17.83 48.91
C ALA P 114 22.54 19.16 48.18
N ILE P 115 21.42 19.86 48.13
CA ILE P 115 21.44 21.17 47.53
C ILE P 115 22.38 22.07 48.28
N TYR P 116 22.33 22.10 49.57
CA TYR P 116 23.32 22.87 50.24
C TYR P 116 24.72 22.49 49.86
N GLN P 117 25.04 21.21 49.84
CA GLN P 117 26.39 20.83 49.49
C GLN P 117 26.75 21.31 48.09
N GLU P 118 25.86 21.19 47.10
CA GLU P 118 26.21 21.68 45.77
C GLU P 118 26.65 23.13 45.88
N PHE P 119 25.99 23.97 46.66
CA PHE P 119 26.42 25.34 46.65
C PHE P 119 27.70 25.56 47.45
N THR P 120 28.35 24.50 47.93
CA THR P 120 29.62 24.64 48.63
C THR P 120 30.77 24.19 47.74
N GLN P 121 30.45 23.76 46.53
CA GLN P 121 31.44 23.14 45.70
C GLN P 121 31.30 23.64 44.27
N SER P 122 30.10 23.57 43.69
CA SER P 122 29.82 24.10 42.37
C SER P 122 30.41 25.47 42.15
N GLY P 123 30.63 25.75 40.88
CA GLY P 123 31.30 26.99 40.53
C GLY P 123 30.34 28.16 40.45
N GLY P 124 30.89 29.31 40.75
CA GLY P 124 30.14 30.54 40.63
C GLY P 124 29.26 30.90 41.82
N VAL P 125 29.00 30.00 42.73
CA VAL P 125 27.96 30.29 43.66
C VAL P 125 28.56 30.39 45.03
N ARG P 126 27.93 31.16 45.90
CA ARG P 126 28.31 31.12 47.27
C ARG P 126 27.38 30.14 47.95
N PRO P 127 27.68 29.65 49.14
CA PRO P 127 26.71 28.87 49.86
C PRO P 127 25.49 29.62 50.39
N PHE P 128 24.55 28.84 50.88
CA PHE P 128 23.31 29.37 51.39
C PHE P 128 23.55 29.87 52.76
N GLY P 129 23.01 31.02 53.06
CA GLY P 129 23.26 31.56 54.37
C GLY P 129 22.04 31.37 55.22
N CYS P 130 21.51 30.14 55.31
CA CYS P 130 20.38 29.91 56.19
C CYS P 130 20.36 28.48 56.70
N SER P 131 19.90 28.29 57.91
CA SER P 131 19.63 26.95 58.39
C SER P 131 18.16 26.73 58.37
N LEU P 132 17.77 25.46 58.25
CA LEU P 132 16.40 25.05 58.34
C LEU P 132 16.17 24.18 59.54
N LEU P 133 14.98 24.25 60.11
CA LEU P 133 14.41 23.12 60.82
C LEU P 133 13.38 22.56 59.92
N VAL P 134 13.29 21.25 59.92
CA VAL P 134 12.34 20.52 59.14
C VAL P 134 11.71 19.59 60.12
N ALA P 135 10.40 19.49 60.08
CA ALA P 135 9.68 18.71 61.06
C ALA P 135 8.61 17.99 60.32
N GLY P 136 8.38 16.73 60.62
CA GLY P 136 7.42 16.04 59.84
C GLY P 136 7.15 14.70 60.42
N VAL P 137 6.30 13.96 59.72
CA VAL P 137 5.88 12.68 60.22
C VAL P 137 5.85 11.70 59.08
N ASP P 138 6.45 10.54 59.30
CA ASP P 138 6.44 9.51 58.29
C ASP P 138 6.16 8.18 58.97
N ALA P 139 6.53 7.10 58.29
CA ALA P 139 6.33 5.77 58.85
C ALA P 139 7.23 5.53 60.06
N ASN P 140 8.35 6.22 60.15
CA ASN P 140 9.23 6.07 61.28
C ASN P 140 8.83 7.00 62.43
N GLY P 141 7.71 7.72 62.29
CA GLY P 141 7.28 8.58 63.38
C GLY P 141 7.59 10.06 63.16
N TYR P 142 7.75 10.79 64.27
CA TYR P 142 7.92 12.21 64.24
C TYR P 142 9.38 12.53 64.19
N HIS P 143 9.70 13.64 63.58
CA HIS P 143 11.06 13.98 63.32
C HIS P 143 11.28 15.45 63.38
N LEU P 144 12.50 15.78 63.62
CA LEU P 144 12.86 17.14 63.61
C LEU P 144 14.33 17.25 63.29
N TYR P 145 14.68 17.94 62.23
CA TYR P 145 16.01 17.91 61.76
C TYR P 145 16.49 19.33 61.62
N GLN P 146 17.77 19.56 61.77
CA GLN P 146 18.33 20.85 61.47
C GLN P 146 19.23 20.70 60.29
N VAL P 147 19.19 21.60 59.34
CA VAL P 147 20.14 21.50 58.25
C VAL P 147 20.90 22.79 58.27
N ASP P 148 22.22 22.72 58.19
CA ASP P 148 23.05 23.90 58.19
C ASP P 148 23.55 24.10 56.77
N PRO P 149 24.16 25.27 56.50
CA PRO P 149 24.76 25.54 55.21
C PRO P 149 25.91 24.66 54.74
N SER P 150 26.51 23.91 55.66
CA SER P 150 27.55 22.98 55.26
C SER P 150 26.86 21.87 54.49
N GLY P 151 25.56 21.77 54.70
CA GLY P 151 24.76 20.68 54.18
C GLY P 151 24.61 19.55 55.18
N THR P 152 25.18 19.76 56.35
CA THR P 152 25.13 18.82 57.43
C THR P 152 23.75 18.84 58.03
N PHE P 153 23.33 17.73 58.58
CA PHE P 153 22.07 17.79 59.26
C PHE P 153 22.06 16.84 60.41
N TRP P 154 21.16 17.07 61.33
CA TRP P 154 21.13 16.47 62.63
C TRP P 154 19.69 16.19 62.95
N ALA P 155 19.38 15.00 63.43
CA ALA P 155 18.09 14.86 64.05
C ALA P 155 18.20 15.37 65.46
N TRP P 156 17.17 16.04 65.92
CA TRP P 156 17.16 16.58 67.25
C TRP P 156 15.89 16.22 67.95
N LYS P 157 15.88 16.31 69.26
CA LYS P 157 14.64 16.19 70.01
C LYS P 157 14.13 17.57 70.29
N ALA P 158 15.05 18.51 70.26
CA ALA P 158 14.67 19.88 70.44
C ALA P 158 15.85 20.72 70.04
N THR P 159 15.61 21.84 69.41
CA THR P 159 16.73 22.70 69.16
C THR P 159 16.26 24.06 68.72
N ALA P 160 17.21 24.89 68.41
CA ALA P 160 16.94 26.28 68.13
C ALA P 160 18.06 26.81 67.27
N ILE P 161 17.69 27.52 66.24
CA ILE P 161 18.64 28.15 65.36
C ILE P 161 18.28 29.60 65.38
N GLY P 162 19.15 30.44 64.81
CA GLY P 162 19.04 31.89 64.92
C GLY P 162 19.70 32.46 66.17
N THR P 163 19.28 33.69 66.53
CA THR P 163 20.13 34.63 67.24
C THR P 163 20.22 34.26 68.72
N GLY P 164 19.06 34.05 69.33
CA GLY P 164 19.10 33.77 70.75
C GLY P 164 19.39 32.31 71.05
N SER P 165 20.07 31.61 70.14
CA SER P 165 19.94 30.15 70.06
C SER P 165 20.74 29.44 71.13
N PRO P 166 22.02 29.78 71.43
CA PRO P 166 22.75 29.12 72.53
C PRO P 166 21.96 29.03 73.83
N ASP P 167 21.26 30.14 74.16
CA ASP P 167 20.52 30.34 75.39
C ASP P 167 19.19 29.60 75.34
N ALA P 168 18.50 29.75 74.22
CA ALA P 168 17.33 28.96 73.88
C ALA P 168 17.61 27.46 73.89
N LYS P 169 18.78 27.01 73.41
CA LYS P 169 19.09 25.59 73.48
C LYS P 169 19.29 25.15 74.94
N ALA P 170 19.99 26.01 75.72
CA ALA P 170 20.28 25.74 77.12
C ALA P 170 18.98 25.58 77.90
N PHE P 171 17.98 26.41 77.57
CA PHE P 171 16.71 26.45 78.27
C PHE P 171 15.82 25.30 77.80
N LEU P 172 16.08 24.75 76.62
CA LEU P 172 15.33 23.59 76.16
C LEU P 172 15.88 22.32 76.76
N GLU P 173 17.17 22.33 77.11
CA GLU P 173 17.82 21.19 77.72
C GLU P 173 17.16 20.88 79.07
N LYS P 174 16.99 21.93 79.91
CA LYS P 174 16.26 21.82 81.17
C LYS P 174 14.86 21.25 80.96
N ARG P 175 14.03 21.97 80.20
CA ARG P 175 12.59 21.77 80.21
C ARG P 175 12.16 20.58 79.36
N TYR P 176 13.08 19.98 78.61
CA TYR P 176 12.69 18.92 77.72
C TYR P 176 12.66 17.60 78.48
N THR P 177 11.64 16.79 78.19
CA THR P 177 11.45 15.48 78.80
C THR P 177 11.00 14.53 77.69
N VAL P 178 11.47 13.29 77.73
CA VAL P 178 11.22 12.35 76.64
C VAL P 178 9.77 11.89 76.69
N ASP P 179 9.09 12.21 77.80
CA ASP P 179 7.70 11.82 78.04
C ASP P 179 6.75 12.79 77.33
N MET P 180 7.20 14.04 77.15
CA MET P 180 6.44 15.20 76.68
C MET P 180 5.34 14.86 75.67
N GLU P 181 4.16 15.42 75.92
CA GLU P 181 3.12 15.41 74.90
C GLU P 181 3.13 16.78 74.23
N LEU P 182 2.33 16.91 73.17
CA LEU P 182 2.45 18.01 72.23
C LEU P 182 1.89 19.31 72.82
N GLU P 183 0.83 19.25 73.63
CA GLU P 183 0.36 20.46 74.31
C GLU P 183 1.49 21.07 75.13
N ASP P 184 2.32 20.23 75.72
CA ASP P 184 3.37 20.67 76.61
C ASP P 184 4.54 21.14 75.73
N ALA P 185 4.66 20.52 74.57
CA ALA P 185 5.74 20.85 73.65
C ALA P 185 5.56 22.27 73.15
N VAL P 186 4.35 22.59 72.73
CA VAL P 186 3.99 23.91 72.27
C VAL P 186 4.21 24.89 73.40
N HIS P 187 3.65 24.56 74.54
CA HIS P 187 3.84 25.40 75.70
C HIS P 187 5.35 25.66 75.86
N THR P 188 6.20 24.64 75.73
CA THR P 188 7.64 24.79 75.96
C THR P 188 8.31 25.62 74.85
N ALA P 189 7.97 25.32 73.62
CA ALA P 189 8.43 26.10 72.49
C ALA P 189 8.13 27.58 72.67
N LEU P 190 6.90 27.90 73.06
CA LEU P 190 6.47 29.29 73.13
C LEU P 190 7.13 29.91 74.34
N LEU P 191 7.31 29.14 75.40
CA LEU P 191 8.00 29.65 76.57
C LEU P 191 9.45 29.95 76.28
N THR P 192 10.03 29.18 75.37
CA THR P 192 11.44 29.30 75.09
C THR P 192 11.74 30.52 74.24
N LEU P 193 10.84 30.78 73.29
CA LEU P 193 10.87 31.98 72.47
C LEU P 193 10.78 33.17 73.41
N LYS P 194 9.71 33.18 74.23
CA LYS P 194 9.41 34.27 75.14
C LYS P 194 10.61 34.65 76.00
N GLU P 195 11.47 33.68 76.31
CA GLU P 195 12.65 33.92 77.13
C GLU P 195 13.45 35.08 76.56
N GLY P 196 13.85 34.96 75.29
CA GLY P 196 14.73 35.94 74.68
C GLY P 196 13.99 36.93 73.78
N PHE P 197 12.67 37.08 73.97
CA PHE P 197 11.83 37.94 73.15
C PHE P 197 11.80 39.35 73.72
N ASP P 198 12.31 40.31 72.93
CA ASP P 198 12.18 41.73 73.22
C ASP P 198 10.74 42.16 72.96
N GLY P 199 9.96 42.30 74.05
CA GLY P 199 8.60 42.81 73.98
C GLY P 199 7.56 41.68 73.98
N GLN P 200 6.30 42.09 74.00
CA GLN P 200 5.18 41.17 74.09
C GLN P 200 5.20 40.22 72.88
N MET P 201 4.87 38.94 73.14
CA MET P 201 4.57 37.97 72.10
C MET P 201 3.10 38.05 71.76
N THR P 202 2.82 38.01 70.46
CA THR P 202 1.46 38.12 69.96
C THR P 202 1.34 37.07 68.89
N SER P 203 0.12 36.82 68.46
CA SER P 203 -0.15 35.84 67.43
C SER P 203 0.14 36.47 66.07
N GLU P 204 0.74 37.65 66.12
CA GLU P 204 1.15 38.40 64.94
C GLU P 204 2.64 38.23 64.73
N ASN P 205 3.41 38.30 65.83
CA ASN P 205 4.86 38.45 65.71
C ASN P 205 5.56 37.11 65.99
N THR P 206 4.78 36.03 65.89
CA THR P 206 5.27 34.68 66.14
C THR P 206 4.54 33.78 65.17
N GLN P 207 5.17 32.70 64.74
CA GLN P 207 4.44 31.75 63.93
C GLN P 207 4.70 30.39 64.50
N VAL P 208 3.77 29.47 64.38
CA VAL P 208 3.96 28.16 64.96
C VAL P 208 3.42 27.09 64.04
N GLY P 209 4.17 26.02 63.91
CA GLY P 209 3.78 24.91 63.09
C GLY P 209 3.75 23.69 63.98
N ARG P 210 2.78 22.80 63.73
CA ARG P 210 2.82 21.56 64.44
C ARG P 210 2.62 20.37 63.53
N VAL P 211 3.32 19.32 63.90
CA VAL P 211 3.11 18.05 63.28
C VAL P 211 2.26 17.30 64.26
N VAL P 212 1.10 16.88 63.84
CA VAL P 212 0.26 16.15 64.75
C VAL P 212 -0.46 15.10 63.92
N GLU P 213 -0.68 13.91 64.50
CA GLU P 213 -1.33 12.84 63.77
C GLU P 213 -0.47 12.65 62.54
N ASN P 214 -0.99 12.90 61.34
CA ASN P 214 -0.26 12.52 60.15
C ASN P 214 -0.04 13.73 59.27
N ARG P 215 -0.11 14.93 59.85
CA ARG P 215 -0.12 16.12 59.03
C ARG P 215 0.65 17.20 59.72
N PHE P 216 1.18 18.17 58.92
CA PHE P 216 1.78 19.40 59.40
C PHE P 216 0.85 20.57 59.14
N GLU P 217 0.70 21.47 60.10
CA GLU P 217 -0.16 22.62 59.89
C GLU P 217 0.45 23.83 60.58
N ILE P 218 0.32 24.99 59.95
CA ILE P 218 0.71 26.23 60.57
C ILE P 218 -0.45 26.70 61.38
N LEU P 219 -0.26 26.88 62.70
CA LEU P 219 -1.36 27.34 63.54
C LEU P 219 -1.94 28.61 62.94
N SER P 220 -3.27 28.74 63.02
CA SER P 220 -3.96 29.98 62.69
C SER P 220 -3.60 31.03 63.76
N VAL P 221 -4.01 32.28 63.59
CA VAL P 221 -3.81 33.25 64.66
C VAL P 221 -4.79 32.97 65.80
N ASP P 222 -6.01 32.53 65.46
CA ASP P 222 -6.98 32.05 66.44
C ASP P 222 -6.35 30.98 67.35
N GLN P 223 -5.78 29.89 66.77
CA GLN P 223 -5.29 28.73 67.50
C GLN P 223 -4.07 29.09 68.35
N LEU P 224 -3.23 29.95 67.78
CA LEU P 224 -2.03 30.44 68.43
C LEU P 224 -2.38 31.37 69.57
N ARG P 225 -3.45 32.14 69.45
CA ARG P 225 -3.86 33.03 70.53
C ARG P 225 -4.31 32.21 71.74
N ASP P 226 -4.90 31.03 71.55
CA ASP P 226 -5.30 30.20 72.70
C ASP P 226 -4.09 29.65 73.44
N TYR P 227 -2.97 29.45 72.74
CA TYR P 227 -1.77 28.96 73.38
C TYR P 227 -1.00 30.10 74.05
N LEU P 228 -1.19 31.33 73.57
CA LEU P 228 -0.43 32.46 74.08
C LEU P 228 -1.15 33.13 75.25
N ASP P 229 -2.36 32.64 75.57
CA ASP P 229 -3.12 33.11 76.72
C ASP P 229 -2.80 32.23 77.92
N GLN P 230 -2.09 31.12 77.69
CA GLN P 230 -1.73 30.17 78.74
C GLN P 230 -0.24 30.24 79.06
N ILE P 231 0.48 31.23 78.51
CA ILE P 231 1.89 31.46 78.84
C ILE P 231 2.05 32.92 79.32
N SER Q 2 35.62 38.95 36.71
CA SER Q 2 35.41 37.73 37.53
C SER Q 2 36.73 36.95 37.58
N HIS Q 3 37.54 36.88 36.50
CA HIS Q 3 38.79 36.09 36.56
C HIS Q 3 39.78 36.60 37.63
N ARG Q 4 39.66 37.84 38.14
CA ARG Q 4 40.61 38.35 39.13
C ARG Q 4 40.41 37.64 40.46
N TYR Q 5 39.24 37.01 40.61
CA TYR Q 5 38.77 36.46 41.86
C TYR Q 5 38.84 34.92 41.80
N ASP Q 6 39.48 34.36 40.77
CA ASP Q 6 39.56 32.91 40.66
C ASP Q 6 40.74 32.52 41.52
N SER Q 7 40.50 31.54 42.40
CA SER Q 7 41.50 31.04 43.33
C SER Q 7 42.32 29.88 42.77
N ARG Q 8 41.96 29.39 41.57
CA ARG Q 8 42.84 28.57 40.76
C ARG Q 8 43.14 27.25 41.51
N THR Q 9 42.05 26.58 41.86
CA THR Q 9 42.09 25.41 42.69
C THR Q 9 42.84 24.25 42.04
N THR Q 10 42.67 24.07 40.73
CA THR Q 10 43.38 23.00 40.04
C THR Q 10 44.70 23.50 39.46
N THR Q 11 45.46 24.37 40.12
CA THR Q 11 46.75 24.68 39.56
C THR Q 11 47.78 23.99 40.39
N PHE Q 12 48.98 23.83 39.82
CA PHE Q 12 50.09 23.37 40.60
C PHE Q 12 50.61 24.59 41.27
N SER Q 13 51.25 24.33 42.40
CA SER Q 13 52.11 25.29 43.03
C SER Q 13 53.54 24.99 42.69
N PRO Q 14 54.45 25.93 42.99
CA PRO Q 14 55.87 25.78 42.71
C PRO Q 14 56.67 24.54 43.11
N GLU Q 15 56.15 23.67 43.98
CA GLU Q 15 56.91 22.46 44.28
C GLU Q 15 56.18 21.25 43.72
N GLY Q 16 55.28 21.49 42.77
CA GLY Q 16 54.41 20.48 42.21
C GLY Q 16 53.37 19.99 43.21
N ARG Q 17 53.10 20.81 44.21
CA ARG Q 17 52.11 20.54 45.23
C ARG Q 17 50.79 21.05 44.71
N LEU Q 18 49.69 20.42 45.10
CA LEU Q 18 48.36 20.98 44.84
C LEU Q 18 47.74 21.44 46.16
N TYR Q 19 47.77 22.74 46.40
CA TYR Q 19 47.43 23.25 47.71
C TYR Q 19 46.03 22.85 48.12
N GLN Q 20 45.06 22.96 47.23
CA GLN Q 20 43.73 22.61 47.67
C GLN Q 20 43.66 21.17 48.15
N VAL Q 21 44.46 20.26 47.59
CA VAL Q 21 44.44 18.87 48.05
C VAL Q 21 45.21 18.76 49.35
N GLU Q 22 46.28 19.51 49.53
CA GLU Q 22 46.98 19.42 50.80
C GLU Q 22 46.04 19.88 51.90
N TYR Q 23 45.27 20.92 51.64
CA TYR Q 23 44.43 21.49 52.67
C TYR Q 23 43.16 20.69 52.88
N ALA Q 24 42.70 19.99 51.87
CA ALA Q 24 41.65 19.03 52.14
C ALA Q 24 42.14 17.99 53.14
N VAL Q 25 43.36 17.54 53.00
CA VAL Q 25 43.95 16.58 53.91
C VAL Q 25 43.98 17.19 55.29
N GLU Q 26 44.20 18.48 55.44
CA GLU Q 26 44.24 19.06 56.77
C GLU Q 26 42.86 18.98 57.39
N ALA Q 27 41.87 19.21 56.56
CA ALA Q 27 40.50 19.12 56.98
C ALA Q 27 40.16 17.72 57.49
N ILE Q 28 40.79 16.70 56.91
CA ILE Q 28 40.53 15.33 57.29
C ILE Q 28 41.24 14.97 58.58
N GLN Q 29 42.44 15.46 58.77
CA GLN Q 29 43.11 15.23 60.02
C GLN Q 29 42.43 15.98 61.17
N GLN Q 30 41.31 16.69 60.93
CA GLN Q 30 40.59 17.35 62.01
C GLN Q 30 39.42 16.47 62.44
N ALA Q 31 39.03 15.56 61.54
CA ALA Q 31 37.83 14.75 61.69
C ALA Q 31 37.95 13.59 62.69
N GLY Q 32 36.78 13.14 63.11
CA GLY Q 32 36.65 11.95 63.92
C GLY Q 32 37.49 10.81 63.35
N THR Q 33 38.36 10.25 64.19
CA THR Q 33 39.17 9.10 63.87
C THR Q 33 38.33 7.89 63.45
N VAL Q 34 38.83 7.15 62.46
CA VAL Q 34 38.27 5.88 62.12
C VAL Q 34 39.37 4.85 62.00
N ILE Q 35 39.14 3.67 62.57
CA ILE Q 35 40.14 2.61 62.53
C ILE Q 35 39.52 1.51 61.72
N GLY Q 36 40.35 0.87 60.92
CA GLY Q 36 39.91 -0.28 60.18
C GLY Q 36 40.92 -1.40 60.36
N VAL Q 37 40.39 -2.59 60.53
CA VAL Q 37 41.22 -3.74 60.74
C VAL Q 37 40.67 -4.86 59.93
N CYS Q 38 41.53 -5.30 59.04
CA CYS Q 38 41.23 -6.35 58.08
C CYS Q 38 41.79 -7.66 58.56
N THR Q 39 40.89 -8.53 59.05
CA THR Q 39 41.23 -9.89 59.46
C THR Q 39 41.08 -10.86 58.28
N LYS Q 40 40.68 -12.10 58.59
CA LYS Q 40 40.39 -13.12 57.59
C LYS Q 40 39.02 -13.70 57.91
N ASP Q 41 38.44 -13.26 59.03
CA ASP Q 41 37.06 -13.53 59.37
C ASP Q 41 36.17 -12.31 59.17
N GLY Q 42 36.70 -11.22 58.60
CA GLY Q 42 35.93 -10.01 58.42
C GLY Q 42 36.74 -8.71 58.56
N VAL Q 43 36.07 -7.60 58.49
CA VAL Q 43 36.77 -6.32 58.58
C VAL Q 43 36.04 -5.50 59.62
N VAL Q 44 36.79 -4.70 60.32
CA VAL Q 44 36.19 -3.95 61.37
C VAL Q 44 36.47 -2.47 61.17
N LEU Q 45 35.45 -1.68 61.39
CA LEU Q 45 35.62 -0.26 61.37
C LEU Q 45 35.18 0.24 62.72
N ALA Q 46 36.03 0.96 63.39
CA ALA Q 46 35.61 1.57 64.62
C ALA Q 46 35.83 3.06 64.49
N GLY Q 47 34.78 3.84 64.74
CA GLY Q 47 34.94 5.27 64.56
C GLY Q 47 34.51 6.05 65.78
N GLU Q 48 35.21 7.16 66.01
CA GLU Q 48 34.85 8.21 66.95
C GLU Q 48 33.65 8.98 66.40
N LYS Q 49 32.49 8.83 67.03
CA LYS Q 49 31.39 9.77 66.86
C LYS Q 49 31.70 11.10 67.54
N MET Q 50 30.96 12.17 67.22
CA MET Q 50 31.13 13.41 67.97
C MET Q 50 30.36 13.27 69.27
N VAL Q 51 30.62 14.20 70.20
CA VAL Q 51 30.14 14.11 71.57
C VAL Q 51 28.62 14.22 71.57
N PRO Q 52 27.91 13.28 72.21
CA PRO Q 52 26.45 13.19 72.07
C PRO Q 52 25.70 14.08 73.06
N HIS Q 53 25.52 15.35 72.65
CA HIS Q 53 24.52 16.26 73.20
C HIS Q 53 23.28 15.46 73.58
N PRO Q 54 22.68 15.67 74.78
CA PRO Q 54 21.54 14.86 75.22
C PRO Q 54 20.20 15.11 74.52
N LEU Q 55 20.23 16.02 73.53
CA LEU Q 55 19.06 16.39 72.77
C LEU Q 55 19.10 15.83 71.35
N PHE Q 56 20.15 15.07 71.00
CA PHE Q 56 20.20 14.40 69.72
C PHE Q 56 19.14 13.33 69.69
N ASP Q 57 18.49 13.16 68.55
CA ASP Q 57 17.56 12.08 68.38
C ASP Q 57 18.16 11.06 67.42
N SER Q 58 17.54 9.90 67.35
CA SER Q 58 17.83 8.97 66.29
C SER Q 58 16.94 9.36 65.14
N GLU Q 59 17.34 9.01 63.92
CA GLU Q 59 16.46 9.15 62.78
C GLU Q 59 15.38 8.07 62.75
N SER Q 60 15.42 7.10 63.70
CA SER Q 60 14.56 5.93 63.75
C SER Q 60 14.44 5.21 62.40
N MET Q 61 15.55 4.91 61.76
CA MET Q 61 15.49 4.19 60.50
C MET Q 61 15.12 2.74 60.79
N GLN Q 62 14.46 2.10 59.82
CA GLN Q 62 13.92 0.78 60.00
C GLN Q 62 15.05 -0.25 59.85
N ASP Q 63 16.03 0.06 58.99
CA ASP Q 63 17.21 -0.78 58.78
C ASP Q 63 18.40 -0.19 59.51
N LYS Q 64 18.86 -0.94 60.53
CA LYS Q 64 19.80 -0.42 61.49
C LYS Q 64 21.21 -0.49 60.91
N ASN Q 65 21.43 -1.40 59.96
CA ASN Q 65 22.75 -1.69 59.42
C ASN Q 65 23.12 -0.87 58.18
N THR Q 66 22.24 -0.04 57.65
CA THR Q 66 22.59 0.64 56.42
C THR Q 66 23.40 1.89 56.70
N SER Q 67 23.13 2.58 57.81
CA SER Q 67 23.94 3.75 58.10
C SER Q 67 23.89 4.09 59.57
N GLY Q 68 24.98 4.74 59.96
CA GLY Q 68 25.15 5.29 61.28
C GLY Q 68 25.72 6.69 61.12
N GLU Q 69 26.56 7.07 62.05
CA GLU Q 69 27.06 8.40 62.08
C GLU Q 69 28.38 8.42 61.30
N LYS Q 70 29.16 7.34 61.43
CA LYS Q 70 30.42 7.26 60.73
C LYS Q 70 30.37 6.23 59.60
N MET Q 71 29.51 5.21 59.68
CA MET Q 71 29.61 4.02 58.85
C MET Q 71 28.45 3.97 57.87
N TYR Q 72 28.71 3.66 56.61
CA TYR Q 72 27.64 3.56 55.65
C TYR Q 72 27.79 2.33 54.80
N LYS Q 73 26.70 1.75 54.43
CA LYS Q 73 26.77 0.68 53.49
C LYS Q 73 26.66 1.19 52.07
N ILE Q 74 27.60 0.77 51.24
CA ILE Q 74 27.59 1.04 49.82
C ILE Q 74 26.88 -0.06 49.04
N ALA Q 75 26.91 -1.29 49.52
CA ALA Q 75 26.26 -2.38 48.83
C ALA Q 75 26.24 -3.53 49.80
N GLU Q 76 25.70 -4.67 49.42
CA GLU Q 76 25.59 -5.73 50.41
C GLU Q 76 26.98 -6.09 50.88
N HIS Q 77 27.93 -6.04 49.94
CA HIS Q 77 29.29 -6.44 50.21
C HIS Q 77 30.25 -5.28 50.45
N ILE Q 78 29.79 -4.04 50.61
CA ILE Q 78 30.74 -2.95 50.74
C ILE Q 78 30.29 -1.90 51.71
N GLY Q 79 31.17 -1.55 52.62
CA GLY Q 79 30.84 -0.61 53.65
C GLY Q 79 31.86 0.45 53.59
N CYS Q 80 31.62 1.59 54.21
CA CYS Q 80 32.72 2.49 54.33
C CYS Q 80 32.59 3.29 55.61
N SER Q 81 33.59 4.09 55.80
CA SER Q 81 33.56 5.08 56.84
C SER Q 81 34.33 6.28 56.35
N VAL Q 82 33.91 7.43 56.81
CA VAL Q 82 34.46 8.59 56.19
C VAL Q 82 35.02 9.42 57.28
N ALA Q 83 36.00 10.20 56.89
CA ALA Q 83 36.48 11.27 57.69
C ALA Q 83 36.53 12.49 56.80
N GLY Q 84 36.10 13.62 57.32
CA GLY Q 84 36.31 14.88 56.63
C GLY Q 84 34.95 15.52 56.43
N VAL Q 85 34.85 16.36 55.43
CA VAL Q 85 33.68 17.18 55.25
C VAL Q 85 32.49 16.26 55.02
N THR Q 86 31.65 16.15 56.03
CA THR Q 86 30.58 15.16 56.02
C THR Q 86 29.72 15.26 54.76
N SER Q 87 29.38 16.46 54.35
CA SER Q 87 28.45 16.59 53.24
C SER Q 87 29.05 16.13 51.93
N ASP Q 88 30.37 16.34 51.77
CA ASP Q 88 31.10 15.82 50.64
C ASP Q 88 30.98 14.30 50.62
N ALA Q 89 31.15 13.70 51.79
CA ALA Q 89 30.96 12.29 51.95
C ALA Q 89 29.65 11.86 51.35
N TYR Q 90 28.55 12.46 51.76
CA TYR Q 90 27.28 12.01 51.23
C TYR Q 90 27.18 12.16 49.71
N ALA Q 91 27.79 13.18 49.12
CA ALA Q 91 27.77 13.26 47.67
C ALA Q 91 28.43 12.02 47.06
N LEU Q 92 29.65 11.72 47.52
CA LEU Q 92 30.41 10.59 47.07
C LEU Q 92 29.76 9.25 47.41
N LEU Q 93 29.35 9.09 48.64
CA LEU Q 93 28.65 7.89 49.03
C LEU Q 93 27.52 7.58 48.08
N ASN Q 94 26.82 8.59 47.62
CA ASN Q 94 25.69 8.31 46.75
C ASN Q 94 26.26 7.86 45.42
N TYR Q 95 27.32 8.52 44.98
CA TYR Q 95 28.01 8.08 43.78
C TYR Q 95 28.54 6.64 43.89
N ALA Q 96 29.13 6.29 45.00
CA ALA Q 96 29.59 4.94 45.14
C ALA Q 96 28.43 3.98 45.14
N ARG Q 97 27.33 4.31 45.77
CA ARG Q 97 26.17 3.44 45.70
C ARG Q 97 25.72 3.24 44.29
N LEU Q 98 25.54 4.29 43.54
CA LEU Q 98 25.11 4.06 42.18
C LEU Q 98 26.13 3.24 41.46
N SER Q 99 27.39 3.58 41.55
CA SER Q 99 28.35 2.78 40.82
C SER Q 99 28.23 1.30 41.16
N ALA Q 100 28.27 0.94 42.41
CA ALA Q 100 28.19 -0.44 42.69
C ALA Q 100 26.92 -1.05 42.08
N LEU Q 101 25.81 -0.35 42.06
CA LEU Q 101 24.62 -0.95 41.50
C LEU Q 101 24.60 -0.90 39.98
N ARG Q 102 25.24 0.07 39.36
CA ARG Q 102 25.40 -0.05 37.93
C ARG Q 102 26.26 -1.23 37.55
N HIS Q 103 27.30 -1.47 38.31
CA HIS Q 103 28.06 -2.66 38.01
C HIS Q 103 27.16 -3.87 38.10
N GLN Q 104 26.36 -3.92 39.14
CA GLN Q 104 25.50 -5.08 39.25
C GLN Q 104 24.44 -5.10 38.17
N TYR Q 105 24.04 -3.96 37.66
CA TYR Q 105 23.07 -3.97 36.60
C TYR Q 105 23.67 -4.66 35.41
N THR Q 106 24.84 -4.19 35.05
CA THR Q 106 25.51 -4.64 33.85
C THR Q 106 25.93 -6.08 33.97
N PHE Q 107 26.66 -6.45 35.01
CA PHE Q 107 27.14 -7.81 35.08
C PHE Q 107 26.33 -8.74 35.94
N GLN Q 108 25.39 -8.28 36.72
CA GLN Q 108 24.70 -9.16 37.64
C GLN Q 108 25.65 -9.91 38.52
N GLU Q 109 26.68 -9.27 39.00
CA GLU Q 109 27.42 -9.86 40.10
C GLU Q 109 27.90 -8.70 40.94
N PRO Q 110 28.29 -8.90 42.20
CA PRO Q 110 28.85 -7.81 42.99
C PRO Q 110 30.10 -7.21 42.37
N MET Q 111 30.17 -5.90 42.44
CA MET Q 111 31.35 -5.16 42.04
C MET Q 111 32.47 -5.52 43.00
N ALA Q 112 33.68 -5.62 42.49
CA ALA Q 112 34.77 -5.91 43.39
C ALA Q 112 35.14 -4.66 44.14
N ILE Q 113 35.67 -4.80 45.36
CA ILE Q 113 35.94 -3.66 46.20
C ILE Q 113 36.93 -2.71 45.57
N GLU Q 114 37.99 -3.25 45.02
CA GLU Q 114 38.98 -2.40 44.39
C GLU Q 114 38.44 -1.69 43.15
N ASP Q 115 37.37 -2.14 42.51
CA ASP Q 115 36.91 -1.38 41.38
C ASP Q 115 36.00 -0.27 41.83
N LEU Q 116 35.29 -0.51 42.92
CA LEU Q 116 34.42 0.48 43.50
C LEU Q 116 35.31 1.60 43.94
N CYS Q 117 36.38 1.19 44.55
CA CYS Q 117 37.34 2.13 45.06
C CYS Q 117 37.97 2.95 43.96
N ARG Q 118 38.33 2.34 42.83
CA ARG Q 118 38.92 3.13 41.75
C ARG Q 118 37.91 4.13 41.21
N ILE Q 119 36.70 3.67 40.99
CA ILE Q 119 35.64 4.55 40.58
C ILE Q 119 35.53 5.77 41.47
N LEU Q 120 35.53 5.56 42.76
CA LEU Q 120 35.37 6.63 43.73
C LEU Q 120 36.49 7.64 43.63
N CYS Q 121 37.70 7.13 43.60
CA CYS Q 121 38.86 7.96 43.54
C CYS Q 121 39.11 8.59 42.18
N ASP Q 122 38.50 8.05 41.13
CA ASP Q 122 38.56 8.74 39.87
C ASP Q 122 37.71 9.97 40.01
N GLU Q 123 36.58 9.84 40.67
CA GLU Q 123 35.69 10.95 40.84
C GLU Q 123 36.36 12.02 41.65
N LYS Q 124 37.09 11.66 42.66
CA LYS Q 124 37.92 12.65 43.31
C LYS Q 124 39.06 13.17 42.46
N GLN Q 125 39.83 12.35 41.82
CA GLN Q 125 40.94 12.90 41.08
C GLN Q 125 40.43 14.00 40.15
N LEU Q 126 39.25 13.82 39.54
CA LEU Q 126 38.76 14.77 38.56
C LEU Q 126 38.82 16.18 39.08
N TYR Q 127 38.40 16.37 40.32
CA TYR Q 127 38.24 17.67 40.91
C TYR Q 127 39.59 18.28 41.25
N THR Q 128 40.67 17.54 41.12
CA THR Q 128 41.99 18.08 41.37
C THR Q 128 42.67 18.48 40.08
N GLN Q 129 41.97 18.32 38.95
CA GLN Q 129 42.59 18.54 37.66
C GLN Q 129 41.74 19.43 36.76
N TYR Q 130 40.45 19.11 36.62
CA TYR Q 130 39.50 19.82 35.78
C TYR Q 130 38.61 20.61 36.73
N GLY Q 131 38.07 21.73 36.26
CA GLY Q 131 36.75 22.17 36.72
C GLY Q 131 36.82 23.41 37.59
N GLY Q 132 38.04 23.77 38.00
CA GLY Q 132 38.16 25.00 38.77
C GLY Q 132 37.38 25.10 40.09
N VAL Q 133 36.78 24.02 40.60
CA VAL Q 133 36.20 24.04 41.93
C VAL Q 133 37.09 23.35 42.96
N ARG Q 134 36.68 23.24 44.23
CA ARG Q 134 37.58 22.71 45.27
C ARG Q 134 37.44 21.22 45.25
N PRO Q 135 38.38 20.43 45.78
CA PRO Q 135 38.20 19.01 45.85
C PRO Q 135 37.22 18.55 46.92
N TYR Q 136 36.83 17.28 46.84
CA TYR Q 136 36.08 16.67 47.90
C TYR Q 136 37.02 16.50 49.06
N GLY Q 137 36.57 16.92 50.23
CA GLY Q 137 37.45 16.94 51.37
C GLY Q 137 37.14 15.76 52.23
N VAL Q 138 37.41 14.57 51.70
CA VAL Q 138 36.92 13.33 52.27
C VAL Q 138 37.94 12.22 52.11
N SER Q 139 37.96 11.32 53.05
CA SER Q 139 38.78 10.13 53.00
C SER Q 139 37.85 9.01 53.37
N PHE Q 140 37.77 8.01 52.50
CA PHE Q 140 37.09 6.81 52.91
C PHE Q 140 38.04 5.80 53.51
N LEU Q 141 37.48 4.95 54.36
CA LEU Q 141 37.93 3.59 54.45
C LEU Q 141 36.87 2.73 53.85
N LEU Q 142 37.17 1.97 52.77
CA LEU Q 142 36.19 1.03 52.27
C LEU Q 142 36.52 -0.33 52.77
N VAL Q 143 35.50 -1.11 52.93
CA VAL Q 143 35.69 -2.48 53.30
C VAL Q 143 34.71 -3.28 52.53
N GLY Q 144 35.04 -4.54 52.43
CA GLY Q 144 34.09 -5.43 51.84
C GLY Q 144 34.76 -6.71 51.48
N TRP Q 145 34.04 -7.49 50.72
CA TRP Q 145 34.44 -8.83 50.45
C TRP Q 145 34.08 -9.13 49.03
N ASP Q 146 34.99 -9.70 48.30
CA ASP Q 146 34.66 -10.12 46.95
C ASP Q 146 35.36 -11.43 46.74
N ARG Q 147 35.02 -12.12 45.70
CA ARG Q 147 35.57 -13.47 45.55
C ARG Q 147 37.02 -13.42 45.06
N TYR Q 148 37.51 -12.26 44.65
CA TYR Q 148 38.82 -12.14 44.05
C TYR Q 148 39.90 -12.08 45.13
N TYR Q 149 39.61 -11.35 46.19
CA TYR Q 149 40.65 -10.98 47.13
C TYR Q 149 40.20 -11.20 48.56
N GLY Q 150 38.95 -11.60 48.77
CA GLY Q 150 38.44 -11.76 50.12
C GLY Q 150 38.18 -10.44 50.82
N TYR Q 151 38.25 -10.45 52.14
CA TYR Q 151 38.14 -9.23 52.89
C TYR Q 151 39.24 -8.29 52.46
N GLN Q 152 38.82 -7.06 52.19
CA GLN Q 152 39.69 -5.99 51.79
C GLN Q 152 39.35 -4.76 52.62
N LEU Q 153 40.29 -3.85 52.66
CA LEU Q 153 40.13 -2.58 53.31
C LEU Q 153 41.01 -1.56 52.63
N TYR Q 154 40.39 -0.67 51.87
CA TYR Q 154 41.11 0.37 51.17
C TYR Q 154 40.93 1.64 51.92
N SER Q 155 41.78 2.60 51.60
CA SER Q 155 41.53 3.93 52.09
C SER Q 155 41.82 4.87 50.96
N THR Q 156 41.05 5.93 50.88
CA THR Q 156 41.16 6.90 49.83
C THR Q 156 41.55 8.21 50.46
N GLU Q 157 42.04 9.10 49.63
CA GLU Q 157 42.44 10.43 50.01
C GLU Q 157 41.77 11.41 49.05
N PRO Q 158 41.79 12.69 49.37
CA PRO Q 158 41.20 13.65 48.45
C PRO Q 158 41.93 13.80 47.11
N SER Q 159 43.21 13.41 47.02
CA SER Q 159 43.93 13.47 45.76
C SER Q 159 43.33 12.50 44.75
N GLY Q 160 42.74 11.41 45.27
CA GLY Q 160 42.21 10.34 44.45
C GLY Q 160 43.12 9.12 44.52
N ASP Q 161 44.18 9.16 45.33
CA ASP Q 161 44.99 7.97 45.48
C ASP Q 161 44.25 7.07 46.44
N TYR Q 162 44.62 5.81 46.45
CA TYR Q 162 44.03 4.87 47.36
C TYR Q 162 44.98 3.75 47.58
N SER Q 163 44.80 3.09 48.68
CA SER Q 163 45.73 2.08 49.03
C SER Q 163 45.01 0.99 49.80
N ALA Q 164 45.50 -0.23 49.61
CA ALA Q 164 45.02 -1.35 50.36
C ALA Q 164 45.81 -1.52 51.62
N TRP Q 165 45.12 -1.90 52.70
CA TRP Q 165 45.74 -2.10 53.99
C TRP Q 165 45.19 -3.31 54.71
N SER Q 166 45.97 -3.77 55.66
CA SER Q 166 45.61 -4.78 56.60
C SER Q 166 44.99 -4.11 57.80
N ALA Q 167 45.49 -2.93 58.07
CA ALA Q 167 44.78 -2.09 59.00
C ALA Q 167 45.23 -0.68 58.77
N TYR Q 168 44.41 0.25 59.22
CA TYR Q 168 44.71 1.62 58.93
C TYR Q 168 43.79 2.48 59.74
N ALA Q 169 44.12 3.76 59.72
CA ALA Q 169 43.30 4.76 60.37
C ALA Q 169 43.27 6.06 59.55
N ILE Q 170 42.13 6.69 59.56
CA ILE Q 170 42.02 8.02 59.01
C ILE Q 170 41.48 8.89 60.12
N GLY Q 171 41.59 10.20 59.88
CA GLY Q 171 41.05 11.19 60.78
C GLY Q 171 42.13 11.70 61.73
N GLN Q 172 41.76 11.87 63.01
CA GLN Q 172 42.43 12.74 63.94
C GLN Q 172 43.86 12.31 64.20
N ASN Q 173 44.07 11.18 64.84
CA ASN Q 173 45.45 10.95 65.26
C ASN Q 173 45.94 9.72 64.51
N ASP Q 174 45.85 9.83 63.20
CA ASP Q 174 46.03 8.69 62.34
C ASP Q 174 47.49 8.23 62.49
N GLN Q 175 48.46 9.15 62.50
CA GLN Q 175 49.87 8.81 62.71
C GLN Q 175 50.07 7.95 63.96
N VAL Q 176 49.43 8.35 65.05
CA VAL Q 176 49.51 7.65 66.33
C VAL Q 176 48.85 6.26 66.25
N ALA Q 177 47.72 6.18 65.56
CA ALA Q 177 46.93 4.97 65.48
C ALA Q 177 47.64 3.94 64.60
N HIS Q 178 48.27 4.41 63.52
CA HIS Q 178 49.10 3.59 62.65
C HIS Q 178 50.19 2.93 63.47
N ALA Q 179 50.93 3.74 64.23
CA ALA Q 179 52.06 3.23 64.97
C ALA Q 179 51.59 2.11 65.91
N LEU Q 180 50.37 2.23 66.46
CA LEU Q 180 49.81 1.27 67.41
C LEU Q 180 49.24 0.01 66.76
N LEU Q 181 48.76 0.13 65.52
CA LEU Q 181 48.30 -1.01 64.75
C LEU Q 181 49.53 -1.77 64.26
N LYS Q 182 50.60 -1.05 63.91
CA LYS Q 182 51.83 -1.66 63.45
C LYS Q 182 52.19 -2.77 64.42
N LYS Q 183 52.17 -2.41 65.71
CA LYS Q 183 52.72 -3.23 66.77
C LYS Q 183 51.82 -4.45 67.03
N ASP Q 184 50.51 -4.31 66.84
CA ASP Q 184 49.58 -5.28 67.40
C ASP Q 184 48.81 -6.05 66.33
N TRP Q 185 48.91 -5.63 65.05
CA TRP Q 185 48.25 -6.35 63.97
C TRP Q 185 49.10 -7.58 63.64
N HIS Q 186 48.44 -8.70 63.32
CA HIS Q 186 49.11 -9.85 62.71
C HIS Q 186 48.14 -10.56 61.77
N GLU Q 187 48.64 -11.55 61.03
CA GLU Q 187 47.98 -12.06 59.83
C GLU Q 187 46.87 -13.08 60.12
N SER Q 188 46.69 -13.47 61.38
CA SER Q 188 45.92 -14.67 61.70
C SER Q 188 44.87 -14.37 62.77
N MET Q 189 44.37 -13.14 62.78
CA MET Q 189 43.43 -12.64 63.78
C MET Q 189 42.04 -13.19 63.55
N THR Q 190 41.33 -13.51 64.63
CA THR Q 190 39.91 -13.76 64.52
C THR Q 190 39.22 -12.41 64.34
N LEU Q 191 37.90 -12.44 64.19
CA LEU Q 191 37.13 -11.21 64.15
C LEU Q 191 37.15 -10.54 65.52
N GLU Q 192 37.04 -11.35 66.57
CA GLU Q 192 36.98 -10.83 67.92
C GLU Q 192 38.30 -10.13 68.24
N ASP Q 193 39.41 -10.67 67.73
CA ASP Q 193 40.73 -10.12 68.01
C ASP Q 193 40.87 -8.77 67.34
N GLY Q 194 40.38 -8.68 66.09
CA GLY Q 194 40.39 -7.45 65.32
C GLY Q 194 39.49 -6.38 65.93
N MET Q 195 38.27 -6.74 66.34
CA MET Q 195 37.40 -5.86 67.10
C MET Q 195 38.07 -5.33 68.36
N LEU Q 196 38.94 -6.15 68.95
CA LEU Q 196 39.60 -5.73 70.16
C LEU Q 196 40.65 -4.71 69.76
N LEU Q 197 41.42 -5.07 68.75
CA LEU Q 197 42.54 -4.26 68.36
C LEU Q 197 42.04 -2.89 67.91
N ALA Q 198 40.91 -2.93 67.19
CA ALA Q 198 40.27 -1.72 66.69
C ALA Q 198 39.87 -0.79 67.85
N LEU Q 199 39.27 -1.36 68.89
CA LEU Q 199 38.92 -0.58 70.07
C LEU Q 199 40.15 -0.20 70.91
N ARG Q 200 41.12 -1.09 71.08
CA ARG Q 200 42.22 -0.69 71.94
C ARG Q 200 42.85 0.55 71.32
N VAL Q 201 43.00 0.52 69.99
CA VAL Q 201 43.69 1.62 69.32
C VAL Q 201 42.82 2.86 69.37
N LEU Q 202 41.52 2.68 69.16
CA LEU Q 202 40.63 3.83 69.08
C LEU Q 202 40.59 4.47 70.46
N GLY Q 203 40.44 3.65 71.50
CA GLY Q 203 40.47 4.17 72.86
C GLY Q 203 41.84 4.76 73.24
N LYS Q 204 42.91 4.35 72.58
CA LYS Q 204 44.21 4.90 72.91
C LYS Q 204 44.41 6.25 72.23
N THR Q 205 43.77 6.47 71.07
CA THR Q 205 43.93 7.71 70.32
C THR Q 205 43.07 8.83 70.88
N MET Q 206 41.92 8.49 71.46
CA MET Q 206 41.04 9.48 72.06
C MET Q 206 41.09 9.39 73.58
N ASP Q 207 42.20 8.85 74.09
CA ASP Q 207 42.79 9.26 75.37
C ASP Q 207 41.85 8.93 76.53
N THR Q 208 41.13 7.82 76.40
CA THR Q 208 40.13 7.43 77.39
C THR Q 208 40.67 6.22 78.18
N ALA Q 209 40.36 6.19 79.48
CA ALA Q 209 40.65 5.03 80.32
C ALA Q 209 39.85 3.83 79.79
N LYS Q 210 38.51 3.95 79.84
CA LYS Q 210 37.61 2.99 79.20
C LYS Q 210 37.22 3.50 77.81
N ILE Q 211 36.62 2.62 77.01
CA ILE Q 211 35.97 3.02 75.77
C ILE Q 211 34.61 3.64 76.12
N ASP Q 212 34.29 4.79 75.49
CA ASP Q 212 33.09 5.56 75.79
C ASP Q 212 31.96 5.19 74.81
N LEU Q 213 31.20 4.14 75.12
CA LEU Q 213 30.26 3.55 74.18
C LEU Q 213 29.47 4.62 73.41
N ASP Q 214 29.21 5.74 74.07
CA ASP Q 214 28.47 6.86 73.51
C ASP Q 214 29.20 7.46 72.32
N ARG Q 215 30.54 7.53 72.36
CA ARG Q 215 31.38 8.18 71.35
C ARG Q 215 31.96 7.19 70.32
N VAL Q 216 31.45 5.96 70.25
CA VAL Q 216 32.07 4.99 69.36
C VAL Q 216 31.04 4.21 68.54
N GLU Q 217 31.32 4.10 67.25
CA GLU Q 217 30.51 3.28 66.39
C GLU Q 217 31.38 2.15 65.85
N VAL Q 218 30.79 0.97 65.70
CA VAL Q 218 31.56 -0.10 65.13
C VAL Q 218 30.73 -0.80 64.07
N ALA Q 219 31.42 -1.09 62.99
CA ALA Q 219 30.80 -1.82 61.91
C ALA Q 219 31.72 -2.95 61.60
N VAL Q 220 31.12 -4.01 61.10
CA VAL Q 220 31.80 -5.22 60.77
C VAL Q 220 31.30 -5.72 59.44
N MET Q 221 32.22 -6.16 58.61
CA MET Q 221 31.87 -6.72 57.32
C MET Q 221 32.33 -8.15 57.36
N ARG Q 222 31.41 -9.09 57.41
CA ARG Q 222 31.74 -10.49 57.52
C ARG Q 222 30.75 -11.35 56.77
N LYS Q 223 31.13 -12.58 56.50
CA LYS Q 223 30.24 -13.48 55.77
C LYS Q 223 29.40 -14.25 56.76
N VAL Q 224 28.14 -14.42 56.42
CA VAL Q 224 27.16 -15.09 57.26
C VAL Q 224 26.42 -16.09 56.39
N PRO Q 225 25.83 -17.15 56.95
CA PRO Q 225 24.98 -18.05 56.16
C PRO Q 225 23.97 -17.28 55.31
N ALA Q 226 23.73 -17.76 54.09
CA ALA Q 226 22.73 -17.18 53.22
C ALA Q 226 21.36 -17.78 53.53
N SER Q 227 20.38 -16.89 53.78
CA SER Q 227 19.01 -17.26 54.11
C SER Q 227 18.19 -17.46 52.84
N ASN Q 228 17.92 -16.37 52.08
CA ASN Q 228 16.93 -16.38 51.01
C ASN Q 228 17.50 -16.92 49.69
N ILE Q 229 18.11 -18.11 49.74
CA ILE Q 229 18.20 -18.97 48.57
C ILE Q 229 16.77 -19.30 48.11
N ASP Q 230 16.24 -18.52 47.14
CA ASP Q 230 15.02 -18.89 46.43
C ASP Q 230 15.38 -19.67 45.17
N GLN Q 231 15.49 -21.00 45.29
CA GLN Q 231 16.08 -21.82 44.23
C GLN Q 231 15.04 -22.30 43.24
N LEU Q 232 13.77 -22.38 43.61
CA LEU Q 232 12.81 -22.75 42.60
C LEU Q 232 12.62 -21.60 41.62
N LEU Q 233 12.97 -20.40 42.05
CA LEU Q 233 12.70 -19.20 41.26
C LEU Q 233 13.72 -18.93 40.15
N ASP Q 234 15.00 -19.30 40.32
CA ASP Q 234 15.89 -19.48 39.18
C ASP Q 234 16.69 -20.74 39.47
N PRO Q 235 16.34 -21.84 38.79
CA PRO Q 235 16.94 -23.15 39.03
C PRO Q 235 18.41 -23.32 38.71
N PHE Q 236 18.88 -22.56 37.75
CA PHE Q 236 20.24 -22.70 37.26
C PHE Q 236 21.16 -21.78 38.04
N LYS Q 237 20.61 -20.81 38.75
CA LYS Q 237 21.46 -19.85 39.43
C LYS Q 237 22.09 -20.53 40.63
N HIS Q 238 23.37 -20.26 40.85
CA HIS Q 238 24.09 -20.76 42.00
C HIS Q 238 24.05 -19.70 43.08
N HIS Q 239 23.73 -20.13 44.28
CA HIS Q 239 23.65 -19.26 45.43
C HIS Q 239 24.69 -19.76 46.41
N PRO Q 240 25.67 -18.90 46.78
CA PRO Q 240 26.70 -19.32 47.73
C PRO Q 240 26.09 -19.55 49.11
N LYS Q 241 26.71 -20.46 49.87
CA LYS Q 241 26.22 -20.83 51.20
C LYS Q 241 26.33 -19.62 52.12
N THR Q 242 27.45 -18.89 51.99
CA THR Q 242 27.68 -17.67 52.74
C THR Q 242 27.64 -16.44 51.83
N THR Q 243 27.29 -15.30 52.41
CA THR Q 243 27.21 -14.02 51.74
C THR Q 243 27.72 -12.93 52.69
N PRO Q 244 28.32 -11.87 52.15
CA PRO Q 244 28.80 -10.78 52.98
C PRO Q 244 27.66 -10.01 53.61
N ARG Q 245 27.93 -9.50 54.82
CA ARG Q 245 26.96 -8.67 55.50
C ARG Q 245 27.71 -7.52 56.15
N PHE Q 246 27.24 -6.31 55.90
CA PHE Q 246 27.72 -5.17 56.63
C PHE Q 246 26.87 -4.99 57.86
N GLN Q 247 27.48 -4.85 59.02
CA GLN Q 247 26.69 -4.82 60.23
C GLN Q 247 27.14 -3.63 61.03
N ILE Q 248 26.20 -2.81 61.49
CA ILE Q 248 26.63 -1.81 62.44
C ILE Q 248 26.21 -2.29 63.82
N LEU Q 249 27.10 -2.15 64.78
CA LEU Q 249 26.83 -2.77 66.06
C LEU Q 249 25.98 -1.80 66.84
N THR Q 250 24.90 -2.34 67.40
CA THR Q 250 24.12 -1.63 68.40
C THR Q 250 25.06 -1.39 69.57
N ARG Q 251 24.65 -0.49 70.47
CA ARG Q 251 25.35 -0.25 71.72
C ARG Q 251 25.46 -1.55 72.53
N SER Q 252 24.46 -2.43 72.46
CA SER Q 252 24.49 -3.64 73.28
C SER Q 252 25.44 -4.70 72.69
N GLU Q 253 25.44 -4.89 71.35
CA GLU Q 253 26.29 -5.89 70.72
C GLU Q 253 27.75 -5.50 70.92
N LEU Q 254 27.99 -4.20 71.15
CA LEU Q 254 29.31 -3.61 71.22
C LEU Q 254 29.83 -3.53 72.66
N LYS Q 255 28.93 -3.47 73.65
CA LYS Q 255 29.24 -3.45 75.07
C LYS Q 255 30.27 -4.53 75.44
N PRO Q 256 30.01 -5.85 75.22
CA PRO Q 256 30.99 -6.91 75.51
C PRO Q 256 32.39 -6.59 75.00
N HIS Q 257 32.48 -6.21 73.72
CA HIS Q 257 33.74 -6.06 73.01
C HIS Q 257 34.52 -4.87 73.56
N ALA Q 258 33.79 -3.90 74.14
CA ALA Q 258 34.39 -2.71 74.73
C ALA Q 258 34.84 -2.98 76.15
N GLU Q 259 34.06 -3.79 76.90
CA GLU Q 259 34.52 -4.31 78.19
C GLU Q 259 35.81 -5.08 77.96
N ARG Q 260 35.79 -6.01 77.00
CA ARG Q 260 36.92 -6.89 76.76
C ARG Q 260 38.15 -6.10 76.30
N ALA Q 261 38.01 -4.79 76.04
CA ALA Q 261 39.13 -3.94 75.62
C ALA Q 261 39.56 -3.00 76.74
N ASP Q 262 38.68 -2.83 77.75
CA ASP Q 262 39.04 -2.24 79.03
C ASP Q 262 39.94 -3.22 79.79
N GLN Q 263 39.61 -4.51 79.71
CA GLN Q 263 40.31 -5.56 80.42
C GLN Q 263 41.73 -5.75 79.85
N ALA Q 264 41.93 -5.44 78.57
CA ALA Q 264 43.25 -5.52 77.96
C ALA Q 264 43.90 -4.13 77.89
N ARG Q 265 43.34 -3.20 78.64
CA ARG Q 265 43.95 -1.90 78.92
C ARG Q 265 44.27 -1.83 80.42
N GLU Q 266 43.56 -2.61 81.24
CA GLU Q 266 43.88 -2.80 82.65
C GLU Q 266 45.07 -3.75 82.79
N ALA Q 267 45.11 -4.80 81.95
CA ALA Q 267 46.15 -5.81 82.00
C ALA Q 267 47.40 -5.38 81.22
N GLU Q 268 47.44 -4.13 80.74
CA GLU Q 268 48.64 -3.58 80.11
C GLU Q 268 49.20 -2.44 80.98
N GLU Q 269 48.50 -2.09 82.07
CA GLU Q 269 48.97 -1.12 83.06
C GLU Q 269 49.35 -1.84 84.36
N LYS Q 270 49.43 -3.18 84.33
CA LYS Q 270 49.98 -3.98 85.41
C LYS Q 270 51.49 -4.17 85.21
N ALA Q 271 51.90 -4.48 83.96
CA ALA Q 271 53.30 -4.66 83.61
C ALA Q 271 54.12 -3.41 83.94
N GLU Q 272 53.50 -2.23 83.82
CA GLU Q 272 54.12 -0.96 84.18
C GLU Q 272 54.07 -0.77 85.70
N SER R 2 31.07 25.60 31.00
CA SER R 2 32.26 24.83 31.50
C SER R 2 33.39 25.80 31.88
N TYR R 3 34.17 25.41 32.89
CA TYR R 3 35.32 26.19 33.29
C TYR R 3 36.45 25.89 32.32
N ASP R 4 36.95 26.96 31.68
CA ASP R 4 37.93 26.85 30.62
C ASP R 4 38.94 27.94 30.77
N ARG R 5 39.18 28.43 31.98
CA ARG R 5 40.28 29.36 32.11
C ARG R 5 41.58 28.71 31.64
N ALA R 6 42.51 29.56 31.26
CA ALA R 6 43.79 29.13 30.77
C ALA R 6 44.73 28.99 31.95
N ILE R 7 45.07 27.74 32.29
CA ILE R 7 45.87 27.42 33.45
C ILE R 7 47.36 27.40 33.09
N THR R 8 47.66 26.73 31.99
CA THR R 8 49.01 26.65 31.49
C THR R 8 49.22 27.78 30.50
N VAL R 9 50.12 28.70 30.84
CA VAL R 9 50.39 29.85 30.00
C VAL R 9 51.87 30.17 30.02
N PHE R 10 52.36 30.81 28.98
CA PHE R 10 53.75 31.17 28.98
C PHE R 10 53.89 32.32 29.93
N SER R 11 54.98 32.27 30.67
CA SER R 11 55.45 33.37 31.49
C SER R 11 56.39 34.13 30.59
N PRO R 12 56.94 35.27 31.03
CA PRO R 12 57.96 36.02 30.28
C PRO R 12 59.18 35.36 29.64
N ASP R 13 59.86 34.46 30.32
CA ASP R 13 61.11 33.97 29.76
C ASP R 13 60.92 32.68 28.97
N GLY R 14 59.73 32.52 28.36
CA GLY R 14 59.45 31.37 27.52
C GLY R 14 58.88 30.15 28.26
N HIS R 15 58.81 30.19 29.59
CA HIS R 15 58.53 28.98 30.34
C HIS R 15 57.04 28.77 30.51
N LEU R 16 56.64 27.51 30.59
CA LEU R 16 55.31 27.14 31.01
C LEU R 16 55.32 26.65 32.45
N PHE R 17 55.20 27.56 33.41
CA PHE R 17 55.30 27.22 34.81
C PHE R 17 54.48 25.99 35.18
N GLN R 18 53.25 25.89 34.78
CA GLN R 18 52.51 24.73 35.20
C GLN R 18 53.16 23.42 34.76
N VAL R 19 53.96 23.46 33.69
CA VAL R 19 54.59 22.27 33.18
C VAL R 19 55.89 22.10 33.91
N GLU R 20 56.54 23.19 34.29
CA GLU R 20 57.74 23.08 35.10
C GLU R 20 57.37 22.54 36.48
N TYR R 21 56.16 22.79 36.91
CA TYR R 21 55.80 22.42 38.26
C TYR R 21 55.25 21.01 38.27
N ALA R 22 54.52 20.63 37.24
CA ALA R 22 54.29 19.23 37.04
C ALA R 22 55.60 18.46 37.05
N GLN R 23 56.60 18.96 36.39
CA GLN R 23 57.87 18.24 36.37
C GLN R 23 58.44 18.24 37.78
N GLU R 24 58.10 19.21 38.63
CA GLU R 24 58.66 19.23 39.97
C GLU R 24 58.01 18.16 40.81
N ALA R 25 56.75 17.89 40.50
CA ALA R 25 55.99 16.84 41.12
C ALA R 25 56.47 15.44 40.74
N VAL R 26 57.24 15.35 39.67
CA VAL R 26 57.74 14.10 39.15
C VAL R 26 59.13 13.86 39.70
N LYS R 27 59.81 14.91 40.12
CA LYS R 27 61.08 14.79 40.80
C LYS R 27 60.88 14.40 42.25
N LYS R 28 59.64 14.45 42.74
CA LYS R 28 59.36 14.10 44.13
C LYS R 28 58.87 12.66 44.20
N GLY R 29 58.55 12.13 43.02
CA GLY R 29 58.01 10.80 42.92
C GLY R 29 59.10 9.76 43.07
N LEU R 30 58.67 8.54 43.29
CA LEU R 30 59.56 7.43 43.49
C LEU R 30 60.27 7.12 42.19
N ALA R 31 61.52 6.68 42.30
CA ALA R 31 62.30 6.34 41.13
C ALA R 31 61.73 5.13 40.43
N ALA R 32 61.94 5.14 39.13
CA ALA R 32 61.68 4.02 38.29
C ALA R 32 62.74 4.08 37.20
N VAL R 33 63.01 2.91 36.66
CA VAL R 33 64.14 2.65 35.81
C VAL R 33 63.73 1.62 34.78
N GLY R 34 64.22 1.83 33.58
CA GLY R 34 63.94 0.94 32.49
C GLY R 34 65.25 0.60 31.82
N VAL R 35 65.40 -0.64 31.42
CA VAL R 35 66.60 -1.08 30.76
C VAL R 35 66.21 -1.97 29.61
N LEU R 36 66.89 -1.76 28.51
CA LEU R 36 66.62 -2.49 27.32
C LEU R 36 67.83 -3.36 27.01
N GLY R 37 67.57 -4.68 26.97
CA GLY R 37 68.54 -5.66 26.52
C GLY R 37 68.22 -6.21 25.13
N SER R 38 68.88 -7.32 24.78
CA SER R 38 68.75 -7.95 23.47
C SER R 38 67.32 -8.43 23.25
N ASP R 39 66.84 -9.19 24.23
CA ASP R 39 65.56 -9.88 24.12
C ASP R 39 64.70 -9.55 25.32
N SER R 40 65.04 -8.50 26.06
CA SER R 40 64.33 -8.19 27.29
C SER R 40 64.24 -6.69 27.51
N VAL R 41 63.11 -6.29 28.09
CA VAL R 41 63.03 -4.99 28.73
C VAL R 41 62.83 -5.20 30.20
N VAL R 42 63.55 -4.40 30.98
CA VAL R 42 63.41 -4.47 32.40
C VAL R 42 62.95 -3.14 32.96
N ILE R 43 61.79 -3.23 33.62
CA ILE R 43 61.26 -2.09 34.31
C ILE R 43 61.40 -2.34 35.81
N ALA R 44 62.05 -1.43 36.53
CA ALA R 44 62.17 -1.56 37.97
C ALA R 44 61.79 -0.26 38.67
N VAL R 45 61.03 -0.39 39.76
CA VAL R 45 60.57 0.80 40.43
C VAL R 45 60.83 0.64 41.90
N GLU R 46 61.05 1.77 42.54
CA GLU R 46 61.06 1.94 43.97
C GLU R 46 59.63 1.76 44.48
N LYS R 47 59.50 1.00 45.57
CA LYS R 47 58.31 1.03 46.40
C LYS R 47 58.55 1.98 47.58
N LYS R 48 57.47 2.44 48.23
CA LYS R 48 57.56 3.53 49.20
C LYS R 48 58.29 3.08 50.47
N SER R 49 58.09 1.81 50.84
CA SER R 49 58.88 1.10 51.85
C SER R 49 58.26 -0.29 51.98
N ALA R 50 57.93 -0.72 53.22
CA ALA R 50 57.00 -1.84 53.41
C ALA R 50 56.52 -1.85 54.87
N VAL R 51 55.65 -0.90 55.17
CA VAL R 51 55.00 -0.82 56.47
C VAL R 51 54.18 -2.10 56.66
N LYS R 52 54.12 -2.62 57.90
CA LYS R 52 53.56 -3.94 58.18
C LYS R 52 52.05 -3.94 57.92
N LEU R 53 51.53 -2.79 57.48
CA LEU R 53 50.11 -2.53 57.40
C LEU R 53 49.57 -2.63 55.99
N GLN R 54 50.41 -2.44 54.97
CA GLN R 54 49.91 -2.48 53.61
C GLN R 54 49.67 -3.94 53.27
N ASP R 55 48.74 -4.16 52.35
CA ASP R 55 48.21 -5.49 52.12
C ASP R 55 49.35 -6.33 51.51
N SER R 56 49.61 -7.43 52.24
CA SER R 56 50.64 -8.42 51.94
C SER R 56 50.29 -9.19 50.66
N ARG R 57 49.04 -9.07 50.20
CA ARG R 57 48.66 -9.37 48.83
C ARG R 57 49.40 -8.42 47.87
N THR R 58 49.91 -9.01 46.78
CA THR R 58 50.79 -8.31 45.86
C THR R 58 49.99 -7.23 45.13
N ILE R 59 50.40 -5.98 45.34
CA ILE R 59 49.99 -4.83 44.55
C ILE R 59 51.16 -4.42 43.67
N ARG R 60 50.90 -4.37 42.37
CA ARG R 60 51.91 -4.06 41.37
C ARG R 60 52.00 -2.54 41.22
N LYS R 61 53.22 -2.01 41.06
CA LYS R 61 53.44 -0.59 40.83
C LYS R 61 54.00 -0.40 39.43
N ILE R 62 54.00 -1.50 38.70
CA ILE R 62 54.16 -1.48 37.28
C ILE R 62 52.91 -2.02 36.67
N TYR R 63 52.35 -1.25 35.75
CA TYR R 63 51.01 -1.48 35.29
C TYR R 63 51.02 -2.07 33.91
N LYS R 64 50.07 -2.94 33.68
CA LYS R 64 49.94 -3.54 32.40
C LYS R 64 48.97 -2.67 31.64
N VAL R 65 49.33 -2.34 30.40
CA VAL R 65 48.52 -1.48 29.57
C VAL R 65 47.85 -2.30 28.50
N ASP R 66 48.55 -3.30 27.98
CA ASP R 66 47.98 -4.25 27.05
C ASP R 66 48.77 -5.50 27.31
N ALA R 67 48.55 -6.59 26.55
CA ALA R 67 49.30 -7.80 26.81
C ALA R 67 50.81 -7.58 26.73
N ASN R 68 51.20 -6.72 25.81
CA ASN R 68 52.54 -6.62 25.30
C ASN R 68 53.22 -5.42 25.90
N ILE R 69 52.54 -4.58 26.70
CA ILE R 69 53.03 -3.25 27.05
C ILE R 69 52.82 -2.95 28.54
N TYR R 70 53.80 -2.32 29.17
CA TYR R 70 53.83 -2.19 30.60
C TYR R 70 54.33 -0.80 30.94
N LEU R 71 53.85 -0.25 32.02
CA LEU R 71 54.12 1.15 32.20
C LEU R 71 54.43 1.43 33.65
N ALA R 72 55.56 2.04 33.95
CA ALA R 72 55.81 2.51 35.28
C ALA R 72 55.61 4.00 35.32
N PHE R 73 55.49 4.60 36.48
CA PHE R 73 55.35 6.03 36.44
C PHE R 73 55.99 6.64 37.65
N ALA R 74 56.16 7.94 37.56
CA ALA R 74 56.57 8.71 38.71
C ALA R 74 55.72 9.95 38.76
N GLY R 75 55.38 10.40 39.95
CA GLY R 75 54.61 11.63 40.08
C GLY R 75 53.32 11.38 40.82
N LEU R 76 52.27 12.08 40.45
CA LEU R 76 51.02 11.89 41.17
C LEU R 76 50.37 10.59 40.77
N SER R 77 50.32 9.68 41.74
CA SER R 77 49.63 8.41 41.64
C SER R 77 48.28 8.49 40.93
N ALA R 78 47.50 9.51 41.23
CA ALA R 78 46.11 9.46 40.81
C ALA R 78 46.01 9.97 39.38
N ASP R 79 46.86 10.94 39.06
CA ASP R 79 47.03 11.36 37.69
C ASP R 79 47.50 10.16 36.91
N ALA R 80 48.53 9.49 37.39
CA ALA R 80 49.03 8.33 36.67
C ALA R 80 47.91 7.37 36.35
N ARG R 81 47.13 7.04 37.38
CA ARG R 81 46.07 6.08 37.23
C ARG R 81 45.12 6.46 36.10
N VAL R 82 44.92 7.74 35.91
CA VAL R 82 44.06 8.21 34.86
C VAL R 82 44.73 8.02 33.53
N LEU R 83 45.94 8.50 33.38
CA LEU R 83 46.66 8.22 32.17
C LEU R 83 46.64 6.77 31.76
N ILE R 84 46.92 5.88 32.69
CA ILE R 84 46.97 4.47 32.44
C ILE R 84 45.63 3.96 32.00
N ASN R 85 44.57 4.45 32.60
CA ASN R 85 43.29 3.91 32.22
C ASN R 85 43.05 4.33 30.78
N LYS R 86 43.39 5.58 30.46
CA LYS R 86 43.26 6.05 29.11
C LYS R 86 44.09 5.22 28.17
N ALA R 87 45.31 4.87 28.57
CA ALA R 87 46.19 4.10 27.74
C ALA R 87 45.60 2.71 27.52
N GLN R 88 45.22 2.02 28.59
CA GLN R 88 44.50 0.78 28.50
C GLN R 88 43.36 0.89 27.52
N LEU R 89 42.57 1.91 27.67
CA LEU R 89 41.35 1.97 26.88
C LEU R 89 41.76 2.25 25.44
N GLU R 90 42.83 2.99 25.22
CA GLU R 90 43.29 3.24 23.87
C GLU R 90 43.75 1.97 23.17
N CYS R 91 44.53 1.15 23.83
CA CYS R 91 45.01 -0.05 23.21
C CYS R 91 43.87 -0.95 22.80
N GLN R 92 42.80 -0.99 23.58
CA GLN R 92 41.65 -1.74 23.17
C GLN R 92 40.96 -1.02 22.02
N ARG R 93 40.78 0.28 22.08
CA ARG R 93 40.13 0.94 20.98
C ARG R 93 40.89 0.53 19.72
N PHE R 94 42.19 0.43 19.82
CA PHE R 94 42.98 0.24 18.66
C PHE R 94 42.80 -1.17 18.15
N SER R 95 43.04 -2.19 18.97
CA SER R 95 42.71 -3.55 18.57
C SER R 95 41.38 -3.56 17.86
N LEU R 96 40.39 -3.00 18.49
CA LEU R 96 39.06 -3.05 17.97
C LEU R 96 38.93 -2.36 16.63
N ASN R 97 39.69 -1.31 16.36
CA ASN R 97 39.61 -0.68 15.05
C ASN R 97 40.52 -1.37 14.04
N TYR R 98 41.65 -1.94 14.42
CA TYR R 98 42.62 -2.27 13.42
C TYR R 98 43.01 -3.71 13.57
N GLU R 99 42.32 -4.45 14.41
CA GLU R 99 42.62 -5.85 14.59
C GLU R 99 44.02 -6.05 15.12
N ASP R 100 45.03 -5.45 14.53
CA ASP R 100 46.39 -5.63 15.05
C ASP R 100 46.48 -5.16 16.48
N THR R 101 47.52 -5.57 17.22
CA THR R 101 47.80 -4.96 18.51
C THR R 101 48.68 -3.74 18.33
N MET R 102 48.51 -2.80 19.25
CA MET R 102 49.16 -1.53 19.18
C MET R 102 50.66 -1.68 19.34
N ASP R 103 51.41 -1.09 18.42
CA ASP R 103 52.84 -1.05 18.58
C ASP R 103 53.06 -0.26 19.86
N VAL R 104 54.16 -0.48 20.53
CA VAL R 104 54.46 0.28 21.72
C VAL R 104 54.58 1.76 21.40
N ASP R 105 55.31 2.07 20.35
CA ASP R 105 55.56 3.46 20.03
C ASP R 105 54.21 4.12 19.77
N MET R 106 53.26 3.44 19.16
CA MET R 106 51.96 4.06 18.94
C MET R 106 51.28 4.39 20.24
N LEU R 107 51.37 3.49 21.22
CA LEU R 107 50.76 3.67 22.50
C LEU R 107 51.46 4.81 23.21
N VAL R 108 52.77 4.88 23.08
CA VAL R 108 53.48 5.93 23.77
C VAL R 108 53.08 7.27 23.23
N ARG R 109 52.85 7.35 21.94
CA ARG R 109 52.58 8.62 21.31
C ARG R 109 51.19 9.06 21.70
N TYR R 110 50.29 8.10 21.80
CA TYR R 110 48.98 8.43 22.27
C TYR R 110 49.05 9.05 23.66
N VAL R 111 49.84 8.46 24.56
CA VAL R 111 49.91 8.88 25.93
C VAL R 111 50.55 10.25 26.03
N ALA R 112 51.68 10.40 25.38
CA ALA R 112 52.33 11.69 25.28
C ALA R 112 51.43 12.73 24.66
N GLY R 113 50.56 12.37 23.79
CA GLY R 113 49.66 13.37 23.24
C GLY R 113 48.62 13.78 24.27
N VAL R 114 48.13 12.86 25.06
CA VAL R 114 47.26 13.18 26.16
C VAL R 114 47.98 14.06 27.14
N GLN R 115 49.28 13.84 27.36
CA GLN R 115 49.98 14.70 28.27
C GLN R 115 50.10 16.11 27.72
N GLN R 116 50.40 16.21 26.44
CA GLN R 116 50.63 17.47 25.80
C GLN R 116 49.29 18.19 25.77
N LYS R 117 48.24 17.42 25.62
CA LYS R 117 46.95 18.03 25.36
C LYS R 117 46.52 18.75 26.60
N SER R 118 47.05 18.32 27.71
CA SER R 118 46.65 18.78 29.01
C SER R 118 47.54 19.92 29.45
N THR R 119 48.53 20.26 28.65
CA THR R 119 49.27 21.50 28.87
C THR R 119 48.70 22.62 28.03
N GLN R 120 47.63 22.35 27.31
CA GLN R 120 47.09 23.32 26.38
C GLN R 120 45.59 23.39 26.46
N SER R 121 44.96 22.67 27.38
CA SER R 121 43.53 22.67 27.48
C SER R 121 43.16 23.62 28.59
N GLY R 122 42.26 24.52 28.27
CA GLY R 122 41.78 25.43 29.28
C GLY R 122 40.90 24.63 30.23
N GLY R 123 41.15 24.87 31.52
CA GLY R 123 40.32 24.33 32.56
C GLY R 123 41.08 23.29 33.36
N SER R 124 42.19 22.81 32.77
CA SER R 124 42.84 21.64 33.31
C SER R 124 44.28 21.96 33.64
N ARG R 125 44.83 21.37 34.71
CA ARG R 125 46.27 21.45 34.85
C ARG R 125 46.86 20.26 34.13
N PRO R 126 48.19 20.26 33.87
CA PRO R 126 48.88 19.11 33.33
C PRO R 126 48.82 17.92 34.26
N PHE R 127 48.85 16.72 33.71
CA PHE R 127 49.22 15.55 34.48
C PHE R 127 50.63 15.71 35.02
N GLY R 128 50.82 15.38 36.28
CA GLY R 128 52.13 15.52 36.89
C GLY R 128 52.71 14.13 36.97
N VAL R 129 53.08 13.65 35.80
CA VAL R 129 53.40 12.23 35.65
C VAL R 129 54.45 12.07 34.59
N ALA R 130 55.52 11.42 34.89
CA ALA R 130 56.31 10.86 33.82
C ALA R 130 56.07 9.37 33.76
N THR R 131 56.34 8.78 32.62
CA THR R 131 56.07 7.38 32.46
C THR R 131 57.30 6.76 31.86
N VAL R 132 57.52 5.52 32.21
CA VAL R 132 58.38 4.69 31.41
C VAL R 132 57.54 3.60 30.82
N ILE R 133 57.70 3.31 29.58
CA ILE R 133 56.83 2.34 28.95
C ILE R 133 57.70 1.41 28.15
N GLY R 134 57.37 0.15 28.22
CA GLY R 134 58.25 -0.86 27.74
C GLY R 134 57.44 -1.98 27.22
N GLY R 135 57.96 -2.68 26.24
CA GLY R 135 57.21 -3.74 25.64
C GLY R 135 57.84 -4.20 24.35
N PHE R 136 57.13 -5.09 23.68
CA PHE R 136 57.60 -5.64 22.44
C PHE R 136 56.51 -5.44 21.43
N ASN R 137 56.87 -5.12 20.19
CA ASN R 137 55.90 -5.14 19.13
C ASN R 137 55.64 -6.60 18.81
N GLU R 138 54.71 -6.85 17.87
CA GLU R 138 54.35 -8.20 17.43
C GLU R 138 55.37 -8.64 16.37
N ASP R 139 56.63 -8.28 16.60
CA ASP R 139 57.71 -8.62 15.69
C ASP R 139 59.00 -8.83 16.48
N GLY R 140 58.85 -9.03 17.80
CA GLY R 140 59.96 -9.44 18.64
C GLY R 140 60.94 -8.32 18.96
N LYS R 141 60.75 -7.13 18.38
CA LYS R 141 61.60 -6.00 18.70
C LYS R 141 61.17 -5.35 20.01
N PRO R 142 62.05 -5.21 21.01
CA PRO R 142 61.71 -4.55 22.27
C PRO R 142 61.89 -3.03 22.30
N HIS R 143 61.06 -2.33 23.05
CA HIS R 143 61.14 -0.88 23.09
C HIS R 143 61.05 -0.37 24.50
N LEU R 144 61.59 0.80 24.70
CA LEU R 144 61.48 1.45 25.97
C LEU R 144 61.37 2.94 25.79
N TRP R 145 60.33 3.51 26.36
CA TRP R 145 60.08 4.91 26.13
C TRP R 145 59.94 5.68 27.41
N LYS R 146 59.94 6.97 27.31
CA LYS R 146 59.66 7.80 28.43
C LYS R 146 58.73 8.91 27.99
N THR R 147 57.80 9.29 28.82
CA THR R 147 57.07 10.52 28.57
C THR R 147 57.32 11.43 29.73
N ASP R 148 57.35 12.71 29.48
CA ASP R 148 57.38 13.64 30.59
C ASP R 148 56.08 14.43 30.48
N PRO R 149 55.80 15.28 31.48
CA PRO R 149 54.55 16.02 31.53
C PRO R 149 54.33 17.07 30.44
N SER R 150 55.38 17.48 29.75
CA SER R 150 55.22 18.36 28.61
C SER R 150 54.57 17.62 27.47
N GLY R 151 54.56 16.29 27.54
CA GLY R 151 54.03 15.47 26.45
C GLY R 151 55.12 14.99 25.50
N MET R 152 56.37 15.23 25.85
CA MET R 152 57.49 14.80 25.06
C MET R 152 57.84 13.35 25.36
N CYS R 153 57.85 12.50 24.35
CA CYS R 153 58.37 11.17 24.51
C CYS R 153 59.65 10.96 23.72
N SER R 154 60.32 9.85 23.98
CA SER R 154 61.65 9.61 23.50
C SER R 154 61.98 8.17 23.81
N ALA R 155 62.69 7.51 22.90
CA ALA R 155 63.00 6.12 23.14
C ALA R 155 64.35 6.09 23.79
N TRP R 156 64.58 5.15 24.69
CA TRP R 156 65.86 5.05 25.35
C TRP R 156 66.30 3.62 25.39
N ARG R 157 67.63 3.47 25.56
CA ARG R 157 68.30 2.20 25.77
C ARG R 157 68.23 1.86 27.26
N ALA R 158 68.27 2.89 28.08
CA ALA R 158 67.87 2.76 29.46
C ALA R 158 67.45 4.12 29.98
N VAL R 159 66.64 4.12 31.04
CA VAL R 159 66.17 5.41 31.47
C VAL R 159 65.74 5.34 32.91
N ALA R 160 65.66 6.53 33.52
CA ALA R 160 65.18 6.68 34.88
C ALA R 160 64.22 7.85 34.95
N ILE R 161 63.29 7.76 35.89
CA ILE R 161 62.37 8.84 36.14
C ILE R 161 62.12 8.87 37.63
N GLY R 162 61.71 10.06 38.08
CA GLY R 162 61.42 10.28 39.47
C GLY R 162 62.62 10.93 40.13
N ARG R 163 62.77 10.67 41.44
CA ARG R 163 63.77 11.35 42.25
C ARG R 163 65.13 10.87 41.78
N HIS R 164 65.99 11.89 41.57
CA HIS R 164 67.38 11.72 41.24
C HIS R 164 67.51 11.05 39.89
N ASP R 165 66.49 11.26 39.05
CA ASP R 165 66.49 10.70 37.71
C ASP R 165 67.86 10.95 37.14
N GLN R 166 68.39 12.16 37.28
CA GLN R 166 69.54 12.49 36.45
C GLN R 166 70.83 11.95 37.05
N THR R 167 70.89 11.80 38.38
CA THR R 167 71.94 11.01 39.00
C THR R 167 71.98 9.60 38.41
N VAL R 168 70.81 8.91 38.38
CA VAL R 168 70.68 7.56 37.85
C VAL R 168 71.03 7.51 36.37
N ILE R 169 70.62 8.50 35.59
CA ILE R 169 70.85 8.46 34.15
C ILE R 169 72.33 8.68 33.88
N GLU R 170 72.99 9.61 34.59
CA GLU R 170 74.44 9.80 34.52
C GLU R 170 75.16 8.48 34.85
N TYR R 171 74.73 7.77 35.90
CA TYR R 171 75.29 6.47 36.20
C TYR R 171 75.18 5.53 35.01
N MET R 172 73.98 5.40 34.49
CA MET R 172 73.68 4.41 33.48
C MET R 172 74.44 4.75 32.19
N GLU R 173 74.74 6.04 31.94
CA GLU R 173 75.42 6.37 30.70
C GLU R 173 76.78 5.69 30.72
N LYS R 174 77.46 5.84 31.86
CA LYS R 174 78.78 5.27 32.08
C LYS R 174 78.79 3.76 31.81
N SER R 175 78.08 2.98 32.62
CA SER R 175 78.10 1.52 32.53
C SER R 175 77.52 0.97 31.22
N TYR R 176 76.26 1.31 30.93
CA TYR R 176 75.35 0.52 30.10
C TYR R 176 75.97 0.08 28.78
N LYS R 177 75.88 -1.24 28.48
CA LYS R 177 76.30 -1.75 27.18
C LYS R 177 75.09 -2.26 26.44
N ASP R 178 75.17 -2.25 25.10
CA ASP R 178 74.16 -2.89 24.26
C ASP R 178 74.20 -4.39 24.48
N GLY R 179 73.14 -5.06 23.96
CA GLY R 179 73.02 -6.51 23.90
C GLY R 179 73.35 -7.19 25.23
N MET R 180 72.71 -6.73 26.32
CA MET R 180 72.79 -7.43 27.58
C MET R 180 71.88 -8.64 27.50
N SER R 181 72.07 -9.59 28.44
CA SER R 181 71.19 -10.73 28.59
C SER R 181 70.05 -10.35 29.52
N ARG R 182 68.98 -11.14 29.55
CA ARG R 182 67.98 -11.02 30.59
C ARG R 182 68.66 -10.77 31.93
N ASP R 183 69.56 -11.66 32.36
CA ASP R 183 70.07 -11.60 33.73
C ASP R 183 70.97 -10.39 33.92
N GLU R 184 71.67 -9.94 32.86
CA GLU R 184 72.53 -8.76 32.98
C GLU R 184 71.70 -7.48 33.06
N CYS R 185 70.56 -7.46 32.35
CA CYS R 185 69.54 -6.40 32.43
C CYS R 185 69.01 -6.26 33.86
N VAL R 186 68.44 -7.33 34.39
CA VAL R 186 67.96 -7.26 35.73
C VAL R 186 69.06 -6.78 36.67
N HIS R 187 70.29 -7.20 36.41
CA HIS R 187 71.35 -6.84 37.32
C HIS R 187 71.49 -5.33 37.20
N PHE R 188 71.58 -4.88 35.96
CA PHE R 188 71.96 -3.51 35.65
C PHE R 188 70.94 -2.53 36.21
N ALA R 189 69.67 -2.93 36.11
CA ALA R 189 68.55 -2.16 36.62
C ALA R 189 68.58 -2.06 38.14
N ILE R 190 68.76 -3.20 38.81
CA ILE R 190 68.87 -3.24 40.26
C ILE R 190 70.02 -2.35 40.70
N LYS R 191 71.18 -2.50 40.04
CA LYS R 191 72.37 -1.72 40.33
C LYS R 191 72.03 -0.23 40.24
N SER R 192 71.37 0.14 39.15
CA SER R 192 71.07 1.53 38.84
C SER R 192 70.11 2.16 39.85
N LEU R 193 69.08 1.41 40.24
CA LEU R 193 68.13 1.85 41.22
C LEU R 193 68.82 2.07 42.56
N LEU R 194 69.76 1.19 42.93
CA LEU R 194 70.35 1.28 44.25
C LEU R 194 71.26 2.49 44.40
N GLU R 195 71.42 3.25 43.31
CA GLU R 195 72.12 4.51 43.33
C GLU R 195 71.33 5.54 44.14
N VAL R 196 70.02 5.32 44.33
CA VAL R 196 69.18 6.32 44.97
C VAL R 196 68.25 5.70 46.02
N VAL R 197 67.91 4.43 45.88
CA VAL R 197 67.06 3.75 46.86
C VAL R 197 67.98 3.26 47.97
N GLU R 198 67.42 2.98 49.16
CA GLU R 198 68.26 2.76 50.33
C GLU R 198 68.69 1.29 50.42
N SER R 199 67.80 0.39 50.89
CA SER R 199 68.07 -1.04 50.80
C SER R 199 67.57 -1.53 49.44
N GLY R 200 67.76 -2.82 49.14
CA GLY R 200 67.15 -3.46 47.99
C GLY R 200 66.17 -4.53 48.46
N SER R 201 65.71 -4.36 49.69
CA SER R 201 64.99 -5.39 50.43
C SER R 201 63.56 -5.47 49.93
N ARG R 202 62.70 -4.59 50.46
CA ARG R 202 61.27 -4.62 50.18
C ARG R 202 60.87 -3.38 49.37
N ASN R 203 61.85 -2.61 48.90
CA ASN R 203 61.55 -1.37 48.21
C ASN R 203 62.12 -1.40 46.79
N ILE R 204 61.86 -2.49 46.06
CA ILE R 204 62.09 -2.55 44.62
C ILE R 204 61.18 -3.61 44.03
N GLU R 205 60.27 -3.20 43.17
CA GLU R 205 59.53 -4.13 42.35
C GLU R 205 60.25 -4.18 41.03
N LEU R 206 60.28 -5.34 40.40
CA LEU R 206 61.02 -5.40 39.16
C LEU R 206 60.34 -6.33 38.20
N LEU R 207 60.12 -5.89 36.97
CA LEU R 207 59.33 -6.59 35.98
C LEU R 207 60.21 -6.96 34.81
N VAL R 208 60.09 -8.18 34.28
CA VAL R 208 60.94 -8.53 33.16
C VAL R 208 60.09 -8.90 31.95
N LEU R 209 60.32 -8.19 30.86
CA LEU R 209 59.50 -8.34 29.69
C LEU R 209 60.34 -9.01 28.63
N GLN R 210 59.86 -10.16 28.14
CA GLN R 210 60.44 -10.78 26.98
C GLN R 210 59.31 -10.97 26.01
N TYR R 211 59.65 -11.20 24.73
CA TYR R 211 58.64 -11.36 23.71
C TYR R 211 57.59 -12.34 24.22
N LYS R 212 56.42 -11.80 24.54
CA LYS R 212 55.21 -12.56 24.80
C LYS R 212 55.16 -13.06 26.25
N GLU R 213 56.12 -12.66 27.09
CA GLU R 213 56.17 -13.17 28.46
C GLU R 213 56.64 -12.09 29.43
N ALA R 214 55.76 -11.72 30.35
CA ALA R 214 55.99 -10.67 31.33
C ALA R 214 55.95 -11.28 32.72
N ARG R 215 56.99 -11.04 33.54
CA ARG R 215 57.15 -11.83 34.74
C ARG R 215 57.77 -10.99 35.84
N TYR R 216 57.07 -10.85 36.96
CA TYR R 216 57.67 -10.06 38.04
C TYR R 216 58.57 -10.96 38.85
N LEU R 217 59.71 -10.42 39.26
CA LEU R 217 60.52 -11.15 40.20
C LEU R 217 59.75 -11.39 41.50
N THR R 218 59.84 -12.64 41.98
CA THR R 218 59.38 -12.99 43.32
C THR R 218 60.37 -12.32 44.26
N GLU R 219 59.95 -12.03 45.50
CA GLU R 219 60.81 -11.28 46.41
C GLU R 219 62.10 -12.08 46.71
N GLU R 220 62.07 -13.40 46.45
CA GLU R 220 63.21 -14.28 46.68
C GLU R 220 64.24 -14.16 45.55
N GLU R 221 63.80 -14.28 44.29
CA GLU R 221 64.66 -14.19 43.11
C GLU R 221 65.37 -12.84 43.04
N LEU R 222 64.70 -11.81 43.56
CA LEU R 222 65.19 -10.45 43.58
C LEU R 222 66.36 -10.31 44.55
N GLN R 223 66.34 -11.06 45.65
CA GLN R 223 67.27 -10.84 46.74
C GLN R 223 68.62 -11.49 46.44
N LYS R 224 68.62 -12.54 45.60
CA LYS R 224 69.85 -13.12 45.08
C LYS R 224 70.58 -12.09 44.22
N PHE R 225 69.82 -11.23 43.56
CA PHE R 225 70.32 -10.18 42.69
C PHE R 225 70.77 -8.96 43.49
N VAL R 226 70.17 -8.71 44.66
CA VAL R 226 70.51 -7.53 45.47
C VAL R 226 71.82 -7.77 46.23
N VAL R 227 72.04 -9.03 46.62
CA VAL R 227 73.28 -9.43 47.27
C VAL R 227 74.38 -9.46 46.21
N GLU R 228 74.09 -10.09 45.06
CA GLU R 228 75.02 -10.18 43.94
C GLU R 228 75.46 -8.76 43.48
N VAL R 229 74.69 -7.72 43.85
CA VAL R 229 74.89 -6.36 43.35
C VAL R 229 75.47 -5.48 44.46
N GLU R 230 74.88 -5.51 45.66
CA GLU R 230 75.35 -4.75 46.81
C GLU R 230 76.77 -5.18 47.19
N LYS R 231 77.12 -6.45 46.84
CA LYS R 231 78.46 -6.99 47.02
C LYS R 231 79.41 -6.47 45.94
N GLU R 232 78.86 -5.96 44.83
CA GLU R 232 79.65 -5.41 43.73
C GLU R 232 79.77 -3.88 43.85
N ARG R 233 79.09 -3.28 44.83
CA ARG R 233 79.08 -1.83 45.05
C ARG R 233 80.16 -1.41 46.05
N GLU R 234 80.74 -2.37 46.75
CA GLU R 234 81.83 -2.14 47.69
C GLU R 234 83.10 -1.76 46.91
N GLU R 235 83.13 -2.15 45.62
CA GLU R 235 84.32 -2.13 44.79
C GLU R 235 84.18 -1.05 43.70
N GLU S 107 51.37 36.05 37.24
CA GLU S 107 51.46 35.60 35.81
C GLU S 107 50.07 35.35 35.22
N TYR S 108 49.02 35.30 36.06
CA TYR S 108 47.63 35.28 35.64
C TYR S 108 47.03 36.69 35.80
N ASP S 109 47.91 37.67 36.05
CA ASP S 109 47.52 39.06 36.25
C ASP S 109 46.88 39.55 34.93
N ARG S 110 47.62 39.35 33.83
CA ARG S 110 47.17 39.64 32.48
C ARG S 110 46.64 38.37 31.83
N GLY S 111 45.35 38.38 31.47
CA GLY S 111 44.76 37.39 30.57
C GLY S 111 45.58 37.24 29.28
N VAL S 112 45.23 36.23 28.48
CA VAL S 112 46.13 35.69 27.48
C VAL S 112 45.95 36.34 26.10
N ASN S 113 44.85 37.08 26.00
CA ASN S 113 44.46 37.80 24.81
C ASN S 113 44.82 39.27 24.97
N THR S 114 45.79 39.58 25.78
CA THR S 114 46.00 40.95 26.15
C THR S 114 47.10 41.55 25.29
N PHE S 115 46.91 42.80 24.87
CA PHE S 115 48.00 43.50 24.22
C PHE S 115 48.84 44.22 25.23
N SER S 116 50.15 44.26 24.93
CA SER S 116 51.10 45.14 25.57
C SER S 116 50.91 46.55 25.05
N PRO S 117 51.46 47.55 25.74
CA PRO S 117 51.49 48.92 25.22
C PRO S 117 52.23 49.17 23.90
N GLU S 118 52.95 48.17 23.40
CA GLU S 118 53.66 48.32 22.13
C GLU S 118 52.90 47.58 21.04
N GLY S 119 51.76 47.02 21.37
CA GLY S 119 50.92 46.42 20.35
C GLY S 119 51.28 44.98 20.06
N ARG S 120 51.86 44.31 21.04
CA ARG S 120 52.16 42.91 20.91
C ARG S 120 51.32 42.18 21.92
N ILE S 121 50.83 41.03 21.53
CA ILE S 121 50.16 40.14 22.43
C ILE S 121 51.23 39.47 23.27
N PHE S 122 51.08 39.52 24.59
CA PHE S 122 52.08 39.02 25.52
C PHE S 122 52.31 37.52 25.40
N GLN S 123 51.29 36.71 25.37
CA GLN S 123 51.57 35.31 25.29
C GLN S 123 52.29 35.00 23.98
N ILE S 124 52.07 35.76 22.90
CA ILE S 124 52.80 35.47 21.69
C ILE S 124 54.27 35.82 21.91
N GLU S 125 54.57 36.93 22.56
CA GLU S 125 55.96 37.32 22.67
C GLU S 125 56.72 36.35 23.54
N TYR S 126 56.02 35.82 24.53
CA TYR S 126 56.57 34.80 25.40
C TYR S 126 56.68 33.50 24.62
N ALA S 127 55.66 33.06 23.94
CA ALA S 127 55.88 31.85 23.14
C ALA S 127 57.12 31.98 22.26
N VAL S 128 57.41 33.16 21.74
CA VAL S 128 58.58 33.36 20.90
C VAL S 128 59.83 33.21 21.72
N GLU S 129 59.79 33.58 22.98
CA GLU S 129 60.97 33.54 23.82
C GLU S 129 61.34 32.10 24.06
N ALA S 130 60.35 31.23 24.02
CA ALA S 130 60.53 29.82 24.24
C ALA S 130 61.16 29.16 23.03
N ILE S 131 61.07 29.82 21.89
CA ILE S 131 61.63 29.25 20.69
C ILE S 131 63.11 29.56 20.59
N LYS S 132 63.61 30.47 21.43
CA LYS S 132 65.01 30.79 21.51
C LYS S 132 65.72 29.90 22.51
N LEU S 133 64.95 29.06 23.21
CA LEU S 133 65.54 28.11 24.13
C LEU S 133 65.70 26.78 23.40
N GLY S 134 65.01 26.67 22.27
CA GLY S 134 65.00 25.44 21.50
C GLY S 134 66.34 25.22 20.82
N SER S 135 66.53 23.95 20.40
CA SER S 135 67.60 23.52 19.53
C SER S 135 67.46 24.22 18.19
N THR S 136 68.60 24.57 17.59
CA THR S 136 68.66 25.23 16.30
C THR S 136 68.24 24.32 15.16
N SER S 137 67.41 24.88 14.29
CA SER S 137 67.00 24.19 13.10
C SER S 137 67.24 25.16 11.96
N LEU S 138 67.42 24.65 10.74
CA LEU S 138 67.58 25.63 9.69
C LEU S 138 67.20 25.09 8.33
N GLY S 139 67.03 26.02 7.42
CA GLY S 139 66.44 25.69 6.14
C GLY S 139 67.08 26.53 5.04
N ILE S 140 67.35 25.90 3.91
CA ILE S 140 68.03 26.56 2.81
C ILE S 140 67.38 26.17 1.49
N ARG S 141 66.81 27.17 0.83
CA ARG S 141 66.23 27.01 -0.49
C ARG S 141 67.39 27.05 -1.47
N THR S 142 67.36 26.10 -2.39
CA THR S 142 68.25 26.09 -3.53
C THR S 142 67.38 25.78 -4.74
N PRO S 143 67.84 26.00 -5.98
CA PRO S 143 67.04 25.61 -7.13
C PRO S 143 67.07 24.10 -7.33
N GLU S 144 68.06 23.41 -6.77
CA GLU S 144 68.10 21.95 -6.91
C GLU S 144 67.19 21.29 -5.87
N GLY S 145 66.89 21.99 -4.77
CA GLY S 145 66.03 21.47 -3.71
C GLY S 145 66.10 22.33 -2.44
N VAL S 146 65.44 21.88 -1.37
CA VAL S 146 65.53 22.54 -0.07
C VAL S 146 66.28 21.61 0.86
N VAL S 147 66.91 22.20 1.86
CA VAL S 147 67.59 21.45 2.88
C VAL S 147 67.08 21.90 4.24
N LEU S 148 66.79 20.94 5.10
CA LEU S 148 66.52 21.21 6.50
C LEU S 148 67.56 20.54 7.33
N ALA S 149 67.99 21.21 8.39
CA ALA S 149 68.90 20.56 9.30
C ALA S 149 68.61 20.99 10.73
N ALA S 150 68.75 20.03 11.63
CA ALA S 150 68.44 20.31 13.01
C ALA S 150 69.50 19.73 13.92
N GLU S 151 69.93 20.52 14.88
CA GLU S 151 70.57 20.01 16.08
C GLU S 151 69.56 19.09 16.77
N LYS S 152 69.90 17.83 17.01
CA LYS S 152 69.05 16.95 17.81
C LYS S 152 69.02 17.36 19.28
N ARG S 153 70.14 17.81 19.85
CA ARG S 153 70.26 18.16 21.26
C ARG S 153 69.67 17.09 22.17
N VAL S 154 70.24 15.88 22.14
CA VAL S 154 69.76 14.81 23.00
C VAL S 154 70.26 15.04 24.43
N PRO S 155 69.45 14.65 25.46
CA PRO S 155 69.85 14.79 26.87
C PRO S 155 70.69 13.65 27.43
N SER S 156 70.98 12.64 26.59
CA SER S 156 71.77 11.52 27.04
C SER S 156 72.19 10.67 25.86
N THR S 157 73.33 10.01 26.02
CA THR S 157 73.77 8.97 25.11
C THR S 157 72.82 7.79 25.10
N LEU S 158 72.07 7.60 26.19
CA LEU S 158 71.13 6.50 26.30
C LEU S 158 69.89 6.71 25.47
N VAL S 159 69.72 7.91 24.91
CA VAL S 159 68.56 8.13 24.07
C VAL S 159 68.81 7.48 22.73
N VAL S 160 67.73 6.92 22.19
CA VAL S 160 67.76 6.41 20.84
C VAL S 160 67.52 7.58 19.90
N PRO S 161 68.49 8.03 19.10
CA PRO S 161 68.36 9.35 18.51
C PRO S 161 67.24 9.44 17.43
N SER S 162 66.92 8.35 16.73
CA SER S 162 65.81 8.40 15.78
C SER S 162 64.50 8.89 16.43
N SER S 163 64.36 8.70 17.73
CA SER S 163 63.12 8.95 18.45
C SER S 163 62.91 10.42 18.75
N MET S 164 63.97 11.22 18.65
CA MET S 164 63.95 12.64 18.95
C MET S 164 64.04 13.38 17.63
N SER S 165 63.07 13.07 16.78
CA SER S 165 63.10 13.41 15.36
C SER S 165 62.62 14.85 15.22
N LYS S 166 63.56 15.76 14.99
CA LYS S 166 63.22 17.13 14.75
C LYS S 166 62.86 17.39 13.28
N ILE S 167 62.84 16.37 12.42
CA ILE S 167 62.38 16.58 11.06
C ILE S 167 61.31 15.57 10.70
N MET S 168 60.24 16.04 10.09
CA MET S 168 59.09 15.20 9.99
C MET S 168 58.54 15.28 8.58
N GLU S 169 58.26 14.11 8.01
CA GLU S 169 57.59 14.06 6.75
C GLU S 169 56.20 14.57 7.06
N VAL S 170 55.85 15.64 6.38
CA VAL S 170 54.47 15.98 6.23
C VAL S 170 53.82 15.24 5.09
N ASP S 171 54.46 15.24 3.94
CA ASP S 171 54.02 14.42 2.83
C ASP S 171 55.25 14.09 2.01
N SER S 172 55.07 13.23 1.03
CA SER S 172 56.16 12.80 0.17
C SER S 172 57.06 13.96 -0.24
N HIS S 173 56.45 15.13 -0.43
CA HIS S 173 57.17 16.31 -0.86
C HIS S 173 57.29 17.40 0.15
N ILE S 174 56.88 17.20 1.40
CA ILE S 174 57.04 18.29 2.36
C ILE S 174 57.64 17.80 3.66
N ALA S 175 58.57 18.56 4.15
CA ALA S 175 59.14 18.24 5.43
C ALA S 175 59.00 19.44 6.34
N ALA S 176 59.03 19.20 7.63
CA ALA S 176 59.00 20.27 8.58
C ALA S 176 60.05 19.99 9.59
N VAL S 177 60.56 21.03 10.21
CA VAL S 177 61.49 20.88 11.28
C VAL S 177 61.12 21.95 12.30
N MET S 178 61.01 21.52 13.55
CA MET S 178 60.53 22.36 14.60
C MET S 178 61.70 22.96 15.35
N SER S 179 61.44 24.07 16.04
CA SER S 179 62.19 24.39 17.24
C SER S 179 61.26 24.95 18.30
N GLY S 180 61.49 24.47 19.50
CA GLY S 180 60.83 24.90 20.70
C GLY S 180 60.30 23.66 21.40
N MET S 181 59.03 23.71 21.71
CA MET S 181 58.42 22.66 22.46
C MET S 181 58.02 21.55 21.52
N VAL S 182 58.75 20.49 21.61
CA VAL S 182 58.59 19.45 20.63
C VAL S 182 57.19 18.91 20.63
N ALA S 183 56.60 18.69 21.80
CA ALA S 183 55.28 18.06 21.84
C ALA S 183 54.25 18.94 21.15
N ASP S 184 54.44 20.26 21.24
CA ASP S 184 53.58 21.20 20.57
C ASP S 184 53.77 21.03 19.07
N ALA S 185 54.97 20.77 18.65
CA ALA S 185 55.21 20.60 17.24
C ALA S 185 54.59 19.35 16.67
N ARG S 186 54.50 18.31 17.47
CA ARG S 186 53.86 17.10 17.02
C ARG S 186 52.42 17.40 16.67
N ILE S 187 51.82 18.37 17.36
CA ILE S 187 50.42 18.64 17.13
C ILE S 187 50.25 19.31 15.77
N LEU S 188 51.08 20.32 15.53
CA LEU S 188 51.01 21.04 14.28
C LEU S 188 51.28 20.12 13.12
N VAL S 189 52.37 19.40 13.20
CA VAL S 189 52.64 18.47 12.14
C VAL S 189 51.53 17.45 11.99
N GLU S 190 50.91 16.96 13.03
CA GLU S 190 49.77 16.12 12.75
C GLU S 190 48.72 16.87 11.94
N HIS S 191 48.48 18.13 12.24
CA HIS S 191 47.45 18.80 11.48
C HIS S 191 47.90 18.99 10.04
N ALA S 192 49.17 19.37 9.84
CA ALA S 192 49.65 19.51 8.48
C ALA S 192 49.46 18.23 7.70
N ARG S 193 49.75 17.09 8.34
CA ARG S 193 49.65 15.83 7.67
C ARG S 193 48.22 15.61 7.30
N VAL S 194 47.35 15.87 8.24
CA VAL S 194 45.97 15.64 7.90
C VAL S 194 45.55 16.57 6.78
N GLU S 195 45.94 17.83 6.84
CA GLU S 195 45.54 18.75 5.82
C GLU S 195 46.18 18.40 4.50
N SER S 196 47.42 17.97 4.52
CA SER S 196 48.00 17.73 3.24
C SER S 196 47.29 16.59 2.62
N GLN S 197 46.86 15.62 3.41
CA GLN S 197 46.23 14.45 2.87
C GLN S 197 44.80 14.71 2.46
N ASN S 198 44.10 15.58 3.18
CA ASN S 198 42.77 15.98 2.77
C ASN S 198 42.88 16.66 1.41
N HIS S 199 43.87 17.51 1.23
CA HIS S 199 44.07 18.05 -0.08
C HIS S 199 44.26 16.99 -1.13
N ARG S 200 45.10 15.99 -0.95
CA ARG S 200 45.18 14.99 -2.00
C ARG S 200 43.84 14.35 -2.23
N PHE S 201 43.12 14.16 -1.13
CA PHE S 201 41.93 13.38 -1.24
C PHE S 201 40.96 14.07 -2.16
N THR S 202 40.83 15.37 -1.88
CA THR S 202 39.84 16.25 -2.43
C THR S 202 40.30 16.68 -3.79
N TYR S 203 41.54 17.07 -3.99
CA TYR S 203 41.91 17.52 -5.30
C TYR S 203 42.85 16.59 -6.05
N ASN S 204 43.12 15.43 -5.55
CA ASN S 204 43.95 14.46 -6.25
C ASN S 204 45.26 15.03 -6.70
N GLU S 205 45.84 15.91 -5.90
CA GLU S 205 47.15 16.36 -6.24
C GLU S 205 47.82 16.78 -4.97
N PRO S 206 49.17 16.86 -4.95
CA PRO S 206 49.90 17.26 -3.79
C PRO S 206 49.64 18.72 -3.44
N MET S 207 49.51 18.95 -2.15
CA MET S 207 49.27 20.26 -1.62
C MET S 207 50.48 21.13 -1.85
N SER S 208 50.26 22.40 -2.16
CA SER S 208 51.38 23.31 -2.27
C SER S 208 52.00 23.51 -0.90
N VAL S 209 53.20 23.98 -0.87
CA VAL S 209 53.85 24.08 0.41
C VAL S 209 53.28 25.23 1.22
N GLU S 210 52.74 26.21 0.53
CA GLU S 210 52.32 27.44 1.16
C GLU S 210 50.98 27.12 1.79
N SER S 211 50.07 26.63 0.94
CA SER S 211 48.79 26.10 1.39
C SER S 211 48.88 25.22 2.63
N CYS S 212 50.03 24.60 2.84
CA CYS S 212 50.21 23.67 3.92
C CYS S 212 50.59 24.44 5.17
N THR S 213 51.58 25.29 5.01
CA THR S 213 51.99 26.24 6.02
C THR S 213 50.82 27.10 6.48
N LEU S 214 49.98 27.56 5.56
CA LEU S 214 48.78 28.28 5.94
C LEU S 214 48.00 27.45 6.92
N ALA S 215 47.68 26.22 6.52
CA ALA S 215 46.77 25.36 7.26
C ALA S 215 47.37 24.92 8.59
N THR S 216 48.64 25.19 8.78
CA THR S 216 49.30 24.90 10.02
C THR S 216 49.26 26.12 10.92
N CYS S 217 49.40 27.29 10.33
CA CYS S 217 49.08 28.53 11.02
C CYS S 217 47.59 28.68 11.37
N ASP S 218 46.69 28.02 10.64
CA ASP S 218 45.27 28.13 10.88
C ASP S 218 44.89 27.52 12.23
N LEU S 219 45.83 26.79 12.82
CA LEU S 219 45.59 26.04 14.04
C LEU S 219 46.20 26.82 15.18
N SER S 220 47.10 27.77 14.84
CA SER S 220 47.88 28.55 15.79
C SER S 220 47.18 29.85 16.13
N ILE S 221 46.18 30.23 15.33
CA ILE S 221 45.42 31.43 15.62
C ILE S 221 44.61 31.10 16.89
N GLN S 222 44.20 29.83 17.01
CA GLN S 222 43.17 29.36 17.95
C GLN S 222 43.71 29.32 19.38
N PHE S 223 43.48 30.40 20.16
CA PHE S 223 43.83 30.41 21.58
C PHE S 223 43.08 31.53 22.33
N GLY S 224 42.59 31.20 23.54
CA GLY S 224 41.77 32.06 24.39
C GLY S 224 41.50 31.41 25.75
N LEU S 232 38.73 26.42 23.36
CA LEU S 232 39.88 26.39 22.41
C LEU S 232 41.19 26.29 23.20
N MET S 233 42.35 26.45 22.52
CA MET S 233 43.65 26.19 23.12
C MET S 233 43.96 27.26 24.18
N SER S 234 44.30 26.80 25.38
CA SER S 234 44.64 27.70 26.45
C SER S 234 45.65 28.75 25.98
N ARG S 235 46.71 28.35 25.28
CA ARG S 235 47.88 29.19 25.03
C ARG S 235 48.37 28.95 23.61
N PRO S 236 49.27 29.75 23.06
CA PRO S 236 49.87 29.44 21.80
C PRO S 236 50.84 28.26 21.86
N PHE S 237 51.07 27.67 20.70
CA PHE S 237 52.13 26.70 20.56
C PHE S 237 53.47 27.36 20.71
N GLY S 238 54.36 26.77 21.49
CA GLY S 238 55.65 27.39 21.63
C GLY S 238 56.61 26.85 20.59
N VAL S 239 56.25 27.00 19.33
CA VAL S 239 56.93 26.24 18.30
C VAL S 239 57.05 27.10 17.09
N SER S 240 58.21 27.08 16.47
CA SER S 240 58.33 27.60 15.13
C SER S 240 58.63 26.44 14.22
N LEU S 241 57.93 26.33 13.09
CA LEU S 241 58.34 25.36 12.09
C LEU S 241 59.09 26.03 10.93
N LEU S 242 59.87 25.22 10.25
CA LEU S 242 60.23 25.48 8.89
C LEU S 242 59.68 24.34 8.06
N ILE S 243 59.11 24.75 6.95
CA ILE S 243 58.41 23.79 6.15
C ILE S 243 58.96 23.89 4.75
N ALA S 244 59.77 22.94 4.39
CA ALA S 244 60.36 22.90 3.09
C ALA S 244 59.54 22.01 2.22
N GLY S 245 59.48 22.32 0.96
CA GLY S 245 58.78 21.39 0.08
C GLY S 245 59.06 21.73 -1.37
N VAL S 246 58.53 20.88 -2.22
CA VAL S 246 58.61 21.16 -3.63
C VAL S 246 57.25 20.90 -4.23
N ASP S 247 56.76 21.90 -4.94
CA ASP S 247 55.48 21.81 -5.65
C ASP S 247 55.70 22.33 -7.07
N GLU S 248 54.65 22.88 -7.68
CA GLU S 248 54.70 23.41 -9.04
C GLU S 248 55.62 24.63 -9.12
N LYS S 249 55.70 25.43 -8.06
CA LYS S 249 56.51 26.63 -8.09
C LYS S 249 57.93 26.32 -7.64
N GLY S 250 58.26 25.03 -7.58
CA GLY S 250 59.62 24.62 -7.25
C GLY S 250 59.89 24.68 -5.75
N PRO S 251 61.13 24.51 -5.32
CA PRO S 251 61.43 24.41 -3.90
C PRO S 251 61.10 25.67 -3.15
N GLN S 252 60.70 25.50 -1.90
CA GLN S 252 60.14 26.57 -1.11
C GLN S 252 60.46 26.32 0.33
N LEU S 253 60.65 27.38 1.06
CA LEU S 253 60.86 27.22 2.47
C LEU S 253 60.07 28.27 3.20
N TRP S 254 59.20 27.87 4.10
CA TRP S 254 58.44 28.80 4.91
C TRP S 254 58.73 28.56 6.36
N GLN S 255 58.33 29.54 7.15
CA GLN S 255 58.49 29.53 8.58
C GLN S 255 57.13 29.85 9.14
N THR S 256 56.60 29.04 10.05
CA THR S 256 55.53 29.47 10.91
C THR S 256 56.10 30.00 12.22
N ASP S 257 55.35 30.93 12.81
CA ASP S 257 55.56 31.46 14.14
C ASP S 257 54.35 31.17 15.01
N PRO S 258 54.41 31.44 16.33
CA PRO S 258 53.27 31.26 17.21
C PRO S 258 52.14 32.28 17.08
N SER S 259 52.51 33.46 16.53
CA SER S 259 51.60 34.47 15.98
C SER S 259 50.56 33.82 15.07
N GLY S 260 51.01 32.84 14.26
CA GLY S 260 50.26 32.26 13.14
C GLY S 260 50.66 32.87 11.79
N THR S 261 51.80 33.56 11.77
CA THR S 261 52.22 34.28 10.60
C THR S 261 53.28 33.48 9.86
N HIS S 262 52.89 32.95 8.71
CA HIS S 262 53.84 32.34 7.82
C HIS S 262 54.64 33.39 7.08
N THR S 263 55.78 32.97 6.59
CA THR S 263 56.69 33.83 5.92
C THR S 263 57.60 32.99 5.05
N ARG S 264 57.52 33.14 3.73
CA ARG S 264 58.43 32.44 2.84
C ARG S 264 59.79 33.07 3.04
N TYR S 265 60.82 32.22 3.02
CA TYR S 265 62.21 32.58 3.20
C TYR S 265 63.03 31.82 2.15
N ASP S 266 64.30 32.20 2.02
CA ASP S 266 65.27 31.54 1.16
C ASP S 266 66.27 30.76 2.02
N ALA S 267 66.51 31.28 3.21
CA ALA S 267 67.26 30.56 4.21
C ALA S 267 66.81 31.08 5.57
N GLN S 268 66.81 30.21 6.58
CA GLN S 268 66.31 30.67 7.87
C GLN S 268 66.87 29.82 8.99
N ALA S 269 66.95 30.41 10.17
CA ALA S 269 67.17 29.57 11.34
C ALA S 269 66.14 29.90 12.41
N ILE S 270 65.96 28.97 13.31
CA ILE S 270 65.08 29.15 14.43
C ILE S 270 65.81 28.45 15.56
N GLY S 271 65.63 28.88 16.80
CA GLY S 271 66.36 28.26 17.88
C GLY S 271 67.43 29.17 18.50
N GLY S 272 68.19 28.60 19.43
CA GLY S 272 69.25 29.34 20.10
C GLY S 272 70.29 29.86 19.09
N GLY S 273 70.54 29.02 18.09
CA GLY S 273 71.41 29.40 16.97
C GLY S 273 71.00 30.68 16.24
N ALA S 274 69.71 30.82 15.93
CA ALA S 274 69.17 31.71 14.91
C ALA S 274 69.95 33.01 14.68
N GLU S 275 70.49 33.65 15.72
CA GLU S 275 71.06 34.96 15.50
C GLU S 275 72.43 34.81 14.84
N ALA S 276 73.26 33.89 15.40
CA ALA S 276 74.54 33.50 14.85
C ALA S 276 74.41 32.88 13.46
N ALA S 277 73.29 32.22 13.20
CA ALA S 277 73.10 31.54 11.93
C ALA S 277 72.56 32.50 10.86
N GLN S 278 71.90 33.59 11.24
CA GLN S 278 71.48 34.62 10.30
C GLN S 278 72.66 35.54 9.96
N SER S 279 73.72 35.54 10.80
CA SER S 279 74.98 36.17 10.44
C SER S 279 75.56 35.47 9.21
N VAL S 280 75.60 34.14 9.30
CA VAL S 280 76.33 33.29 8.36
C VAL S 280 75.58 33.22 7.03
N PHE S 281 74.25 33.22 7.07
CA PHE S 281 73.49 33.20 5.83
C PHE S 281 73.72 34.48 5.03
N THR S 282 73.74 35.63 5.73
CA THR S 282 73.93 36.96 5.15
C THR S 282 75.22 37.01 4.35
N GLU S 283 76.24 36.25 4.80
CA GLU S 283 77.55 36.27 4.19
C GLU S 283 77.65 35.24 3.06
N ARG S 284 77.19 33.99 3.30
CA ARG S 284 77.53 32.84 2.45
C ARG S 284 76.37 32.32 1.60
N TYR S 285 75.17 32.85 1.76
CA TYR S 285 74.05 32.28 1.03
C TYR S 285 73.78 33.12 -0.20
N HIS S 286 73.83 32.48 -1.37
CA HIS S 286 73.40 33.13 -2.60
C HIS S 286 72.24 32.33 -3.17
N ARG S 287 71.39 33.01 -3.96
CA ARG S 287 70.14 32.44 -4.42
C ARG S 287 70.38 31.31 -5.42
N ASN S 288 71.63 30.90 -5.62
CA ASN S 288 71.93 30.11 -6.81
C ASN S 288 72.86 28.93 -6.50
N MET S 289 72.88 28.48 -5.24
CA MET S 289 73.80 27.42 -4.82
C MET S 289 73.27 26.05 -5.20
N THR S 290 74.17 25.08 -5.21
CA THR S 290 73.78 23.71 -5.51
C THR S 290 73.25 23.09 -4.23
N LEU S 291 72.64 21.92 -4.37
CA LEU S 291 72.09 21.21 -3.23
C LEU S 291 73.22 20.72 -2.32
N GLU S 292 74.43 20.57 -2.85
CA GLU S 292 75.53 20.06 -2.06
C GLU S 292 76.20 21.20 -1.30
N GLU S 293 76.21 22.40 -1.90
CA GLU S 293 76.78 23.57 -1.27
C GLU S 293 75.87 24.04 -0.14
N GLY S 294 74.58 23.69 -0.28
CA GLY S 294 73.54 23.96 0.70
C GLY S 294 73.65 23.03 1.89
N GLU S 295 73.58 21.71 1.66
CA GLU S 295 73.93 20.71 2.66
C GLU S 295 75.14 21.14 3.47
N THR S 296 76.09 21.77 2.79
CA THR S 296 77.39 22.01 3.39
C THR S 296 77.25 23.23 4.31
N LEU S 297 76.63 24.28 3.78
CA LEU S 297 76.41 25.48 4.54
C LEU S 297 75.52 25.17 5.75
N ALA S 298 74.51 24.31 5.56
CA ALA S 298 73.66 23.86 6.66
C ALA S 298 74.55 23.32 7.77
N VAL S 299 75.26 22.24 7.44
CA VAL S 299 76.02 21.53 8.44
C VAL S 299 77.11 22.42 9.02
N ASP S 300 77.65 23.35 8.22
CA ASP S 300 78.66 24.27 8.73
C ASP S 300 78.06 25.03 9.90
N ILE S 301 76.96 25.71 9.61
CA ILE S 301 76.26 26.53 10.59
C ILE S 301 76.00 25.76 11.89
N LEU S 302 75.50 24.53 11.79
CA LEU S 302 75.25 23.71 12.96
C LEU S 302 76.53 23.46 13.73
N LYS S 303 77.64 23.19 13.03
CA LYS S 303 78.92 22.95 13.70
C LYS S 303 79.27 24.13 14.60
N GLN S 304 79.04 25.33 14.07
CA GLN S 304 79.42 26.58 14.69
C GLN S 304 78.53 26.96 15.88
N VAL S 305 77.21 26.69 15.83
CA VAL S 305 76.29 27.17 16.85
C VAL S 305 75.93 26.11 17.88
N MET S 306 76.13 24.82 17.56
CA MET S 306 75.82 23.78 18.52
C MET S 306 76.67 23.92 19.78
N GLU S 307 76.09 23.46 20.90
CA GLU S 307 76.80 23.29 22.16
C GLU S 307 77.80 22.14 22.00
N ASP S 308 77.28 20.94 21.71
CA ASP S 308 78.07 19.72 21.58
C ASP S 308 78.96 19.77 20.33
N GLN S 309 79.83 18.76 20.21
CA GLN S 309 80.59 18.50 18.98
C GLN S 309 79.67 17.89 17.92
N LEU S 310 79.64 18.51 16.74
CA LEU S 310 78.82 18.01 15.65
C LEU S 310 79.32 16.63 15.20
N SER S 311 78.45 15.63 15.37
CA SER S 311 78.70 14.27 14.95
C SER S 311 77.52 13.82 14.09
N PRO S 312 77.61 12.70 13.35
CA PRO S 312 76.53 12.29 12.45
C PRO S 312 75.22 11.81 13.09
N GLU S 313 75.16 11.75 14.43
CA GLU S 313 73.95 11.33 15.14
C GLU S 313 73.32 12.52 15.88
N ASN S 314 74.17 13.49 16.23
CA ASN S 314 73.82 14.74 16.86
C ASN S 314 72.96 15.65 15.99
N ILE S 315 72.90 15.37 14.68
CA ILE S 315 72.11 16.21 13.79
C ILE S 315 71.25 15.37 12.87
N GLU S 316 70.37 16.09 12.21
CA GLU S 316 69.33 15.52 11.39
C GLU S 316 69.35 16.37 10.15
N VAL S 317 69.39 15.73 8.99
CA VAL S 317 69.40 16.52 7.77
C VAL S 317 68.47 15.87 6.80
N ALA S 318 67.73 16.69 6.07
CA ALA S 318 66.87 16.16 5.05
C ALA S 318 66.84 17.16 3.93
N VAL S 319 66.42 16.69 2.75
CA VAL S 319 66.32 17.56 1.60
C VAL S 319 65.09 17.16 0.83
N VAL S 320 64.47 18.15 0.23
CA VAL S 320 63.52 17.82 -0.78
C VAL S 320 64.13 18.30 -2.07
N ARG S 321 64.37 17.34 -2.96
CA ARG S 321 65.03 17.55 -4.22
C ARG S 321 64.02 18.08 -5.24
N ALA S 322 64.45 19.08 -6.03
CA ALA S 322 63.59 19.72 -7.02
C ALA S 322 63.23 18.76 -8.15
N ASP S 323 64.20 17.90 -8.52
CA ASP S 323 64.13 17.03 -9.67
C ASP S 323 63.03 15.97 -9.48
N ASP S 324 63.08 15.16 -8.40
CA ASP S 324 62.05 14.15 -8.17
C ASP S 324 60.87 14.73 -7.40
N GLY S 325 61.12 15.81 -6.64
CA GLY S 325 60.13 16.39 -5.75
C GLY S 325 59.85 15.53 -4.52
N LYS S 326 60.78 14.65 -4.15
CA LYS S 326 60.63 13.77 -3.01
C LYS S 326 61.63 14.22 -1.97
N LEU S 327 61.31 13.79 -0.74
CA LEU S 327 62.02 14.18 0.44
C LEU S 327 62.86 12.98 0.85
N HIS S 328 64.14 13.22 1.12
CA HIS S 328 65.06 12.20 1.59
C HIS S 328 65.55 12.65 2.94
N MET S 329 65.49 11.75 3.92
CA MET S 329 66.09 11.96 5.22
C MET S 329 67.47 11.32 5.21
N TYR S 330 68.49 12.14 5.35
CA TYR S 330 69.86 11.65 5.45
C TYR S 330 69.98 10.76 6.68
N THR S 331 70.45 9.53 6.43
CA THR S 331 70.91 8.57 7.43
C THR S 331 72.22 9.10 8.01
N PRO S 332 72.75 8.56 9.13
CA PRO S 332 74.01 9.05 9.68
C PRO S 332 75.19 8.95 8.71
N THR S 333 75.20 7.86 7.93
CA THR S 333 76.15 7.62 6.85
C THR S 333 76.29 8.82 5.90
N GLU S 334 75.16 9.19 5.29
CA GLU S 334 75.06 10.22 4.27
C GLU S 334 75.36 11.60 4.85
N ILE S 335 75.25 11.73 6.18
CA ILE S 335 75.59 12.99 6.86
C ILE S 335 77.09 13.03 7.07
N LYS S 336 77.71 11.86 7.26
CA LYS S 336 79.17 11.81 7.27
C LYS S 336 79.69 12.23 5.90
N ALA S 337 79.07 11.69 4.84
CA ALA S 337 79.40 12.02 3.46
C ALA S 337 79.35 13.53 3.21
N ILE S 338 78.57 14.28 4.02
CA ILE S 338 78.55 15.75 3.96
C ILE S 338 79.69 16.32 4.80
N MET S 339 79.91 15.80 6.00
CA MET S 339 80.97 16.28 6.88
C MET S 339 82.34 16.08 6.24
N SER S 340 82.49 14.96 5.52
CA SER S 340 83.66 14.60 4.72
C SER S 340 84.30 15.84 4.08
N ARG S 341 83.52 16.54 3.26
CA ARG S 341 84.02 17.61 2.39
C ARG S 341 83.94 18.96 3.09
N MET S 342 84.87 19.21 4.03
CA MET S 342 84.91 20.42 4.84
C MET S 342 86.10 20.33 5.83
N ASN T 168 49.28 51.34 35.73
CA ASN T 168 47.97 51.52 35.07
C ASN T 168 47.06 50.34 35.42
N GLU T 169 46.03 50.57 36.22
CA GLU T 169 45.27 49.46 36.76
C GLU T 169 44.21 49.01 35.73
N TYR T 170 44.11 49.72 34.59
CA TYR T 170 42.93 49.71 33.74
C TYR T 170 43.23 49.24 32.32
N ASP T 171 44.46 48.79 32.07
CA ASP T 171 44.95 48.59 30.72
C ASP T 171 45.14 47.12 30.42
N SER T 172 44.50 46.23 31.19
CA SER T 172 44.80 44.83 31.08
C SER T 172 43.65 44.07 30.45
N ASP T 173 42.50 44.74 30.27
CA ASP T 173 41.27 44.08 29.87
C ASP T 173 40.51 44.99 28.91
N ILE T 174 39.94 44.37 27.90
CA ILE T 174 39.23 45.11 26.90
C ILE T 174 37.90 45.58 27.48
N THR T 175 37.43 44.92 28.53
CA THR T 175 36.19 45.31 29.16
C THR T 175 36.41 46.32 30.24
N THR T 176 37.47 47.09 30.19
CA THR T 176 37.58 47.98 31.32
C THR T 176 37.80 49.39 30.85
N TRP T 177 36.86 50.25 31.19
CA TRP T 177 37.05 51.64 30.90
C TRP T 177 38.04 52.14 31.87
N SER T 178 38.79 53.14 31.48
CA SER T 178 39.62 53.84 32.41
C SER T 178 38.79 54.96 32.96
N PRO T 179 39.14 55.57 34.09
CA PRO T 179 38.42 56.72 34.60
C PRO T 179 38.35 57.97 33.77
N THR T 180 39.15 58.07 32.72
CA THR T 180 39.05 59.19 31.81
C THR T 180 38.28 58.78 30.55
N GLY T 181 37.74 57.57 30.54
CA GLY T 181 36.86 57.17 29.47
C GLY T 181 37.59 56.59 28.27
N ARG T 182 38.75 56.00 28.54
CA ARG T 182 39.57 55.42 27.49
C ARG T 182 39.46 53.92 27.55
N LEU T 183 39.78 53.27 26.45
CA LEU T 183 39.91 51.83 26.46
C LEU T 183 41.32 51.46 26.05
N PHE T 184 42.22 51.31 27.02
CA PHE T 184 43.62 51.12 26.68
C PHE T 184 43.85 49.88 25.83
N GLN T 185 43.17 48.78 26.03
CA GLN T 185 43.50 47.68 25.14
C GLN T 185 43.26 48.08 23.70
N ILE T 186 42.31 48.96 23.45
CA ILE T 186 42.10 49.37 22.08
C ILE T 186 43.17 50.34 21.66
N GLU T 187 43.68 51.18 22.54
CA GLU T 187 44.74 52.06 22.11
C GLU T 187 46.03 51.29 21.84
N TYR T 188 46.07 50.05 22.31
CA TYR T 188 47.31 49.30 22.28
C TYR T 188 47.28 48.46 21.02
N ALA T 189 46.13 47.86 20.75
CA ALA T 189 45.90 47.33 19.44
C ALA T 189 46.21 48.36 18.37
N ASN T 190 45.98 49.63 18.61
CA ASN T 190 46.31 50.60 17.58
C ASN T 190 47.80 50.62 17.38
N GLU T 191 48.55 50.43 18.45
CA GLU T 191 49.99 50.46 18.33
C GLU T 191 50.46 49.38 17.39
N ALA T 192 49.77 48.24 17.40
CA ALA T 192 50.12 47.16 16.50
C ALA T 192 50.10 47.64 15.07
N VAL T 193 49.16 48.52 14.78
CA VAL T 193 48.97 49.00 13.42
C VAL T 193 50.00 50.06 13.10
N ASN T 194 50.19 51.00 14.00
CA ASN T 194 51.19 52.04 13.76
C ASN T 194 52.57 51.42 13.54
N ASN T 195 52.79 50.16 13.91
CA ASN T 195 54.10 49.52 13.80
C ASN T 195 54.16 48.46 12.70
N GLY T 196 53.16 48.40 11.84
CA GLY T 196 53.24 47.51 10.70
C GLY T 196 53.89 48.23 9.51
N SER T 197 54.19 47.48 8.46
CA SER T 197 54.82 48.08 7.30
C SER T 197 53.83 49.02 6.63
N ALA T 198 54.36 50.12 6.13
CA ALA T 198 53.59 51.21 5.60
C ALA T 198 52.78 50.73 4.40
N THR T 199 51.63 51.35 4.23
CA THR T 199 50.84 51.09 3.06
C THR T 199 50.12 52.39 2.80
N VAL T 200 49.85 52.63 1.54
CA VAL T 200 49.22 53.83 1.10
C VAL T 200 48.06 53.41 0.22
N GLY T 201 47.01 54.21 0.18
CA GLY T 201 46.06 54.05 -0.90
C GLY T 201 45.62 55.41 -1.42
N VAL T 202 45.27 55.47 -2.69
CA VAL T 202 44.72 56.70 -3.19
C VAL T 202 43.59 56.38 -4.14
N LYS T 203 42.73 57.34 -4.29
CA LYS T 203 41.47 57.16 -4.97
C LYS T 203 41.33 58.25 -6.02
N GLY T 204 41.28 57.80 -7.26
CA GLY T 204 41.08 58.70 -8.36
C GLY T 204 39.61 58.75 -8.73
N LYS T 205 39.34 59.16 -9.97
CA LYS T 205 37.95 59.24 -10.37
C LYS T 205 37.43 57.81 -10.53
N ASN T 206 38.27 56.92 -11.07
CA ASN T 206 37.76 55.65 -11.56
C ASN T 206 38.44 54.44 -10.95
N PHE T 207 39.47 54.70 -10.14
CA PHE T 207 40.45 53.72 -9.73
C PHE T 207 40.84 53.97 -8.28
N VAL T 208 41.31 52.91 -7.63
CA VAL T 208 41.94 53.05 -6.35
C VAL T 208 43.24 52.32 -6.40
N VAL T 209 44.26 52.90 -5.81
CA VAL T 209 45.55 52.27 -5.86
C VAL T 209 46.00 51.98 -4.45
N LEU T 210 46.37 50.76 -4.16
CA LEU T 210 47.06 50.46 -2.93
C LEU T 210 48.52 50.22 -3.25
N ALA T 211 49.38 50.75 -2.43
CA ALA T 211 50.78 50.39 -2.50
C ALA T 211 51.25 50.09 -1.11
N ALA T 212 51.86 48.94 -0.97
CA ALA T 212 52.38 48.50 0.30
C ALA T 212 53.89 48.24 0.21
N LEU T 213 54.66 48.86 1.11
CA LEU T 213 56.01 48.40 1.45
C LEU T 213 55.97 46.98 1.98
N LYS T 214 56.85 46.14 1.47
CA LYS T 214 57.02 44.81 2.02
C LYS T 214 58.25 44.89 2.91
N ARG T 215 58.93 43.75 3.06
CA ARG T 215 60.22 43.70 3.74
C ARG T 215 61.27 43.42 2.65
N SER T 216 62.36 44.22 2.70
CA SER T 216 63.34 44.36 1.62
C SER T 216 64.54 43.43 1.87
N PRO T 217 65.06 42.74 0.82
CA PRO T 217 66.04 41.65 0.99
C PRO T 217 67.16 41.92 2.00
N VAL T 218 67.49 40.89 2.80
CA VAL T 218 68.60 40.91 3.74
C VAL T 218 69.83 40.34 3.01
N ALA T 219 70.38 41.13 2.06
CA ALA T 219 71.47 40.75 1.17
C ALA T 219 70.92 40.04 -0.07
N GLU T 220 71.14 38.72 -0.20
CA GLU T 220 70.63 37.90 -1.30
C GLU T 220 69.46 37.02 -0.85
N LEU T 221 68.74 37.49 0.20
CA LEU T 221 68.03 36.62 1.12
C LEU T 221 66.63 37.18 1.40
N SER T 222 65.64 36.75 0.61
CA SER T 222 64.34 37.41 0.57
C SER T 222 63.43 36.95 1.72
N SER T 223 62.12 36.91 1.43
CA SER T 223 61.10 36.99 2.45
C SER T 223 59.85 37.65 1.88
N TYR T 224 58.91 36.83 1.39
CA TYR T 224 57.53 37.24 1.17
C TYR T 224 56.73 37.16 2.47
N GLN T 225 55.90 38.17 2.73
CA GLN T 225 54.64 38.01 3.46
C GLN T 225 53.51 38.61 2.64
N GLU T 226 52.37 37.93 2.61
CA GLU T 226 51.17 38.46 1.97
C GLU T 226 50.63 39.61 2.84
N LYS T 227 50.92 40.86 2.44
CA LYS T 227 50.21 42.03 2.95
C LYS T 227 48.87 42.18 2.22
N VAL T 228 48.92 42.33 0.90
CA VAL T 228 47.77 42.64 0.09
C VAL T 228 46.98 41.41 -0.33
N PHE T 229 45.66 41.51 -0.21
CA PHE T 229 44.75 40.43 -0.50
C PHE T 229 43.65 40.84 -1.47
N GLU T 230 43.41 40.05 -2.48
CA GLU T 230 42.19 40.21 -3.22
C GLU T 230 41.09 39.64 -2.35
N ILE T 231 39.89 40.21 -2.47
CA ILE T 231 38.78 39.78 -1.67
C ILE T 231 37.60 39.36 -2.51
N ASP T 232 37.40 40.07 -3.61
CA ASP T 232 36.51 39.60 -4.65
C ASP T 232 36.98 40.33 -5.89
N GLU T 233 36.28 40.19 -6.99
CA GLU T 233 36.76 40.77 -8.24
C GLU T 233 36.93 42.27 -8.03
N HIS T 234 35.99 42.85 -7.31
CA HIS T 234 35.86 44.27 -7.26
C HIS T 234 36.47 44.86 -6.00
N VAL T 235 37.16 44.11 -5.17
CA VAL T 235 37.65 44.75 -3.97
C VAL T 235 38.82 43.97 -3.48
N GLY T 236 39.66 44.61 -2.72
CA GLY T 236 40.72 43.90 -2.06
C GLY T 236 41.31 44.85 -1.07
N MET T 237 42.34 44.43 -0.36
CA MET T 237 42.76 45.16 0.79
C MET T 237 44.21 44.99 1.07
N SER T 238 44.74 45.88 1.87
CA SER T 238 46.13 45.87 2.27
C SER T 238 46.16 45.90 3.77
N ILE T 239 46.97 45.11 4.43
CA ILE T 239 46.90 45.20 5.88
C ILE T 239 48.19 45.68 6.46
N SER T 240 48.07 46.21 7.66
CA SER T 240 49.22 46.52 8.47
C SER T 240 48.93 46.14 9.91
N GLY T 241 49.93 45.57 10.55
CA GLY T 241 49.81 45.14 11.93
C GLY T 241 49.93 43.63 11.97
N LEU T 242 49.16 43.03 12.84
CA LEU T 242 49.27 41.62 13.11
C LEU T 242 48.73 40.84 11.94
N VAL T 243 49.65 40.30 11.19
CA VAL T 243 49.28 39.68 9.95
C VAL T 243 48.26 38.59 10.15
N ALA T 244 48.36 37.86 11.24
CA ALA T 244 47.43 36.76 11.41
C ALA T 244 46.01 37.28 11.56
N ASP T 245 45.85 38.45 12.18
CA ASP T 245 44.52 39.05 12.22
C ASP T 245 44.10 39.45 10.81
N GLY T 246 44.98 40.08 10.06
CA GLY T 246 44.74 40.25 8.65
C GLY T 246 44.09 39.01 8.06
N ARG T 247 44.67 37.86 8.24
CA ARG T 247 44.20 36.73 7.51
C ARG T 247 42.78 36.37 7.94
N VAL T 248 42.51 36.49 9.24
CA VAL T 248 41.19 36.25 9.76
C VAL T 248 40.21 37.18 9.09
N LEU T 249 40.58 38.46 9.04
CA LEU T 249 39.69 39.43 8.44
C LEU T 249 39.53 39.17 6.95
N ALA T 250 40.63 39.00 6.26
CA ALA T 250 40.55 38.54 4.90
C ALA T 250 39.66 37.31 4.74
N ARG T 251 39.69 36.34 5.64
CA ARG T 251 38.91 35.17 5.37
C ARG T 251 37.47 35.59 5.54
N TYR T 252 37.23 36.40 6.55
CA TYR T 252 35.89 36.85 6.79
C TYR T 252 35.35 37.63 5.62
N LEU T 253 36.10 38.64 5.15
CA LEU T 253 35.59 39.42 4.06
C LEU T 253 35.41 38.54 2.86
N ARG T 254 36.35 37.68 2.56
CA ARG T 254 36.17 36.87 1.37
C ARG T 254 34.87 36.13 1.45
N THR T 255 34.63 35.53 2.59
CA THR T 255 33.47 34.71 2.74
C THR T 255 32.19 35.53 2.65
N GLU T 256 32.17 36.73 3.25
CA GLU T 256 30.98 37.52 3.16
C GLU T 256 30.74 38.00 1.74
N CYS T 257 31.78 38.34 1.03
CA CYS T 257 31.64 38.64 -0.36
C CYS T 257 31.21 37.48 -1.21
N MET T 258 31.60 36.28 -0.92
CA MET T 258 31.07 35.21 -1.74
C MET T 258 29.61 34.99 -1.38
N ASN T 259 29.22 35.05 -0.09
CA ASN T 259 27.84 34.84 0.20
C ASN T 259 27.03 35.89 -0.55
N TYR T 260 27.51 37.13 -0.51
CA TYR T 260 26.73 38.16 -1.12
C TYR T 260 26.65 37.91 -2.60
N ARG T 261 27.73 37.51 -3.22
CA ARG T 261 27.67 37.38 -4.65
C ARG T 261 26.87 36.18 -5.04
N TYR T 262 26.90 35.15 -4.24
CA TYR T 262 26.00 34.02 -4.41
C TYR T 262 24.56 34.48 -4.38
N MET T 263 24.19 35.29 -3.42
CA MET T 263 22.79 35.63 -3.28
C MET T 263 22.38 36.58 -4.36
N TYR T 264 23.10 37.64 -4.56
CA TYR T 264 22.58 38.65 -5.43
C TYR T 264 23.23 38.66 -6.79
N SER T 265 24.11 37.73 -7.05
CA SER T 265 24.79 37.67 -8.34
C SER T 265 25.42 38.98 -8.70
N ASN T 266 25.85 39.77 -7.76
CA ASN T 266 26.63 40.94 -8.06
C ASN T 266 27.57 41.16 -6.88
N GLY T 267 28.56 42.03 -7.00
CA GLY T 267 29.50 42.22 -5.93
C GLY T 267 28.88 42.91 -4.72
N MET T 268 29.35 42.61 -3.52
CA MET T 268 28.90 43.34 -2.34
C MET T 268 29.40 44.76 -2.43
N PRO T 269 28.49 45.72 -2.33
CA PRO T 269 28.80 47.13 -2.41
C PRO T 269 29.72 47.52 -1.29
N MET T 270 30.59 48.47 -1.54
CA MET T 270 31.63 48.76 -0.59
C MET T 270 31.09 49.40 0.66
N ASN T 271 30.09 50.27 0.57
CA ASN T 271 29.69 50.90 1.81
C ASN T 271 29.12 49.83 2.74
N GLN T 272 28.44 48.84 2.21
CA GLN T 272 27.98 47.74 3.00
C GLN T 272 29.14 46.87 3.48
N MET T 273 30.20 46.74 2.71
CA MET T 273 31.26 45.89 3.22
C MET T 273 32.00 46.62 4.31
N ALA T 274 32.14 47.92 4.21
CA ALA T 274 32.78 48.67 5.28
C ALA T 274 31.95 48.65 6.56
N ASP T 275 30.65 48.58 6.43
CA ASP T 275 29.78 48.54 7.58
C ASP T 275 30.03 47.24 8.32
N MET T 276 30.19 46.19 7.55
CA MET T 276 30.43 44.88 8.06
C MET T 276 31.79 44.73 8.74
N ILE T 277 32.83 45.18 8.07
CA ILE T 277 34.14 44.92 8.60
C ILE T 277 34.21 45.66 9.93
N GLY T 278 33.46 46.75 10.06
CA GLY T 278 33.48 47.54 11.27
C GLY T 278 32.68 46.92 12.38
N GLU T 279 31.62 46.21 12.06
CA GLU T 279 30.81 45.51 13.02
C GLU T 279 31.59 44.30 13.53
N LYS T 280 32.46 43.72 12.71
CA LYS T 280 33.19 42.53 13.10
C LYS T 280 34.18 42.97 14.17
N HIS T 281 34.79 44.11 13.94
CA HIS T 281 35.70 44.66 14.91
C HIS T 281 34.99 44.97 16.21
N GLN T 282 33.77 45.43 16.16
CA GLN T 282 33.19 45.88 17.40
C GLN T 282 32.86 44.71 18.28
N ARG T 283 32.63 43.58 17.64
CA ARG T 283 32.27 42.36 18.30
C ARG T 283 33.44 41.86 19.13
N HIS T 284 34.61 42.44 18.94
CA HIS T 284 35.84 41.99 19.56
C HIS T 284 36.36 43.11 20.44
N ILE T 285 35.60 44.14 20.75
CA ILE T 285 36.07 45.08 21.73
C ILE T 285 35.11 45.32 22.88
N GLN T 286 34.24 44.37 23.14
CA GLN T 286 33.31 44.59 24.21
C GLN T 286 33.22 43.42 25.18
N CYS T 287 33.66 42.21 24.84
CA CYS T 287 33.51 41.11 25.79
C CYS T 287 34.86 40.57 26.22
N SER T 288 34.84 39.99 27.41
CA SER T 288 36.00 39.34 28.00
C SER T 288 36.41 38.20 27.08
N GLY T 289 37.73 38.00 26.99
CA GLY T 289 38.24 36.98 26.09
C GLY T 289 37.51 36.99 24.75
N LYS T 290 37.63 38.16 24.16
CA LYS T 290 37.85 38.41 22.76
C LYS T 290 38.90 39.51 22.82
N ARG T 291 39.58 39.77 21.72
CA ARG T 291 40.44 40.94 21.79
C ARG T 291 40.31 41.68 20.48
N PRO T 292 40.69 42.96 20.50
CA PRO T 292 40.71 43.74 19.28
C PRO T 292 41.61 43.05 18.27
N PHE T 293 41.25 43.18 17.01
CA PHE T 293 42.15 42.92 15.91
C PHE T 293 43.28 43.92 15.96
N GLY T 294 44.49 43.41 15.80
CA GLY T 294 45.62 44.30 15.88
C GLY T 294 46.07 44.64 14.48
N VAL T 295 45.09 44.90 13.61
CA VAL T 295 45.44 45.08 12.22
C VAL T 295 44.61 46.20 11.63
N GLY T 296 45.26 46.99 10.79
CA GLY T 296 44.61 48.07 10.07
C GLY T 296 44.37 47.57 8.66
N LEU T 297 43.29 47.96 8.01
CA LEU T 297 43.06 47.57 6.63
C LEU T 297 42.95 48.82 5.78
N LEU T 298 43.50 48.78 4.60
CA LEU T 298 42.96 49.60 3.55
C LEU T 298 42.16 48.66 2.68
N LEU T 299 40.95 49.09 2.45
CA LEU T 299 40.09 48.31 1.64
C LEU T 299 39.81 49.20 0.44
N ALA T 300 40.10 48.69 -0.75
CA ALA T 300 39.89 49.41 -1.98
C ALA T 300 38.90 48.63 -2.80
N GLY T 301 37.93 49.28 -3.41
CA GLY T 301 37.01 48.52 -4.22
C GLY T 301 36.22 49.41 -5.13
N TYR T 302 35.50 48.84 -6.06
CA TYR T 302 34.79 49.60 -7.03
C TYR T 302 33.39 49.06 -7.17
N ASP T 303 32.37 49.90 -7.17
CA ASP T 303 31.03 49.38 -7.35
C ASP T 303 30.21 50.36 -8.19
N ARG T 304 28.89 50.20 -8.19
CA ARG T 304 28.05 51.13 -8.90
C ARG T 304 28.30 52.58 -8.46
N GLN T 305 28.66 52.83 -7.20
CA GLN T 305 28.83 54.19 -6.74
C GLN T 305 30.23 54.71 -7.05
N GLY T 306 31.04 53.92 -7.71
CA GLY T 306 32.38 54.37 -8.04
C GLY T 306 33.43 53.73 -7.16
N PRO T 307 34.64 54.31 -7.07
CA PRO T 307 35.69 53.71 -6.28
C PRO T 307 35.59 54.13 -4.82
N HIS T 308 36.12 53.27 -3.97
CA HIS T 308 36.11 53.53 -2.56
C HIS T 308 37.40 53.13 -1.93
N LEU T 309 37.71 53.81 -0.86
CA LEU T 309 38.90 53.46 -0.14
C LEU T 309 38.65 53.64 1.34
N TYR T 310 38.66 52.54 2.08
CA TYR T 310 38.41 52.67 3.48
C TYR T 310 39.63 52.27 4.24
N GLN T 311 39.88 53.01 5.30
CA GLN T 311 40.81 52.56 6.29
C GLN T 311 39.99 52.05 7.43
N THR T 312 40.43 50.99 8.07
CA THR T 312 39.81 50.50 9.27
C THR T 312 40.87 50.34 10.34
N VAL T 313 40.40 50.29 11.56
CA VAL T 313 41.29 50.27 12.69
C VAL T 313 40.73 49.34 13.77
N PRO T 314 41.60 48.93 14.69
CA PRO T 314 41.16 48.01 15.73
C PRO T 314 39.90 48.45 16.47
N SER T 315 39.73 49.76 16.65
CA SER T 315 38.65 50.31 17.43
C SER T 315 37.31 50.01 16.82
N GLY T 316 37.31 49.64 15.54
CA GLY T 316 36.10 49.33 14.78
C GLY T 316 35.68 50.50 13.88
N ASP T 317 36.39 51.59 13.96
CA ASP T 317 36.08 52.72 13.12
C ASP T 317 36.45 52.40 11.69
N VAL T 318 35.73 53.01 10.78
CA VAL T 318 35.98 52.86 9.38
C VAL T 318 35.90 54.22 8.76
N TYR T 319 36.96 54.63 8.13
CA TYR T 319 37.04 55.94 7.55
C TYR T 319 36.91 55.77 6.06
N ASP T 320 36.19 56.67 5.40
CA ASP T 320 36.09 56.67 3.94
C ASP T 320 37.06 57.73 3.48
N TYR T 321 38.13 57.35 2.81
CA TYR T 321 39.16 58.30 2.51
C TYR T 321 39.24 58.52 1.02
N LYS T 322 39.89 59.61 0.67
CA LYS T 322 40.31 59.94 -0.68
C LYS T 322 41.76 59.49 -0.86
N ALA T 323 42.53 59.63 0.21
CA ALA T 323 43.86 59.04 0.24
C ALA T 323 44.26 58.85 1.69
N THR T 324 45.18 57.93 1.94
CA THR T 324 45.55 57.66 3.30
C THR T 324 46.77 56.78 3.27
N ALA T 325 47.41 56.68 4.41
CA ALA T 325 48.45 55.71 4.57
C ALA T 325 48.43 55.22 6.00
N MET T 326 49.05 54.10 6.26
CA MET T 326 49.14 53.72 7.64
C MET T 326 50.33 52.85 7.79
N GLY T 327 50.67 52.55 9.03
CA GLY T 327 51.89 51.81 9.30
C GLY T 327 52.99 52.79 9.67
N VAL T 328 54.23 52.26 9.68
CA VAL T 328 55.39 52.93 10.25
C VAL T 328 55.73 54.11 9.37
N ARG T 329 56.05 55.24 9.99
CA ARG T 329 56.60 56.39 9.28
C ARG T 329 55.60 56.85 8.25
N SER T 330 54.37 56.36 8.38
CA SER T 330 53.34 56.69 7.44
C SER T 330 52.79 58.08 7.71
N GLN T 331 53.24 58.76 8.79
CA GLN T 331 52.91 60.17 8.96
C GLN T 331 53.46 60.97 7.76
N ALA T 332 54.67 60.65 7.29
CA ALA T 332 55.27 61.36 6.17
C ALA T 332 54.52 61.08 4.87
N SER T 333 54.05 59.83 4.70
CA SER T 333 53.20 59.47 3.58
C SER T 333 51.94 60.33 3.57
N ARG T 334 51.42 60.64 4.76
CA ARG T 334 50.23 61.46 4.91
C ARG T 334 50.58 62.91 4.67
N THR T 335 51.78 63.36 5.02
CA THR T 335 52.13 64.73 4.68
C THR T 335 52.13 64.90 3.17
N TYR T 336 52.75 63.91 2.51
CA TYR T 336 52.82 63.95 1.07
C TYR T 336 51.42 63.98 0.47
N LEU T 337 50.57 63.09 0.94
CA LEU T 337 49.29 62.91 0.29
C LEU T 337 48.47 64.18 0.46
N GLU T 338 48.66 64.89 1.58
CA GLU T 338 47.89 66.09 1.88
C GLU T 338 48.17 67.21 0.87
N ARG T 339 49.38 67.25 0.30
CA ARG T 339 49.70 68.26 -0.69
C ARG T 339 48.92 67.96 -1.97
N HIS T 340 48.89 66.70 -2.37
CA HIS T 340 48.55 66.37 -3.73
C HIS T 340 47.13 65.83 -3.87
N PHE T 341 46.44 65.55 -2.76
CA PHE T 341 45.28 64.67 -2.84
C PHE T 341 44.11 65.33 -3.55
N GLU T 342 44.05 66.67 -3.58
CA GLU T 342 42.90 67.34 -4.16
C GLU T 342 42.86 67.13 -5.67
N HIS T 343 43.97 66.68 -6.27
CA HIS T 343 44.07 66.53 -7.72
C HIS T 343 43.64 65.15 -8.16
N PHE T 344 43.74 64.18 -7.25
CA PHE T 344 43.56 62.77 -7.56
C PHE T 344 42.27 62.49 -8.34
N SER T 345 41.20 63.25 -8.11
CA SER T 345 39.97 63.01 -8.85
C SER T 345 40.14 63.24 -10.36
N ASP T 346 41.17 64.00 -10.80
CA ASP T 346 41.40 64.26 -12.22
C ASP T 346 42.53 63.39 -12.78
N CYS T 347 43.47 62.95 -11.93
CA CYS T 347 44.63 62.18 -12.37
C CYS T 347 44.19 60.96 -13.18
N THR T 348 45.12 60.46 -14.00
CA THR T 348 45.00 59.21 -14.72
C THR T 348 45.50 58.10 -13.80
N LEU T 349 45.26 56.86 -14.21
CA LEU T 349 45.71 55.71 -13.45
C LEU T 349 47.22 55.73 -13.25
N ASP T 350 47.99 56.22 -14.23
CA ASP T 350 49.45 56.19 -14.11
C ASP T 350 49.92 57.22 -13.10
N GLU T 351 49.21 58.35 -12.95
CA GLU T 351 49.62 59.40 -12.04
C GLU T 351 49.11 59.09 -10.63
N LEU T 352 47.97 58.39 -10.55
CA LEU T 352 47.53 57.87 -9.27
C LEU T 352 48.61 56.95 -8.74
N VAL T 353 49.11 56.08 -9.61
CA VAL T 353 50.08 55.11 -9.16
C VAL T 353 51.37 55.80 -8.80
N THR T 354 51.78 56.75 -9.64
CA THR T 354 52.93 57.57 -9.32
C THR T 354 52.72 58.21 -7.93
N HIS T 355 51.56 58.83 -7.72
CA HIS T 355 51.34 59.54 -6.48
C HIS T 355 51.39 58.59 -5.28
N ALA T 356 50.84 57.39 -5.42
CA ALA T 356 50.89 56.40 -4.36
C ALA T 356 52.33 56.07 -4.05
N LEU T 357 53.09 55.65 -5.08
CA LEU T 357 54.49 55.27 -4.92
C LEU T 357 55.28 56.39 -4.29
N LYS T 358 55.01 57.63 -4.68
CA LYS T 358 55.79 58.73 -4.14
C LYS T 358 55.60 58.80 -2.63
N ALA T 359 54.34 58.81 -2.23
CA ALA T 359 53.88 58.80 -0.84
C ALA T 359 54.42 57.60 -0.08
N LEU T 360 54.29 56.40 -0.68
CA LEU T 360 54.85 55.21 -0.05
C LEU T 360 56.33 55.34 0.21
N ALA T 361 57.04 56.14 -0.59
CA ALA T 361 58.49 56.24 -0.50
C ALA T 361 58.87 57.27 0.54
N SER T 362 57.98 58.20 0.86
CA SER T 362 58.30 59.18 1.88
C SER T 362 58.37 58.46 3.22
N ALA T 363 58.02 57.17 3.22
CA ALA T 363 57.92 56.31 4.38
C ALA T 363 59.01 55.26 4.44
N THR T 364 60.03 55.37 3.59
CA THR T 364 61.10 54.40 3.60
C THR T 364 62.18 54.92 4.55
N SER T 365 62.99 53.99 5.09
CA SER T 365 63.99 54.32 6.10
C SER T 365 65.29 54.82 5.45
N GLU T 366 65.52 56.13 5.56
CA GLU T 366 66.79 56.77 5.20
C GLU T 366 67.05 56.61 3.71
N GLY T 367 67.90 55.62 3.34
CA GLY T 367 68.44 55.51 2.00
C GLY T 367 67.97 54.26 1.27
N ILE T 368 66.91 53.60 1.78
CA ILE T 368 66.22 52.57 1.02
C ILE T 368 65.32 53.27 0.01
N GLU T 369 65.12 52.64 -1.14
CA GLU T 369 64.25 53.18 -2.18
C GLU T 369 63.30 52.09 -2.67
N LEU T 370 62.26 52.50 -3.41
CA LEU T 370 61.25 51.56 -3.85
C LEU T 370 61.72 50.80 -5.08
N ASN T 371 61.40 49.51 -5.11
CA ASN T 371 61.76 48.63 -6.22
C ASN T 371 60.80 47.45 -6.20
N VAL T 372 60.90 46.59 -7.20
CA VAL T 372 59.87 45.61 -7.44
C VAL T 372 59.85 44.54 -6.34
N LYS T 373 60.81 44.53 -5.43
CA LYS T 373 60.89 43.41 -4.51
C LYS T 373 60.73 43.89 -3.06
N ASN T 374 60.41 45.17 -2.89
CA ASN T 374 59.98 45.62 -1.59
C ASN T 374 58.70 46.45 -1.72
N THR T 375 57.93 46.22 -2.79
CA THR T 375 56.75 47.01 -3.05
C THR T 375 55.74 46.23 -3.86
N THR T 376 54.51 46.22 -3.33
CA THR T 376 53.37 45.68 -4.03
C THR T 376 52.52 46.87 -4.44
N ILE T 377 51.80 46.71 -5.53
CA ILE T 377 50.82 47.68 -5.98
C ILE T 377 49.57 46.92 -6.36
N ALA T 378 48.41 47.36 -5.90
CA ALA T 378 47.18 46.76 -6.38
C ALA T 378 46.37 47.89 -6.94
N ILE T 379 45.57 47.59 -7.95
CA ILE T 379 44.68 48.63 -8.41
C ILE T 379 43.33 47.99 -8.55
N VAL T 380 42.31 48.79 -8.52
CA VAL T 380 41.00 48.26 -8.81
C VAL T 380 40.22 49.46 -9.33
N GLY T 381 39.20 49.21 -10.12
CA GLY T 381 38.47 50.34 -10.68
C GLY T 381 37.58 49.88 -11.81
N LYS T 382 37.15 50.85 -12.64
CA LYS T 382 36.19 50.65 -13.71
C LYS T 382 36.77 49.70 -14.75
N ASP T 383 36.08 48.58 -14.92
CA ASP T 383 36.45 47.59 -15.91
C ASP T 383 37.84 47.05 -15.60
N THR T 384 38.23 47.12 -14.31
CA THR T 384 39.51 46.65 -13.86
C THR T 384 39.33 45.92 -12.55
N PRO T 385 39.07 44.60 -12.55
CA PRO T 385 39.02 43.78 -11.34
C PRO T 385 40.26 44.04 -10.52
N PHE T 386 40.18 43.73 -9.23
CA PHE T 386 41.26 44.06 -8.31
C PHE T 386 42.40 43.13 -8.59
N THR T 387 43.55 43.72 -8.72
CA THR T 387 44.64 43.09 -9.42
C THR T 387 45.86 43.44 -8.62
N ILE T 388 46.52 42.45 -8.01
CA ILE T 388 47.83 42.70 -7.45
C ILE T 388 48.83 42.65 -8.58
N PHE T 389 49.79 43.57 -8.56
CA PHE T 389 50.75 43.64 -9.64
C PHE T 389 51.98 42.80 -9.31
N GLU T 390 52.31 41.97 -10.31
CA GLU T 390 53.47 41.08 -10.33
C GLU T 390 54.62 41.81 -11.02
N GLU T 391 55.75 41.10 -11.23
CA GLU T 391 57.04 41.72 -11.47
C GLU T 391 57.14 42.31 -12.87
N GLU T 392 56.28 41.87 -13.80
CA GLU T 392 56.26 42.42 -15.15
C GLU T 392 55.62 43.81 -15.16
N SER T 393 54.37 43.89 -14.67
CA SER T 393 53.57 45.09 -14.75
C SER T 393 54.05 46.14 -13.74
N ALA T 394 54.62 45.68 -12.61
CA ALA T 394 55.07 46.56 -11.53
C ALA T 394 56.26 47.41 -11.98
N ARG T 395 57.16 46.77 -12.76
CA ARG T 395 58.43 47.37 -13.17
C ARG T 395 58.16 48.65 -13.95
N LYS T 396 57.16 48.58 -14.85
CA LYS T 396 56.65 49.69 -15.64
C LYS T 396 56.44 50.95 -14.79
N TYR T 397 55.90 50.78 -13.57
CA TYR T 397 55.43 51.89 -12.74
C TYR T 397 56.50 52.38 -11.77
N LEU T 398 57.51 51.54 -11.52
CA LEU T 398 58.47 51.75 -10.43
C LEU T 398 59.75 52.45 -10.90
N ASP T 399 59.76 52.95 -12.15
CA ASP T 399 60.94 53.56 -12.75
C ASP T 399 60.56 54.94 -13.31
N GLY U 7 39.79 48.37 43.48
CA GLY U 7 39.18 47.20 42.81
C GLY U 7 37.66 47.31 42.66
N HIS U 8 37.10 48.43 43.15
CA HIS U 8 35.67 48.71 43.10
C HIS U 8 35.19 49.12 41.70
N ASP U 9 36.10 49.29 40.70
CA ASP U 9 35.76 50.07 39.52
C ASP U 9 36.24 49.42 38.23
N GLN U 10 36.48 48.14 38.29
CA GLN U 10 37.11 47.47 37.19
C GLN U 10 36.06 46.74 36.34
N SER U 11 34.91 46.47 36.95
CA SER U 11 33.89 45.75 36.26
C SER U 11 32.57 46.41 36.52
N THR U 12 31.73 46.39 35.50
CA THR U 12 30.44 47.00 35.66
C THR U 12 29.55 46.13 36.52
N ASP U 13 29.92 44.88 36.81
CA ASP U 13 29.13 44.02 37.67
C ASP U 13 29.22 44.40 39.14
N VAL U 14 29.77 45.53 39.46
CA VAL U 14 30.07 45.78 40.84
C VAL U 14 29.57 47.12 41.27
N PHE U 15 28.96 47.17 42.42
CA PHE U 15 28.65 48.44 43.01
C PHE U 15 29.80 48.91 43.86
N SER U 16 29.98 50.22 43.87
CA SER U 16 30.83 50.84 44.85
C SER U 16 30.07 50.87 46.15
N ALA U 17 30.73 51.28 47.22
CA ALA U 17 30.04 51.43 48.49
C ALA U 17 28.96 52.50 48.48
N GLU U 18 28.88 53.38 47.49
CA GLU U 18 27.76 54.32 47.49
C GLU U 18 26.70 53.93 46.48
N GLY U 19 26.74 52.70 45.96
CA GLY U 19 25.74 52.21 45.03
C GLY U 19 25.90 52.82 43.65
N ARG U 20 27.12 53.29 43.37
CA ARG U 20 27.44 53.73 42.03
C ARG U 20 28.00 52.56 41.30
N VAL U 21 27.94 52.60 40.00
CA VAL U 21 28.65 51.67 39.19
C VAL U 21 29.66 52.46 38.38
N PHE U 22 30.91 52.36 38.77
CA PHE U 22 31.89 53.22 38.18
C PHE U 22 32.12 52.94 36.73
N GLN U 23 32.19 51.70 36.31
CA GLN U 23 32.45 51.48 34.91
C GLN U 23 31.41 52.12 34.03
N VAL U 24 30.25 52.44 34.58
CA VAL U 24 29.27 53.15 33.78
C VAL U 24 29.58 54.62 33.80
N GLU U 25 30.04 55.14 34.92
CA GLU U 25 30.36 56.56 34.94
C GLU U 25 31.51 56.81 33.98
N TYR U 26 32.46 55.90 33.99
CA TYR U 26 33.60 56.01 33.10
C TYR U 26 33.16 55.96 31.63
N ALA U 27 32.29 55.04 31.26
CA ALA U 27 31.84 55.04 29.88
C ALA U 27 31.16 56.36 29.57
N GLY U 28 30.30 56.80 30.46
CA GLY U 28 29.79 58.16 30.42
C GLY U 28 30.83 59.20 30.03
N LYS U 29 32.03 59.16 30.60
CA LYS U 29 33.03 60.19 30.30
C LYS U 29 33.43 60.07 28.84
N ALA U 30 33.40 58.87 28.29
CA ALA U 30 33.68 58.73 26.87
C ALA U 30 32.73 59.56 26.02
N VAL U 31 31.47 59.60 26.42
CA VAL U 31 30.46 60.34 25.72
C VAL U 31 30.67 61.81 25.92
N ASP U 32 31.07 62.23 27.09
CA ASP U 32 31.22 63.65 27.33
C ASP U 32 32.48 64.22 26.66
N ASN U 33 33.45 63.40 26.25
CA ASN U 33 34.70 63.91 25.72
C ASN U 33 34.62 63.84 24.20
N SER U 34 33.44 63.45 23.75
CA SER U 34 33.14 63.27 22.35
C SER U 34 32.56 64.56 21.77
N SER U 35 32.52 64.60 20.45
CA SER U 35 31.86 65.62 19.65
C SER U 35 30.40 65.76 20.05
N THR U 36 29.90 66.99 19.89
CA THR U 36 28.63 67.45 20.39
C THR U 36 27.50 67.15 19.40
N ALA U 37 26.33 66.84 19.94
CA ALA U 37 25.14 66.63 19.15
C ALA U 37 24.02 67.44 19.75
N VAL U 38 23.08 67.86 18.94
CA VAL U 38 21.90 68.44 19.52
C VAL U 38 20.67 67.97 18.77
N ALA U 39 19.55 68.17 19.40
CA ALA U 39 18.36 67.69 18.76
C ALA U 39 17.21 68.42 19.35
N ALA U 40 16.18 68.53 18.55
CA ALA U 40 15.02 69.28 18.89
C ALA U 40 13.86 68.56 18.29
N CYS U 41 12.84 68.49 19.11
CA CYS U 41 11.60 67.83 18.80
C CYS U 41 10.53 68.90 18.69
N CYS U 42 10.05 69.10 17.49
CA CYS U 42 9.13 70.18 17.18
C CYS U 42 7.74 69.56 17.15
N LYS U 43 6.74 70.28 16.59
CA LYS U 43 5.41 69.68 16.47
C LYS U 43 5.33 68.99 15.11
N ASP U 44 6.20 69.37 14.17
CA ASP U 44 6.17 68.77 12.84
C ASP U 44 7.25 67.71 12.65
N GLY U 45 8.09 67.43 13.65
CA GLY U 45 9.16 66.46 13.45
C GLY U 45 10.36 66.64 14.37
N VAL U 46 11.39 65.87 14.14
CA VAL U 46 12.58 65.88 14.95
C VAL U 46 13.76 66.21 14.08
N VAL U 47 14.62 67.03 14.60
CA VAL U 47 15.82 67.33 13.88
C VAL U 47 16.97 66.94 14.77
N VAL U 48 17.97 66.30 14.21
CA VAL U 48 19.10 66.02 15.04
C VAL U 48 20.31 66.39 14.24
N ALA U 49 21.29 67.02 14.88
CA ALA U 49 22.49 67.49 14.23
C ALA U 49 23.67 67.06 15.06
N VAL U 50 24.81 66.89 14.41
CA VAL U 50 25.96 66.48 15.18
C VAL U 50 27.20 66.91 14.48
N GLU U 51 28.19 67.31 15.26
CA GLU U 51 29.45 67.86 14.80
C GLU U 51 30.35 66.66 14.63
N LYS U 52 30.78 66.38 13.40
CA LYS U 52 31.78 65.35 13.16
C LYS U 52 33.13 66.02 13.17
N VAL U 53 34.02 65.47 13.99
CA VAL U 53 35.37 65.96 14.05
C VAL U 53 36.26 64.95 13.36
N HIS U 54 36.86 65.40 12.27
CA HIS U 54 37.80 64.61 11.48
C HIS U 54 39.18 64.77 12.10
N THR U 55 40.05 63.82 11.82
CA THR U 55 41.43 64.01 12.22
C THR U 55 42.26 64.31 10.98
N SER U 56 41.74 63.96 9.80
CA SER U 56 42.43 64.09 8.54
C SER U 56 41.70 65.04 7.60
N ARG U 57 42.46 65.72 6.74
CA ARG U 57 41.90 66.67 5.78
C ARG U 57 41.41 65.94 4.54
N MET U 58 41.56 64.62 4.55
CA MET U 58 41.49 63.82 3.34
C MET U 58 40.37 62.80 3.42
N LEU U 59 39.47 62.99 4.38
CA LEU U 59 38.28 62.16 4.41
C LEU U 59 37.33 62.56 3.29
N GLU U 60 36.55 61.58 2.90
CA GLU U 60 35.39 61.76 2.05
C GLU U 60 34.28 62.37 2.88
N LYS U 61 33.49 63.27 2.29
CA LYS U 61 32.30 63.80 2.94
C LYS U 61 31.25 62.70 2.93
N GLY U 62 30.74 62.36 4.13
CA GLY U 62 30.03 61.11 4.37
C GLY U 62 30.77 60.22 5.39
N SER U 63 32.06 60.42 5.57
CA SER U 63 32.82 59.52 6.42
C SER U 63 32.39 59.62 7.86
N ASN U 64 32.29 58.47 8.51
CA ASN U 64 32.01 58.38 9.94
C ASN U 64 30.69 59.08 10.21
N ASN U 65 29.68 58.82 9.37
CA ASN U 65 28.34 59.29 9.70
C ASN U 65 28.00 58.82 11.11
N ARG U 66 27.50 59.77 11.91
CA ARG U 66 27.07 59.42 13.22
C ARG U 66 25.56 59.30 13.27
N ILE U 67 24.92 59.50 12.14
CA ILE U 67 23.49 59.46 12.13
C ILE U 67 23.00 58.36 11.24
N HIS U 68 22.23 57.46 11.80
CA HIS U 68 21.86 56.29 11.07
C HIS U 68 20.38 56.16 11.02
N ALA U 69 19.83 55.78 9.91
CA ALA U 69 18.44 55.42 9.99
C ALA U 69 18.28 54.04 10.60
N VAL U 70 17.24 53.90 11.36
CA VAL U 70 16.95 52.65 12.00
C VAL U 70 15.69 52.04 11.44
N ASP U 71 14.82 52.86 10.88
CA ASP U 71 13.62 52.39 10.23
C ASP U 71 13.19 53.52 9.33
N ARG U 72 12.09 53.37 8.61
CA ARG U 72 11.65 54.48 7.79
C ARG U 72 11.46 55.71 8.66
N GLN U 73 10.90 55.55 9.84
CA GLN U 73 10.43 56.71 10.55
C GLN U 73 11.31 57.09 11.72
N ALA U 74 12.48 56.47 11.84
CA ALA U 74 13.26 56.64 13.05
C ALA U 74 14.74 56.62 12.73
N GLY U 75 15.49 57.34 13.52
CA GLY U 75 16.91 57.34 13.31
C GLY U 75 17.67 57.40 14.61
N ILE U 76 18.94 57.06 14.58
CA ILE U 76 19.73 57.22 15.77
C ILE U 76 20.96 57.99 15.47
N CYS U 77 21.13 59.12 16.13
CA CYS U 77 22.39 59.83 16.14
C CYS U 77 23.26 59.42 17.32
N ILE U 78 24.45 58.94 17.05
CA ILE U 78 25.32 58.49 18.08
C ILE U 78 26.26 59.57 18.52
N CYS U 79 26.47 59.53 19.81
CA CYS U 79 27.38 60.42 20.46
C CYS U 79 28.33 59.57 21.31
N GLY U 80 29.64 59.70 21.11
CA GLY U 80 30.62 58.87 21.80
C GLY U 80 31.30 57.93 20.83
N LEU U 81 31.71 56.77 21.28
CA LEU U 81 32.42 55.87 20.40
C LEU U 81 31.56 55.37 19.25
N LEU U 82 31.94 55.80 18.07
CA LEU U 82 31.11 55.48 16.96
C LEU U 82 30.93 53.99 16.77
N PRO U 83 31.96 53.17 16.87
CA PRO U 83 31.75 51.72 16.70
C PRO U 83 30.74 51.07 17.64
N ASP U 84 30.82 51.46 18.93
CA ASP U 84 29.85 51.03 19.91
C ASP U 84 28.45 51.47 19.49
N GLY U 85 28.34 52.65 18.96
CA GLY U 85 27.05 53.08 18.50
C GLY U 85 26.56 52.27 17.31
N ARG U 86 27.45 51.91 16.42
CA ARG U 86 26.93 51.15 15.31
C ARG U 86 26.44 49.82 15.85
N ALA U 87 26.87 49.43 17.03
CA ALA U 87 26.33 48.20 17.56
C ALA U 87 24.91 48.39 18.04
N ILE U 88 24.66 49.55 18.60
CA ILE U 88 23.34 49.89 19.06
C ILE U 88 22.39 50.10 17.91
N VAL U 89 22.83 50.87 16.94
CA VAL U 89 22.12 51.02 15.70
C VAL U 89 21.80 49.65 15.14
N SER U 90 22.71 48.71 15.14
CA SER U 90 22.26 47.41 14.67
C SER U 90 21.20 46.83 15.56
N ARG U 91 21.31 46.95 16.85
CA ARG U 91 20.26 46.39 17.62
C ARG U 91 18.96 47.17 17.42
N ALA U 92 19.02 48.50 17.21
CA ALA U 92 17.77 49.20 17.06
C ALA U 92 17.05 48.74 15.81
N ARG U 93 17.82 48.40 14.82
CA ARG U 93 17.31 48.03 13.55
C ARG U 93 16.71 46.69 13.64
N GLN U 94 17.24 45.86 14.49
CA GLN U 94 16.65 44.55 14.63
C GLN U 94 15.33 44.71 15.36
N GLU U 95 15.21 45.68 16.23
CA GLU U 95 13.96 45.83 16.93
C GLU U 95 12.92 46.40 15.99
N ALA U 96 13.36 47.29 15.14
CA ALA U 96 12.44 47.90 14.23
C ALA U 96 11.97 46.85 13.25
N GLU U 97 12.87 46.04 12.76
CA GLU U 97 12.47 45.00 11.87
C GLU U 97 11.51 44.07 12.60
N ASN U 98 11.80 43.71 13.85
CA ASN U 98 10.93 42.80 14.54
C ASN U 98 9.55 43.39 14.60
N SER U 99 9.46 44.67 14.91
CA SER U 99 8.15 45.25 15.06
C SER U 99 7.42 45.09 13.73
N ARG U 100 8.09 45.28 12.61
CA ARG U 100 7.39 45.16 11.34
C ARG U 100 7.11 43.73 10.94
N ASP U 101 7.97 42.82 11.35
CA ASP U 101 7.87 41.47 10.88
C ASP U 101 6.85 40.71 11.71
N ILE U 102 6.90 40.89 13.02
CA ILE U 102 5.99 40.21 13.90
C ILE U 102 4.71 40.99 14.13
N PHE U 103 4.77 42.30 14.27
CA PHE U 103 3.63 43.02 14.78
C PHE U 103 3.02 43.86 13.69
N ALA U 104 3.71 43.86 12.55
CA ALA U 104 3.14 44.44 11.34
C ALA U 104 2.77 45.89 11.55
N THR U 105 3.64 46.58 12.27
CA THR U 105 3.43 47.96 12.62
C THR U 105 4.84 48.52 12.71
N PRO U 106 5.03 49.79 12.35
CA PRO U 106 6.26 50.48 12.71
C PRO U 106 6.36 50.61 14.20
N ILE U 107 7.59 50.47 14.69
CA ILE U 107 7.85 50.52 16.11
C ILE U 107 7.58 51.93 16.54
N ARG U 108 6.79 52.07 17.60
CA ARG U 108 6.61 53.36 18.20
C ARG U 108 7.95 53.83 18.74
N GLY U 109 8.16 55.13 18.82
CA GLY U 109 9.45 55.65 19.24
C GLY U 109 9.75 55.39 20.71
N SER U 110 8.80 55.67 21.62
CA SER U 110 9.02 55.28 23.00
C SER U 110 9.38 53.81 23.07
N VAL U 111 8.76 52.97 22.28
CA VAL U 111 9.14 51.58 22.38
C VAL U 111 10.56 51.40 21.91
N LEU U 112 10.92 52.02 20.83
CA LEU U 112 12.24 51.83 20.29
C LEU U 112 13.29 52.28 21.26
N ALA U 113 13.06 53.39 21.92
CA ALA U 113 14.03 53.88 22.85
C ALA U 113 14.10 53.04 24.09
N ASN U 114 13.00 52.48 24.49
CA ASN U 114 13.06 51.56 25.60
C ASN U 114 13.89 50.36 25.24
N ARG U 115 13.71 49.83 24.05
CA ARG U 115 14.43 48.65 23.63
C ARG U 115 15.90 48.98 23.58
N VAL U 116 16.21 50.14 23.08
CA VAL U 116 17.59 50.55 23.00
C VAL U 116 18.18 50.63 24.39
N GLY U 117 17.45 51.22 25.34
CA GLY U 117 17.87 51.33 26.71
C GLY U 117 18.11 50.02 27.42
N GLU U 118 17.24 49.07 27.18
CA GLU U 118 17.30 47.76 27.78
C GLU U 118 18.58 47.09 27.32
N PHE U 119 18.85 47.25 26.04
CA PHE U 119 20.02 46.68 25.43
C PHE U 119 21.28 47.32 25.97
N MET U 120 21.33 48.62 26.00
CA MET U 120 22.45 49.25 26.65
C MET U 120 22.56 48.86 28.09
N HIS U 121 21.46 48.78 28.81
CA HIS U 121 21.62 48.50 30.24
C HIS U 121 22.16 47.11 30.45
N ALA U 122 21.79 46.19 29.61
CA ALA U 122 22.18 44.82 29.82
C ALA U 122 23.68 44.71 29.97
N TYR U 123 24.42 45.53 29.23
CA TYR U 123 25.86 45.53 29.25
C TYR U 123 26.38 46.29 30.45
N THR U 124 25.56 46.63 31.42
CA THR U 124 26.04 47.16 32.67
C THR U 124 25.80 46.23 33.81
N THR U 125 25.54 44.97 33.54
CA THR U 125 25.18 44.11 34.62
C THR U 125 26.09 42.91 34.81
N HIS U 126 27.00 42.64 33.91
CA HIS U 126 27.57 41.33 33.81
C HIS U 126 29.07 41.51 33.68
N PHE U 127 29.86 40.73 34.38
CA PHE U 127 31.28 41.03 34.51
C PHE U 127 31.98 40.91 33.17
N ALA U 128 31.37 40.18 32.26
CA ALA U 128 32.00 39.85 31.00
C ALA U 128 31.87 40.90 29.93
N TYR U 129 30.97 41.88 30.06
CA TYR U 129 30.89 42.85 29.00
C TYR U 129 31.15 44.18 29.63
N ARG U 130 31.47 45.17 28.84
CA ARG U 130 31.55 46.50 29.39
C ARG U 130 30.36 47.31 28.91
N PRO U 131 30.02 48.39 29.60
CA PRO U 131 29.08 49.34 29.08
C PRO U 131 29.50 49.94 27.75
N PHE U 132 28.53 50.39 26.98
CA PHE U 132 28.76 51.10 25.75
C PHE U 132 29.21 52.49 26.07
N GLY U 133 30.14 52.96 25.23
CA GLY U 133 30.69 54.30 25.35
C GLY U 133 30.01 55.28 24.43
N CYS U 134 28.70 55.23 24.37
CA CYS U 134 28.00 56.11 23.47
C CYS U 134 26.60 56.36 23.98
N SER U 135 26.10 57.57 23.79
CA SER U 135 24.70 57.85 24.01
C SER U 135 24.05 57.82 22.64
N ALA U 136 22.92 57.15 22.57
CA ALA U 136 22.14 57.20 21.35
C ALA U 136 21.07 58.26 21.49
N ILE U 137 20.96 59.17 20.55
CA ILE U 137 19.73 59.95 20.40
C ILE U 137 18.83 59.29 19.37
N ILE U 138 17.60 58.99 19.77
CA ILE U 138 16.60 58.34 18.92
C ILE U 138 15.58 59.38 18.56
N ALA U 139 15.25 59.45 17.29
CA ALA U 139 14.34 60.42 16.74
C ALA U 139 13.36 59.61 15.97
N SER U 140 12.09 59.74 16.26
CA SER U 140 11.11 58.85 15.66
C SER U 140 10.01 59.79 15.22
N TYR U 141 9.17 59.32 14.36
CA TYR U 141 7.94 60.00 14.08
C TYR U 141 7.08 58.91 13.54
N ALA U 142 6.65 58.08 14.46
CA ALA U 142 5.72 57.04 14.14
C ALA U 142 4.36 57.48 14.69
N ASP U 143 3.51 56.51 15.04
CA ASP U 143 2.13 56.79 15.41
C ASP U 143 2.06 57.48 16.76
N ASP U 144 3.13 57.38 17.57
CA ASP U 144 3.20 58.12 18.83
C ASP U 144 3.55 59.59 18.64
N GLY U 145 3.86 60.01 17.40
CA GLY U 145 4.06 61.41 17.07
C GLY U 145 5.54 61.70 16.94
N PRO U 146 6.02 62.94 16.83
CA PRO U 146 7.43 63.25 16.97
C PRO U 146 8.01 62.94 18.32
N GLN U 147 9.12 62.25 18.36
CA GLN U 147 9.65 61.88 19.65
C GLN U 147 11.16 61.89 19.61
N LEU U 148 11.75 62.32 20.68
CA LEU U 148 13.18 62.41 20.78
C LEU U 148 13.58 61.81 22.11
N PHE U 149 14.27 60.70 22.11
CA PHE U 149 14.79 60.17 23.34
C PHE U 149 16.27 60.14 23.34
N VAL U 150 16.84 60.04 24.52
CA VAL U 150 18.25 59.71 24.62
C VAL U 150 18.45 58.57 25.55
N SER U 151 19.17 57.55 25.11
CA SER U 151 19.66 56.45 25.92
C SER U 151 21.14 56.63 26.20
N ASP U 152 21.54 56.71 27.46
CA ASP U 152 22.95 56.92 27.81
C ASP U 152 23.57 55.57 28.08
N PRO U 153 24.88 55.47 28.37
CA PRO U 153 25.50 54.19 28.64
C PRO U 153 25.00 53.38 29.81
N SER U 154 24.37 54.02 30.77
CA SER U 154 23.74 53.28 31.82
C SER U 154 22.49 52.57 31.34
N GLY U 155 21.94 53.02 30.20
CA GLY U 155 20.70 52.49 29.67
C GLY U 155 19.50 53.33 30.09
N THR U 156 19.77 54.43 30.79
CA THR U 156 18.70 55.30 31.21
C THR U 156 18.18 56.03 30.01
N VAL U 157 16.88 56.17 29.88
CA VAL U 157 16.30 56.68 28.65
C VAL U 157 15.44 57.84 29.02
N ALA U 158 15.47 58.92 28.29
CA ALA U 158 14.60 60.02 28.67
C ALA U 158 14.07 60.72 27.44
N GLY U 159 12.87 61.23 27.47
CA GLY U 159 12.35 61.96 26.31
C GLY U 159 12.75 63.40 26.44
N TYR U 160 13.00 64.08 25.35
CA TYR U 160 13.34 65.46 25.46
C TYR U 160 12.60 66.24 24.41
N TYR U 161 12.42 67.53 24.67
CA TYR U 161 12.12 68.49 23.63
C TYR U 161 13.41 68.88 22.91
N GLY U 162 14.45 69.13 23.67
CA GLY U 162 15.73 69.40 23.04
C GLY U 162 16.81 68.82 23.91
N VAL U 163 17.94 68.60 23.28
CA VAL U 163 18.93 67.79 23.93
C VAL U 163 20.26 68.10 23.33
N ALA U 164 21.27 68.00 24.16
CA ALA U 164 22.63 68.25 23.76
C ALA U 164 23.57 67.26 24.45
N LEU U 165 24.47 66.66 23.69
CA LEU U 165 25.42 65.73 24.27
C LEU U 165 26.82 66.08 23.83
N GLY U 166 27.79 65.50 24.53
CA GLY U 166 29.18 65.67 24.15
C GLY U 166 29.85 66.83 24.85
N LYS U 167 30.93 67.34 24.24
CA LYS U 167 31.87 68.16 24.98
C LYS U 167 31.32 69.55 25.20
N ALA U 168 30.55 70.05 24.25
CA ALA U 168 30.00 71.38 24.41
C ALA U 168 28.58 71.28 24.98
N LYS U 169 28.29 70.26 25.76
CA LYS U 169 26.89 70.02 26.02
C LYS U 169 26.34 71.12 26.90
N THR U 170 27.13 71.59 27.87
CA THR U 170 26.66 72.58 28.81
C THR U 170 26.34 73.89 28.10
N VAL U 171 27.20 74.33 27.20
CA VAL U 171 26.89 75.53 26.42
C VAL U 171 25.69 75.29 25.50
N ALA U 172 25.75 74.26 24.66
CA ALA U 172 24.71 73.97 23.70
C ALA U 172 23.34 73.90 24.35
N LYS U 173 23.26 73.43 25.58
CA LYS U 173 22.00 73.44 26.30
C LYS U 173 21.57 74.88 26.60
N SER U 174 22.48 75.77 27.01
CA SER U 174 22.13 77.16 27.21
C SER U 174 21.54 77.79 25.95
N GLU U 175 22.00 77.37 24.76
CA GLU U 175 21.55 77.94 23.49
C GLU U 175 20.22 77.33 23.05
N LEU U 176 20.03 76.07 23.41
CA LEU U 176 18.81 75.34 23.13
C LEU U 176 17.70 75.80 24.05
N GLU U 177 18.03 76.45 25.17
CA GLU U 177 16.99 76.89 26.09
C GLU U 177 16.34 78.16 25.54
N LYS U 178 17.10 78.90 24.74
CA LYS U 178 16.58 80.10 24.10
C LYS U 178 15.51 79.82 23.04
N LEU U 179 15.39 78.57 22.56
CA LEU U 179 14.39 78.21 21.56
C LEU U 179 13.04 77.93 22.20
N ASP U 180 12.00 78.21 21.42
CA ASP U 180 10.62 78.06 21.84
C ASP U 180 10.09 76.75 21.24
N PHE U 181 10.03 75.68 22.03
CA PHE U 181 9.80 74.36 21.47
C PHE U 181 8.34 74.21 21.00
N SER U 182 7.42 74.93 21.65
CA SER U 182 6.01 74.88 21.30
C SER U 182 5.80 75.40 19.88
N SER U 183 6.62 76.38 19.45
CA SER U 183 6.38 77.09 18.19
C SER U 183 7.30 76.62 17.05
N LEU U 184 8.48 76.09 17.41
CA LEU U 184 9.60 75.86 16.52
C LEU U 184 9.22 74.76 15.54
N THR U 185 9.64 74.94 14.28
CA THR U 185 9.38 74.05 13.16
C THR U 185 10.68 73.44 12.65
N CYS U 186 10.56 72.33 11.95
CA CYS U 186 11.71 71.56 11.54
C CYS U 186 12.58 72.40 10.62
N ASP U 187 11.95 73.25 9.79
CA ASP U 187 12.71 74.14 8.93
C ASP U 187 13.58 75.05 9.79
N GLU U 188 13.00 75.69 10.81
CA GLU U 188 13.77 76.67 11.57
C GLU U 188 14.89 75.93 12.28
N ALA U 189 14.57 74.73 12.79
CA ALA U 189 15.44 74.00 13.69
C ALA U 189 16.71 73.56 12.99
N VAL U 190 16.60 73.16 11.75
CA VAL U 190 17.81 72.81 11.01
C VAL U 190 18.78 73.98 11.04
N GLY U 191 18.24 75.18 10.90
CA GLY U 191 19.08 76.37 10.96
C GLY U 191 19.68 76.57 12.35
N LYS U 192 18.80 76.53 13.37
CA LYS U 192 19.18 76.85 14.73
C LYS U 192 20.19 75.84 15.26
N LEU U 193 19.82 74.55 15.16
CA LEU U 193 20.64 73.48 15.70
C LEU U 193 21.98 73.46 15.01
N ALA U 194 22.00 73.68 13.71
CA ALA U 194 23.30 73.73 13.05
C ALA U 194 24.06 74.95 13.55
N SER U 195 23.39 76.10 13.61
CA SER U 195 24.03 77.33 14.05
C SER U 195 24.66 77.08 15.42
N ILE U 196 23.92 76.37 16.31
CA ILE U 196 24.39 76.15 17.67
C ILE U 196 25.70 75.39 17.69
N LEU U 197 25.79 74.34 16.87
CA LEU U 197 27.00 73.53 16.77
C LEU U 197 28.16 74.33 16.17
N HIS U 198 27.91 75.41 15.43
CA HIS U 198 29.03 76.23 14.96
C HIS U 198 29.53 77.13 16.09
N GLU U 199 28.64 77.65 16.96
CA GLU U 199 29.06 78.54 18.06
C GLU U 199 29.93 77.82 19.09
N VAL U 200 29.53 76.58 19.44
CA VAL U 200 30.10 75.85 20.58
C VAL U 200 31.30 75.02 20.14
N HIS U 201 31.44 74.83 18.83
CA HIS U 201 32.66 74.26 18.31
C HIS U 201 33.85 75.13 18.68
N ASP U 202 34.89 74.46 19.18
CA ASP U 202 36.17 75.03 19.57
C ASP U 202 37.13 74.80 18.41
N LYS U 203 37.73 75.89 17.90
CA LYS U 203 38.38 75.92 16.59
C LYS U 203 39.87 75.57 16.66
N GLN U 204 40.53 75.91 17.77
CA GLN U 204 41.98 75.77 17.87
C GLN U 204 42.35 74.35 18.33
N LYS U 205 41.33 73.55 18.67
CA LYS U 205 41.47 72.15 19.06
C LYS U 205 41.18 71.23 17.87
N ASP U 206 39.97 71.38 17.30
CA ASP U 206 39.37 70.46 16.33
C ASP U 206 39.19 71.19 15.01
N LYS U 207 40.26 71.21 14.21
CA LYS U 207 40.36 72.23 13.16
C LYS U 207 39.45 71.84 11.99
N LEU U 208 39.17 70.55 11.86
CA LEU U 208 38.42 69.98 10.74
C LEU U 208 37.08 69.45 11.24
N TYR U 209 35.98 69.96 10.69
CA TYR U 209 34.68 69.51 11.16
C TYR U 209 33.59 69.82 10.14
N GLU U 210 32.71 68.85 9.93
CA GLU U 210 31.44 69.17 9.32
C GLU U 210 30.36 68.93 10.33
N VAL U 211 29.19 69.46 10.00
CA VAL U 211 28.01 69.29 10.79
C VAL U 211 26.96 68.53 10.00
N GLU U 212 26.69 67.32 10.46
CA GLU U 212 25.79 66.40 9.81
C GLU U 212 24.42 66.68 10.42
N VAL U 213 23.37 66.81 9.62
CA VAL U 213 22.04 67.04 10.14
C VAL U 213 21.03 66.07 9.58
N ALA U 214 20.04 65.67 10.35
CA ALA U 214 19.07 64.76 9.81
C ALA U 214 17.73 65.06 10.41
N TRP U 215 16.66 64.73 9.73
CA TRP U 215 15.38 64.97 10.36
C TRP U 215 14.39 63.91 10.03
N VAL U 216 13.35 63.88 10.83
CA VAL U 216 12.20 63.14 10.40
C VAL U 216 11.05 64.02 10.69
N CYS U 217 10.28 64.31 9.65
CA CYS U 217 9.26 65.32 9.79
C CYS U 217 8.21 65.16 8.72
N ASP U 218 7.18 66.00 8.81
CA ASP U 218 6.08 66.01 7.88
C ASP U 218 6.53 66.33 6.46
N LYS U 219 7.55 67.20 6.29
CA LYS U 219 8.04 67.52 4.96
C LYS U 219 8.83 66.38 4.34
N SER U 220 9.45 65.54 5.18
CA SER U 220 10.22 64.41 4.68
C SER U 220 9.35 63.17 4.51
N ASP U 221 8.01 63.34 4.58
CA ASP U 221 7.04 62.26 4.49
C ASP U 221 7.28 61.27 5.65
N ARG U 222 7.74 61.85 6.76
CA ARG U 222 7.96 61.18 8.01
C ARG U 222 8.96 60.09 7.80
N LYS U 223 9.88 60.36 6.92
CA LYS U 223 11.00 59.48 6.72
C LYS U 223 12.22 60.16 7.29
N PHE U 224 13.08 59.38 7.92
CA PHE U 224 14.25 59.91 8.57
C PHE U 224 15.41 59.96 7.60
N VAL U 225 15.98 61.13 7.39
CA VAL U 225 16.87 61.33 6.27
C VAL U 225 17.85 62.42 6.68
N HIS U 226 19.05 62.36 6.12
CA HIS U 226 19.91 63.52 6.16
C HIS U 226 19.21 64.63 5.44
N VAL U 227 19.43 65.83 5.95
CA VAL U 227 18.84 67.00 5.32
C VAL U 227 19.76 67.36 4.18
N PRO U 228 19.17 67.82 3.05
CA PRO U 228 19.93 68.30 1.89
C PRO U 228 20.91 69.39 2.31
N ALA U 229 22.13 69.39 1.75
CA ALA U 229 23.17 70.30 2.23
C ALA U 229 23.01 71.71 1.64
N ASP U 230 21.76 72.13 1.41
CA ASP U 230 21.42 73.50 1.02
C ASP U 230 20.90 74.29 2.22
N MET U 231 20.51 73.59 3.31
CA MET U 231 19.75 74.19 4.40
C MET U 231 20.66 74.52 5.60
N VAL U 232 21.98 74.58 5.37
CA VAL U 232 22.98 74.46 6.43
C VAL U 232 24.02 75.59 6.27
N THR V 55 -19.12 24.00 11.09
CA THR V 55 -18.77 25.35 11.59
C THR V 55 -19.14 26.33 10.51
N THR V 56 -19.70 27.42 10.92
CA THR V 56 -19.88 28.56 10.06
C THR V 56 -19.40 29.78 10.84
N ILE V 57 -18.44 30.50 10.31
CA ILE V 57 -17.96 31.70 10.95
C ILE V 57 -17.92 32.76 9.90
N LEU V 58 -18.21 33.95 10.30
CA LEU V 58 -18.06 35.02 9.36
C LEU V 58 -17.90 36.33 10.08
N ALA V 59 -17.41 37.28 9.31
CA ALA V 59 -17.30 38.61 9.82
C ALA V 59 -17.54 39.59 8.74
N VAL V 60 -18.11 40.69 9.11
CA VAL V 60 -18.51 41.72 8.21
C VAL V 60 -18.16 43.08 8.80
N SER V 61 -17.76 43.96 7.94
CA SER V 61 -17.45 45.32 8.30
C SER V 61 -18.70 46.16 8.16
N TYR V 62 -18.82 47.16 9.02
CA TYR V 62 -19.81 48.21 8.85
C TYR V 62 -19.10 49.49 9.15
N ASN V 63 -19.79 50.60 9.03
CA ASN V 63 -19.02 51.83 9.15
C ASN V 63 -18.69 51.97 10.62
N GLY V 64 -17.40 51.83 10.89
CA GLY V 64 -16.86 52.02 12.21
C GLY V 64 -16.66 50.76 13.02
N GLY V 65 -16.99 49.58 12.49
CA GLY V 65 -16.70 48.37 13.21
C GLY V 65 -16.96 47.10 12.44
N VAL V 66 -17.07 46.00 13.19
CA VAL V 66 -17.26 44.72 12.62
C VAL V 66 -18.23 43.92 13.42
N VAL V 67 -18.87 42.99 12.75
CA VAL V 67 -19.62 41.95 13.38
C VAL V 67 -18.92 40.63 13.15
N LEU V 68 -18.85 39.84 14.19
CA LEU V 68 -18.48 38.47 13.99
C LEU V 68 -19.65 37.62 14.32
N ALA V 69 -19.76 36.48 13.65
CA ALA V 69 -20.86 35.59 13.92
C ALA V 69 -20.42 34.15 13.76
N ALA V 70 -21.10 33.29 14.48
CA ALA V 70 -20.77 31.91 14.31
C ALA V 70 -21.89 31.07 14.79
N ASP V 71 -21.97 29.88 14.29
CA ASP V 71 -22.82 28.88 14.89
C ASP V 71 -22.06 28.27 16.05
N SER V 72 -22.70 27.39 16.74
CA SER V 72 -22.17 26.88 17.97
C SER V 72 -21.88 25.42 17.93
N ARG V 73 -21.82 24.74 16.85
CA ARG V 73 -21.74 23.30 17.00
C ARG V 73 -20.33 22.77 16.80
N THR V 74 -19.92 21.86 17.66
CA THR V 74 -18.67 21.19 17.45
C THR V 74 -19.01 19.74 17.21
N SER V 75 -18.58 19.17 16.11
CA SER V 75 -18.99 17.82 15.79
C SER V 75 -17.77 16.94 15.61
N SER V 76 -17.87 15.75 16.21
CA SER V 76 -17.00 14.60 15.97
C SER V 76 -17.68 13.77 14.89
N GLY V 77 -17.60 14.30 13.67
CA GLY V 77 -18.15 13.69 12.47
C GLY V 77 -19.66 13.94 12.30
N THR V 78 -20.44 13.13 13.03
CA THR V 78 -21.88 13.08 12.85
C THR V 78 -22.62 13.16 14.16
N TYR V 79 -21.86 13.13 15.26
CA TYR V 79 -22.36 13.37 16.58
C TYR V 79 -21.95 14.78 16.98
N VAL V 80 -22.77 15.44 17.75
CA VAL V 80 -22.44 16.77 18.21
C VAL V 80 -21.89 16.67 19.62
N VAL V 81 -20.61 16.91 19.78
CA VAL V 81 -20.07 16.89 21.12
C VAL V 81 -20.41 18.16 21.85
N ASN V 82 -20.46 19.25 21.14
CA ASN V 82 -20.78 20.44 21.89
C ASN V 82 -21.78 21.17 21.05
N ARG V 83 -22.87 21.55 21.65
CA ARG V 83 -23.84 22.22 20.86
C ARG V 83 -23.89 23.64 21.29
N ALA V 84 -22.95 24.06 22.09
CA ALA V 84 -22.95 25.44 22.48
C ALA V 84 -21.53 25.92 22.59
N SER V 85 -20.75 25.64 21.57
CA SER V 85 -19.39 26.13 21.58
C SER V 85 -19.40 27.61 21.29
N ASN V 86 -18.34 28.25 21.75
CA ASN V 86 -18.13 29.68 21.47
C ASN V 86 -16.91 29.79 20.56
N LYS V 87 -17.18 30.14 19.33
CA LYS V 87 -16.11 30.13 18.36
C LYS V 87 -15.65 31.54 18.13
N LEU V 88 -16.26 32.50 18.80
CA LEU V 88 -15.79 33.84 18.81
C LEU V 88 -14.93 34.09 20.02
N THR V 89 -13.63 34.13 19.79
CA THR V 89 -12.66 34.06 20.86
C THR V 89 -11.97 35.37 21.00
N LYS V 90 -11.89 35.90 22.18
CA LYS V 90 -11.38 37.23 22.41
C LYS V 90 -9.86 37.23 22.29
N LEU V 91 -9.26 38.17 21.57
CA LEU V 91 -7.83 38.22 21.52
C LEU V 91 -7.39 39.38 22.39
N THR V 92 -7.94 40.55 22.14
CA THR V 92 -7.85 41.67 23.04
C THR V 92 -9.24 42.21 23.34
N LYS V 93 -9.35 43.38 23.93
CA LYS V 93 -10.68 43.87 24.22
C LYS V 93 -11.55 43.93 22.97
N LYS V 94 -11.01 44.58 21.92
CA LYS V 94 -11.75 44.83 20.71
C LYS V 94 -11.21 44.06 19.51
N ILE V 95 -10.64 42.90 19.71
CA ILE V 95 -10.19 42.11 18.59
C ILE V 95 -10.45 40.67 18.88
N TYR V 96 -11.12 40.01 17.97
CA TYR V 96 -11.63 38.69 18.18
C TYR V 96 -11.20 37.83 17.03
N CYS V 97 -11.20 36.55 17.26
CA CYS V 97 -11.08 35.70 16.11
C CYS V 97 -12.33 34.84 15.99
N CYS V 98 -12.59 34.31 14.81
CA CYS V 98 -13.53 33.22 14.77
C CYS V 98 -12.73 32.04 14.40
N ARG V 99 -13.04 30.95 14.98
CA ARG V 99 -12.20 29.80 14.82
C ARG V 99 -12.98 28.79 14.02
N SER V 100 -12.30 28.14 13.09
CA SER V 100 -12.82 26.93 12.48
C SER V 100 -11.69 25.94 12.27
N GLY V 101 -12.08 24.68 12.10
CA GLY V 101 -11.12 23.59 12.08
C GLY V 101 -11.02 22.97 13.47
N SER V 102 -9.82 22.55 13.78
CA SER V 102 -9.60 21.73 14.92
C SER V 102 -9.72 22.62 16.12
N ALA V 103 -10.67 22.30 16.99
CA ALA V 103 -10.89 23.07 18.19
C ALA V 103 -9.57 23.14 18.91
N ALA V 104 -8.88 22.02 18.97
CA ALA V 104 -7.69 22.00 19.77
C ALA V 104 -6.72 23.04 19.23
N ASP V 105 -6.50 22.96 17.93
CA ASP V 105 -5.52 23.78 17.28
C ASP V 105 -5.89 25.23 17.41
N THR V 106 -7.13 25.55 17.19
CA THR V 106 -7.52 26.93 17.16
C THR V 106 -7.57 27.55 18.53
N GLN V 107 -7.96 26.75 19.53
CA GLN V 107 -7.90 27.23 20.88
C GLN V 107 -6.45 27.43 21.26
N ALA V 108 -5.55 26.55 20.87
CA ALA V 108 -4.19 26.75 21.28
C ALA V 108 -3.64 27.99 20.63
N LEU V 109 -3.96 28.28 19.36
CA LEU V 109 -3.40 29.46 18.76
C LEU V 109 -4.01 30.72 19.31
N ALA V 110 -5.28 30.69 19.56
CA ALA V 110 -5.92 31.89 20.01
C ALA V 110 -5.34 32.24 21.36
N GLU V 111 -5.05 31.23 22.19
CA GLU V 111 -4.63 31.50 23.56
C GLU V 111 -3.22 32.06 23.47
N ARG V 112 -2.46 31.49 22.55
CA ARG V 112 -1.12 31.95 22.34
C ARG V 112 -1.13 33.36 21.83
N VAL V 113 -1.87 33.65 20.78
CA VAL V 113 -1.89 35.00 20.25
C VAL V 113 -2.44 35.98 21.24
N SER V 114 -3.44 35.61 22.00
CA SER V 114 -4.02 36.56 22.93
C SER V 114 -3.00 36.94 23.99
N ASN V 115 -2.21 35.97 24.38
CA ASN V 115 -1.16 36.13 25.34
C ASN V 115 -0.17 37.06 24.75
N TYR V 116 0.35 36.77 23.58
CA TYR V 116 1.36 37.65 23.01
C TYR V 116 0.88 39.07 22.90
N LEU V 117 -0.37 39.25 22.56
CA LEU V 117 -0.91 40.55 22.30
C LEU V 117 -1.15 41.32 23.57
N GLY V 118 -1.45 40.63 24.66
CA GLY V 118 -1.56 41.31 25.93
C GLY V 118 -0.21 41.80 26.42
N SER V 119 0.82 40.93 26.31
CA SER V 119 2.17 41.34 26.56
C SER V 119 2.48 42.56 25.74
N TYR V 120 2.17 42.53 24.46
CA TYR V 120 2.55 43.60 23.57
C TYR V 120 1.83 44.90 23.88
N GLN V 121 0.62 44.81 24.40
CA GLN V 121 -0.12 46.01 24.68
C GLN V 121 0.40 46.69 25.92
N THR V 122 0.81 45.87 26.89
CA THR V 122 1.37 46.35 28.14
C THR V 122 2.72 47.00 27.88
N ASP V 123 3.43 46.48 26.91
CA ASP V 123 4.73 46.96 26.57
C ASP V 123 4.74 48.26 25.76
N ILE V 124 3.85 48.42 24.81
CA ILE V 124 3.87 49.65 24.04
C ILE V 124 2.97 50.68 24.73
N GLY V 125 2.29 50.30 25.79
CA GLY V 125 1.35 51.18 26.44
C GLY V 125 0.41 51.86 25.45
N ALA V 126 -0.38 51.09 24.74
CA ALA V 126 -1.39 51.62 23.82
C ALA V 126 -2.23 50.48 23.25
N GLY V 127 -3.25 50.81 22.50
CA GLY V 127 -4.10 49.77 21.94
C GLY V 127 -3.41 48.98 20.83
N VAL V 128 -3.95 47.82 20.58
CA VAL V 128 -3.41 47.00 19.54
C VAL V 128 -4.23 47.17 18.28
N ASN V 129 -3.55 47.09 17.16
CA ASN V 129 -4.18 47.19 15.87
C ASN V 129 -4.67 45.82 15.41
N VAL V 130 -5.69 45.81 14.56
CA VAL V 130 -6.15 44.53 14.17
C VAL V 130 -5.11 43.90 13.26
N ALA V 131 -4.46 44.70 12.47
CA ALA V 131 -3.38 44.19 11.68
C ALA V 131 -2.32 43.46 12.51
N THR V 132 -1.91 43.99 13.63
CA THR V 132 -1.00 43.24 14.44
C THR V 132 -1.57 41.89 14.83
N ALA V 133 -2.80 41.85 15.25
CA ALA V 133 -3.34 40.57 15.66
C ALA V 133 -3.39 39.61 14.49
N ALA V 134 -3.75 40.10 13.31
CA ALA V 134 -3.82 39.26 12.16
C ALA V 134 -2.45 38.80 11.74
N ASN V 135 -1.53 39.69 11.83
CA ASN V 135 -0.20 39.32 11.45
C ASN V 135 0.34 38.21 12.33
N LEU V 136 0.05 38.24 13.60
CA LEU V 136 0.60 37.23 14.48
C LEU V 136 -0.03 35.87 14.25
N PHE V 137 -1.32 35.92 14.20
CA PHE V 137 -2.09 34.80 13.80
C PHE V 137 -1.57 34.23 12.49
N GLN V 138 -1.33 35.07 11.49
CA GLN V 138 -0.86 34.53 10.24
C GLN V 138 0.47 33.84 10.47
N LYS V 139 1.44 34.50 11.07
CA LYS V 139 2.70 33.87 11.37
C LYS V 139 2.54 32.49 11.93
N MET V 140 1.65 32.31 12.90
CA MET V 140 1.62 31.08 13.66
C MET V 140 0.93 30.00 12.86
N CYS V 141 -0.16 30.37 12.26
CA CYS V 141 -0.81 29.55 11.29
C CYS V 141 0.09 29.14 10.15
N TYR V 142 1.02 29.95 9.74
CA TYR V 142 1.85 29.56 8.62
C TYR V 142 3.00 28.69 9.10
N MET V 143 3.70 29.08 10.17
CA MET V 143 4.68 28.20 10.80
C MET V 143 4.13 26.81 11.06
N ASN V 144 2.86 26.64 11.46
CA ASN V 144 2.39 25.32 11.78
C ASN V 144 1.42 24.82 10.70
N ARG V 145 1.59 25.21 9.44
CA ARG V 145 0.50 24.94 8.52
C ARG V 145 0.30 23.46 8.26
N TRP V 146 1.31 22.63 8.52
CA TRP V 146 1.25 21.24 8.08
C TRP V 146 0.60 20.40 9.18
N ASN V 147 0.71 20.89 10.41
CA ASN V 147 0.29 20.17 11.59
C ASN V 147 -1.04 20.66 12.15
N ILE V 148 -1.69 21.64 11.57
CA ILE V 148 -2.94 22.12 12.16
C ILE V 148 -3.98 22.21 11.05
N SER V 149 -5.23 22.14 11.46
CA SER V 149 -6.36 22.47 10.61
C SER V 149 -6.97 23.71 11.23
N ALA V 150 -7.00 24.82 10.50
CA ALA V 150 -7.31 26.06 11.18
C ALA V 150 -7.67 27.11 10.15
N GLY V 151 -8.95 27.43 10.11
CA GLY V 151 -9.39 28.62 9.42
C GLY V 151 -9.65 29.67 10.48
N ILE V 152 -9.05 30.84 10.36
CA ILE V 152 -9.27 31.92 11.30
C ILE V 152 -9.84 33.14 10.59
N ILE V 153 -10.57 33.90 11.31
CA ILE V 153 -10.87 35.21 10.89
C ILE V 153 -10.49 36.05 12.06
N VAL V 154 -9.84 37.15 11.80
CA VAL V 154 -9.44 38.04 12.84
C VAL V 154 -10.13 39.30 12.50
N ALA V 155 -10.89 39.82 13.42
CA ALA V 155 -11.62 40.98 13.10
C ALA V 155 -11.73 41.80 14.34
N GLY V 156 -11.78 43.08 14.15
CA GLY V 156 -11.91 43.90 15.29
C GLY V 156 -11.79 45.33 14.89
N TYR V 157 -11.70 46.14 15.92
CA TYR V 157 -11.74 47.56 15.82
C TYR V 157 -10.50 48.06 16.48
N ASP V 158 -9.88 49.02 15.82
CA ASP V 158 -8.79 49.76 16.39
C ASP V 158 -9.04 51.16 15.91
N PRO V 159 -8.59 52.21 16.64
CA PRO V 159 -8.96 53.58 16.26
C PRO V 159 -8.27 54.16 15.04
N ILE V 160 -7.14 53.57 14.65
CA ILE V 160 -6.38 54.09 13.53
C ILE V 160 -7.09 53.64 12.26
N ASN V 161 -7.48 52.35 12.22
CA ASN V 161 -7.99 51.80 10.98
C ASN V 161 -9.48 51.47 11.02
N GLY V 162 -10.15 51.80 12.11
CA GLY V 162 -11.55 51.44 12.21
C GLY V 162 -11.76 49.96 12.40
N GLY V 163 -12.76 49.41 11.75
CA GLY V 163 -13.01 48.00 11.88
C GLY V 163 -12.36 47.27 10.75
N SER V 164 -11.76 46.14 10.99
CA SER V 164 -11.11 45.38 9.98
C SER V 164 -11.41 43.93 10.12
N VAL V 165 -11.18 43.20 9.03
CA VAL V 165 -11.46 41.79 8.95
C VAL V 165 -10.34 41.16 8.19
N TYR V 166 -9.80 40.11 8.72
CA TYR V 166 -8.79 39.42 8.00
C TYR V 166 -9.19 37.98 7.96
N SER V 167 -8.99 37.34 6.85
CA SER V 167 -9.21 35.92 6.75
C SER V 167 -7.90 35.24 6.79
N ILE V 168 -7.73 34.27 7.60
CA ILE V 168 -6.50 33.52 7.50
C ILE V 168 -6.84 32.10 7.27
N PRO V 169 -6.92 31.64 6.04
CA PRO V 169 -7.34 30.29 5.80
C PRO V 169 -6.22 29.30 5.97
N SER V 170 -6.56 28.05 5.82
CA SER V 170 -5.67 26.93 6.06
C SER V 170 -4.24 27.16 5.54
N GLY V 171 -4.06 27.62 4.33
CA GLY V 171 -2.64 27.69 4.03
C GLY V 171 -1.82 28.73 4.84
N GLY V 172 -2.47 29.60 5.64
CA GLY V 172 -1.79 30.69 6.29
C GLY V 172 -1.65 31.95 5.45
N SER V 173 -2.43 32.12 4.42
CA SER V 173 -2.55 33.40 3.76
C SER V 173 -3.20 34.30 4.74
N CYS V 174 -3.01 35.60 4.58
CA CYS V 174 -3.77 36.56 5.34
C CYS V 174 -4.27 37.61 4.40
N VAL V 175 -5.59 37.73 4.35
CA VAL V 175 -6.18 38.61 3.39
C VAL V 175 -7.13 39.54 4.05
N LYS V 176 -6.97 40.83 3.77
CA LYS V 176 -7.81 41.82 4.37
C LYS V 176 -9.06 42.10 3.53
N LEU V 177 -10.21 41.92 4.11
CA LEU V 177 -11.41 41.99 3.33
C LEU V 177 -12.43 42.85 3.96
N ASP V 178 -13.51 43.01 3.24
CA ASP V 178 -14.68 43.64 3.77
C ASP V 178 -15.49 42.68 4.62
N TYR V 179 -15.59 41.45 4.16
CA TYR V 179 -16.18 40.44 4.97
C TYR V 179 -15.46 39.15 4.71
N ALA V 180 -15.63 38.19 5.58
CA ALA V 180 -14.98 36.92 5.42
C ALA V 180 -15.85 35.84 5.96
N LEU V 181 -15.71 34.68 5.40
CA LEU V 181 -16.47 33.50 5.69
C LEU V 181 -15.52 32.39 5.94
N GLY V 182 -15.88 31.47 6.80
CA GLY V 182 -15.00 30.37 7.01
C GLY V 182 -15.80 29.24 7.55
N GLY V 183 -15.20 28.10 7.71
CA GLY V 183 -15.98 26.96 8.12
C GLY V 183 -16.45 26.16 6.93
N SER V 184 -16.78 24.91 7.21
CA SER V 184 -17.52 24.05 6.29
C SER V 184 -18.80 24.73 5.78
N GLY V 185 -19.47 25.52 6.63
CA GLY V 185 -20.72 26.17 6.26
C GLY V 185 -20.49 27.35 5.33
N SER V 186 -19.28 27.79 5.16
CA SER V 186 -19.14 29.00 4.38
C SER V 186 -19.47 28.79 2.91
N ILE V 187 -19.23 27.61 2.41
CA ILE V 187 -19.49 27.32 1.02
C ILE V 187 -20.93 27.65 0.67
N PHE V 188 -21.84 27.59 1.64
CA PHE V 188 -23.23 27.96 1.44
C PHE V 188 -23.50 29.44 1.47
N LEU V 189 -22.58 30.28 1.87
CA LEU V 189 -22.91 31.67 2.01
C LEU V 189 -22.34 32.52 0.91
N TYR V 190 -21.41 32.01 0.15
CA TYR V 190 -20.85 32.79 -0.91
C TYR V 190 -21.92 33.36 -1.81
N SER V 191 -22.76 32.55 -2.37
CA SER V 191 -23.88 33.07 -3.14
C SER V 191 -24.80 33.92 -2.32
N PHE V 192 -25.02 33.60 -1.07
CA PHE V 192 -25.87 34.44 -0.27
C PHE V 192 -25.35 35.86 -0.16
N PHE V 193 -24.05 36.01 0.03
CA PHE V 193 -23.46 37.32 0.06
C PHE V 193 -23.44 37.99 -1.31
N ASP V 194 -22.95 37.26 -2.30
CA ASP V 194 -23.00 37.74 -3.65
C ASP V 194 -24.39 38.27 -3.96
N ALA V 195 -25.42 37.56 -3.54
CA ALA V 195 -26.75 37.99 -3.93
C ALA V 195 -27.38 39.01 -3.00
N ASN V 196 -27.17 38.91 -1.70
CA ASN V 196 -27.99 39.64 -0.75
C ASN V 196 -27.21 40.62 0.14
N TYR V 197 -25.90 40.54 0.18
CA TYR V 197 -25.13 41.47 0.97
C TYR V 197 -24.82 42.75 0.24
N LYS V 198 -25.39 43.85 0.66
CA LYS V 198 -24.88 45.13 0.21
C LYS V 198 -24.06 45.68 1.33
N PRO V 199 -22.84 46.17 1.04
CA PRO V 199 -22.03 46.86 2.05
C PRO V 199 -22.57 48.27 2.34
N GLY V 200 -22.09 48.84 3.46
CA GLY V 200 -22.55 50.12 3.98
C GLY V 200 -23.74 50.00 4.94
N MET V 201 -23.88 48.84 5.54
CA MET V 201 -25.00 48.58 6.42
C MET V 201 -24.65 49.20 7.76
N SER V 202 -25.69 49.57 8.53
CA SER V 202 -25.53 50.04 9.90
C SER V 202 -25.12 48.85 10.74
N LYS V 203 -24.50 49.10 11.88
CA LYS V 203 -24.38 48.08 12.91
C LYS V 203 -25.56 47.12 12.99
N SER V 204 -26.79 47.62 13.18
CA SER V 204 -27.89 46.75 13.56
C SER V 204 -28.31 45.89 12.37
N GLU V 205 -28.26 46.48 11.19
CA GLU V 205 -28.57 45.79 9.95
C GLU V 205 -27.59 44.66 9.70
N CYS V 206 -26.35 44.99 9.93
CA CYS V 206 -25.23 44.08 9.82
C CYS V 206 -25.30 42.94 10.83
N VAL V 207 -25.66 43.24 12.04
CA VAL V 207 -25.90 42.13 12.95
C VAL V 207 -27.01 41.25 12.41
N ALA V 208 -28.13 41.82 11.98
CA ALA V 208 -29.24 40.94 11.61
C ALA V 208 -28.87 40.12 10.37
N PHE V 209 -28.15 40.75 9.45
CA PHE V 209 -27.71 40.07 8.26
C PHE V 209 -26.76 38.93 8.57
N CYS V 210 -25.75 39.15 9.40
CA CYS V 210 -24.96 38.04 9.82
C CYS V 210 -25.74 36.95 10.54
N GLN V 211 -26.73 37.31 11.35
CA GLN V 211 -27.49 36.21 11.91
C GLN V 211 -28.21 35.46 10.81
N ARG V 212 -28.74 36.16 9.81
CA ARG V 212 -29.47 35.46 8.78
C ARG V 212 -28.49 34.55 8.06
N ALA V 213 -27.32 35.08 7.78
CA ALA V 213 -26.36 34.38 7.02
C ALA V 213 -25.95 33.16 7.77
N VAL V 214 -25.62 33.27 9.03
CA VAL V 214 -25.33 32.04 9.70
C VAL V 214 -26.49 31.07 9.64
N ALA V 215 -27.71 31.53 9.86
CA ALA V 215 -28.82 30.61 9.88
C ALA V 215 -28.98 29.84 8.57
N HIS V 216 -28.83 30.53 7.48
CA HIS V 216 -28.85 29.92 6.18
C HIS V 216 -27.77 28.89 6.07
N ALA V 217 -26.59 29.20 6.48
CA ALA V 217 -25.54 28.22 6.40
C ALA V 217 -25.86 27.04 7.26
N TYR V 218 -26.22 27.24 8.48
CA TYR V 218 -26.32 26.05 9.29
C TYR V 218 -27.62 25.28 9.05
N SER V 219 -28.52 25.83 8.26
CA SER V 219 -29.69 25.07 7.86
C SER V 219 -29.36 24.04 6.79
N ARG V 220 -28.23 24.20 6.13
CA ARG V 220 -27.82 23.26 5.13
C ARG V 220 -26.56 22.51 5.52
N ASP V 221 -25.63 23.10 6.27
CA ASP V 221 -24.45 22.36 6.67
C ASP V 221 -24.83 21.53 7.89
N GLY V 222 -24.65 20.22 7.75
CA GLY V 222 -24.84 19.27 8.83
C GLY V 222 -23.82 19.50 9.95
N SER V 223 -22.71 20.10 9.59
CA SER V 223 -21.66 20.31 10.57
C SER V 223 -21.78 21.64 11.29
N SER V 224 -22.84 22.38 11.07
CA SER V 224 -23.00 23.63 11.79
C SER V 224 -24.39 23.57 12.34
N GLY V 225 -24.63 24.36 13.35
CA GLY V 225 -25.89 24.26 14.00
C GLY V 225 -25.88 25.02 15.29
N GLY V 226 -27.01 24.93 15.98
CA GLY V 226 -27.12 25.36 17.36
C GLY V 226 -27.46 26.83 17.44
N LEU V 227 -26.69 27.52 18.24
CA LEU V 227 -26.91 28.92 18.50
C LEU V 227 -26.24 29.73 17.44
N ILE V 228 -26.58 30.99 17.40
CA ILE V 228 -25.82 31.90 16.62
C ILE V 228 -25.27 32.89 17.57
N ARG V 229 -23.97 32.94 17.68
CA ARG V 229 -23.31 33.93 18.51
C ARG V 229 -22.76 35.01 17.63
N THR V 230 -22.95 36.23 18.06
CA THR V 230 -22.38 37.36 17.40
C THR V 230 -21.70 38.26 18.39
N ILE V 231 -20.76 39.03 17.89
CA ILE V 231 -20.27 40.12 18.68
C ILE V 231 -20.02 41.25 17.76
N THR V 232 -20.34 42.45 18.16
CA THR V 232 -19.89 43.63 17.46
C THR V 232 -18.74 44.30 18.16
N LEU V 233 -17.92 44.93 17.36
CA LEU V 233 -16.68 45.46 17.84
C LEU V 233 -16.52 46.77 17.14
N ASP V 234 -16.50 47.86 17.90
CA ASP V 234 -16.34 49.19 17.37
C ASP V 234 -15.85 50.12 18.48
N ALA V 235 -16.01 51.44 18.32
CA ALA V 235 -15.56 52.38 19.34
C ALA V 235 -16.20 52.11 20.69
N ASP V 236 -17.48 51.69 20.71
CA ASP V 236 -18.25 51.49 21.93
C ASP V 236 -17.87 50.17 22.60
N GLU V 237 -18.65 49.74 23.59
CA GLU V 237 -18.42 48.47 24.26
C GLU V 237 -18.83 47.32 23.37
N PRO V 238 -18.15 46.15 23.43
CA PRO V 238 -18.59 44.98 22.65
C PRO V 238 -19.94 44.49 23.10
N GLU V 239 -20.80 44.26 22.11
CA GLU V 239 -22.09 43.66 22.32
C GLU V 239 -22.02 42.26 21.74
N ASP V 240 -22.11 41.27 22.60
CA ASP V 240 -22.26 39.88 22.25
C ASP V 240 -23.74 39.63 22.23
N GLN V 241 -24.17 38.63 21.46
CA GLN V 241 -25.55 38.27 21.36
C GLN V 241 -25.56 36.79 21.09
N THR V 242 -26.65 36.14 21.47
CA THR V 242 -26.78 34.73 21.23
C THR V 242 -28.25 34.44 20.89
N ILE V 243 -28.50 34.13 19.61
CA ILE V 243 -29.77 33.69 19.14
C ILE V 243 -29.86 32.19 19.34
N PRO V 244 -30.80 31.72 20.16
CA PRO V 244 -31.03 30.28 20.28
C PRO V 244 -31.73 29.74 19.06
N TRP V 245 -31.61 28.43 18.84
CA TRP V 245 -31.96 27.87 17.54
C TRP V 245 -33.41 28.08 17.23
N ASN V 246 -34.19 28.12 18.28
CA ASN V 246 -35.62 28.14 18.17
C ASN V 246 -36.11 29.55 17.91
N ARG V 247 -35.22 30.51 17.77
CA ARG V 247 -35.60 31.85 17.31
C ARG V 247 -34.69 32.25 16.17
N SER V 248 -34.12 31.22 15.55
CA SER V 248 -33.32 31.44 14.40
C SER V 248 -34.14 32.17 13.36
N PRO V 249 -33.55 33.21 12.75
CA PRO V 249 -34.19 33.92 11.68
C PRO V 249 -34.32 33.18 10.34
N TYR V 250 -33.77 31.98 10.25
CA TYR V 250 -34.18 31.10 9.18
C TYR V 250 -33.98 29.66 9.59
N CYS V 251 -34.94 28.80 9.24
CA CYS V 251 -34.61 27.39 9.08
C CYS V 251 -35.57 26.72 8.11
N MET V 252 -35.10 25.64 7.50
CA MET V 252 -35.87 24.84 6.57
C MET V 252 -37.11 24.26 7.23
N GLU V 253 -37.04 23.93 8.50
CA GLU V 253 -38.16 23.34 9.18
C GLU V 253 -39.29 24.36 9.39
N LYS V 254 -39.14 25.59 8.96
CA LYS V 254 -40.19 26.57 9.16
C LYS V 254 -40.39 27.44 7.94
N ASP V 255 -39.56 27.24 6.91
CA ASP V 255 -39.75 27.87 5.62
C ASP V 255 -41.01 27.28 5.01
N PRO V 256 -42.00 28.09 4.58
CA PRO V 256 -43.22 27.51 4.01
C PRO V 256 -43.04 26.77 2.69
N LYS V 257 -41.94 27.02 2.00
CA LYS V 257 -41.76 26.28 0.76
C LYS V 257 -41.19 24.88 0.97
N TYR V 258 -41.00 24.43 2.21
CA TYR V 258 -40.53 23.08 2.46
C TYR V 258 -41.51 22.36 3.37
N VAL V 259 -42.74 22.87 3.45
CA VAL V 259 -43.79 22.24 4.22
C VAL V 259 -44.46 21.12 3.44
N THR V 260 -44.66 21.28 2.15
CA THR V 260 -45.27 20.20 1.41
C THR V 260 -44.27 19.06 1.25
N GLN V 261 -44.71 17.82 1.55
CA GLN V 261 -43.77 16.72 1.42
C GLN V 261 -43.63 16.34 -0.04
N ALA V 262 -42.40 16.01 -0.40
CA ALA V 262 -42.14 15.33 -1.64
C ALA V 262 -43.03 14.11 -1.78
N THR V 263 -43.47 13.83 -3.00
CA THR V 263 -44.46 12.79 -3.23
C THR V 263 -43.74 11.53 -3.70
N GLN V 264 -43.33 10.71 -2.74
CA GLN V 264 -42.45 9.60 -2.99
C GLN V 264 -43.17 8.29 -2.75
N ASN V 265 -44.18 8.33 -1.93
CA ASN V 265 -44.76 7.11 -1.47
C ASN V 265 -46.18 7.11 -1.96
N GLN V 266 -46.32 7.10 -3.28
CA GLN V 266 -47.62 7.19 -3.89
C GLN V 266 -48.39 5.95 -3.53
N PRO V 267 -49.71 6.03 -3.35
CA PRO V 267 -50.51 4.82 -3.24
C PRO V 267 -50.63 4.18 -4.59
N PHE V 268 -50.79 2.85 -4.54
CA PHE V 268 -51.09 1.98 -5.66
C PHE V 268 -52.35 2.45 -6.35
N SER V 269 -52.23 2.84 -7.63
CA SER V 269 -53.41 3.35 -8.28
C SER V 269 -53.54 2.80 -9.69
N SER V 270 -54.75 3.00 -10.22
CA SER V 270 -55.08 2.64 -11.57
C SER V 270 -54.68 3.77 -12.52
N SER V 271 -54.13 4.85 -11.99
CA SER V 271 -53.76 5.95 -12.86
C SER V 271 -52.31 6.36 -12.63
N ALA V 272 -51.79 7.09 -13.62
CA ALA V 272 -50.51 7.74 -13.52
C ALA V 272 -50.62 9.10 -12.80
N LYS V 273 -51.84 9.62 -12.66
CA LYS V 273 -52.06 10.88 -11.97
C LYS V 273 -51.57 10.72 -10.53
N ILE V 274 -50.60 11.57 -10.19
CA ILE V 274 -50.00 11.67 -8.89
C ILE V 274 -50.86 12.52 -7.96
N THR V 275 -51.08 11.99 -6.75
CA THR V 275 -52.05 12.53 -5.81
C THR V 275 -51.31 13.11 -4.61
N GLY V 276 -50.32 12.38 -4.09
CA GLY V 276 -50.00 12.54 -2.69
C GLY V 276 -49.31 11.31 -2.14
N ASN V 277 -48.83 11.41 -0.93
CA ASN V 277 -48.20 10.29 -0.31
C ASN V 277 -49.29 9.49 0.34
N ARG V 278 -49.08 8.19 0.45
CA ARG V 278 -50.02 7.35 1.15
C ARG V 278 -49.77 7.52 2.64
N MET V 279 -50.72 8.10 3.35
CA MET V 279 -50.49 8.46 4.74
C MET V 279 -51.11 7.44 5.68
N SER V 280 -51.96 6.57 5.19
CA SER V 280 -52.73 5.70 6.05
C SER V 280 -52.97 4.41 5.31
N SER V 281 -53.17 3.31 6.02
CA SER V 281 -53.24 1.98 5.44
C SER V 281 -54.53 1.79 4.68
N THR V 282 -55.64 2.16 5.33
CA THR V 282 -57.00 2.15 4.76
C THR V 282 -57.01 2.84 3.37
N THR W 30 -16.26 2.91 29.28
CA THR W 30 -16.16 3.97 30.31
C THR W 30 -17.12 5.09 29.99
N THR W 31 -17.76 5.54 31.05
CA THR W 31 -18.74 6.57 30.94
C THR W 31 -18.45 7.52 32.08
N ILE W 32 -18.14 8.75 31.77
CA ILE W 32 -18.09 9.69 32.85
C ILE W 32 -18.98 10.83 32.51
N VAL W 33 -19.41 11.51 33.52
CA VAL W 33 -20.45 12.46 33.43
C VAL W 33 -20.20 13.55 34.42
N GLY W 34 -20.44 14.79 34.09
CA GLY W 34 -20.51 15.78 35.10
C GLY W 34 -21.74 16.64 34.88
N VAL W 35 -22.30 17.19 35.95
CA VAL W 35 -23.26 18.25 35.80
C VAL W 35 -23.02 19.30 36.84
N VAL W 36 -23.35 20.52 36.48
CA VAL W 36 -23.36 21.65 37.36
C VAL W 36 -24.73 21.75 37.94
N TYR W 37 -24.83 22.00 39.23
CA TYR W 37 -26.12 22.19 39.86
C TYR W 37 -26.06 23.50 40.58
N ARG W 38 -27.07 23.84 41.41
CA ARG W 38 -27.09 25.19 41.95
C ARG W 38 -25.87 25.46 42.81
N ASP W 39 -25.40 24.47 43.58
CA ASP W 39 -24.36 24.75 44.54
C ASP W 39 -22.98 24.21 44.15
N GLY W 40 -22.86 23.56 43.02
CA GLY W 40 -21.63 22.84 42.80
C GLY W 40 -21.64 21.99 41.56
N VAL W 41 -20.85 20.96 41.58
CA VAL W 41 -20.75 20.06 40.47
C VAL W 41 -20.88 18.65 40.96
N VAL W 42 -21.55 17.82 40.20
CA VAL W 42 -21.56 16.40 40.48
C VAL W 42 -20.78 15.71 39.40
N LEU W 43 -19.86 14.86 39.75
CA LEU W 43 -19.36 14.01 38.71
C LEU W 43 -19.79 12.59 38.95
N GLY W 44 -19.72 11.81 37.91
CA GLY W 44 -20.05 10.43 38.00
C GLY W 44 -19.20 9.59 37.09
N ALA W 45 -19.09 8.33 37.44
CA ALA W 45 -18.37 7.41 36.60
C ALA W 45 -18.87 6.01 36.81
N ASP W 46 -18.75 5.21 35.78
CA ASP W 46 -18.86 3.78 35.96
C ASP W 46 -17.54 3.26 36.54
N THR W 47 -17.47 1.97 36.77
CA THR W 47 -16.27 1.43 37.39
C THR W 47 -15.72 0.23 36.66
N ARG W 48 -16.13 -0.11 35.49
CA ARG W 48 -15.48 -1.25 34.89
C ARG W 48 -14.20 -0.84 34.20
N ALA W 49 -13.07 -1.39 34.64
CA ALA W 49 -11.83 -1.32 33.88
C ALA W 49 -11.68 -2.57 33.05
N THR W 50 -11.87 -2.44 31.73
CA THR W 50 -11.54 -3.52 30.82
C THR W 50 -10.05 -3.54 30.49
N GLU W 51 -9.69 -4.65 29.84
CA GLU W 51 -8.50 -4.87 29.04
C GLU W 51 -8.92 -5.78 27.89
N GLY W 52 -8.84 -5.24 26.68
CA GLY W 52 -9.33 -5.99 25.54
C GLY W 52 -10.85 -6.00 25.63
N SER W 53 -11.40 -7.22 25.77
CA SER W 53 -12.83 -7.40 25.93
C SER W 53 -13.09 -8.25 27.19
N ILE W 54 -12.31 -7.97 28.22
CA ILE W 54 -12.34 -8.68 29.47
C ILE W 54 -12.27 -7.69 30.63
N VAL W 55 -13.08 -7.87 31.61
CA VAL W 55 -13.13 -6.99 32.74
C VAL W 55 -12.03 -7.30 33.75
N ALA W 56 -10.93 -6.56 33.68
CA ALA W 56 -9.82 -6.79 34.58
C ALA W 56 -10.22 -6.45 35.98
N ASP W 57 -10.97 -5.36 36.15
CA ASP W 57 -11.37 -4.91 37.46
C ASP W 57 -12.80 -4.44 37.35
N LYS W 58 -13.60 -4.96 38.25
CA LYS W 58 -15.01 -4.66 38.23
C LYS W 58 -15.21 -3.30 38.88
N ARG W 59 -14.32 -2.90 39.80
CA ARG W 59 -14.62 -1.78 40.67
C ARG W 59 -13.46 -0.79 40.74
N CYS W 60 -12.94 -0.32 39.60
CA CYS W 60 -11.90 0.69 39.73
C CYS W 60 -12.49 2.09 39.91
N ARG W 61 -11.70 2.98 40.55
CA ARG W 61 -12.02 4.38 40.72
C ARG W 61 -11.58 5.16 39.49
N LYS W 62 -12.56 5.74 38.78
CA LYS W 62 -12.30 6.59 37.65
C LYS W 62 -12.45 8.06 38.01
N ILE W 63 -12.75 8.38 39.27
CA ILE W 63 -12.85 9.77 39.64
C ILE W 63 -11.66 10.16 40.48
N HIS W 64 -10.71 10.85 39.84
CA HIS W 64 -9.43 11.14 40.45
C HIS W 64 -9.52 12.42 41.23
N TYR W 65 -8.79 12.47 42.32
CA TYR W 65 -8.61 13.68 43.08
C TYR W 65 -7.67 14.51 42.27
N MET W 66 -7.92 15.81 42.24
CA MET W 66 -7.03 16.74 41.57
C MET W 66 -6.68 17.82 42.57
N ALA W 67 -7.67 18.33 43.27
CA ALA W 67 -7.39 19.30 44.31
C ALA W 67 -8.44 19.23 45.37
N PRO W 68 -8.34 19.92 46.49
CA PRO W 68 -9.40 19.83 47.49
C PRO W 68 -10.78 20.19 47.03
N ASN W 69 -10.83 20.96 45.94
CA ASN W 69 -12.06 21.50 45.40
C ASN W 69 -12.19 21.18 43.92
N ILE W 70 -11.42 20.21 43.44
CA ILE W 70 -11.47 19.90 42.04
C ILE W 70 -11.29 18.43 41.91
N MET W 71 -12.11 17.78 41.10
CA MET W 71 -11.90 16.39 40.78
C MET W 71 -11.85 16.25 39.30
N CYS W 72 -11.39 15.14 38.86
CA CYS W 72 -11.32 14.86 37.46
C CYS W 72 -11.88 13.47 37.22
N CYS W 73 -12.57 13.20 36.14
CA CYS W 73 -12.75 11.81 35.82
C CYS W 73 -12.03 11.59 34.53
N GLY W 74 -11.61 10.37 34.28
CA GLY W 74 -10.92 10.19 33.03
C GLY W 74 -11.46 9.02 32.26
N ALA W 75 -11.22 9.13 30.99
CA ALA W 75 -11.56 8.09 30.08
C ALA W 75 -10.50 8.11 28.99
N GLY W 76 -10.52 7.16 28.11
CA GLY W 76 -9.38 7.00 27.25
C GLY W 76 -8.42 6.03 27.91
N THR W 77 -7.15 6.23 27.55
CA THR W 77 -6.11 5.28 27.85
C THR W 77 -5.75 5.47 29.30
N SER W 78 -6.20 4.55 30.15
CA SER W 78 -5.96 4.60 31.58
C SER W 78 -4.57 5.12 31.95
N ALA W 79 -3.54 4.77 31.22
CA ALA W 79 -2.24 5.11 31.76
C ALA W 79 -1.99 6.61 31.65
N ASP W 80 -2.53 7.14 30.55
CA ASP W 80 -2.39 8.52 30.15
C ASP W 80 -3.25 9.34 31.07
N THR W 81 -4.40 8.80 31.39
CA THR W 81 -5.24 9.52 32.30
C THR W 81 -4.64 9.58 33.68
N GLU W 82 -4.08 8.50 34.14
CA GLU W 82 -3.47 8.50 35.46
C GLU W 82 -2.24 9.40 35.47
N ALA W 83 -1.39 9.33 34.46
CA ALA W 83 -0.21 10.16 34.45
C ALA W 83 -0.59 11.63 34.52
N VAL W 84 -1.51 12.00 33.66
CA VAL W 84 -1.86 13.39 33.49
C VAL W 84 -2.55 13.92 34.71
N THR W 85 -3.45 13.18 35.29
CA THR W 85 -4.07 13.78 36.44
C THR W 85 -3.10 13.92 37.58
N ASN W 86 -2.26 12.91 37.80
CA ASN W 86 -1.26 12.98 38.83
C ASN W 86 -0.36 14.14 38.65
N MET W 87 0.09 14.34 37.45
CA MET W 87 1.02 15.40 37.18
C MET W 87 0.37 16.73 37.50
N VAL W 88 -0.79 16.94 36.96
CA VAL W 88 -1.44 18.19 37.25
C VAL W 88 -1.80 18.26 38.70
N SER W 89 -2.38 17.26 39.29
CA SER W 89 -2.68 17.33 40.70
C SER W 89 -1.49 17.84 41.51
N SER W 90 -0.32 17.26 41.22
CA SER W 90 0.91 17.58 41.91
C SER W 90 1.30 19.00 41.67
N HIS W 91 1.30 19.44 40.42
CA HIS W 91 1.57 20.81 40.11
C HIS W 91 0.65 21.76 40.87
N LEU W 92 -0.63 21.53 40.85
CA LEU W 92 -1.48 22.40 41.60
C LEU W 92 -1.23 22.35 43.09
N ALA W 93 -0.83 21.22 43.63
CA ALA W 93 -0.51 21.15 45.06
C ALA W 93 0.61 22.12 45.39
N LEU W 94 1.57 22.14 44.50
CA LEU W 94 2.75 22.93 44.60
C LEU W 94 2.45 24.39 44.40
N HIS W 95 1.56 24.65 43.47
CA HIS W 95 1.21 26.00 43.10
C HIS W 95 0.44 26.61 44.24
N ARG W 96 -0.30 25.76 44.96
CA ARG W 96 -1.06 26.19 46.11
C ARG W 96 -0.18 26.58 47.25
N LEU W 97 1.01 25.98 47.37
CA LEU W 97 1.92 26.41 48.43
C LEU W 97 2.57 27.72 48.02
N GLU W 98 2.93 27.88 46.76
CA GLU W 98 3.47 29.14 46.26
C GLU W 98 2.49 30.27 46.56
N THR W 99 1.23 30.14 46.10
CA THR W 99 0.22 31.19 46.11
C THR W 99 -0.50 31.31 47.45
N GLY W 100 -0.61 30.24 48.23
CA GLY W 100 -1.40 30.29 49.46
C GLY W 100 -2.92 30.19 49.27
N LYS W 101 -3.36 30.25 48.02
CA LYS W 101 -4.76 30.31 47.67
C LYS W 101 -5.20 28.91 47.27
N GLN W 102 -6.50 28.77 47.12
CA GLN W 102 -7.19 27.65 46.56
C GLN W 102 -6.95 27.54 45.07
N SER W 103 -6.86 26.31 44.57
CA SER W 103 -6.61 26.14 43.16
C SER W 103 -7.85 26.50 42.40
N ARG W 104 -7.63 27.17 41.29
CA ARG W 104 -8.72 27.53 40.43
C ARG W 104 -8.94 26.41 39.40
N VAL W 105 -10.20 26.13 39.11
CA VAL W 105 -10.46 25.08 38.19
C VAL W 105 -9.90 25.42 36.82
N LEU W 106 -9.83 26.69 36.53
CA LEU W 106 -9.36 27.06 35.22
C LEU W 106 -7.83 26.93 35.12
N GLU W 107 -7.05 27.04 36.24
CA GLU W 107 -5.63 26.67 36.21
C GLU W 107 -5.55 25.17 35.93
N ALA W 108 -6.39 24.38 36.57
CA ALA W 108 -6.31 22.95 36.35
C ALA W 108 -6.50 22.58 34.89
N LEU W 109 -7.50 23.22 34.32
CA LEU W 109 -7.87 23.04 32.94
C LEU W 109 -6.76 23.54 32.04
N THR W 110 -6.17 24.64 32.33
CA THR W 110 -5.16 25.10 31.41
C THR W 110 -3.93 24.19 31.45
N LEU W 111 -3.56 23.70 32.63
CA LEU W 111 -2.41 22.84 32.67
C LEU W 111 -2.65 21.56 31.91
N LEU W 112 -3.86 21.05 31.99
CA LEU W 112 -4.25 19.86 31.30
C LEU W 112 -4.25 20.10 29.82
N LYS W 113 -4.96 21.11 29.35
CA LYS W 113 -5.01 21.28 27.91
C LYS W 113 -3.64 21.60 27.32
N ARG W 114 -2.79 22.26 28.06
CA ARG W 114 -1.53 22.59 27.46
C ARG W 114 -0.71 21.34 27.26
N HIS W 115 -0.89 20.41 28.21
CA HIS W 115 -0.12 19.19 28.23
C HIS W 115 -0.64 18.32 27.10
N LEU W 116 -1.94 18.09 27.11
CA LEU W 116 -2.49 17.26 26.09
C LEU W 116 -2.25 17.84 24.74
N TYR W 117 -2.26 19.15 24.55
CA TYR W 117 -2.10 19.73 23.23
C TYR W 117 -0.72 19.44 22.68
N ARG W 118 0.26 19.41 23.57
CA ARG W 118 1.65 19.27 23.21
C ARG W 118 1.93 17.87 22.71
N TYR W 119 1.16 16.91 23.18
CA TYR W 119 1.37 15.54 22.80
C TYR W 119 0.47 15.15 21.64
N GLN W 120 -0.27 16.12 21.09
CA GLN W 120 -1.03 15.98 19.86
C GLN W 120 -1.90 14.74 19.87
N GLY W 121 -2.51 14.42 21.01
CA GLY W 121 -3.52 13.38 21.03
C GLY W 121 -2.97 12.01 21.43
N HIS W 122 -1.64 11.92 21.40
CA HIS W 122 -0.93 10.69 21.66
C HIS W 122 -1.13 10.27 23.10
N VAL W 123 -1.15 11.25 23.99
CA VAL W 123 -1.62 11.11 25.37
C VAL W 123 -3.14 11.16 25.36
N SER W 124 -3.74 9.99 25.26
CA SER W 124 -5.14 9.85 24.95
C SER W 124 -5.94 9.82 26.23
N ALA W 125 -5.78 10.89 27.01
CA ALA W 125 -6.62 11.14 28.15
C ALA W 125 -7.80 11.96 27.67
N ALA W 126 -8.94 11.74 28.27
CA ALA W 126 -10.12 12.51 27.99
C ALA W 126 -10.80 12.70 29.34
N LEU W 127 -10.95 13.95 29.73
CA LEU W 127 -11.19 14.25 31.11
C LEU W 127 -12.45 15.02 31.24
N VAL W 128 -13.18 14.75 32.29
CA VAL W 128 -14.12 15.70 32.76
C VAL W 128 -13.56 16.24 34.04
N LEU W 129 -13.58 17.54 34.15
CA LEU W 129 -12.95 18.25 35.21
C LEU W 129 -13.97 19.10 35.88
N GLY W 130 -14.07 19.00 37.15
CA GLY W 130 -15.15 19.69 37.82
C GLY W 130 -14.64 20.20 39.14
N GLY W 131 -14.87 21.45 39.40
CA GLY W 131 -14.58 21.94 40.71
C GLY W 131 -15.39 23.16 41.04
N VAL W 132 -15.08 23.74 42.16
CA VAL W 132 -15.74 24.93 42.60
C VAL W 132 -14.67 25.81 43.13
N ASP W 133 -14.65 27.00 42.63
CA ASP W 133 -13.68 27.93 43.11
C ASP W 133 -14.48 29.14 43.51
N VAL W 134 -13.76 30.24 43.66
CA VAL W 134 -14.32 31.48 44.15
C VAL W 134 -15.31 32.01 43.12
N GLU W 135 -15.00 31.76 41.85
CA GLU W 135 -15.83 32.15 40.72
C GLU W 135 -17.05 31.24 40.49
N GLY W 136 -17.21 30.17 41.27
CA GLY W 136 -18.37 29.29 41.24
C GLY W 136 -18.09 27.94 40.61
N PRO W 137 -19.12 27.17 40.25
CA PRO W 137 -18.92 25.83 39.71
C PRO W 137 -18.30 25.91 38.33
N PHE W 138 -17.56 24.87 38.03
CA PHE W 138 -16.84 24.89 36.80
C PHE W 138 -16.72 23.49 36.29
N LEU W 139 -17.36 23.21 35.22
CA LEU W 139 -17.27 21.87 34.71
C LEU W 139 -16.70 21.91 33.32
N ALA W 140 -15.79 21.03 32.98
CA ALA W 140 -15.29 21.13 31.63
C ALA W 140 -14.85 19.81 31.08
N THR W 141 -14.85 19.68 29.76
CA THR W 141 -14.18 18.55 29.19
C THR W 141 -12.86 18.90 28.65
N ILE W 142 -11.86 18.04 28.80
CA ILE W 142 -10.71 18.15 27.96
C ILE W 142 -10.64 16.93 27.07
N ALA W 143 -10.50 17.18 25.79
CA ALA W 143 -10.35 16.10 24.85
C ALA W 143 -8.87 15.79 24.70
N PRO W 144 -8.52 14.61 24.20
CA PRO W 144 -7.12 14.25 24.09
C PRO W 144 -6.31 15.24 23.29
N HIS W 145 -6.86 15.84 22.23
CA HIS W 145 -6.03 16.76 21.48
C HIS W 145 -5.88 18.07 22.23
N GLY W 146 -6.63 18.27 23.28
CA GLY W 146 -6.39 19.41 24.14
C GLY W 146 -7.39 20.51 23.90
N SER W 147 -8.52 20.17 23.30
CA SER W 147 -9.62 21.12 23.26
C SER W 147 -10.36 21.04 24.58
N THR W 148 -10.82 22.16 25.07
CA THR W 148 -11.77 22.20 26.14
C THR W 148 -13.10 22.76 25.72
N ASP W 149 -14.09 22.46 26.54
CA ASP W 149 -15.45 22.88 26.34
C ASP W 149 -16.05 23.00 27.73
N ARG W 150 -16.08 24.18 28.28
CA ARG W 150 -16.80 24.44 29.50
C ARG W 150 -18.28 24.40 29.27
N LEU W 151 -19.02 23.62 30.03
CA LEU W 151 -20.42 23.40 29.77
C LEU W 151 -21.11 23.00 31.03
N PRO W 152 -22.43 23.08 31.11
CA PRO W 152 -23.14 22.68 32.28
C PRO W 152 -23.41 21.19 32.46
N PHE W 153 -23.26 20.40 31.44
CA PHE W 153 -23.27 19.00 31.64
C PHE W 153 -22.37 18.41 30.59
N VAL W 154 -21.76 17.29 30.85
CA VAL W 154 -20.84 16.74 29.90
C VAL W 154 -20.78 15.26 30.09
N THR W 155 -20.23 14.62 29.07
CA THR W 155 -19.89 13.23 29.15
C THR W 155 -18.64 12.95 28.36
N MET W 156 -17.96 11.92 28.75
CA MET W 156 -16.91 11.45 27.94
C MET W 156 -16.93 9.93 28.06
N GLY W 157 -16.13 9.31 27.24
CA GLY W 157 -16.03 7.88 27.31
C GLY W 157 -16.89 7.21 26.25
N SER W 158 -16.66 5.93 26.14
CA SER W 158 -17.40 5.13 25.20
C SER W 158 -18.88 5.17 25.54
N GLY W 159 -19.22 5.30 26.80
CA GLY W 159 -20.64 5.44 27.15
C GLY W 159 -21.21 6.84 27.00
N SER W 160 -20.42 7.72 26.44
CA SER W 160 -20.71 9.14 26.49
C SER W 160 -22.00 9.51 25.81
N ILE W 161 -22.25 8.93 24.65
CA ILE W 161 -23.45 9.23 23.90
C ILE W 161 -24.72 8.76 24.59
N ALA W 162 -24.71 7.53 25.05
CA ALA W 162 -25.85 7.06 25.80
C ALA W 162 -26.12 7.96 26.98
N ALA W 163 -25.10 8.28 27.76
CA ALA W 163 -25.30 9.11 28.93
C ALA W 163 -25.71 10.51 28.61
N MET W 164 -25.06 11.09 27.61
CA MET W 164 -25.44 12.42 27.15
C MET W 164 -26.91 12.46 26.78
N ALA W 165 -27.47 11.37 26.40
CA ALA W 165 -28.83 11.46 25.96
C ALA W 165 -29.77 11.59 27.15
N GLN W 166 -29.44 10.92 28.25
CA GLN W 166 -30.18 11.13 29.47
C GLN W 166 -29.90 12.54 30.04
N LEU W 167 -28.71 13.09 29.85
CA LEU W 167 -28.61 14.46 30.33
C LEU W 167 -29.44 15.42 29.49
N GLU W 168 -29.47 15.28 28.17
CA GLU W 168 -30.23 16.23 27.39
C GLU W 168 -31.71 16.07 27.72
N ALA W 169 -32.09 14.85 27.99
CA ALA W 169 -33.47 14.62 28.28
C ALA W 169 -33.94 15.18 29.62
N ALA W 170 -33.09 15.24 30.65
CA ALA W 170 -33.51 15.55 32.02
C ALA W 170 -32.81 16.76 32.65
N TYR W 171 -31.68 17.20 32.14
CA TYR W 171 -31.01 18.28 32.79
C TYR W 171 -31.89 19.48 32.88
N LYS W 172 -31.74 20.23 33.96
CA LYS W 172 -32.30 21.57 34.00
C LYS W 172 -31.36 22.46 34.82
N ASP W 173 -31.51 23.78 34.72
CA ASP W 173 -30.70 24.66 35.53
C ASP W 173 -31.20 24.65 36.99
N ASN W 174 -30.27 24.85 37.92
CA ASN W 174 -30.52 25.05 39.34
C ASN W 174 -31.10 23.79 39.96
N MET W 175 -30.57 22.66 39.54
CA MET W 175 -30.92 21.42 40.17
C MET W 175 -30.42 21.41 41.60
N THR W 176 -31.18 20.85 42.48
CA THR W 176 -30.72 20.53 43.81
C THR W 176 -29.66 19.46 43.72
N CYS W 177 -28.85 19.34 44.76
CA CYS W 177 -27.85 18.29 44.85
C CYS W 177 -28.42 16.91 44.61
N GLU W 178 -29.64 16.59 45.05
CA GLU W 178 -30.13 15.22 44.95
C GLU W 178 -30.55 14.99 43.50
N GLU W 179 -31.36 15.92 42.99
CA GLU W 179 -31.71 15.98 41.59
C GLU W 179 -30.48 15.70 40.73
N ALA W 180 -29.34 16.24 41.13
CA ALA W 180 -28.17 16.23 40.29
C ALA W 180 -27.53 14.88 40.34
N LYS W 181 -27.51 14.32 41.55
CA LYS W 181 -26.91 13.02 41.80
C LYS W 181 -27.73 11.98 41.07
N GLU W 182 -29.06 12.11 41.13
CA GLU W 182 -29.93 11.09 40.56
C GLU W 182 -29.72 11.09 39.09
N LEU W 183 -29.60 12.30 38.54
CA LEU W 183 -29.49 12.45 37.12
C LEU W 183 -28.15 11.90 36.68
N VAL W 184 -27.11 12.20 37.42
CA VAL W 184 -25.79 11.69 37.07
C VAL W 184 -25.82 10.18 37.18
N ALA W 185 -26.38 9.65 38.24
CA ALA W 185 -26.47 8.21 38.28
C ALA W 185 -27.24 7.68 37.07
N SER W 186 -28.49 8.14 36.88
CA SER W 186 -29.24 7.79 35.71
C SER W 186 -28.41 7.87 34.45
N ALA W 187 -27.67 8.91 34.26
CA ALA W 187 -26.95 8.95 33.02
C ALA W 187 -25.90 7.86 32.96
N ILE W 188 -25.17 7.63 34.03
CA ILE W 188 -24.17 6.60 34.04
C ILE W 188 -24.84 5.26 33.88
N ARG W 189 -26.00 5.06 34.47
CA ARG W 189 -26.63 3.78 34.19
C ARG W 189 -26.85 3.60 32.71
N LYS W 190 -27.15 4.65 31.96
CA LYS W 190 -27.37 4.42 30.55
C LYS W 190 -26.11 3.87 29.90
N GLY W 191 -24.94 4.25 30.37
CA GLY W 191 -23.76 3.70 29.76
C GLY W 191 -23.53 2.27 30.28
N ILE W 192 -23.63 2.08 31.59
CA ILE W 192 -23.44 0.77 32.17
C ILE W 192 -24.22 -0.29 31.40
N PHE W 193 -25.49 -0.01 31.18
CA PHE W 193 -26.39 -0.90 30.51
C PHE W 193 -26.32 -0.87 29.00
N ASN W 194 -25.66 0.07 28.35
CA ASN W 194 -25.72 0.09 26.90
C ASN W 194 -24.33 0.08 26.29
N ASP W 195 -23.33 0.60 26.96
CA ASP W 195 -21.95 0.44 26.54
C ASP W 195 -21.39 -0.82 27.18
N PRO W 196 -20.81 -1.69 26.32
CA PRO W 196 -20.00 -2.81 26.76
C PRO W 196 -18.79 -2.37 27.53
N TYR W 197 -18.21 -1.26 27.18
CA TYR W 197 -16.98 -0.94 27.87
C TYR W 197 -17.22 -0.40 29.26
N SER W 198 -18.47 -0.17 29.64
CA SER W 198 -18.84 0.47 30.87
C SER W 198 -19.63 -0.47 31.73
N GLY W 199 -19.43 -0.38 33.02
CA GLY W 199 -20.30 -1.18 33.81
C GLY W 199 -20.01 -1.17 35.28
N THR W 200 -20.73 -2.08 35.89
CA THR W 200 -20.68 -2.42 37.29
C THR W 200 -21.55 -1.48 38.09
N GLN W 201 -21.03 -0.33 38.46
CA GLN W 201 -21.76 0.55 39.36
C GLN W 201 -21.36 1.99 39.11
N VAL W 202 -22.17 2.86 39.70
CA VAL W 202 -22.01 4.27 39.57
C VAL W 202 -21.30 4.81 40.78
N ASP W 203 -20.22 5.56 40.54
CA ASP W 203 -19.63 6.39 41.55
C ASP W 203 -19.96 7.83 41.31
N VAL W 204 -20.22 8.60 42.36
CA VAL W 204 -20.38 10.02 42.15
C VAL W 204 -19.53 10.80 43.11
N CYS W 205 -19.28 12.01 42.75
CA CYS W 205 -18.53 12.92 43.56
C CYS W 205 -19.28 14.22 43.50
N VAL W 206 -19.58 14.79 44.64
CA VAL W 206 -20.18 16.09 44.71
C VAL W 206 -19.17 17.11 45.19
N ILE W 207 -19.12 18.24 44.57
CA ILE W 207 -18.14 19.24 44.97
C ILE W 207 -18.90 20.51 45.26
N THR W 208 -18.87 20.96 46.49
CA THR W 208 -19.45 22.22 46.82
C THR W 208 -18.27 23.12 47.09
N LYS W 209 -18.57 24.40 47.35
CA LYS W 209 -17.61 25.40 47.73
C LYS W 209 -16.76 24.88 48.90
N ASP W 210 -17.46 24.26 49.88
CA ASP W 210 -16.91 23.91 51.17
C ASP W 210 -16.20 22.56 51.13
N LYS W 211 -16.75 21.60 50.39
CA LYS W 211 -16.26 20.24 50.53
C LYS W 211 -16.56 19.39 49.31
N THR W 212 -15.91 18.24 49.28
CA THR W 212 -15.89 17.31 48.20
C THR W 212 -16.21 15.94 48.78
N GLU W 213 -17.41 15.45 48.50
CA GLU W 213 -17.89 14.20 49.05
C GLU W 213 -17.93 13.20 47.91
N LEU W 214 -17.02 12.24 47.95
CA LEU W 214 -17.01 11.17 46.97
C LEU W 214 -17.77 9.97 47.53
N THR W 215 -18.58 9.34 46.69
CA THR W 215 -19.50 8.31 47.11
C THR W 215 -19.38 7.15 46.15
N ILE W 216 -18.72 6.10 46.60
CA ILE W 216 -18.54 4.91 45.80
C ILE W 216 -19.78 4.05 45.93
N GLY W 217 -20.19 3.48 44.80
CA GLY W 217 -21.42 2.73 44.81
C GLY W 217 -22.57 3.57 45.34
N TYR W 218 -22.86 4.64 44.64
CA TYR W 218 -24.03 5.42 44.96
C TYR W 218 -25.25 4.67 44.43
N ASP W 219 -25.03 4.02 43.27
CA ASP W 219 -25.96 3.06 42.69
C ASP W 219 -25.15 1.80 42.41
N LYS W 220 -25.63 0.67 42.98
CA LYS W 220 -25.20 -0.66 42.60
C LYS W 220 -26.35 -1.43 41.95
N PRO W 221 -26.60 -1.27 40.63
CA PRO W 221 -27.69 -1.96 39.93
C PRO W 221 -27.36 -3.35 39.36
N ASN W 222 -26.25 -3.94 39.80
CA ASN W 222 -25.77 -5.21 39.32
C ASN W 222 -25.10 -5.98 40.48
N GLU W 223 -25.89 -6.67 41.32
CA GLU W 223 -25.33 -7.69 42.20
C GLU W 223 -24.78 -8.84 41.32
N ARG W 224 -24.72 -10.07 41.86
CA ARG W 224 -24.69 -11.27 41.01
C ARG W 224 -25.86 -12.18 41.40
N MET W 225 -26.44 -12.85 40.40
CA MET W 225 -27.82 -13.33 40.45
C MET W 225 -27.89 -14.83 40.80
N TYR W 226 -26.77 -15.55 40.59
CA TYR W 226 -26.55 -16.91 41.07
C TYR W 226 -25.47 -16.84 42.17
N PRO W 227 -25.69 -17.29 43.43
CA PRO W 227 -24.61 -17.24 44.42
C PRO W 227 -23.47 -18.14 43.96
N ARG W 228 -22.22 -17.69 44.20
CA ARG W 228 -21.03 -18.40 43.78
C ARG W 228 -21.11 -19.83 44.33
N GLN W 229 -20.65 -20.81 43.53
CA GLN W 229 -20.68 -22.21 43.90
C GLN W 229 -19.29 -22.62 44.37
N GLU W 230 -19.11 -22.73 45.68
CA GLU W 230 -17.84 -23.14 46.23
C GLU W 230 -17.49 -24.51 45.66
N VAL W 231 -16.50 -24.49 44.74
CA VAL W 231 -15.82 -25.67 44.24
C VAL W 231 -14.79 -26.10 45.29
N LEU W 232 -14.92 -27.33 45.80
CA LEU W 232 -14.11 -27.78 46.91
C LEU W 232 -12.80 -28.39 46.39
N LEU W 233 -11.69 -27.71 46.73
CA LEU W 233 -10.35 -28.16 46.40
C LEU W 233 -9.53 -28.25 47.69
N PRO W 234 -9.54 -29.42 48.36
CA PRO W 234 -8.90 -29.58 49.67
C PRO W 234 -7.38 -29.67 49.60
N PRO W 235 -6.63 -29.02 50.52
CA PRO W 235 -5.17 -29.14 50.51
C PRO W 235 -4.63 -30.50 50.06
N GLY W 236 -3.51 -30.46 49.31
CA GLY W 236 -2.86 -31.62 48.73
C GLY W 236 -3.49 -32.06 47.41
N THR W 237 -4.57 -31.39 47.01
CA THR W 237 -5.30 -31.70 45.78
C THR W 237 -4.41 -31.52 44.56
N THR W 238 -3.50 -30.54 44.59
CA THR W 238 -2.71 -30.25 43.41
C THR W 238 -1.32 -30.86 43.62
N PRO W 239 -0.80 -31.64 42.64
CA PRO W 239 0.49 -32.31 42.76
C PRO W 239 1.67 -31.37 42.74
N VAL W 240 2.42 -31.44 43.83
CA VAL W 240 3.59 -30.62 44.06
C VAL W 240 4.80 -31.53 43.94
N LEU W 241 5.88 -30.96 43.39
CA LEU W 241 7.11 -31.64 43.09
C LEU W 241 8.15 -31.32 44.15
N LYS W 242 8.27 -30.02 44.44
CA LYS W 242 9.19 -29.53 45.45
C LYS W 242 8.50 -28.39 46.18
N GLU W 243 9.09 -28.03 47.32
CA GLU W 243 8.53 -27.08 48.26
C GLU W 243 9.70 -26.49 49.00
N GLU W 244 9.73 -25.17 49.16
CA GLU W 244 10.69 -24.51 50.02
C GLU W 244 9.89 -23.63 50.95
N ILE W 245 10.05 -23.82 52.26
CA ILE W 245 9.41 -22.94 53.23
C ILE W 245 10.51 -22.06 53.82
N ARG W 246 10.14 -20.82 54.15
CA ARG W 246 11.08 -19.87 54.72
C ARG W 246 10.32 -19.00 55.72
N GLN W 247 10.80 -18.96 56.98
CA GLN W 247 10.20 -18.18 58.07
C GLN W 247 10.90 -16.82 58.18
N LEU W 248 10.25 -15.82 58.80
CA LEU W 248 10.69 -14.42 58.67
C LEU W 248 11.20 -13.77 59.99
N SER X 2 2.63 -11.21 17.30
CA SER X 2 2.62 -10.26 18.46
C SER X 2 3.90 -10.43 19.26
N ILE X 3 4.43 -9.31 19.76
CA ILE X 3 5.69 -9.22 20.43
C ILE X 3 5.48 -9.61 21.90
N MET X 4 4.26 -9.40 22.38
CA MET X 4 3.96 -9.66 23.77
C MET X 4 3.79 -11.14 24.00
N ALA X 5 3.56 -11.88 22.92
CA ALA X 5 3.32 -13.31 23.01
C ALA X 5 4.55 -14.12 22.60
N TYR X 6 5.59 -13.45 22.12
CA TYR X 6 6.68 -14.13 21.47
C TYR X 6 7.28 -15.12 22.43
N SER X 7 7.51 -14.72 23.67
CA SER X 7 8.30 -15.50 24.60
C SER X 7 7.44 -16.40 25.46
N GLY X 8 6.14 -16.21 25.38
CA GLY X 8 5.22 -17.06 26.11
C GLY X 8 5.29 -16.77 27.59
N GLY X 9 4.44 -17.41 28.37
CA GLY X 9 4.51 -17.20 29.79
C GLY X 9 3.26 -16.48 30.30
N SER X 10 2.83 -16.86 31.51
CA SER X 10 1.69 -16.32 32.16
C SER X 10 1.94 -16.31 33.63
N VAL X 11 1.33 -15.34 34.27
CA VAL X 11 1.53 -15.08 35.66
C VAL X 11 0.21 -14.66 36.21
N MET X 12 0.01 -14.93 37.47
CA MET X 12 -1.25 -14.66 38.11
C MET X 12 -1.05 -14.54 39.61
N ALA X 13 -1.74 -13.62 40.21
CA ALA X 13 -1.62 -13.44 41.62
C ALA X 13 -3.01 -13.34 42.20
N MET X 14 -3.23 -13.93 43.37
CA MET X 14 -4.51 -13.74 44.00
C MET X 14 -4.40 -13.62 45.50
N ALA X 15 -5.39 -12.90 46.02
CA ALA X 15 -5.40 -12.52 47.41
C ALA X 15 -6.24 -13.51 48.16
N GLY X 16 -5.85 -13.73 49.40
CA GLY X 16 -6.70 -14.38 50.37
C GLY X 16 -6.66 -13.56 51.65
N LYS X 17 -6.96 -14.20 52.78
CA LYS X 17 -6.90 -13.55 54.07
C LYS X 17 -5.44 -13.52 54.51
N GLU X 18 -4.84 -12.33 54.42
CA GLU X 18 -3.53 -12.11 54.99
C GLU X 18 -2.52 -13.04 54.32
N CYS X 19 -2.62 -13.07 52.99
CA CYS X 19 -1.79 -13.92 52.18
C CYS X 19 -2.07 -13.64 50.71
N PHE X 20 -1.09 -13.93 49.89
CA PHE X 20 -1.42 -14.06 48.51
C PHE X 20 -0.65 -15.19 47.91
N VAL X 21 -1.08 -15.57 46.76
CA VAL X 21 -0.31 -16.47 45.97
C VAL X 21 0.07 -15.81 44.68
N ILE X 22 1.31 -15.92 44.32
CA ILE X 22 1.61 -15.56 42.96
C ILE X 22 2.21 -16.75 42.27
N ILE X 23 1.85 -16.92 41.03
CA ILE X 23 2.22 -18.09 40.34
C ILE X 23 2.58 -17.85 38.90
N SER X 24 3.63 -18.50 38.41
CA SER X 24 3.97 -18.39 37.00
C SER X 24 4.01 -19.75 36.35
N ASP X 25 3.85 -19.77 35.06
CA ASP X 25 4.19 -20.99 34.35
C ASP X 25 5.70 -21.02 34.13
N ASN X 26 6.22 -21.98 33.39
CA ASN X 26 7.65 -22.20 33.44
C ASN X 26 8.29 -22.17 32.05
N ARG X 27 7.53 -21.84 31.05
CA ARG X 27 8.02 -22.06 29.73
C ARG X 27 8.73 -20.85 29.24
N LEU X 28 9.68 -21.01 28.38
CA LEU X 28 10.21 -19.90 27.64
C LEU X 28 10.31 -20.26 26.19
N GLY X 29 9.73 -19.49 25.30
CA GLY X 29 9.68 -19.89 23.92
C GLY X 29 10.25 -18.82 23.03
N GLU X 30 10.39 -19.15 21.77
CA GLU X 30 10.31 -18.24 20.66
C GLU X 30 9.15 -18.69 19.81
N GLN X 31 8.00 -18.11 20.09
CA GLN X 31 6.79 -18.53 19.46
C GLN X 31 6.53 -19.97 19.86
N LEU X 32 6.46 -20.84 18.86
CA LEU X 32 6.11 -22.20 19.12
C LEU X 32 7.35 -23.00 19.44
N LYS X 33 8.57 -22.47 19.27
CA LYS X 33 9.74 -23.23 19.65
C LYS X 33 9.89 -23.14 21.15
N THR X 34 9.89 -24.22 21.87
CA THR X 34 10.18 -24.10 23.27
C THR X 34 11.67 -24.15 23.47
N ILE X 35 12.21 -23.24 24.25
CA ILE X 35 13.63 -23.15 24.59
C ILE X 35 13.89 -23.71 25.97
N SER X 36 13.00 -23.46 26.89
CA SER X 36 13.28 -23.96 28.19
C SER X 36 11.96 -24.13 28.85
N THR X 37 11.96 -25.09 29.76
CA THR X 37 10.83 -25.41 30.57
C THR X 37 11.15 -25.09 32.00
N GLU X 38 12.27 -24.47 32.29
CA GLU X 38 12.57 -24.11 33.65
C GLU X 38 12.79 -22.60 33.75
N VAL X 39 11.83 -21.83 33.33
CA VAL X 39 11.97 -20.39 33.44
C VAL X 39 10.74 -19.83 34.12
N PRO X 40 10.68 -19.93 35.46
CA PRO X 40 9.64 -19.22 36.18
C PRO X 40 9.90 -17.73 36.03
N LYS X 41 8.81 -16.99 35.94
CA LYS X 41 8.86 -15.56 35.79
C LYS X 41 8.64 -14.83 37.14
N LEU X 42 9.02 -15.33 38.30
CA LEU X 42 8.80 -14.50 39.47
C LEU X 42 10.07 -13.88 40.03
N HIS X 43 9.91 -12.71 40.57
CA HIS X 43 11.01 -12.07 41.21
C HIS X 43 10.57 -11.72 42.60
N VAL X 44 11.46 -11.89 43.52
CA VAL X 44 11.15 -11.51 44.87
C VAL X 44 11.84 -10.22 45.15
N VAL X 45 11.08 -9.21 45.54
CA VAL X 45 11.66 -7.95 45.87
C VAL X 45 12.13 -7.93 47.31
N ASN X 46 11.30 -8.46 48.19
CA ASN X 46 11.55 -8.48 49.61
C ASN X 46 10.51 -9.41 50.19
N ASP X 47 10.50 -9.56 51.51
CA ASP X 47 9.71 -10.59 52.15
C ASP X 47 8.24 -10.43 51.82
N SER X 48 7.85 -9.23 51.45
CA SER X 48 6.44 -8.93 51.33
C SER X 48 6.04 -8.59 49.91
N ILE X 49 6.96 -8.64 48.95
CA ILE X 49 6.53 -8.29 47.61
C ILE X 49 7.09 -9.28 46.63
N VAL X 50 6.26 -9.72 45.71
CA VAL X 50 6.79 -10.58 44.69
C VAL X 50 6.24 -10.14 43.37
N TYR X 51 7.00 -10.16 42.31
CA TYR X 51 6.28 -9.81 41.13
C TYR X 51 6.64 -10.74 40.01
N GLY X 52 5.82 -10.75 38.99
CA GLY X 52 6.08 -11.54 37.84
C GLY X 52 6.04 -10.64 36.66
N LEU X 53 6.82 -10.95 35.65
CA LEU X 53 6.70 -10.23 34.41
C LEU X 53 6.35 -11.17 33.28
N THR X 54 5.68 -10.61 32.31
CA THR X 54 5.39 -11.35 31.12
C THR X 54 5.73 -10.47 29.96
N GLY X 55 5.78 -11.02 28.80
CA GLY X 55 6.04 -10.20 27.67
C GLY X 55 7.34 -10.65 27.09
N LEU X 56 7.94 -9.77 26.34
CA LEU X 56 9.05 -10.21 25.57
C LEU X 56 10.13 -10.55 26.55
N ARG X 57 10.69 -11.71 26.47
CA ARG X 57 11.58 -12.11 27.50
C ARG X 57 12.74 -11.15 27.64
N THR X 58 13.35 -10.64 26.55
CA THR X 58 14.47 -9.76 26.78
C THR X 58 14.07 -8.57 27.62
N ASP X 59 12.86 -8.05 27.41
CA ASP X 59 12.40 -6.94 28.21
C ASP X 59 12.05 -7.37 29.59
N GLN X 60 11.58 -8.59 29.78
CA GLN X 60 11.43 -9.01 31.15
C GLN X 60 12.76 -8.91 31.86
N GLN X 61 13.82 -9.35 31.21
CA GLN X 61 15.11 -9.39 31.85
C GLN X 61 15.59 -7.99 32.09
N THR X 62 15.52 -7.16 31.08
CA THR X 62 16.00 -5.81 31.21
C THR X 62 15.28 -5.07 32.29
N PHE X 63 13.99 -5.17 32.31
CA PHE X 63 13.18 -4.41 33.20
C PHE X 63 13.31 -4.97 34.58
N ALA X 64 13.37 -6.26 34.74
CA ALA X 64 13.59 -6.76 36.06
C ALA X 64 14.89 -6.27 36.63
N ASN X 65 15.92 -6.14 35.80
CA ASN X 65 17.15 -5.62 36.25
C ASN X 65 17.03 -4.15 36.59
N LYS X 66 16.36 -3.35 35.78
CA LYS X 66 16.05 -2.00 36.20
C LYS X 66 15.26 -1.98 37.49
N VAL X 67 14.38 -2.93 37.72
CA VAL X 67 13.66 -2.86 38.94
C VAL X 67 14.54 -3.20 40.11
N GLN X 68 15.44 -4.13 39.91
CA GLN X 68 16.33 -4.46 40.99
C GLN X 68 17.33 -3.35 41.26
N PHE X 69 17.71 -2.54 40.31
CA PHE X 69 18.55 -1.41 40.64
C PHE X 69 17.81 -0.41 41.51
N ARG X 70 16.66 0.03 41.03
CA ARG X 70 15.75 0.87 41.74
C ARG X 70 15.42 0.39 43.13
N THR X 71 15.14 -0.88 43.28
CA THR X 71 14.76 -1.29 44.60
C THR X 71 15.91 -1.37 45.54
N GLU X 72 17.09 -1.76 45.08
CA GLU X 72 18.23 -1.87 45.96
C GLU X 72 18.73 -0.49 46.32
N MET X 73 18.59 0.43 45.39
CA MET X 73 18.95 1.80 45.65
C MET X 73 18.03 2.42 46.67
N TYR X 74 16.77 2.21 46.50
CA TYR X 74 15.75 2.60 47.43
C TYR X 74 16.07 2.16 48.82
N LYS X 75 16.42 0.91 48.96
CA LYS X 75 16.65 0.32 50.27
C LYS X 75 17.89 0.89 50.90
N LEU X 76 18.87 1.31 50.12
CA LEU X 76 20.01 1.96 50.72
C LEU X 76 19.72 3.39 51.13
N ARG X 77 19.16 4.17 50.22
CA ARG X 77 18.86 5.54 50.52
C ARG X 77 17.89 5.64 51.70
N GLU X 78 16.89 4.81 51.69
CA GLU X 78 15.77 4.97 52.57
C GLU X 78 15.91 4.12 53.80
N GLU X 79 16.78 3.14 53.78
CA GLU X 79 16.97 2.30 54.96
C GLU X 79 15.64 1.69 55.33
N ARG X 80 14.89 1.23 54.36
CA ARG X 80 13.81 0.35 54.67
C ARG X 80 13.43 -0.39 53.40
N ASP X 81 12.59 -1.39 53.53
CA ASP X 81 12.12 -2.10 52.39
C ASP X 81 11.04 -1.27 51.72
N ILE X 82 11.05 -1.26 50.38
CA ILE X 82 9.92 -0.70 49.68
C ILE X 82 8.69 -1.48 50.00
N THR X 83 7.54 -0.84 49.95
CA THR X 83 6.26 -1.49 50.18
C THR X 83 5.54 -1.67 48.87
N GLY X 84 4.56 -2.52 48.84
CA GLY X 84 4.00 -2.87 47.56
C GLY X 84 3.35 -1.69 46.86
N LYS X 85 2.85 -0.73 47.63
CA LYS X 85 2.21 0.38 46.95
C LYS X 85 3.26 1.25 46.29
N ALA X 86 4.29 1.56 47.04
CA ALA X 86 5.38 2.32 46.46
C ALA X 86 5.96 1.59 45.28
N PHE X 87 6.19 0.29 45.54
CA PHE X 87 6.79 -0.56 44.54
C PHE X 87 6.01 -0.51 43.26
N ALA X 88 4.70 -0.52 43.36
CA ALA X 88 3.92 -0.59 42.16
C ALA X 88 3.82 0.75 41.48
N ALA X 89 3.71 1.81 42.27
CA ALA X 89 3.83 3.16 41.79
C ALA X 89 5.13 3.34 41.06
N MET X 90 6.21 2.91 41.65
CA MET X 90 7.48 3.02 41.04
C MET X 90 7.45 2.38 39.67
N ILE X 91 6.95 1.15 39.60
CA ILE X 91 6.96 0.39 38.37
C ILE X 91 6.17 1.16 37.35
N THR X 92 5.00 1.58 37.74
CA THR X 92 4.15 2.30 36.85
C THR X 92 4.82 3.54 36.26
N SER X 93 5.47 4.24 37.14
CA SER X 93 6.29 5.31 36.71
C SER X 93 7.30 4.88 35.67
N MET X 94 8.00 3.79 35.91
CA MET X 94 9.04 3.39 34.99
C MET X 94 8.48 3.00 33.63
N LEU X 95 7.34 2.39 33.64
CA LEU X 95 6.81 1.93 32.41
C LEU X 95 6.33 3.08 31.58
N TYR X 96 5.82 4.10 32.26
CA TYR X 96 5.27 5.27 31.62
C TYR X 96 6.37 6.18 31.11
N GLU X 97 7.50 6.28 31.79
CA GLU X 97 8.63 6.93 31.15
C GLU X 97 8.78 6.45 29.71
N ALA X 98 8.42 5.20 29.46
CA ALA X 98 8.75 4.61 28.20
C ALA X 98 7.52 4.53 27.32
N ARG X 99 6.57 5.38 27.61
CA ARG X 99 5.26 5.33 27.00
C ARG X 99 5.33 5.33 25.48
N PHE X 100 6.32 6.04 24.93
CA PHE X 100 6.37 6.26 23.49
C PHE X 100 7.30 5.27 22.80
N GLY X 101 7.80 4.30 23.58
CA GLY X 101 8.66 3.24 23.07
C GLY X 101 8.79 2.17 24.13
N PRO X 102 7.70 1.44 24.37
CA PRO X 102 7.49 0.76 25.64
C PRO X 102 8.27 -0.51 25.85
N TRP X 103 8.43 -0.83 27.10
CA TRP X 103 8.90 -2.11 27.51
C TRP X 103 7.79 -3.09 27.28
N PHE X 104 8.07 -4.13 26.54
CA PHE X 104 7.05 -5.10 26.30
C PHE X 104 7.00 -6.04 27.46
N VAL X 105 6.50 -5.56 28.57
CA VAL X 105 6.33 -6.44 29.70
C VAL X 105 4.99 -6.15 30.30
N GLU X 106 4.53 -7.03 31.16
CA GLU X 106 3.28 -6.75 31.83
C GLU X 106 3.45 -7.30 33.19
N PRO X 107 3.77 -6.47 34.15
CA PRO X 107 4.10 -6.91 35.48
C PRO X 107 2.83 -7.25 36.20
N VAL X 108 2.97 -8.04 37.24
CA VAL X 108 1.91 -8.52 38.07
C VAL X 108 2.49 -8.55 39.43
N ILE X 109 1.97 -7.80 40.37
CA ILE X 109 2.68 -7.59 41.60
C ILE X 109 1.82 -8.03 42.72
N GLY X 110 2.35 -8.81 43.60
CA GLY X 110 1.60 -9.11 44.80
C GLY X 110 2.37 -8.59 45.97
N SER X 111 1.67 -8.17 47.00
CA SER X 111 2.34 -7.70 48.19
C SER X 111 1.41 -7.77 49.38
N ILE X 112 2.03 -7.77 50.53
CA ILE X 112 1.26 -7.87 51.72
C ILE X 112 1.90 -6.96 52.72
N ASP X 113 1.15 -6.00 53.26
CA ASP X 113 1.61 -5.19 54.37
C ASP X 113 1.87 -6.14 55.52
N LYS X 114 3.03 -5.99 56.15
CA LYS X 114 3.55 -6.99 57.08
C LYS X 114 2.80 -6.88 58.41
N SER X 115 2.35 -5.66 58.73
CA SER X 115 1.61 -5.38 59.96
C SER X 115 0.15 -5.82 59.81
N THR X 116 -0.70 -4.86 59.37
CA THR X 116 -2.07 -5.03 58.91
C THR X 116 -2.39 -6.43 58.36
N GLY X 117 -1.66 -6.85 57.31
CA GLY X 117 -1.99 -8.02 56.50
C GLY X 117 -2.85 -7.66 55.29
N GLU X 118 -3.14 -6.37 55.14
CA GLU X 118 -3.67 -5.83 53.90
C GLU X 118 -2.79 -6.33 52.77
N VAL X 119 -3.45 -6.74 51.70
CA VAL X 119 -2.84 -7.37 50.55
C VAL X 119 -3.13 -6.48 49.38
N TYR X 120 -2.11 -6.34 48.57
CA TYR X 120 -2.20 -5.40 47.50
C TYR X 120 -1.76 -6.15 46.28
N LEU X 121 -2.59 -6.20 45.29
CA LEU X 121 -2.17 -6.76 44.05
C LEU X 121 -2.20 -5.65 43.03
N CYS X 122 -1.43 -5.76 41.99
CA CYS X 122 -1.49 -4.75 40.99
C CYS X 122 -0.94 -5.39 39.78
N ALA X 123 -1.61 -5.30 38.67
CA ALA X 123 -1.06 -5.69 37.41
C ALA X 123 -1.08 -4.43 36.62
N THR X 124 -0.24 -4.33 35.60
CA THR X 124 -0.23 -3.16 34.76
C THR X 124 -0.16 -3.60 33.30
N ASP X 125 -0.69 -2.78 32.41
CA ASP X 125 -0.37 -2.87 31.01
C ASP X 125 1.06 -2.43 30.78
N LEU X 126 1.48 -2.46 29.53
CA LEU X 126 2.88 -2.22 29.25
C LEU X 126 3.28 -0.76 29.38
N ILE X 127 2.34 0.15 29.49
CA ILE X 127 2.70 1.54 29.71
C ILE X 127 2.31 1.96 31.11
N GLY X 128 1.82 1.03 31.90
CA GLY X 128 1.92 1.24 33.31
C GLY X 128 0.62 1.68 33.96
N ALA X 129 -0.48 1.56 33.21
CA ALA X 129 -1.81 1.64 33.77
C ALA X 129 -2.04 0.56 34.80
N PRO X 130 -2.23 0.90 36.09
CA PRO X 130 -2.50 -0.11 37.09
C PRO X 130 -3.94 -0.62 37.08
N CYS X 131 -4.07 -1.76 37.73
CA CYS X 131 -5.27 -2.53 37.86
C CYS X 131 -5.16 -3.06 39.27
N GLU X 132 -5.85 -2.48 40.24
CA GLU X 132 -5.63 -2.87 41.61
C GLU X 132 -6.91 -3.51 42.13
N PRO X 133 -7.24 -4.74 41.73
CA PRO X 133 -8.42 -5.41 42.22
C PRO X 133 -8.08 -6.09 43.51
N GLU X 134 -9.12 -6.60 44.12
CA GLU X 134 -9.10 -7.13 45.48
C GLU X 134 -8.90 -8.66 45.42
N ASP X 135 -9.17 -9.25 44.23
CA ASP X 135 -9.30 -10.69 44.07
C ASP X 135 -8.03 -11.32 43.50
N TYR X 136 -7.76 -11.00 42.25
CA TYR X 136 -6.71 -11.66 41.55
C TYR X 136 -6.39 -10.84 40.31
N VAL X 137 -5.17 -10.89 39.85
CA VAL X 137 -4.77 -10.14 38.67
C VAL X 137 -4.07 -11.15 37.81
N CYS X 138 -3.86 -10.86 36.54
CA CYS X 138 -3.04 -11.81 35.83
C CYS X 138 -2.57 -11.34 34.47
N ALA X 139 -1.59 -11.99 33.90
CA ALA X 139 -1.15 -11.51 32.62
C ALA X 139 -0.46 -12.57 31.84
N GLY X 140 -0.43 -12.39 30.55
CA GLY X 140 0.41 -13.20 29.70
C GLY X 140 -0.41 -13.88 28.64
N THR X 141 0.17 -14.91 28.08
CA THR X 141 -0.45 -15.55 26.94
C THR X 141 -1.76 -16.21 27.35
N ALA X 142 -1.86 -16.69 28.59
CA ALA X 142 -3.03 -17.48 29.00
C ALA X 142 -3.99 -16.63 29.80
N ALA X 143 -3.96 -15.32 29.57
CA ALA X 143 -4.61 -14.42 30.50
C ALA X 143 -6.13 -14.54 30.37
N GLU X 144 -6.68 -14.67 29.14
CA GLU X 144 -8.11 -14.86 29.02
C GLU X 144 -8.51 -16.02 29.93
N SER X 145 -7.87 -17.19 29.79
CA SER X 145 -8.32 -18.39 30.46
C SER X 145 -8.10 -18.29 31.95
N LEU X 146 -7.18 -17.46 32.36
CA LEU X 146 -6.90 -17.40 33.78
C LEU X 146 -7.96 -16.61 34.55
N HIS X 147 -8.50 -15.60 33.87
CA HIS X 147 -9.66 -14.84 34.30
C HIS X 147 -10.85 -15.77 34.38
N GLY X 148 -11.02 -16.59 33.35
CA GLY X 148 -12.02 -17.63 33.43
C GLY X 148 -11.97 -18.34 34.77
N MET X 149 -10.78 -18.81 35.11
CA MET X 149 -10.68 -19.81 36.14
C MET X 149 -10.75 -19.11 37.47
N CYS X 150 -10.12 -17.96 37.55
CA CYS X 150 -10.03 -17.30 38.84
C CYS X 150 -11.40 -16.77 39.22
N GLU X 151 -12.16 -16.25 38.25
CA GLU X 151 -13.54 -15.84 38.48
C GLU X 151 -14.34 -16.96 39.15
N ALA X 152 -14.24 -18.13 38.54
CA ALA X 152 -14.96 -19.33 38.92
C ALA X 152 -14.56 -19.84 40.29
N LEU X 153 -13.26 -19.91 40.54
CA LEU X 153 -12.75 -20.65 41.68
C LEU X 153 -12.51 -19.77 42.87
N TRP X 154 -12.13 -18.52 42.62
CA TRP X 154 -11.70 -17.60 43.67
C TRP X 154 -12.89 -17.20 44.51
N ARG X 155 -12.69 -17.13 45.81
CA ARG X 155 -13.69 -16.51 46.66
C ARG X 155 -12.95 -15.70 47.72
N PRO X 156 -13.62 -14.73 48.38
CA PRO X 156 -13.02 -13.95 49.46
C PRO X 156 -12.57 -14.79 50.64
N GLY X 157 -11.53 -14.30 51.33
CA GLY X 157 -11.07 -14.78 52.62
C GLY X 157 -10.66 -16.26 52.64
N MET X 158 -10.03 -16.73 51.55
CA MET X 158 -9.39 -18.03 51.57
C MET X 158 -8.10 -17.96 52.37
N SER X 159 -7.62 -19.14 52.79
CA SER X 159 -6.45 -19.24 53.64
C SER X 159 -5.31 -19.61 52.72
N PRO X 160 -4.04 -19.54 53.13
CA PRO X 160 -2.94 -19.88 52.23
C PRO X 160 -3.16 -21.16 51.42
N GLU X 161 -3.53 -22.25 52.08
CA GLU X 161 -3.66 -23.54 51.43
C GLU X 161 -4.82 -23.50 50.46
N GLU X 162 -6.02 -23.15 50.90
CA GLU X 162 -7.15 -23.18 49.98
C GLU X 162 -6.78 -22.35 48.74
N LEU X 163 -5.98 -21.32 48.98
CA LEU X 163 -5.77 -20.29 47.97
C LEU X 163 -4.76 -20.76 46.95
N PHE X 164 -3.71 -21.40 47.46
CA PHE X 164 -2.79 -22.17 46.65
C PHE X 164 -3.54 -23.16 45.76
N GLU X 165 -4.40 -24.01 46.30
CA GLU X 165 -5.04 -24.97 45.41
C GLU X 165 -5.79 -24.31 44.28
N ILE X 166 -6.46 -23.20 44.51
CA ILE X 166 -7.23 -22.70 43.41
C ILE X 166 -6.32 -21.90 42.49
N ALA X 167 -5.24 -21.33 43.02
CA ALA X 167 -4.28 -20.72 42.13
C ALA X 167 -3.71 -21.80 41.22
N ALA X 168 -3.22 -22.90 41.76
CA ALA X 168 -2.63 -23.90 40.90
C ALA X 168 -3.60 -24.50 39.88
N GLN X 169 -4.79 -24.91 40.31
CA GLN X 169 -5.74 -25.44 39.36
C GLN X 169 -6.03 -24.44 38.24
N ALA X 170 -6.04 -23.19 38.61
CA ALA X 170 -6.36 -22.17 37.63
C ALA X 170 -5.19 -21.98 36.66
N MET X 171 -3.99 -21.88 37.20
CA MET X 171 -2.84 -21.70 36.33
C MET X 171 -2.74 -22.89 35.39
N LEU X 172 -2.83 -24.11 35.92
CA LEU X 172 -2.74 -25.29 35.07
C LEU X 172 -3.89 -25.44 34.11
N SER X 173 -5.10 -25.24 34.54
CA SER X 173 -6.18 -25.43 33.60
C SER X 173 -6.05 -24.45 32.45
N ALA X 174 -5.61 -23.26 32.76
CA ALA X 174 -5.57 -22.24 31.74
C ALA X 174 -4.38 -22.45 30.84
N CYS X 175 -3.26 -22.84 31.41
CA CYS X 175 -2.07 -23.13 30.66
C CYS X 175 -2.24 -24.34 29.77
N ASP X 176 -3.15 -25.22 30.12
CA ASP X 176 -3.44 -26.37 29.27
C ASP X 176 -4.22 -25.98 28.04
N ARG X 177 -4.63 -24.73 27.96
CA ARG X 177 -5.36 -24.25 26.81
C ARG X 177 -4.56 -23.18 26.10
N ASP X 178 -3.32 -22.95 26.55
CA ASP X 178 -2.43 -22.00 25.93
C ASP X 178 -1.17 -22.70 25.40
N SER X 179 -0.98 -22.63 24.09
CA SER X 179 0.22 -23.17 23.47
C SER X 179 1.49 -22.56 24.02
N LEU X 180 1.44 -21.30 24.43
CA LEU X 180 2.68 -20.64 24.77
C LEU X 180 2.92 -20.62 26.25
N SER X 181 2.23 -21.37 27.05
CA SER X 181 2.46 -21.32 28.48
C SER X 181 2.28 -22.73 29.02
N GLY X 182 3.09 -23.01 30.04
CA GLY X 182 3.05 -24.35 30.55
C GLY X 182 4.33 -24.83 31.21
N TYR X 183 4.48 -26.16 31.12
CA TYR X 183 5.47 -26.90 31.83
C TYR X 183 5.33 -26.64 33.30
N GLY X 184 4.12 -26.82 33.78
CA GLY X 184 3.86 -26.63 35.20
C GLY X 184 4.18 -25.20 35.65
N ALA X 185 4.30 -25.02 36.94
CA ALA X 185 4.28 -23.68 37.43
C ALA X 185 5.05 -23.60 38.71
N VAL X 186 5.46 -22.41 39.06
CA VAL X 186 6.04 -22.14 40.35
C VAL X 186 5.14 -21.19 41.07
N ALA X 187 5.01 -21.34 42.36
CA ALA X 187 4.02 -20.55 43.05
C ALA X 187 4.64 -20.08 44.32
N MET X 188 4.43 -18.82 44.70
CA MET X 188 4.88 -18.43 46.01
C MET X 188 3.67 -18.02 46.78
N ILE X 189 3.54 -18.60 47.97
CA ILE X 189 2.49 -18.27 48.91
C ILE X 189 3.12 -17.40 49.96
N VAL X 190 2.55 -16.24 50.16
CA VAL X 190 3.20 -15.24 50.98
C VAL X 190 2.23 -14.86 52.08
N THR X 191 2.63 -15.04 53.32
CA THR X 191 1.79 -14.66 54.43
C THR X 191 2.55 -13.58 55.16
N LYS X 192 2.16 -13.26 56.39
CA LYS X 192 2.95 -12.32 57.18
C LYS X 192 4.22 -13.00 57.65
N ASP X 193 4.07 -14.29 58.00
CA ASP X 193 5.00 -15.01 58.87
C ASP X 193 6.00 -15.80 58.04
N LYS X 194 5.64 -16.07 56.79
CA LYS X 194 6.14 -17.23 56.06
C LYS X 194 6.01 -17.05 54.54
N VAL X 195 7.03 -17.45 53.81
CA VAL X 195 6.95 -17.56 52.36
C VAL X 195 7.16 -19.01 52.01
N THR X 196 6.36 -19.50 51.14
CA THR X 196 6.44 -20.89 50.76
C THR X 196 6.46 -20.91 49.25
N THR X 197 7.49 -21.51 48.66
CA THR X 197 7.55 -21.65 47.23
C THR X 197 7.20 -23.08 46.88
N ARG X 198 6.50 -23.29 45.80
CA ARG X 198 6.21 -24.65 45.43
C ARG X 198 6.29 -24.79 43.95
N LEU X 199 6.92 -25.86 43.52
CA LEU X 199 7.00 -26.19 42.11
C LEU X 199 5.92 -27.23 41.83
N ILE X 200 5.06 -26.94 40.89
CA ILE X 200 3.86 -27.68 40.65
C ILE X 200 4.04 -28.42 39.35
N LYS X 201 3.59 -29.67 39.35
CA LYS X 201 3.73 -30.56 38.20
C LYS X 201 2.65 -30.19 37.20
N GLY X 202 3.03 -30.13 35.93
CA GLY X 202 2.07 -29.89 34.87
C GLY X 202 2.36 -30.72 33.64
N ARG X 203 1.59 -30.47 32.58
CA ARG X 203 1.80 -31.17 31.33
C ARG X 203 3.13 -30.82 30.70
N LYS X 204 3.59 -31.69 29.82
CA LYS X 204 4.86 -31.54 29.15
C LYS X 204 4.62 -31.22 27.69
N ASP X 205 3.53 -30.52 27.41
CA ASP X 205 3.24 -30.07 26.06
C ASP X 205 3.02 -28.53 26.07
N MET Y 1 20.39 -18.60 10.44
CA MET Y 1 19.61 -19.87 10.32
C MET Y 1 20.37 -20.84 9.42
N ALA Y 2 21.07 -20.30 8.42
CA ALA Y 2 21.85 -21.11 7.49
C ALA Y 2 22.97 -21.84 8.20
N GLU Y 3 23.57 -21.17 9.19
CA GLU Y 3 24.69 -21.71 9.94
C GLU Y 3 24.18 -22.10 11.31
N THR Y 4 24.25 -23.40 11.59
CA THR Y 4 23.66 -24.01 12.75
C THR Y 4 24.75 -24.10 13.81
N ALA Y 5 24.47 -23.64 15.01
CA ALA Y 5 25.37 -23.91 16.08
C ALA Y 5 24.72 -24.69 17.16
N ILE Y 6 25.49 -25.48 17.87
CA ILE Y 6 24.96 -26.43 18.83
C ILE Y 6 25.83 -26.47 20.04
N ALA Y 7 25.26 -26.72 21.19
CA ALA Y 7 26.09 -26.81 22.37
C ALA Y 7 25.45 -27.64 23.41
N PHE Y 8 26.26 -28.30 24.18
CA PHE Y 8 25.68 -28.87 25.34
C PHE Y 8 26.69 -29.11 26.40
N ARG Y 9 26.18 -29.25 27.61
CA ARG Y 9 27.09 -29.23 28.72
C ARG Y 9 26.82 -30.46 29.50
N CYS Y 10 27.89 -31.15 29.78
CA CYS Y 10 27.84 -32.27 30.69
C CYS Y 10 28.52 -31.85 31.97
N LYS Y 11 29.01 -32.81 32.74
CA LYS Y 11 29.35 -32.55 34.11
C LYS Y 11 30.67 -31.80 34.12
N ASP Y 12 31.51 -32.09 33.13
CA ASP Y 12 32.90 -31.72 33.14
C ASP Y 12 33.33 -31.04 31.85
N TYR Y 13 32.40 -30.66 31.02
CA TYR Y 13 32.78 -29.94 29.84
C TYR Y 13 31.53 -29.33 29.26
N VAL Y 14 31.77 -28.34 28.43
CA VAL Y 14 30.69 -27.88 27.63
C VAL Y 14 31.26 -27.89 26.26
N MET Y 15 30.46 -28.38 25.35
CA MET Y 15 30.97 -28.67 24.05
C MET Y 15 30.18 -27.85 23.08
N VAL Y 16 30.83 -27.26 22.12
CA VAL Y 16 30.11 -26.32 21.29
C VAL Y 16 30.46 -26.56 19.86
N ALA Y 17 29.53 -26.48 18.94
CA ALA Y 17 29.88 -26.77 17.56
C ALA Y 17 29.23 -25.77 16.66
N ALA Y 18 29.81 -25.47 15.55
CA ALA Y 18 29.13 -24.51 14.73
C ALA Y 18 29.60 -24.67 13.33
N ALA Y 19 28.69 -24.43 12.42
CA ALA Y 19 28.95 -24.74 11.03
C ALA Y 19 29.90 -23.71 10.43
N GLY Y 20 30.88 -24.21 9.69
CA GLY Y 20 31.79 -23.37 8.94
C GLY Y 20 31.14 -22.55 7.81
N LEU Y 21 29.98 -22.95 7.31
CA LEU Y 21 29.51 -22.28 6.13
C LEU Y 21 29.59 -20.78 6.25
N ASN Y 22 30.14 -20.10 5.22
CA ASN Y 22 29.92 -18.70 4.95
C ASN Y 22 29.30 -18.56 3.56
N ALA Y 23 28.15 -17.92 3.47
CA ALA Y 23 27.43 -17.81 2.23
C ALA Y 23 27.37 -16.37 1.74
N PHE Y 24 26.99 -16.25 0.48
CA PHE Y 24 26.55 -14.99 -0.08
C PHE Y 24 25.31 -15.33 -0.92
N TYR Y 25 24.13 -14.86 -0.55
CA TYR Y 25 22.93 -15.47 -1.08
C TYR Y 25 23.20 -16.96 -1.22
N TYR Y 26 23.12 -17.57 -2.42
CA TYR Y 26 23.27 -19.02 -2.55
C TYR Y 26 24.71 -19.45 -2.76
N ILE Y 27 25.60 -18.51 -2.97
CA ILE Y 27 26.95 -18.87 -3.33
C ILE Y 27 27.62 -19.27 -2.04
N LYS Y 28 28.15 -20.44 -2.00
CA LYS Y 28 28.89 -20.86 -0.86
C LYS Y 28 30.30 -20.38 -1.01
N ILE Y 29 30.75 -19.55 -0.08
CA ILE Y 29 32.10 -19.03 -0.16
C ILE Y 29 33.14 -19.97 0.42
N THR Y 30 32.86 -20.55 1.58
CA THR Y 30 33.77 -21.50 2.22
C THR Y 30 32.92 -22.42 3.09
N ASP Y 31 33.42 -23.60 3.42
CA ASP Y 31 32.88 -24.31 4.58
C ASP Y 31 33.92 -24.32 5.71
N ALA Y 32 34.50 -23.17 6.07
CA ALA Y 32 35.58 -23.17 7.06
C ALA Y 32 35.79 -21.80 7.73
N GLU Y 33 34.72 -21.06 7.97
CA GLU Y 33 34.73 -19.89 8.84
C GLU Y 33 34.45 -20.41 10.25
N ASP Y 34 35.47 -20.36 11.11
CA ASP Y 34 35.28 -20.61 12.53
C ASP Y 34 34.52 -19.43 13.14
N LYS Y 35 33.36 -19.80 13.65
CA LYS Y 35 32.42 -18.91 14.22
C LYS Y 35 32.31 -19.18 15.69
N ILE Y 36 33.26 -19.91 16.20
CA ILE Y 36 33.30 -20.08 17.61
C ILE Y 36 34.41 -19.21 18.10
N THR Y 37 34.07 -18.20 18.86
CA THR Y 37 35.09 -17.28 19.27
C THR Y 37 35.45 -17.51 20.72
N GLN Y 38 36.70 -17.74 21.01
CA GLN Y 38 37.12 -17.75 22.41
C GLN Y 38 37.27 -16.32 22.90
N LEU Y 39 36.66 -16.06 24.05
CA LEU Y 39 36.60 -14.76 24.66
C LEU Y 39 37.61 -14.67 25.80
N ASP Y 40 37.88 -15.80 26.41
CA ASP Y 40 38.78 -15.83 27.54
C ASP Y 40 39.32 -17.24 27.63
N THR Y 41 40.16 -17.51 28.60
CA THR Y 41 40.68 -18.86 28.61
C THR Y 41 39.63 -19.94 28.81
N HIS Y 42 38.52 -19.58 29.38
CA HIS Y 42 37.54 -20.59 29.73
C HIS Y 42 36.17 -20.17 29.25
N GLN Y 43 36.13 -19.35 28.23
CA GLN Y 43 34.86 -18.82 27.80
C GLN Y 43 34.89 -18.74 26.31
N LEU Y 44 33.88 -19.28 25.64
CA LEU Y 44 33.83 -19.11 24.22
C LEU Y 44 32.41 -18.89 23.78
N VAL Y 45 32.27 -18.32 22.60
CA VAL Y 45 30.95 -17.97 22.20
C VAL Y 45 30.71 -18.41 20.78
N ALA Y 46 29.79 -19.30 20.56
CA ALA Y 46 29.47 -19.68 19.21
C ALA Y 46 28.44 -18.72 18.74
N CYS Y 47 28.71 -18.05 17.65
CA CYS Y 47 27.89 -16.91 17.30
C CYS Y 47 27.50 -17.00 15.84
N THR Y 48 26.25 -16.79 15.54
CA THR Y 48 25.79 -16.99 14.19
C THR Y 48 25.07 -15.77 13.72
N GLY Y 49 25.20 -15.49 12.44
CA GLY Y 49 24.64 -14.32 11.83
C GLY Y 49 25.67 -13.69 10.90
N GLU Y 50 25.27 -12.62 10.26
CA GLU Y 50 26.12 -12.04 9.25
C GLU Y 50 27.48 -11.65 9.82
N ASN Y 51 28.50 -11.73 8.99
CA ASN Y 51 29.85 -11.45 9.44
C ASN Y 51 29.87 -10.09 10.11
N GLY Y 52 29.27 -9.07 9.53
CA GLY Y 52 29.35 -7.74 10.11
C GLY Y 52 29.02 -7.71 11.60
N PRO Y 53 27.76 -8.00 11.94
CA PRO Y 53 27.37 -8.09 13.32
C PRO Y 53 28.11 -9.08 14.16
N ARG Y 54 28.24 -10.30 13.68
CA ARG Y 54 28.89 -11.31 14.45
C ARG Y 54 30.29 -10.86 14.84
N VAL Y 55 31.04 -10.28 13.92
CA VAL Y 55 32.41 -9.93 14.25
C VAL Y 55 32.39 -8.67 15.12
N ASN Y 56 31.62 -7.70 14.78
CA ASN Y 56 31.65 -6.54 15.62
C ASN Y 56 31.18 -6.83 17.04
N PHE Y 57 30.19 -7.68 17.21
CA PHE Y 57 29.69 -7.98 18.52
C PHE Y 57 30.74 -8.77 19.24
N THR Y 58 31.31 -9.77 18.60
CA THR Y 58 32.21 -10.59 19.37
C THR Y 58 33.48 -9.86 19.71
N GLU Y 59 33.91 -8.98 18.83
CA GLU Y 59 35.17 -8.29 19.05
C GLU Y 59 34.99 -7.25 20.16
N TYR Y 60 33.82 -6.63 20.20
CA TYR Y 60 33.47 -5.77 21.31
C TYR Y 60 33.54 -6.49 22.65
N ILE Y 61 32.89 -7.63 22.78
CA ILE Y 61 32.91 -8.37 23.99
C ILE Y 61 34.32 -8.75 24.28
N LYS Y 62 35.03 -9.26 23.33
CA LYS Y 62 36.33 -9.82 23.62
C LYS Y 62 37.26 -8.74 24.16
N CYS Y 63 37.18 -7.54 23.61
CA CYS Y 63 37.92 -6.38 24.02
C CYS Y 63 37.53 -5.95 25.42
N ASN Y 64 36.27 -5.60 25.61
CA ASN Y 64 35.77 -5.27 26.92
C ASN Y 64 36.07 -6.32 27.95
N LEU Y 65 36.05 -7.57 27.65
CA LEU Y 65 36.47 -8.48 28.67
C LEU Y 65 37.93 -8.28 29.00
N ALA Y 66 38.69 -7.97 27.95
CA ALA Y 66 40.14 -7.97 28.09
C ALA Y 66 40.52 -6.72 28.86
N LEU Y 67 39.91 -5.62 28.44
CA LEU Y 67 40.02 -4.37 29.14
C LEU Y 67 39.79 -4.61 30.62
N ASN Y 68 38.67 -5.24 30.97
CA ASN Y 68 38.24 -5.36 32.34
C ASN Y 68 39.20 -6.25 33.09
N ARG Y 69 39.82 -7.19 32.44
CA ARG Y 69 40.75 -8.09 33.10
C ARG Y 69 42.07 -7.33 33.37
N MET Y 70 42.39 -6.30 32.57
CA MET Y 70 43.55 -5.45 32.83
C MET Y 70 43.21 -4.72 34.11
N ARG Y 71 42.13 -3.90 34.01
CA ARG Y 71 41.68 -2.97 35.04
C ARG Y 71 41.22 -3.78 36.25
N GLN Y 72 41.73 -5.00 36.40
CA GLN Y 72 41.35 -5.89 37.47
C GLN Y 72 42.45 -6.93 37.62
N HIS Y 73 43.69 -6.53 37.29
CA HIS Y 73 44.90 -7.21 37.70
C HIS Y 73 44.82 -8.69 37.44
N GLY Y 74 44.32 -9.06 36.23
CA GLY Y 74 44.56 -10.37 35.65
C GLY Y 74 43.50 -11.42 35.99
N ARG Y 75 42.42 -10.96 36.64
CA ARG Y 75 41.39 -11.82 37.20
C ARG Y 75 40.34 -12.09 36.13
N HIS Y 76 39.91 -13.34 36.05
CA HIS Y 76 38.96 -13.72 35.04
C HIS Y 76 37.57 -13.44 35.57
N SER Y 77 36.78 -12.81 34.71
CA SER Y 77 35.36 -12.65 34.97
C SER Y 77 34.72 -14.03 34.98
N SER Y 78 33.66 -14.19 35.77
CA SER Y 78 32.81 -15.36 35.75
C SER Y 78 32.00 -15.45 34.46
N CYS Y 79 31.53 -16.65 34.14
CA CYS Y 79 30.75 -16.81 32.95
C CYS Y 79 29.43 -16.07 33.09
N GLU Y 80 28.81 -16.08 34.25
CA GLU Y 80 27.55 -15.39 34.36
C GLU Y 80 27.79 -13.88 34.16
N SER Y 81 28.85 -13.35 34.68
CA SER Y 81 29.15 -11.98 34.41
C SER Y 81 29.17 -11.74 32.92
N THR Y 82 29.93 -12.57 32.23
CA THR Y 82 30.18 -12.29 30.84
C THR Y 82 28.88 -12.40 30.08
N ALA Y 83 28.09 -13.37 30.42
CA ALA Y 83 26.86 -13.56 29.71
C ALA Y 83 25.90 -12.40 29.91
N ASN Y 84 25.85 -11.86 31.10
CA ASN Y 84 25.04 -10.69 31.38
C ASN Y 84 25.56 -9.48 30.69
N PHE Y 85 26.86 -9.37 30.57
CA PHE Y 85 27.41 -8.27 29.80
C PHE Y 85 27.00 -8.41 28.33
N MET Y 86 27.02 -9.61 27.80
CA MET Y 86 26.63 -9.81 26.44
C MET Y 86 25.17 -9.55 26.31
N ARG Y 87 24.40 -10.02 27.25
CA ARG Y 87 22.98 -9.83 27.14
C ARG Y 87 22.64 -8.36 27.13
N ASN Y 88 23.30 -7.59 27.95
CA ASN Y 88 22.92 -6.23 28.15
C ASN Y 88 23.32 -5.45 26.93
N CYS Y 89 24.33 -5.92 26.27
CA CYS Y 89 24.83 -5.27 25.08
C CYS Y 89 23.90 -5.53 23.91
N LEU Y 90 23.50 -6.77 23.74
CA LEU Y 90 22.46 -7.11 22.80
C LEU Y 90 21.21 -6.34 23.07
N ALA Y 91 20.74 -6.35 24.30
CA ALA Y 91 19.44 -5.77 24.62
C ALA Y 91 19.44 -4.29 24.32
N SER Y 92 20.52 -3.64 24.74
CA SER Y 92 20.63 -2.21 24.58
C SER Y 92 20.55 -1.89 23.12
N ALA Y 93 21.19 -2.71 22.33
CA ALA Y 93 21.13 -2.47 20.90
C ALA Y 93 19.73 -2.55 20.33
N ILE Y 94 18.78 -3.28 20.86
CA ILE Y 94 17.54 -3.34 20.08
C ILE Y 94 16.78 -2.04 20.19
N ARG Y 95 17.21 -1.19 21.11
CA ARG Y 95 16.51 0.06 21.30
C ARG Y 95 17.46 1.22 20.91
N SER Y 96 18.47 0.92 20.11
CA SER Y 96 19.45 1.91 19.75
C SER Y 96 19.09 2.44 18.37
N ARG Y 97 19.79 3.51 17.97
CA ARG Y 97 19.63 4.09 16.65
C ARG Y 97 19.99 3.04 15.59
N GLU Y 98 21.14 2.41 15.80
CA GLU Y 98 21.72 1.42 14.89
C GLU Y 98 20.85 0.17 14.76
N GLY Y 99 20.28 -0.32 15.86
CA GLY Y 99 19.41 -1.48 15.79
C GLY Y 99 20.07 -2.76 16.31
N ALA Y 100 19.22 -3.79 16.44
CA ALA Y 100 19.67 -5.05 16.97
C ALA Y 100 20.94 -5.54 16.27
N TYR Y 101 21.86 -6.12 17.03
CA TYR Y 101 22.90 -6.92 16.44
C TYR Y 101 22.27 -8.24 16.02
N GLN Y 102 22.05 -8.49 14.75
CA GLN Y 102 21.43 -9.73 14.32
C GLN Y 102 22.38 -10.92 14.44
N VAL Y 103 22.50 -11.45 15.63
CA VAL Y 103 23.36 -12.55 15.86
C VAL Y 103 22.73 -13.36 16.96
N ASN Y 104 23.00 -14.65 16.96
CA ASN Y 104 22.54 -15.48 18.04
C ASN Y 104 23.71 -16.25 18.59
N CYS Y 105 23.77 -16.33 19.89
CA CYS Y 105 24.91 -16.87 20.57
C CYS Y 105 24.57 -18.09 21.38
N LEU Y 106 25.56 -18.93 21.56
CA LEU Y 106 25.64 -19.84 22.66
C LEU Y 106 26.90 -19.42 23.33
N PHE Y 107 26.77 -19.12 24.58
CA PHE Y 107 27.91 -18.72 25.35
C PHE Y 107 28.16 -19.86 26.29
N ALA Y 108 29.39 -20.33 26.26
CA ALA Y 108 29.75 -21.46 27.06
C ALA Y 108 31.05 -21.19 27.76
N GLY Y 109 31.11 -21.68 28.96
CA GLY Y 109 32.29 -21.43 29.74
C GLY Y 109 32.46 -22.47 30.82
N TYR Y 110 33.60 -22.40 31.46
CA TYR Y 110 33.79 -23.25 32.59
C TYR Y 110 34.35 -22.40 33.71
N ASP Y 111 33.64 -22.37 34.83
CA ASP Y 111 33.99 -21.46 35.90
C ASP Y 111 34.89 -22.21 36.85
N THR Y 112 36.08 -21.69 37.06
CA THR Y 112 37.01 -22.26 38.02
C THR Y 112 37.15 -21.28 39.17
N PRO Y 113 37.56 -21.75 40.36
CA PRO Y 113 37.88 -20.85 41.48
C PRO Y 113 38.87 -19.77 41.04
N VAL Y 114 38.49 -18.51 41.23
CA VAL Y 114 39.33 -17.41 40.75
C VAL Y 114 40.41 -17.11 41.78
N SER Y 115 40.14 -17.50 43.04
CA SER Y 115 41.08 -17.37 44.14
C SER Y 115 40.76 -18.41 45.21
N GLU Y 116 41.43 -18.33 46.38
CA GLU Y 116 41.16 -19.18 47.53
C GLU Y 116 39.81 -18.87 48.17
N ASP Y 117 39.33 -17.64 47.96
CA ASP Y 117 38.16 -17.10 48.65
C ASP Y 117 36.88 -17.40 47.85
N ASP Y 118 37.02 -17.72 46.55
CA ASP Y 118 35.89 -17.89 45.65
C ASP Y 118 35.04 -19.09 46.09
N ASP Y 119 33.85 -18.77 46.59
CA ASP Y 119 32.85 -19.74 47.01
C ASP Y 119 31.88 -19.99 45.85
N GLY Y 120 32.23 -19.45 44.67
CA GLY Y 120 31.31 -19.34 43.56
C GLY Y 120 31.06 -20.69 42.88
N VAL Y 121 30.35 -20.63 41.77
CA VAL Y 121 29.93 -21.82 41.06
C VAL Y 121 31.14 -22.35 40.34
N VAL Y 122 31.33 -23.65 40.40
CA VAL Y 122 32.43 -24.21 39.64
C VAL Y 122 31.83 -25.15 38.59
N GLY Y 123 32.32 -25.01 37.38
CA GLY Y 123 32.00 -26.01 36.39
C GLY Y 123 31.56 -25.38 35.08
N PRO Y 124 30.86 -26.17 34.28
CA PRO Y 124 30.46 -25.75 32.96
C PRO Y 124 29.20 -24.92 33.06
N GLN Y 125 29.13 -23.96 32.16
CA GLN Y 125 28.01 -23.08 32.08
C GLN Y 125 27.70 -22.96 30.62
N LEU Y 126 26.44 -22.92 30.27
CA LEU Y 126 26.07 -22.68 28.91
C LEU Y 126 24.85 -21.82 28.88
N PHE Y 127 24.84 -20.86 28.01
CA PHE Y 127 23.76 -19.93 27.89
C PHE Y 127 23.28 -19.81 26.46
N TYR Y 128 21.98 -19.78 26.34
CA TYR Y 128 21.38 -19.46 25.10
C TYR Y 128 21.08 -18.00 25.05
N MET Y 129 21.58 -17.27 24.05
CA MET Y 129 21.17 -15.92 23.84
C MET Y 129 20.53 -15.79 22.51
N ASP Y 130 19.64 -14.82 22.33
CA ASP Y 130 19.16 -14.50 21.01
C ASP Y 130 19.43 -13.02 20.78
N TYR Y 131 19.23 -12.58 19.57
CA TYR Y 131 19.69 -11.27 19.19
C TYR Y 131 19.01 -10.18 19.97
N LEU Y 132 17.87 -10.48 20.57
CA LEU Y 132 17.20 -9.44 21.30
C LEU Y 132 17.69 -9.34 22.73
N GLY Y 133 18.46 -10.31 23.14
CA GLY Y 133 19.08 -10.26 24.45
C GLY Y 133 18.26 -11.11 25.40
N THR Y 134 17.66 -12.11 24.86
CA THR Y 134 17.14 -13.10 25.74
C THR Y 134 18.33 -13.85 26.26
N LEU Y 135 18.31 -14.35 27.47
CA LEU Y 135 19.50 -15.00 27.98
C LEU Y 135 19.01 -16.06 28.93
N GLN Y 136 19.35 -17.29 28.66
CA GLN Y 136 18.83 -18.37 29.46
C GLN Y 136 19.90 -19.41 29.64
N ALA Y 137 20.16 -19.81 30.86
CA ALA Y 137 21.01 -20.95 31.07
C ALA Y 137 20.28 -22.16 30.57
N VAL Y 138 20.99 -23.07 29.92
CA VAL Y 138 20.37 -24.26 29.39
C VAL Y 138 21.41 -25.34 29.46
N PRO Y 139 21.01 -26.61 29.57
CA PRO Y 139 21.95 -27.72 29.41
C PRO Y 139 22.33 -28.04 27.97
N TYR Y 140 21.48 -27.71 27.02
CA TYR Y 140 21.94 -27.63 25.66
C TYR Y 140 21.07 -26.69 24.87
N GLY Y 141 21.57 -26.29 23.71
CA GLY Y 141 20.85 -25.31 22.94
C GLY Y 141 21.38 -25.21 21.53
N CYS Y 142 20.58 -24.62 20.67
CA CYS Y 142 20.99 -24.53 19.31
C CYS Y 142 20.41 -23.33 18.66
N HIS Y 143 21.06 -22.93 17.60
CA HIS Y 143 20.54 -21.92 16.74
C HIS Y 143 20.66 -22.37 15.33
N GLY Y 144 19.82 -21.83 14.47
CA GLY Y 144 19.89 -22.17 13.07
C GLY Y 144 18.80 -23.12 12.64
N TYR Y 145 18.81 -23.44 11.37
CA TYR Y 145 17.82 -24.31 10.76
C TYR Y 145 17.89 -25.71 11.38
N GLY Y 146 19.07 -26.15 11.78
CA GLY Y 146 19.20 -27.47 12.40
C GLY Y 146 18.79 -27.48 13.85
N ALA Y 147 18.58 -26.30 14.36
CA ALA Y 147 18.41 -26.12 15.76
C ALA Y 147 17.38 -27.08 16.26
N CYS Y 148 16.26 -27.16 15.59
CA CYS Y 148 15.22 -28.00 16.11
C CYS Y 148 15.50 -29.48 15.93
N PHE Y 149 16.14 -29.90 14.84
CA PHE Y 149 16.41 -31.31 14.72
C PHE Y 149 17.24 -31.67 15.91
N VAL Y 150 18.28 -30.88 16.14
CA VAL Y 150 19.26 -31.26 17.11
C VAL Y 150 18.69 -31.20 18.49
N THR Y 151 17.92 -30.16 18.74
CA THR Y 151 17.35 -30.02 20.06
C THR Y 151 16.52 -31.23 20.45
N ALA Y 152 15.83 -31.84 19.51
CA ALA Y 152 15.01 -32.98 19.84
C ALA Y 152 15.88 -34.19 19.97
N LEU Y 153 16.92 -34.29 19.16
CA LEU Y 153 17.93 -35.32 19.33
C LEU Y 153 18.62 -35.26 20.69
N LEU Y 154 18.92 -34.07 21.17
CA LEU Y 154 19.56 -33.95 22.45
C LEU Y 154 18.57 -34.25 23.52
N ASP Y 155 17.31 -33.87 23.34
CA ASP Y 155 16.33 -34.21 24.35
C ASP Y 155 16.24 -35.71 24.47
N ARG Y 156 16.44 -36.43 23.38
CA ARG Y 156 16.41 -37.89 23.41
C ARG Y 156 17.67 -38.47 24.04
N LEU Y 157 18.84 -37.97 23.65
CA LEU Y 157 20.06 -38.67 23.95
C LEU Y 157 20.92 -38.12 25.07
N TRP Y 158 20.89 -36.81 25.27
CA TRP Y 158 21.75 -36.14 26.23
C TRP Y 158 21.43 -36.67 27.60
N ARG Y 159 22.49 -36.83 28.37
CA ARG Y 159 22.34 -37.07 29.78
C ARG Y 159 23.30 -36.10 30.43
N PRO Y 160 23.06 -35.67 31.66
CA PRO Y 160 23.98 -34.77 32.34
C PRO Y 160 25.40 -35.31 32.52
N ASP Y 161 25.58 -36.63 32.53
CA ASP Y 161 26.81 -37.24 32.98
C ASP Y 161 27.56 -37.97 31.87
N LEU Y 162 27.52 -37.47 30.63
CA LEU Y 162 28.24 -38.14 29.57
C LEU Y 162 29.72 -37.95 29.83
N SER Y 163 30.51 -38.94 29.45
CA SER Y 163 31.96 -38.77 29.39
C SER Y 163 32.32 -37.80 28.28
N GLN Y 164 33.58 -37.35 28.27
CA GLN Y 164 34.05 -36.47 27.21
C GLN Y 164 33.96 -37.25 25.90
N GLN Y 165 34.05 -38.58 25.93
CA GLN Y 165 34.04 -39.39 24.72
C GLN Y 165 32.60 -39.65 24.22
N GLU Y 166 31.71 -40.02 25.13
CA GLU Y 166 30.31 -40.10 24.79
C GLU Y 166 29.80 -38.77 24.23
N GLY Y 167 30.34 -37.66 24.72
CA GLY Y 167 30.06 -36.35 24.18
C GLY Y 167 30.53 -36.14 22.74
N LEU Y 168 31.76 -36.50 22.40
CA LEU Y 168 32.18 -36.44 21.02
C LEU Y 168 31.23 -37.26 20.16
N GLU Y 169 30.86 -38.46 20.63
CA GLU Y 169 29.98 -39.30 19.84
C GLU Y 169 28.64 -38.61 19.63
N LEU Y 170 28.12 -38.04 20.72
CA LEU Y 170 26.84 -37.41 20.66
C LEU Y 170 26.88 -36.16 19.81
N MET Y 171 27.96 -35.40 19.87
CA MET Y 171 28.04 -34.21 19.04
C MET Y 171 28.09 -34.59 17.59
N GLN Y 172 28.70 -35.74 17.28
CA GLN Y 172 28.82 -36.20 15.90
C GLN Y 172 27.44 -36.53 15.33
N LYS Y 173 26.60 -37.21 16.09
CA LYS Y 173 25.23 -37.44 15.70
C LYS Y 173 24.48 -36.14 15.49
N CYS Y 174 24.80 -35.13 16.28
CA CYS Y 174 24.19 -33.83 16.12
C CYS Y 174 24.60 -33.18 14.83
N CYS Y 175 25.88 -33.17 14.56
CA CYS Y 175 26.34 -32.56 13.33
C CYS Y 175 25.73 -33.35 12.18
N ASP Y 176 25.71 -34.67 12.27
CA ASP Y 176 25.28 -35.51 11.17
C ASP Y 176 23.81 -35.27 10.86
N GLU Y 177 22.97 -35.26 11.87
CA GLU Y 177 21.59 -34.90 11.67
C GLU Y 177 21.46 -33.56 10.98
N VAL Y 178 22.26 -32.58 11.31
CA VAL Y 178 22.14 -31.32 10.59
C VAL Y 178 22.53 -31.46 9.11
N LYS Y 179 23.46 -32.36 8.79
CA LYS Y 179 23.77 -32.57 7.39
C LYS Y 179 22.69 -33.39 6.69
N ARG Y 180 22.15 -34.37 7.38
CA ARG Y 180 21.09 -35.15 6.79
C ARG Y 180 19.89 -34.28 6.48
N ARG Y 181 19.54 -33.32 7.32
CA ARG Y 181 18.22 -32.75 7.16
C ARG Y 181 18.18 -31.29 6.85
N VAL Y 182 19.28 -30.63 6.75
CA VAL Y 182 19.08 -29.25 6.39
C VAL Y 182 19.52 -29.07 4.95
N ILE Y 183 18.75 -28.30 4.23
CA ILE Y 183 18.88 -28.22 2.78
C ILE Y 183 20.23 -27.56 2.54
N ILE Y 184 20.55 -26.63 3.45
CA ILE Y 184 21.78 -25.85 3.43
C ILE Y 184 22.95 -26.70 3.86
N SER Y 185 23.98 -26.81 3.03
CA SER Y 185 25.12 -27.65 3.38
C SER Y 185 25.91 -27.05 4.54
N ASN Y 186 25.70 -27.59 5.73
CA ASN Y 186 26.59 -27.43 6.84
C ASN Y 186 27.53 -28.62 6.84
N SER Y 187 28.43 -28.68 5.85
CA SER Y 187 29.27 -29.84 5.59
C SER Y 187 30.34 -30.09 6.66
N TYR Y 188 30.96 -29.01 7.13
CA TYR Y 188 31.99 -29.05 8.16
C TYR Y 188 31.52 -28.22 9.33
N PHE Y 189 31.71 -28.77 10.55
CA PHE Y 189 31.51 -28.12 11.82
C PHE Y 189 32.81 -27.96 12.59
N PHE Y 190 33.03 -26.77 13.12
CA PHE Y 190 34.07 -26.63 14.10
C PHE Y 190 33.53 -26.96 15.46
N VAL Y 191 34.33 -27.60 16.25
CA VAL Y 191 33.87 -28.05 17.53
C VAL Y 191 34.93 -27.73 18.55
N LYS Y 192 34.51 -27.24 19.69
CA LYS Y 192 35.45 -26.95 20.75
C LYS Y 192 34.78 -27.38 22.01
N ALA Y 193 35.57 -27.54 23.03
CA ALA Y 193 35.01 -27.83 24.33
C ALA Y 193 35.68 -26.90 25.30
N VAL Y 194 35.01 -26.66 26.40
CA VAL Y 194 35.67 -26.02 27.48
C VAL Y 194 35.61 -27.02 28.60
N THR Y 195 36.75 -27.10 29.30
CA THR Y 195 36.94 -27.92 30.48
C THR Y 195 37.68 -27.09 31.51
N LYS Y 196 37.87 -27.66 32.72
CA LYS Y 196 38.76 -27.10 33.72
C LYS Y 196 40.06 -26.64 33.07
N ASN Y 197 40.53 -27.31 32.02
CA ASN Y 197 41.84 -27.02 31.46
C ASN Y 197 41.80 -26.05 30.30
N GLY Y 198 40.64 -25.46 30.04
CA GLY Y 198 40.51 -24.39 29.05
C GLY Y 198 39.73 -24.85 27.83
N VAL Y 199 39.93 -24.13 26.73
CA VAL Y 199 39.29 -24.43 25.46
C VAL Y 199 40.16 -25.40 24.70
N GLU Y 200 39.63 -26.57 24.39
CA GLU Y 200 40.30 -27.42 23.43
C GLU Y 200 39.52 -27.44 22.12
N VAL Y 201 40.24 -27.28 21.02
CA VAL Y 201 39.71 -27.62 19.71
C VAL Y 201 39.62 -29.13 19.55
N ILE Y 202 38.56 -29.53 18.83
CA ILE Y 202 38.22 -30.92 18.68
C ILE Y 202 38.14 -31.17 17.18
N THR Y 203 39.06 -31.96 16.64
CA THR Y 203 39.11 -32.15 15.20
C THR Y 203 38.46 -33.49 14.82
N ALA Y 204 38.26 -34.35 15.82
CA ALA Y 204 37.66 -35.68 15.68
C ALA Y 204 36.20 -35.64 15.20
N VAL Y 205 35.57 -34.47 15.31
CA VAL Y 205 34.18 -34.28 14.97
C VAL Y 205 34.12 -33.13 13.98
N HIS Y 206 33.23 -33.23 13.00
CA HIS Y 206 33.08 -32.14 12.04
C HIS Y 206 31.78 -32.30 11.26
N THR Z 100 29.62 -6.36 -13.48
CA THR Z 100 30.98 -6.36 -12.89
C THR Z 100 31.37 -7.78 -12.57
N THR Z 101 32.60 -8.10 -12.88
CA THR Z 101 33.15 -9.32 -12.35
C THR Z 101 34.51 -8.96 -11.84
N THR Z 102 34.80 -9.32 -10.62
CA THR Z 102 36.12 -9.16 -10.07
C THR Z 102 36.51 -10.45 -9.41
N LEU Z 103 37.77 -10.78 -9.45
CA LEU Z 103 38.20 -11.89 -8.64
C LEU Z 103 39.60 -11.67 -8.14
N ALA Z 104 39.94 -12.40 -7.13
CA ALA Z 104 41.29 -12.42 -6.67
C ALA Z 104 41.59 -13.72 -6.02
N PHE Z 105 42.79 -14.16 -6.12
CA PHE Z 105 43.12 -15.30 -5.31
C PHE Z 105 44.55 -15.25 -4.83
N ARG Z 106 44.77 -15.88 -3.69
CA ARG Z 106 46.11 -16.13 -3.21
C ARG Z 106 46.59 -17.42 -3.78
N PHE Z 107 47.84 -17.41 -4.23
CA PHE Z 107 48.53 -18.65 -4.49
C PHE Z 107 49.93 -18.50 -3.93
N ASN Z 108 50.82 -19.46 -4.21
CA ASN Z 108 52.15 -19.46 -3.61
C ASN Z 108 52.89 -18.21 -4.07
N GLY Z 109 52.74 -17.88 -5.33
CA GLY Z 109 53.42 -16.71 -5.86
C GLY Z 109 52.84 -15.35 -5.47
N GLY Z 110 51.84 -15.25 -4.62
CA GLY Z 110 51.25 -13.93 -4.40
C GLY Z 110 49.73 -13.88 -4.46
N ILE Z 111 49.23 -12.82 -5.04
CA ILE Z 111 47.81 -12.68 -5.25
C ILE Z 111 47.63 -12.17 -6.66
N ILE Z 112 46.66 -12.78 -7.35
CA ILE Z 112 46.20 -12.25 -8.60
C ILE Z 112 44.89 -11.59 -8.34
N VAL Z 113 44.66 -10.55 -9.11
CA VAL Z 113 43.42 -9.84 -9.05
C VAL Z 113 42.97 -9.57 -10.46
N ALA Z 114 41.71 -9.74 -10.80
CA ALA Z 114 41.39 -9.54 -12.19
C ALA Z 114 40.02 -8.93 -12.26
N VAL Z 115 39.79 -8.16 -13.29
CA VAL Z 115 38.51 -7.49 -13.33
C VAL Z 115 38.12 -7.23 -14.76
N ASP Z 116 36.85 -7.00 -14.98
CA ASP Z 116 36.39 -6.50 -16.27
C ASP Z 116 36.29 -4.98 -16.19
N SER Z 117 35.69 -4.35 -17.18
CA SER Z 117 35.67 -2.91 -17.16
C SER Z 117 34.32 -2.36 -17.53
N ARG Z 118 33.25 -3.07 -17.38
CA ARG Z 118 31.99 -2.52 -17.85
C ARG Z 118 31.29 -1.88 -16.69
N ALA Z 119 30.68 -0.72 -16.93
CA ALA Z 119 29.74 -0.16 -15.98
C ALA Z 119 28.39 -0.04 -16.63
N SER Z 120 27.45 -0.88 -16.22
CA SER Z 120 26.06 -0.78 -16.65
C SER Z 120 25.32 0.29 -15.85
N THR Z 121 24.45 1.07 -16.53
CA THR Z 121 23.30 1.74 -15.91
C THR Z 121 22.03 0.90 -16.21
N GLY Z 122 21.99 -0.29 -15.60
CA GLY Z 122 20.95 -1.28 -15.85
C GLY Z 122 21.15 -2.01 -17.18
N GLN Z 123 20.61 -1.44 -18.28
CA GLN Z 123 20.61 -2.12 -19.58
C GLN Z 123 21.51 -1.39 -20.58
N TYR Z 124 21.72 -0.09 -20.40
CA TYR Z 124 22.59 0.66 -21.29
C TYR Z 124 23.97 0.69 -20.63
N ILE Z 125 25.00 0.61 -21.46
CA ILE Z 125 26.35 0.46 -20.96
C ILE Z 125 26.98 1.83 -20.91
N ALA Z 126 27.30 2.27 -19.71
CA ALA Z 126 27.78 3.63 -19.49
C ALA Z 126 29.25 3.77 -19.88
N SER Z 127 30.00 2.71 -19.75
CA SER Z 127 31.43 2.73 -19.94
C SER Z 127 31.85 1.31 -20.25
N GLN Z 128 32.74 1.15 -21.22
CA GLN Z 128 33.46 -0.09 -21.33
C GLN Z 128 34.86 0.04 -20.75
N THR Z 129 35.11 0.98 -19.83
CA THR Z 129 36.51 1.30 -19.55
C THR Z 129 36.78 1.70 -18.12
N VAL Z 130 35.86 1.38 -17.22
CA VAL Z 130 36.02 1.66 -15.82
C VAL Z 130 37.28 0.94 -15.35
N MET Z 131 38.07 1.61 -14.53
CA MET Z 131 39.13 0.90 -13.87
C MET Z 131 38.54 0.46 -12.56
N LYS Z 132 38.67 -0.83 -12.29
CA LYS Z 132 38.00 -1.45 -11.18
C LYS Z 132 38.99 -2.04 -10.23
N VAL Z 133 40.25 -1.83 -10.48
CA VAL Z 133 41.18 -2.08 -9.43
C VAL Z 133 41.66 -0.74 -9.00
N LEU Z 134 41.46 -0.41 -7.73
CA LEU Z 134 41.99 0.83 -7.23
C LEU Z 134 43.32 0.49 -6.62
N GLU Z 135 44.32 1.25 -7.03
CA GLU Z 135 45.65 1.14 -6.46
C GLU Z 135 45.68 2.09 -5.28
N ILE Z 136 45.52 1.55 -4.11
CA ILE Z 136 45.34 2.36 -2.92
C ILE Z 136 46.70 3.00 -2.64
N ASN Z 137 47.57 2.20 -1.99
CA ASN Z 137 48.95 2.41 -1.61
C ASN Z 137 49.69 1.96 -2.89
N ASP Z 138 50.81 1.26 -2.73
CA ASP Z 138 51.57 0.56 -3.75
C ASP Z 138 51.93 -0.83 -3.22
N TYR Z 139 51.31 -1.21 -2.10
CA TYR Z 139 51.34 -2.58 -1.63
C TYR Z 139 49.91 -3.09 -1.53
N LEU Z 140 48.95 -2.20 -1.72
CA LEU Z 140 47.58 -2.61 -1.52
C LEU Z 140 46.74 -2.28 -2.74
N LEU Z 141 45.94 -3.23 -3.17
CA LEU Z 141 44.93 -2.93 -4.15
C LEU Z 141 43.60 -3.19 -3.53
N GLY Z 142 42.62 -2.54 -4.11
CA GLY Z 142 41.27 -2.87 -3.78
C GLY Z 142 40.47 -2.96 -5.05
N THR Z 143 39.45 -3.82 -5.09
CA THR Z 143 38.53 -3.78 -6.21
C THR Z 143 37.28 -3.01 -5.85
N LEU Z 144 36.67 -2.60 -6.94
CA LEU Z 144 35.42 -1.92 -6.98
C LEU Z 144 34.42 -2.92 -7.54
N ALA Z 145 33.34 -3.10 -6.80
CA ALA Z 145 32.14 -3.76 -7.23
C ALA Z 145 31.01 -3.10 -6.46
N GLY Z 146 29.81 -3.14 -7.01
CA GLY Z 146 28.75 -2.36 -6.42
C GLY Z 146 28.75 -0.96 -6.99
N GLY Z 147 28.11 -0.08 -6.22
CA GLY Z 147 28.12 1.36 -6.40
C GLY Z 147 29.52 1.86 -6.63
N ALA Z 148 29.77 2.38 -7.83
CA ALA Z 148 31.10 2.80 -8.21
C ALA Z 148 31.52 3.97 -7.33
N ALA Z 149 30.60 4.87 -7.02
CA ALA Z 149 31.02 6.04 -6.30
C ALA Z 149 31.42 5.61 -4.92
N ASP Z 150 30.63 4.70 -4.37
CA ASP Z 150 30.82 4.28 -3.00
C ASP Z 150 32.17 3.64 -2.85
N CYS Z 151 32.53 2.86 -3.82
CA CYS Z 151 33.79 2.19 -3.76
C CYS Z 151 34.90 3.16 -4.06
N GLN Z 152 34.68 4.02 -5.04
CA GLN Z 152 35.73 4.94 -5.34
C GLN Z 152 35.93 5.82 -4.16
N TYR Z 153 34.89 6.24 -3.49
CA TYR Z 153 35.09 7.24 -2.45
C TYR Z 153 35.78 6.59 -1.26
N TRP Z 154 35.23 5.50 -0.76
CA TRP Z 154 35.72 4.92 0.48
C TRP Z 154 37.05 4.23 0.26
N GLU Z 155 37.33 3.77 -0.96
CA GLU Z 155 38.67 3.26 -1.18
C GLU Z 155 39.65 4.40 -1.21
N ARG Z 156 39.21 5.55 -1.61
CA ARG Z 156 40.11 6.65 -1.61
C ARG Z 156 40.40 7.11 -0.21
N VAL Z 157 39.41 7.08 0.63
CA VAL Z 157 39.55 7.35 2.04
C VAL Z 157 40.48 6.35 2.70
N LEU Z 158 40.35 5.12 2.33
CA LEU Z 158 41.20 4.11 2.87
C LEU Z 158 42.63 4.39 2.47
N GLY Z 159 42.78 4.87 1.27
CA GLY Z 159 44.12 5.15 0.84
C GLY Z 159 44.66 6.27 1.68
N MET Z 160 43.82 7.21 2.06
CA MET Z 160 44.28 8.32 2.84
C MET Z 160 44.61 7.87 4.26
N GLU Z 161 43.83 6.96 4.81
CA GLU Z 161 44.06 6.45 6.15
C GLU Z 161 45.31 5.61 6.13
N CYS Z 162 45.58 4.94 5.02
CA CYS Z 162 46.74 4.08 4.96
C CYS Z 162 47.98 4.92 4.97
N ARG Z 163 47.89 6.04 4.31
CA ARG Z 163 49.01 6.91 4.15
C ARG Z 163 49.28 7.68 5.40
N LEU Z 164 48.24 8.05 6.13
CA LEU Z 164 48.45 8.74 7.39
C LEU Z 164 49.01 7.76 8.40
N TRP Z 165 48.53 6.54 8.41
CA TRP Z 165 49.22 5.56 9.20
C TRP Z 165 50.70 5.54 8.98
N GLU Z 166 51.11 5.57 7.73
CA GLU Z 166 52.49 5.43 7.38
C GLU Z 166 53.27 6.65 7.83
N LEU Z 167 52.67 7.83 7.72
CA LEU Z 167 53.31 9.03 8.23
C LEU Z 167 53.35 9.01 9.73
N ARG Z 168 52.24 8.74 10.38
CA ARG Z 168 52.20 8.72 11.83
C ARG Z 168 53.14 7.69 12.42
N ASN Z 169 53.21 6.48 11.85
CA ASN Z 169 53.90 5.39 12.52
C ASN Z 169 55.17 4.93 11.83
N GLY Z 170 55.57 5.54 10.73
CA GLY Z 170 56.81 5.16 10.06
C GLY Z 170 56.87 3.77 9.45
N SER Z 171 55.73 3.17 9.10
CA SER Z 171 55.71 1.76 8.71
C SER Z 171 54.40 1.50 7.99
N ARG Z 172 54.39 0.59 7.02
CA ARG Z 172 53.20 0.51 6.20
C ARG Z 172 52.14 -0.19 7.02
N ILE Z 173 50.91 0.14 6.72
CA ILE Z 173 49.82 -0.52 7.37
C ILE Z 173 49.75 -1.94 6.85
N THR Z 174 49.40 -2.82 7.75
CA THR Z 174 49.09 -4.17 7.35
C THR Z 174 47.76 -4.25 6.59
N VAL Z 175 47.66 -5.27 5.77
CA VAL Z 175 46.43 -5.54 5.09
C VAL Z 175 45.29 -5.75 6.05
N ALA Z 176 45.54 -6.48 7.12
CA ALA Z 176 44.47 -6.79 8.04
C ALA Z 176 43.94 -5.47 8.56
N ALA Z 177 44.83 -4.54 8.89
CA ALA Z 177 44.34 -3.28 9.41
C ALA Z 177 43.57 -2.50 8.35
N ALA Z 178 44.14 -2.41 7.17
CA ALA Z 178 43.52 -1.71 6.08
C ALA Z 178 42.13 -2.28 5.89
N SER Z 179 42.02 -3.59 5.77
CA SER Z 179 40.70 -4.10 5.51
C SER Z 179 39.81 -3.75 6.71
N LYS Z 180 40.35 -3.88 7.87
CA LYS Z 180 39.56 -3.54 9.03
C LYS Z 180 39.13 -2.09 9.03
N ILE Z 181 39.91 -1.17 8.54
CA ILE Z 181 39.49 0.21 8.49
C ILE Z 181 38.29 0.39 7.60
N LEU Z 182 38.35 -0.29 6.48
CA LEU Z 182 37.27 -0.16 5.53
C LEU Z 182 36.03 -0.84 6.01
N ALA Z 183 36.21 -1.99 6.64
CA ALA Z 183 35.12 -2.71 7.26
C ALA Z 183 34.54 -1.88 8.38
N ASN Z 184 35.30 -1.12 9.12
CA ASN Z 184 34.62 -0.38 10.14
C ASN Z 184 33.77 0.74 9.58
N ILE Z 185 34.17 1.32 8.47
CA ILE Z 185 33.39 2.33 7.79
C ILE Z 185 32.13 1.67 7.25
N THR Z 186 32.28 0.65 6.43
CA THR Z 186 31.07 0.07 5.90
C THR Z 186 30.17 -0.39 7.05
N TYR Z 187 30.69 -0.82 8.19
CA TYR Z 187 29.80 -1.16 9.27
C TYR Z 187 29.10 0.08 9.84
N ALA Z 188 29.85 1.09 10.18
CA ALA Z 188 29.24 2.32 10.62
C ALA Z 188 28.10 2.78 9.72
N TYR Z 189 28.20 2.51 8.42
CA TYR Z 189 27.23 2.96 7.44
C TYR Z 189 26.38 1.83 6.93
N ARG Z 190 26.23 0.73 7.67
CA ARG Z 190 25.41 -0.41 7.24
C ARG Z 190 23.96 -0.01 6.99
N ASN Z 191 23.51 1.06 7.63
CA ASN Z 191 22.10 1.45 7.48
C ASN Z 191 21.88 2.53 6.43
N HIS Z 192 22.94 2.93 5.72
CA HIS Z 192 22.87 4.04 4.78
C HIS Z 192 22.96 3.54 3.35
N GLY Z 193 22.53 2.30 3.10
CA GLY Z 193 22.56 1.74 1.76
C GLY Z 193 23.76 2.14 0.87
N LEU Z 194 25.00 1.99 1.35
CA LEU Z 194 26.14 1.77 0.47
C LEU Z 194 25.99 0.48 -0.32
N SER Z 195 26.55 0.45 -1.51
CA SER Z 195 26.65 -0.76 -2.30
C SER Z 195 28.14 -0.89 -2.61
N MET Z 196 28.83 -1.77 -1.92
CA MET Z 196 30.22 -1.99 -2.17
C MET Z 196 30.49 -3.44 -1.95
N GLY Z 197 31.17 -4.05 -2.87
CA GLY Z 197 31.77 -5.32 -2.59
C GLY Z 197 33.24 -5.19 -2.94
N THR Z 198 34.10 -5.41 -2.01
CA THR Z 198 35.42 -4.92 -2.25
C THR Z 198 36.39 -6.02 -1.92
N MET Z 199 37.47 -6.08 -2.64
CA MET Z 199 38.54 -6.88 -2.13
C MET Z 199 39.70 -5.99 -1.74
N VAL Z 200 40.41 -6.41 -0.74
CA VAL Z 200 41.61 -5.70 -0.35
C VAL Z 200 42.71 -6.70 -0.33
N ALA Z 201 43.67 -6.49 -1.22
CA ALA Z 201 44.74 -7.45 -1.35
C ALA Z 201 46.04 -6.72 -1.14
N GLY Z 202 46.95 -7.38 -0.49
CA GLY Z 202 48.26 -6.81 -0.41
C GLY Z 202 49.23 -7.80 0.20
N TRP Z 203 50.44 -7.35 0.38
CA TRP Z 203 51.46 -8.19 0.93
C TRP Z 203 52.18 -7.37 1.99
N ASP Z 204 51.81 -7.63 3.25
CA ASP Z 204 52.39 -6.99 4.41
C ASP Z 204 53.53 -7.89 4.89
N GLN Z 205 54.07 -7.60 6.06
CA GLN Z 205 55.18 -8.36 6.63
C GLN Z 205 54.73 -9.78 7.00
N PHE Z 206 53.44 -10.08 6.95
CA PHE Z 206 52.93 -11.42 7.26
C PHE Z 206 52.63 -12.19 5.98
N GLY Z 207 53.17 -11.69 4.86
CA GLY Z 207 52.90 -12.25 3.55
C GLY Z 207 51.58 -11.78 2.95
N PRO Z 208 51.09 -12.50 1.92
CA PRO Z 208 49.99 -12.03 1.10
C PRO Z 208 48.68 -12.24 1.82
N SER Z 209 47.77 -11.32 1.60
CA SER Z 209 46.56 -11.35 2.36
C SER Z 209 45.45 -10.81 1.51
N LEU Z 210 44.30 -11.43 1.63
CA LEU Z 210 43.22 -11.06 0.78
C LEU Z 210 41.93 -11.01 1.57
N TYR Z 211 41.26 -9.89 1.48
CA TYR Z 211 40.03 -9.75 2.24
C TYR Z 211 38.94 -9.32 1.31
N TYR Z 212 37.75 -9.66 1.69
CA TYR Z 212 36.59 -9.14 1.05
C TYR Z 212 35.93 -8.26 2.04
N VAL Z 213 35.51 -7.08 1.66
CA VAL Z 213 34.77 -6.28 2.59
C VAL Z 213 33.54 -5.76 1.89
N ASP Z 214 32.38 -5.89 2.50
CA ASP Z 214 31.13 -5.55 1.83
C ASP Z 214 30.54 -4.32 2.50
N ASP Z 215 29.34 -3.96 2.09
CA ASP Z 215 28.71 -2.69 2.41
C ASP Z 215 28.15 -2.65 3.83
N LYS Z 216 27.91 -3.85 4.37
CA LYS Z 216 27.39 -4.14 5.70
C LYS Z 216 28.46 -4.27 6.76
N GLY Z 217 29.71 -4.25 6.38
CA GLY Z 217 30.76 -4.33 7.35
C GLY Z 217 31.34 -5.71 7.47
N SER Z 218 30.96 -6.60 6.55
CA SER Z 218 31.56 -7.91 6.58
C SER Z 218 33.00 -7.81 6.16
N ARG Z 219 33.81 -8.66 6.73
CA ARG Z 219 35.19 -8.65 6.38
C ARG Z 219 35.65 -10.06 6.49
N VAL Z 220 35.96 -10.66 5.38
CA VAL Z 220 36.24 -12.06 5.34
C VAL Z 220 37.58 -12.20 4.69
N LYS Z 221 38.32 -13.19 5.11
CA LYS Z 221 39.66 -13.40 4.64
C LYS Z 221 39.70 -14.83 4.13
N GLN Z 222 39.61 -15.02 2.81
CA GLN Z 222 39.76 -16.32 2.19
C GLN Z 222 40.91 -16.23 1.20
N ASP Z 223 41.23 -17.40 0.62
CA ASP Z 223 42.27 -17.50 -0.38
C ASP Z 223 41.69 -17.22 -1.77
N LEU Z 224 40.37 -17.18 -1.94
CA LEU Z 224 39.84 -17.00 -3.27
C LEU Z 224 38.48 -16.35 -3.24
N PHE Z 225 38.28 -15.37 -4.09
CA PHE Z 225 37.01 -14.72 -4.12
C PHE Z 225 36.74 -14.22 -5.50
N SER Z 226 35.45 -14.15 -5.77
CA SER Z 226 34.96 -13.46 -6.93
C SER Z 226 33.81 -12.66 -6.46
N VAL Z 227 33.54 -11.59 -7.15
CA VAL Z 227 32.57 -10.63 -6.67
C VAL Z 227 31.93 -9.95 -7.84
N GLY Z 228 30.62 -9.82 -7.85
CA GLY Z 228 29.91 -9.07 -8.85
C GLY Z 228 28.89 -9.91 -9.60
N SER Z 229 28.08 -9.26 -10.40
CA SER Z 229 27.06 -9.97 -11.15
C SER Z 229 27.65 -11.24 -11.77
N GLY Z 230 28.86 -11.12 -12.32
CA GLY Z 230 29.42 -12.23 -13.05
C GLY Z 230 30.22 -13.17 -12.20
N SER Z 231 30.22 -13.04 -10.89
CA SER Z 231 30.99 -13.94 -10.06
C SER Z 231 30.54 -15.39 -10.19
N ILE Z 232 29.22 -15.57 -10.26
CA ILE Z 232 28.59 -16.87 -10.40
C ILE Z 232 29.26 -17.57 -11.57
N TYR Z 233 29.62 -16.86 -12.64
CA TYR Z 233 30.35 -17.51 -13.71
C TYR Z 233 31.80 -17.68 -13.40
N ALA Z 234 32.46 -16.63 -13.00
CA ALA Z 234 33.90 -16.76 -12.79
C ALA Z 234 34.24 -17.83 -11.80
N TYR Z 235 33.42 -18.13 -10.82
CA TYR Z 235 33.86 -19.16 -9.91
C TYR Z 235 33.88 -20.51 -10.61
N GLY Z 236 32.93 -20.79 -11.48
CA GLY Z 236 33.00 -22.03 -12.23
C GLY Z 236 34.36 -22.25 -12.88
N VAL Z 237 34.95 -21.24 -13.47
CA VAL Z 237 36.15 -21.50 -14.23
C VAL Z 237 37.35 -21.53 -13.33
N LEU Z 238 37.23 -20.72 -12.29
CA LEU Z 238 38.24 -20.51 -11.30
C LEU Z 238 38.33 -21.66 -10.33
N ASP Z 239 37.19 -22.15 -9.85
CA ASP Z 239 37.21 -23.20 -8.85
C ASP Z 239 37.83 -24.44 -9.43
N THR Z 240 37.70 -24.59 -10.74
CA THR Z 240 38.19 -25.79 -11.36
C THR Z 240 39.69 -25.71 -11.68
N GLY Z 241 40.26 -24.53 -11.86
CA GLY Z 241 41.65 -24.43 -12.29
C GLY Z 241 42.63 -24.06 -11.17
N TYR Z 242 42.05 -23.67 -10.03
CA TYR Z 242 42.82 -23.10 -8.95
C TYR Z 242 43.51 -24.18 -8.14
N ARG Z 243 44.76 -23.87 -7.88
CA ARG Z 243 45.72 -24.66 -7.15
C ARG Z 243 46.62 -23.62 -6.53
N LYS Z 244 47.18 -23.88 -5.35
CA LYS Z 244 48.18 -23.03 -4.74
C LYS Z 244 49.46 -22.99 -5.57
N ASP Z 245 49.85 -24.14 -6.15
CA ASP Z 245 51.16 -24.29 -6.77
C ASP Z 245 51.22 -23.71 -8.19
N LEU Z 246 50.18 -23.00 -8.64
CA LEU Z 246 50.21 -22.34 -9.93
C LEU Z 246 51.48 -21.53 -9.98
N SER Z 247 52.09 -21.49 -11.16
CA SER Z 247 53.10 -20.50 -11.48
C SER Z 247 52.44 -19.14 -11.49
N VAL Z 248 53.15 -18.11 -11.93
CA VAL Z 248 52.53 -16.81 -12.05
C VAL Z 248 51.94 -16.58 -13.42
N GLU Z 249 52.37 -17.32 -14.45
CA GLU Z 249 51.67 -17.28 -15.73
C GLU Z 249 50.35 -18.04 -15.60
N ASP Z 250 50.39 -19.17 -14.90
CA ASP Z 250 49.26 -20.07 -14.93
C ASP Z 250 48.13 -19.47 -14.10
N ALA Z 251 48.54 -18.72 -13.08
CA ALA Z 251 47.64 -18.03 -12.20
C ALA Z 251 47.02 -16.84 -12.89
N CYS Z 252 47.80 -16.09 -13.65
CA CYS Z 252 47.20 -15.04 -14.45
C CYS Z 252 46.37 -15.58 -15.58
N ASP Z 253 46.75 -16.73 -16.13
CA ASP Z 253 45.96 -17.27 -17.21
C ASP Z 253 44.63 -17.66 -16.60
N LEU Z 254 44.70 -18.38 -15.50
CA LEU Z 254 43.49 -18.74 -14.83
C LEU Z 254 42.65 -17.53 -14.51
N ALA Z 255 43.28 -16.47 -14.06
CA ALA Z 255 42.46 -15.37 -13.63
C ALA Z 255 41.83 -14.67 -14.81
N ARG Z 256 42.54 -14.66 -15.91
CA ARG Z 256 42.11 -13.94 -17.06
C ARG Z 256 40.99 -14.72 -17.70
N ARG Z 257 41.17 -16.04 -17.76
CA ARG Z 257 40.10 -16.81 -18.33
C ARG Z 257 38.85 -16.75 -17.48
N SER Z 258 39.00 -16.73 -16.19
CA SER Z 258 37.79 -16.73 -15.43
C SER Z 258 37.09 -15.42 -15.70
N ILE Z 259 37.82 -14.33 -15.80
CA ILE Z 259 37.07 -13.13 -16.03
C ILE Z 259 36.46 -13.19 -17.39
N PHE Z 260 37.22 -13.62 -18.36
CA PHE Z 260 36.68 -13.74 -19.68
C PHE Z 260 35.36 -14.56 -19.73
N HIS Z 261 35.36 -15.72 -19.11
CA HIS Z 261 34.15 -16.50 -19.06
C HIS Z 261 33.04 -15.75 -18.40
N ALA Z 262 33.32 -15.01 -17.37
CA ALA Z 262 32.25 -14.20 -16.82
C ALA Z 262 31.77 -13.21 -17.84
N THR Z 263 32.67 -12.50 -18.49
CA THR Z 263 32.25 -11.48 -19.44
C THR Z 263 31.38 -12.01 -20.55
N TYR Z 264 31.72 -13.19 -21.03
CA TYR Z 264 31.08 -13.79 -22.15
C TYR Z 264 29.64 -14.15 -21.83
N ARG Z 265 29.37 -14.48 -20.60
CA ARG Z 265 28.07 -14.96 -20.32
C ARG Z 265 27.24 -13.90 -19.65
N ASP Z 266 27.83 -12.99 -18.88
CA ASP Z 266 27.01 -12.14 -18.04
C ASP Z 266 26.88 -10.78 -18.64
N GLY Z 267 25.65 -10.33 -18.80
CA GLY Z 267 25.35 -9.10 -19.52
C GLY Z 267 26.01 -7.85 -18.91
N ALA Z 268 26.18 -7.89 -17.61
CA ALA Z 268 26.70 -6.73 -16.92
C ALA Z 268 28.22 -6.66 -16.97
N SER Z 269 28.90 -7.71 -17.42
CA SER Z 269 30.35 -7.73 -17.32
C SER Z 269 30.89 -7.68 -18.72
N GLY Z 270 32.08 -7.16 -18.86
CA GLY Z 270 32.51 -6.94 -20.20
C GLY Z 270 33.71 -6.04 -20.32
N GLY Z 271 34.14 -5.92 -21.55
CA GLY Z 271 35.09 -4.89 -21.90
C GLY Z 271 36.51 -5.43 -21.87
N ILE Z 272 37.26 -5.00 -20.87
CA ILE Z 272 38.66 -5.28 -20.87
C ILE Z 272 39.02 -6.00 -19.60
N VAL Z 273 39.69 -7.09 -19.80
CA VAL Z 273 40.09 -7.85 -18.68
C VAL Z 273 41.46 -7.40 -18.25
N THR Z 274 41.54 -6.90 -17.03
CA THR Z 274 42.77 -6.36 -16.49
C THR Z 274 43.24 -7.30 -15.41
N VAL Z 275 44.51 -7.64 -15.36
CA VAL Z 275 44.98 -8.56 -14.34
C VAL Z 275 46.14 -7.95 -13.59
N TYR Z 276 46.14 -7.98 -12.27
CA TYR Z 276 47.24 -7.48 -11.51
C TYR Z 276 47.80 -8.61 -10.69
N HIS Z 277 49.09 -8.48 -10.36
CA HIS Z 277 49.73 -9.43 -9.48
C HIS Z 277 50.19 -8.64 -8.28
N VAL Z 278 50.16 -9.27 -7.12
CA VAL Z 278 50.56 -8.68 -5.87
C VAL Z 278 51.57 -9.63 -5.30
N HIS Z 279 52.80 -9.15 -5.19
CA HIS Z 279 53.96 -9.94 -4.82
C HIS Z 279 54.72 -9.13 -3.77
N GLU Z 280 55.88 -9.65 -3.33
CA GLU Z 280 56.55 -9.12 -2.15
C GLU Z 280 56.93 -7.66 -2.37
N LYS Z 281 57.32 -7.27 -3.58
CA LYS Z 281 57.77 -5.92 -3.87
C LYS Z 281 56.63 -5.01 -4.30
N GLY Z 282 55.37 -5.42 -4.15
CA GLY Z 282 54.27 -4.49 -4.39
C GLY Z 282 53.14 -5.11 -5.22
N TRP Z 283 52.74 -4.38 -6.24
CA TRP Z 283 51.99 -5.00 -7.29
C TRP Z 283 52.39 -4.46 -8.65
N THR Z 284 52.22 -5.37 -9.61
CA THR Z 284 52.39 -5.14 -11.02
C THR Z 284 51.02 -5.25 -11.69
N LYS Z 285 50.74 -4.37 -12.63
CA LYS Z 285 49.69 -4.66 -13.57
C LYS Z 285 50.25 -5.54 -14.66
N ILE Z 286 49.82 -6.82 -14.67
CA ILE Z 286 50.29 -7.85 -15.58
C ILE Z 286 49.82 -7.60 -17.00
N SER Z 287 48.55 -7.25 -17.21
CA SER Z 287 47.98 -7.21 -18.56
C SER Z 287 46.64 -6.52 -18.60
N ARG Z 288 46.32 -5.93 -19.77
CA ARG Z 288 44.96 -5.60 -20.15
C ARG Z 288 44.66 -6.21 -21.50
N ASP Z 289 43.47 -6.77 -21.65
CA ASP Z 289 43.11 -7.34 -22.93
C ASP Z 289 41.65 -7.09 -23.12
N ASP Z 290 41.25 -6.69 -24.32
CA ASP Z 290 39.86 -6.72 -24.69
C ASP Z 290 39.35 -8.15 -24.61
N GLN Z 291 38.15 -8.33 -24.04
CA GLN Z 291 37.61 -9.66 -23.79
C GLN Z 291 37.26 -10.32 -25.12
N THR Z 292 37.14 -9.53 -26.17
CA THR Z 292 36.81 -10.08 -27.46
C THR Z 292 38.06 -10.52 -28.20
N LYS Z 293 39.20 -9.90 -27.94
CA LYS Z 293 40.44 -10.47 -28.42
C LYS Z 293 40.69 -11.80 -27.73
N LEU Z 294 40.35 -11.87 -26.46
CA LEU Z 294 40.54 -13.06 -25.67
C LEU Z 294 39.66 -14.19 -26.18
N TYR Z 295 38.36 -13.93 -26.49
CA TYR Z 295 37.58 -14.91 -27.24
C TYR Z 295 38.39 -15.52 -28.38
N HIS Z 296 39.00 -14.73 -29.22
CA HIS Z 296 39.66 -15.28 -30.40
C HIS Z 296 40.96 -15.99 -30.07
N ARG Z 297 41.47 -15.83 -28.86
CA ARG Z 297 42.74 -16.41 -28.49
C ARG Z 297 42.50 -17.77 -27.85
N TYR Z 298 41.48 -17.81 -27.02
CA TYR Z 298 41.10 -18.99 -26.30
C TYR Z 298 40.28 -19.96 -27.16
N PHE Z 299 39.52 -19.45 -28.15
CA PHE Z 299 38.68 -20.24 -29.02
C PHE Z 299 38.93 -19.90 -30.48
N PRO Z 300 40.02 -20.40 -31.13
CA PRO Z 300 40.47 -19.85 -32.41
C PRO Z 300 39.88 -20.39 -33.72
N SER Z 301 38.71 -21.05 -33.68
CA SER Z 301 37.95 -21.32 -34.90
C SER Z 301 37.49 -20.00 -35.56
N TRP AA 126 4.43 16.65 -4.48
CA TRP AA 126 5.56 17.60 -4.61
C TRP AA 126 6.88 16.87 -4.45
N SER AA 127 7.59 16.78 -5.59
CA SER AA 127 8.98 16.36 -5.65
C SER AA 127 9.87 17.59 -5.61
N PRO AA 128 11.03 17.47 -4.94
CA PRO AA 128 12.13 18.44 -5.03
C PRO AA 128 13.01 18.30 -6.29
N TYR AA 129 12.62 17.37 -7.17
CA TYR AA 129 13.37 17.02 -8.34
C TYR AA 129 12.49 17.15 -9.57
N GLN AA 130 13.11 17.62 -10.65
CA GLN AA 130 12.48 17.89 -11.92
C GLN AA 130 13.56 17.63 -12.98
N ASP AA 131 13.26 16.93 -14.07
CA ASP AA 131 14.23 16.84 -15.15
C ASP AA 131 13.96 17.99 -16.11
N ASN AA 132 14.94 18.85 -16.35
CA ASN AA 132 14.74 19.94 -17.29
C ASN AA 132 15.28 19.57 -18.66
N GLY AA 133 15.75 18.35 -18.75
CA GLY AA 133 16.17 17.78 -20.03
C GLY AA 133 17.46 18.35 -20.64
N GLY AA 134 17.44 18.24 -21.98
CA GLY AA 134 18.59 18.46 -22.83
C GLY AA 134 19.79 17.54 -22.59
N THR AA 135 20.88 17.92 -23.26
CA THR AA 135 21.96 17.04 -23.63
C THR AA 135 23.26 17.78 -23.68
N THR AA 136 24.30 17.22 -23.07
CA THR AA 136 25.64 17.74 -23.27
C THR AA 136 26.50 16.69 -23.91
N ALA AA 137 27.46 17.14 -24.69
CA ALA AA 137 28.47 16.26 -25.20
C ALA AA 137 29.78 16.99 -25.31
N ALA AA 138 30.86 16.28 -25.01
CA ALA AA 138 32.19 16.77 -25.30
C ALA AA 138 32.99 15.75 -26.06
N ILE AA 139 33.94 16.26 -26.83
CA ILE AA 139 34.98 15.45 -27.41
C ILE AA 139 36.31 16.11 -27.20
N ALA AA 140 37.22 15.42 -26.52
CA ALA AA 140 38.65 15.75 -26.46
C ALA AA 140 39.39 15.51 -27.76
N GLY AA 141 40.39 16.34 -27.98
CA GLY AA 141 41.33 16.22 -29.08
C GLY AA 141 42.71 16.25 -28.48
N LYS AA 142 43.76 16.44 -29.29
CA LYS AA 142 45.10 16.36 -28.73
C LYS AA 142 45.45 17.69 -28.05
N ASP AA 143 44.92 18.81 -28.53
CA ASP AA 143 45.26 20.08 -27.90
C ASP AA 143 44.03 20.95 -27.74
N PHE AA 144 42.90 20.29 -27.57
CA PHE AA 144 41.64 21.02 -27.47
C PHE AA 144 40.65 20.07 -26.88
N VAL AA 145 39.56 20.64 -26.39
CA VAL AA 145 38.40 19.82 -26.12
C VAL AA 145 37.23 20.66 -26.54
N ILE AA 146 36.24 19.99 -27.05
CA ILE AA 146 35.03 20.65 -27.48
C ILE AA 146 33.90 20.18 -26.63
N LEU AA 147 33.10 21.12 -26.20
CA LEU AA 147 32.04 20.83 -25.26
C LEU AA 147 30.79 21.47 -25.78
N ALA AA 148 29.67 20.76 -25.68
CA ALA AA 148 28.44 21.26 -26.25
C ALA AA 148 27.27 20.98 -25.35
N GLY AA 149 26.33 21.90 -25.30
CA GLY AA 149 25.06 21.64 -24.63
C GLY AA 149 23.99 22.30 -25.43
N ASP AA 150 22.82 21.70 -25.42
CA ASP AA 150 21.70 22.30 -26.12
C ASP AA 150 20.96 23.22 -25.18
N THR AA 151 20.31 24.20 -25.74
CA THR AA 151 19.85 25.32 -24.95
C THR AA 151 18.39 25.24 -24.55
N ARG AA 152 17.76 24.13 -24.77
CA ARG AA 152 16.39 24.06 -24.42
C ARG AA 152 16.31 23.80 -22.94
N LEU AA 153 15.47 24.56 -22.27
CA LEU AA 153 15.11 24.25 -20.90
C LEU AA 153 13.66 23.87 -20.83
N ASN AA 154 13.36 22.65 -20.38
CA ASN AA 154 12.03 22.11 -20.48
C ASN AA 154 11.40 22.18 -19.11
N GLY AA 155 10.08 22.34 -19.08
CA GLY AA 155 9.34 22.11 -17.86
C GLY AA 155 8.52 20.83 -17.95
N ASP AA 156 7.42 20.79 -17.21
CA ASP AA 156 6.45 19.73 -17.38
C ASP AA 156 5.58 20.07 -18.57
N PHE AA 157 5.71 19.24 -19.62
CA PHE AA 157 4.80 19.21 -20.76
C PHE AA 157 4.90 20.51 -21.56
N CYS AA 158 5.92 21.31 -21.23
CA CYS AA 158 6.06 22.62 -21.80
C CYS AA 158 7.52 23.03 -21.79
N LEU AA 159 7.76 24.16 -22.38
CA LEU AA 159 9.09 24.56 -22.68
C LEU AA 159 9.29 25.94 -22.09
N HIS AA 160 10.28 26.13 -21.22
CA HIS AA 160 10.43 27.40 -20.56
C HIS AA 160 11.22 28.38 -21.37
N SER AA 161 12.24 27.88 -22.02
CA SER AA 161 13.17 28.72 -22.76
C SER AA 161 13.89 27.91 -23.78
N ARG AA 162 14.03 28.51 -24.94
CA ARG AA 162 14.84 27.94 -26.00
C ARG AA 162 16.25 28.49 -25.96
N HIS AA 163 16.62 29.27 -24.95
CA HIS AA 163 17.84 30.04 -24.95
C HIS AA 163 18.57 29.92 -23.61
N ASP AA 164 18.43 28.79 -22.94
CA ASP AA 164 19.06 28.60 -21.64
C ASP AA 164 20.54 28.24 -21.80
N GLN AA 165 21.44 29.01 -21.21
CA GLN AA 165 22.87 28.79 -21.33
C GLN AA 165 23.42 28.22 -20.01
N SER AA 166 22.55 27.60 -19.25
CA SER AA 166 22.88 27.28 -17.90
C SER AA 166 23.62 25.95 -17.80
N LYS AA 167 23.78 25.24 -18.91
CA LYS AA 167 24.23 23.86 -18.83
C LYS AA 167 25.73 23.88 -18.76
N ILE AA 168 26.32 24.95 -19.24
CA ILE AA 168 27.74 24.96 -19.40
C ILE AA 168 28.28 26.14 -18.67
N PHE AA 169 29.31 25.88 -17.92
CA PHE AA 169 29.71 26.80 -16.89
C PHE AA 169 31.20 26.75 -16.80
N GLN AA 170 31.80 27.89 -17.05
CA GLN AA 170 33.23 27.96 -16.95
C GLN AA 170 33.67 27.98 -15.51
N LEU AA 171 34.69 27.21 -15.22
CA LEU AA 171 35.21 27.15 -13.86
C LEU AA 171 36.52 27.85 -13.77
N THR AA 172 37.35 27.57 -14.76
CA THR AA 172 38.59 28.30 -14.96
C THR AA 172 38.79 28.53 -16.43
N PRO AA 173 39.80 29.23 -16.90
CA PRO AA 173 39.95 29.36 -18.36
C PRO AA 173 40.05 28.03 -19.10
N TYR AA 174 40.46 26.98 -18.42
CA TYR AA 174 40.78 25.76 -19.11
C TYR AA 174 39.86 24.65 -18.70
N THR AA 175 38.87 24.96 -17.88
CA THR AA 175 38.03 23.93 -17.36
C THR AA 175 36.60 24.40 -17.43
N TYR AA 176 35.71 23.57 -17.95
CA TYR AA 176 34.31 23.85 -17.93
C TYR AA 176 33.55 22.69 -17.32
N MET AA 177 32.34 22.95 -16.85
CA MET AA 177 31.50 21.85 -16.47
C MET AA 177 30.24 21.90 -17.29
N ALA AA 178 29.64 20.77 -17.50
CA ALA AA 178 28.39 20.69 -18.22
C ALA AA 178 27.46 19.90 -17.34
N SER AA 179 26.17 20.21 -17.36
CA SER AA 179 25.31 19.48 -16.46
C SER AA 179 23.93 19.29 -17.08
N ASN AA 180 23.35 18.17 -16.82
CA ASN AA 180 22.08 17.80 -17.37
C ASN AA 180 21.26 17.41 -16.16
N GLY AA 181 19.97 17.31 -16.31
CA GLY AA 181 19.16 16.98 -15.17
C GLY AA 181 18.39 18.22 -14.82
N MET AA 182 18.44 18.52 -13.54
CA MET AA 182 17.65 19.57 -12.98
C MET AA 182 18.35 20.89 -13.08
N GLN AA 183 17.77 21.83 -13.79
CA GLN AA 183 18.46 23.09 -13.91
C GLN AA 183 18.73 23.73 -12.58
N ALA AA 184 17.86 23.58 -11.62
CA ALA AA 184 18.07 24.22 -10.34
C ALA AA 184 19.30 23.72 -9.63
N ASP AA 185 19.57 22.44 -9.76
CA ASP AA 185 20.65 21.84 -9.04
C ASP AA 185 21.93 22.06 -9.76
N ARG AA 186 21.90 22.26 -11.04
CA ARG AA 186 23.17 22.62 -11.61
C ARG AA 186 23.48 24.05 -11.31
N LEU AA 187 22.50 24.91 -11.11
CA LEU AA 187 22.87 26.25 -10.71
C LEU AA 187 23.50 26.22 -9.33
N GLN AA 188 22.96 25.46 -8.45
CA GLN AA 188 23.54 25.40 -7.14
C GLN AA 188 24.93 24.81 -7.25
N LEU AA 189 25.03 23.71 -7.93
CA LEU AA 189 26.29 23.02 -7.98
C LEU AA 189 27.32 23.96 -8.57
N GLN AA 190 27.00 24.56 -9.68
CA GLN AA 190 27.90 25.45 -10.33
C GLN AA 190 28.41 26.49 -9.37
N GLN AA 191 27.58 27.00 -8.50
CA GLN AA 191 28.07 28.04 -7.61
C GLN AA 191 28.94 27.47 -6.51
N MET AA 192 28.54 26.38 -5.94
CA MET AA 192 29.35 25.69 -4.97
C MET AA 192 30.75 25.42 -5.50
N LEU AA 193 30.87 25.03 -6.74
CA LEU AA 193 32.16 24.76 -7.30
C LEU AA 193 32.91 26.03 -7.55
N LYS AA 194 32.20 27.01 -8.04
CA LYS AA 194 32.84 28.25 -8.34
C LYS AA 194 33.47 28.83 -7.09
N TYR AA 195 32.89 28.59 -5.93
CA TYR AA 195 33.46 29.12 -4.71
C TYR AA 195 34.58 28.25 -4.18
N ARG AA 196 34.48 26.93 -4.29
CA ARG AA 196 35.61 26.08 -3.99
C ARG AA 196 36.79 26.44 -4.86
N VAL AA 197 36.55 26.86 -6.05
CA VAL AA 197 37.63 27.23 -6.91
C VAL AA 197 38.17 28.57 -6.48
N LYS AA 198 37.35 29.52 -6.07
CA LYS AA 198 37.91 30.75 -5.50
C LYS AA 198 38.70 30.47 -4.23
N TRP AA 199 38.19 29.69 -3.32
CA TRP AA 199 39.00 29.33 -2.17
C TRP AA 199 40.30 28.74 -2.58
N TYR AA 200 40.28 27.88 -3.55
CA TYR AA 200 41.50 27.22 -3.91
C TYR AA 200 42.45 28.25 -4.40
N LYS AA 201 42.00 29.18 -5.23
CA LYS AA 201 42.88 30.21 -5.74
C LYS AA 201 43.51 30.93 -4.59
N TYR AA 202 42.74 31.28 -3.56
CA TYR AA 202 43.28 32.14 -2.51
C TYR AA 202 44.26 31.37 -1.64
N ASN AA 203 43.88 30.18 -1.23
CA ASN AA 203 44.73 29.29 -0.47
C ASN AA 203 45.95 28.76 -1.25
N ASN AA 204 46.10 29.04 -2.56
CA ASN AA 204 47.25 28.53 -3.30
C ASN AA 204 47.85 29.68 -4.09
N GLY AA 205 48.01 30.81 -3.41
CA GLY AA 205 48.72 31.93 -4.00
C GLY AA 205 48.36 32.16 -5.45
N GLY AA 206 47.07 32.19 -5.74
CA GLY AA 206 46.60 32.72 -7.00
C GLY AA 206 46.37 31.66 -8.06
N LYS AA 207 46.92 30.44 -7.91
CA LYS AA 207 46.87 29.55 -9.06
C LYS AA 207 45.51 28.87 -9.17
N VAL AA 208 45.17 28.53 -10.40
CA VAL AA 208 43.89 27.91 -10.59
C VAL AA 208 44.10 26.42 -10.53
N PRO AA 209 43.09 25.74 -10.03
CA PRO AA 209 43.14 24.31 -9.96
C PRO AA 209 43.06 23.76 -11.36
N SER AA 210 43.74 22.65 -11.56
CA SER AA 210 43.81 22.00 -12.85
C SER AA 210 42.50 21.31 -13.13
N THR AA 211 42.39 20.85 -14.34
CA THR AA 211 41.18 20.22 -14.71
C THR AA 211 41.08 18.96 -13.92
N LYS AA 212 42.18 18.32 -13.63
CA LYS AA 212 42.11 17.07 -12.93
C LYS AA 212 41.76 17.33 -11.48
N ALA AA 213 42.22 18.44 -10.95
CA ALA AA 213 41.86 18.75 -9.59
C ALA AA 213 40.38 19.08 -9.45
N ILE AA 214 39.86 19.87 -10.36
CA ILE AA 214 38.46 20.18 -10.34
C ILE AA 214 37.67 18.92 -10.59
N ALA AA 215 38.21 18.02 -11.36
CA ALA AA 215 37.47 16.80 -11.64
C ALA AA 215 37.30 15.96 -10.41
N GLN AA 216 38.37 15.86 -9.63
CA GLN AA 216 38.32 15.12 -8.39
C GLN AA 216 37.51 15.89 -7.37
N LEU AA 217 37.56 17.20 -7.41
CA LEU AA 217 36.82 17.99 -6.44
C LEU AA 217 35.33 17.77 -6.60
N MET AA 218 34.91 17.78 -7.83
CA MET AA 218 33.53 17.59 -8.17
C MET AA 218 33.07 16.23 -7.72
N SER AA 219 33.93 15.23 -7.81
CA SER AA 219 33.46 13.90 -7.44
C SER AA 219 33.19 13.87 -5.96
N THR AA 220 34.08 14.46 -5.23
CA THR AA 220 33.94 14.60 -3.82
C THR AA 220 32.74 15.44 -3.42
N MET AA 221 32.19 16.29 -4.24
CA MET AA 221 31.15 17.17 -3.73
C MET AA 221 29.82 16.52 -4.05
N LEU AA 222 29.78 15.93 -5.22
CA LEU AA 222 28.64 15.10 -5.48
C LEU AA 222 28.49 14.06 -4.40
N TYR AA 223 29.58 13.53 -3.89
CA TYR AA 223 29.44 12.37 -3.05
C TYR AA 223 29.07 12.83 -1.66
N HIS AA 224 29.53 14.01 -1.27
CA HIS AA 224 29.13 14.53 0.01
C HIS AA 224 27.63 14.76 0.07
N ARG AA 225 26.92 14.68 -1.04
CA ARG AA 225 25.48 14.82 -1.00
C ARG AA 225 24.76 13.54 -1.36
N ARG AA 226 25.48 12.48 -1.73
CA ARG AA 226 25.11 11.09 -1.52
C ARG AA 226 23.64 10.98 -1.10
N PHE AA 227 23.33 11.54 0.08
CA PHE AA 227 22.11 11.28 0.82
C PHE AA 227 20.92 12.05 0.26
N PHE AA 228 21.03 13.37 0.07
CA PHE AA 228 20.09 14.11 -0.79
C PHE AA 228 20.79 14.62 -2.05
N PRO AA 229 20.88 13.81 -3.11
CA PRO AA 229 21.85 14.07 -4.16
C PRO AA 229 21.39 15.22 -5.04
N TYR AA 230 22.35 15.98 -5.55
CA TYR AA 230 22.14 16.83 -6.71
C TYR AA 230 21.65 15.99 -7.85
N TYR AA 231 20.74 16.51 -8.63
CA TYR AA 231 20.18 15.70 -9.69
C TYR AA 231 20.78 16.32 -10.93
N THR AA 232 22.07 16.14 -10.98
CA THR AA 232 22.86 16.57 -12.11
C THR AA 232 23.61 15.39 -12.66
N PHE AA 233 23.74 15.35 -13.98
CA PHE AA 233 24.68 14.47 -14.63
C PHE AA 233 25.74 15.34 -15.23
N ASN AA 234 26.90 15.41 -14.57
CA ASN AA 234 27.88 16.41 -14.89
C ASN AA 234 28.95 15.89 -15.80
N MET AA 235 29.61 16.79 -16.50
CA MET AA 235 30.90 16.54 -17.09
C MET AA 235 31.82 17.67 -16.67
N VAL AA 236 33.06 17.35 -16.42
CA VAL AA 236 34.09 18.33 -16.32
C VAL AA 236 35.02 18.19 -17.49
N VAL AA 237 35.24 19.26 -18.27
CA VAL AA 237 36.17 19.09 -19.35
C VAL AA 237 37.25 20.14 -19.32
N GLY AA 238 38.37 19.79 -19.90
CA GLY AA 238 39.38 20.81 -19.99
C GLY AA 238 40.61 20.27 -20.63
N LEU AA 239 41.71 20.89 -20.25
CA LEU AA 239 43.03 20.52 -20.69
C LEU AA 239 43.81 20.00 -19.51
N ASP AA 240 44.40 18.80 -19.69
CA ASP AA 240 45.36 18.25 -18.77
C ASP AA 240 46.58 19.17 -18.73
N GLU AA 241 47.65 18.71 -18.04
CA GLU AA 241 48.84 19.52 -17.78
C GLU AA 241 49.70 19.62 -19.05
N GLU AA 242 49.94 18.45 -19.66
CA GLU AA 242 50.52 18.27 -20.99
C GLU AA 242 49.75 18.99 -22.11
N GLY AA 243 48.58 19.58 -21.80
CA GLY AA 243 47.83 20.45 -22.70
C GLY AA 243 46.85 19.69 -23.58
N HIS AA 244 46.58 18.43 -23.22
CA HIS AA 244 45.71 17.51 -23.93
C HIS AA 244 44.28 17.62 -23.41
N GLY AA 245 43.31 17.49 -24.29
CA GLY AA 245 41.95 17.61 -23.85
C GLY AA 245 41.57 16.44 -22.98
N VAL AA 246 40.71 16.70 -22.03
CA VAL AA 246 40.14 15.58 -21.33
C VAL AA 246 38.69 15.80 -20.92
N CYS AA 247 37.96 14.73 -20.69
CA CYS AA 247 36.60 14.84 -20.21
C CYS AA 247 36.40 13.92 -19.03
N TYR AA 248 35.87 14.39 -17.92
CA TYR AA 248 35.37 13.48 -16.91
C TYR AA 248 33.87 13.54 -16.91
N SER AA 249 33.17 12.40 -16.98
CA SER AA 249 31.71 12.31 -16.83
C SER AA 249 31.42 11.74 -15.48
N TYR AA 250 30.32 12.16 -14.91
CA TYR AA 250 29.93 11.72 -13.60
C TYR AA 250 28.54 11.09 -13.64
N ASP AA 251 28.27 10.24 -12.67
CA ASP AA 251 26.92 9.89 -12.30
C ASP AA 251 26.53 10.84 -11.17
N ALA AA 252 25.43 10.58 -10.47
CA ALA AA 252 24.84 11.65 -9.66
C ALA AA 252 25.59 11.85 -8.36
N VAL AA 253 26.46 10.86 -8.04
CA VAL AA 253 27.20 10.84 -6.79
C VAL AA 253 28.68 10.75 -7.07
N GLY AA 254 29.09 10.77 -8.33
CA GLY AA 254 30.47 11.15 -8.49
C GLY AA 254 31.33 10.08 -9.12
N SER AA 255 30.81 8.89 -9.27
CA SER AA 255 31.57 7.99 -10.08
C SER AA 255 31.98 8.76 -11.33
N THR AA 256 33.28 8.90 -11.59
CA THR AA 256 33.72 9.45 -12.86
C THR AA 256 34.70 8.53 -13.57
N GLU AA 257 35.09 8.89 -14.77
CA GLU AA 257 36.45 8.60 -15.19
C GLU AA 257 36.85 9.41 -16.39
N PRO AA 258 38.14 9.59 -16.61
CA PRO AA 258 38.56 10.34 -17.78
C PRO AA 258 38.03 9.63 -19.00
N PHE AA 259 37.71 10.39 -20.04
CA PHE AA 259 37.48 9.77 -21.32
C PHE AA 259 37.77 10.77 -22.40
N LEU AA 260 37.77 10.30 -23.65
CA LEU AA 260 38.13 11.20 -24.72
C LEU AA 260 36.88 11.83 -25.26
N TYR AA 261 35.76 11.26 -24.91
CA TYR AA 261 34.49 11.85 -25.23
C TYR AA 261 33.44 11.53 -24.18
N GLY AA 262 32.21 11.81 -24.53
CA GLY AA 262 31.26 12.03 -23.46
C GLY AA 262 29.97 12.63 -23.94
N THR AA 263 28.92 12.20 -23.29
CA THR AA 263 27.62 12.76 -23.54
C THR AA 263 26.68 12.28 -22.44
N ARG AA 264 26.09 13.25 -21.78
CA ARG AA 264 25.04 13.01 -20.83
C ARG AA 264 23.76 13.67 -21.30
N GLY AA 265 22.65 13.23 -20.75
CA GLY AA 265 21.36 13.81 -21.05
C GLY AA 265 20.45 12.87 -21.83
N SER AA 266 19.42 13.54 -22.37
CA SER AA 266 18.25 12.92 -22.95
C SER AA 266 18.63 12.24 -24.25
N ALA AA 267 19.60 12.82 -24.98
CA ALA AA 267 20.04 12.25 -26.24
C ALA AA 267 21.30 11.41 -26.08
N ALA AA 268 21.74 11.18 -24.87
CA ALA AA 268 23.03 10.58 -24.67
C ALA AA 268 23.08 9.25 -25.34
N SER AA 269 22.01 8.51 -25.19
CA SER AA 269 22.00 7.11 -25.57
C SER AA 269 21.87 7.00 -27.07
N PHE AA 270 21.79 8.12 -27.79
CA PHE AA 270 21.82 8.15 -29.24
C PHE AA 270 23.17 8.56 -29.76
N VAL AA 271 23.69 9.59 -29.12
CA VAL AA 271 24.89 10.23 -29.57
C VAL AA 271 26.06 9.33 -29.22
N GLU AA 272 26.07 8.80 -27.99
CA GLU AA 272 27.22 8.13 -27.43
C GLU AA 272 27.58 6.99 -28.36
N PRO AA 273 26.67 6.14 -28.82
CA PRO AA 273 27.04 5.08 -29.73
C PRO AA 273 27.54 5.56 -31.05
N LEU AA 274 27.10 6.73 -31.48
CA LEU AA 274 27.57 7.21 -32.76
C LEU AA 274 29.02 7.69 -32.62
N LEU AA 275 29.31 8.42 -31.54
CA LEU AA 275 30.68 8.84 -31.33
C LEU AA 275 31.55 7.59 -31.20
N ASP AA 276 31.08 6.57 -30.48
CA ASP AA 276 31.82 5.32 -30.37
C ASP AA 276 32.20 4.94 -31.77
N CYS AA 277 31.23 4.86 -32.66
CA CYS AA 277 31.46 4.37 -34.00
C CYS AA 277 32.46 5.21 -34.80
N LEU AA 278 32.54 6.52 -34.64
CA LEU AA 278 33.24 7.31 -35.65
C LEU AA 278 34.64 7.68 -35.16
N ILE AA 279 34.77 7.72 -33.84
CA ILE AA 279 36.03 7.91 -33.18
C ILE AA 279 36.81 6.61 -33.09
N ASN AA 280 36.21 5.54 -32.52
CA ASN AA 280 36.95 4.32 -32.21
C ASN AA 280 36.95 3.33 -33.36
N ARG AA 281 35.86 3.27 -34.09
CA ARG AA 281 35.78 2.46 -35.31
C ARG AA 281 36.13 0.98 -35.09
N GLN AA 282 35.69 0.40 -33.97
CA GLN AA 282 36.15 -0.92 -33.60
C GLN AA 282 35.56 -2.00 -34.49
N HIS AA 283 34.50 -1.69 -35.24
CA HIS AA 283 33.93 -2.67 -36.15
C HIS AA 283 34.23 -2.34 -37.61
N MET AA 284 35.23 -1.49 -37.86
CA MET AA 284 35.61 -1.17 -39.24
C MET AA 284 36.99 -1.77 -39.57
N THR AA 285 37.08 -2.49 -40.69
CA THR AA 285 38.32 -3.10 -41.17
C THR AA 285 39.27 -2.00 -41.68
N SER AA 286 38.75 -1.20 -42.62
CA SER AA 286 39.29 0.11 -42.96
C SER AA 286 40.15 0.66 -41.83
N GLN AA 287 41.41 0.99 -42.13
CA GLN AA 287 42.37 1.52 -41.17
C GLN AA 287 41.88 2.88 -40.65
N ALA AA 288 42.05 3.11 -39.34
CA ALA AA 288 41.56 4.30 -38.64
C ALA AA 288 42.10 5.57 -39.32
N PRO AA 289 41.26 6.57 -39.69
CA PRO AA 289 41.75 7.79 -40.36
C PRO AA 289 42.62 8.61 -39.41
N PRO AA 290 43.16 9.78 -39.84
CA PRO AA 290 44.04 10.56 -38.97
C PRO AA 290 43.32 10.99 -37.68
N GLU AA 291 44.10 11.49 -36.72
CA GLU AA 291 43.57 12.19 -35.56
C GLU AA 291 42.67 13.32 -36.05
N MET AA 292 41.50 13.46 -35.41
CA MET AA 292 40.53 14.44 -35.83
C MET AA 292 40.99 15.83 -35.37
N THR AA 293 41.02 16.77 -36.31
CA THR AA 293 41.34 18.15 -36.02
C THR AA 293 40.18 18.77 -35.26
N LYS AA 294 40.28 20.04 -34.89
CA LYS AA 294 39.23 20.62 -34.10
C LYS AA 294 38.08 21.06 -35.00
N GLU AA 295 38.33 21.33 -36.29
CA GLU AA 295 37.22 21.64 -37.20
C GLU AA 295 36.42 20.37 -37.49
N GLU AA 296 37.12 19.26 -37.69
CA GLU AA 296 36.45 18.04 -38.03
C GLU AA 296 35.67 17.48 -36.86
N THR AA 297 36.18 17.74 -35.66
CA THR AA 297 35.57 17.24 -34.44
C THR AA 297 34.27 17.99 -34.25
N LEU AA 298 34.36 19.29 -34.47
CA LEU AA 298 33.21 20.14 -34.33
C LEU AA 298 32.13 19.72 -35.31
N ALA AA 299 32.45 19.59 -36.59
CA ALA AA 299 31.49 19.02 -37.54
C ALA AA 299 30.87 17.76 -36.97
N MET AA 300 31.67 16.89 -36.41
CA MET AA 300 31.13 15.62 -35.96
C MET AA 300 30.03 15.85 -34.90
N LEU AA 301 30.26 16.75 -33.97
CA LEU AA 301 29.29 17.03 -32.94
C LEU AA 301 28.09 17.78 -33.47
N LYS AA 302 28.28 18.62 -34.50
CA LYS AA 302 27.12 19.20 -35.15
C LYS AA 302 26.29 18.11 -35.79
N ASN AA 303 26.92 17.16 -36.43
CA ASN AA 303 26.14 16.17 -37.14
C ASN AA 303 25.35 15.38 -36.10
N ALA AA 304 25.89 15.24 -34.90
CA ALA AA 304 25.31 14.27 -33.98
C ALA AA 304 24.26 14.94 -33.08
N PHE AA 305 24.49 16.20 -32.71
CA PHE AA 305 23.42 17.05 -32.21
C PHE AA 305 22.29 17.20 -33.21
N THR AA 306 22.61 17.30 -34.48
CA THR AA 306 21.57 17.54 -35.45
C THR AA 306 20.63 16.35 -35.52
N GLY AA 307 21.17 15.14 -35.70
CA GLY AA 307 20.41 13.91 -35.59
C GLY AA 307 19.71 13.75 -34.25
N ALA AA 308 20.30 14.14 -33.14
CA ALA AA 308 19.56 13.99 -31.91
C ALA AA 308 18.34 14.92 -31.84
N ALA AA 309 18.49 16.17 -32.26
CA ALA AA 309 17.38 17.08 -32.24
C ALA AA 309 16.22 16.47 -33.00
N GLU AA 310 16.53 15.79 -34.11
CA GLU AA 310 15.49 15.15 -34.89
C GLU AA 310 14.68 14.10 -34.13
N ARG AA 311 15.27 13.43 -33.15
CA ARG AA 311 14.72 12.17 -32.69
C ARG AA 311 14.46 12.16 -31.20
N ASP AA 312 15.20 12.95 -30.44
CA ASP AA 312 14.87 13.10 -29.05
C ASP AA 312 14.00 14.33 -28.94
N ILE AA 313 12.82 14.11 -28.40
CA ILE AA 313 11.91 15.21 -28.35
C ILE AA 313 12.31 16.25 -27.32
N TYR AA 314 13.30 15.99 -26.46
CA TYR AA 314 13.63 16.96 -25.42
C TYR AA 314 14.89 17.74 -25.73
N THR AA 315 15.51 17.40 -26.86
CA THR AA 315 16.66 18.14 -27.32
C THR AA 315 16.22 18.88 -28.56
N GLY AA 316 16.65 20.12 -28.67
CA GLY AA 316 16.42 20.90 -29.86
C GLY AA 316 16.89 22.32 -29.63
N ASP AA 317 16.44 23.20 -30.54
CA ASP AA 317 16.60 24.64 -30.47
C ASP AA 317 18.02 25.03 -30.89
N SER AA 318 19.00 24.83 -30.05
CA SER AA 318 20.33 25.29 -30.43
C SER AA 318 21.35 24.56 -29.60
N VAL AA 319 22.59 24.63 -30.06
CA VAL AA 319 23.68 24.06 -29.31
C VAL AA 319 24.75 25.12 -29.15
N SER AA 320 25.18 25.34 -27.91
CA SER AA 320 26.33 26.18 -27.67
C SER AA 320 27.52 25.26 -27.68
N PHE AA 321 28.49 25.58 -28.51
CA PHE AA 321 29.76 24.92 -28.51
C PHE AA 321 30.81 25.79 -27.91
N PHE AA 322 31.73 25.16 -27.23
CA PHE AA 322 32.85 25.81 -26.65
C PHE AA 322 34.03 25.00 -27.06
N ILE AA 323 34.91 25.59 -27.82
CA ILE AA 323 36.14 24.93 -28.14
C ILE AA 323 37.18 25.46 -27.18
N ILE AA 324 37.60 24.65 -26.23
CA ILE AA 324 38.66 25.01 -25.31
C ILE AA 324 40.01 24.64 -25.87
N THR AA 325 40.92 25.60 -25.97
CA THR AA 325 42.32 25.37 -26.32
C THR AA 325 43.18 26.09 -25.32
N LYS AA 326 44.52 26.01 -25.47
CA LYS AA 326 45.40 26.80 -24.62
C LYS AA 326 45.20 28.30 -24.90
N ASP AA 327 44.89 28.64 -26.16
CA ASP AA 327 44.82 30.03 -26.61
C ASP AA 327 43.50 30.69 -26.25
N GLY AA 328 42.64 29.99 -25.51
CA GLY AA 328 41.34 30.55 -25.19
C GLY AA 328 40.19 29.65 -25.64
N VAL AA 329 38.98 30.17 -25.49
CA VAL AA 329 37.76 29.44 -25.70
C VAL AA 329 36.93 30.12 -26.77
N GLN AA 330 36.77 29.50 -27.94
CA GLN AA 330 35.82 30.00 -28.92
C GLN AA 330 34.43 29.56 -28.52
N GLN AA 331 33.45 30.44 -28.70
CA GLN AA 331 32.06 30.01 -28.66
C GLN AA 331 31.50 29.99 -30.06
N GLU AA 332 30.46 29.22 -30.23
CA GLU AA 332 29.88 29.05 -31.53
C GLU AA 332 28.48 28.59 -31.22
N SER AA 333 27.48 29.30 -31.73
CA SER AA 333 26.12 28.81 -31.63
C SER AA 333 25.78 28.07 -32.92
N PHE AA 334 24.82 27.19 -32.79
CA PHE AA 334 24.48 26.33 -33.89
C PHE AA 334 23.00 25.98 -33.83
N GLU AA 335 22.23 26.32 -34.86
CA GLU AA 335 20.79 26.11 -34.78
C GLU AA 335 20.46 24.64 -35.02
N LEU AA 336 19.56 24.15 -34.16
CA LEU AA 336 18.87 22.89 -34.30
C LEU AA 336 17.41 23.12 -34.63
N ARG AA 337 16.69 22.06 -34.95
CA ARG AA 337 15.31 22.26 -35.36
C ARG AA 337 14.42 22.46 -34.13
N LYS AA 338 13.60 23.52 -34.24
CA LYS AA 338 12.83 24.11 -33.17
C LYS AA 338 11.68 23.22 -32.65
N ASP AA 339 11.12 22.31 -33.44
CA ASP AA 339 10.00 21.49 -32.94
C ASP AA 339 10.39 20.47 -31.83
N MET BA 1 -4.59 27.33 1.21
CA MET BA 1 -4.61 26.85 -0.19
C MET BA 1 -5.23 27.90 -1.09
N ALA BA 2 -5.59 29.09 -0.57
CA ALA BA 2 -5.72 30.22 -1.46
C ALA BA 2 -4.60 30.21 -2.48
N SER BA 3 -4.97 30.20 -3.74
CA SER BA 3 -4.03 30.13 -4.84
C SER BA 3 -4.38 31.05 -5.97
N GLY BA 4 -3.36 31.43 -6.69
CA GLY BA 4 -3.45 32.38 -7.77
C GLY BA 4 -3.20 31.64 -9.07
N GLY BA 5 -3.83 32.10 -10.14
CA GLY BA 5 -3.78 31.35 -11.37
C GLY BA 5 -2.64 31.87 -12.21
N SER BA 6 -2.83 31.96 -13.50
CA SER BA 6 -1.78 32.30 -14.44
C SER BA 6 -1.26 33.67 -14.23
N VAL BA 7 -0.04 33.85 -14.68
CA VAL BA 7 0.58 35.14 -14.84
C VAL BA 7 1.22 35.13 -16.20
N ILE BA 8 1.21 36.23 -16.90
CA ILE BA 8 1.91 36.23 -18.15
C ILE BA 8 2.67 37.51 -18.31
N ALA BA 9 3.74 37.45 -19.07
CA ALA BA 9 4.51 38.64 -19.24
C ALA BA 9 5.18 38.71 -20.57
N ILE BA 10 5.45 39.91 -20.98
CA ILE BA 10 6.11 40.04 -22.24
C ILE BA 10 6.89 41.31 -22.22
N LYS BA 11 8.05 41.23 -22.84
CA LYS BA 11 8.88 42.39 -23.09
C LYS BA 11 8.43 43.10 -24.32
N TYR BA 12 8.31 44.42 -24.19
CA TYR BA 12 8.18 45.31 -25.34
C TYR BA 12 9.42 46.15 -25.38
N LYS BA 13 9.56 46.91 -26.48
CA LYS BA 13 10.61 47.91 -26.64
C LYS BA 13 10.38 49.00 -25.61
N GLY BA 14 11.22 49.04 -24.57
CA GLY BA 14 10.99 50.05 -23.55
C GLY BA 14 10.62 49.47 -22.18
N GLY BA 15 10.13 48.24 -22.13
CA GLY BA 15 9.67 47.80 -20.85
C GLY BA 15 9.21 46.38 -20.83
N VAL BA 16 8.41 46.10 -19.83
CA VAL BA 16 7.91 44.78 -19.67
C VAL BA 16 6.49 44.95 -19.21
N LEU BA 17 5.61 44.06 -19.65
CA LEU BA 17 4.30 44.01 -19.09
C LEU BA 17 4.05 42.68 -18.44
N MET BA 18 3.39 42.73 -17.31
CA MET BA 18 2.99 41.51 -16.65
C MET BA 18 1.50 41.62 -16.33
N ALA BA 19 0.78 40.54 -16.48
CA ALA BA 19 -0.64 40.61 -16.26
C ALA BA 19 -1.12 39.42 -15.49
N ALA BA 20 -2.16 39.61 -14.71
CA ALA BA 20 -2.72 38.54 -13.90
C ALA BA 20 -4.15 38.80 -13.56
N ASP BA 21 -4.92 37.75 -13.35
CA ASP BA 21 -6.29 37.95 -12.86
C ASP BA 21 -6.22 38.34 -11.41
N THR BA 22 -7.24 38.97 -10.91
CA THR BA 22 -7.24 39.40 -9.55
C THR BA 22 -7.98 38.42 -8.72
N LEU BA 23 -7.63 37.18 -8.78
CA LEU BA 23 -8.49 36.23 -8.17
C LEU BA 23 -7.70 35.25 -7.36
N LEU BA 24 -8.13 34.97 -6.17
CA LEU BA 24 -7.58 33.85 -5.49
C LEU BA 24 -8.65 32.81 -5.39
N SER BA 25 -8.28 31.60 -5.67
CA SER BA 25 -9.22 30.52 -5.56
C SER BA 25 -8.82 29.67 -4.38
N TYR BA 26 -9.76 28.87 -3.91
CA TYR BA 26 -9.54 27.84 -2.93
C TYR BA 26 -10.11 26.56 -3.49
N GLY BA 27 -9.26 25.68 -3.93
CA GLY BA 27 -9.62 24.62 -4.83
C GLY BA 27 -10.32 25.22 -6.02
N SER BA 28 -11.52 24.69 -6.28
CA SER BA 28 -12.41 25.15 -7.34
C SER BA 28 -13.11 26.45 -6.97
N LEU BA 29 -13.18 26.79 -5.69
CA LEU BA 29 -14.00 27.89 -5.26
C LEU BA 29 -13.38 29.21 -5.60
N ALA BA 30 -14.08 30.08 -6.30
CA ALA BA 30 -13.50 31.37 -6.57
C ALA BA 30 -13.72 32.26 -5.37
N LYS BA 31 -12.71 32.57 -4.59
CA LYS BA 31 -12.97 32.98 -3.24
C LYS BA 31 -12.95 34.47 -3.12
N TRP BA 32 -11.88 35.06 -3.63
CA TRP BA 32 -11.72 36.49 -3.62
C TRP BA 32 -11.38 37.02 -4.99
N PRO BA 33 -12.26 37.77 -5.57
CA PRO BA 33 -12.00 38.26 -6.90
C PRO BA 33 -11.40 39.62 -7.01
N ASN BA 34 -10.90 40.11 -5.90
CA ASN BA 34 -10.43 41.46 -5.84
C ASN BA 34 -9.14 41.48 -5.09
N ILE BA 35 -8.21 40.63 -5.47
CA ILE BA 35 -6.93 40.51 -4.82
C ILE BA 35 -5.88 41.08 -5.75
N PRO BA 36 -5.06 42.01 -5.28
CA PRO BA 36 -4.00 42.59 -6.12
C PRO BA 36 -2.80 41.65 -6.07
N ARG BA 37 -2.73 40.76 -7.04
CA ARG BA 37 -1.79 39.67 -7.03
C ARG BA 37 -0.41 40.15 -7.44
N ILE BA 38 -0.34 41.17 -8.30
CA ILE BA 38 0.95 41.74 -8.61
C ILE BA 38 1.46 42.57 -7.47
N ARG BA 39 2.72 42.49 -7.19
CA ARG BA 39 3.27 43.24 -6.10
C ARG BA 39 4.59 43.88 -6.52
N LEU BA 40 4.72 45.18 -6.30
CA LEU BA 40 5.95 45.87 -6.53
C LEU BA 40 6.97 45.54 -5.47
N LEU BA 41 8.22 45.47 -5.90
CA LEU BA 41 9.35 45.12 -5.08
C LEU BA 41 10.39 46.16 -5.35
N GLY BA 42 10.54 47.06 -4.41
CA GLY BA 42 11.57 48.05 -4.60
C GLY BA 42 11.05 49.05 -5.58
N SER BA 43 11.96 49.74 -6.22
CA SER BA 43 11.62 50.82 -7.10
C SER BA 43 11.58 50.41 -8.56
N HIS BA 44 11.96 49.19 -8.90
CA HIS BA 44 12.07 48.88 -10.31
C HIS BA 44 11.46 47.54 -10.70
N SER BA 45 10.82 46.84 -9.80
CA SER BA 45 10.52 45.47 -10.09
C SER BA 45 9.12 45.15 -9.60
N ALA BA 46 8.58 44.06 -10.08
CA ALA BA 46 7.32 43.64 -9.60
C ALA BA 46 7.31 42.16 -9.71
N VAL BA 47 6.45 41.53 -9.01
CA VAL BA 47 6.49 40.10 -9.04
C VAL BA 47 5.07 39.58 -8.91
N CYS BA 48 4.80 38.45 -9.47
CA CYS BA 48 3.49 37.90 -9.34
C CYS BA 48 3.61 36.42 -9.33
N ALA BA 49 2.77 35.71 -8.61
CA ALA BA 49 2.95 34.28 -8.47
C ALA BA 49 1.73 33.54 -8.87
N THR BA 50 1.96 32.38 -9.37
CA THR BA 50 0.95 31.38 -9.52
C THR BA 50 1.15 30.39 -8.40
N GLY BA 51 0.09 29.90 -7.80
CA GLY BA 51 0.24 28.88 -6.80
C GLY BA 51 -0.09 29.46 -5.46
N SER BA 52 0.49 28.91 -4.38
CA SER BA 52 0.14 29.24 -3.01
C SER BA 52 0.39 30.70 -2.71
N TYR BA 53 -0.68 31.40 -2.44
CA TYR BA 53 -0.62 32.80 -2.12
C TYR BA 53 0.07 33.01 -0.80
N ALA BA 54 -0.06 32.12 0.12
CA ALA BA 54 0.56 32.27 1.40
C ALA BA 54 2.02 32.18 1.22
N ASP BA 55 2.49 31.21 0.47
CA ASP BA 55 3.92 31.15 0.17
C ASP BA 55 4.35 32.42 -0.49
N PHE BA 56 3.69 32.78 -1.54
CA PHE BA 56 3.98 34.04 -2.16
C PHE BA 56 4.07 35.17 -1.19
N GLN BA 57 3.14 35.30 -0.27
CA GLN BA 57 3.09 36.48 0.58
C GLN BA 57 4.30 36.44 1.51
N MET BA 58 4.65 35.29 2.04
CA MET BA 58 5.78 35.24 2.90
C MET BA 58 7.05 35.50 2.12
N MET BA 59 7.17 34.99 0.92
CA MET BA 59 8.36 35.17 0.15
C MET BA 59 8.46 36.61 -0.26
N ALA BA 60 7.38 37.22 -0.67
CA ALA BA 60 7.47 38.57 -1.18
C ALA BA 60 7.75 39.53 -0.04
N LYS BA 61 7.36 39.18 1.16
CA LYS BA 61 7.68 40.06 2.25
C LYS BA 61 9.18 40.01 2.55
N GLN BA 62 9.74 38.81 2.58
CA GLN BA 62 11.13 38.58 2.79
C GLN BA 62 11.96 39.38 1.79
N VAL BA 63 11.57 39.40 0.55
CA VAL BA 63 12.35 40.07 -0.47
C VAL BA 63 12.18 41.56 -0.36
N GLU BA 64 10.96 42.07 -0.22
CA GLU BA 64 10.71 43.48 -0.09
C GLU BA 64 11.57 44.04 1.03
N ASP BA 65 11.60 43.33 2.15
CA ASP BA 65 12.29 43.79 3.34
C ASP BA 65 13.79 43.83 3.11
N ASN BA 66 14.30 42.76 2.56
CA ASN BA 66 15.70 42.69 2.22
C ASN BA 66 16.07 43.87 1.35
N ILE BA 67 15.27 44.19 0.38
CA ILE BA 67 15.58 45.30 -0.48
C ILE BA 67 15.63 46.61 0.28
N GLU BA 68 14.62 46.83 1.08
CA GLU BA 68 14.40 48.09 1.72
C GLU BA 68 15.49 48.34 2.78
N ARG BA 69 15.82 47.29 3.52
CA ARG BA 69 16.80 47.37 4.56
C ARG BA 69 18.19 47.51 3.99
N GLN BA 70 18.52 46.79 2.94
CA GLN BA 70 19.84 46.91 2.37
C GLN BA 70 20.07 48.37 2.07
N LYS BA 71 19.04 49.07 1.66
CA LYS BA 71 19.19 50.39 1.11
C LYS BA 71 19.11 51.48 2.16
N MET BA 72 18.35 51.22 3.21
CA MET BA 72 18.09 52.18 4.26
C MET BA 72 19.27 52.14 5.21
N TYR BA 73 19.78 50.94 5.41
CA TYR BA 73 20.87 50.75 6.34
C TYR BA 73 22.26 51.01 5.81
N HIS BA 74 22.49 50.93 4.51
CA HIS BA 74 23.78 51.23 3.96
C HIS BA 74 23.62 52.30 2.90
N ASN BA 75 24.61 53.13 2.71
CA ASN BA 75 24.40 54.20 1.76
C ASN BA 75 24.66 53.59 0.39
N VAL BA 76 23.82 52.64 -0.04
CA VAL BA 76 24.08 51.92 -1.27
C VAL BA 76 22.93 52.10 -2.23
N ASP BA 77 23.19 51.81 -3.49
CA ASP BA 77 22.15 51.87 -4.52
C ASP BA 77 21.23 50.69 -4.29
N GLU BA 78 19.94 50.92 -4.39
CA GLU BA 78 18.99 49.84 -4.46
C GLU BA 78 19.46 48.71 -5.37
N LEU BA 79 19.04 47.52 -5.02
CA LEU BA 79 19.38 46.36 -5.75
C LEU BA 79 18.74 46.44 -7.10
N SER BA 80 19.47 45.95 -8.10
CA SER BA 80 18.89 45.91 -9.41
C SER BA 80 17.83 44.80 -9.45
N PRO BA 81 17.07 44.76 -10.54
CA PRO BA 81 16.16 43.66 -10.76
C PRO BA 81 16.81 42.31 -10.86
N SER BA 82 17.88 42.18 -11.59
CA SER BA 82 18.53 40.90 -11.61
C SER BA 82 18.98 40.52 -10.21
N GLU BA 83 19.50 41.45 -9.45
CA GLU BA 83 19.95 41.12 -8.12
C GLU BA 83 18.79 40.67 -7.23
N VAL BA 84 17.63 41.27 -7.38
CA VAL BA 84 16.49 40.91 -6.56
C VAL BA 84 15.98 39.56 -6.96
N PHE BA 85 15.94 39.39 -8.25
CA PHE BA 85 15.53 38.14 -8.79
C PHE BA 85 16.46 37.06 -8.35
N SER BA 86 17.76 37.32 -8.37
CA SER BA 86 18.74 36.37 -7.89
C SER BA 86 18.43 36.02 -6.48
N TYR BA 87 18.24 37.02 -5.64
CA TYR BA 87 17.94 36.75 -4.27
C TYR BA 87 16.71 35.88 -4.05
N LEU BA 88 15.68 36.19 -4.75
CA LEU BA 88 14.43 35.48 -4.66
C LEU BA 88 14.57 34.06 -5.11
N HIS BA 89 15.33 33.87 -6.15
CA HIS BA 89 15.59 32.54 -6.63
C HIS BA 89 16.43 31.78 -5.66
N ARG BA 90 17.39 32.38 -5.03
CA ARG BA 90 18.15 31.57 -4.11
C ARG BA 90 17.32 31.29 -2.88
N SER BA 91 16.46 32.22 -2.53
CA SER BA 91 15.58 32.03 -1.39
C SER BA 91 14.69 30.85 -1.62
N ILE BA 92 14.10 30.77 -2.79
CA ILE BA 92 13.17 29.74 -3.15
C ILE BA 92 13.85 28.42 -3.21
N TYR BA 93 15.08 28.43 -3.66
CA TYR BA 93 15.82 27.19 -3.73
C TYR BA 93 16.13 26.68 -2.35
N GLN BA 94 16.62 27.56 -1.49
CA GLN BA 94 16.96 27.16 -0.14
C GLN BA 94 15.74 26.51 0.49
N LYS BA 95 14.54 26.99 0.17
CA LYS BA 95 13.36 26.39 0.75
C LYS BA 95 13.06 25.01 0.21
N ARG BA 96 13.40 24.72 -1.01
CA ARG BA 96 13.23 23.40 -1.59
C ARG BA 96 14.26 22.44 -1.03
N CYS BA 97 15.34 23.00 -0.47
CA CYS BA 97 16.38 22.17 0.09
C CYS BA 97 16.06 21.80 1.52
N ASP BA 98 15.11 22.52 2.12
CA ASP BA 98 14.69 22.33 3.48
C ASP BA 98 13.38 21.56 3.46
N PHE BA 99 12.96 21.13 2.27
CA PHE BA 99 11.70 20.43 2.14
C PHE BA 99 10.53 21.30 2.58
N ASP BA 100 10.74 22.61 2.57
CA ASP BA 100 9.73 23.57 2.94
C ASP BA 100 9.43 24.45 1.74
N PRO BA 101 9.10 23.87 0.58
CA PRO BA 101 9.13 24.63 -0.65
C PRO BA 101 8.19 25.81 -0.68
N CYS BA 102 8.57 26.86 -1.42
CA CYS BA 102 7.67 27.96 -1.68
C CYS BA 102 6.87 27.55 -2.89
N LEU BA 103 5.62 27.12 -2.71
CA LEU BA 103 4.91 26.41 -3.77
C LEU BA 103 4.24 27.32 -4.78
N CYS BA 104 5.03 28.18 -5.33
CA CYS BA 104 4.59 29.03 -6.38
C CYS BA 104 5.59 29.00 -7.51
N GLN BA 105 5.08 29.31 -8.68
CA GLN BA 105 5.88 29.68 -9.80
C GLN BA 105 5.74 31.18 -9.79
N MET BA 106 6.74 31.97 -10.11
CA MET BA 106 6.61 33.41 -10.05
C MET BA 106 7.15 34.00 -11.33
N VAL BA 107 6.63 35.13 -11.71
CA VAL BA 107 7.20 35.87 -12.78
C VAL BA 107 7.64 37.13 -12.16
N PHE BA 108 8.70 37.67 -12.69
CA PHE BA 108 9.39 38.75 -12.09
C PHE BA 108 9.73 39.70 -13.20
N ILE BA 109 9.54 40.99 -12.99
CA ILE BA 109 9.87 41.91 -14.02
C ILE BA 109 10.53 43.07 -13.37
N GLY BA 110 11.29 43.78 -14.14
CA GLY BA 110 11.94 44.93 -13.61
C GLY BA 110 12.68 45.68 -14.66
N VAL BA 111 12.83 46.99 -14.43
CA VAL BA 111 13.58 47.78 -15.35
C VAL BA 111 14.46 48.73 -14.62
N ARG BA 112 15.69 48.86 -15.06
CA ARG BA 112 16.53 49.88 -14.53
C ARG BA 112 17.49 50.42 -15.57
N ASP BA 113 17.44 51.73 -15.81
CA ASP BA 113 18.28 52.38 -16.82
C ASP BA 113 17.98 51.74 -18.19
N GLY BA 114 16.69 51.60 -18.53
CA GLY BA 114 16.25 51.04 -19.80
C GLY BA 114 16.76 49.61 -20.12
N GLU BA 115 17.63 49.02 -19.28
CA GLU BA 115 17.76 47.57 -19.22
C GLU BA 115 16.50 46.90 -18.61
N THR BA 116 15.92 45.92 -19.30
CA THR BA 116 14.73 45.29 -18.79
C THR BA 116 15.07 43.91 -18.33
N PHE BA 117 14.18 43.33 -17.55
CA PHE BA 117 14.46 42.04 -16.96
C PHE BA 117 13.14 41.34 -16.79
N LEU BA 118 13.10 40.13 -17.25
CA LEU BA 118 11.93 39.37 -17.12
C LEU BA 118 12.35 37.97 -16.87
N ALA BA 119 11.95 37.41 -15.77
CA ALA BA 119 12.29 36.06 -15.47
C ALA BA 119 11.19 35.30 -14.78
N GLY BA 120 11.35 34.01 -14.76
CA GLY BA 120 10.45 33.11 -14.12
C GLY BA 120 11.20 32.26 -13.12
N VAL BA 121 10.62 31.97 -11.98
CA VAL BA 121 11.24 31.03 -11.07
C VAL BA 121 10.17 30.09 -10.61
N ASP BA 122 10.53 28.86 -10.34
CA ASP BA 122 9.53 27.89 -9.93
C ASP BA 122 9.87 27.22 -8.62
N ASP BA 123 8.90 26.52 -8.06
CA ASP BA 123 8.98 26.08 -6.68
C ASP BA 123 10.32 25.45 -6.38
N VAL BA 124 10.82 24.62 -7.28
CA VAL BA 124 12.08 23.97 -7.04
C VAL BA 124 13.29 24.84 -7.29
N GLY BA 125 13.18 26.06 -7.79
CA GLY BA 125 14.36 26.90 -8.00
C GLY BA 125 14.79 26.86 -9.49
N THR BA 126 13.98 26.26 -10.34
CA THR BA 126 14.23 26.52 -11.72
C THR BA 126 14.11 27.99 -11.97
N ARG BA 127 14.96 28.55 -12.81
CA ARG BA 127 14.79 29.94 -13.20
C ARG BA 127 15.17 30.10 -14.65
N TRP BA 128 14.57 31.07 -15.30
CA TRP BA 128 14.78 31.27 -16.69
C TRP BA 128 14.40 32.66 -17.06
N GLU BA 129 15.03 33.20 -18.09
CA GLU BA 129 14.76 34.54 -18.54
C GLU BA 129 14.38 34.51 -19.98
N ASP BA 130 13.37 35.25 -20.35
CA ASP BA 130 13.00 35.20 -21.74
C ASP BA 130 12.28 36.46 -22.08
N ASP BA 131 11.86 36.60 -23.34
CA ASP BA 131 11.14 37.77 -23.77
C ASP BA 131 9.67 37.60 -23.49
N CYS BA 132 9.27 36.39 -23.17
CA CYS BA 132 8.00 36.23 -22.56
C CYS BA 132 7.98 35.04 -21.64
N ILE BA 133 7.07 35.07 -20.70
CA ILE BA 133 7.11 34.19 -19.60
C ILE BA 133 5.71 34.00 -19.14
N ALA BA 134 5.38 32.81 -18.73
CA ALA BA 134 4.09 32.66 -18.13
C ALA BA 134 4.13 31.54 -17.14
N THR BA 135 3.14 31.50 -16.28
CA THR BA 135 3.03 30.42 -15.36
C THR BA 135 1.61 30.00 -15.22
N GLY BA 136 1.42 28.82 -14.67
CA GLY BA 136 0.12 28.20 -14.55
C GLY BA 136 -0.31 27.82 -15.94
N TYR BA 137 -1.58 28.03 -16.25
CA TYR BA 137 -2.08 27.73 -17.57
C TYR BA 137 -1.60 28.79 -18.53
N GLY BA 138 -1.23 29.92 -18.04
CA GLY BA 138 -0.53 30.81 -18.95
C GLY BA 138 0.53 30.08 -19.75
N ALA BA 139 1.19 29.10 -19.13
CA ALA BA 139 2.37 28.58 -19.78
C ALA BA 139 2.00 27.66 -20.94
N TYR BA 140 0.74 27.23 -20.94
CA TYR BA 140 0.26 26.23 -21.87
C TYR BA 140 -0.60 26.91 -22.90
N ILE BA 141 -1.25 27.95 -22.47
CA ILE BA 141 -2.21 28.62 -23.29
C ILE BA 141 -1.60 29.88 -23.84
N ALA BA 142 -1.04 30.74 -23.03
CA ALA BA 142 -0.59 31.98 -23.58
C ALA BA 142 0.82 31.94 -24.14
N LEU BA 143 1.73 31.20 -23.56
CA LEU BA 143 3.06 31.32 -24.10
C LEU BA 143 3.06 31.13 -25.60
N PRO BA 144 2.42 30.12 -26.19
CA PRO BA 144 2.47 29.93 -27.63
C PRO BA 144 2.06 31.12 -28.44
N LEU BA 145 1.15 31.89 -27.88
CA LEU BA 145 0.65 33.05 -28.56
C LEU BA 145 1.63 34.18 -28.43
N LEU BA 146 2.23 34.27 -27.25
CA LEU BA 146 3.17 35.35 -27.00
C LEU BA 146 4.41 35.08 -27.80
N ARG BA 147 4.84 33.84 -27.73
CA ARG BA 147 5.97 33.44 -28.57
C ARG BA 147 5.70 33.77 -30.01
N GLN BA 148 4.54 33.39 -30.52
CA GLN BA 148 4.21 33.71 -31.90
C GLN BA 148 4.30 35.21 -32.17
N ALA BA 149 3.90 36.07 -31.26
CA ALA BA 149 4.00 37.51 -31.49
C ALA BA 149 5.45 37.99 -31.51
N LEU BA 150 6.35 37.33 -30.81
CA LEU BA 150 7.74 37.73 -30.84
C LEU BA 150 8.45 37.16 -32.07
N GLU BA 151 7.99 36.04 -32.65
CA GLU BA 151 8.57 35.55 -33.90
C GLU BA 151 8.25 36.59 -34.98
N LYS BA 152 7.02 37.13 -34.96
CA LYS BA 152 6.49 37.99 -36.01
C LYS BA 152 7.02 39.41 -35.93
N ASN BA 153 7.38 39.84 -34.73
CA ASN BA 153 7.96 41.16 -34.51
C ASN BA 153 9.32 40.91 -33.88
N PRO BA 154 10.38 40.58 -34.67
CA PRO BA 154 11.67 40.18 -34.09
C PRO BA 154 12.50 41.41 -33.73
N ASP BA 155 12.01 42.58 -34.16
CA ASP BA 155 12.56 43.87 -33.80
C ASP BA 155 12.09 44.34 -32.41
N GLY BA 156 11.43 43.47 -31.66
CA GLY BA 156 10.65 43.86 -30.49
C GLY BA 156 9.25 44.37 -30.84
N LEU BA 157 8.34 44.21 -29.87
CA LEU BA 157 6.97 44.68 -29.96
C LEU BA 157 6.93 46.10 -29.46
N SER BA 158 5.94 46.87 -29.88
CA SER BA 158 5.67 48.14 -29.24
C SER BA 158 4.86 47.88 -27.97
N ARG BA 159 4.64 48.91 -27.18
CA ARG BA 159 3.83 48.76 -26.00
C ARG BA 159 2.40 48.42 -26.44
N GLY BA 160 1.90 49.07 -27.48
CA GLY BA 160 0.53 48.82 -27.89
C GLY BA 160 0.38 47.43 -28.47
N GLU BA 161 1.31 47.00 -29.30
CA GLU BA 161 1.21 45.66 -29.86
C GLU BA 161 1.30 44.64 -28.72
N ALA BA 162 2.07 44.97 -27.69
CA ALA BA 162 2.36 44.01 -26.66
C ALA BA 162 1.11 43.86 -25.82
N MET BA 163 0.55 45.01 -25.54
CA MET BA 163 -0.64 45.07 -24.77
C MET BA 163 -1.79 44.47 -25.59
N ARG BA 164 -1.82 44.65 -26.90
CA ARG BA 164 -2.79 43.92 -27.71
C ARG BA 164 -2.68 42.41 -27.58
N ILE BA 165 -1.47 41.86 -27.48
CA ILE BA 165 -1.31 40.44 -27.51
C ILE BA 165 -1.48 39.87 -26.12
N LEU BA 166 -1.13 40.64 -25.12
CA LEU BA 166 -1.34 40.24 -23.76
C LEU BA 166 -2.81 40.06 -23.52
N THR BA 167 -3.53 41.09 -23.94
CA THR BA 167 -4.96 41.09 -23.86
C THR BA 167 -5.54 39.92 -24.63
N ASP BA 168 -5.04 39.59 -25.80
CA ASP BA 168 -5.56 38.42 -26.48
C ASP BA 168 -5.43 37.15 -25.68
N CYS BA 169 -4.33 37.01 -25.00
CA CYS BA 169 -4.10 35.87 -24.14
C CYS BA 169 -4.95 35.89 -22.90
N LEU BA 170 -5.23 37.07 -22.34
CA LEU BA 170 -6.01 37.06 -21.12
C LEU BA 170 -7.36 36.53 -21.47
N ARG BA 171 -7.82 36.94 -22.62
CA ARG BA 171 -9.11 36.50 -23.06
C ARG BA 171 -9.11 35.01 -23.24
N VAL BA 172 -8.10 34.50 -23.89
CA VAL BA 172 -8.04 33.05 -24.00
C VAL BA 172 -7.93 32.34 -22.67
N LEU BA 173 -7.20 32.88 -21.70
CA LEU BA 173 -7.10 32.22 -20.42
C LEU BA 173 -8.47 32.27 -19.79
N PHE BA 174 -9.12 33.39 -19.99
CA PHE BA 174 -10.43 33.50 -19.42
C PHE BA 174 -11.32 32.38 -19.94
N TYR BA 175 -11.27 32.10 -21.23
CA TYR BA 175 -12.12 31.04 -21.76
C TYR BA 175 -11.67 29.67 -21.35
N ARG BA 176 -10.40 29.40 -21.16
CA ARG BA 176 -10.03 28.02 -21.06
C ARG BA 176 -9.46 27.63 -19.72
N GLU BA 177 -9.15 28.57 -18.86
CA GLU BA 177 -8.69 28.23 -17.54
C GLU BA 177 -9.92 28.27 -16.65
N CYS BA 178 -10.19 27.17 -16.00
CA CYS BA 178 -11.36 27.14 -15.16
C CYS BA 178 -11.34 28.18 -14.04
N ARG BA 179 -10.29 28.18 -13.27
CA ARG BA 179 -10.22 29.02 -12.11
C ARG BA 179 -9.73 30.38 -12.55
N ALA BA 180 -10.58 31.16 -13.16
CA ALA BA 180 -10.21 32.47 -13.65
C ALA BA 180 -11.41 33.40 -13.61
N ILE BA 181 -11.11 34.67 -13.72
CA ILE BA 181 -12.16 35.62 -13.83
C ILE BA 181 -11.76 36.61 -14.83
N ASN BA 182 -12.74 37.29 -15.36
CA ASN BA 182 -12.44 38.31 -16.32
C ASN BA 182 -12.21 39.62 -15.56
N LYS BA 183 -11.15 39.65 -14.76
CA LYS BA 183 -10.69 40.89 -14.16
C LYS BA 183 -9.20 40.78 -14.05
N PHE BA 184 -8.45 41.72 -14.63
CA PHE BA 184 -7.01 41.57 -14.74
C PHE BA 184 -6.31 42.85 -14.32
N GLN BA 185 -5.09 42.73 -13.88
CA GLN BA 185 -4.29 43.91 -13.77
C GLN BA 185 -3.06 43.68 -14.57
N VAL BA 186 -2.52 44.76 -15.10
CA VAL BA 186 -1.27 44.61 -15.78
C VAL BA 186 -0.25 45.57 -15.25
N ALA BA 187 0.87 45.09 -14.73
CA ALA BA 187 2.04 45.89 -14.41
C ALA BA 187 2.86 46.15 -15.64
N ASP BA 188 3.33 47.39 -15.69
CA ASP BA 188 4.15 47.87 -16.77
C ASP BA 188 5.39 48.48 -16.15
N ALA BA 189 6.51 47.86 -16.45
CA ALA BA 189 7.82 48.28 -16.01
C ALA BA 189 8.48 49.08 -17.12
N ALA BA 190 8.89 50.30 -16.86
CA ALA BA 190 9.57 51.12 -17.86
C ALA BA 190 10.45 52.12 -17.15
N SER BA 191 11.62 52.50 -17.69
CA SER BA 191 12.43 53.64 -17.25
C SER BA 191 12.01 54.21 -15.88
N ASP BA 192 10.78 54.77 -15.93
CA ASP BA 192 10.13 55.52 -14.87
C ASP BA 192 9.90 54.70 -13.57
N GLY BA 193 10.11 53.37 -13.64
CA GLY BA 193 9.59 52.39 -12.69
C GLY BA 193 8.32 51.63 -13.12
N VAL BA 194 7.64 51.02 -12.17
CA VAL BA 194 6.58 50.10 -12.48
C VAL BA 194 5.26 50.68 -12.11
N ARG BA 195 4.26 50.67 -12.99
CA ARG BA 195 2.88 50.98 -12.63
C ARG BA 195 2.03 49.74 -12.72
N ILE BA 196 1.13 49.60 -11.77
CA ILE BA 196 0.09 48.63 -11.89
C ILE BA 196 -1.16 49.33 -12.34
N SER BA 197 -1.76 48.80 -13.42
CA SER BA 197 -3.02 49.28 -13.99
C SER BA 197 -4.13 49.12 -12.97
N GLU BA 198 -5.22 49.86 -13.14
CA GLU BA 198 -6.46 49.54 -12.43
C GLU BA 198 -7.03 48.25 -13.02
N PRO BA 199 -7.83 47.48 -12.29
CA PRO BA 199 -8.36 46.24 -12.84
C PRO BA 199 -9.25 46.57 -14.02
N PHE BA 200 -9.19 45.66 -15.01
CA PHE BA 200 -9.85 45.82 -16.28
C PHE BA 200 -10.30 44.45 -16.75
N ASP BA 201 -11.23 44.46 -17.69
CA ASP BA 201 -11.81 43.25 -18.24
C ASP BA 201 -11.56 43.22 -19.72
N VAL BA 202 -11.72 42.05 -20.32
CA VAL BA 202 -11.58 41.92 -21.74
C VAL BA 202 -12.91 41.45 -22.27
N GLU BA 203 -13.22 41.84 -23.52
CA GLU BA 203 -14.41 41.47 -24.25
C GLU BA 203 -14.38 40.00 -24.62
N THR BA 204 -15.52 39.33 -24.44
CA THR BA 204 -15.52 37.91 -24.68
C THR BA 204 -16.53 37.68 -25.78
N HIS BA 205 -16.35 36.61 -26.52
CA HIS BA 205 -17.24 36.28 -27.58
C HIS BA 205 -17.89 34.94 -27.19
N TRP BA 206 -19.22 34.86 -27.22
CA TRP BA 206 -19.92 33.64 -26.87
C TRP BA 206 -21.03 33.29 -27.83
N GLU BA 207 -21.09 33.94 -28.99
CA GLU BA 207 -22.31 33.86 -29.78
C GLU BA 207 -21.96 33.29 -31.14
N TYR BA 208 -20.87 32.52 -31.21
CA TYR BA 208 -20.64 31.73 -32.39
C TYR BA 208 -21.86 30.87 -32.68
N GLU BA 209 -22.15 30.68 -33.95
CA GLU BA 209 -23.36 30.04 -34.39
C GLU BA 209 -23.34 28.59 -33.90
N GLY BA 210 -22.14 28.03 -33.71
CA GLY BA 210 -22.01 26.64 -33.33
C GLY BA 210 -22.22 26.37 -31.86
N TYR BA 211 -22.53 27.40 -31.10
CA TYR BA 211 -22.67 27.31 -29.68
C TYR BA 211 -24.14 27.31 -29.35
N CYS BA 212 -24.93 27.37 -30.43
CA CYS BA 212 -26.35 27.50 -30.24
C CYS BA 212 -26.89 26.18 -29.69
N PHE BA 213 -28.06 26.28 -29.08
CA PHE BA 213 -28.67 25.17 -28.40
C PHE BA 213 -28.90 24.00 -29.31
N GLU BA 214 -29.36 24.27 -30.51
CA GLU BA 214 -29.71 23.21 -31.44
C GLU BA 214 -28.46 22.44 -31.81
N LYS BA 215 -27.35 23.12 -32.09
CA LYS BA 215 -26.15 22.44 -32.56
C LYS BA 215 -25.46 21.64 -31.47
N THR BA 216 -25.41 22.18 -30.29
CA THR BA 216 -24.68 21.53 -29.23
C THR BA 216 -25.51 20.46 -28.51
N ALA BA 217 -26.80 20.39 -28.79
CA ALA BA 217 -27.64 19.31 -28.29
C ALA BA 217 -27.09 17.94 -28.64
N ILE BA 218 -27.13 17.06 -27.65
CA ILE BA 218 -26.59 15.71 -27.75
C ILE BA 218 -27.56 14.83 -28.51
N ILE BA 219 -28.86 15.14 -28.42
CA ILE BA 219 -29.92 14.34 -28.99
C ILE BA 219 -30.90 15.21 -29.75
N ARG BA 220 -31.21 14.77 -30.98
CA ARG BA 220 -32.08 15.49 -31.91
C ARG BA 220 -33.58 15.16 -31.65
#